data_9DUQ
#
_entry.id   9DUQ
#
_cell.length_a   1.00
_cell.length_b   1.00
_cell.length_c   1.00
_cell.angle_alpha   90.00
_cell.angle_beta   90.00
_cell.angle_gamma   90.00
#
_symmetry.space_group_name_H-M   'P 1'
#
loop_
_entity.id
_entity.type
_entity.pdbx_description
1 polymer 'Disks large-associated protein 5'
2 polymer 'Tubulin beta chain'
3 polymer 'Tubulin alpha chain'
4 non-polymer 'PHOSPHOMETHYLPHOSPHONIC ACID GUANYLATE ESTER'
5 non-polymer 'MAGNESIUM ION'
6 non-polymer "GUANOSINE-5'-TRIPHOSPHATE"
#
loop_
_entity_poly.entity_id
_entity_poly.type
_entity_poly.pdbx_seq_one_letter_code
_entity_poly.pdbx_strand_id
1 'polypeptide(L)' GDQRKQMLQKYKEEKQLQKLKEQREKAKRGIFKVGRYRPDMPCFLL r,s,t,u,v,w,x,y,z
2 'polypeptide(L)'
;MREIVHIQAGQCGNQIGAKFWEVISDEHGIDPTGSYHGDSDLQLERINVYYNEAAGNKYVPRAILVDLEPGTMDSVRSGP
FGQIFRPDNFVFGQSGAGNNWAKGHYTEGAELVDSVLDVVRKESESCDCLQGFQLTHSLGGGTGSGMGTLLISKIREEYP
DRIMNTFSVVPSPKVSDTVVEPYNATLSVHQLVENTDETYCIDNEALYDICFRTLKLTTPTYGDLNHLVSATMSGVTTCL
RFPGQLNADLRKLAVNMVPFPRLHFFMPGFAPLTSRGSQQYRALTVPELTQQMFDAKNMMAACDPRHGRYLTVAAVFRGR
MSMKEVDEQMLNVQNKNSSYFVEWIPNNVKTAVCDIPPRGLKMSATFIGNSTAIQELFKRISEQFTAMFRRKAFLHWYTG
EGMDEMEFTEAESNMNDLVSEYQQYQD
;
B,D,F,H,J,L,N,P,R
3 'polypeptide(L)'
;MRECISIHVGQAGVQIGNACWELYCLEHGIQPDGQMPSDKTIGGGDDSFNTFFSETGAGKHVPRAVFVDLEPTVIDEVRT
GTYRQLFHPEQLITGKEDAANNYARGHYTIGKEIIDLVLDRIRKLADQCTGLQGFLVFHSFGGGTGSGFTSLLMERLSVD
YGKKSKLEFSIYPAPQVSTAVVEPYNSILTTHTTLEHSDCAFMVDNEAIYDICRRNLDIERPTYTNLNRLISQIVSSITA
SLRFDGALNVDLTEFQTNLVPYPRIHFPLATYAPVISAEKAYHEQLSVAEITNACFEPANQMVKCDPRHGKYMACCLLYR
GDVVPKDVNAAIATIKTKRSIQFVDWCPTGFKVGINYQPPTVVPGGDLAKVQRAVCMLSNTTAIAEAWARLDHKFDLMYA
KRAFVHWYVGEGMEEGEFSEAREDMAALEKDYEEVGVDS
;
A,C,E,G,I,K,M,O,Q
#
loop_
_chem_comp.id
_chem_comp.type
_chem_comp.name
_chem_comp.formula
G2P non-polymer 'PHOSPHOMETHYLPHOSPHONIC ACID GUANYLATE ESTER' 'C11 H18 N5 O13 P3'
GTP non-polymer GUANOSINE-5'-TRIPHOSPHATE 'C10 H16 N5 O14 P3'
MG non-polymer 'MAGNESIUM ION' 'Mg 2'
#
# COMPACT_ATOMS: atom_id res chain seq x y z
N GLY A 1 21.77 48.00 -13.86
CA GLY A 1 21.41 46.64 -13.49
C GLY A 1 21.07 45.77 -14.68
N ASP A 2 20.64 46.41 -15.77
CA ASP A 2 20.31 45.66 -16.97
C ASP A 2 21.55 45.03 -17.61
N GLN A 3 22.69 45.69 -17.49
CA GLN A 3 23.93 45.11 -18.02
C GLN A 3 24.28 43.82 -17.29
N ARG A 4 24.08 43.79 -15.97
CA ARG A 4 24.39 42.58 -15.21
C ARG A 4 23.48 41.42 -15.61
N LYS A 5 22.19 41.68 -15.79
CA LYS A 5 21.30 40.59 -16.18
C LYS A 5 21.54 40.15 -17.63
N GLN A 6 21.93 41.08 -18.51
CA GLN A 6 22.30 40.68 -19.86
C GLN A 6 23.55 39.80 -19.85
N MET A 7 24.54 40.16 -19.02
CA MET A 7 25.73 39.32 -18.90
C MET A 7 25.38 37.97 -18.30
N LEU A 8 24.44 37.93 -17.36
CA LEU A 8 23.99 36.67 -16.79
C LEU A 8 23.34 35.78 -17.86
N GLN A 9 22.50 36.38 -18.70
CA GLN A 9 21.88 35.62 -19.79
C GLN A 9 22.94 35.10 -20.76
N LYS A 10 23.93 35.93 -21.08
CA LYS A 10 25.00 35.48 -21.97
C LYS A 10 25.79 34.34 -21.35
N TYR A 11 26.08 34.42 -20.04
CA TYR A 11 26.80 33.35 -19.37
C TYR A 11 26.00 32.06 -19.36
N LYS A 12 24.69 32.15 -19.11
CA LYS A 12 23.84 30.97 -19.16
C LYS A 12 23.85 30.36 -20.56
N GLU A 13 23.77 31.20 -21.59
CA GLU A 13 23.76 30.70 -22.95
C GLU A 13 25.08 30.00 -23.30
N GLU A 14 26.20 30.59 -22.89
CA GLU A 14 27.49 29.96 -23.15
C GLU A 14 27.62 28.63 -22.42
N LYS A 15 27.18 28.57 -21.17
CA LYS A 15 27.24 27.32 -20.42
C LYS A 15 26.36 26.26 -21.06
N GLN A 16 25.17 26.64 -21.51
CA GLN A 16 24.28 25.68 -22.18
C GLN A 16 24.89 25.19 -23.48
N LEU A 17 25.55 26.08 -24.22
CA LEU A 17 26.19 25.67 -25.46
C LEU A 17 27.32 24.68 -25.20
N GLN A 18 28.14 24.94 -24.18
CA GLN A 18 29.22 24.01 -23.86
C GLN A 18 28.67 22.67 -23.40
N LYS A 19 27.61 22.69 -22.58
CA LYS A 19 27.00 21.45 -22.12
C LYS A 19 26.43 20.65 -23.28
N LEU A 20 25.77 21.32 -24.23
CA LEU A 20 25.22 20.64 -25.39
C LEU A 20 26.33 20.06 -26.26
N LYS A 21 27.44 20.79 -26.42
CA LYS A 21 28.57 20.26 -27.17
C LYS A 21 29.14 19.02 -26.50
N GLU A 22 29.27 19.04 -25.18
CA GLU A 22 29.75 17.85 -24.46
C GLU A 22 28.80 16.68 -24.62
N GLN A 23 27.49 16.95 -24.56
CA GLN A 23 26.50 15.88 -24.75
C GLN A 23 26.60 15.28 -26.15
N ARG A 24 26.74 16.13 -27.17
CA ARG A 24 26.88 15.65 -28.54
C ARG A 24 28.15 14.81 -28.70
N GLU A 25 29.25 15.25 -28.09
CA GLU A 25 30.48 14.48 -28.17
C GLU A 25 30.34 13.13 -27.48
N LYS A 26 29.65 13.09 -26.34
CA LYS A 26 29.46 11.83 -25.62
C LYS A 26 28.54 10.89 -26.38
N ALA A 27 27.52 11.42 -27.04
CA ALA A 27 26.51 10.58 -27.67
C ALA A 27 27.02 9.82 -28.89
N LYS A 28 28.18 10.21 -29.44
CA LYS A 28 28.69 9.54 -30.63
C LYS A 28 29.03 8.08 -30.34
N ARG A 29 29.63 7.81 -29.19
CA ARG A 29 29.98 6.44 -28.78
C ARG A 29 29.59 6.28 -27.32
N GLY A 30 28.50 5.55 -27.07
CA GLY A 30 28.11 5.28 -25.70
C GLY A 30 29.12 4.39 -25.00
N ILE A 31 29.15 4.50 -23.68
CA ILE A 31 30.10 3.72 -22.88
C ILE A 31 29.75 2.24 -22.96
N PHE A 32 30.77 1.39 -22.88
CA PHE A 32 30.53 -0.05 -22.85
C PHE A 32 29.74 -0.41 -21.61
N LYS A 33 28.72 -1.23 -21.79
CA LYS A 33 27.64 -1.31 -20.81
C LYS A 33 26.98 -2.67 -20.94
N VAL A 34 26.69 -3.30 -19.80
CA VAL A 34 26.18 -4.66 -19.81
C VAL A 34 25.12 -4.88 -18.74
N GLY A 35 24.02 -5.50 -19.12
CA GLY A 35 22.92 -5.79 -18.21
C GLY A 35 22.25 -7.11 -18.50
N ARG A 36 20.96 -7.22 -18.21
CA ARG A 36 20.24 -8.44 -18.51
C ARG A 36 19.51 -8.33 -19.86
N TYR A 37 18.82 -9.40 -20.23
CA TYR A 37 18.35 -9.55 -21.60
C TYR A 37 17.25 -8.55 -21.97
N ARG A 38 16.27 -8.36 -21.09
CA ARG A 38 15.04 -7.64 -21.41
C ARG A 38 14.39 -8.25 -22.65
N PRO A 39 13.75 -9.41 -22.51
CA PRO A 39 13.18 -10.08 -23.69
C PRO A 39 12.07 -9.28 -24.34
N ASP A 40 11.96 -9.45 -25.66
CA ASP A 40 10.91 -8.77 -26.42
C ASP A 40 9.55 -9.38 -26.10
N MET A 41 8.52 -8.55 -26.20
CA MET A 41 7.16 -9.00 -25.90
C MET A 41 6.68 -9.99 -26.96
N PRO A 42 5.97 -11.04 -26.58
CA PRO A 42 5.41 -11.96 -27.58
C PRO A 42 4.34 -11.29 -28.41
N CYS A 43 4.21 -11.76 -29.65
CA CYS A 43 3.19 -11.25 -30.55
C CYS A 43 2.03 -12.24 -30.63
N PHE A 44 0.82 -11.71 -30.78
CA PHE A 44 -0.39 -12.51 -30.79
C PHE A 44 -1.23 -12.16 -32.00
N LEU A 45 -2.06 -13.12 -32.43
CA LEU A 45 -3.03 -12.85 -33.48
C LEU A 45 -4.02 -11.80 -33.01
N LEU A 46 -4.32 -10.84 -33.88
CA LEU A 46 -5.20 -9.74 -33.54
C LEU A 46 -5.82 -9.11 -34.78
N MET B 1 13.23 -4.42 -9.85
CA MET B 1 11.79 -4.45 -9.71
C MET B 1 11.35 -3.33 -8.77
N ARG B 2 11.04 -2.17 -9.35
CA ARG B 2 10.83 -0.94 -8.60
C ARG B 2 12.02 -0.68 -7.69
N GLU B 3 13.21 -0.75 -8.28
CA GLU B 3 14.46 -0.77 -7.54
C GLU B 3 14.91 0.64 -7.17
N ILE B 4 15.58 0.74 -6.02
CA ILE B 4 16.13 2.01 -5.54
C ILE B 4 17.62 1.82 -5.32
N VAL B 5 18.41 2.72 -5.90
CA VAL B 5 19.86 2.74 -5.71
C VAL B 5 20.19 3.86 -4.74
N HIS B 6 20.81 3.51 -3.62
CA HIS B 6 21.11 4.45 -2.56
C HIS B 6 22.54 4.97 -2.70
N ILE B 7 22.70 6.29 -2.64
CA ILE B 7 24.02 6.92 -2.69
C ILE B 7 24.17 7.79 -1.45
N GLN B 8 25.34 7.75 -0.84
CA GLN B 8 25.65 8.54 0.34
C GLN B 8 26.86 9.41 0.03
N ALA B 9 26.73 10.71 0.27
CA ALA B 9 27.81 11.65 0.04
C ALA B 9 28.02 12.49 1.28
N GLY B 10 29.29 12.68 1.66
CA GLY B 10 29.62 13.45 2.83
C GLY B 10 29.46 12.66 4.11
N GLN B 11 29.99 13.23 5.19
CA GLN B 11 29.92 12.58 6.50
C GLN B 11 28.47 12.51 6.99
N CYS B 12 27.73 13.61 6.85
CA CYS B 12 26.34 13.62 7.28
C CYS B 12 25.51 12.62 6.49
N GLY B 13 25.66 12.62 5.16
CA GLY B 13 24.95 11.66 4.35
C GLY B 13 25.31 10.23 4.69
N ASN B 14 26.60 9.97 4.92
CA ASN B 14 27.05 8.62 5.23
C ASN B 14 26.50 8.14 6.57
N GLN B 15 26.48 9.01 7.58
CA GLN B 15 25.97 8.59 8.88
C GLN B 15 24.46 8.41 8.85
N ILE B 16 23.74 9.32 8.19
CA ILE B 16 22.30 9.15 8.07
C ILE B 16 21.98 7.89 7.29
N GLY B 17 22.77 7.58 6.26
CA GLY B 17 22.59 6.33 5.55
C GLY B 17 22.93 5.12 6.37
N ALA B 18 23.93 5.21 7.25
CA ALA B 18 24.23 4.10 8.13
C ALA B 18 23.06 3.79 9.05
N LYS B 19 22.46 4.82 9.63
CA LYS B 19 21.27 4.58 10.44
C LYS B 19 20.08 4.11 9.61
N PHE B 20 19.99 4.58 8.36
CA PHE B 20 18.94 4.13 7.46
C PHE B 20 19.06 2.64 7.17
N TRP B 21 20.28 2.18 6.91
CA TRP B 21 20.48 0.76 6.67
C TRP B 21 20.28 -0.04 7.95
N GLU B 22 20.62 0.54 9.10
CA GLU B 22 20.29 -0.08 10.38
C GLU B 22 18.80 -0.36 10.48
N VAL B 23 17.98 0.67 10.28
CA VAL B 23 16.53 0.51 10.47
C VAL B 23 15.93 -0.36 9.37
N ILE B 24 16.43 -0.26 8.14
CA ILE B 24 15.92 -1.08 7.04
C ILE B 24 16.21 -2.55 7.29
N SER B 25 17.45 -2.87 7.66
CA SER B 25 17.80 -4.25 7.95
C SER B 25 17.05 -4.78 9.15
N ASP B 26 16.72 -3.90 10.11
CA ASP B 26 15.87 -4.33 11.22
C ASP B 26 14.47 -4.67 10.73
N GLU B 27 13.93 -3.87 9.81
CA GLU B 27 12.57 -4.11 9.33
C GLU B 27 12.49 -5.41 8.54
N HIS B 28 13.47 -5.66 7.68
CA HIS B 28 13.48 -6.86 6.85
C HIS B 28 14.21 -8.03 7.51
N GLY B 29 14.65 -7.87 8.75
CA GLY B 29 15.26 -8.97 9.49
C GLY B 29 16.61 -9.43 8.96
N ILE B 30 17.49 -8.50 8.60
CA ILE B 30 18.83 -8.83 8.15
C ILE B 30 19.79 -8.58 9.31
N ASP B 31 20.56 -9.60 9.65
CA ASP B 31 21.48 -9.54 10.78
C ASP B 31 22.71 -8.70 10.44
N PRO B 32 23.63 -8.48 11.40
CA PRO B 32 24.87 -7.77 11.07
C PRO B 32 25.71 -8.45 10.01
N THR B 33 25.73 -9.78 9.97
CA THR B 33 26.56 -10.48 8.99
C THR B 33 26.02 -10.26 7.59
N GLY B 34 24.71 -10.12 7.44
CA GLY B 34 24.09 -9.92 6.15
C GLY B 34 23.12 -11.01 5.74
N SER B 35 22.78 -11.94 6.62
CA SER B 35 21.88 -13.04 6.31
C SER B 35 20.51 -12.78 6.90
N TYR B 36 19.49 -13.36 6.27
CA TYR B 36 18.13 -13.20 6.74
C TYR B 36 17.92 -14.01 8.01
N HIS B 37 17.32 -13.39 9.02
CA HIS B 37 16.91 -14.10 10.23
C HIS B 37 15.57 -13.60 10.73
N GLY B 38 14.71 -13.10 9.84
CA GLY B 38 13.40 -12.66 10.23
C GLY B 38 12.43 -13.80 10.38
N ASP B 39 11.17 -13.43 10.65
CA ASP B 39 10.11 -14.40 10.84
C ASP B 39 8.99 -14.31 9.81
N SER B 40 8.72 -13.13 9.27
CA SER B 40 7.64 -12.96 8.31
C SER B 40 8.16 -13.09 6.89
N ASP B 41 7.35 -13.70 6.03
CA ASP B 41 7.74 -13.86 4.63
C ASP B 41 7.67 -12.54 3.87
N LEU B 42 6.90 -11.57 4.36
CA LEU B 42 6.85 -10.27 3.70
C LEU B 42 8.17 -9.54 3.77
N GLN B 43 9.02 -9.87 4.74
CA GLN B 43 10.35 -9.29 4.80
C GLN B 43 11.18 -9.69 3.59
N LEU B 44 11.01 -10.92 3.11
CA LEU B 44 11.75 -11.41 1.97
C LEU B 44 11.01 -11.24 0.65
N GLU B 45 9.70 -10.97 0.69
CA GLU B 45 8.96 -10.85 -0.55
C GLU B 45 9.44 -9.67 -1.39
N ARG B 46 9.72 -8.54 -0.76
CA ARG B 46 10.20 -7.34 -1.44
C ARG B 46 11.57 -6.94 -0.93
N ILE B 47 12.42 -7.92 -0.63
CA ILE B 47 13.77 -7.65 -0.15
C ILE B 47 14.64 -7.05 -1.25
N ASN B 48 14.30 -7.27 -2.52
CA ASN B 48 15.16 -6.83 -3.61
C ASN B 48 15.23 -5.31 -3.72
N VAL B 49 14.22 -4.60 -3.23
CA VAL B 49 14.09 -3.16 -3.47
C VAL B 49 15.26 -2.37 -2.88
N TYR B 50 16.00 -2.96 -1.95
CA TYR B 50 17.15 -2.29 -1.36
C TYR B 50 18.40 -3.16 -1.30
N TYR B 51 18.30 -4.45 -1.63
CA TYR B 51 19.37 -5.40 -1.40
C TYR B 51 19.65 -6.19 -2.65
N ASN B 52 20.76 -6.93 -2.62
CA ASN B 52 21.17 -7.81 -3.70
C ASN B 52 21.42 -9.21 -3.16
N GLU B 53 20.95 -10.22 -3.90
CA GLU B 53 21.16 -11.61 -3.52
C GLU B 53 22.63 -11.96 -3.68
N ALA B 54 23.32 -12.19 -2.57
CA ALA B 54 24.68 -12.68 -2.62
C ALA B 54 24.67 -14.20 -2.65
N ALA B 55 25.84 -14.80 -2.54
CA ALA B 55 25.96 -16.25 -2.56
C ALA B 55 25.80 -16.81 -1.14
N GLY B 56 24.79 -17.65 -0.94
CA GLY B 56 24.62 -18.30 0.35
C GLY B 56 23.60 -17.62 1.24
N ASN B 57 22.43 -17.29 0.68
CA ASN B 57 21.33 -16.68 1.43
C ASN B 57 21.79 -15.43 2.16
N LYS B 58 22.56 -14.60 1.47
CA LYS B 58 23.14 -13.40 2.04
C LYS B 58 22.71 -12.18 1.23
N TYR B 59 22.45 -11.08 1.92
CA TYR B 59 21.93 -9.87 1.29
C TYR B 59 22.89 -8.72 1.50
N VAL B 60 23.22 -8.02 0.41
CA VAL B 60 24.13 -6.89 0.43
C VAL B 60 23.36 -5.66 -0.01
N PRO B 61 23.46 -4.55 0.70
CA PRO B 61 22.69 -3.36 0.32
C PRO B 61 23.10 -2.81 -1.03
N ARG B 62 22.15 -2.17 -1.70
CA ARG B 62 22.40 -1.48 -2.95
C ARG B 62 22.79 -0.02 -2.68
N ALA B 63 23.88 0.13 -1.94
CA ALA B 63 24.31 1.44 -1.45
C ALA B 63 25.66 1.79 -2.03
N ILE B 64 25.81 3.05 -2.42
CA ILE B 64 27.08 3.60 -2.88
C ILE B 64 27.58 4.57 -1.82
N LEU B 65 28.85 4.46 -1.47
CA LEU B 65 29.43 5.22 -0.37
C LEU B 65 30.49 6.15 -0.94
N VAL B 66 30.21 7.44 -0.93
CA VAL B 66 31.05 8.46 -1.56
C VAL B 66 31.49 9.45 -0.51
N ASP B 67 32.79 9.72 -0.45
CA ASP B 67 33.31 10.78 0.38
C ASP B 67 34.70 11.14 -0.12
N LEU B 68 35.18 12.30 0.31
CA LEU B 68 36.53 12.72 0.00
C LEU B 68 37.49 12.52 1.15
N GLU B 69 37.01 12.02 2.29
CA GLU B 69 37.85 11.65 3.42
C GLU B 69 37.69 10.15 3.68
N PRO B 70 38.78 9.39 3.71
CA PRO B 70 38.65 7.96 4.06
C PRO B 70 38.20 7.72 5.48
N GLY B 71 38.28 8.73 6.36
CA GLY B 71 37.91 8.53 7.75
C GLY B 71 36.45 8.15 7.92
N THR B 72 35.56 8.79 7.15
CA THR B 72 34.15 8.46 7.26
C THR B 72 33.87 7.07 6.72
N MET B 73 34.57 6.64 5.68
CA MET B 73 34.42 5.28 5.19
C MET B 73 34.84 4.27 6.25
N ASP B 74 35.97 4.52 6.91
CA ASP B 74 36.42 3.64 7.97
C ASP B 74 35.43 3.63 9.13
N SER B 75 34.90 4.81 9.50
CA SER B 75 33.94 4.89 10.59
C SER B 75 32.65 4.13 10.27
N VAL B 76 32.16 4.26 9.03
CA VAL B 76 30.96 3.54 8.63
C VAL B 76 31.20 2.05 8.65
N ARG B 77 32.35 1.61 8.12
CA ARG B 77 32.65 0.18 8.07
C ARG B 77 32.76 -0.40 9.47
N SER B 78 33.39 0.33 10.40
CA SER B 78 33.62 -0.19 11.74
C SER B 78 32.36 -0.21 12.59
N GLY B 79 31.30 0.49 12.17
CA GLY B 79 30.10 0.56 12.97
C GLY B 79 29.25 -0.70 12.83
N PRO B 80 28.17 -0.75 13.62
CA PRO B 80 27.24 -1.86 13.51
C PRO B 80 26.52 -1.82 12.17
N PHE B 81 26.21 -3.02 11.66
CA PHE B 81 25.70 -3.22 10.30
C PHE B 81 26.60 -2.59 9.24
N GLY B 82 27.88 -2.39 9.56
CA GLY B 82 28.78 -1.79 8.60
C GLY B 82 29.40 -2.83 7.69
N GLN B 83 29.36 -4.09 8.12
CA GLN B 83 29.97 -5.16 7.34
C GLN B 83 29.08 -5.66 6.22
N ILE B 84 27.79 -5.29 6.21
CA ILE B 84 26.91 -5.75 5.14
C ILE B 84 27.25 -5.11 3.81
N PHE B 85 27.93 -3.96 3.82
CA PHE B 85 28.18 -3.23 2.60
C PHE B 85 29.22 -3.93 1.73
N ARG B 86 29.12 -3.72 0.43
CA ARG B 86 30.11 -4.25 -0.50
C ARG B 86 31.35 -3.36 -0.48
N PRO B 87 32.55 -3.93 -0.30
CA PRO B 87 33.75 -3.10 -0.30
C PRO B 87 34.00 -2.37 -1.60
N ASP B 88 33.46 -2.88 -2.72
CA ASP B 88 33.60 -2.18 -4.00
C ASP B 88 32.88 -0.84 -3.96
N ASN B 89 31.70 -0.80 -3.34
CA ASN B 89 30.88 0.41 -3.36
C ASN B 89 31.51 1.56 -2.58
N PHE B 90 32.43 1.28 -1.67
CA PHE B 90 33.14 2.34 -0.95
C PHE B 90 34.02 3.09 -1.94
N VAL B 91 33.61 4.28 -2.34
CA VAL B 91 34.38 5.12 -3.24
C VAL B 91 34.80 6.36 -2.46
N PHE B 92 36.10 6.50 -2.21
CA PHE B 92 36.59 7.59 -1.40
C PHE B 92 37.87 8.18 -1.99
N GLY B 93 38.03 9.48 -1.83
CA GLY B 93 39.24 10.17 -2.18
C GLY B 93 40.23 10.16 -1.04
N GLN B 94 41.16 11.11 -1.07
CA GLN B 94 42.20 11.18 -0.05
C GLN B 94 42.38 12.55 0.57
N SER B 95 41.95 13.63 -0.07
CA SER B 95 42.22 14.97 0.44
C SER B 95 41.09 15.48 1.33
N GLY B 96 39.90 15.61 0.77
CA GLY B 96 38.80 16.21 1.49
C GLY B 96 38.51 17.60 0.93
N ALA B 97 37.22 17.95 0.87
CA ALA B 97 36.82 19.20 0.26
C ALA B 97 37.12 20.40 1.15
N GLY B 98 37.06 20.22 2.47
CA GLY B 98 37.28 21.34 3.36
C GLY B 98 36.21 22.41 3.28
N ASN B 99 34.94 22.01 3.25
CA ASN B 99 33.82 22.94 3.18
C ASN B 99 33.95 23.88 1.99
N ASN B 100 34.35 23.33 0.85
CA ASN B 100 34.48 24.09 -0.39
C ASN B 100 33.60 23.43 -1.44
N TRP B 101 32.49 24.09 -1.80
CA TRP B 101 31.64 23.60 -2.88
C TRP B 101 32.41 23.54 -4.19
N ALA B 102 33.25 24.55 -4.43
CA ALA B 102 34.01 24.61 -5.67
C ALA B 102 34.92 23.41 -5.81
N LYS B 103 35.62 23.03 -4.73
CA LYS B 103 36.52 21.90 -4.81
C LYS B 103 35.77 20.60 -5.11
N GLY B 104 34.75 20.31 -4.31
CA GLY B 104 33.99 19.08 -4.49
C GLY B 104 33.18 19.01 -5.75
N HIS B 105 32.96 20.15 -6.42
CA HIS B 105 32.22 20.15 -7.67
C HIS B 105 33.10 20.28 -8.90
N TYR B 106 34.31 20.77 -8.76
CA TYR B 106 35.13 21.02 -9.93
C TYR B 106 36.51 20.39 -9.87
N THR B 107 37.17 20.42 -8.71
CA THR B 107 38.61 20.13 -8.69
C THR B 107 38.91 18.67 -8.35
N GLU B 108 38.53 18.23 -7.16
CA GLU B 108 38.78 16.85 -6.76
C GLU B 108 37.55 15.97 -6.80
N GLY B 109 36.36 16.56 -6.97
CA GLY B 109 35.21 15.76 -7.32
C GLY B 109 35.19 15.31 -8.76
N ALA B 110 35.94 16.01 -9.62
CA ALA B 110 35.94 15.69 -11.05
C ALA B 110 36.53 14.30 -11.31
N GLU B 111 37.61 13.95 -10.62
CA GLU B 111 38.21 12.65 -10.86
C GLU B 111 37.64 11.56 -9.96
N LEU B 112 37.01 11.93 -8.85
CA LEU B 112 36.36 10.94 -8.01
C LEU B 112 34.95 10.61 -8.48
N VAL B 113 34.37 11.44 -9.36
CA VAL B 113 32.98 11.22 -9.72
C VAL B 113 32.86 10.11 -10.77
N ASP B 114 33.91 9.89 -11.56
CA ASP B 114 33.86 8.83 -12.57
C ASP B 114 33.72 7.46 -11.93
N SER B 115 34.45 7.21 -10.85
CA SER B 115 34.33 5.93 -10.16
C SER B 115 32.93 5.75 -9.59
N VAL B 116 32.34 6.82 -9.06
CA VAL B 116 31.00 6.72 -8.51
C VAL B 116 29.99 6.40 -9.60
N LEU B 117 30.11 7.06 -10.76
CA LEU B 117 29.23 6.70 -11.87
C LEU B 117 29.45 5.27 -12.32
N ASP B 118 30.69 4.78 -12.29
CA ASP B 118 30.90 3.37 -12.65
C ASP B 118 30.17 2.44 -11.70
N VAL B 119 30.26 2.71 -10.39
CA VAL B 119 29.62 1.83 -9.41
C VAL B 119 28.10 1.92 -9.51
N VAL B 120 27.56 3.14 -9.66
CA VAL B 120 26.11 3.27 -9.77
C VAL B 120 25.61 2.68 -11.07
N ARG B 121 26.43 2.68 -12.13
CA ARG B 121 26.06 1.96 -13.34
C ARG B 121 25.92 0.47 -13.05
N LYS B 122 26.97 -0.12 -12.47
CA LYS B 122 26.95 -1.55 -12.20
C LYS B 122 25.75 -1.93 -11.35
N GLU B 123 25.42 -1.08 -10.37
CA GLU B 123 24.23 -1.33 -9.57
C GLU B 123 22.94 -1.17 -10.39
N SER B 124 22.92 -0.23 -11.34
CA SER B 124 21.72 0.03 -12.12
C SER B 124 21.38 -1.13 -13.04
N GLU B 125 22.38 -1.67 -13.75
CA GLU B 125 22.09 -2.88 -14.55
C GLU B 125 22.12 -4.16 -13.74
N SER B 126 22.54 -4.14 -12.47
CA SER B 126 22.42 -5.37 -11.70
C SER B 126 20.99 -5.66 -11.29
N CYS B 127 20.07 -4.72 -11.48
CA CYS B 127 18.69 -4.86 -11.01
C CYS B 127 17.71 -5.03 -12.17
N ASP B 128 16.51 -5.49 -11.83
CA ASP B 128 15.51 -5.84 -12.83
C ASP B 128 14.89 -4.61 -13.46
N CYS B 129 14.22 -3.79 -12.65
CA CYS B 129 13.58 -2.58 -13.16
C CYS B 129 13.65 -1.54 -12.05
N LEU B 130 14.50 -0.53 -12.21
CA LEU B 130 14.64 0.47 -11.17
C LEU B 130 13.75 1.67 -11.46
N GLN B 131 13.35 2.34 -10.39
CA GLN B 131 12.54 3.54 -10.49
C GLN B 131 13.30 4.81 -10.20
N GLY B 132 14.42 4.73 -9.47
CA GLY B 132 15.21 5.91 -9.23
C GLY B 132 16.20 5.70 -8.11
N PHE B 133 16.76 6.81 -7.65
CA PHE B 133 17.90 6.85 -6.75
C PHE B 133 17.54 7.62 -5.48
N GLN B 134 18.37 7.43 -4.46
CA GLN B 134 18.11 8.02 -3.14
C GLN B 134 19.44 8.53 -2.60
N LEU B 135 19.68 9.84 -2.74
CA LEU B 135 20.93 10.45 -2.30
C LEU B 135 20.73 11.12 -0.95
N THR B 136 21.67 10.89 -0.04
CA THR B 136 21.67 11.50 1.28
C THR B 136 22.92 12.37 1.42
N HIS B 137 22.72 13.64 1.72
CA HIS B 137 23.85 14.57 1.84
C HIS B 137 23.39 15.79 2.61
N SER B 138 24.36 16.64 2.95
CA SER B 138 24.10 17.92 3.58
C SER B 138 24.62 19.05 2.72
N LEU B 139 24.00 20.21 2.89
CA LEU B 139 24.28 21.36 2.05
C LEU B 139 25.35 22.29 2.61
N GLY B 140 25.64 22.19 3.91
CA GLY B 140 26.61 23.08 4.51
C GLY B 140 28.02 22.86 4.03
N GLY B 141 28.44 21.61 3.88
CA GLY B 141 29.80 21.28 3.52
C GLY B 141 30.06 21.41 2.03
N GLY B 142 31.23 20.94 1.62
CA GLY B 142 31.60 20.97 0.23
C GLY B 142 31.55 19.61 -0.42
N THR B 143 31.96 18.58 0.32
CA THR B 143 31.85 17.22 -0.20
C THR B 143 30.39 16.84 -0.37
N GLY B 144 29.59 17.00 0.67
CA GLY B 144 28.18 16.71 0.59
C GLY B 144 27.50 17.50 -0.51
N SER B 145 27.43 18.82 -0.34
CA SER B 145 26.72 19.66 -1.30
C SER B 145 27.28 19.49 -2.70
N GLY B 146 28.55 19.87 -2.91
CA GLY B 146 29.10 19.86 -4.26
C GLY B 146 29.18 18.47 -4.87
N MET B 147 29.71 17.50 -4.11
CA MET B 147 29.85 16.15 -4.63
C MET B 147 28.49 15.57 -4.99
N GLY B 148 27.53 15.59 -4.05
CA GLY B 148 26.23 15.03 -4.33
C GLY B 148 25.50 15.76 -5.43
N THR B 149 25.72 17.07 -5.56
CA THR B 149 25.04 17.82 -6.60
C THR B 149 25.58 17.49 -7.99
N LEU B 150 26.91 17.40 -8.13
CA LEU B 150 27.49 16.96 -9.39
C LEU B 150 27.07 15.54 -9.70
N LEU B 151 27.02 14.69 -8.69
CA LEU B 151 26.57 13.32 -8.87
C LEU B 151 25.13 13.28 -9.34
N ILE B 152 24.28 14.13 -8.77
CA ILE B 152 22.89 14.23 -9.18
C ILE B 152 22.79 14.62 -10.64
N SER B 153 23.60 15.61 -11.05
CA SER B 153 23.57 16.06 -12.44
C SER B 153 23.97 14.91 -13.38
N LYS B 154 25.03 14.19 -13.03
CA LYS B 154 25.46 13.08 -13.88
C LYS B 154 24.42 11.98 -13.96
N ILE B 155 23.80 11.63 -12.83
CA ILE B 155 22.75 10.60 -12.83
C ILE B 155 21.58 11.03 -13.71
N ARG B 156 21.13 12.28 -13.57
CA ARG B 156 19.99 12.71 -14.35
C ARG B 156 20.33 12.81 -15.83
N GLU B 157 21.60 13.07 -16.17
CA GLU B 157 22.00 12.96 -17.57
C GLU B 157 21.90 11.51 -18.04
N GLU B 158 22.32 10.56 -17.20
CA GLU B 158 22.29 9.16 -17.62
C GLU B 158 20.90 8.54 -17.46
N TYR B 159 20.17 8.91 -16.42
CA TYR B 159 18.85 8.34 -16.11
C TYR B 159 17.85 9.45 -15.94
N PRO B 160 17.35 10.03 -17.03
CA PRO B 160 16.47 11.20 -16.92
C PRO B 160 15.00 10.86 -16.70
N ASP B 161 14.60 9.61 -16.87
CA ASP B 161 13.21 9.21 -16.71
C ASP B 161 12.97 8.43 -15.41
N ARG B 162 13.87 8.57 -14.44
CA ARG B 162 13.78 7.87 -13.18
C ARG B 162 13.69 8.88 -12.03
N ILE B 163 13.12 8.42 -10.91
CA ILE B 163 12.92 9.32 -9.78
C ILE B 163 14.27 9.63 -9.15
N MET B 164 14.29 10.69 -8.34
CA MET B 164 15.54 11.12 -7.73
C MET B 164 15.20 11.81 -6.41
N ASN B 165 15.29 11.06 -5.31
CA ASN B 165 14.99 11.58 -3.99
C ASN B 165 16.28 12.01 -3.30
N THR B 166 16.31 13.23 -2.78
CA THR B 166 17.45 13.77 -2.07
C THR B 166 17.01 14.17 -0.68
N PHE B 167 17.45 13.42 0.33
CA PHE B 167 17.13 13.73 1.72
C PHE B 167 18.24 14.63 2.26
N SER B 168 18.24 15.86 1.74
CA SER B 168 19.35 16.78 1.90
C SER B 168 19.14 17.61 3.16
N VAL B 169 20.11 17.56 4.08
CA VAL B 169 20.07 18.36 5.29
C VAL B 169 20.50 19.77 4.92
N VAL B 170 19.65 20.75 5.22
CA VAL B 170 19.90 22.15 4.86
C VAL B 170 20.44 22.89 6.08
N PRO B 171 21.23 23.95 5.90
CA PRO B 171 21.74 24.69 7.06
C PRO B 171 20.63 25.47 7.75
N SER B 172 20.92 25.86 8.99
CA SER B 172 19.97 26.56 9.83
C SER B 172 20.60 27.82 10.40
N PRO B 173 19.79 28.85 10.68
CA PRO B 173 20.37 30.08 11.24
C PRO B 173 20.85 29.92 12.66
N LYS B 174 20.22 29.06 13.45
CA LYS B 174 20.66 28.85 14.82
C LYS B 174 21.82 27.87 14.89
N VAL B 175 21.61 26.65 14.38
CA VAL B 175 22.63 25.61 14.40
C VAL B 175 23.46 25.79 13.13
N SER B 176 24.48 26.65 13.22
CA SER B 176 25.39 26.92 12.12
C SER B 176 26.80 26.60 12.59
N ASP B 177 27.41 25.56 12.02
CA ASP B 177 28.71 25.09 12.48
C ASP B 177 29.81 25.25 11.44
N THR B 178 29.50 25.80 10.27
CA THR B 178 30.54 26.18 9.31
C THR B 178 30.24 27.59 8.82
N VAL B 179 31.32 28.32 8.50
CA VAL B 179 31.19 29.75 8.20
C VAL B 179 30.67 29.98 6.79
N VAL B 180 30.87 29.02 5.89
CA VAL B 180 30.53 29.22 4.48
C VAL B 180 29.28 28.44 4.11
N GLU B 181 28.41 28.20 5.08
CA GLU B 181 27.12 27.58 4.79
C GLU B 181 26.31 28.29 3.73
N PRO B 182 26.18 29.63 3.71
CA PRO B 182 25.36 30.25 2.66
C PRO B 182 25.84 29.96 1.25
N TYR B 183 27.15 30.01 1.01
CA TYR B 183 27.68 29.76 -0.33
C TYR B 183 27.34 28.35 -0.80
N ASN B 184 27.67 27.36 0.03
CA ASN B 184 27.44 25.98 -0.37
C ASN B 184 25.96 25.68 -0.52
N ALA B 185 25.15 26.20 0.40
CA ALA B 185 23.71 25.97 0.33
C ALA B 185 23.11 26.56 -0.94
N THR B 186 23.47 27.80 -1.27
CA THR B 186 22.92 28.42 -2.47
C THR B 186 23.39 27.70 -3.73
N LEU B 187 24.68 27.38 -3.81
CA LEU B 187 25.20 26.73 -5.01
C LEU B 187 24.56 25.35 -5.19
N SER B 188 24.35 24.62 -4.10
CA SER B 188 23.74 23.29 -4.22
C SER B 188 22.26 23.38 -4.54
N VAL B 189 21.56 24.36 -3.98
CA VAL B 189 20.14 24.53 -4.27
C VAL B 189 19.94 24.90 -5.73
N HIS B 190 20.87 25.67 -6.29
CA HIS B 190 20.76 26.08 -7.69
C HIS B 190 20.55 24.89 -8.62
N GLN B 191 21.16 23.75 -8.31
CA GLN B 191 21.02 22.58 -9.16
C GLN B 191 20.11 21.51 -8.58
N LEU B 192 19.85 21.53 -7.26
CA LEU B 192 18.78 20.70 -6.72
C LEU B 192 17.42 21.14 -7.24
N VAL B 193 17.27 22.41 -7.59
CA VAL B 193 16.00 22.88 -8.14
C VAL B 193 15.72 22.19 -9.47
N GLU B 194 16.74 22.02 -10.30
CA GLU B 194 16.54 21.59 -11.68
C GLU B 194 16.93 20.15 -11.95
N ASN B 195 17.55 19.44 -11.01
CA ASN B 195 18.06 18.11 -11.29
C ASN B 195 17.53 17.03 -10.36
N THR B 196 16.40 17.25 -9.69
CA THR B 196 15.85 16.18 -8.88
C THR B 196 14.34 16.32 -8.81
N ASP B 197 13.69 15.23 -8.42
CA ASP B 197 12.23 15.13 -8.40
C ASP B 197 11.62 15.38 -7.04
N GLU B 198 12.28 14.97 -5.96
CA GLU B 198 11.81 15.22 -4.61
C GLU B 198 12.99 15.54 -3.71
N THR B 199 12.91 16.65 -2.98
CA THR B 199 13.93 17.04 -2.02
C THR B 199 13.28 17.21 -0.66
N TYR B 200 13.80 16.52 0.34
CA TYR B 200 13.25 16.56 1.69
C TYR B 200 14.16 17.44 2.54
N CYS B 201 13.70 18.67 2.78
CA CYS B 201 14.51 19.67 3.47
C CYS B 201 14.57 19.35 4.96
N ILE B 202 15.37 18.34 5.28
CA ILE B 202 15.75 18.11 6.67
C ILE B 202 16.66 19.24 7.12
N ASP B 203 16.50 19.65 8.38
CA ASP B 203 17.42 20.59 9.01
C ASP B 203 17.75 20.09 10.40
N ASN B 204 18.91 20.51 10.90
CA ASN B 204 19.35 20.02 12.21
C ASN B 204 18.58 20.65 13.35
N GLU B 205 18.21 21.93 13.25
CA GLU B 205 17.64 22.61 14.41
C GLU B 205 16.25 22.10 14.73
N ALA B 206 15.47 21.75 13.71
CA ALA B 206 14.15 21.17 13.99
C ALA B 206 14.29 19.78 14.58
N LEU B 207 15.30 19.02 14.16
CA LEU B 207 15.54 17.72 14.79
C LEU B 207 15.91 17.89 16.26
N TYR B 208 16.74 18.89 16.56
CA TYR B 208 17.05 19.19 17.95
C TYR B 208 15.80 19.59 18.72
N ASP B 209 14.92 20.36 18.08
CA ASP B 209 13.67 20.75 18.74
C ASP B 209 12.79 19.54 19.03
N ILE B 210 12.70 18.61 18.08
CA ILE B 210 11.95 17.38 18.30
C ILE B 210 12.53 16.63 19.49
N CYS B 211 13.85 16.45 19.51
CA CYS B 211 14.49 15.72 20.59
C CYS B 211 14.33 16.43 21.92
N PHE B 212 14.31 17.76 21.92
CA PHE B 212 14.19 18.52 23.15
C PHE B 212 12.79 18.42 23.72
N ARG B 213 11.79 18.83 22.95
CA ARG B 213 10.45 19.02 23.46
C ARG B 213 9.52 17.83 23.24
N THR B 214 9.60 17.17 22.09
CA THR B 214 8.74 16.00 21.86
C THR B 214 9.29 14.78 22.55
N LEU B 215 10.54 14.41 22.23
CA LEU B 215 11.12 13.20 22.79
C LEU B 215 11.56 13.39 24.24
N LYS B 216 11.64 14.63 24.72
CA LYS B 216 12.15 14.95 26.06
C LYS B 216 13.51 14.30 26.29
N LEU B 217 14.35 14.37 25.27
CA LEU B 217 15.64 13.69 25.29
C LEU B 217 16.68 14.66 25.83
N THR B 218 17.36 14.24 26.91
CA THR B 218 18.23 15.15 27.65
C THR B 218 19.44 15.57 26.81
N THR B 219 20.15 14.61 26.23
CA THR B 219 21.38 14.86 25.48
C THR B 219 21.29 14.20 24.12
N PRO B 220 20.60 14.81 23.16
CA PRO B 220 20.47 14.20 21.84
C PRO B 220 21.78 14.31 21.05
N THR B 221 22.35 13.17 20.72
CA THR B 221 23.51 13.12 19.84
C THR B 221 23.03 13.03 18.40
N TYR B 222 23.98 12.97 17.47
CA TYR B 222 23.62 12.79 16.06
C TYR B 222 22.96 11.44 15.79
N GLY B 223 23.15 10.46 16.67
CA GLY B 223 22.48 9.19 16.49
C GLY B 223 20.97 9.32 16.46
N ASP B 224 20.42 10.16 17.34
CA ASP B 224 18.97 10.33 17.40
C ASP B 224 18.45 11.10 16.20
N LEU B 225 19.17 12.13 15.76
CA LEU B 225 18.77 12.88 14.58
C LEU B 225 18.75 11.99 13.35
N ASN B 226 19.82 11.22 13.17
CA ASN B 226 19.87 10.29 12.05
C ASN B 226 18.82 9.20 12.19
N HIS B 227 18.47 8.81 13.42
CA HIS B 227 17.39 7.85 13.62
C HIS B 227 16.06 8.41 13.13
N LEU B 228 15.78 9.68 13.44
CA LEU B 228 14.57 10.32 12.97
C LEU B 228 14.53 10.35 11.44
N VAL B 229 15.63 10.79 10.82
CA VAL B 229 15.66 10.89 9.37
C VAL B 229 15.51 9.51 8.74
N SER B 230 16.16 8.50 9.33
CA SER B 230 16.08 7.15 8.81
C SER B 230 14.67 6.59 8.92
N ALA B 231 13.99 6.84 10.04
CA ALA B 231 12.62 6.37 10.19
C ALA B 231 11.71 7.00 9.15
N THR B 232 11.89 8.29 8.90
CA THR B 232 11.03 8.96 7.91
C THR B 232 11.30 8.45 6.49
N MET B 233 12.57 8.32 6.12
CA MET B 233 12.83 7.86 4.75
C MET B 233 12.73 6.35 4.60
N SER B 234 12.48 5.62 5.68
CA SER B 234 12.00 4.24 5.55
C SER B 234 10.49 4.21 5.36
N GLY B 235 9.77 5.07 6.10
CA GLY B 235 8.34 5.17 5.91
C GLY B 235 7.93 5.72 4.57
N VAL B 236 8.84 6.43 3.89
CA VAL B 236 8.54 6.92 2.55
C VAL B 236 8.41 5.75 1.57
N THR B 237 9.25 4.73 1.72
CA THR B 237 9.28 3.61 0.78
C THR B 237 8.67 2.33 1.35
N THR B 238 8.06 2.40 2.53
CA THR B 238 7.39 1.21 3.07
C THR B 238 6.33 0.65 2.12
N CYS B 239 5.67 1.50 1.32
CA CYS B 239 4.70 1.00 0.36
C CYS B 239 5.38 0.15 -0.70
N LEU B 240 6.57 0.57 -1.14
CA LEU B 240 7.37 -0.27 -2.03
C LEU B 240 7.74 -1.58 -1.36
N ARG B 241 8.12 -1.53 -0.09
CA ARG B 241 8.69 -2.71 0.56
C ARG B 241 7.65 -3.66 1.13
N PHE B 242 6.42 -3.23 1.33
CA PHE B 242 5.46 -4.01 2.08
C PHE B 242 4.07 -3.86 1.48
N PRO B 243 3.20 -4.86 1.69
CA PRO B 243 1.83 -4.74 1.21
C PRO B 243 1.04 -3.71 2.02
N GLY B 244 -0.04 -3.23 1.41
CA GLY B 244 -0.87 -2.25 2.09
C GLY B 244 -2.24 -2.16 1.46
N GLN B 245 -3.16 -1.58 2.23
CA GLN B 245 -4.52 -1.36 1.75
C GLN B 245 -4.60 -0.20 0.76
N LEU B 246 -3.55 0.60 0.66
CA LEU B 246 -3.49 1.69 -0.31
C LEU B 246 -2.02 1.96 -0.60
N ASN B 247 -1.55 1.47 -1.75
CA ASN B 247 -0.13 1.54 -2.09
C ASN B 247 0.20 2.88 -2.73
N ALA B 248 1.46 3.29 -2.60
CA ALA B 248 1.93 4.53 -3.20
C ALA B 248 3.44 4.47 -3.32
N ASP B 249 3.94 4.35 -4.55
CA ASP B 249 5.38 4.29 -4.79
C ASP B 249 5.94 5.71 -4.83
N LEU B 250 7.23 5.83 -5.10
CA LEU B 250 7.87 7.14 -5.14
C LEU B 250 7.29 8.00 -6.25
N ARG B 251 7.05 7.42 -7.42
CA ARG B 251 6.51 8.20 -8.53
C ARG B 251 5.11 8.71 -8.24
N LYS B 252 4.31 7.94 -7.50
CA LYS B 252 2.95 8.39 -7.20
C LYS B 252 2.96 9.58 -6.25
N LEU B 253 3.81 9.54 -5.22
CA LEU B 253 3.99 10.71 -4.37
C LEU B 253 4.55 11.89 -5.14
N ALA B 254 5.46 11.62 -6.08
CA ALA B 254 6.00 12.70 -6.91
C ALA B 254 4.91 13.35 -7.74
N VAL B 255 3.99 12.55 -8.26
CA VAL B 255 2.88 13.10 -9.04
C VAL B 255 1.97 13.93 -8.14
N ASN B 256 1.58 13.36 -7.00
CA ASN B 256 0.57 13.99 -6.15
C ASN B 256 1.11 15.15 -5.32
N MET B 257 2.43 15.31 -5.21
CA MET B 257 3.02 16.32 -4.37
C MET B 257 3.72 17.44 -5.13
N VAL B 258 3.82 17.33 -6.46
CA VAL B 258 4.56 18.32 -7.24
C VAL B 258 3.63 18.87 -8.31
N PRO B 259 2.78 19.86 -7.98
CA PRO B 259 1.92 20.45 -9.02
C PRO B 259 2.69 21.11 -10.15
N PHE B 260 3.82 21.73 -9.85
CA PHE B 260 4.67 22.37 -10.83
C PHE B 260 6.10 21.92 -10.60
N PRO B 261 6.90 21.76 -11.67
CA PRO B 261 8.15 21.01 -11.55
C PRO B 261 9.14 21.58 -10.55
N ARG B 262 9.17 22.90 -10.36
CA ARG B 262 10.17 23.51 -9.50
C ARG B 262 9.83 23.43 -8.01
N LEU B 263 8.59 23.09 -7.65
CA LEU B 263 8.17 23.07 -6.26
C LEU B 263 8.15 21.61 -5.78
N HIS B 264 9.32 21.13 -5.38
CA HIS B 264 9.45 19.76 -4.88
C HIS B 264 10.35 19.74 -3.66
N PHE B 265 10.20 20.71 -2.77
CA PHE B 265 10.92 20.76 -1.51
C PHE B 265 9.91 20.51 -0.40
N PHE B 266 10.02 19.35 0.25
CA PHE B 266 8.99 18.85 1.13
C PHE B 266 9.47 18.91 2.58
N MET B 267 8.50 19.12 3.48
CA MET B 267 8.79 19.20 4.90
C MET B 267 8.34 17.92 5.57
N PRO B 268 9.24 17.03 5.96
CA PRO B 268 8.83 15.72 6.44
C PRO B 268 8.46 15.72 7.91
N GLY B 269 8.03 14.54 8.37
CA GLY B 269 7.59 14.39 9.74
C GLY B 269 7.33 12.93 10.05
N PHE B 270 7.22 12.64 11.35
CA PHE B 270 7.00 11.29 11.82
C PHE B 270 6.00 11.31 12.96
N ALA B 271 5.31 10.18 13.13
CA ALA B 271 4.36 9.99 14.21
C ALA B 271 4.15 8.51 14.40
N PRO B 272 4.04 8.01 15.63
CA PRO B 272 4.11 8.73 16.90
C PRO B 272 5.53 8.97 17.37
N LEU B 273 5.75 10.03 18.15
CA LEU B 273 7.04 10.30 18.78
C LEU B 273 6.74 10.69 20.23
N THR B 274 7.05 9.80 21.16
CA THR B 274 6.72 9.99 22.56
C THR B 274 7.96 9.87 23.41
N SER B 275 7.97 10.60 24.52
CA SER B 275 8.98 10.38 25.53
C SER B 275 8.71 9.08 26.26
N ARG B 276 9.72 8.60 26.99
CA ARG B 276 9.54 7.39 27.79
C ARG B 276 8.50 7.60 28.88
N GLY B 277 8.50 8.79 29.49
CA GLY B 277 7.52 9.06 30.55
C GLY B 277 6.10 9.11 30.04
N SER B 278 5.89 9.76 28.90
CA SER B 278 4.56 9.92 28.33
C SER B 278 4.18 8.79 27.39
N GLN B 279 4.92 7.68 27.43
CA GLN B 279 4.62 6.56 26.53
C GLN B 279 3.29 5.90 26.90
N GLN B 280 3.07 5.67 28.19
CA GLN B 280 1.89 4.94 28.63
C GLN B 280 0.69 5.84 28.90
N TYR B 281 0.85 7.16 28.82
CA TYR B 281 -0.24 8.10 29.02
C TYR B 281 -0.83 8.59 27.71
N ARG B 282 -0.59 7.87 26.62
CA ARG B 282 -1.02 8.33 25.31
C ARG B 282 -1.66 7.19 24.56
N ALA B 283 -2.89 7.40 24.11
CA ALA B 283 -3.58 6.43 23.27
C ALA B 283 -2.96 6.44 21.88
N LEU B 284 -2.92 5.27 21.26
CA LEU B 284 -2.36 5.09 19.92
C LEU B 284 -3.53 4.90 18.95
N THR B 285 -4.08 6.00 18.46
CA THR B 285 -5.18 5.98 17.51
C THR B 285 -4.82 6.87 16.32
N VAL B 286 -5.55 6.66 15.22
CA VAL B 286 -5.34 7.48 14.03
C VAL B 286 -5.53 8.97 14.30
N PRO B 287 -6.55 9.42 15.04
CA PRO B 287 -6.66 10.87 15.29
C PRO B 287 -5.45 11.48 15.96
N GLU B 288 -4.81 10.78 16.90
CA GLU B 288 -3.65 11.40 17.55
C GLU B 288 -2.40 11.32 16.68
N LEU B 289 -2.28 10.29 15.84
CA LEU B 289 -1.25 10.34 14.79
C LEU B 289 -1.44 11.55 13.90
N THR B 290 -2.67 11.82 13.48
CA THR B 290 -2.93 12.99 12.65
C THR B 290 -2.61 14.28 13.40
N GLN B 291 -2.96 14.33 14.68
CA GLN B 291 -2.67 15.50 15.51
C GLN B 291 -1.17 15.76 15.55
N GLN B 292 -0.37 14.72 15.77
CA GLN B 292 1.07 14.90 15.84
C GLN B 292 1.66 15.23 14.49
N MET B 293 1.15 14.61 13.41
CA MET B 293 1.66 14.90 12.08
C MET B 293 1.46 16.36 11.71
N PHE B 294 0.23 16.85 11.85
CA PHE B 294 -0.07 18.19 11.36
C PHE B 294 0.33 19.28 12.33
N ASP B 295 0.87 18.92 13.49
CA ASP B 295 1.45 19.90 14.39
C ASP B 295 2.64 20.57 13.72
N ALA B 296 2.61 21.89 13.61
CA ALA B 296 3.71 22.63 13.03
C ALA B 296 5.00 22.44 13.81
N LYS B 297 4.89 22.02 15.07
CA LYS B 297 6.04 21.81 15.93
C LYS B 297 6.75 20.49 15.63
N ASN B 298 6.07 19.55 14.98
CA ASN B 298 6.66 18.25 14.67
C ASN B 298 7.48 18.23 13.40
N MET B 299 7.56 19.36 12.69
CA MET B 299 8.24 19.39 11.41
C MET B 299 9.75 19.26 11.58
N MET B 300 10.38 18.76 10.52
CA MET B 300 11.84 18.70 10.43
C MET B 300 12.35 19.69 9.38
N ALA B 301 11.78 20.89 9.38
CA ALA B 301 12.28 22.00 8.60
C ALA B 301 12.30 23.24 9.47
N ALA B 302 13.16 24.19 9.10
CA ALA B 302 13.22 25.47 9.81
C ALA B 302 12.08 26.38 9.33
N CYS B 303 10.88 25.83 9.36
CA CYS B 303 9.72 26.48 8.78
C CYS B 303 8.53 26.34 9.71
N ASP B 304 7.68 27.37 9.72
CA ASP B 304 6.40 27.27 10.41
C ASP B 304 5.32 27.15 9.36
N PRO B 305 4.63 26.01 9.26
CA PRO B 305 3.54 25.89 8.29
C PRO B 305 2.43 26.89 8.50
N ARG B 306 2.29 27.45 9.70
CA ARG B 306 1.28 28.49 9.92
C ARG B 306 1.63 29.78 9.18
N HIS B 307 2.87 29.92 8.72
CA HIS B 307 3.29 31.11 8.00
C HIS B 307 3.07 30.98 6.49
N GLY B 308 2.47 29.88 6.04
CA GLY B 308 2.21 29.71 4.62
C GLY B 308 1.07 28.76 4.35
N ARG B 309 0.81 28.47 3.09
CA ARG B 309 -0.26 27.56 2.70
C ARG B 309 0.32 26.24 2.22
N TYR B 310 -0.27 25.15 2.69
CA TYR B 310 0.07 23.84 2.18
C TYR B 310 -0.42 23.71 0.74
N LEU B 311 0.48 23.41 -0.18
CA LEU B 311 0.05 23.08 -1.54
C LEU B 311 -0.50 21.66 -1.58
N THR B 312 0.33 20.68 -1.23
CA THR B 312 -0.08 19.30 -1.09
C THR B 312 0.59 18.71 0.12
N VAL B 313 -0.06 17.75 0.76
CA VAL B 313 0.53 16.99 1.86
C VAL B 313 0.33 15.51 1.62
N ALA B 314 1.22 14.71 2.18
CA ALA B 314 1.21 13.26 2.03
C ALA B 314 1.24 12.62 3.40
N ALA B 315 0.38 11.63 3.61
CA ALA B 315 0.31 10.90 4.87
C ALA B 315 0.46 9.41 4.54
N VAL B 316 1.69 8.91 4.59
CA VAL B 316 1.98 7.51 4.27
C VAL B 316 1.79 6.74 5.57
N PHE B 317 0.54 6.37 5.87
CA PHE B 317 0.21 5.69 7.10
C PHE B 317 0.68 4.24 7.08
N ARG B 318 0.89 3.69 8.27
CA ARG B 318 1.37 2.32 8.42
C ARG B 318 0.67 1.66 9.59
N GLY B 319 0.45 0.35 9.47
CA GLY B 319 -0.18 -0.43 10.51
C GLY B 319 -1.56 -0.91 10.14
N ARG B 320 -2.07 -1.82 10.97
CA ARG B 320 -3.42 -2.36 10.80
C ARG B 320 -4.42 -1.40 11.44
N MET B 321 -5.34 -0.89 10.63
CA MET B 321 -6.27 0.15 11.03
C MET B 321 -7.24 0.38 9.88
N SER B 322 -8.17 1.31 10.08
CA SER B 322 -9.28 1.49 9.17
C SER B 322 -9.05 2.65 8.20
N MET B 323 -9.46 2.45 6.95
CA MET B 323 -9.36 3.49 5.95
C MET B 323 -10.38 4.60 6.18
N LYS B 324 -11.55 4.26 6.73
CA LYS B 324 -12.57 5.26 7.01
C LYS B 324 -12.04 6.31 7.96
N GLU B 325 -11.46 5.87 9.09
CA GLU B 325 -10.95 6.80 10.08
C GLU B 325 -9.84 7.68 9.50
N VAL B 326 -8.91 7.07 8.76
CA VAL B 326 -7.79 7.80 8.19
C VAL B 326 -8.30 8.89 7.25
N ASP B 327 -9.20 8.52 6.35
CA ASP B 327 -9.62 9.46 5.32
C ASP B 327 -10.56 10.53 5.88
N GLU B 328 -11.40 10.20 6.85
CA GLU B 328 -12.20 11.25 7.49
C GLU B 328 -11.32 12.19 8.27
N GLN B 329 -10.23 11.68 8.88
CA GLN B 329 -9.31 12.57 9.58
C GLN B 329 -8.65 13.54 8.62
N MET B 330 -8.19 13.04 7.46
CA MET B 330 -7.56 13.93 6.50
C MET B 330 -8.56 14.98 6.00
N LEU B 331 -9.79 14.54 5.73
CA LEU B 331 -10.86 15.45 5.33
C LEU B 331 -11.10 16.52 6.39
N ASN B 332 -11.16 16.12 7.67
CA ASN B 332 -11.44 17.06 8.75
C ASN B 332 -10.34 18.10 8.87
N VAL B 333 -9.08 17.66 8.76
CA VAL B 333 -7.95 18.59 8.74
C VAL B 333 -8.13 19.60 7.63
N GLN B 334 -8.54 19.13 6.45
CA GLN B 334 -8.73 20.05 5.33
C GLN B 334 -9.89 21.00 5.57
N ASN B 335 -10.97 20.54 6.20
CA ASN B 335 -12.14 21.39 6.39
C ASN B 335 -11.89 22.49 7.41
N LYS B 336 -11.53 22.14 8.64
CA LYS B 336 -11.47 23.22 9.62
C LYS B 336 -10.28 24.16 9.42
N ASN B 337 -9.35 23.84 8.53
CA ASN B 337 -8.19 24.70 8.35
C ASN B 337 -8.04 25.12 6.89
N SER B 338 -9.14 25.56 6.28
CA SER B 338 -9.12 25.95 4.88
C SER B 338 -8.22 27.14 4.61
N SER B 339 -7.95 27.97 5.62
CA SER B 339 -7.08 29.11 5.41
C SER B 339 -5.63 28.68 5.21
N TYR B 340 -5.23 27.58 5.83
CA TYR B 340 -3.86 27.08 5.75
C TYR B 340 -3.62 26.17 4.57
N PHE B 341 -4.62 25.96 3.73
CA PHE B 341 -4.49 25.09 2.56
C PHE B 341 -4.80 25.88 1.31
N VAL B 342 -4.13 25.52 0.21
CA VAL B 342 -4.30 26.24 -1.04
C VAL B 342 -5.69 25.94 -1.60
N GLU B 343 -6.29 26.94 -2.24
CA GLU B 343 -7.70 26.86 -2.61
C GLU B 343 -7.94 26.28 -3.99
N TRP B 344 -7.00 26.42 -4.92
CA TRP B 344 -7.20 25.90 -6.26
C TRP B 344 -6.77 24.45 -6.39
N ILE B 345 -6.41 23.80 -5.29
CA ILE B 345 -6.21 22.35 -5.28
C ILE B 345 -7.12 21.76 -4.23
N PRO B 346 -8.33 21.33 -4.58
CA PRO B 346 -9.16 20.60 -3.64
C PRO B 346 -8.53 19.25 -3.33
N ASN B 347 -8.80 18.75 -2.12
CA ASN B 347 -8.19 17.52 -1.61
C ASN B 347 -6.67 17.64 -1.63
N ASN B 348 -6.17 18.56 -0.80
CA ASN B 348 -4.74 18.81 -0.75
C ASN B 348 -3.96 17.62 -0.20
N VAL B 349 -4.62 16.70 0.49
CA VAL B 349 -3.96 15.57 1.12
C VAL B 349 -3.99 14.37 0.18
N LYS B 350 -2.87 13.66 0.09
CA LYS B 350 -2.83 12.32 -0.48
C LYS B 350 -2.51 11.34 0.63
N THR B 351 -3.23 10.22 0.65
CA THR B 351 -3.14 9.24 1.72
C THR B 351 -2.65 7.92 1.16
N ALA B 352 -1.68 7.32 1.85
CA ALA B 352 -1.24 5.96 1.60
C ALA B 352 -1.28 5.20 2.92
N VAL B 353 -1.67 3.93 2.85
CA VAL B 353 -1.79 3.12 4.06
C VAL B 353 -1.10 1.78 3.81
N CYS B 354 -0.20 1.41 4.71
CA CYS B 354 0.55 0.17 4.63
C CYS B 354 0.15 -0.75 5.77
N ASP B 355 0.47 -2.03 5.63
CA ASP B 355 0.01 -3.03 6.60
C ASP B 355 1.03 -3.27 7.69
N ILE B 356 2.32 -3.25 7.37
CA ILE B 356 3.37 -3.63 8.31
C ILE B 356 3.94 -2.34 8.92
N PRO B 357 3.82 -2.14 10.22
CA PRO B 357 4.29 -0.90 10.84
C PRO B 357 5.76 -1.01 11.22
N PRO B 358 6.38 0.09 11.62
CA PRO B 358 7.74 0.01 12.17
C PRO B 358 7.76 -0.86 13.43
N ARG B 359 8.92 -1.49 13.65
CA ARG B 359 9.08 -2.40 14.76
C ARG B 359 8.88 -1.68 16.09
N GLY B 360 8.07 -2.28 16.96
CA GLY B 360 7.80 -1.73 18.27
C GLY B 360 6.58 -0.84 18.37
N LEU B 361 6.07 -0.35 17.24
CA LEU B 361 4.88 0.48 17.21
C LEU B 361 3.81 -0.24 16.41
N LYS B 362 2.59 -0.32 16.98
CA LYS B 362 1.52 -1.02 16.30
C LYS B 362 0.98 -0.24 15.12
N MET B 363 1.11 1.09 15.14
CA MET B 363 0.84 1.90 13.96
C MET B 363 1.73 3.13 14.00
N SER B 364 1.97 3.70 12.83
CA SER B 364 2.84 4.85 12.71
C SER B 364 2.43 5.63 11.47
N ALA B 365 3.07 6.77 11.26
CA ALA B 365 2.76 7.61 10.12
C ALA B 365 3.96 8.44 9.72
N THR B 366 4.06 8.72 8.43
CA THR B 366 5.08 9.59 7.88
C THR B 366 4.40 10.76 7.20
N PHE B 367 4.73 11.97 7.64
CA PHE B 367 4.16 13.18 7.07
C PHE B 367 5.12 13.73 6.02
N ILE B 368 4.59 14.06 4.85
CA ILE B 368 5.32 14.77 3.82
C ILE B 368 4.44 15.92 3.34
N GLY B 369 4.99 17.13 3.37
CA GLY B 369 4.18 18.30 3.05
C GLY B 369 4.88 19.27 2.12
N ASN B 370 4.20 19.66 1.05
CA ASN B 370 4.70 20.65 0.11
C ASN B 370 4.05 21.98 0.46
N SER B 371 4.72 22.76 1.30
CA SER B 371 4.18 24.00 1.84
C SER B 371 4.93 25.19 1.27
N THR B 372 4.27 26.35 1.31
CA THR B 372 4.91 27.58 0.88
C THR B 372 5.82 28.17 1.94
N ALA B 373 5.86 27.58 3.15
CA ALA B 373 6.74 28.07 4.19
C ALA B 373 8.21 27.89 3.85
N ILE B 374 8.53 26.96 2.95
CA ILE B 374 9.91 26.73 2.53
C ILE B 374 10.54 28.00 1.97
N GLN B 375 9.71 28.95 1.53
CA GLN B 375 10.25 30.18 0.95
C GLN B 375 11.12 30.92 1.95
N GLU B 376 10.76 30.92 3.23
CA GLU B 376 11.55 31.69 4.19
C GLU B 376 12.78 30.93 4.66
N LEU B 377 12.71 29.60 4.69
CA LEU B 377 13.92 28.79 4.87
C LEU B 377 14.92 29.07 3.76
N PHE B 378 14.44 29.40 2.57
CA PHE B 378 15.37 29.79 1.51
C PHE B 378 15.73 31.28 1.58
N LYS B 379 14.84 32.11 2.11
CA LYS B 379 15.15 33.53 2.26
C LYS B 379 16.27 33.77 3.25
N ARG B 380 16.30 33.02 4.35
CA ARG B 380 17.39 33.20 5.31
C ARG B 380 18.73 32.86 4.68
N ILE B 381 18.78 31.75 3.92
CA ILE B 381 20.00 31.39 3.21
C ILE B 381 20.35 32.48 2.19
N SER B 382 19.35 32.99 1.48
CA SER B 382 19.59 33.99 0.46
C SER B 382 20.14 35.28 1.04
N GLU B 383 19.61 35.71 2.20
CA GLU B 383 20.08 36.94 2.78
C GLU B 383 21.46 36.79 3.41
N GLN B 384 21.76 35.62 4.00
CA GLN B 384 23.12 35.38 4.47
C GLN B 384 24.10 35.37 3.31
N PHE B 385 23.71 34.75 2.19
CA PHE B 385 24.53 34.75 0.99
C PHE B 385 24.75 36.16 0.47
N THR B 386 23.69 36.98 0.45
CA THR B 386 23.82 38.35 -0.03
C THR B 386 24.73 39.17 0.86
N ALA B 387 24.63 38.98 2.18
CA ALA B 387 25.53 39.66 3.09
C ALA B 387 26.98 39.24 2.85
N MET B 388 27.20 37.93 2.65
CA MET B 388 28.56 37.45 2.41
C MET B 388 29.07 37.76 1.02
N PHE B 389 28.21 38.18 0.10
CA PHE B 389 28.60 38.31 -1.29
C PHE B 389 28.81 39.75 -1.73
N ARG B 390 28.19 40.72 -1.07
CA ARG B 390 28.45 42.12 -1.42
C ARG B 390 29.91 42.47 -1.16
N ARG B 391 30.48 41.94 -0.09
CA ARG B 391 31.85 42.23 0.30
C ARG B 391 32.84 41.23 -0.25
N LYS B 392 32.40 40.32 -1.13
CA LYS B 392 33.24 39.30 -1.73
C LYS B 392 33.89 38.40 -0.67
N ALA B 393 33.21 38.23 0.45
CA ALA B 393 33.77 37.51 1.57
C ALA B 393 33.98 36.04 1.24
N PHE B 394 35.12 35.51 1.64
CA PHE B 394 35.49 34.10 1.50
C PHE B 394 35.49 33.63 0.06
N LEU B 395 35.45 34.55 -0.91
CA LEU B 395 35.32 34.19 -2.31
C LEU B 395 36.63 33.86 -2.99
N HIS B 396 37.76 34.24 -2.40
CA HIS B 396 39.03 33.91 -3.04
C HIS B 396 39.24 32.41 -3.07
N TRP B 397 38.71 31.69 -2.10
CA TRP B 397 38.73 30.23 -2.13
C TRP B 397 37.99 29.71 -3.35
N TYR B 398 36.69 30.00 -3.43
CA TYR B 398 35.88 29.44 -4.52
C TYR B 398 36.40 29.88 -5.89
N THR B 399 36.83 31.14 -6.00
CA THR B 399 37.43 31.61 -7.24
C THR B 399 38.76 30.94 -7.50
N GLY B 400 39.40 30.40 -6.46
CA GLY B 400 40.68 29.73 -6.63
C GLY B 400 40.61 28.46 -7.47
N GLU B 401 39.46 27.78 -7.47
CA GLU B 401 39.33 26.53 -8.23
C GLU B 401 38.54 26.71 -9.53
N GLY B 402 38.70 27.84 -10.20
CA GLY B 402 38.12 28.06 -11.50
C GLY B 402 36.71 28.64 -11.49
N MET B 403 36.02 28.60 -10.35
CA MET B 403 34.70 29.17 -10.26
C MET B 403 34.78 30.69 -10.37
N ASP B 404 33.75 31.28 -10.98
CA ASP B 404 33.67 32.72 -11.14
C ASP B 404 32.45 33.27 -10.41
N GLU B 405 32.42 34.59 -10.25
CA GLU B 405 31.32 35.24 -9.55
C GLU B 405 29.99 35.10 -10.29
N MET B 406 30.03 34.82 -11.59
CA MET B 406 28.80 34.70 -12.36
C MET B 406 27.99 33.49 -11.92
N GLU B 407 28.66 32.40 -11.53
CA GLU B 407 27.92 31.25 -11.03
C GLU B 407 27.24 31.57 -9.71
N PHE B 408 27.91 32.35 -8.85
CA PHE B 408 27.26 32.79 -7.62
C PHE B 408 26.05 33.66 -7.93
N THR B 409 26.17 34.55 -8.90
CA THR B 409 25.05 35.40 -9.27
C THR B 409 23.88 34.58 -9.81
N GLU B 410 24.16 33.58 -10.64
CA GLU B 410 23.07 32.78 -11.19
C GLU B 410 22.43 31.91 -10.13
N ALA B 411 23.22 31.41 -9.18
CA ALA B 411 22.66 30.62 -8.08
C ALA B 411 21.74 31.48 -7.22
N GLU B 412 22.18 32.69 -6.88
CA GLU B 412 21.32 33.60 -6.12
C GLU B 412 20.06 33.96 -6.89
N SER B 413 20.19 34.19 -8.20
CA SER B 413 19.03 34.51 -9.01
C SER B 413 18.04 33.36 -9.04
N ASN B 414 18.55 32.13 -9.16
CA ASN B 414 17.67 30.96 -9.21
C ASN B 414 16.95 30.77 -7.88
N MET B 415 17.66 30.93 -6.76
CA MET B 415 17.00 30.80 -5.47
C MET B 415 15.96 31.88 -5.25
N ASN B 416 16.27 33.13 -5.65
CA ASN B 416 15.28 34.19 -5.54
C ASN B 416 14.06 33.90 -6.40
N ASP B 417 14.28 33.33 -7.59
CA ASP B 417 13.17 32.97 -8.45
C ASP B 417 12.30 31.91 -7.82
N LEU B 418 12.91 30.92 -7.16
CA LEU B 418 12.10 29.89 -6.50
C LEU B 418 11.32 30.46 -5.33
N VAL B 419 11.94 31.35 -4.56
CA VAL B 419 11.23 32.01 -3.46
C VAL B 419 10.05 32.80 -4.01
N SER B 420 10.25 33.50 -5.13
CA SER B 420 9.18 34.26 -5.75
C SER B 420 8.05 33.34 -6.21
N GLU B 421 8.39 32.18 -6.76
CA GLU B 421 7.36 31.24 -7.19
C GLU B 421 6.53 30.75 -6.01
N TYR B 422 7.19 30.41 -4.90
CA TYR B 422 6.46 29.97 -3.72
C TYR B 422 5.57 31.09 -3.17
N GLN B 423 6.07 32.32 -3.15
CA GLN B 423 5.25 33.44 -2.72
C GLN B 423 4.06 33.64 -3.65
N GLN B 424 4.28 33.49 -4.95
CA GLN B 424 3.21 33.67 -5.92
C GLN B 424 2.11 32.65 -5.71
N TYR B 425 2.47 31.39 -5.46
CA TYR B 425 1.46 30.36 -5.29
C TYR B 425 0.91 30.31 -3.87
N GLN B 426 1.52 31.04 -2.94
CA GLN B 426 0.91 31.18 -1.61
C GLN B 426 -0.29 32.11 -1.66
N ASP B 427 -0.19 33.20 -2.39
CA ASP B 427 -1.22 34.24 -2.45
C ASP B 427 -1.60 34.75 -1.07
N MET C 1 -24.12 -22.44 -20.73
CA MET C 1 -23.96 -21.09 -21.26
C MET C 1 -24.06 -20.06 -20.14
N ARG C 2 -24.60 -18.89 -20.49
CA ARG C 2 -24.83 -17.80 -19.53
C ARG C 2 -23.53 -17.40 -18.84
N GLU C 3 -22.43 -17.35 -19.59
CA GLU C 3 -21.13 -17.08 -19.03
C GLU C 3 -20.85 -15.58 -18.96
N CYS C 4 -20.08 -15.19 -17.95
CA CYS C 4 -19.62 -13.82 -17.80
C CYS C 4 -18.12 -13.83 -17.49
N ILE C 5 -17.43 -12.81 -17.96
CA ILE C 5 -16.00 -12.64 -17.72
C ILE C 5 -15.81 -11.43 -16.82
N SER C 6 -15.13 -11.64 -15.70
CA SER C 6 -14.85 -10.57 -14.76
C SER C 6 -13.47 -10.00 -15.03
N ILE C 7 -13.37 -8.68 -15.04
CA ILE C 7 -12.11 -7.98 -15.22
C ILE C 7 -11.89 -7.06 -14.03
N HIS C 8 -10.71 -7.15 -13.42
CA HIS C 8 -10.36 -6.35 -12.25
C HIS C 8 -9.10 -5.57 -12.58
N VAL C 9 -9.22 -4.25 -12.61
CA VAL C 9 -8.13 -3.37 -13.00
C VAL C 9 -7.78 -2.48 -11.82
N GLY C 10 -6.51 -2.44 -11.48
CA GLY C 10 -6.06 -1.61 -10.39
C GLY C 10 -6.28 -2.25 -9.04
N GLN C 11 -5.82 -1.55 -8.00
CA GLN C 11 -5.91 -2.07 -6.64
C GLN C 11 -7.36 -2.22 -6.21
N ALA C 12 -8.19 -1.21 -6.49
CA ALA C 12 -9.59 -1.27 -6.11
C ALA C 12 -10.29 -2.45 -6.78
N GLY C 13 -10.06 -2.61 -8.08
CA GLY C 13 -10.67 -3.72 -8.80
C GLY C 13 -10.19 -5.07 -8.29
N VAL C 14 -8.89 -5.18 -8.00
CA VAL C 14 -8.34 -6.46 -7.54
C VAL C 14 -8.91 -6.82 -6.17
N GLN C 15 -9.05 -5.85 -5.28
CA GLN C 15 -9.54 -6.15 -3.94
C GLN C 15 -11.04 -6.43 -3.96
N ILE C 16 -11.80 -5.66 -4.75
CA ILE C 16 -13.21 -5.95 -4.92
C ILE C 16 -13.40 -7.32 -5.55
N GLY C 17 -12.50 -7.71 -6.45
CA GLY C 17 -12.55 -9.03 -7.03
C GLY C 17 -12.25 -10.13 -6.03
N ASN C 18 -11.31 -9.87 -5.10
CA ASN C 18 -11.06 -10.82 -4.04
C ASN C 18 -12.32 -11.04 -3.22
N ALA C 19 -13.01 -9.95 -2.87
CA ALA C 19 -14.26 -10.06 -2.13
C ALA C 19 -15.30 -10.84 -2.93
N CYS C 20 -15.44 -10.49 -4.22
CA CYS C 20 -16.46 -11.12 -5.06
C CYS C 20 -16.19 -12.62 -5.22
N TRP C 21 -14.93 -13.00 -5.38
CA TRP C 21 -14.62 -14.41 -5.62
C TRP C 21 -14.69 -15.24 -4.36
N GLU C 22 -14.32 -14.66 -3.21
CA GLU C 22 -14.63 -15.33 -1.94
C GLU C 22 -16.13 -15.54 -1.81
N LEU C 23 -16.92 -14.52 -2.19
CA LEU C 23 -18.37 -14.64 -2.10
C LEU C 23 -18.90 -15.74 -3.01
N TYR C 24 -18.42 -15.80 -4.25
CA TYR C 24 -18.93 -16.81 -5.19
C TYR C 24 -18.51 -18.20 -4.79
N CYS C 25 -17.28 -18.36 -4.30
CA CYS C 25 -16.83 -19.66 -3.83
C CYS C 25 -17.66 -20.12 -2.64
N LEU C 26 -18.02 -19.20 -1.75
CA LEU C 26 -18.94 -19.56 -0.67
C LEU C 26 -20.31 -19.93 -1.22
N GLU C 27 -20.80 -19.20 -2.21
CA GLU C 27 -22.16 -19.41 -2.71
C GLU C 27 -22.31 -20.76 -3.39
N HIS C 28 -21.41 -21.08 -4.32
CA HIS C 28 -21.53 -22.32 -5.07
C HIS C 28 -20.90 -23.50 -4.35
N GLY C 29 -20.33 -23.29 -3.16
CA GLY C 29 -19.75 -24.38 -2.41
C GLY C 29 -18.34 -24.76 -2.81
N ILE C 30 -17.73 -24.02 -3.72
CA ILE C 30 -16.38 -24.33 -4.16
C ILE C 30 -15.40 -23.93 -3.08
N GLN C 31 -14.53 -24.86 -2.70
CA GLN C 31 -13.49 -24.58 -1.74
C GLN C 31 -12.43 -23.68 -2.37
N PRO C 32 -11.64 -22.98 -1.56
CA PRO C 32 -10.64 -22.06 -2.13
C PRO C 32 -9.64 -22.73 -3.04
N ASP C 33 -9.36 -24.02 -2.86
CA ASP C 33 -8.43 -24.74 -3.73
C ASP C 33 -9.09 -25.23 -5.01
N GLY C 34 -10.39 -25.04 -5.19
CA GLY C 34 -11.05 -25.30 -6.45
C GLY C 34 -11.82 -26.59 -6.55
N GLN C 35 -12.01 -27.32 -5.46
CA GLN C 35 -12.78 -28.57 -5.48
C GLN C 35 -14.08 -28.42 -4.72
N MET C 36 -15.14 -29.03 -5.23
CA MET C 36 -16.40 -29.14 -4.51
C MET C 36 -16.45 -30.51 -3.86
N PRO C 37 -16.48 -30.60 -2.52
CA PRO C 37 -16.56 -31.88 -1.82
C PRO C 37 -17.95 -32.49 -1.84
N ASP C 47 -23.33 -27.40 -13.19
CA ASP C 47 -24.66 -26.96 -12.80
C ASP C 47 -24.82 -25.46 -13.01
N SER C 48 -24.71 -24.71 -11.91
CA SER C 48 -24.95 -23.27 -11.91
C SER C 48 -23.67 -22.45 -11.79
N PHE C 49 -22.54 -23.09 -11.47
CA PHE C 49 -21.27 -22.38 -11.43
C PHE C 49 -20.75 -22.03 -12.81
N ASN C 50 -21.38 -22.55 -13.87
CA ASN C 50 -20.90 -22.35 -15.23
C ASN C 50 -20.91 -20.87 -15.61
N THR C 51 -21.73 -20.06 -14.95
CA THR C 51 -21.74 -18.62 -15.23
C THR C 51 -20.40 -17.98 -14.93
N PHE C 52 -19.76 -18.37 -13.82
CA PHE C 52 -18.52 -17.75 -13.40
C PHE C 52 -17.33 -18.69 -13.35
N PHE C 53 -17.53 -19.99 -13.28
CA PHE C 53 -16.45 -20.95 -13.11
C PHE C 53 -16.39 -21.91 -14.29
N SER C 54 -15.19 -22.29 -14.67
CA SER C 54 -14.97 -23.28 -15.71
C SER C 54 -14.78 -24.66 -15.08
N GLU C 55 -14.40 -25.63 -15.91
CA GLU C 55 -14.06 -26.96 -15.45
C GLU C 55 -12.75 -27.40 -16.09
N THR C 56 -11.84 -27.91 -15.28
CA THR C 56 -10.52 -28.32 -15.74
C THR C 56 -10.26 -29.74 -15.29
N GLY C 57 -10.39 -30.70 -16.20
CA GLY C 57 -10.11 -32.08 -15.89
C GLY C 57 -11.08 -32.67 -14.90
N ALA C 58 -10.61 -32.91 -13.67
CA ALA C 58 -11.40 -33.58 -12.65
C ALA C 58 -11.51 -32.67 -11.44
N GLY C 59 -12.72 -32.19 -11.16
CA GLY C 59 -13.02 -31.47 -9.95
C GLY C 59 -12.24 -30.19 -9.76
N LYS C 60 -12.13 -29.37 -10.80
CA LYS C 60 -11.45 -28.09 -10.72
C LYS C 60 -12.36 -27.02 -11.29
N HIS C 61 -12.60 -25.96 -10.51
CA HIS C 61 -13.39 -24.83 -10.94
C HIS C 61 -12.49 -23.61 -10.98
N VAL C 62 -12.16 -23.16 -12.18
CA VAL C 62 -11.31 -21.99 -12.40
C VAL C 62 -12.20 -20.79 -12.63
N PRO C 63 -12.08 -19.73 -11.84
CA PRO C 63 -12.92 -18.55 -12.05
C PRO C 63 -12.67 -17.92 -13.42
N ARG C 64 -13.75 -17.46 -14.04
CA ARG C 64 -13.67 -16.76 -15.32
C ARG C 64 -13.41 -15.28 -15.07
N ALA C 65 -12.22 -15.01 -14.56
CA ALA C 65 -11.80 -13.66 -14.20
C ALA C 65 -10.47 -13.34 -14.87
N VAL C 66 -10.00 -12.12 -14.62
CA VAL C 66 -8.66 -11.70 -15.00
C VAL C 66 -8.25 -10.58 -14.07
N PHE C 67 -7.04 -10.66 -13.55
CA PHE C 67 -6.54 -9.72 -12.56
C PHE C 67 -5.37 -8.97 -13.18
N VAL C 68 -5.60 -7.72 -13.55
CA VAL C 68 -4.61 -6.92 -14.26
C VAL C 68 -4.28 -5.69 -13.42
N ASP C 69 -3.01 -5.51 -13.13
CA ASP C 69 -2.54 -4.35 -12.39
C ASP C 69 -1.08 -4.12 -12.74
N LEU C 70 -0.71 -2.86 -12.89
CA LEU C 70 0.63 -2.53 -13.32
C LEU C 70 1.67 -2.65 -12.20
N GLU C 71 1.24 -2.75 -10.94
CA GLU C 71 2.17 -3.02 -9.86
C GLU C 71 1.89 -4.39 -9.26
N PRO C 72 2.93 -5.07 -8.72
CA PRO C 72 2.75 -6.48 -8.35
C PRO C 72 2.17 -6.72 -6.98
N THR C 73 2.00 -5.70 -6.14
CA THR C 73 1.76 -5.94 -4.72
C THR C 73 0.44 -6.65 -4.47
N VAL C 74 -0.66 -6.14 -5.03
CA VAL C 74 -1.97 -6.76 -4.75
C VAL C 74 -2.07 -8.10 -5.46
N ILE C 75 -1.54 -8.21 -6.67
CA ILE C 75 -1.59 -9.48 -7.39
C ILE C 75 -0.74 -10.52 -6.67
N ASP C 76 0.37 -10.11 -6.06
CA ASP C 76 1.17 -11.05 -5.28
C ASP C 76 0.51 -11.39 -3.95
N GLU C 77 -0.32 -10.48 -3.41
CA GLU C 77 -1.17 -10.87 -2.30
C GLU C 77 -2.12 -11.98 -2.71
N VAL C 78 -2.70 -11.87 -3.91
CA VAL C 78 -3.58 -12.92 -4.41
C VAL C 78 -2.81 -14.21 -4.65
N ARG C 79 -1.61 -14.11 -5.23
CA ARG C 79 -0.81 -15.28 -5.56
C ARG C 79 -0.33 -16.04 -4.34
N THR C 80 -0.30 -15.40 -3.17
CA THR C 80 0.17 -16.03 -1.96
C THR C 80 -0.93 -16.29 -0.95
N GLY C 81 -2.08 -15.62 -1.09
CA GLY C 81 -3.17 -15.79 -0.16
C GLY C 81 -3.81 -17.16 -0.26
N THR C 82 -4.96 -17.29 0.40
CA THR C 82 -5.64 -18.57 0.48
C THR C 82 -6.28 -18.96 -0.85
N TYR C 83 -6.47 -18.02 -1.76
CA TYR C 83 -7.05 -18.29 -3.08
C TYR C 83 -5.99 -18.39 -4.16
N ARG C 84 -4.80 -18.88 -3.81
CA ARG C 84 -3.74 -19.02 -4.80
C ARG C 84 -3.98 -20.19 -5.73
N GLN C 85 -4.66 -21.23 -5.26
CA GLN C 85 -4.96 -22.39 -6.10
C GLN C 85 -6.16 -22.18 -7.00
N LEU C 86 -6.98 -21.16 -6.73
CA LEU C 86 -8.20 -20.96 -7.49
C LEU C 86 -7.90 -20.50 -8.91
N PHE C 87 -7.04 -19.51 -9.07
CA PHE C 87 -6.73 -18.91 -10.36
C PHE C 87 -5.52 -19.60 -10.96
N HIS C 88 -5.53 -19.74 -12.29
CA HIS C 88 -4.28 -20.22 -12.86
C HIS C 88 -3.28 -19.07 -12.95
N PRO C 89 -1.98 -19.35 -12.81
CA PRO C 89 -1.01 -18.27 -12.57
C PRO C 89 -0.99 -17.20 -13.65
N GLU C 90 -1.19 -17.58 -14.90
CA GLU C 90 -1.14 -16.61 -16.00
C GLU C 90 -2.46 -15.86 -16.17
N GLN C 91 -3.48 -16.19 -15.39
CA GLN C 91 -4.69 -15.38 -15.34
C GLN C 91 -4.45 -14.06 -14.62
N LEU C 92 -3.64 -14.07 -13.56
CA LEU C 92 -3.31 -12.88 -12.80
C LEU C 92 -2.16 -12.18 -13.53
N ILE C 93 -2.46 -11.06 -14.15
CA ILE C 93 -1.51 -10.35 -15.00
C ILE C 93 -0.91 -9.20 -14.21
N THR C 94 0.40 -9.03 -14.35
CA THR C 94 1.15 -8.05 -13.57
C THR C 94 2.16 -7.35 -14.44
N GLY C 95 2.27 -6.03 -14.29
CA GLY C 95 3.29 -5.24 -14.92
C GLY C 95 4.52 -5.11 -14.04
N LYS C 96 5.26 -4.03 -14.24
CA LYS C 96 6.43 -3.75 -13.43
C LYS C 96 6.31 -2.45 -12.63
N GLU C 97 5.96 -1.35 -13.29
CA GLU C 97 5.85 -0.05 -12.65
C GLU C 97 4.39 0.38 -12.60
N ASP C 98 3.98 0.89 -11.43
CA ASP C 98 2.62 1.35 -11.25
C ASP C 98 2.34 2.56 -12.14
N ALA C 99 1.07 2.73 -12.50
CA ALA C 99 0.67 3.91 -13.26
C ALA C 99 0.82 5.19 -12.46
N ALA C 100 0.88 5.08 -11.12
CA ALA C 100 1.20 6.21 -10.25
C ALA C 100 0.16 7.33 -10.37
N ASN C 101 -1.11 6.95 -10.22
CA ASN C 101 -2.23 7.90 -10.22
C ASN C 101 -2.24 8.78 -11.46
N ASN C 102 -1.65 8.30 -12.54
CA ASN C 102 -1.53 9.06 -13.77
C ASN C 102 -2.34 8.35 -14.85
N TYR C 103 -3.32 9.06 -15.41
CA TYR C 103 -4.07 8.51 -16.54
C TYR C 103 -3.15 8.30 -17.73
N ALA C 104 -2.22 9.23 -17.96
CA ALA C 104 -1.33 9.10 -19.09
C ALA C 104 -0.48 7.85 -19.00
N ARG C 105 0.06 7.57 -17.81
CA ARG C 105 0.90 6.38 -17.67
C ARG C 105 0.11 5.10 -17.90
N GLY C 106 -1.12 5.04 -17.36
CA GLY C 106 -1.91 3.83 -17.52
C GLY C 106 -2.51 3.67 -18.90
N HIS C 107 -2.58 4.74 -19.68
CA HIS C 107 -3.26 4.70 -20.97
C HIS C 107 -2.31 4.69 -22.16
N TYR C 108 -1.17 5.36 -22.06
CA TYR C 108 -0.25 5.50 -23.20
C TYR C 108 1.10 4.85 -22.94
N THR C 109 1.76 5.18 -21.84
CA THR C 109 3.17 4.82 -21.67
C THR C 109 3.35 3.46 -21.01
N ILE C 110 2.82 3.28 -19.80
CA ILE C 110 3.01 2.02 -19.09
C ILE C 110 2.00 0.98 -19.55
N GLY C 111 0.79 1.41 -19.90
CA GLY C 111 -0.26 0.45 -20.21
C GLY C 111 -0.11 -0.24 -21.55
N LYS C 112 0.77 0.26 -22.43
CA LYS C 112 0.85 -0.31 -23.76
C LYS C 112 1.68 -1.58 -23.81
N GLU C 113 2.47 -1.88 -22.77
CA GLU C 113 3.30 -3.07 -22.77
C GLU C 113 2.62 -4.27 -22.15
N ILE C 114 1.36 -4.14 -21.74
CA ILE C 114 0.68 -5.21 -21.02
C ILE C 114 -0.67 -5.48 -21.67
N ILE C 115 -1.08 -4.61 -22.59
CA ILE C 115 -2.43 -4.69 -23.14
C ILE C 115 -2.60 -5.89 -24.08
N ASP C 116 -1.59 -6.22 -24.88
CA ASP C 116 -1.73 -7.37 -25.76
C ASP C 116 -1.92 -8.65 -24.97
N LEU C 117 -1.23 -8.77 -23.83
CA LEU C 117 -1.32 -9.98 -23.03
C LEU C 117 -2.70 -10.10 -22.38
N VAL C 118 -3.24 -8.99 -21.86
CA VAL C 118 -4.58 -9.07 -21.29
C VAL C 118 -5.62 -9.32 -22.38
N LEU C 119 -5.42 -8.75 -23.58
CA LEU C 119 -6.40 -8.97 -24.65
C LEU C 119 -6.42 -10.42 -25.10
N ASP C 120 -5.25 -11.04 -25.31
CA ASP C 120 -5.32 -12.43 -25.74
C ASP C 120 -5.70 -13.35 -24.59
N ARG C 121 -5.45 -12.94 -23.34
CA ARG C 121 -5.96 -13.71 -22.21
C ARG C 121 -7.48 -13.68 -22.19
N ILE C 122 -8.08 -12.51 -22.41
CA ILE C 122 -9.53 -12.41 -22.48
C ILE C 122 -10.05 -13.19 -23.67
N ARG C 123 -9.31 -13.19 -24.77
CA ARG C 123 -9.71 -13.97 -25.95
C ARG C 123 -9.77 -15.45 -25.62
N LYS C 124 -8.72 -15.98 -24.99
CA LYS C 124 -8.72 -17.41 -24.65
C LYS C 124 -9.76 -17.72 -23.58
N LEU C 125 -10.01 -16.79 -22.67
CA LEU C 125 -11.03 -16.99 -21.65
C LEU C 125 -12.43 -17.00 -22.25
N ALA C 126 -12.66 -16.20 -23.29
CA ALA C 126 -13.96 -16.17 -23.96
C ALA C 126 -14.11 -17.27 -25.00
N ASP C 127 -13.02 -17.91 -25.41
CA ASP C 127 -13.13 -19.05 -26.31
C ASP C 127 -13.64 -20.28 -25.57
N GLN C 128 -13.37 -20.37 -24.27
CA GLN C 128 -13.79 -21.53 -23.50
C GLN C 128 -15.29 -21.53 -23.21
N CYS C 129 -15.96 -20.39 -23.35
CA CYS C 129 -17.38 -20.27 -23.05
C CYS C 129 -18.18 -20.15 -24.33
N THR C 130 -19.27 -20.88 -24.41
CA THR C 130 -20.12 -20.92 -25.59
C THR C 130 -21.26 -19.91 -25.54
N GLY C 131 -21.56 -19.35 -24.38
CA GLY C 131 -22.69 -18.46 -24.23
C GLY C 131 -22.33 -17.14 -23.57
N LEU C 132 -21.18 -16.59 -23.91
CA LEU C 132 -20.72 -15.35 -23.30
C LEU C 132 -21.76 -14.25 -23.46
N GLN C 133 -22.09 -13.57 -22.36
CA GLN C 133 -23.08 -12.51 -22.37
C GLN C 133 -22.48 -11.15 -22.15
N GLY C 134 -21.54 -11.01 -21.24
CA GLY C 134 -20.97 -9.69 -21.00
C GLY C 134 -19.72 -9.76 -20.15
N PHE C 135 -19.05 -8.62 -20.08
CA PHE C 135 -17.87 -8.44 -19.25
C PHE C 135 -18.22 -7.60 -18.04
N LEU C 136 -17.72 -8.01 -16.88
CA LEU C 136 -17.82 -7.22 -15.66
C LEU C 136 -16.44 -6.61 -15.38
N VAL C 137 -16.33 -5.31 -15.55
CA VAL C 137 -15.06 -4.61 -15.40
C VAL C 137 -15.09 -3.83 -14.11
N PHE C 138 -14.23 -4.20 -13.17
CA PHE C 138 -14.14 -3.55 -11.87
C PHE C 138 -12.89 -2.68 -11.86
N HIS C 139 -13.07 -1.41 -11.50
CA HIS C 139 -11.97 -0.46 -11.48
C HIS C 139 -12.36 0.70 -10.58
N SER C 140 -11.52 1.74 -10.57
CA SER C 140 -11.78 2.95 -9.81
C SER C 140 -11.59 4.15 -10.72
N PHE C 141 -12.35 5.21 -10.46
CA PHE C 141 -12.29 6.40 -11.28
C PHE C 141 -11.13 7.32 -10.94
N GLY C 142 -10.37 7.01 -9.89
CA GLY C 142 -9.32 7.91 -9.46
C GLY C 142 -7.91 7.45 -9.77
N GLY C 143 -7.64 6.17 -9.62
CA GLY C 143 -6.31 5.66 -9.83
C GLY C 143 -5.87 5.76 -11.27
N GLY C 144 -4.55 5.78 -11.47
CA GLY C 144 -4.02 5.84 -12.82
C GLY C 144 -4.34 4.59 -13.62
N THR C 145 -4.18 3.42 -12.99
CA THR C 145 -4.48 2.16 -13.68
C THR C 145 -5.98 2.06 -13.95
N GLY C 146 -6.80 2.08 -12.90
CA GLY C 146 -8.24 1.90 -13.01
C GLY C 146 -8.92 2.93 -13.89
N SER C 147 -8.25 4.03 -14.21
CA SER C 147 -8.76 4.99 -15.19
C SER C 147 -8.19 4.75 -16.59
N GLY C 148 -6.86 4.89 -16.73
CA GLY C 148 -6.27 4.84 -18.06
C GLY C 148 -6.33 3.46 -18.68
N PHE C 149 -5.92 2.44 -17.93
CA PHE C 149 -5.90 1.11 -18.50
C PHE C 149 -7.31 0.59 -18.70
N THR C 150 -8.25 0.98 -17.84
CA THR C 150 -9.63 0.61 -18.07
C THR C 150 -10.16 1.25 -19.34
N SER C 151 -9.81 2.50 -19.60
CA SER C 151 -10.21 3.14 -20.86
C SER C 151 -9.64 2.40 -22.05
N LEU C 152 -8.35 2.06 -21.98
CA LEU C 152 -7.71 1.33 -23.08
C LEU C 152 -8.36 -0.03 -23.30
N LEU C 153 -8.60 -0.76 -22.21
CA LEU C 153 -9.17 -2.08 -22.30
C LEU C 153 -10.60 -2.03 -22.83
N MET C 154 -11.40 -1.07 -22.37
CA MET C 154 -12.77 -0.95 -22.85
C MET C 154 -12.80 -0.62 -24.33
N GLU C 155 -11.93 0.28 -24.80
CA GLU C 155 -11.96 0.59 -26.22
C GLU C 155 -11.47 -0.58 -27.07
N ARG C 156 -10.47 -1.32 -26.61
CA ARG C 156 -10.09 -2.54 -27.34
C ARG C 156 -11.21 -3.58 -27.34
N LEU C 157 -11.90 -3.75 -26.22
CA LEU C 157 -12.99 -4.72 -26.17
C LEU C 157 -14.15 -4.29 -27.05
N SER C 158 -14.38 -2.98 -27.16
CA SER C 158 -15.42 -2.48 -28.04
C SER C 158 -15.06 -2.69 -29.51
N VAL C 159 -13.80 -2.43 -29.88
CA VAL C 159 -13.41 -2.64 -31.27
C VAL C 159 -13.26 -4.12 -31.58
N ASP C 160 -13.13 -4.98 -30.57
CA ASP C 160 -12.92 -6.40 -30.77
C ASP C 160 -14.19 -7.22 -30.57
N TYR C 161 -14.91 -7.01 -29.48
CA TYR C 161 -16.06 -7.86 -29.16
C TYR C 161 -17.37 -7.26 -29.65
N GLY C 162 -17.58 -5.97 -29.45
CA GLY C 162 -18.69 -5.30 -30.10
C GLY C 162 -20.03 -5.42 -29.40
N LYS C 163 -20.89 -6.30 -29.91
CA LYS C 163 -22.27 -6.39 -29.45
C LYS C 163 -22.40 -6.96 -28.04
N LYS C 164 -21.35 -7.57 -27.50
CA LYS C 164 -21.40 -8.10 -26.15
C LYS C 164 -21.55 -6.95 -25.15
N SER C 165 -22.40 -7.16 -24.15
CA SER C 165 -22.59 -6.16 -23.12
C SER C 165 -21.32 -5.96 -22.32
N LYS C 166 -21.10 -4.74 -21.84
CA LYS C 166 -19.93 -4.43 -21.04
C LYS C 166 -20.39 -3.71 -19.78
N LEU C 167 -20.77 -4.49 -18.77
CA LEU C 167 -21.10 -3.94 -17.47
C LEU C 167 -19.82 -3.44 -16.79
N GLU C 168 -19.94 -2.34 -16.07
CA GLU C 168 -18.77 -1.71 -15.47
C GLU C 168 -19.11 -1.28 -14.05
N PHE C 169 -18.36 -1.80 -13.07
CA PHE C 169 -18.47 -1.37 -11.69
C PHE C 169 -17.28 -0.46 -11.38
N SER C 170 -17.53 0.61 -10.64
CA SER C 170 -16.50 1.60 -10.40
C SER C 170 -16.67 2.24 -9.04
N ILE C 171 -15.61 2.88 -8.57
CA ILE C 171 -15.64 3.63 -7.33
C ILE C 171 -15.49 5.11 -7.65
N TYR C 172 -16.61 5.80 -7.76
CA TYR C 172 -16.59 7.22 -8.04
C TYR C 172 -15.94 7.98 -6.88
N PRO C 173 -15.16 9.01 -7.15
CA PRO C 173 -14.60 9.82 -6.06
C PRO C 173 -15.69 10.49 -5.25
N ALA C 174 -15.48 10.56 -3.95
CA ALA C 174 -16.45 11.13 -3.04
C ALA C 174 -16.51 12.64 -3.20
N PRO C 175 -17.63 13.26 -2.80
CA PRO C 175 -17.67 14.74 -2.82
C PRO C 175 -16.61 15.37 -1.95
N GLN C 176 -16.40 14.84 -0.74
CA GLN C 176 -15.49 15.44 0.21
C GLN C 176 -14.30 14.54 0.53
N VAL C 177 -14.55 13.32 1.00
CA VAL C 177 -13.50 12.49 1.58
C VAL C 177 -12.86 11.68 0.45
N SER C 178 -11.69 12.13 0.01
CA SER C 178 -10.97 11.51 -1.10
C SER C 178 -9.51 11.36 -0.74
N THR C 179 -8.85 10.39 -1.37
CA THR C 179 -7.49 10.00 -1.01
C THR C 179 -6.48 10.26 -2.12
N ALA C 180 -6.82 11.09 -3.10
CA ALA C 180 -5.88 11.44 -4.16
C ALA C 180 -6.01 12.92 -4.47
N VAL C 181 -4.91 13.51 -4.91
CA VAL C 181 -4.89 14.93 -5.23
C VAL C 181 -5.22 15.16 -6.71
N VAL C 182 -4.81 14.24 -7.57
CA VAL C 182 -4.94 14.40 -9.00
C VAL C 182 -6.15 13.61 -9.48
N GLU C 183 -7.07 13.32 -8.55
CA GLU C 183 -8.22 12.47 -8.84
C GLU C 183 -9.19 13.04 -9.87
N PRO C 184 -9.61 14.31 -9.80
CA PRO C 184 -10.58 14.80 -10.80
C PRO C 184 -10.10 14.70 -12.24
N TYR C 185 -8.81 14.92 -12.48
CA TYR C 185 -8.26 14.75 -13.82
C TYR C 185 -8.50 13.34 -14.33
N ASN C 186 -8.13 12.34 -13.53
CA ASN C 186 -8.31 10.95 -13.93
C ASN C 186 -9.78 10.63 -14.16
N SER C 187 -10.65 11.11 -13.28
CA SER C 187 -12.07 10.81 -13.42
C SER C 187 -12.64 11.39 -14.71
N ILE C 188 -12.31 12.64 -15.02
CA ILE C 188 -12.83 13.25 -16.24
C ILE C 188 -12.28 12.53 -17.48
N LEU C 189 -10.99 12.21 -17.46
CA LEU C 189 -10.39 11.53 -18.61
C LEU C 189 -10.99 10.15 -18.82
N THR C 190 -11.28 9.41 -17.75
CA THR C 190 -11.83 8.08 -17.93
C THR C 190 -13.31 8.13 -18.32
N THR C 191 -14.06 9.11 -17.82
CA THR C 191 -15.46 9.19 -18.21
C THR C 191 -15.61 9.62 -19.66
N HIS C 192 -14.66 10.38 -20.20
CA HIS C 192 -14.73 10.77 -21.60
C HIS C 192 -14.76 9.57 -22.53
N THR C 193 -14.17 8.44 -22.12
CA THR C 193 -14.22 7.21 -22.91
C THR C 193 -15.26 6.22 -22.42
N THR C 194 -15.58 6.26 -21.12
CA THR C 194 -16.66 5.44 -20.58
C THR C 194 -18.00 5.80 -21.23
N LEU C 195 -18.17 7.07 -21.62
CA LEU C 195 -19.45 7.47 -22.22
C LEU C 195 -19.78 6.67 -23.48
N GLU C 196 -18.78 6.19 -24.20
CA GLU C 196 -19.06 5.49 -25.45
C GLU C 196 -18.65 4.03 -25.45
N HIS C 197 -17.70 3.61 -24.63
CA HIS C 197 -17.22 2.23 -24.71
C HIS C 197 -17.83 1.33 -23.64
N SER C 198 -18.77 1.81 -22.84
CA SER C 198 -19.38 1.02 -21.79
C SER C 198 -20.90 1.04 -21.94
N ASP C 199 -21.50 -0.15 -21.93
CA ASP C 199 -22.94 -0.25 -22.14
C ASP C 199 -23.73 0.14 -20.90
N CYS C 200 -23.21 -0.17 -19.71
CA CYS C 200 -23.87 0.20 -18.47
C CYS C 200 -22.84 0.27 -17.36
N ALA C 201 -22.58 1.46 -16.86
CA ALA C 201 -21.57 1.69 -15.84
C ALA C 201 -22.26 1.99 -14.51
N PHE C 202 -22.06 1.11 -13.52
CA PHE C 202 -22.63 1.30 -12.19
C PHE C 202 -21.69 2.17 -11.37
N MET C 203 -22.28 3.04 -10.56
CA MET C 203 -21.54 4.00 -9.75
C MET C 203 -21.63 3.63 -8.29
N VAL C 204 -20.49 3.61 -7.62
CA VAL C 204 -20.40 3.40 -6.17
C VAL C 204 -19.43 4.42 -5.61
N ASP C 205 -19.77 5.02 -4.47
CA ASP C 205 -18.93 5.99 -3.79
C ASP C 205 -18.45 5.42 -2.47
N ASN C 206 -17.19 5.65 -2.13
CA ASN C 206 -16.64 5.11 -0.89
C ASN C 206 -17.24 5.77 0.33
N GLU C 207 -17.49 7.09 0.26
CA GLU C 207 -18.06 7.81 1.39
C GLU C 207 -19.42 7.27 1.77
N ALA C 208 -20.24 6.93 0.76
CA ALA C 208 -21.55 6.37 1.05
C ALA C 208 -21.44 4.99 1.69
N ILE C 209 -20.45 4.20 1.28
CA ILE C 209 -20.24 2.91 1.93
C ILE C 209 -19.88 3.12 3.40
N TYR C 210 -19.00 4.09 3.67
CA TYR C 210 -18.62 4.37 5.05
C TYR C 210 -19.84 4.79 5.87
N ASP C 211 -20.68 5.66 5.30
CA ASP C 211 -21.85 6.13 6.03
C ASP C 211 -22.82 4.99 6.30
N ILE C 212 -23.02 4.10 5.31
CA ILE C 212 -23.89 2.96 5.49
C ILE C 212 -23.35 2.03 6.57
N CYS C 213 -22.04 1.77 6.54
CA CYS C 213 -21.43 0.90 7.55
C CYS C 213 -21.53 1.51 8.94
N ARG C 214 -21.43 2.84 9.02
CA ARG C 214 -21.49 3.49 10.33
C ARG C 214 -22.91 3.48 10.90
N ARG C 215 -23.90 3.82 10.09
CA ARG C 215 -25.28 3.87 10.59
C ARG C 215 -25.89 2.48 10.73
N ASN C 216 -25.99 1.76 9.62
CA ASN C 216 -26.70 0.49 9.62
C ASN C 216 -25.89 -0.62 10.28
N LEU C 217 -24.66 -0.84 9.82
CA LEU C 217 -23.85 -1.95 10.27
C LEU C 217 -23.07 -1.65 11.54
N ASP C 218 -23.30 -0.46 12.12
CA ASP C 218 -22.66 0.09 13.33
C ASP C 218 -21.22 -0.37 13.49
N ILE C 219 -20.41 -0.17 12.47
CA ILE C 219 -18.97 -0.39 12.53
C ILE C 219 -18.32 0.96 12.69
N GLU C 220 -17.63 1.17 13.82
CA GLU C 220 -16.97 2.45 14.05
C GLU C 220 -15.79 2.63 13.12
N ARG C 221 -15.05 1.56 12.83
CA ARG C 221 -13.80 1.62 12.06
C ARG C 221 -13.88 0.64 10.90
N PRO C 222 -14.60 0.99 9.83
CA PRO C 222 -14.68 0.09 8.68
C PRO C 222 -13.53 0.33 7.71
N THR C 223 -12.91 -0.76 7.26
CA THR C 223 -11.79 -0.72 6.34
C THR C 223 -12.29 -0.98 4.92
N TYR C 224 -11.35 -1.15 4.00
CA TYR C 224 -11.72 -1.46 2.62
C TYR C 224 -12.32 -2.84 2.47
N THR C 225 -12.03 -3.79 3.37
CA THR C 225 -12.60 -5.12 3.20
C THR C 225 -14.11 -5.11 3.36
N ASN C 226 -14.65 -4.25 4.22
CA ASN C 226 -16.09 -4.15 4.38
C ASN C 226 -16.73 -3.49 3.16
N LEU C 227 -16.09 -2.45 2.63
CA LEU C 227 -16.56 -1.82 1.40
C LEU C 227 -16.63 -2.83 0.27
N ASN C 228 -15.56 -3.61 0.11
CA ASN C 228 -15.52 -4.62 -0.94
C ASN C 228 -16.53 -5.72 -0.68
N ARG C 229 -16.81 -6.04 0.59
CA ARG C 229 -17.83 -7.03 0.90
C ARG C 229 -19.21 -6.54 0.45
N LEU C 230 -19.53 -5.28 0.73
CA LEU C 230 -20.82 -4.74 0.28
C LEU C 230 -20.90 -4.70 -1.23
N ILE C 231 -19.83 -4.27 -1.89
CA ILE C 231 -19.83 -4.22 -3.35
C ILE C 231 -19.98 -5.62 -3.93
N SER C 232 -19.33 -6.61 -3.32
CA SER C 232 -19.45 -7.99 -3.77
C SER C 232 -20.87 -8.50 -3.60
N GLN C 233 -21.53 -8.11 -2.49
CA GLN C 233 -22.93 -8.47 -2.32
C GLN C 233 -23.79 -7.88 -3.43
N ILE C 234 -23.51 -6.62 -3.81
CA ILE C 234 -24.26 -6.00 -4.90
C ILE C 234 -24.04 -6.77 -6.21
N VAL C 235 -22.80 -7.13 -6.51
CA VAL C 235 -22.51 -7.83 -7.76
C VAL C 235 -23.13 -9.22 -7.77
N SER C 236 -23.11 -9.90 -6.62
CA SER C 236 -23.74 -11.21 -6.53
C SER C 236 -25.24 -11.10 -6.76
N SER C 237 -25.86 -10.05 -6.22
CA SER C 237 -27.28 -9.83 -6.49
C SER C 237 -27.52 -9.53 -7.96
N ILE C 238 -26.58 -8.86 -8.62
CA ILE C 238 -26.69 -8.61 -10.06
C ILE C 238 -26.70 -9.92 -10.83
N THR C 239 -25.77 -10.81 -10.49
CA THR C 239 -25.56 -12.03 -11.28
C THR C 239 -26.32 -13.24 -10.78
N ALA C 240 -27.13 -13.10 -9.73
CA ALA C 240 -27.87 -14.23 -9.19
C ALA C 240 -28.78 -14.87 -10.24
N SER C 241 -29.38 -14.05 -11.10
CA SER C 241 -30.27 -14.59 -12.13
C SER C 241 -29.52 -15.51 -13.08
N LEU C 242 -28.31 -15.12 -13.48
CA LEU C 242 -27.47 -15.99 -14.29
C LEU C 242 -27.05 -17.24 -13.52
N ARG C 243 -26.74 -17.09 -12.24
CA ARG C 243 -26.17 -18.19 -11.47
C ARG C 243 -27.21 -19.02 -10.73
N PHE C 244 -28.49 -18.67 -10.82
CA PHE C 244 -29.53 -19.39 -10.09
C PHE C 244 -30.82 -19.34 -10.90
N ASP C 245 -31.93 -19.65 -10.25
CA ASP C 245 -33.24 -19.62 -10.87
C ASP C 245 -34.23 -18.95 -9.93
N GLY C 246 -35.26 -18.34 -10.51
CA GLY C 246 -36.26 -17.63 -9.74
C GLY C 246 -37.53 -17.45 -10.54
N ALA C 247 -38.50 -16.79 -9.91
CA ALA C 247 -39.77 -16.54 -10.57
C ALA C 247 -39.59 -15.65 -11.79
N LEU C 248 -38.80 -14.59 -11.65
CA LEU C 248 -38.50 -13.68 -12.75
C LEU C 248 -37.00 -13.52 -12.83
N ASN C 249 -36.44 -13.75 -14.02
CA ASN C 249 -35.01 -13.76 -14.22
C ASN C 249 -34.57 -12.46 -14.89
N VAL C 250 -33.40 -11.99 -14.51
CA VAL C 250 -32.83 -10.74 -15.03
C VAL C 250 -31.50 -11.07 -15.70
N ASP C 251 -31.55 -11.28 -17.01
CA ASP C 251 -30.34 -11.41 -17.79
C ASP C 251 -29.69 -10.03 -17.91
N LEU C 252 -28.38 -10.04 -18.17
CA LEU C 252 -27.65 -8.79 -18.30
C LEU C 252 -28.19 -7.95 -19.46
N THR C 253 -28.49 -8.59 -20.59
CA THR C 253 -28.94 -7.86 -21.76
C THR C 253 -30.28 -7.15 -21.51
N GLU C 254 -31.24 -7.87 -20.93
CA GLU C 254 -32.55 -7.25 -20.72
C GLU C 254 -32.48 -6.24 -19.59
N PHE C 255 -31.61 -6.47 -18.61
CA PHE C 255 -31.31 -5.47 -17.59
C PHE C 255 -30.85 -4.17 -18.23
N GLN C 256 -29.88 -4.26 -19.14
CA GLN C 256 -29.37 -3.09 -19.85
C GLN C 256 -30.46 -2.43 -20.69
N THR C 257 -31.30 -3.24 -21.34
CA THR C 257 -32.39 -2.69 -22.15
C THR C 257 -33.38 -1.91 -21.30
N ASN C 258 -33.77 -2.47 -20.16
CA ASN C 258 -34.78 -1.83 -19.32
C ASN C 258 -34.24 -0.63 -18.55
N LEU C 259 -32.95 -0.61 -18.25
CA LEU C 259 -32.41 0.43 -17.37
C LEU C 259 -31.91 1.66 -18.10
N VAL C 260 -31.50 1.53 -19.36
CA VAL C 260 -30.81 2.59 -20.09
C VAL C 260 -31.78 3.18 -21.11
N PRO C 261 -32.32 4.38 -20.89
CA PRO C 261 -33.28 4.95 -21.85
C PRO C 261 -32.62 5.58 -23.06
N TYR C 262 -31.46 6.20 -22.88
CA TYR C 262 -30.74 6.87 -23.95
C TYR C 262 -29.31 6.38 -23.98
N PRO C 263 -28.68 6.38 -25.15
CA PRO C 263 -27.36 5.73 -25.27
C PRO C 263 -26.30 6.31 -24.35
N ARG C 264 -26.33 7.61 -24.08
CA ARG C 264 -25.33 8.22 -23.21
C ARG C 264 -25.69 8.14 -21.74
N ILE C 265 -26.94 7.83 -21.40
CA ILE C 265 -27.40 7.81 -20.01
C ILE C 265 -27.37 6.36 -19.57
N HIS C 266 -26.22 5.91 -19.07
CA HIS C 266 -26.05 4.54 -18.63
C HIS C 266 -25.27 4.49 -17.33
N PHE C 267 -25.60 5.37 -16.38
CA PHE C 267 -24.91 5.45 -15.10
C PHE C 267 -25.91 5.35 -13.97
N PRO C 268 -26.45 4.16 -13.73
CA PRO C 268 -27.40 3.99 -12.63
C PRO C 268 -26.69 3.90 -11.28
N LEU C 269 -27.48 4.12 -10.23
CA LEU C 269 -26.99 4.05 -8.86
C LEU C 269 -27.35 2.70 -8.25
N ALA C 270 -26.34 1.96 -7.83
CA ALA C 270 -26.59 0.74 -7.08
C ALA C 270 -27.01 1.09 -5.65
N THR C 271 -27.76 0.17 -5.05
CA THR C 271 -28.07 0.23 -3.63
C THR C 271 -28.53 -1.16 -3.21
N TYR C 272 -28.25 -1.51 -1.96
CA TYR C 272 -28.52 -2.83 -1.44
C TYR C 272 -29.28 -2.72 -0.14
N ALA C 273 -30.20 -3.66 0.08
CA ALA C 273 -31.02 -3.67 1.29
C ALA C 273 -31.55 -5.07 1.50
N PRO C 274 -31.64 -5.55 2.74
CA PRO C 274 -31.28 -4.87 3.98
C PRO C 274 -29.82 -5.04 4.35
N VAL C 275 -29.16 -3.97 4.79
CA VAL C 275 -27.84 -4.05 5.38
C VAL C 275 -28.00 -3.75 6.87
N ILE C 276 -27.80 -4.76 7.70
CA ILE C 276 -28.02 -4.64 9.13
C ILE C 276 -26.99 -5.48 9.88
N SER C 277 -26.76 -5.09 11.13
CA SER C 277 -25.92 -5.87 12.01
C SER C 277 -26.67 -7.11 12.49
N ALA C 278 -25.93 -8.01 13.14
CA ALA C 278 -26.55 -9.22 13.67
C ALA C 278 -27.59 -8.88 14.74
N GLU C 279 -27.20 -8.10 15.75
CA GLU C 279 -28.08 -7.82 16.87
C GLU C 279 -29.29 -6.99 16.47
N LYS C 280 -29.19 -6.21 15.40
CA LYS C 280 -30.32 -5.42 14.92
C LYS C 280 -31.28 -6.23 14.08
N ALA C 281 -30.88 -7.42 13.63
CA ALA C 281 -31.71 -8.22 12.73
C ALA C 281 -32.84 -8.93 13.45
N TYR C 282 -32.62 -9.36 14.70
CA TYR C 282 -33.65 -10.12 15.40
C TYR C 282 -34.89 -9.28 15.64
N HIS C 283 -34.72 -7.99 15.91
CA HIS C 283 -35.85 -7.14 16.26
C HIS C 283 -36.54 -6.53 15.05
N GLU C 284 -36.13 -6.88 13.84
CA GLU C 284 -36.71 -6.30 12.63
C GLU C 284 -37.49 -7.36 11.87
N GLN C 285 -38.72 -7.03 11.50
CA GLN C 285 -39.53 -7.86 10.62
C GLN C 285 -39.20 -7.46 9.18
N LEU C 286 -38.18 -8.11 8.62
CA LEU C 286 -37.63 -7.70 7.34
C LEU C 286 -38.59 -8.14 6.22
N SER C 287 -39.68 -7.41 6.09
CA SER C 287 -40.66 -7.69 5.06
C SER C 287 -40.19 -7.09 3.73
N VAL C 288 -40.88 -7.49 2.66
CA VAL C 288 -40.55 -7.01 1.33
C VAL C 288 -40.82 -5.51 1.22
N ALA C 289 -41.93 -5.05 1.78
CA ALA C 289 -42.30 -3.64 1.67
C ALA C 289 -41.27 -2.75 2.34
N GLU C 290 -40.76 -3.16 3.51
CA GLU C 290 -39.88 -2.25 4.24
C GLU C 290 -38.49 -2.18 3.60
N ILE C 291 -37.98 -3.30 3.07
CA ILE C 291 -36.70 -3.23 2.35
C ILE C 291 -36.87 -2.48 1.04
N THR C 292 -38.01 -2.63 0.37
CA THR C 292 -38.25 -1.85 -0.84
C THR C 292 -38.29 -0.35 -0.53
N ASN C 293 -38.92 0.02 0.58
CA ASN C 293 -38.88 1.41 1.01
C ASN C 293 -37.47 1.87 1.33
N ALA C 294 -36.71 1.02 2.03
CA ALA C 294 -35.35 1.37 2.44
C ALA C 294 -34.42 1.53 1.25
N CYS C 295 -34.72 0.89 0.12
CA CYS C 295 -33.90 1.08 -1.06
C CYS C 295 -33.99 2.52 -1.58
N PHE C 296 -35.15 3.14 -1.46
CA PHE C 296 -35.33 4.52 -1.90
C PHE C 296 -34.86 5.55 -0.88
N GLU C 297 -34.45 5.11 0.30
CA GLU C 297 -34.06 6.06 1.33
C GLU C 297 -32.78 6.79 0.94
N PRO C 298 -32.73 8.11 1.05
CA PRO C 298 -31.48 8.83 0.71
C PRO C 298 -30.30 8.42 1.57
N ALA C 299 -30.54 8.05 2.84
CA ALA C 299 -29.45 7.61 3.69
C ALA C 299 -28.86 6.28 3.25
N ASN C 300 -29.65 5.42 2.61
CA ASN C 300 -29.17 4.12 2.16
C ASN C 300 -28.62 4.13 0.74
N GLN C 301 -28.54 5.31 0.10
CA GLN C 301 -27.96 5.39 -1.23
C GLN C 301 -26.47 5.08 -1.17
N MET C 302 -25.98 4.42 -2.22
CA MET C 302 -24.61 3.95 -2.26
C MET C 302 -23.68 4.93 -2.96
N VAL C 303 -24.20 6.09 -3.37
CA VAL C 303 -23.40 7.20 -3.87
C VAL C 303 -23.91 8.47 -3.20
N LYS C 304 -22.97 9.32 -2.78
CA LYS C 304 -23.31 10.51 -1.98
C LYS C 304 -23.99 11.53 -2.89
N CYS C 305 -25.28 11.29 -3.14
CA CYS C 305 -26.11 12.24 -3.86
C CYS C 305 -27.55 12.03 -3.43
N ASP C 306 -28.31 13.13 -3.36
CA ASP C 306 -29.66 13.09 -2.85
C ASP C 306 -30.62 12.81 -3.99
N PRO C 307 -31.34 11.68 -3.97
CA PRO C 307 -32.32 11.41 -5.03
C PRO C 307 -33.47 12.40 -5.06
N ARG C 308 -33.74 13.09 -3.95
CA ARG C 308 -34.85 14.03 -3.91
C ARG C 308 -34.63 15.19 -4.87
N HIS C 309 -33.41 15.68 -4.97
CA HIS C 309 -33.09 16.76 -5.91
C HIS C 309 -33.16 16.30 -7.37
N GLY C 310 -33.24 14.99 -7.63
CA GLY C 310 -33.38 14.47 -8.96
C GLY C 310 -34.72 13.79 -9.16
N LYS C 311 -34.91 13.29 -10.38
CA LYS C 311 -36.12 12.56 -10.74
C LYS C 311 -35.71 11.24 -11.37
N TYR C 312 -36.31 10.14 -10.90
CA TYR C 312 -35.98 8.82 -11.39
C TYR C 312 -36.42 8.65 -12.84
N MET C 313 -35.67 7.85 -13.58
CA MET C 313 -35.99 7.52 -14.96
C MET C 313 -36.28 6.05 -15.18
N ALA C 314 -35.61 5.16 -14.46
CA ALA C 314 -35.88 3.73 -14.49
C ALA C 314 -35.13 3.07 -13.34
N CYS C 315 -35.82 2.25 -12.55
CA CYS C 315 -35.18 1.57 -11.44
C CYS C 315 -35.48 0.08 -11.51
N CYS C 316 -34.45 -0.73 -11.50
CA CYS C 316 -34.58 -2.19 -11.56
C CYS C 316 -34.52 -2.76 -10.16
N LEU C 317 -35.43 -3.69 -9.86
CA LEU C 317 -35.56 -4.28 -8.54
C LEU C 317 -35.11 -5.74 -8.64
N LEU C 318 -34.07 -6.09 -7.90
CA LEU C 318 -33.52 -7.44 -7.91
C LEU C 318 -33.78 -8.08 -6.55
N TYR C 319 -34.97 -8.67 -6.41
CA TYR C 319 -35.33 -9.37 -5.19
C TYR C 319 -34.71 -10.76 -5.19
N ARG C 320 -34.30 -11.21 -4.01
CA ARG C 320 -33.75 -12.54 -3.87
C ARG C 320 -34.00 -13.06 -2.47
N GLY C 321 -34.33 -14.35 -2.37
CA GLY C 321 -34.61 -14.99 -1.10
C GLY C 321 -36.05 -15.50 -1.05
N ASP C 322 -36.72 -15.20 0.05
CA ASP C 322 -38.11 -15.63 0.26
C ASP C 322 -39.05 -14.50 -0.16
N VAL C 323 -39.17 -14.34 -1.47
CA VAL C 323 -39.91 -13.24 -2.06
C VAL C 323 -40.97 -13.81 -2.99
N VAL C 324 -42.19 -13.27 -2.90
CA VAL C 324 -43.30 -13.66 -3.77
C VAL C 324 -43.70 -12.41 -4.53
N PRO C 325 -44.06 -12.51 -5.82
CA PRO C 325 -44.32 -11.29 -6.60
C PRO C 325 -45.47 -10.44 -6.10
N LYS C 326 -46.37 -11.01 -5.30
CA LYS C 326 -47.52 -10.26 -4.78
C LYS C 326 -47.05 -9.05 -3.97
N ASP C 327 -46.21 -9.28 -2.97
CA ASP C 327 -45.80 -8.16 -2.12
C ASP C 327 -44.83 -7.25 -2.84
N VAL C 328 -44.14 -7.74 -3.86
CA VAL C 328 -43.35 -6.85 -4.71
C VAL C 328 -44.25 -5.85 -5.40
N ASN C 329 -45.37 -6.33 -5.95
CA ASN C 329 -46.32 -5.42 -6.59
C ASN C 329 -46.91 -4.44 -5.57
N ALA C 330 -47.23 -4.93 -4.37
CA ALA C 330 -47.74 -4.04 -3.34
C ALA C 330 -46.73 -2.95 -2.99
N ALA C 331 -45.45 -3.33 -2.84
CA ALA C 331 -44.42 -2.36 -2.50
C ALA C 331 -44.22 -1.34 -3.62
N ILE C 332 -44.24 -1.81 -4.87
CA ILE C 332 -44.09 -0.89 -5.99
C ILE C 332 -45.26 0.09 -6.06
N ALA C 333 -46.47 -0.39 -5.79
CA ALA C 333 -47.62 0.51 -5.76
C ALA C 333 -47.47 1.55 -4.65
N THR C 334 -47.04 1.13 -3.46
CA THR C 334 -46.84 2.08 -2.37
C THR C 334 -45.80 3.11 -2.72
N ILE C 335 -44.74 2.70 -3.43
CA ILE C 335 -43.74 3.66 -3.89
C ILE C 335 -44.35 4.63 -4.89
N LYS C 336 -45.16 4.12 -5.82
CA LYS C 336 -45.80 4.97 -6.80
C LYS C 336 -46.68 6.03 -6.14
N THR C 337 -47.32 5.67 -5.03
CA THR C 337 -48.18 6.63 -4.33
C THR C 337 -47.37 7.71 -3.61
N LYS C 338 -46.15 7.42 -3.21
CA LYS C 338 -45.37 8.38 -2.43
C LYS C 338 -44.96 9.57 -3.30
N ARG C 339 -45.12 10.76 -2.76
CA ARG C 339 -44.81 11.97 -3.52
C ARG C 339 -43.35 12.36 -3.45
N SER C 340 -42.65 11.96 -2.39
CA SER C 340 -41.23 12.28 -2.27
C SER C 340 -40.43 11.63 -3.39
N ILE C 341 -40.71 10.37 -3.68
CA ILE C 341 -40.08 9.68 -4.80
C ILE C 341 -40.80 10.13 -6.08
N GLN C 342 -40.07 10.77 -6.98
CA GLN C 342 -40.65 11.38 -8.17
C GLN C 342 -40.02 10.79 -9.41
N PHE C 343 -40.86 10.44 -10.39
CA PHE C 343 -40.44 9.84 -11.64
C PHE C 343 -40.69 10.80 -12.80
N VAL C 344 -39.94 10.58 -13.88
CA VAL C 344 -40.12 11.40 -15.07
C VAL C 344 -41.44 11.06 -15.74
N ASP C 345 -42.06 12.06 -16.36
CA ASP C 345 -43.38 11.88 -16.96
C ASP C 345 -43.36 10.96 -18.17
N TRP C 346 -42.21 10.81 -18.83
CA TRP C 346 -42.13 9.98 -20.02
C TRP C 346 -41.83 8.52 -19.71
N CYS C 347 -41.95 8.11 -18.45
CA CYS C 347 -41.75 6.73 -18.05
C CYS C 347 -42.91 6.32 -17.15
N PRO C 348 -44.08 6.01 -17.73
CA PRO C 348 -45.24 5.64 -16.91
C PRO C 348 -44.99 4.42 -16.04
N THR C 349 -44.25 3.44 -16.54
CA THR C 349 -43.78 2.32 -15.72
C THR C 349 -42.27 2.35 -15.68
N GLY C 350 -41.70 2.33 -14.48
CA GLY C 350 -40.28 2.49 -14.34
C GLY C 350 -39.63 1.47 -13.44
N PHE C 351 -40.17 0.26 -13.40
CA PHE C 351 -39.69 -0.79 -12.51
C PHE C 351 -39.49 -2.07 -13.32
N LYS C 352 -38.25 -2.55 -13.36
CA LYS C 352 -37.93 -3.88 -13.86
C LYS C 352 -37.67 -4.77 -12.65
N VAL C 353 -38.40 -5.87 -12.55
CA VAL C 353 -38.45 -6.66 -11.34
C VAL C 353 -37.90 -8.05 -11.60
N GLY C 354 -37.01 -8.50 -10.72
CA GLY C 354 -36.52 -9.87 -10.77
C GLY C 354 -36.51 -10.52 -9.40
N ILE C 355 -37.27 -11.61 -9.26
CA ILE C 355 -37.33 -12.37 -8.01
C ILE C 355 -36.51 -13.63 -8.20
N ASN C 356 -35.58 -13.87 -7.29
CA ASN C 356 -34.74 -15.06 -7.30
C ASN C 356 -35.05 -15.90 -6.08
N TYR C 357 -34.62 -17.16 -6.13
CA TYR C 357 -34.89 -18.10 -5.04
C TYR C 357 -33.73 -18.23 -4.06
N GLN C 358 -32.51 -17.91 -4.48
CA GLN C 358 -31.36 -18.10 -3.61
C GLN C 358 -31.21 -16.91 -2.66
N PRO C 359 -31.27 -17.12 -1.35
CA PRO C 359 -31.07 -16.01 -0.42
C PRO C 359 -29.63 -15.54 -0.45
N PRO C 360 -29.36 -14.29 -0.05
CA PRO C 360 -27.98 -13.82 0.00
C PRO C 360 -27.21 -14.56 1.09
N THR C 361 -26.11 -15.20 0.69
CA THR C 361 -25.32 -15.94 1.66
C THR C 361 -24.53 -14.97 2.54
N VAL C 362 -24.02 -15.50 3.65
CA VAL C 362 -23.22 -14.74 4.59
C VAL C 362 -21.79 -15.24 4.53
N VAL C 363 -20.86 -14.33 4.28
CA VAL C 363 -19.44 -14.69 4.30
C VAL C 363 -19.01 -14.86 5.75
N PRO C 364 -18.31 -15.94 6.10
CA PRO C 364 -17.81 -16.08 7.48
C PRO C 364 -16.91 -14.91 7.85
N GLY C 365 -17.13 -14.38 9.04
CA GLY C 365 -16.44 -13.18 9.48
C GLY C 365 -17.01 -11.89 8.96
N GLY C 366 -18.08 -11.94 8.17
CA GLY C 366 -18.68 -10.74 7.65
C GLY C 366 -19.46 -9.97 8.69
N ASP C 367 -19.78 -8.72 8.35
CA ASP C 367 -20.52 -7.85 9.24
C ASP C 367 -22.01 -7.77 8.91
N LEU C 368 -22.47 -8.53 7.92
CA LEU C 368 -23.87 -8.54 7.52
C LEU C 368 -24.58 -9.72 8.14
N ALA C 369 -25.78 -9.47 8.65
CA ALA C 369 -26.57 -10.51 9.30
C ALA C 369 -27.22 -11.42 8.26
N LYS C 370 -27.62 -12.60 8.72
CA LYS C 370 -28.35 -13.53 7.86
C LYS C 370 -29.78 -13.03 7.67
N VAL C 371 -30.20 -12.90 6.41
CA VAL C 371 -31.50 -12.34 6.08
C VAL C 371 -32.21 -13.25 5.11
N GLN C 372 -33.53 -13.37 5.28
CA GLN C 372 -34.33 -14.19 4.39
C GLN C 372 -34.53 -13.53 3.03
N ARG C 373 -34.60 -12.21 2.99
CA ARG C 373 -34.86 -11.46 1.76
C ARG C 373 -33.79 -10.41 1.56
N ALA C 374 -33.55 -10.07 0.29
CA ALA C 374 -32.63 -9.00 -0.05
C ALA C 374 -33.10 -8.32 -1.32
N VAL C 375 -32.75 -7.04 -1.46
CA VAL C 375 -33.09 -6.25 -2.65
C VAL C 375 -31.84 -5.50 -3.08
N CYS C 376 -31.58 -5.49 -4.38
CA CYS C 376 -30.51 -4.69 -4.97
C CYS C 376 -31.12 -3.80 -6.05
N MET C 377 -31.43 -2.56 -5.69
CA MET C 377 -32.00 -1.61 -6.64
C MET C 377 -30.90 -0.92 -7.43
N LEU C 378 -31.17 -0.71 -8.71
CA LEU C 378 -30.28 0.06 -9.58
C LEU C 378 -31.15 1.10 -10.29
N SER C 379 -31.13 2.32 -9.77
CA SER C 379 -32.00 3.40 -10.24
C SER C 379 -31.20 4.37 -11.09
N ASN C 380 -31.66 4.59 -12.32
CA ASN C 380 -31.01 5.52 -13.25
C ASN C 380 -31.64 6.90 -13.07
N THR C 381 -31.27 7.56 -11.98
CA THR C 381 -31.85 8.85 -11.63
C THR C 381 -31.01 9.98 -12.20
N THR C 382 -31.53 11.20 -12.06
CA THR C 382 -30.82 12.40 -12.47
C THR C 382 -30.02 13.03 -11.34
N ALA C 383 -29.95 12.39 -10.17
CA ALA C 383 -29.22 12.97 -9.05
C ALA C 383 -27.72 12.93 -9.25
N ILE C 384 -27.22 12.07 -10.14
CA ILE C 384 -25.78 11.95 -10.34
C ILE C 384 -25.20 13.17 -11.03
N ALA C 385 -26.05 14.00 -11.64
CA ALA C 385 -25.58 15.23 -12.25
C ALA C 385 -24.94 16.15 -11.22
N GLU C 386 -25.40 16.10 -9.97
CA GLU C 386 -24.81 16.95 -8.94
C GLU C 386 -23.38 16.53 -8.62
N ALA C 387 -23.17 15.23 -8.40
CA ALA C 387 -21.82 14.74 -8.14
C ALA C 387 -20.91 14.99 -9.33
N TRP C 388 -21.44 14.79 -10.53
CA TRP C 388 -20.65 15.03 -11.73
C TRP C 388 -20.28 16.50 -11.87
N ALA C 389 -21.21 17.40 -11.56
CA ALA C 389 -20.96 18.83 -11.66
C ALA C 389 -19.93 19.28 -10.63
N ARG C 390 -19.98 18.70 -9.42
CA ARG C 390 -18.97 19.06 -8.43
C ARG C 390 -17.60 18.52 -8.81
N LEU C 391 -17.54 17.35 -9.44
CA LEU C 391 -16.27 16.88 -9.98
C LEU C 391 -15.77 17.81 -11.09
N ASP C 392 -16.69 18.33 -11.91
CA ASP C 392 -16.31 19.30 -12.93
C ASP C 392 -15.77 20.58 -12.30
N HIS C 393 -16.38 21.01 -11.19
CA HIS C 393 -15.88 22.19 -10.50
C HIS C 393 -14.46 21.97 -9.98
N LYS C 394 -14.20 20.79 -9.40
CA LYS C 394 -12.85 20.48 -8.94
C LYS C 394 -11.86 20.46 -10.10
N PHE C 395 -12.25 19.86 -11.22
CA PHE C 395 -11.39 19.82 -12.40
C PHE C 395 -11.12 21.24 -12.90
N ASP C 396 -12.14 22.10 -12.92
CA ASP C 396 -11.95 23.47 -13.39
C ASP C 396 -11.00 24.24 -12.48
N LEU C 397 -11.15 24.08 -11.16
CA LEU C 397 -10.22 24.73 -10.25
C LEU C 397 -8.79 24.29 -10.48
N MET C 398 -8.55 22.98 -10.59
CA MET C 398 -7.17 22.54 -10.77
C MET C 398 -6.66 22.84 -12.18
N TYR C 399 -7.55 23.06 -13.13
CA TYR C 399 -7.11 23.25 -14.51
C TYR C 399 -6.95 24.71 -14.88
N ALA C 400 -7.56 25.63 -14.14
CA ALA C 400 -7.35 27.04 -14.42
C ALA C 400 -5.89 27.44 -14.22
N LYS C 401 -5.22 26.86 -13.23
CA LYS C 401 -3.81 27.10 -12.97
C LYS C 401 -2.90 26.12 -13.69
N ARG C 402 -3.46 25.18 -14.45
CA ARG C 402 -2.69 24.14 -15.13
C ARG C 402 -1.87 23.30 -14.15
N ALA C 403 -2.36 23.12 -12.93
CA ALA C 403 -1.64 22.33 -11.94
C ALA C 403 -1.66 20.86 -12.33
N PHE C 404 -0.54 20.18 -12.12
CA PHE C 404 -0.35 18.74 -12.33
C PHE C 404 -0.47 18.33 -13.79
N VAL C 405 -0.72 19.27 -14.72
CA VAL C 405 -0.91 18.90 -16.11
C VAL C 405 0.38 18.42 -16.74
N HIS C 406 1.51 18.99 -16.35
CA HIS C 406 2.80 18.58 -16.92
C HIS C 406 3.08 17.11 -16.65
N TRP C 407 2.64 16.59 -15.52
CA TRP C 407 2.79 15.17 -15.24
C TRP C 407 2.06 14.30 -16.25
N TYR C 408 1.06 14.85 -16.93
CA TYR C 408 0.34 14.13 -17.97
C TYR C 408 0.93 14.38 -19.35
N VAL C 409 1.27 15.64 -19.64
CA VAL C 409 1.90 15.98 -20.91
C VAL C 409 3.27 15.32 -21.05
N GLY C 410 3.88 14.90 -19.93
CA GLY C 410 5.18 14.28 -20.02
C GLY C 410 5.20 12.97 -20.77
N GLU C 411 4.13 12.19 -20.69
CA GLU C 411 4.15 10.83 -21.25
C GLU C 411 2.94 10.52 -22.12
N GLY C 412 2.45 11.49 -22.90
CA GLY C 412 1.52 11.15 -23.95
C GLY C 412 0.22 11.92 -24.00
N MET C 413 0.10 12.99 -23.23
CA MET C 413 -1.12 13.79 -23.21
C MET C 413 -0.90 15.14 -23.88
N GLU C 414 -2.00 15.73 -24.34
CA GLU C 414 -2.01 17.10 -24.82
C GLU C 414 -3.06 17.89 -24.06
N GLU C 415 -2.92 19.22 -24.10
CA GLU C 415 -3.95 20.09 -23.53
C GLU C 415 -5.29 19.85 -24.19
N GLY C 416 -5.28 19.50 -25.48
CA GLY C 416 -6.51 19.23 -26.19
C GLY C 416 -7.29 18.08 -25.59
N GLU C 417 -6.59 17.09 -25.01
CA GLU C 417 -7.30 15.99 -24.38
C GLU C 417 -8.11 16.47 -23.17
N PHE C 418 -7.52 17.32 -22.34
CA PHE C 418 -8.25 17.87 -21.21
C PHE C 418 -9.42 18.73 -21.67
N SER C 419 -9.20 19.57 -22.68
CA SER C 419 -10.27 20.40 -23.19
C SER C 419 -11.41 19.56 -23.75
N GLU C 420 -11.09 18.52 -24.53
CA GLU C 420 -12.10 17.64 -25.09
C GLU C 420 -12.86 16.90 -23.99
N ALA C 421 -12.15 16.42 -22.98
CA ALA C 421 -12.81 15.70 -21.89
C ALA C 421 -13.78 16.61 -21.15
N ARG C 422 -13.35 17.85 -20.87
CA ARG C 422 -14.24 18.78 -20.18
C ARG C 422 -15.45 19.15 -21.04
N GLU C 423 -15.25 19.36 -22.34
CA GLU C 423 -16.36 19.68 -23.22
C GLU C 423 -17.35 18.52 -23.29
N ASP C 424 -16.84 17.29 -23.40
CA ASP C 424 -17.71 16.13 -23.44
C ASP C 424 -18.48 15.98 -22.14
N MET C 425 -17.83 16.25 -21.01
CA MET C 425 -18.50 16.10 -19.72
C MET C 425 -19.57 17.17 -19.55
N ALA C 426 -19.30 18.38 -20.01
CA ALA C 426 -20.32 19.43 -19.98
C ALA C 426 -21.49 19.08 -20.88
N ALA C 427 -21.22 18.47 -22.03
CA ALA C 427 -22.30 18.00 -22.89
C ALA C 427 -23.13 16.93 -22.19
N LEU C 428 -22.47 16.05 -21.43
CA LEU C 428 -23.19 15.05 -20.66
C LEU C 428 -24.12 15.70 -19.64
N GLU C 429 -23.64 16.73 -18.95
CA GLU C 429 -24.48 17.46 -18.01
C GLU C 429 -25.66 18.12 -18.71
N LYS C 430 -25.42 18.71 -19.87
CA LYS C 430 -26.52 19.31 -20.62
C LYS C 430 -27.53 18.26 -21.02
N ASP C 431 -27.08 17.06 -21.41
CA ASP C 431 -28.00 15.99 -21.78
C ASP C 431 -28.84 15.56 -20.59
N TYR C 432 -28.22 15.45 -19.41
CA TYR C 432 -28.99 15.08 -18.22
C TYR C 432 -30.02 16.14 -17.88
N GLU C 433 -29.65 17.42 -18.04
CA GLU C 433 -30.61 18.49 -17.80
C GLU C 433 -31.77 18.42 -18.79
N GLU C 434 -31.47 18.14 -20.06
CA GLU C 434 -32.54 18.03 -21.06
C GLU C 434 -33.48 16.88 -20.75
N VAL C 435 -32.94 15.72 -20.38
CA VAL C 435 -33.83 14.59 -20.10
C VAL C 435 -34.53 14.75 -18.76
N GLY C 436 -34.03 15.60 -17.88
CA GLY C 436 -34.73 15.84 -16.62
C GLY C 436 -36.04 16.57 -16.80
N VAL C 437 -36.05 17.60 -17.63
CA VAL C 437 -37.24 18.45 -17.75
C VAL C 437 -38.35 17.70 -18.47
N ASP C 438 -39.59 17.96 -18.07
CA ASP C 438 -40.74 17.26 -18.60
C ASP C 438 -41.22 17.93 -19.89
N SER C 439 -42.37 17.49 -20.36
CA SER C 439 -42.93 17.99 -21.62
C SER C 439 -44.34 18.53 -21.43
N MET D 1 45.03 -38.73 -29.13
CA MET D 1 43.68 -38.21 -29.29
C MET D 1 43.62 -36.73 -28.93
N ARG D 2 43.80 -35.87 -29.93
CA ARG D 2 43.70 -34.42 -29.79
C ARG D 2 44.63 -33.91 -28.69
N GLU D 3 45.83 -34.47 -28.64
CA GLU D 3 46.75 -34.14 -27.57
C GLU D 3 47.57 -32.91 -27.92
N ILE D 4 48.32 -32.41 -26.94
CA ILE D 4 49.07 -31.18 -27.06
C ILE D 4 50.47 -31.40 -26.50
N VAL D 5 51.48 -30.96 -27.25
CA VAL D 5 52.86 -30.96 -26.77
C VAL D 5 53.17 -29.59 -26.20
N HIS D 6 53.57 -29.55 -24.94
CA HIS D 6 53.87 -28.28 -24.26
C HIS D 6 55.37 -28.03 -24.31
N ILE D 7 55.74 -26.80 -24.64
CA ILE D 7 57.13 -26.38 -24.67
C ILE D 7 57.27 -25.11 -23.85
N GLN D 8 58.35 -24.99 -23.10
CA GLN D 8 58.65 -23.80 -22.32
C GLN D 8 60.03 -23.29 -22.70
N ALA D 9 60.12 -21.99 -22.97
CA ALA D 9 61.38 -21.34 -23.32
C ALA D 9 61.60 -20.14 -22.42
N GLY D 10 62.82 -19.98 -21.93
CA GLY D 10 63.16 -18.84 -21.10
C GLY D 10 62.73 -19.02 -19.66
N GLN D 11 63.22 -18.11 -18.81
CA GLN D 11 62.94 -18.19 -17.39
C GLN D 11 61.48 -17.89 -17.09
N CYS D 12 60.95 -16.80 -17.66
CA CYS D 12 59.54 -16.48 -17.49
C CYS D 12 58.66 -17.58 -18.07
N GLY D 13 59.00 -18.05 -19.27
CA GLY D 13 58.24 -19.12 -19.88
C GLY D 13 58.28 -20.39 -19.05
N ASN D 14 59.45 -20.75 -18.53
CA ASN D 14 59.57 -21.95 -17.71
C ASN D 14 58.76 -21.84 -16.44
N GLN D 15 58.82 -20.69 -15.77
CA GLN D 15 58.06 -20.53 -14.53
C GLN D 15 56.55 -20.58 -14.78
N ILE D 16 56.10 -19.91 -15.85
CA ILE D 16 54.68 -19.92 -16.16
C ILE D 16 54.22 -21.31 -16.55
N GLY D 17 55.05 -22.04 -17.31
CA GLY D 17 54.72 -23.41 -17.65
C GLY D 17 54.71 -24.33 -16.45
N ALA D 18 55.61 -24.11 -15.49
CA ALA D 18 55.59 -24.90 -14.26
C ALA D 18 54.31 -24.67 -13.48
N LYS D 19 53.86 -23.41 -13.40
CA LYS D 19 52.59 -23.14 -12.73
C LYS D 19 51.42 -23.73 -13.51
N PHE D 20 51.51 -23.72 -14.85
CA PHE D 20 50.47 -24.34 -15.66
C PHE D 20 50.39 -25.83 -15.41
N TRP D 21 51.54 -26.50 -15.30
CA TRP D 21 51.52 -27.92 -14.99
C TRP D 21 51.03 -28.17 -13.58
N GLU D 22 51.35 -27.27 -12.65
CA GLU D 22 50.76 -27.33 -11.31
C GLU D 22 49.25 -27.38 -11.37
N VAL D 23 48.64 -26.41 -12.08
CA VAL D 23 47.19 -26.32 -12.08
C VAL D 23 46.57 -27.46 -12.90
N ILE D 24 47.22 -27.89 -13.97
CA ILE D 24 46.69 -29.00 -14.76
C ILE D 24 46.71 -30.29 -13.96
N SER D 25 47.83 -30.57 -13.29
CA SER D 25 47.91 -31.77 -12.45
C SER D 25 46.93 -31.71 -11.30
N ASP D 26 46.72 -30.53 -10.71
CA ASP D 26 45.70 -30.39 -9.68
C ASP D 26 44.33 -30.70 -10.24
N GLU D 27 44.04 -30.24 -11.46
CA GLU D 27 42.71 -30.42 -12.03
C GLU D 27 42.47 -31.87 -12.45
N HIS D 28 43.51 -32.54 -12.96
CA HIS D 28 43.41 -33.95 -13.31
C HIS D 28 43.69 -34.88 -12.14
N GLY D 29 43.95 -34.35 -10.95
CA GLY D 29 44.24 -35.19 -9.81
C GLY D 29 45.55 -35.96 -9.87
N ILE D 30 46.63 -35.29 -10.26
CA ILE D 30 47.97 -35.88 -10.28
C ILE D 30 48.79 -35.22 -9.19
N ASP D 31 49.50 -36.03 -8.40
CA ASP D 31 50.19 -35.56 -7.20
C ASP D 31 51.52 -34.95 -7.61
N PRO D 32 52.39 -34.57 -6.66
CA PRO D 32 53.77 -34.22 -7.04
C PRO D 32 54.57 -35.38 -7.64
N THR D 33 54.19 -36.63 -7.41
CA THR D 33 54.97 -37.75 -7.91
C THR D 33 54.37 -38.43 -9.15
N GLY D 34 53.17 -38.03 -9.58
CA GLY D 34 52.66 -38.47 -10.86
C GLY D 34 51.72 -39.67 -10.87
N SER D 35 51.10 -40.03 -9.75
CA SER D 35 50.18 -41.15 -9.71
C SER D 35 48.77 -40.66 -9.42
N TYR D 36 47.80 -41.18 -10.18
CA TYR D 36 46.45 -40.65 -10.09
C TYR D 36 45.85 -40.87 -8.71
N HIS D 37 45.35 -39.79 -8.11
CA HIS D 37 44.67 -39.86 -6.82
C HIS D 37 43.36 -39.06 -6.83
N GLY D 38 42.77 -38.86 -8.00
CA GLY D 38 41.53 -38.12 -8.09
C GLY D 38 40.34 -38.96 -7.67
N ASP D 39 39.15 -38.38 -7.88
CA ASP D 39 37.91 -39.01 -7.50
C ASP D 39 37.03 -39.35 -8.69
N SER D 40 36.81 -38.40 -9.59
CA SER D 40 35.91 -38.61 -10.71
C SER D 40 36.62 -39.32 -11.86
N ASP D 41 35.87 -40.18 -12.55
CA ASP D 41 36.42 -40.89 -13.71
C ASP D 41 36.65 -39.95 -14.89
N LEU D 42 36.05 -38.76 -14.88
CA LEU D 42 36.26 -37.81 -15.98
C LEU D 42 37.69 -37.28 -15.99
N GLN D 43 38.43 -37.45 -14.91
CA GLN D 43 39.80 -36.95 -14.86
C GLN D 43 40.75 -37.81 -15.70
N LEU D 44 40.53 -39.12 -15.71
CA LEU D 44 41.41 -40.03 -16.43
C LEU D 44 41.05 -40.19 -17.90
N GLU D 45 39.80 -39.93 -18.29
CA GLU D 45 39.39 -40.22 -19.65
C GLU D 45 40.02 -39.26 -20.67
N ARG D 46 40.67 -38.19 -20.22
CA ARG D 46 41.42 -37.30 -21.10
C ARG D 46 42.75 -36.91 -20.48
N ILE D 47 43.46 -37.89 -19.91
CA ILE D 47 44.83 -37.64 -19.47
C ILE D 47 45.77 -37.50 -20.68
N ASN D 48 45.49 -38.26 -21.74
CA ASN D 48 46.44 -38.39 -22.84
C ASN D 48 46.67 -37.08 -23.58
N VAL D 49 45.83 -36.07 -23.36
CA VAL D 49 46.03 -34.80 -24.06
C VAL D 49 47.28 -34.09 -23.55
N TYR D 50 47.56 -34.18 -22.25
CA TYR D 50 48.71 -33.50 -21.66
C TYR D 50 49.73 -34.42 -21.03
N TYR D 51 49.35 -35.64 -20.67
CA TYR D 51 50.25 -36.59 -20.04
C TYR D 51 50.30 -37.87 -20.88
N ASN D 52 51.40 -38.59 -20.74
CA ASN D 52 51.56 -39.89 -21.38
C ASN D 52 51.84 -40.96 -20.34
N GLU D 53 51.18 -42.11 -20.49
CA GLU D 53 51.27 -43.18 -19.52
C GLU D 53 52.69 -43.70 -19.42
N ALA D 54 53.18 -43.87 -18.19
CA ALA D 54 54.45 -44.51 -17.93
C ALA D 54 54.23 -45.79 -17.13
N ALA D 55 55.25 -46.62 -17.10
CA ALA D 55 55.16 -47.89 -16.37
C ALA D 55 54.99 -47.62 -14.88
N GLY D 56 54.14 -48.42 -14.24
CA GLY D 56 53.85 -48.26 -12.84
C GLY D 56 52.71 -47.34 -12.51
N ASN D 57 51.78 -47.13 -13.45
CA ASN D 57 50.64 -46.22 -13.26
C ASN D 57 51.10 -44.81 -12.91
N LYS D 58 52.15 -44.36 -13.58
CA LYS D 58 52.75 -43.05 -13.34
C LYS D 58 52.50 -42.17 -14.56
N TYR D 59 52.08 -40.94 -14.30
CA TYR D 59 51.75 -39.98 -15.35
C TYR D 59 52.88 -38.97 -15.49
N VAL D 60 53.31 -38.75 -16.72
CA VAL D 60 54.43 -37.87 -17.04
C VAL D 60 53.92 -36.80 -17.99
N PRO D 61 54.14 -35.52 -17.71
CA PRO D 61 53.66 -34.48 -18.61
C PRO D 61 54.35 -34.53 -19.96
N ARG D 62 53.61 -34.16 -21.00
CA ARG D 62 54.19 -34.02 -22.33
C ARG D 62 54.77 -32.62 -22.50
N ALA D 63 55.78 -32.33 -21.69
CA ALA D 63 56.40 -31.02 -21.62
C ALA D 63 57.83 -31.07 -22.12
N ILE D 64 58.24 -30.03 -22.82
CA ILE D 64 59.62 -29.83 -23.23
C ILE D 64 60.14 -28.58 -22.54
N LEU D 65 61.20 -28.73 -21.77
CA LEU D 65 61.76 -27.65 -20.98
C LEU D 65 63.02 -27.17 -21.67
N VAL D 66 62.99 -25.93 -22.17
CA VAL D 66 64.07 -25.39 -22.99
C VAL D 66 64.56 -24.10 -22.37
N ASP D 67 65.88 -23.95 -22.26
CA ASP D 67 66.49 -22.73 -21.77
C ASP D 67 67.94 -22.73 -22.21
N LEU D 68 68.59 -21.56 -22.07
CA LEU D 68 70.02 -21.46 -22.28
C LEU D 68 70.80 -21.37 -20.98
N GLU D 69 70.12 -21.45 -19.83
CA GLU D 69 70.77 -21.35 -18.53
C GLU D 69 70.32 -22.52 -17.68
N PRO D 70 71.24 -23.32 -17.13
CA PRO D 70 70.82 -24.46 -16.28
C PRO D 70 70.18 -24.05 -14.98
N GLY D 71 70.36 -22.80 -14.54
CA GLY D 71 69.77 -22.39 -13.28
C GLY D 71 68.26 -22.46 -13.28
N THR D 72 67.64 -22.10 -14.40
CA THR D 72 66.18 -22.20 -14.50
C THR D 72 65.73 -23.65 -14.44
N MET D 73 66.47 -24.56 -15.06
CA MET D 73 66.15 -25.98 -14.97
C MET D 73 66.26 -26.47 -13.54
N ASP D 74 67.31 -26.06 -12.84
CA ASP D 74 67.46 -26.46 -11.44
C ASP D 74 66.31 -25.91 -10.60
N SER D 75 65.90 -24.67 -10.86
CA SER D 75 64.81 -24.07 -10.10
C SER D 75 63.50 -24.81 -10.35
N VAL D 76 63.19 -25.13 -11.62
CA VAL D 76 61.92 -25.78 -11.90
C VAL D 76 61.94 -27.23 -11.41
N ARG D 77 63.10 -27.87 -11.39
CA ARG D 77 63.19 -29.23 -10.87
C ARG D 77 63.06 -29.25 -9.36
N SER D 78 63.70 -28.29 -8.68
CA SER D 78 63.66 -28.23 -7.22
C SER D 78 62.33 -27.76 -6.67
N GLY D 79 61.47 -27.17 -7.49
CA GLY D 79 60.19 -26.71 -7.01
C GLY D 79 59.20 -27.84 -6.88
N PRO D 80 58.01 -27.50 -6.37
CA PRO D 80 56.95 -28.50 -6.27
C PRO D 80 56.51 -28.97 -7.65
N PHE D 81 56.14 -30.24 -7.72
CA PHE D 81 55.68 -30.89 -8.95
C PHE D 81 56.75 -30.88 -10.03
N GLY D 82 58.00 -30.59 -9.67
CA GLY D 82 59.07 -30.53 -10.65
C GLY D 82 59.69 -31.86 -11.01
N GLN D 83 59.42 -32.89 -10.22
CA GLN D 83 59.97 -34.22 -10.50
C GLN D 83 59.05 -35.05 -11.38
N ILE D 84 57.93 -34.49 -11.84
CA ILE D 84 57.05 -35.26 -12.72
C ILE D 84 57.62 -35.30 -14.13
N PHE D 85 58.38 -34.28 -14.53
CA PHE D 85 58.88 -34.19 -15.88
C PHE D 85 59.93 -35.27 -16.14
N ARG D 86 59.95 -35.77 -17.38
CA ARG D 86 61.01 -36.66 -17.80
C ARG D 86 62.33 -35.90 -17.84
N PRO D 87 63.40 -36.42 -17.22
CA PRO D 87 64.68 -35.70 -17.25
C PRO D 87 65.25 -35.53 -18.66
N ASP D 88 64.84 -36.39 -19.60
CA ASP D 88 65.30 -36.23 -20.98
C ASP D 88 64.75 -34.95 -21.60
N ASN D 89 63.52 -34.58 -21.25
CA ASN D 89 62.89 -33.39 -21.81
C ASN D 89 63.58 -32.09 -21.42
N PHE D 90 64.40 -32.11 -20.37
CA PHE D 90 65.19 -30.93 -20.02
C PHE D 90 66.29 -30.74 -21.05
N VAL D 91 66.25 -29.64 -21.78
CA VAL D 91 67.33 -29.26 -22.69
C VAL D 91 67.79 -27.86 -22.31
N PHE D 92 69.09 -27.71 -22.05
CA PHE D 92 69.61 -26.43 -21.59
C PHE D 92 71.02 -26.23 -22.10
N GLY D 93 71.41 -24.97 -22.22
CA GLY D 93 72.74 -24.59 -22.66
C GLY D 93 73.69 -24.36 -21.51
N GLN D 94 74.66 -23.47 -21.73
CA GLN D 94 75.66 -23.20 -20.71
C GLN D 94 75.82 -21.71 -20.44
N SER D 95 75.56 -20.88 -21.45
CA SER D 95 75.92 -19.48 -21.37
C SER D 95 74.73 -18.59 -21.00
N GLY D 96 73.64 -18.67 -21.76
CA GLY D 96 72.57 -17.70 -21.65
C GLY D 96 72.59 -16.71 -22.79
N ALA D 97 71.52 -15.91 -22.87
CA ALA D 97 71.32 -15.03 -24.01
C ALA D 97 71.73 -13.59 -23.74
N GLY D 98 71.48 -13.08 -22.53
CA GLY D 98 71.75 -11.68 -22.27
C GLY D 98 70.82 -10.72 -22.99
N ASN D 99 69.52 -11.05 -23.06
CA ASN D 99 68.52 -10.24 -23.74
C ASN D 99 68.91 -9.97 -25.19
N ASN D 100 69.62 -10.90 -25.80
CA ASN D 100 70.05 -10.73 -27.18
C ASN D 100 69.28 -11.73 -28.04
N TRP D 101 68.29 -11.22 -28.77
CA TRP D 101 67.53 -12.04 -29.70
C TRP D 101 68.44 -12.78 -30.66
N ALA D 102 69.53 -12.14 -31.07
CA ALA D 102 70.48 -12.77 -31.98
C ALA D 102 71.17 -13.95 -31.33
N LYS D 103 71.49 -13.85 -30.05
CA LYS D 103 72.16 -14.97 -29.40
C LYS D 103 71.21 -16.12 -29.08
N GLY D 104 69.90 -15.91 -29.20
CA GLY D 104 68.95 -16.99 -29.03
C GLY D 104 68.42 -17.47 -30.37
N HIS D 105 68.80 -16.79 -31.44
CA HIS D 105 68.32 -17.13 -32.77
C HIS D 105 69.42 -17.52 -33.76
N TYR D 106 70.67 -17.23 -33.49
CA TYR D 106 71.67 -17.47 -34.51
C TYR D 106 72.90 -18.22 -34.00
N THR D 107 73.33 -17.96 -32.77
CA THR D 107 74.61 -18.44 -32.28
C THR D 107 74.48 -19.52 -31.22
N GLU D 108 73.82 -19.23 -30.11
CA GLU D 108 73.59 -20.21 -29.07
C GLU D 108 72.22 -20.86 -29.15
N GLY D 109 71.36 -20.37 -30.03
CA GLY D 109 70.11 -21.04 -30.28
C GLY D 109 70.31 -22.26 -31.16
N ALA D 110 70.87 -22.03 -32.35
CA ALA D 110 71.01 -23.09 -33.34
C ALA D 110 71.83 -24.26 -32.84
N GLU D 111 72.70 -24.08 -31.86
CA GLU D 111 73.48 -25.19 -31.34
C GLU D 111 72.72 -26.03 -30.34
N LEU D 112 71.55 -25.58 -29.88
CA LEU D 112 70.69 -26.36 -29.02
C LEU D 112 69.38 -26.78 -29.70
N VAL D 113 69.01 -26.10 -30.78
CA VAL D 113 67.76 -26.36 -31.46
C VAL D 113 67.71 -27.77 -32.03
N ASP D 114 68.84 -28.34 -32.41
CA ASP D 114 68.84 -29.73 -32.89
C ASP D 114 68.35 -30.68 -31.80
N SER D 115 68.86 -30.53 -30.58
CA SER D 115 68.41 -31.38 -29.48
C SER D 115 66.96 -31.07 -29.11
N VAL D 116 66.59 -29.80 -29.12
CA VAL D 116 65.21 -29.43 -28.79
C VAL D 116 64.25 -30.06 -29.77
N LEU D 117 64.57 -29.98 -31.06
CA LEU D 117 63.73 -30.58 -32.09
C LEU D 117 63.73 -32.10 -32.01
N ASP D 118 64.85 -32.71 -31.62
CA ASP D 118 64.85 -34.17 -31.43
C ASP D 118 63.88 -34.57 -30.33
N VAL D 119 63.89 -33.85 -29.21
CA VAL D 119 62.98 -34.17 -28.12
C VAL D 119 61.53 -33.93 -28.54
N VAL D 120 61.26 -32.79 -29.19
CA VAL D 120 59.90 -32.47 -29.60
C VAL D 120 59.43 -33.49 -30.63
N ARG D 121 60.32 -33.95 -31.51
CA ARG D 121 59.99 -35.01 -32.44
C ARG D 121 59.55 -36.26 -31.70
N LYS D 122 60.46 -36.86 -30.92
CA LYS D 122 60.14 -38.13 -30.27
C LYS D 122 58.86 -38.02 -29.44
N GLU D 123 58.58 -36.85 -28.86
CA GLU D 123 57.29 -36.65 -28.21
C GLU D 123 56.15 -36.58 -29.23
N SER D 124 56.41 -36.08 -30.44
CA SER D 124 55.35 -35.88 -31.42
C SER D 124 54.93 -37.20 -32.08
N GLU D 125 55.87 -38.10 -32.35
CA GLU D 125 55.43 -39.42 -32.78
C GLU D 125 55.20 -40.35 -31.59
N SER D 126 55.48 -39.91 -30.38
CA SER D 126 55.08 -40.70 -29.22
C SER D 126 53.57 -40.77 -29.08
N CYS D 127 52.86 -39.77 -29.62
CA CYS D 127 51.43 -39.67 -29.39
C CYS D 127 50.64 -40.42 -30.46
N ASP D 128 49.32 -40.41 -30.28
CA ASP D 128 48.42 -41.02 -31.27
C ASP D 128 48.08 -40.02 -32.37
N CYS D 129 47.45 -38.92 -32.01
CA CYS D 129 46.97 -37.92 -32.97
C CYS D 129 47.32 -36.53 -32.45
N LEU D 130 48.47 -36.01 -32.87
CA LEU D 130 48.82 -34.63 -32.56
C LEU D 130 47.81 -33.66 -33.18
N GLN D 131 47.56 -32.57 -32.48
CA GLN D 131 46.87 -31.44 -33.08
C GLN D 131 47.54 -30.10 -32.82
N GLY D 132 48.30 -29.96 -31.74
CA GLY D 132 48.84 -28.64 -31.45
C GLY D 132 50.03 -28.67 -30.52
N PHE D 133 50.83 -27.62 -30.63
CA PHE D 133 51.92 -27.35 -29.71
C PHE D 133 51.59 -26.10 -28.91
N GLN D 134 51.96 -26.12 -27.63
CA GLN D 134 51.72 -25.00 -26.73
C GLN D 134 53.06 -24.48 -26.25
N LEU D 135 53.30 -23.19 -26.43
CA LEU D 135 54.58 -22.58 -26.08
C LEU D 135 54.36 -21.41 -25.13
N THR D 136 55.25 -21.29 -24.15
CA THR D 136 55.21 -20.19 -23.19
C THR D 136 56.57 -19.50 -23.19
N HIS D 137 56.57 -18.21 -23.47
CA HIS D 137 57.83 -17.47 -23.54
C HIS D 137 57.54 -15.99 -23.41
N SER D 138 58.58 -15.23 -23.06
CA SER D 138 58.53 -13.78 -23.06
C SER D 138 59.06 -13.23 -24.38
N LEU D 139 58.77 -11.97 -24.64
CA LEU D 139 59.23 -11.31 -25.85
C LEU D 139 60.36 -10.32 -25.62
N GLY D 140 60.65 -9.97 -24.36
CA GLY D 140 61.70 -9.02 -24.07
C GLY D 140 63.07 -9.60 -23.82
N GLY D 141 63.15 -10.92 -23.59
CA GLY D 141 64.42 -11.56 -23.37
C GLY D 141 65.07 -12.02 -24.65
N GLY D 142 66.24 -12.64 -24.51
CA GLY D 142 66.95 -13.17 -25.64
C GLY D 142 66.68 -14.64 -25.85
N THR D 143 66.63 -15.40 -24.75
CA THR D 143 66.34 -16.83 -24.84
C THR D 143 64.88 -17.04 -25.24
N GLY D 144 63.95 -16.52 -24.45
CA GLY D 144 62.54 -16.66 -24.70
C GLY D 144 62.15 -16.22 -26.09
N SER D 145 62.27 -14.93 -26.38
CA SER D 145 61.83 -14.39 -27.66
C SER D 145 62.51 -15.09 -28.83
N GLY D 146 63.83 -14.98 -28.91
CA GLY D 146 64.53 -15.47 -30.09
C GLY D 146 64.42 -16.98 -30.27
N MET D 147 64.67 -17.73 -29.20
CA MET D 147 64.66 -19.18 -29.35
C MET D 147 63.25 -19.72 -29.52
N GLY D 148 62.26 -19.12 -28.86
CA GLY D 148 60.90 -19.54 -29.10
C GLY D 148 60.46 -19.28 -30.53
N THR D 149 60.86 -18.12 -31.08
CA THR D 149 60.53 -17.85 -32.48
C THR D 149 61.20 -18.84 -33.42
N LEU D 150 62.49 -19.14 -33.19
CA LEU D 150 63.17 -20.08 -34.07
C LEU D 150 62.57 -21.48 -33.96
N LEU D 151 62.28 -21.91 -32.72
CA LEU D 151 61.68 -23.22 -32.51
C LEU D 151 60.30 -23.31 -33.15
N ILE D 152 59.51 -22.24 -33.04
CA ILE D 152 58.22 -22.20 -33.70
C ILE D 152 58.40 -22.32 -35.21
N SER D 153 59.39 -21.63 -35.76
CA SER D 153 59.66 -21.71 -37.20
C SER D 153 59.99 -23.13 -37.62
N LYS D 154 60.86 -23.80 -36.86
CA LYS D 154 61.21 -25.19 -37.17
C LYS D 154 60.01 -26.11 -37.08
N ILE D 155 59.19 -25.94 -36.05
CA ILE D 155 58.04 -26.82 -35.87
C ILE D 155 57.05 -26.64 -37.00
N ARG D 156 56.77 -25.39 -37.38
CA ARG D 156 55.90 -25.15 -38.52
C ARG D 156 56.51 -25.66 -39.82
N GLU D 157 57.84 -25.65 -39.91
CA GLU D 157 58.48 -26.25 -41.08
C GLU D 157 58.19 -27.74 -41.16
N GLU D 158 58.22 -28.43 -40.03
CA GLU D 158 57.97 -29.86 -40.05
C GLU D 158 56.54 -30.25 -39.69
N TYR D 159 55.74 -29.33 -39.16
CA TYR D 159 54.32 -29.58 -38.86
C TYR D 159 53.50 -28.40 -39.35
N PRO D 160 53.25 -28.29 -40.66
CA PRO D 160 52.52 -27.13 -41.17
C PRO D 160 51.02 -27.21 -40.98
N ASP D 161 50.45 -28.39 -40.77
CA ASP D 161 49.01 -28.57 -40.67
C ASP D 161 48.52 -28.74 -39.24
N ARG D 162 49.40 -28.59 -38.26
CA ARG D 162 49.05 -28.70 -36.84
C ARG D 162 49.03 -27.32 -36.21
N ILE D 163 48.06 -27.10 -35.32
CA ILE D 163 47.88 -25.76 -34.75
C ILE D 163 49.05 -25.41 -33.84
N MET D 164 49.31 -24.11 -33.74
CA MET D 164 50.37 -23.60 -32.87
C MET D 164 49.79 -22.64 -31.85
N ASN D 165 50.15 -22.85 -30.59
CA ASN D 165 49.73 -21.99 -29.49
C ASN D 165 50.97 -21.36 -28.87
N THR D 166 50.91 -20.06 -28.64
CA THR D 166 51.93 -19.39 -27.84
C THR D 166 51.24 -18.47 -26.84
N PHE D 167 51.71 -18.51 -25.61
CA PHE D 167 51.22 -17.66 -24.54
C PHE D 167 52.36 -16.70 -24.21
N SER D 168 52.42 -15.62 -24.96
CA SER D 168 53.59 -14.75 -24.98
C SER D 168 53.40 -13.58 -24.03
N VAL D 169 54.34 -13.42 -23.10
CA VAL D 169 54.33 -12.29 -22.18
C VAL D 169 54.98 -11.12 -22.91
N VAL D 170 54.15 -10.29 -23.54
CA VAL D 170 54.68 -9.15 -24.29
C VAL D 170 55.02 -8.03 -23.31
N PRO D 171 56.26 -7.57 -23.27
CA PRO D 171 56.62 -6.53 -22.30
C PRO D 171 56.05 -5.18 -22.72
N SER D 172 56.02 -4.28 -21.74
CA SER D 172 55.29 -3.02 -21.82
C SER D 172 56.21 -1.89 -21.39
N PRO D 173 55.92 -0.65 -21.81
CA PRO D 173 56.88 0.44 -21.55
C PRO D 173 57.06 0.79 -20.10
N LYS D 174 56.07 0.54 -19.23
CA LYS D 174 56.18 1.01 -17.85
C LYS D 174 56.96 0.00 -16.99
N VAL D 175 56.54 -1.27 -16.99
CA VAL D 175 57.35 -2.32 -16.36
C VAL D 175 58.32 -2.81 -17.43
N SER D 176 59.42 -2.11 -17.57
CA SER D 176 60.45 -2.41 -18.56
C SER D 176 61.74 -2.68 -17.81
N ASP D 177 61.97 -3.96 -17.50
CA ASP D 177 63.13 -4.33 -16.71
C ASP D 177 64.39 -4.55 -17.55
N THR D 178 64.31 -4.39 -18.87
CA THR D 178 65.47 -4.52 -19.74
C THR D 178 65.51 -3.33 -20.69
N VAL D 179 66.73 -2.98 -21.11
CA VAL D 179 66.95 -1.82 -21.94
C VAL D 179 66.84 -2.13 -23.43
N VAL D 180 67.17 -3.34 -23.84
CA VAL D 180 67.13 -3.72 -25.25
C VAL D 180 65.84 -4.49 -25.51
N GLU D 181 64.84 -4.27 -24.65
CA GLU D 181 63.55 -4.97 -24.80
C GLU D 181 62.87 -4.74 -26.15
N PRO D 182 62.66 -3.51 -26.62
CA PRO D 182 61.87 -3.34 -27.84
C PRO D 182 62.48 -4.01 -29.06
N TYR D 183 63.80 -4.11 -29.15
CA TYR D 183 64.42 -4.87 -30.24
C TYR D 183 63.94 -6.31 -30.23
N ASN D 184 64.02 -6.97 -29.07
CA ASN D 184 63.60 -8.35 -28.97
C ASN D 184 62.11 -8.49 -29.26
N ALA D 185 61.31 -7.56 -28.74
CA ALA D 185 59.87 -7.62 -28.94
C ALA D 185 59.51 -7.52 -30.42
N THR D 186 60.14 -6.57 -31.12
CA THR D 186 59.87 -6.41 -32.56
C THR D 186 60.31 -7.63 -33.35
N LEU D 187 61.52 -8.13 -33.08
CA LEU D 187 62.03 -9.25 -33.85
C LEU D 187 61.32 -10.55 -33.53
N SER D 188 60.64 -10.63 -32.39
CA SER D 188 59.86 -11.82 -32.08
C SER D 188 58.45 -11.70 -32.65
N VAL D 189 57.87 -10.49 -32.61
CA VAL D 189 56.56 -10.28 -33.23
C VAL D 189 56.65 -10.55 -34.72
N HIS D 190 57.77 -10.20 -35.33
CA HIS D 190 57.97 -10.50 -36.75
C HIS D 190 57.74 -11.97 -37.03
N GLN D 191 58.40 -12.85 -36.28
CA GLN D 191 58.27 -14.28 -36.53
C GLN D 191 56.89 -14.79 -36.14
N LEU D 192 56.32 -14.27 -35.07
CA LEU D 192 54.98 -14.68 -34.66
C LEU D 192 53.91 -14.25 -35.65
N VAL D 193 54.21 -13.29 -36.53
CA VAL D 193 53.24 -12.87 -37.54
C VAL D 193 52.86 -14.03 -38.44
N GLU D 194 53.85 -14.77 -38.92
CA GLU D 194 53.56 -15.83 -39.88
C GLU D 194 53.68 -17.23 -39.32
N ASN D 195 54.48 -17.45 -38.28
CA ASN D 195 54.74 -18.81 -37.84
C ASN D 195 53.84 -19.29 -36.72
N THR D 196 52.89 -18.49 -36.25
CA THR D 196 52.03 -18.89 -35.14
C THR D 196 50.58 -18.82 -35.58
N ASP D 197 49.83 -19.88 -35.30
CA ASP D 197 48.43 -19.91 -35.69
C ASP D 197 47.59 -18.95 -34.84
N GLU D 198 47.89 -18.83 -33.55
CA GLU D 198 47.19 -17.87 -32.70
C GLU D 198 48.07 -17.56 -31.50
N THR D 199 48.15 -16.28 -31.15
CA THR D 199 49.03 -15.79 -30.11
C THR D 199 48.20 -15.17 -28.99
N TYR D 200 48.46 -15.59 -27.75
CA TYR D 200 47.82 -15.00 -26.58
C TYR D 200 48.78 -13.96 -26.01
N CYS D 201 48.36 -12.70 -26.01
CA CYS D 201 49.22 -11.58 -25.63
C CYS D 201 49.04 -11.29 -24.15
N ILE D 202 50.10 -11.50 -23.38
CA ILE D 202 50.10 -11.27 -21.93
C ILE D 202 50.95 -10.05 -21.65
N ASP D 203 50.43 -9.14 -20.83
CA ASP D 203 51.17 -7.95 -20.43
C ASP D 203 51.30 -7.92 -18.92
N ASN D 204 52.46 -7.49 -18.44
CA ASN D 204 52.68 -7.42 -17.01
C ASN D 204 51.98 -6.22 -16.38
N GLU D 205 51.79 -5.12 -17.12
CA GLU D 205 51.01 -4.00 -16.61
C GLU D 205 49.60 -4.41 -16.27
N ALA D 206 48.89 -5.03 -17.21
CA ALA D 206 47.50 -5.37 -16.97
C ALA D 206 47.37 -6.42 -15.88
N LEU D 207 48.35 -7.30 -15.79
CA LEU D 207 48.30 -8.39 -14.82
C LEU D 207 48.62 -7.89 -13.40
N TYR D 208 49.61 -7.01 -13.26
CA TYR D 208 49.80 -6.31 -11.99
C TYR D 208 48.58 -5.46 -11.64
N ASP D 209 47.95 -4.86 -12.65
CA ASP D 209 46.76 -4.06 -12.40
C ASP D 209 45.63 -4.94 -11.88
N ILE D 210 45.52 -6.16 -12.39
CA ILE D 210 44.58 -7.13 -11.84
C ILE D 210 44.90 -7.37 -10.37
N CYS D 211 46.16 -7.69 -10.08
CA CYS D 211 46.54 -7.99 -8.70
C CYS D 211 46.37 -6.80 -7.76
N PHE D 212 46.38 -5.58 -8.29
CA PHE D 212 46.12 -4.40 -7.47
C PHE D 212 44.63 -4.17 -7.25
N ARG D 213 43.88 -4.01 -8.35
CA ARG D 213 42.50 -3.58 -8.26
C ARG D 213 41.51 -4.73 -8.12
N THR D 214 41.63 -5.75 -8.96
CA THR D 214 40.66 -6.84 -8.94
C THR D 214 40.85 -7.73 -7.72
N LEU D 215 42.07 -8.24 -7.52
CA LEU D 215 42.33 -9.16 -6.43
C LEU D 215 42.61 -8.45 -5.11
N LYS D 216 42.89 -7.15 -5.14
CA LYS D 216 43.26 -6.39 -3.94
C LYS D 216 44.41 -7.05 -3.20
N LEU D 217 45.36 -7.57 -3.96
CA LEU D 217 46.48 -8.32 -3.40
C LEU D 217 47.61 -7.34 -3.09
N THR D 218 48.02 -7.29 -1.82
CA THR D 218 48.86 -6.19 -1.35
C THR D 218 50.29 -6.28 -1.92
N THR D 219 50.87 -7.48 -1.95
CA THR D 219 52.23 -7.68 -2.43
C THR D 219 52.26 -8.88 -3.38
N PRO D 220 51.73 -8.73 -4.59
CA PRO D 220 51.79 -9.84 -5.54
C PRO D 220 53.21 -10.13 -5.97
N THR D 221 53.51 -11.41 -6.14
CA THR D 221 54.79 -11.87 -6.65
C THR D 221 54.58 -12.42 -8.06
N TYR D 222 55.66 -12.91 -8.65
CA TYR D 222 55.54 -13.52 -9.97
C TYR D 222 54.70 -14.79 -9.93
N GLY D 223 54.61 -15.42 -8.77
CA GLY D 223 53.80 -16.63 -8.66
C GLY D 223 52.33 -16.38 -8.92
N ASP D 224 51.81 -15.24 -8.46
CA ASP D 224 50.40 -14.95 -8.66
C ASP D 224 50.09 -14.64 -10.11
N LEU D 225 50.98 -13.90 -10.77
CA LEU D 225 50.83 -13.64 -12.19
C LEU D 225 50.86 -14.93 -12.99
N ASN D 226 51.80 -15.82 -12.64
CA ASN D 226 51.86 -17.12 -13.27
C ASN D 226 50.60 -17.94 -13.00
N HIS D 227 50.04 -17.83 -11.80
CA HIS D 227 48.79 -18.54 -11.49
C HIS D 227 47.67 -18.06 -12.39
N LEU D 228 47.56 -16.74 -12.58
CA LEU D 228 46.49 -16.22 -13.44
C LEU D 228 46.66 -16.68 -14.88
N VAL D 229 47.88 -16.55 -15.42
CA VAL D 229 48.05 -16.94 -16.81
C VAL D 229 47.92 -18.45 -16.97
N SER D 230 48.25 -19.22 -15.94
CA SER D 230 48.08 -20.67 -15.99
C SER D 230 46.61 -21.05 -15.98
N ALA D 231 45.80 -20.34 -15.19
CA ALA D 231 44.35 -20.56 -15.25
C ALA D 231 43.81 -20.24 -16.63
N THR D 232 44.37 -19.19 -17.27
CA THR D 232 43.98 -18.88 -18.64
C THR D 232 44.32 -20.01 -19.60
N MET D 233 45.53 -20.56 -19.49
CA MET D 233 45.89 -21.70 -20.33
C MET D 233 44.96 -22.88 -20.09
N SER D 234 44.64 -23.15 -18.83
CA SER D 234 43.75 -24.26 -18.51
C SER D 234 42.36 -24.03 -19.07
N GLY D 235 41.94 -22.76 -19.20
CA GLY D 235 40.62 -22.49 -19.72
C GLY D 235 40.44 -22.86 -21.18
N VAL D 236 41.43 -22.55 -22.01
CA VAL D 236 41.26 -22.70 -23.46
C VAL D 236 41.34 -24.15 -23.92
N THR D 237 41.93 -25.04 -23.10
CA THR D 237 42.04 -26.45 -23.45
C THR D 237 41.10 -27.32 -22.63
N THR D 238 40.13 -26.71 -21.96
CA THR D 238 39.26 -27.46 -21.06
C THR D 238 38.32 -28.38 -21.84
N CYS D 239 37.81 -27.92 -22.99
CA CYS D 239 36.92 -28.74 -23.78
C CYS D 239 37.63 -29.97 -24.34
N LEU D 240 38.95 -29.90 -24.47
CA LEU D 240 39.73 -31.07 -24.84
C LEU D 240 39.66 -32.14 -23.75
N ARG D 241 39.57 -31.71 -22.49
CA ARG D 241 39.82 -32.59 -21.37
C ARG D 241 38.56 -32.97 -20.59
N PHE D 242 37.51 -32.18 -20.68
CA PHE D 242 36.25 -32.50 -20.00
C PHE D 242 35.10 -32.24 -20.95
N PRO D 243 34.00 -32.99 -20.82
CA PRO D 243 32.88 -32.81 -21.75
C PRO D 243 32.10 -31.53 -21.49
N GLY D 244 31.01 -31.34 -22.20
CA GLY D 244 30.18 -30.17 -22.01
C GLY D 244 29.08 -30.11 -23.03
N GLN D 245 28.19 -29.14 -22.84
CA GLN D 245 27.11 -28.94 -23.79
C GLN D 245 27.61 -28.44 -25.13
N LEU D 246 28.67 -27.64 -25.13
CA LEU D 246 29.30 -27.18 -26.37
C LEU D 246 30.80 -27.39 -26.26
N ASN D 247 31.34 -28.22 -27.14
CA ASN D 247 32.76 -28.54 -27.16
C ASN D 247 33.48 -27.61 -28.13
N ALA D 248 34.71 -27.24 -27.78
CA ALA D 248 35.48 -26.34 -28.62
C ALA D 248 36.97 -26.59 -28.37
N ASP D 249 37.63 -27.27 -29.31
CA ASP D 249 39.06 -27.46 -29.23
C ASP D 249 39.77 -26.21 -29.74
N LEU D 250 41.09 -26.28 -29.87
CA LEU D 250 41.84 -25.07 -30.25
C LEU D 250 41.60 -24.70 -31.71
N ARG D 251 41.42 -25.69 -32.58
CA ARG D 251 41.16 -25.38 -33.98
C ARG D 251 39.83 -24.65 -34.15
N LYS D 252 38.83 -25.00 -33.34
CA LYS D 252 37.55 -24.31 -33.43
C LYS D 252 37.66 -22.85 -33.01
N LEU D 253 38.38 -22.57 -31.92
CA LEU D 253 38.62 -21.18 -31.54
C LEU D 253 39.44 -20.45 -32.60
N ALA D 254 40.40 -21.16 -33.22
CA ALA D 254 41.21 -20.54 -34.26
C ALA D 254 40.35 -20.15 -35.46
N VAL D 255 39.42 -21.01 -35.86
CA VAL D 255 38.58 -20.68 -37.00
C VAL D 255 37.52 -19.66 -36.64
N ASN D 256 37.09 -19.61 -35.38
CA ASN D 256 36.06 -18.66 -34.98
C ASN D 256 36.60 -17.31 -34.55
N MET D 257 37.92 -17.17 -34.40
CA MET D 257 38.48 -15.90 -33.99
C MET D 257 39.53 -15.33 -34.95
N VAL D 258 39.85 -16.01 -36.03
CA VAL D 258 40.83 -15.47 -36.97
C VAL D 258 40.13 -15.21 -38.29
N PRO D 259 39.62 -13.99 -38.52
CA PRO D 259 38.98 -13.70 -39.81
C PRO D 259 39.96 -13.63 -40.96
N PHE D 260 41.18 -13.13 -40.71
CA PHE D 260 42.23 -13.09 -41.70
C PHE D 260 43.52 -13.59 -41.07
N PRO D 261 44.38 -14.27 -41.82
CA PRO D 261 45.43 -15.09 -41.20
C PRO D 261 46.36 -14.33 -40.25
N ARG D 262 46.70 -13.08 -40.55
CA ARG D 262 47.64 -12.35 -39.72
C ARG D 262 47.00 -11.79 -38.45
N LEU D 263 45.69 -11.89 -38.31
CA LEU D 263 44.99 -11.34 -37.14
C LEU D 263 44.76 -12.45 -36.11
N HIS D 264 45.83 -12.80 -35.41
CA HIS D 264 45.77 -13.90 -34.45
C HIS D 264 46.42 -13.54 -33.13
N PHE D 265 46.30 -12.28 -32.72
CA PHE D 265 46.82 -11.82 -31.43
C PHE D 265 45.63 -11.53 -30.54
N PHE D 266 45.55 -12.23 -29.41
CA PHE D 266 44.37 -12.21 -28.57
C PHE D 266 44.65 -11.60 -27.21
N MET D 267 43.59 -11.10 -26.58
CA MET D 267 43.65 -10.57 -25.22
C MET D 267 42.93 -11.54 -24.30
N PRO D 268 43.63 -12.22 -23.41
CA PRO D 268 42.99 -13.20 -22.53
C PRO D 268 42.33 -12.52 -21.33
N GLY D 269 41.49 -13.30 -20.65
CA GLY D 269 40.79 -12.81 -19.48
C GLY D 269 40.15 -13.97 -18.74
N PHE D 270 40.05 -13.80 -17.42
CA PHE D 270 39.55 -14.86 -16.55
C PHE D 270 38.48 -14.31 -15.62
N ALA D 271 37.48 -15.14 -15.35
CA ALA D 271 36.37 -14.77 -14.47
C ALA D 271 35.76 -16.04 -13.91
N PRO D 272 35.31 -16.03 -12.66
CA PRO D 272 35.32 -14.93 -11.69
C PRO D 272 36.69 -14.76 -11.07
N LEU D 273 36.97 -13.57 -10.55
CA LEU D 273 38.27 -13.27 -9.97
C LEU D 273 38.01 -12.26 -8.86
N THR D 274 37.96 -12.74 -7.62
CA THR D 274 37.47 -11.97 -6.50
C THR D 274 38.56 -11.72 -5.48
N SER D 275 38.41 -10.64 -4.72
CA SER D 275 39.27 -10.41 -3.58
C SER D 275 38.94 -11.38 -2.46
N ARG D 276 39.85 -11.49 -1.50
CA ARG D 276 39.62 -12.41 -0.38
C ARG D 276 38.43 -11.98 0.45
N GLY D 277 38.29 -10.68 0.71
CA GLY D 277 37.20 -10.20 1.53
C GLY D 277 35.93 -9.91 0.76
N SER D 278 36.05 -9.73 -0.55
CA SER D 278 34.92 -9.36 -1.38
C SER D 278 34.17 -10.54 -1.96
N GLN D 279 34.70 -11.76 -1.83
CA GLN D 279 34.04 -12.93 -2.41
C GLN D 279 32.75 -13.26 -1.68
N GLN D 280 32.55 -12.74 -0.48
CA GLN D 280 31.36 -13.00 0.31
C GLN D 280 30.16 -12.20 -0.18
N TYR D 281 30.39 -11.11 -0.92
CA TYR D 281 29.33 -10.20 -1.34
C TYR D 281 28.95 -10.37 -2.80
N ARG D 282 29.49 -11.35 -3.50
CA ARG D 282 29.24 -11.50 -4.92
C ARG D 282 28.50 -12.81 -5.20
N ALA D 283 27.42 -12.70 -5.96
CA ALA D 283 26.72 -13.87 -6.46
C ALA D 283 27.51 -14.49 -7.60
N LEU D 284 27.37 -15.81 -7.75
CA LEU D 284 28.04 -16.54 -8.83
C LEU D 284 26.99 -16.86 -9.89
N THR D 285 26.80 -15.92 -10.80
CA THR D 285 25.85 -16.06 -11.89
C THR D 285 26.54 -15.73 -13.21
N VAL D 286 25.96 -16.26 -14.30
CA VAL D 286 26.50 -15.98 -15.63
C VAL D 286 26.56 -14.48 -15.94
N PRO D 287 25.55 -13.66 -15.63
CA PRO D 287 25.66 -12.23 -15.94
C PRO D 287 26.86 -11.55 -15.28
N GLU D 288 27.19 -11.88 -14.03
CA GLU D 288 28.32 -11.20 -13.41
C GLU D 288 29.65 -11.76 -13.92
N LEU D 289 29.67 -13.03 -14.33
CA LEU D 289 30.83 -13.52 -15.08
C LEU D 289 31.04 -12.71 -16.35
N THR D 290 29.96 -12.42 -17.07
CA THR D 290 30.09 -11.64 -18.30
C THR D 290 30.52 -10.21 -18.00
N GLN D 291 30.02 -9.65 -16.89
CA GLN D 291 30.45 -8.32 -16.48
C GLN D 291 31.95 -8.29 -16.20
N GLN D 292 32.44 -9.28 -15.46
CA GLN D 292 33.87 -9.33 -15.17
C GLN D 292 34.69 -9.63 -16.41
N MET D 293 34.10 -10.31 -17.40
CA MET D 293 34.83 -10.64 -18.61
C MET D 293 34.98 -9.44 -19.53
N PHE D 294 33.88 -8.73 -19.78
CA PHE D 294 33.83 -7.76 -20.86
C PHE D 294 34.23 -6.35 -20.44
N ASP D 295 34.96 -6.17 -19.35
CA ASP D 295 35.42 -4.85 -18.96
C ASP D 295 36.92 -4.70 -19.20
N ALA D 296 37.37 -3.45 -19.27
CA ALA D 296 38.74 -3.17 -19.64
C ALA D 296 39.73 -3.60 -18.56
N LYS D 297 39.37 -3.44 -17.29
CA LYS D 297 40.32 -3.67 -16.22
C LYS D 297 40.68 -5.14 -16.05
N ASN D 298 39.83 -6.06 -16.55
CA ASN D 298 40.12 -7.47 -16.43
C ASN D 298 41.00 -8.01 -17.54
N MET D 299 41.16 -7.27 -18.63
CA MET D 299 42.04 -7.71 -19.72
C MET D 299 43.46 -7.84 -19.20
N MET D 300 44.12 -8.93 -19.59
CA MET D 300 45.50 -9.18 -19.22
C MET D 300 46.49 -8.70 -20.27
N ALA D 301 46.03 -7.95 -21.26
CA ALA D 301 46.88 -7.17 -22.13
C ALA D 301 46.70 -5.70 -21.80
N ALA D 302 47.80 -4.94 -21.79
CA ALA D 302 47.76 -3.55 -21.38
C ALA D 302 47.21 -2.66 -22.50
N CYS D 303 46.00 -3.01 -22.94
CA CYS D 303 45.32 -2.29 -23.99
C CYS D 303 43.87 -2.08 -23.60
N ASP D 304 43.31 -0.94 -23.99
CA ASP D 304 41.95 -0.60 -23.63
C ASP D 304 41.01 -1.00 -24.76
N PRO D 305 40.16 -2.00 -24.59
CA PRO D 305 39.27 -2.41 -25.69
C PRO D 305 38.28 -1.35 -26.10
N ARG D 306 38.00 -0.36 -25.26
CA ARG D 306 37.11 0.72 -25.67
C ARG D 306 37.73 1.58 -26.77
N HIS D 307 39.07 1.64 -26.82
CA HIS D 307 39.73 2.38 -27.88
C HIS D 307 39.66 1.66 -29.22
N GLY D 308 39.37 0.36 -29.21
CA GLY D 308 39.27 -0.41 -30.44
C GLY D 308 37.92 -1.08 -30.59
N ARG D 309 37.83 -2.04 -31.51
CA ARG D 309 36.59 -2.74 -31.75
C ARG D 309 36.88 -4.24 -31.83
N TYR D 310 35.98 -5.02 -31.24
CA TYR D 310 36.15 -6.47 -31.15
C TYR D 310 35.84 -7.09 -32.51
N LEU D 311 36.85 -7.67 -33.16
CA LEU D 311 36.57 -8.49 -34.33
C LEU D 311 35.80 -9.73 -33.92
N THR D 312 36.33 -10.49 -32.96
CA THR D 312 35.72 -11.70 -32.44
C THR D 312 36.16 -11.86 -30.99
N VAL D 313 35.26 -12.42 -30.16
CA VAL D 313 35.60 -12.80 -28.81
C VAL D 313 35.15 -14.24 -28.58
N ALA D 314 35.78 -14.87 -27.58
CA ALA D 314 35.45 -16.25 -27.21
C ALA D 314 35.21 -16.31 -25.72
N ALA D 315 34.12 -16.95 -25.34
CA ALA D 315 33.75 -17.11 -23.93
C ALA D 315 33.68 -18.60 -23.63
N VAL D 316 34.77 -19.15 -23.10
CA VAL D 316 34.86 -20.58 -22.80
C VAL D 316 34.39 -20.75 -21.35
N PHE D 317 33.09 -20.94 -21.18
CA PHE D 317 32.51 -21.10 -19.86
C PHE D 317 32.79 -22.49 -19.30
N ARG D 318 32.91 -22.58 -17.98
CA ARG D 318 33.18 -23.83 -17.30
C ARG D 318 32.24 -23.98 -16.11
N GLY D 319 31.72 -25.19 -15.92
CA GLY D 319 30.81 -25.49 -14.84
C GLY D 319 29.42 -25.82 -15.35
N ARG D 320 28.54 -26.12 -14.39
CA ARG D 320 27.15 -26.42 -14.71
C ARG D 320 26.40 -25.09 -14.88
N MET D 321 25.94 -24.83 -16.09
CA MET D 321 25.30 -23.58 -16.44
C MET D 321 24.06 -23.86 -17.26
N SER D 322 23.41 -22.80 -17.72
CA SER D 322 22.31 -22.89 -18.66
C SER D 322 22.71 -22.19 -19.95
N MET D 323 22.55 -22.90 -21.06
CA MET D 323 23.05 -22.39 -22.34
C MET D 323 22.28 -21.15 -22.78
N LYS D 324 20.99 -21.11 -22.50
CA LYS D 324 20.20 -19.91 -22.77
C LYS D 324 20.84 -18.67 -22.15
N GLU D 325 20.95 -18.66 -20.81
CA GLU D 325 21.46 -17.50 -20.09
C GLU D 325 22.75 -16.99 -20.71
N VAL D 326 23.64 -17.90 -21.09
CA VAL D 326 24.87 -17.53 -21.78
C VAL D 326 24.56 -16.87 -23.12
N ASP D 327 23.59 -17.42 -23.87
CA ASP D 327 23.30 -16.88 -25.20
C ASP D 327 22.74 -15.47 -25.13
N GLU D 328 21.76 -15.23 -24.26
CA GLU D 328 21.27 -13.85 -24.14
C GLU D 328 22.31 -12.93 -23.52
N GLN D 329 23.20 -13.43 -22.65
CA GLN D 329 24.27 -12.57 -22.19
C GLN D 329 25.15 -12.09 -23.33
N MET D 330 25.55 -13.02 -24.20
CA MET D 330 26.43 -12.66 -25.31
C MET D 330 25.74 -11.73 -26.30
N LEU D 331 24.49 -12.04 -26.67
CA LEU D 331 23.82 -11.20 -27.64
C LEU D 331 23.44 -9.84 -27.04
N ASN D 332 23.20 -9.79 -25.72
CA ASN D 332 22.97 -8.52 -25.06
C ASN D 332 24.22 -7.66 -25.09
N VAL D 333 25.38 -8.27 -24.85
CA VAL D 333 26.64 -7.53 -24.96
C VAL D 333 26.82 -6.99 -26.37
N GLN D 334 26.51 -7.81 -27.38
CA GLN D 334 26.62 -7.34 -28.75
C GLN D 334 25.64 -6.22 -29.06
N ASN D 335 24.44 -6.28 -28.50
CA ASN D 335 23.40 -5.30 -28.83
C ASN D 335 23.65 -3.96 -28.13
N LYS D 336 23.87 -3.97 -26.83
CA LYS D 336 24.02 -2.71 -26.09
C LYS D 336 25.30 -1.98 -26.44
N ASN D 337 26.25 -2.63 -27.10
CA ASN D 337 27.55 -2.04 -27.39
C ASN D 337 27.90 -2.27 -28.85
N SER D 338 26.96 -1.96 -29.74
CA SER D 338 27.17 -2.18 -31.17
C SER D 338 28.28 -1.32 -31.74
N SER D 339 28.64 -0.24 -31.06
CA SER D 339 29.74 0.62 -31.51
C SER D 339 31.11 0.07 -31.17
N TYR D 340 31.17 -0.99 -30.36
CA TYR D 340 32.44 -1.62 -29.99
C TYR D 340 32.67 -2.93 -30.70
N PHE D 341 31.77 -3.35 -31.59
CA PHE D 341 31.91 -4.59 -32.33
C PHE D 341 31.83 -4.26 -33.81
N VAL D 342 32.78 -4.80 -34.59
CA VAL D 342 32.80 -4.53 -36.02
C VAL D 342 31.58 -5.16 -36.68
N GLU D 343 31.00 -4.43 -37.64
CA GLU D 343 29.67 -4.75 -38.15
C GLU D 343 29.69 -5.71 -39.33
N TRP D 344 30.81 -5.88 -40.00
CA TRP D 344 30.79 -6.77 -41.16
C TRP D 344 30.92 -8.21 -40.80
N ILE D 345 30.63 -8.54 -39.54
CA ILE D 345 30.71 -9.91 -39.05
C ILE D 345 29.72 -10.04 -37.90
N PRO D 346 28.48 -10.43 -38.18
CA PRO D 346 27.50 -10.63 -37.10
C PRO D 346 27.91 -11.81 -36.23
N ASN D 347 27.40 -11.79 -34.99
CA ASN D 347 27.76 -12.77 -33.97
C ASN D 347 29.27 -12.74 -33.71
N ASN D 348 29.70 -11.63 -33.14
CA ASN D 348 31.09 -11.45 -32.79
C ASN D 348 31.54 -12.29 -31.61
N VAL D 349 30.71 -13.17 -31.03
CA VAL D 349 31.06 -13.90 -29.82
C VAL D 349 31.01 -15.40 -30.12
N LYS D 350 32.07 -16.11 -29.74
CA LYS D 350 32.10 -17.56 -29.81
C LYS D 350 31.88 -18.12 -28.41
N THR D 351 30.91 -19.02 -28.28
CA THR D 351 30.50 -19.55 -26.99
C THR D 351 30.89 -21.01 -26.87
N ALA D 352 31.60 -21.34 -25.80
CA ALA D 352 31.92 -22.72 -25.46
C ALA D 352 31.63 -22.93 -23.98
N VAL D 353 31.08 -24.09 -23.65
CA VAL D 353 30.67 -24.37 -22.28
C VAL D 353 31.17 -25.76 -21.90
N CYS D 354 31.92 -25.84 -20.81
CA CYS D 354 32.33 -27.09 -20.21
C CYS D 354 31.64 -27.28 -18.88
N ASP D 355 31.37 -28.53 -18.51
CA ASP D 355 30.62 -28.82 -17.30
C ASP D 355 31.49 -28.97 -16.06
N ILE D 356 32.79 -29.24 -16.22
CA ILE D 356 33.68 -29.47 -15.10
C ILE D 356 34.37 -28.15 -14.76
N PRO D 357 34.11 -27.56 -13.60
CA PRO D 357 34.69 -26.25 -13.28
C PRO D 357 36.04 -26.41 -12.61
N PRO D 358 36.81 -25.34 -12.47
CA PRO D 358 38.07 -25.41 -11.74
C PRO D 358 37.84 -25.72 -10.27
N ARG D 359 38.88 -26.25 -9.64
CA ARG D 359 38.79 -26.67 -8.25
C ARG D 359 38.50 -25.48 -7.35
N GLY D 360 37.52 -25.65 -6.46
CA GLY D 360 37.17 -24.62 -5.51
C GLY D 360 36.19 -23.57 -6.01
N LEU D 361 35.79 -23.63 -7.28
CA LEU D 361 34.87 -22.66 -7.85
C LEU D 361 33.68 -23.36 -8.47
N LYS D 362 32.48 -22.82 -8.22
CA LYS D 362 31.28 -23.42 -8.77
C LYS D 362 31.21 -23.26 -10.28
N MET D 363 31.69 -22.14 -10.81
CA MET D 363 31.70 -21.91 -12.24
C MET D 363 32.83 -20.94 -12.57
N SER D 364 33.21 -20.92 -13.84
CA SER D 364 34.28 -20.05 -14.30
C SER D 364 34.12 -19.82 -15.79
N ALA D 365 34.94 -18.90 -16.31
CA ALA D 365 34.94 -18.61 -17.72
C ALA D 365 36.31 -18.10 -18.12
N THR D 366 36.60 -18.18 -19.41
CA THR D 366 37.81 -17.62 -19.99
C THR D 366 37.43 -16.72 -21.15
N PHE D 367 37.84 -15.47 -21.09
CA PHE D 367 37.52 -14.49 -22.12
C PHE D 367 38.73 -14.33 -23.04
N ILE D 368 38.56 -14.71 -24.30
CA ILE D 368 39.61 -14.58 -25.31
C ILE D 368 39.08 -13.65 -26.39
N GLY D 369 39.73 -12.50 -26.55
CA GLY D 369 39.22 -11.47 -27.43
C GLY D 369 40.18 -11.03 -28.51
N ASN D 370 39.69 -10.97 -29.75
CA ASN D 370 40.48 -10.54 -30.90
C ASN D 370 40.02 -9.13 -31.28
N SER D 371 40.71 -8.12 -30.76
CA SER D 371 40.30 -6.74 -30.91
C SER D 371 41.35 -5.93 -31.65
N THR D 372 40.88 -4.85 -32.28
CA THR D 372 41.79 -3.88 -32.87
C THR D 372 42.52 -3.05 -31.83
N ALA D 373 42.11 -3.14 -30.56
CA ALA D 373 42.81 -2.47 -29.47
C ALA D 373 44.18 -3.05 -29.21
N ILE D 374 44.54 -4.15 -29.86
CA ILE D 374 45.91 -4.66 -29.77
C ILE D 374 46.89 -3.70 -30.44
N GLN D 375 46.38 -2.81 -31.32
CA GLN D 375 47.25 -2.06 -32.22
C GLN D 375 48.19 -1.11 -31.46
N GLU D 376 47.73 -0.47 -30.39
CA GLU D 376 48.60 0.50 -29.74
C GLU D 376 49.73 -0.17 -28.95
N LEU D 377 49.58 -1.45 -28.59
CA LEU D 377 50.72 -2.18 -28.04
C LEU D 377 51.87 -2.25 -29.03
N PHE D 378 51.57 -2.71 -30.25
CA PHE D 378 52.59 -2.74 -31.28
C PHE D 378 53.03 -1.34 -31.69
N LYS D 379 52.15 -0.34 -31.59
CA LYS D 379 52.57 1.03 -31.85
C LYS D 379 53.62 1.48 -30.83
N ARG D 380 53.41 1.16 -29.56
CA ARG D 380 54.38 1.51 -28.54
C ARG D 380 55.71 0.80 -28.77
N ILE D 381 55.66 -0.50 -29.04
CA ILE D 381 56.90 -1.23 -29.29
C ILE D 381 57.60 -0.69 -30.52
N SER D 382 56.83 -0.37 -31.56
CA SER D 382 57.41 0.13 -32.80
C SER D 382 58.03 1.51 -32.62
N GLU D 383 57.39 2.38 -31.83
CA GLU D 383 57.97 3.70 -31.64
C GLU D 383 59.21 3.65 -30.76
N GLN D 384 59.25 2.75 -29.78
CA GLN D 384 60.50 2.56 -29.03
C GLN D 384 61.60 1.99 -29.92
N PHE D 385 61.24 1.04 -30.79
CA PHE D 385 62.20 0.49 -31.74
C PHE D 385 62.74 1.57 -32.67
N THR D 386 61.86 2.44 -33.15
CA THR D 386 62.30 3.55 -33.99
C THR D 386 63.17 4.52 -33.21
N ALA D 387 62.83 4.79 -31.96
CA ALA D 387 63.60 5.73 -31.16
C ALA D 387 65.03 5.24 -30.97
N MET D 388 65.20 3.95 -30.67
CA MET D 388 66.56 3.46 -30.50
C MET D 388 67.26 3.20 -31.83
N PHE D 389 66.52 2.83 -32.87
CA PHE D 389 67.12 2.38 -34.11
C PHE D 389 67.55 3.53 -35.01
N ARG D 390 67.01 4.73 -34.83
CA ARG D 390 67.48 5.88 -35.61
C ARG D 390 68.93 6.21 -35.27
N ARG D 391 69.34 5.98 -34.03
CA ARG D 391 70.70 6.28 -33.60
C ARG D 391 71.52 5.03 -33.36
N LYS D 392 71.06 3.88 -33.87
CA LYS D 392 71.81 2.62 -33.82
C LYS D 392 72.15 2.23 -32.39
N ALA D 393 71.22 2.44 -31.47
CA ALA D 393 71.44 2.09 -30.08
C ALA D 393 71.47 0.56 -29.93
N PHE D 394 72.54 0.07 -29.30
CA PHE D 394 72.72 -1.36 -29.02
C PHE D 394 72.75 -2.20 -30.29
N LEU D 395 73.01 -1.59 -31.43
CA LEU D 395 73.10 -2.35 -32.68
C LEU D 395 74.35 -3.21 -32.72
N HIS D 396 75.45 -2.76 -32.12
CA HIS D 396 76.70 -3.50 -32.22
C HIS D 396 76.60 -4.86 -31.54
N TRP D 397 75.83 -4.95 -30.45
CA TRP D 397 75.64 -6.23 -29.77
C TRP D 397 74.92 -7.21 -30.67
N TYR D 398 73.95 -6.74 -31.44
CA TYR D 398 73.18 -7.64 -32.30
C TYR D 398 73.92 -7.93 -33.60
N THR D 399 74.80 -7.01 -34.03
CA THR D 399 75.49 -7.16 -35.30
C THR D 399 76.88 -7.75 -35.17
N GLY D 400 77.36 -8.01 -33.95
CA GLY D 400 78.65 -8.65 -33.80
C GLY D 400 78.65 -10.10 -34.24
N GLU D 401 77.48 -10.64 -34.54
CA GLU D 401 77.30 -12.06 -34.88
C GLU D 401 76.47 -12.26 -36.15
N GLY D 402 76.82 -11.55 -37.22
CA GLY D 402 76.32 -11.81 -38.55
C GLY D 402 74.97 -11.21 -38.88
N MET D 403 74.24 -10.75 -37.88
CA MET D 403 72.95 -10.11 -38.08
C MET D 403 73.13 -8.66 -38.52
N ASP D 404 72.31 -8.25 -39.48
CA ASP D 404 72.48 -6.96 -40.15
C ASP D 404 71.29 -6.04 -39.84
N GLU D 405 71.33 -4.84 -40.41
CA GLU D 405 70.28 -3.85 -40.19
C GLU D 405 69.08 -4.07 -41.10
N MET D 406 69.28 -4.77 -42.23
CA MET D 406 68.17 -4.96 -43.17
C MET D 406 67.07 -5.80 -42.56
N GLU D 407 67.42 -6.81 -41.78
CA GLU D 407 66.41 -7.61 -41.12
C GLU D 407 65.66 -6.78 -40.07
N PHE D 408 66.37 -5.86 -39.41
CA PHE D 408 65.72 -4.91 -38.51
C PHE D 408 64.68 -4.09 -39.25
N THR D 409 65.09 -3.54 -40.39
CA THR D 409 64.19 -2.68 -41.16
C THR D 409 62.97 -3.45 -41.64
N GLU D 410 63.17 -4.68 -42.13
CA GLU D 410 62.03 -5.44 -42.64
C GLU D 410 61.14 -5.95 -41.52
N ALA D 411 61.69 -6.28 -40.35
CA ALA D 411 60.85 -6.64 -39.22
C ALA D 411 60.00 -5.47 -38.77
N GLU D 412 60.60 -4.27 -38.69
CA GLU D 412 59.83 -3.08 -38.37
C GLU D 412 58.76 -2.79 -39.41
N SER D 413 59.10 -2.97 -40.69
CA SER D 413 58.12 -2.73 -41.74
C SER D 413 56.95 -3.72 -41.65
N ASN D 414 57.24 -4.98 -41.38
CA ASN D 414 56.19 -5.97 -41.21
C ASN D 414 55.29 -5.65 -40.03
N MET D 415 55.89 -5.22 -38.91
CA MET D 415 55.10 -4.91 -37.73
C MET D 415 54.25 -3.67 -37.95
N ASN D 416 54.80 -2.67 -38.66
CA ASN D 416 54.01 -1.50 -39.03
C ASN D 416 52.86 -1.87 -39.96
N ASP D 417 53.10 -2.79 -40.89
CA ASP D 417 52.02 -3.27 -41.75
C ASP D 417 50.93 -3.97 -40.95
N LEU D 418 51.32 -4.73 -39.94
CA LEU D 418 50.33 -5.38 -39.09
C LEU D 418 49.52 -4.35 -38.30
N VAL D 419 50.18 -3.30 -37.79
CA VAL D 419 49.46 -2.23 -37.14
C VAL D 419 48.47 -1.59 -38.10
N SER D 420 48.90 -1.36 -39.34
CA SER D 420 48.03 -0.75 -40.34
C SER D 420 46.82 -1.63 -40.65
N GLU D 421 47.00 -2.95 -40.70
CA GLU D 421 45.84 -3.78 -41.03
C GLU D 421 44.88 -3.91 -39.84
N TYR D 422 45.38 -3.93 -38.60
CA TYR D 422 44.46 -3.72 -37.48
C TYR D 422 43.68 -2.43 -37.63
N GLN D 423 44.36 -1.33 -37.93
CA GLN D 423 43.68 -0.04 -37.99
C GLN D 423 42.63 -0.03 -39.10
N GLN D 424 42.95 -0.61 -40.26
CA GLN D 424 42.03 -0.53 -41.39
C GLN D 424 40.95 -1.62 -41.38
N TYR D 425 41.09 -2.66 -40.56
CA TYR D 425 39.93 -3.47 -40.19
C TYR D 425 39.15 -2.88 -39.02
N GLN D 426 39.72 -1.91 -38.30
CA GLN D 426 38.96 -1.22 -37.28
C GLN D 426 37.94 -0.27 -37.90
N ASP D 427 38.33 0.40 -38.98
CA ASP D 427 37.52 1.42 -39.66
C ASP D 427 37.07 2.51 -38.69
N MET E 1 7.87 -54.96 -39.89
CA MET E 1 8.24 -53.99 -40.93
C MET E 1 8.13 -52.57 -40.41
N ARG E 2 7.97 -51.62 -41.33
CA ARG E 2 7.77 -50.21 -41.01
C ARG E 2 8.90 -49.67 -40.12
N GLU E 3 10.12 -50.05 -40.46
CA GLU E 3 11.29 -49.64 -39.70
C GLU E 3 11.87 -48.33 -40.26
N CYS E 4 12.54 -47.59 -39.39
CA CYS E 4 13.22 -46.37 -39.80
C CYS E 4 14.59 -46.33 -39.14
N ILE E 5 15.55 -45.71 -39.82
CA ILE E 5 16.92 -45.61 -39.35
C ILE E 5 17.17 -44.19 -38.89
N SER E 6 17.74 -44.04 -37.69
CA SER E 6 18.04 -42.74 -37.13
C SER E 6 19.53 -42.47 -37.21
N ILE E 7 19.89 -41.29 -37.73
CA ILE E 7 21.28 -40.88 -37.85
C ILE E 7 21.44 -39.58 -37.07
N HIS E 8 22.47 -39.51 -36.24
CA HIS E 8 22.75 -38.33 -35.42
C HIS E 8 24.15 -37.84 -35.72
N VAL E 9 24.25 -36.66 -36.32
CA VAL E 9 25.52 -36.09 -36.74
C VAL E 9 25.84 -34.90 -35.85
N GLY E 10 27.05 -34.87 -35.31
CA GLY E 10 27.49 -33.74 -34.52
C GLY E 10 26.99 -33.80 -33.09
N GLN E 11 27.46 -32.84 -32.30
CA GLN E 11 27.08 -32.79 -30.88
C GLN E 11 25.58 -32.58 -30.73
N ALA E 12 25.01 -31.65 -31.50
CA ALA E 12 23.59 -31.35 -31.39
C ALA E 12 22.75 -32.56 -31.77
N GLY E 13 23.07 -33.18 -32.91
CA GLY E 13 22.31 -34.34 -33.35
C GLY E 13 22.45 -35.51 -32.39
N VAL E 14 23.66 -35.75 -31.88
CA VAL E 14 23.88 -36.88 -31.00
C VAL E 14 23.15 -36.68 -29.67
N GLN E 15 23.19 -35.48 -29.11
CA GLN E 15 22.50 -35.25 -27.84
C GLN E 15 20.98 -35.28 -28.02
N ILE E 16 20.49 -34.72 -29.14
CA ILE E 16 19.06 -34.83 -29.45
C ILE E 16 18.67 -36.30 -29.58
N GLY E 17 19.55 -37.11 -30.17
CA GLY E 17 19.30 -38.54 -30.25
C GLY E 17 19.32 -39.22 -28.90
N ASN E 18 20.19 -38.77 -27.99
CA ASN E 18 20.17 -39.30 -26.63
C ASN E 18 18.81 -39.05 -25.98
N ALA E 19 18.31 -37.83 -26.13
CA ALA E 19 16.97 -37.53 -25.61
C ALA E 19 15.91 -38.39 -26.29
N CYS E 20 16.00 -38.52 -27.62
CA CYS E 20 15.00 -39.29 -28.36
C CYS E 20 15.00 -40.75 -27.93
N TRP E 21 16.16 -41.34 -27.74
CA TRP E 21 16.24 -42.74 -27.39
C TRP E 21 15.88 -42.99 -25.94
N GLU E 22 16.19 -42.05 -25.04
CA GLU E 22 15.63 -42.13 -23.70
C GLU E 22 14.11 -42.09 -23.75
N LEU E 23 13.54 -41.22 -24.57
CA LEU E 23 12.10 -41.13 -24.69
C LEU E 23 11.49 -42.41 -25.25
N TYR E 24 12.14 -42.99 -26.27
CA TYR E 24 11.63 -44.24 -26.84
C TYR E 24 11.71 -45.38 -25.83
N CYS E 25 12.82 -45.47 -25.10
CA CYS E 25 12.96 -46.54 -24.11
C CYS E 25 11.93 -46.41 -23.01
N LEU E 26 11.64 -45.18 -22.58
CA LEU E 26 10.55 -45.00 -21.62
C LEU E 26 9.19 -45.28 -22.25
N GLU E 27 9.05 -45.04 -23.55
CA GLU E 27 7.74 -45.16 -24.19
C GLU E 27 7.37 -46.62 -24.45
N HIS E 28 8.34 -47.44 -24.85
CA HIS E 28 8.10 -48.82 -25.19
C HIS E 28 8.47 -49.79 -24.07
N GLY E 29 8.87 -49.29 -22.92
CA GLY E 29 9.23 -50.15 -21.81
C GLY E 29 10.64 -50.71 -21.87
N ILE E 30 11.44 -50.30 -22.85
CA ILE E 30 12.81 -50.79 -22.95
C ILE E 30 13.63 -50.20 -21.81
N GLN E 31 14.35 -51.07 -21.10
CA GLN E 31 15.25 -50.64 -20.06
C GLN E 31 16.55 -50.12 -20.68
N PRO E 32 17.36 -49.39 -19.91
CA PRO E 32 18.63 -48.91 -20.45
C PRO E 32 19.54 -49.99 -20.99
N ASP E 33 19.48 -51.20 -20.44
CA ASP E 33 20.28 -52.31 -20.94
C ASP E 33 19.63 -53.03 -22.10
N GLY E 34 18.52 -52.52 -22.62
CA GLY E 34 17.84 -53.14 -23.73
C GLY E 34 16.93 -54.28 -23.38
N GLN E 35 16.69 -54.54 -22.10
CA GLN E 35 15.84 -55.63 -21.67
C GLN E 35 14.43 -55.15 -21.46
N MET E 36 13.46 -55.95 -21.92
CA MET E 36 12.06 -55.64 -21.70
C MET E 36 11.53 -56.54 -20.60
N PRO E 37 11.23 -56.00 -19.40
CA PRO E 37 10.70 -56.81 -18.30
C PRO E 37 9.21 -57.11 -18.45
N ASP E 47 6.61 -56.78 -31.57
CA ASP E 47 5.39 -56.00 -31.50
C ASP E 47 5.53 -54.68 -32.23
N SER E 48 5.32 -53.58 -31.50
CA SER E 48 5.36 -52.24 -32.06
C SER E 48 6.71 -51.56 -31.92
N PHE E 49 7.68 -52.21 -31.27
CA PHE E 49 9.00 -51.63 -31.11
C PHE E 49 9.88 -51.83 -32.34
N ASN E 50 9.41 -52.58 -33.35
CA ASN E 50 10.21 -52.83 -34.53
C ASN E 50 10.48 -51.57 -35.35
N THR E 51 9.74 -50.50 -35.12
CA THR E 51 9.99 -49.25 -35.85
C THR E 51 11.35 -48.67 -35.49
N PHE E 52 11.79 -48.85 -34.24
CA PHE E 52 13.05 -48.28 -33.78
C PHE E 52 14.00 -49.27 -33.14
N PHE E 53 13.52 -50.39 -32.61
CA PHE E 53 14.38 -51.37 -31.94
C PHE E 53 14.36 -52.68 -32.72
N SER E 54 15.55 -53.24 -32.94
CA SER E 54 15.70 -54.52 -33.60
C SER E 54 16.04 -55.57 -32.56
N GLU E 55 15.16 -56.57 -32.40
CA GLU E 55 15.34 -57.58 -31.38
C GLU E 55 16.45 -58.54 -31.79
N THR E 56 17.48 -58.64 -30.95
CA THR E 56 18.64 -59.47 -31.24
C THR E 56 18.81 -60.49 -30.13
N GLY E 57 19.05 -61.74 -30.53
CA GLY E 57 19.27 -62.80 -29.56
C GLY E 57 18.06 -63.09 -28.70
N ALA E 58 18.22 -62.97 -27.39
CA ALA E 58 17.16 -63.28 -26.44
C ALA E 58 16.95 -62.08 -25.52
N GLY E 59 15.81 -61.42 -25.68
CA GLY E 59 15.42 -60.35 -24.76
C GLY E 59 16.24 -59.09 -24.87
N LYS E 60 16.96 -58.90 -25.98
CA LYS E 60 17.78 -57.73 -26.20
C LYS E 60 17.18 -56.92 -27.34
N HIS E 61 16.90 -55.65 -27.07
CA HIS E 61 16.32 -54.74 -28.07
C HIS E 61 17.39 -53.73 -28.45
N VAL E 62 17.86 -53.80 -29.68
CA VAL E 62 18.95 -52.97 -30.18
C VAL E 62 18.34 -51.81 -30.95
N PRO E 63 18.59 -50.56 -30.57
CA PRO E 63 18.04 -49.43 -31.31
C PRO E 63 18.56 -49.39 -32.74
N ARG E 64 17.66 -49.03 -33.66
CA ARG E 64 18.02 -48.86 -35.06
C ARG E 64 18.48 -47.41 -35.29
N ALA E 65 19.66 -47.13 -34.75
CA ALA E 65 20.24 -45.81 -34.80
C ALA E 65 21.68 -45.89 -35.28
N VAL E 66 22.31 -44.73 -35.39
CA VAL E 66 23.74 -44.63 -35.65
C VAL E 66 24.20 -43.26 -35.15
N PHE E 67 25.28 -43.22 -34.39
CA PHE E 67 25.77 -42.00 -33.76
C PHE E 67 27.11 -41.67 -34.39
N VAL E 68 27.10 -40.75 -35.34
CA VAL E 68 28.29 -40.43 -36.13
C VAL E 68 28.76 -39.05 -35.72
N ASP E 69 30.05 -38.95 -35.38
CA ASP E 69 30.59 -37.69 -34.90
C ASP E 69 32.10 -37.72 -35.09
N LEU E 70 32.67 -36.55 -35.37
CA LEU E 70 34.08 -36.44 -35.68
C LEU E 70 34.95 -36.17 -34.46
N GLU E 71 34.37 -35.83 -33.31
CA GLU E 71 35.18 -35.70 -32.11
C GLU E 71 34.69 -36.68 -31.05
N PRO E 72 35.61 -37.26 -30.25
CA PRO E 72 35.23 -38.38 -29.39
C PRO E 72 34.40 -38.00 -28.18
N THR E 73 34.35 -36.72 -27.80
CA THR E 73 33.86 -36.35 -26.47
C THR E 73 32.41 -36.77 -26.26
N VAL E 74 31.53 -36.40 -27.19
CA VAL E 74 30.10 -36.65 -26.99
C VAL E 74 29.79 -38.13 -27.13
N ILE E 75 30.35 -38.78 -28.14
CA ILE E 75 30.11 -40.21 -28.33
C ILE E 75 30.71 -41.01 -27.18
N ASP E 76 31.86 -40.57 -26.64
CA ASP E 76 32.40 -41.23 -25.47
C ASP E 76 31.52 -41.02 -24.24
N GLU E 77 30.92 -39.85 -24.11
CA GLU E 77 29.98 -39.62 -23.02
C GLU E 77 28.80 -40.57 -23.12
N VAL E 78 28.32 -40.80 -24.35
CA VAL E 78 27.25 -41.79 -24.54
C VAL E 78 27.76 -43.21 -24.27
N ARG E 79 29.01 -43.49 -24.62
CA ARG E 79 29.57 -44.84 -24.52
C ARG E 79 29.71 -45.31 -23.07
N THR E 80 29.84 -44.40 -22.12
CA THR E 80 30.01 -44.76 -20.72
C THR E 80 28.88 -44.23 -19.85
N GLY E 81 27.80 -43.76 -20.44
CA GLY E 81 26.68 -43.24 -19.69
C GLY E 81 25.73 -44.33 -19.26
N THR E 82 24.49 -43.94 -18.96
CA THR E 82 23.49 -44.89 -18.51
C THR E 82 23.15 -45.89 -19.62
N TYR E 83 23.19 -45.45 -20.87
CA TYR E 83 22.81 -46.27 -22.01
C TYR E 83 24.01 -46.93 -22.69
N ARG E 84 25.05 -47.25 -21.92
CA ARG E 84 26.23 -47.88 -22.51
C ARG E 84 25.91 -49.23 -23.10
N GLN E 85 24.89 -49.91 -22.59
CA GLN E 85 24.54 -51.25 -23.03
C GLN E 85 23.40 -51.27 -24.04
N LEU E 86 22.66 -50.18 -24.17
CA LEU E 86 21.60 -50.12 -25.18
C LEU E 86 22.18 -50.25 -26.58
N PHE E 87 23.25 -49.53 -26.86
CA PHE E 87 23.88 -49.48 -28.17
C PHE E 87 25.04 -50.47 -28.21
N HIS E 88 25.13 -51.26 -29.26
CA HIS E 88 26.36 -51.99 -29.50
C HIS E 88 27.46 -51.01 -29.92
N PRO E 89 28.71 -51.30 -29.54
CA PRO E 89 29.79 -50.32 -29.80
C PRO E 89 29.98 -49.99 -31.27
N GLU E 90 29.73 -50.93 -32.17
CA GLU E 90 29.89 -50.66 -33.60
C GLU E 90 28.89 -49.63 -34.10
N GLN E 91 27.80 -49.42 -33.37
CA GLN E 91 26.76 -48.48 -33.79
C GLN E 91 27.19 -47.04 -33.59
N LEU E 92 28.08 -46.77 -32.63
CA LEU E 92 28.54 -45.42 -32.33
C LEU E 92 29.90 -45.22 -32.98
N ILE E 93 29.95 -44.37 -34.01
CA ILE E 93 31.15 -44.15 -34.80
C ILE E 93 31.79 -42.83 -34.38
N THR E 94 33.10 -42.85 -34.23
CA THR E 94 33.88 -41.71 -33.75
C THR E 94 35.11 -41.51 -34.61
N GLY E 95 35.41 -40.25 -34.93
CA GLY E 95 36.62 -39.88 -35.63
C GLY E 95 37.74 -39.52 -34.68
N LYS E 96 38.64 -38.67 -35.16
CA LYS E 96 39.75 -38.17 -34.35
C LYS E 96 39.64 -36.67 -34.10
N GLU E 97 39.51 -35.88 -35.16
CA GLU E 97 39.45 -34.43 -35.07
C GLU E 97 38.07 -33.96 -35.50
N ASP E 98 37.52 -32.99 -34.79
CA ASP E 98 36.24 -32.43 -35.17
C ASP E 98 36.41 -31.54 -36.39
N ALA E 99 35.29 -31.25 -37.05
CA ALA E 99 35.33 -30.35 -38.20
C ALA E 99 35.65 -28.92 -37.77
N ALA E 100 35.51 -28.61 -36.49
CA ALA E 100 35.84 -27.30 -35.95
C ALA E 100 35.10 -26.18 -36.67
N ASN E 101 33.77 -26.32 -36.71
CA ASN E 101 32.88 -25.33 -37.34
C ASN E 101 33.30 -25.01 -38.77
N ASN E 102 33.73 -26.03 -39.50
CA ASN E 102 34.07 -25.89 -40.92
C ASN E 102 33.19 -26.85 -41.71
N TYR E 103 32.40 -26.29 -42.64
CA TYR E 103 31.76 -27.13 -43.65
C TYR E 103 32.83 -27.84 -44.47
N ALA E 104 33.92 -27.14 -44.78
CA ALA E 104 34.96 -27.70 -45.64
C ALA E 104 35.63 -28.90 -44.98
N ARG E 105 35.96 -28.78 -43.69
CA ARG E 105 36.66 -29.89 -43.02
C ARG E 105 35.79 -31.13 -42.99
N GLY E 106 34.57 -31.01 -42.47
CA GLY E 106 33.70 -32.16 -42.31
C GLY E 106 33.12 -32.68 -43.60
N HIS E 107 33.19 -31.89 -44.67
CA HIS E 107 32.72 -32.34 -45.98
C HIS E 107 33.82 -32.90 -46.85
N TYR E 108 35.07 -32.48 -46.64
CA TYR E 108 36.16 -32.78 -47.55
C TYR E 108 37.29 -33.57 -46.90
N THR E 109 37.82 -33.10 -45.77
CA THR E 109 39.04 -33.68 -45.23
C THR E 109 38.78 -34.71 -44.13
N ILE E 110 38.09 -34.31 -43.07
CA ILE E 110 37.80 -35.27 -42.01
C ILE E 110 36.63 -36.17 -42.39
N GLY E 111 35.72 -35.68 -43.23
CA GLY E 111 34.58 -36.50 -43.61
C GLY E 111 34.96 -37.69 -44.47
N LYS E 112 35.95 -37.53 -45.34
CA LYS E 112 36.26 -38.58 -46.31
C LYS E 112 36.86 -39.81 -45.66
N GLU E 113 37.51 -39.68 -44.50
CA GLU E 113 38.14 -40.82 -43.85
C GLU E 113 37.18 -41.61 -42.97
N ILE E 114 35.92 -41.17 -42.86
CA ILE E 114 34.94 -41.83 -42.02
C ILE E 114 33.63 -42.12 -42.75
N ILE E 115 33.48 -41.64 -43.98
CA ILE E 115 32.19 -41.77 -44.67
C ILE E 115 31.92 -43.21 -45.06
N ASP E 116 32.95 -43.95 -45.48
CA ASP E 116 32.74 -45.33 -45.91
C ASP E 116 32.28 -46.21 -44.74
N LEU E 117 32.87 -46.00 -43.56
CA LEU E 117 32.51 -46.79 -42.39
C LEU E 117 31.07 -46.53 -41.99
N VAL E 118 30.66 -45.26 -41.96
CA VAL E 118 29.29 -44.97 -41.56
C VAL E 118 28.32 -45.48 -42.61
N LEU E 119 28.69 -45.41 -43.89
CA LEU E 119 27.82 -45.91 -44.94
C LEU E 119 27.63 -47.42 -44.86
N ASP E 120 28.70 -48.19 -44.63
CA ASP E 120 28.48 -49.63 -44.55
C ASP E 120 27.83 -50.05 -43.24
N ARG E 121 28.02 -49.27 -42.17
CA ARG E 121 27.26 -49.51 -40.96
C ARG E 121 25.77 -49.29 -41.20
N ILE E 122 25.41 -48.22 -41.90
CA ILE E 122 24.01 -48.00 -42.26
C ILE E 122 23.52 -49.10 -43.19
N ARG E 123 24.39 -49.61 -44.07
CA ARG E 123 24.01 -50.69 -44.97
C ARG E 123 23.64 -51.94 -44.19
N LYS E 124 24.51 -52.37 -43.28
CA LYS E 124 24.21 -53.57 -42.51
C LYS E 124 23.20 -53.32 -41.40
N LEU E 125 22.83 -52.07 -41.15
CA LEU E 125 21.67 -51.79 -40.31
C LEU E 125 20.37 -51.80 -41.09
N ALA E 126 20.43 -51.53 -42.40
CA ALA E 126 19.24 -51.42 -43.23
C ALA E 126 18.88 -52.70 -43.94
N ASP E 127 19.85 -53.57 -44.23
CA ASP E 127 19.51 -54.87 -44.80
C ASP E 127 18.84 -55.77 -43.77
N GLN E 128 18.98 -55.46 -42.48
CA GLN E 128 18.35 -56.24 -41.43
C GLN E 128 16.85 -56.02 -41.40
N CYS E 129 16.39 -54.80 -41.60
CA CYS E 129 14.96 -54.48 -41.58
C CYS E 129 14.35 -54.69 -42.95
N THR E 130 13.23 -55.42 -42.98
CA THR E 130 12.57 -55.77 -44.23
C THR E 130 11.51 -54.75 -44.66
N GLY E 131 11.22 -53.76 -43.84
CA GLY E 131 10.21 -52.78 -44.18
C GLY E 131 10.70 -51.36 -43.98
N LEU E 132 11.96 -51.11 -44.32
CA LEU E 132 12.55 -49.78 -44.12
C LEU E 132 11.76 -48.74 -44.88
N GLN E 133 11.45 -47.63 -44.21
CA GLN E 133 10.68 -46.55 -44.79
C GLN E 133 11.47 -45.27 -44.97
N GLY E 134 12.11 -44.77 -43.92
CA GLY E 134 12.82 -43.52 -44.01
C GLY E 134 14.03 -43.47 -43.11
N PHE E 135 14.86 -42.47 -43.34
CA PHE E 135 16.00 -42.17 -42.50
C PHE E 135 15.71 -40.89 -41.71
N LEU E 136 15.98 -40.94 -40.41
CA LEU E 136 15.88 -39.77 -39.55
C LEU E 136 17.29 -39.26 -39.31
N VAL E 137 17.60 -38.08 -39.86
CA VAL E 137 18.92 -37.49 -39.76
C VAL E 137 18.83 -36.29 -38.84
N PHE E 138 19.63 -36.29 -37.77
CA PHE E 138 19.63 -35.22 -36.79
C PHE E 138 20.97 -34.52 -36.83
N HIS E 139 20.95 -33.20 -37.01
CA HIS E 139 22.17 -32.41 -37.06
C HIS E 139 21.80 -30.95 -36.85
N SER E 140 22.81 -30.08 -36.94
CA SER E 140 22.63 -28.64 -36.81
C SER E 140 23.28 -27.94 -37.98
N PHE E 141 22.64 -26.87 -38.44
CA PHE E 141 23.13 -26.09 -39.56
C PHE E 141 24.35 -25.24 -39.22
N GLY E 142 24.69 -25.12 -37.93
CA GLY E 142 25.79 -24.28 -37.54
C GLY E 142 27.12 -25.00 -37.44
N GLY E 143 27.10 -26.23 -36.94
CA GLY E 143 28.33 -26.95 -36.72
C GLY E 143 29.01 -27.37 -38.00
N GLY E 144 30.33 -27.55 -37.91
CA GLY E 144 31.08 -28.02 -39.06
C GLY E 144 30.69 -29.43 -39.48
N THR E 145 30.60 -30.34 -38.51
CA THR E 145 30.18 -31.69 -38.82
C THR E 145 28.73 -31.72 -39.29
N GLY E 146 27.83 -31.11 -38.52
CA GLY E 146 26.41 -31.15 -38.82
C GLY E 146 26.04 -30.52 -40.14
N SER E 147 26.94 -29.73 -40.73
CA SER E 147 26.77 -29.26 -42.10
C SER E 147 27.50 -30.16 -43.09
N GLY E 148 28.83 -30.26 -42.97
CA GLY E 148 29.61 -30.92 -44.00
C GLY E 148 29.40 -32.41 -44.05
N PHE E 149 29.56 -33.08 -42.91
CA PHE E 149 29.45 -34.52 -42.91
C PHE E 149 28.01 -34.96 -43.15
N THR E 150 27.04 -34.17 -42.66
CA THR E 150 25.64 -34.46 -42.97
C THR E 150 25.37 -34.32 -44.46
N SER E 151 25.92 -33.29 -45.11
CA SER E 151 25.73 -33.14 -46.55
C SER E 151 26.33 -34.31 -47.31
N LEU E 152 27.55 -34.70 -46.95
CA LEU E 152 28.19 -35.83 -47.59
C LEU E 152 27.39 -37.10 -47.39
N LEU E 153 26.91 -37.33 -46.18
CA LEU E 153 26.14 -38.53 -45.88
C LEU E 153 24.81 -38.53 -46.63
N MET E 154 24.15 -37.38 -46.72
CA MET E 154 22.90 -37.32 -47.48
C MET E 154 23.13 -37.58 -48.96
N GLU E 155 24.24 -37.06 -49.51
CA GLU E 155 24.55 -37.36 -50.91
C GLU E 155 24.80 -38.86 -51.11
N ARG E 156 25.56 -39.48 -50.21
CA ARG E 156 25.81 -40.91 -50.33
C ARG E 156 24.52 -41.71 -50.17
N LEU E 157 23.66 -41.29 -49.25
CA LEU E 157 22.38 -41.97 -49.06
C LEU E 157 21.51 -41.85 -50.30
N SER E 158 21.52 -40.68 -50.94
CA SER E 158 20.74 -40.51 -52.17
C SER E 158 21.27 -41.38 -53.29
N VAL E 159 22.59 -41.46 -53.45
CA VAL E 159 23.12 -42.26 -54.55
C VAL E 159 23.00 -43.76 -54.25
N ASP E 160 22.92 -44.15 -52.98
CA ASP E 160 22.86 -45.56 -52.63
C ASP E 160 21.41 -46.05 -52.59
N TYR E 161 20.59 -45.45 -51.74
CA TYR E 161 19.22 -45.92 -51.55
C TYR E 161 18.27 -45.32 -52.59
N GLY E 162 18.28 -43.99 -52.72
CA GLY E 162 17.50 -43.35 -53.75
C GLY E 162 16.09 -43.01 -53.34
N LYS E 163 15.14 -43.87 -53.73
CA LYS E 163 13.72 -43.60 -53.50
C LYS E 163 13.33 -43.70 -52.03
N LYS E 164 14.20 -44.22 -51.17
CA LYS E 164 13.89 -44.29 -49.75
C LYS E 164 13.84 -42.89 -49.16
N SER E 165 12.81 -42.62 -48.35
CA SER E 165 12.61 -41.30 -47.81
C SER E 165 13.70 -40.94 -46.81
N LYS E 166 13.93 -39.63 -46.67
CA LYS E 166 14.96 -39.12 -45.77
C LYS E 166 14.42 -37.88 -45.06
N LEU E 167 13.96 -38.06 -43.83
CA LEU E 167 13.45 -36.97 -43.02
C LEU E 167 14.57 -36.38 -42.18
N GLU E 168 14.67 -35.06 -42.17
CA GLU E 168 15.79 -34.35 -41.60
C GLU E 168 15.31 -33.44 -40.47
N PHE E 169 16.01 -33.48 -39.34
CA PHE E 169 15.75 -32.61 -38.21
C PHE E 169 16.96 -31.69 -38.03
N SER E 170 16.71 -30.39 -38.02
CA SER E 170 17.78 -29.41 -38.04
C SER E 170 17.69 -28.47 -36.85
N ILE E 171 18.79 -27.79 -36.58
CA ILE E 171 18.82 -26.69 -35.62
C ILE E 171 19.17 -25.42 -36.37
N TYR E 172 18.16 -24.69 -36.80
CA TYR E 172 18.38 -23.49 -37.59
C TYR E 172 18.92 -22.38 -36.70
N PRO E 173 19.99 -21.69 -37.12
CA PRO E 173 20.50 -20.57 -36.32
C PRO E 173 19.48 -19.44 -36.21
N ALA E 174 19.49 -18.81 -35.05
CA ALA E 174 18.54 -17.77 -34.70
C ALA E 174 19.03 -16.41 -35.17
N PRO E 175 18.13 -15.43 -35.29
CA PRO E 175 18.57 -14.06 -35.58
C PRO E 175 19.52 -13.50 -34.52
N GLN E 176 19.29 -13.80 -33.25
CA GLN E 176 20.12 -13.28 -32.17
C GLN E 176 20.89 -14.36 -31.44
N VAL E 177 20.22 -15.42 -31.01
CA VAL E 177 20.88 -16.50 -30.28
C VAL E 177 21.74 -17.28 -31.27
N SER E 178 23.04 -17.01 -31.28
CA SER E 178 23.93 -17.66 -32.22
C SER E 178 25.27 -17.88 -31.54
N THR E 179 25.80 -19.09 -31.66
CA THR E 179 27.02 -19.48 -30.95
C THR E 179 28.27 -19.29 -31.81
N ALA E 180 28.30 -19.94 -32.97
CA ALA E 180 29.49 -19.88 -33.80
C ALA E 180 29.54 -18.58 -34.59
N VAL E 181 30.75 -18.05 -34.74
CA VAL E 181 30.96 -16.86 -35.55
C VAL E 181 30.75 -17.18 -37.03
N VAL E 182 31.18 -18.37 -37.47
CA VAL E 182 31.16 -18.71 -38.89
C VAL E 182 29.95 -19.55 -39.28
N GLU E 183 28.97 -19.72 -38.39
CA GLU E 183 27.86 -20.62 -38.69
C GLU E 183 26.93 -20.18 -39.82
N PRO E 184 26.77 -18.88 -40.15
CA PRO E 184 26.01 -18.58 -41.37
C PRO E 184 26.66 -19.13 -42.63
N TYR E 185 27.99 -19.19 -42.68
CA TYR E 185 28.66 -19.84 -43.79
C TYR E 185 28.23 -21.30 -43.91
N ASN E 186 28.24 -22.01 -42.77
CA ASN E 186 27.86 -23.40 -42.76
C ASN E 186 26.41 -23.59 -43.16
N SER E 187 25.53 -22.71 -42.70
CA SER E 187 24.12 -22.83 -43.04
C SER E 187 23.88 -22.56 -44.53
N ILE E 188 24.59 -21.60 -45.11
CA ILE E 188 24.43 -21.34 -46.53
C ILE E 188 25.00 -22.50 -47.36
N LEU E 189 26.10 -23.09 -46.89
CA LEU E 189 26.72 -24.16 -47.65
C LEU E 189 25.92 -25.47 -47.56
N THR E 190 25.28 -25.74 -46.44
CA THR E 190 24.61 -27.04 -46.29
C THR E 190 23.31 -27.13 -47.08
N THR E 191 22.60 -26.02 -47.26
CA THR E 191 21.32 -26.08 -47.95
C THR E 191 21.50 -26.39 -49.44
N HIS E 192 22.65 -26.02 -50.01
CA HIS E 192 22.92 -26.26 -51.41
C HIS E 192 22.97 -27.74 -51.76
N THR E 193 23.09 -28.62 -50.77
CA THR E 193 22.97 -30.05 -50.95
C THR E 193 21.74 -30.64 -50.28
N THR E 194 21.31 -30.05 -49.16
CA THR E 194 20.07 -30.49 -48.52
C THR E 194 18.87 -30.33 -49.44
N LEU E 195 18.92 -29.37 -50.37
CA LEU E 195 17.83 -29.19 -51.32
C LEU E 195 17.65 -30.43 -52.18
N GLU E 196 18.75 -30.96 -52.74
CA GLU E 196 18.64 -32.06 -53.67
C GLU E 196 18.59 -33.42 -53.01
N HIS E 197 19.22 -33.58 -51.84
CA HIS E 197 19.37 -34.90 -51.25
C HIS E 197 18.45 -35.17 -50.06
N SER E 198 17.63 -34.20 -49.65
CA SER E 198 16.67 -34.40 -48.57
C SER E 198 15.29 -34.04 -49.07
N ASP E 199 14.35 -34.98 -48.99
CA ASP E 199 13.00 -34.75 -49.45
C ASP E 199 12.08 -34.20 -48.37
N CYS E 200 12.57 -34.04 -47.14
CA CYS E 200 11.83 -33.35 -46.10
C CYS E 200 12.81 -32.90 -45.03
N ALA E 201 12.76 -31.62 -44.68
CA ALA E 201 13.67 -31.04 -43.70
C ALA E 201 12.88 -30.28 -42.66
N PHE E 202 13.04 -30.63 -41.39
CA PHE E 202 12.35 -29.96 -40.30
C PHE E 202 13.28 -28.92 -39.68
N MET E 203 12.72 -27.74 -39.40
CA MET E 203 13.48 -26.62 -38.87
C MET E 203 13.07 -26.38 -37.43
N VAL E 204 14.04 -26.37 -36.54
CA VAL E 204 13.83 -26.01 -35.13
C VAL E 204 14.93 -25.04 -34.73
N ASP E 205 14.53 -23.92 -34.12
CA ASP E 205 15.47 -22.88 -33.72
C ASP E 205 15.64 -22.91 -32.21
N ASN E 206 16.89 -22.80 -31.77
CA ASN E 206 17.18 -22.85 -30.35
C ASN E 206 16.53 -21.70 -29.59
N GLU E 207 16.49 -20.52 -30.21
CA GLU E 207 15.91 -19.35 -29.54
C GLU E 207 14.42 -19.54 -29.29
N ALA E 208 13.71 -20.14 -30.25
CA ALA E 208 12.28 -20.35 -30.08
C ALA E 208 12.01 -21.34 -28.96
N ILE E 209 12.82 -22.39 -28.84
CA ILE E 209 12.63 -23.34 -27.75
C ILE E 209 12.98 -22.68 -26.42
N TYR E 210 14.01 -21.82 -26.40
CA TYR E 210 14.31 -21.02 -25.22
C TYR E 210 13.09 -20.24 -24.77
N ASP E 211 12.45 -19.57 -25.71
CA ASP E 211 11.33 -18.69 -25.37
C ASP E 211 10.12 -19.51 -24.93
N ILE E 212 9.89 -20.65 -25.58
CA ILE E 212 8.83 -21.57 -25.17
C ILE E 212 9.06 -22.05 -23.75
N CYS E 213 10.30 -22.44 -23.45
CA CYS E 213 10.61 -22.91 -22.10
C CYS E 213 10.43 -21.79 -21.08
N ARG E 214 10.72 -20.56 -21.47
CA ARG E 214 10.58 -19.45 -20.53
C ARG E 214 9.13 -19.15 -20.22
N ARG E 215 8.28 -19.04 -21.26
CA ARG E 215 6.89 -18.70 -21.00
C ARG E 215 6.08 -19.91 -20.58
N ASN E 216 5.96 -20.90 -21.46
CA ASN E 216 5.05 -22.01 -21.21
C ASN E 216 5.52 -22.92 -20.08
N LEU E 217 6.82 -23.15 -19.98
CA LEU E 217 7.36 -24.08 -18.99
C LEU E 217 7.90 -23.38 -17.76
N ASP E 218 7.70 -22.06 -17.66
CA ASP E 218 8.19 -21.15 -16.63
C ASP E 218 9.54 -21.58 -16.07
N ILE E 219 10.49 -21.87 -16.96
CA ILE E 219 11.86 -22.16 -16.59
C ILE E 219 12.68 -20.90 -16.82
N GLU E 220 13.38 -20.45 -15.78
CA GLU E 220 14.20 -19.25 -15.91
C GLU E 220 15.48 -19.54 -16.68
N ARG E 221 16.04 -20.74 -16.50
CA ARG E 221 17.38 -21.07 -17.01
C ARG E 221 17.39 -22.42 -17.72
N PRO E 222 16.72 -22.50 -18.88
CA PRO E 222 16.74 -23.75 -19.64
C PRO E 222 18.09 -23.99 -20.29
N THR E 223 18.52 -25.24 -20.28
CA THR E 223 19.74 -25.68 -20.94
C THR E 223 19.37 -26.75 -21.98
N TYR E 224 20.39 -27.28 -22.65
CA TYR E 224 20.17 -28.14 -23.81
C TYR E 224 19.39 -29.41 -23.50
N THR E 225 19.34 -29.85 -22.24
CA THR E 225 18.55 -31.05 -21.96
C THR E 225 17.06 -30.81 -22.21
N ASN E 226 16.55 -29.64 -21.85
CA ASN E 226 15.15 -29.35 -22.12
C ASN E 226 14.91 -29.12 -23.61
N LEU E 227 15.87 -28.50 -24.28
CA LEU E 227 15.84 -28.34 -25.74
C LEU E 227 15.65 -29.69 -26.41
N ASN E 228 16.52 -30.65 -26.08
CA ASN E 228 16.46 -31.95 -26.69
C ASN E 228 15.25 -32.74 -26.22
N ARG E 229 14.74 -32.46 -25.01
CA ARG E 229 13.51 -33.11 -24.57
C ARG E 229 12.33 -32.68 -25.44
N LEU E 230 12.20 -31.39 -25.70
CA LEU E 230 11.12 -30.93 -26.58
C LEU E 230 11.29 -31.47 -27.99
N ILE E 231 12.53 -31.46 -28.51
CA ILE E 231 12.75 -31.99 -29.85
C ILE E 231 12.43 -33.48 -29.91
N SER E 232 12.78 -34.22 -28.87
CA SER E 232 12.47 -35.64 -28.81
C SER E 232 10.98 -35.87 -28.76
N GLN E 233 10.24 -35.03 -28.04
CA GLN E 233 8.79 -35.13 -28.05
C GLN E 233 8.24 -34.90 -29.45
N ILE E 234 8.82 -33.95 -30.18
CA ILE E 234 8.42 -33.71 -31.56
C ILE E 234 8.62 -34.97 -32.41
N VAL E 235 9.81 -35.58 -32.30
CA VAL E 235 10.11 -36.76 -33.11
C VAL E 235 9.21 -37.93 -32.72
N SER E 236 8.94 -38.07 -31.43
CA SER E 236 8.04 -39.14 -30.98
C SER E 236 6.64 -38.94 -31.53
N SER E 237 6.17 -37.69 -31.56
CA SER E 237 4.87 -37.42 -32.17
C SER E 237 4.88 -37.72 -33.66
N ILE E 238 6.02 -37.48 -34.33
CA ILE E 238 6.12 -37.82 -35.74
C ILE E 238 5.97 -39.33 -35.95
N THR E 239 6.66 -40.12 -35.13
CA THR E 239 6.77 -41.56 -35.35
C THR E 239 5.74 -42.38 -34.57
N ALA E 240 4.85 -41.73 -33.83
CA ALA E 240 3.83 -42.47 -33.10
C ALA E 240 2.91 -43.26 -34.03
N SER E 241 2.67 -42.75 -35.23
CA SER E 241 1.81 -43.47 -36.17
C SER E 241 2.42 -44.80 -36.58
N LEU E 242 3.74 -44.84 -36.78
CA LEU E 242 4.41 -46.11 -37.04
C LEU E 242 4.44 -46.97 -35.79
N ARG E 243 4.75 -46.38 -34.64
CA ARG E 243 4.99 -47.16 -33.44
C ARG E 243 3.72 -47.59 -32.72
N PHE E 244 2.55 -47.14 -33.16
CA PHE E 244 1.29 -47.49 -32.51
C PHE E 244 0.21 -47.58 -33.56
N ASP E 245 -1.04 -47.58 -33.10
CA ASP E 245 -2.20 -47.58 -33.98
C ASP E 245 -3.12 -46.43 -33.61
N GLY E 246 -3.91 -45.98 -34.58
CA GLY E 246 -4.78 -44.84 -34.38
C GLY E 246 -5.95 -44.88 -35.33
N ALA E 247 -6.91 -43.98 -35.11
CA ALA E 247 -8.04 -43.86 -36.00
C ALA E 247 -7.60 -43.41 -37.39
N LEU E 248 -6.70 -42.44 -37.45
CA LEU E 248 -6.09 -42.00 -38.70
C LEU E 248 -4.58 -42.11 -38.55
N ASN E 249 -3.94 -42.82 -39.47
CA ASN E 249 -2.51 -43.09 -39.40
C ASN E 249 -1.78 -42.34 -40.51
N VAL E 250 -0.61 -41.80 -40.17
CA VAL E 250 0.18 -40.99 -41.09
C VAL E 250 1.52 -41.69 -41.26
N ASP E 251 1.75 -42.26 -42.44
CA ASP E 251 3.04 -42.82 -42.77
C ASP E 251 3.99 -41.70 -43.20
N LEU E 252 5.27 -42.02 -43.29
CA LEU E 252 6.26 -41.02 -43.71
C LEU E 252 6.02 -40.60 -45.16
N THR E 253 5.75 -41.55 -46.05
CA THR E 253 5.40 -41.20 -47.43
C THR E 253 4.07 -40.46 -47.48
N GLU E 254 3.11 -40.90 -46.69
CA GLU E 254 1.87 -40.16 -46.47
C GLU E 254 2.16 -38.72 -46.09
N PHE E 255 3.06 -38.54 -45.13
CA PHE E 255 3.42 -37.23 -44.63
C PHE E 255 4.00 -36.36 -45.73
N GLN E 256 4.95 -36.89 -46.49
CA GLN E 256 5.59 -36.14 -47.56
C GLN E 256 4.60 -35.75 -48.65
N THR E 257 3.77 -36.70 -49.07
CA THR E 257 2.81 -36.40 -50.13
C THR E 257 1.81 -35.34 -49.69
N ASN E 258 1.32 -35.43 -48.47
CA ASN E 258 0.33 -34.46 -48.02
C ASN E 258 0.96 -33.13 -47.65
N LEU E 259 2.26 -33.07 -47.43
CA LEU E 259 2.87 -31.86 -46.91
C LEU E 259 3.62 -31.06 -47.97
N VAL E 260 4.44 -31.72 -48.78
CA VAL E 260 5.38 -31.05 -49.68
C VAL E 260 4.67 -30.77 -50.99
N PRO E 261 4.43 -29.52 -51.37
CA PRO E 261 3.71 -29.22 -52.61
C PRO E 261 4.62 -29.15 -53.84
N TYR E 262 5.86 -28.74 -53.65
CA TYR E 262 6.82 -28.59 -54.73
C TYR E 262 8.14 -29.21 -54.30
N PRO E 263 8.92 -29.75 -55.24
CA PRO E 263 10.13 -30.50 -54.83
C PRO E 263 11.12 -29.67 -54.04
N ARG E 264 11.28 -28.39 -54.35
CA ARG E 264 12.23 -27.56 -53.61
C ARG E 264 11.67 -27.06 -52.29
N ILE E 265 10.35 -27.02 -52.14
CA ILE E 265 9.71 -26.50 -50.93
C ILE E 265 9.46 -27.71 -50.03
N HIS E 266 10.45 -28.05 -49.23
CA HIS E 266 10.34 -29.19 -48.32
C HIS E 266 10.89 -28.82 -46.95
N PHE E 267 10.55 -27.64 -46.45
CA PHE E 267 11.03 -27.14 -45.16
C PHE E 267 9.84 -26.74 -44.32
N PRO E 268 9.10 -27.70 -43.78
CA PRO E 268 7.97 -27.36 -42.91
C PRO E 268 8.42 -26.79 -41.59
N LEU E 269 7.46 -26.17 -40.90
CA LEU E 269 7.69 -25.54 -39.61
C LEU E 269 6.93 -26.33 -38.55
N ALA E 270 7.67 -26.98 -37.66
CA ALA E 270 7.06 -27.80 -36.63
C ALA E 270 6.61 -26.96 -35.45
N THR E 271 5.75 -27.56 -34.62
CA THR E 271 5.33 -26.98 -33.36
C THR E 271 4.69 -28.09 -32.52
N TYR E 272 4.67 -27.89 -31.21
CA TYR E 272 4.13 -28.86 -30.28
C TYR E 272 3.16 -28.18 -29.34
N ALA E 273 2.04 -28.84 -29.08
CA ALA E 273 1.03 -28.32 -28.17
C ALA E 273 0.20 -29.47 -27.65
N PRO E 274 -0.17 -29.49 -26.38
CA PRO E 274 0.16 -28.50 -25.36
C PRO E 274 1.46 -28.83 -24.65
N VAL E 275 2.40 -27.89 -24.65
CA VAL E 275 3.62 -28.01 -23.86
C VAL E 275 3.48 -26.98 -22.73
N ILE E 276 3.49 -27.46 -21.48
CA ILE E 276 3.05 -26.65 -20.36
C ILE E 276 3.67 -27.23 -19.09
N SER E 277 3.72 -26.42 -18.04
CA SER E 277 4.31 -26.83 -16.78
C SER E 277 3.39 -27.83 -16.08
N ALA E 278 3.84 -28.30 -14.91
CA ALA E 278 3.02 -29.19 -14.12
C ALA E 278 1.87 -28.43 -13.46
N GLU E 279 2.20 -27.44 -12.64
CA GLU E 279 1.17 -26.69 -11.92
C GLU E 279 0.29 -25.87 -12.84
N LYS E 280 0.74 -25.59 -14.06
CA LYS E 280 -0.07 -24.80 -14.98
C LYS E 280 -1.13 -25.64 -15.69
N ALA E 281 -1.04 -26.97 -15.60
CA ALA E 281 -1.96 -27.83 -16.32
C ALA E 281 -3.16 -28.26 -15.47
N TYR E 282 -3.09 -28.13 -14.15
CA TYR E 282 -4.22 -28.51 -13.32
C TYR E 282 -5.41 -27.59 -13.56
N HIS E 283 -5.16 -26.30 -13.75
CA HIS E 283 -6.23 -25.35 -14.02
C HIS E 283 -6.64 -25.30 -15.48
N GLU E 284 -5.87 -25.93 -16.37
CA GLU E 284 -6.12 -25.83 -17.80
C GLU E 284 -7.01 -26.97 -18.27
N GLN E 285 -8.00 -26.63 -19.08
CA GLN E 285 -8.84 -27.61 -19.77
C GLN E 285 -8.25 -27.80 -21.16
N LEU E 286 -7.37 -28.78 -21.29
CA LEU E 286 -6.58 -28.94 -22.52
C LEU E 286 -7.39 -29.69 -23.57
N SER E 287 -8.38 -28.98 -24.10
CA SER E 287 -9.25 -29.54 -25.11
C SER E 287 -8.56 -29.55 -26.48
N VAL E 288 -9.16 -30.29 -27.42
CA VAL E 288 -8.60 -30.40 -28.76
C VAL E 288 -8.61 -29.04 -29.46
N ALA E 289 -9.72 -28.30 -29.32
CA ALA E 289 -9.85 -27.03 -30.01
C ALA E 289 -8.79 -26.03 -29.55
N GLU E 290 -8.55 -25.96 -28.25
CA GLU E 290 -7.63 -24.94 -27.75
C GLU E 290 -6.18 -25.26 -28.06
N ILE E 291 -5.79 -26.54 -28.05
CA ILE E 291 -4.42 -26.87 -28.43
C ILE E 291 -4.22 -26.68 -29.93
N THR E 292 -5.24 -26.99 -30.72
CA THR E 292 -5.15 -26.71 -32.16
C THR E 292 -5.01 -25.22 -32.42
N ASN E 293 -5.76 -24.39 -31.67
CA ASN E 293 -5.59 -22.95 -31.79
C ASN E 293 -4.19 -22.53 -31.38
N ALA E 294 -3.67 -23.10 -30.29
CA ALA E 294 -2.33 -22.77 -29.82
C ALA E 294 -1.25 -23.18 -30.81
N CYS E 295 -1.53 -24.16 -31.67
CA CYS E 295 -0.55 -24.54 -32.68
C CYS E 295 -0.28 -23.40 -33.65
N PHE E 296 -1.32 -22.65 -34.01
CA PHE E 296 -1.18 -21.55 -34.95
C PHE E 296 -0.76 -20.24 -34.29
N GLU E 297 -0.60 -20.23 -32.97
CA GLU E 297 -0.26 -19.01 -32.27
C GLU E 297 1.21 -18.66 -32.54
N PRO E 298 1.53 -17.40 -32.85
CA PRO E 298 2.88 -17.07 -33.31
C PRO E 298 3.98 -17.35 -32.29
N ALA E 299 3.69 -17.19 -31.01
CA ALA E 299 4.74 -17.36 -30.01
C ALA E 299 5.03 -18.82 -29.68
N ASN E 300 4.25 -19.75 -30.22
CA ASN E 300 4.44 -21.17 -29.95
C ASN E 300 5.09 -21.90 -31.13
N GLN E 301 5.90 -21.19 -31.91
CA GLN E 301 6.57 -21.80 -33.05
C GLN E 301 7.94 -22.30 -32.65
N MET E 302 8.39 -23.36 -33.32
CA MET E 302 9.70 -23.93 -33.05
C MET E 302 10.83 -23.11 -33.70
N VAL E 303 10.50 -22.15 -34.55
CA VAL E 303 11.49 -21.27 -35.19
C VAL E 303 11.00 -19.84 -35.05
N LYS E 304 11.91 -18.93 -34.74
CA LYS E 304 11.55 -17.52 -34.58
C LYS E 304 11.19 -16.96 -35.95
N CYS E 305 9.89 -16.92 -36.24
CA CYS E 305 9.38 -16.34 -37.47
C CYS E 305 7.90 -16.06 -37.26
N ASP E 306 7.43 -15.00 -37.90
CA ASP E 306 6.06 -14.55 -37.68
C ASP E 306 5.16 -15.15 -38.75
N PRO E 307 4.25 -16.06 -38.40
CA PRO E 307 3.39 -16.67 -39.43
C PRO E 307 2.45 -15.68 -40.10
N ARG E 308 2.16 -14.54 -39.48
CA ARG E 308 1.25 -13.58 -40.09
C ARG E 308 1.85 -13.01 -41.37
N HIS E 309 3.18 -12.83 -41.41
CA HIS E 309 3.83 -12.29 -42.59
C HIS E 309 3.75 -13.21 -43.79
N GLY E 310 3.63 -14.52 -43.56
CA GLY E 310 3.49 -15.47 -44.63
C GLY E 310 2.09 -16.05 -44.70
N LYS E 311 1.92 -16.96 -45.64
CA LYS E 311 0.66 -17.68 -45.82
C LYS E 311 0.93 -19.17 -45.80
N TYR E 312 0.10 -19.91 -45.06
CA TYR E 312 0.27 -21.35 -44.95
C TYR E 312 -0.02 -22.03 -46.28
N MET E 313 0.80 -23.03 -46.61
CA MET E 313 0.64 -23.81 -47.83
C MET E 313 0.09 -25.20 -47.57
N ALA E 314 0.57 -25.88 -46.53
CA ALA E 314 0.04 -27.17 -46.12
C ALA E 314 0.54 -27.49 -44.72
N CYS E 315 -0.38 -27.79 -43.79
CA CYS E 315 -0.02 -28.10 -42.42
C CYS E 315 -0.62 -29.44 -42.03
N CYS E 316 0.20 -30.31 -41.43
CA CYS E 316 -0.20 -31.64 -41.02
C CYS E 316 -0.38 -31.67 -39.51
N LEU E 317 -1.53 -32.15 -39.07
CA LEU E 317 -1.88 -32.21 -37.65
C LEU E 317 -1.74 -33.65 -37.18
N LEU E 318 -0.95 -33.86 -36.15
CA LEU E 318 -0.69 -35.20 -35.61
C LEU E 318 -1.18 -35.24 -34.16
N TYR E 319 -2.47 -35.54 -34.00
CA TYR E 319 -3.05 -35.67 -32.67
C TYR E 319 -2.66 -37.01 -32.06
N ARG E 320 -2.49 -37.01 -30.74
CA ARG E 320 -2.21 -38.25 -30.03
C ARG E 320 -2.83 -38.20 -28.64
N GLY E 321 -3.41 -39.32 -28.23
CA GLY E 321 -4.06 -39.41 -26.93
C GLY E 321 -5.55 -39.63 -27.02
N ASP E 322 -6.30 -39.02 -26.11
CA ASP E 322 -7.76 -39.11 -26.11
C ASP E 322 -8.33 -38.04 -27.04
N VAL E 323 -8.25 -38.33 -28.34
CA VAL E 323 -8.67 -37.40 -29.37
C VAL E 323 -9.64 -38.10 -30.31
N VAL E 324 -10.77 -37.47 -30.58
CA VAL E 324 -11.75 -38.00 -31.52
C VAL E 324 -11.67 -37.17 -32.81
N PRO E 325 -12.10 -37.68 -33.96
CA PRO E 325 -12.03 -36.88 -35.19
C PRO E 325 -12.93 -35.65 -35.19
N LYS E 326 -13.98 -35.60 -34.37
CA LYS E 326 -14.98 -34.55 -34.50
C LYS E 326 -14.48 -33.22 -33.98
N ASP E 327 -13.93 -33.18 -32.76
CA ASP E 327 -13.38 -31.92 -32.29
C ASP E 327 -12.15 -31.53 -33.08
N VAL E 328 -11.45 -32.51 -33.68
CA VAL E 328 -10.44 -32.20 -34.66
C VAL E 328 -11.03 -31.40 -35.82
N ASN E 329 -12.14 -31.89 -36.37
CA ASN E 329 -12.77 -31.22 -37.51
C ASN E 329 -13.31 -29.86 -37.11
N ALA E 330 -13.86 -29.74 -35.91
CA ALA E 330 -14.35 -28.45 -35.44
C ALA E 330 -13.20 -27.46 -35.28
N ALA E 331 -12.07 -27.91 -34.76
CA ALA E 331 -10.90 -27.03 -34.63
C ALA E 331 -10.40 -26.59 -36.00
N ILE E 332 -10.37 -27.53 -36.96
CA ILE E 332 -9.95 -27.18 -38.31
C ILE E 332 -10.89 -26.16 -38.92
N ALA E 333 -12.19 -26.34 -38.71
CA ALA E 333 -13.17 -25.38 -39.23
C ALA E 333 -12.97 -24.00 -38.61
N THR E 334 -12.75 -23.95 -37.29
CA THR E 334 -12.54 -22.67 -36.63
C THR E 334 -11.27 -21.99 -37.14
N ILE E 335 -10.22 -22.77 -37.40
CA ILE E 335 -9.02 -22.20 -37.99
C ILE E 335 -9.31 -21.66 -39.37
N LYS E 336 -10.11 -22.38 -40.16
CA LYS E 336 -10.48 -21.90 -41.49
C LYS E 336 -11.29 -20.62 -41.41
N THR E 337 -12.08 -20.43 -40.36
CA THR E 337 -12.87 -19.21 -40.22
C THR E 337 -12.07 -18.03 -39.70
N LYS E 338 -10.84 -18.25 -39.22
CA LYS E 338 -10.05 -17.16 -38.68
C LYS E 338 -9.35 -16.40 -39.80
N ARG E 339 -9.51 -15.08 -39.81
CA ARG E 339 -8.91 -14.26 -40.86
C ARG E 339 -7.42 -14.06 -40.65
N SER E 340 -6.95 -14.12 -39.41
CA SER E 340 -5.53 -13.91 -39.16
C SER E 340 -4.68 -15.03 -39.75
N ILE E 341 -5.18 -16.26 -39.72
CA ILE E 341 -4.49 -17.39 -40.34
C ILE E 341 -4.87 -17.41 -41.82
N GLN E 342 -3.90 -17.15 -42.68
CA GLN E 342 -4.13 -17.07 -44.12
C GLN E 342 -3.50 -18.26 -44.81
N PHE E 343 -4.28 -18.89 -45.70
CA PHE E 343 -3.80 -19.99 -46.52
C PHE E 343 -3.60 -19.54 -47.95
N VAL E 344 -2.75 -20.26 -48.67
CA VAL E 344 -2.59 -20.01 -50.09
C VAL E 344 -3.88 -20.39 -50.81
N ASP E 345 -4.21 -19.62 -51.86
CA ASP E 345 -5.45 -19.86 -52.57
C ASP E 345 -5.42 -21.17 -53.33
N TRP E 346 -4.26 -21.61 -53.79
CA TRP E 346 -4.15 -22.82 -54.60
C TRP E 346 -4.20 -24.09 -53.78
N CYS E 347 -4.47 -24.00 -52.48
CA CYS E 347 -4.62 -25.16 -51.60
C CYS E 347 -5.91 -24.99 -50.80
N PRO E 348 -7.05 -25.32 -51.40
CA PRO E 348 -8.33 -25.13 -50.69
C PRO E 348 -8.42 -25.91 -49.39
N THR E 349 -7.86 -27.12 -49.35
CA THR E 349 -7.71 -27.87 -48.11
C THR E 349 -6.23 -28.11 -47.87
N GLY E 350 -5.72 -27.57 -46.77
CA GLY E 350 -4.31 -27.69 -46.46
C GLY E 350 -4.09 -28.33 -45.11
N PHE E 351 -4.90 -29.32 -44.78
CA PHE E 351 -4.89 -29.94 -43.46
C PHE E 351 -4.76 -31.44 -43.61
N LYS E 352 -3.64 -32.00 -43.16
CA LYS E 352 -3.46 -33.43 -43.02
C LYS E 352 -3.63 -33.79 -41.55
N VAL E 353 -4.49 -34.76 -41.28
CA VAL E 353 -4.95 -35.03 -39.92
C VAL E 353 -4.63 -36.47 -39.56
N GLY E 354 -3.98 -36.67 -38.41
CA GLY E 354 -3.73 -38.00 -37.88
C GLY E 354 -3.96 -38.08 -36.39
N ILE E 355 -4.60 -39.16 -35.94
CA ILE E 355 -4.90 -39.38 -34.53
C ILE E 355 -4.28 -40.70 -34.11
N ASN E 356 -3.56 -40.68 -32.98
CA ASN E 356 -2.96 -41.87 -32.40
C ASN E 356 -3.52 -42.07 -31.00
N TYR E 357 -3.95 -43.30 -30.69
CA TYR E 357 -4.50 -43.56 -29.37
C TYR E 357 -3.46 -43.45 -28.26
N GLN E 358 -2.18 -43.56 -28.58
CA GLN E 358 -1.15 -43.56 -27.54
C GLN E 358 -0.93 -42.14 -27.02
N PRO E 359 -1.12 -41.89 -25.73
CA PRO E 359 -0.81 -40.57 -25.18
C PRO E 359 0.68 -40.36 -25.11
N PRO E 360 1.14 -39.11 -25.07
CA PRO E 360 2.58 -38.85 -24.99
C PRO E 360 3.12 -39.20 -23.61
N THR E 361 4.10 -40.09 -23.57
CA THR E 361 4.70 -40.46 -22.30
C THR E 361 5.56 -39.31 -21.77
N VAL E 362 5.78 -39.34 -20.45
CA VAL E 362 6.50 -38.28 -19.74
C VAL E 362 7.84 -38.82 -19.26
N VAL E 363 8.89 -38.07 -19.54
CA VAL E 363 10.23 -38.44 -19.07
C VAL E 363 10.35 -38.15 -17.58
N PRO E 364 10.83 -39.08 -16.77
CA PRO E 364 11.08 -38.76 -15.36
C PRO E 364 12.08 -37.62 -15.24
N GLY E 365 11.76 -36.65 -14.38
CA GLY E 365 12.56 -35.45 -14.26
C GLY E 365 12.32 -34.43 -15.33
N GLY E 366 11.41 -34.68 -16.26
CA GLY E 366 11.13 -33.71 -17.30
C GLY E 366 10.32 -32.53 -16.82
N ASP E 367 10.51 -31.40 -17.50
CA ASP E 367 9.79 -30.18 -17.12
C ASP E 367 8.32 -30.26 -17.50
N LEU E 368 8.03 -30.73 -18.72
CA LEU E 368 6.65 -30.76 -19.20
C LEU E 368 5.83 -31.80 -18.44
N ALA E 369 4.57 -31.48 -18.22
CA ALA E 369 3.68 -32.33 -17.42
C ALA E 369 3.11 -33.46 -18.27
N LYS E 370 2.13 -34.16 -17.70
CA LYS E 370 1.41 -35.20 -18.42
C LYS E 370 0.06 -34.65 -18.87
N VAL E 371 -0.34 -35.02 -20.08
CA VAL E 371 -1.54 -34.50 -20.72
C VAL E 371 -2.22 -35.64 -21.47
N GLN E 372 -3.55 -35.58 -21.50
CA GLN E 372 -4.31 -36.60 -22.23
C GLN E 372 -4.23 -36.41 -23.73
N ARG E 373 -3.94 -35.19 -24.20
CA ARG E 373 -3.88 -34.90 -25.62
C ARG E 373 -2.59 -34.16 -25.94
N ALA E 374 -2.13 -34.32 -27.18
CA ALA E 374 -0.97 -33.60 -27.66
C ALA E 374 -1.04 -33.49 -29.18
N VAL E 375 -0.55 -32.38 -29.71
CA VAL E 375 -0.58 -32.10 -31.14
C VAL E 375 0.83 -31.74 -31.58
N CYS E 376 1.25 -32.26 -32.73
CA CYS E 376 2.49 -31.83 -33.39
C CYS E 376 2.11 -31.38 -34.79
N MET E 377 1.92 -30.08 -34.98
CA MET E 377 1.61 -29.53 -36.28
C MET E 377 2.89 -29.18 -37.02
N LEU E 378 2.94 -29.54 -38.30
CA LEU E 378 4.05 -29.22 -39.17
C LEU E 378 3.50 -28.50 -40.38
N SER E 379 3.83 -27.22 -40.51
CA SER E 379 3.23 -26.37 -41.53
C SER E 379 4.28 -25.91 -42.53
N ASN E 380 4.01 -26.13 -43.81
CA ASN E 380 4.76 -25.47 -44.88
C ASN E 380 4.17 -24.07 -45.05
N THR E 381 4.95 -23.06 -44.70
CA THR E 381 4.50 -21.68 -44.81
C THR E 381 5.58 -20.84 -45.45
N THR E 382 5.16 -19.78 -46.12
CA THR E 382 6.10 -18.84 -46.72
C THR E 382 6.77 -17.95 -45.69
N ALA E 383 6.44 -18.12 -44.40
CA ALA E 383 7.04 -17.30 -43.36
C ALA E 383 8.52 -17.60 -43.16
N ILE E 384 8.98 -18.80 -43.51
CA ILE E 384 10.40 -19.14 -43.36
C ILE E 384 11.27 -18.38 -44.34
N ALA E 385 10.66 -17.73 -45.34
CA ALA E 385 11.44 -16.99 -46.32
C ALA E 385 12.22 -15.85 -45.67
N GLU E 386 11.61 -15.15 -44.70
CA GLU E 386 12.32 -14.05 -44.06
C GLU E 386 13.36 -14.56 -43.06
N ALA E 387 13.09 -15.68 -42.39
CA ALA E 387 14.09 -16.29 -41.52
C ALA E 387 15.30 -16.75 -42.31
N TRP E 388 15.11 -17.07 -43.58
CA TRP E 388 16.23 -17.38 -44.46
C TRP E 388 16.85 -16.13 -45.08
N ALA E 389 16.06 -15.08 -45.29
CA ALA E 389 16.59 -13.83 -45.81
C ALA E 389 17.55 -13.18 -44.82
N ARG E 390 17.26 -13.26 -43.52
CA ARG E 390 18.19 -12.70 -42.54
C ARG E 390 19.53 -13.46 -42.56
N LEU E 391 19.47 -14.79 -42.69
CA LEU E 391 20.69 -15.58 -42.82
C LEU E 391 21.44 -15.23 -44.10
N ASP E 392 20.71 -14.99 -45.18
CA ASP E 392 21.32 -14.55 -46.43
C ASP E 392 22.04 -13.22 -46.24
N HIS E 393 21.42 -12.29 -45.52
CA HIS E 393 22.05 -11.00 -45.26
C HIS E 393 23.32 -11.15 -44.43
N LYS E 394 23.29 -12.02 -43.41
CA LYS E 394 24.48 -12.27 -42.61
C LYS E 394 25.60 -12.86 -43.48
N PHE E 395 25.26 -13.82 -44.32
CA PHE E 395 26.25 -14.42 -45.21
C PHE E 395 26.85 -13.38 -46.14
N ASP E 396 26.00 -12.51 -46.71
CA ASP E 396 26.50 -11.48 -47.61
C ASP E 396 27.43 -10.52 -46.88
N LEU E 397 27.06 -10.13 -45.65
CA LEU E 397 27.88 -9.20 -44.90
C LEU E 397 29.26 -9.78 -44.63
N MET E 398 29.34 -11.05 -44.25
CA MET E 398 30.68 -11.60 -44.02
C MET E 398 31.41 -11.89 -45.32
N TYR E 399 30.70 -12.28 -46.38
CA TYR E 399 31.36 -12.69 -47.61
C TYR E 399 31.83 -11.50 -48.45
N ALA E 400 31.30 -10.30 -48.20
CA ALA E 400 31.80 -9.13 -48.90
C ALA E 400 33.27 -8.87 -48.55
N LYS E 401 33.65 -9.07 -47.30
CA LYS E 401 35.02 -8.86 -46.85
C LYS E 401 35.89 -10.10 -46.97
N ARG E 402 35.33 -11.21 -47.45
CA ARG E 402 36.04 -12.49 -47.52
C ARG E 402 36.57 -12.91 -46.16
N ALA E 403 35.72 -12.83 -45.14
CA ALA E 403 36.11 -13.23 -43.80
C ALA E 403 36.00 -14.74 -43.65
N PHE E 404 37.02 -15.34 -43.04
CA PHE E 404 37.08 -16.77 -42.73
C PHE E 404 37.08 -17.66 -43.96
N VAL E 405 37.10 -17.06 -45.15
CA VAL E 405 37.08 -17.86 -46.36
C VAL E 405 38.40 -18.59 -46.55
N HIS E 406 39.49 -18.03 -46.03
CA HIS E 406 40.78 -18.71 -46.14
C HIS E 406 40.76 -20.04 -45.37
N TRP E 407 40.06 -20.09 -44.25
CA TRP E 407 39.93 -21.36 -43.52
C TRP E 407 39.23 -22.40 -44.38
N TYR E 408 38.14 -22.03 -45.05
CA TYR E 408 37.37 -22.99 -45.83
C TYR E 408 38.14 -23.43 -47.08
N VAL E 409 38.76 -22.48 -47.79
CA VAL E 409 39.53 -22.83 -48.98
C VAL E 409 40.85 -23.49 -48.64
N GLY E 410 41.24 -23.50 -47.36
CA GLY E 410 42.48 -24.17 -46.99
C GLY E 410 42.38 -25.68 -46.99
N GLU E 411 41.18 -26.23 -47.07
CA GLU E 411 41.00 -27.67 -47.06
C GLU E 411 40.03 -28.14 -48.15
N GLY E 412 40.21 -27.65 -49.38
CA GLY E 412 39.56 -28.27 -50.53
C GLY E 412 38.33 -27.58 -51.07
N MET E 413 38.04 -26.35 -50.64
CA MET E 413 36.88 -25.63 -51.15
C MET E 413 37.35 -24.47 -52.02
N GLU E 414 36.51 -24.07 -52.97
CA GLU E 414 36.79 -22.93 -53.82
C GLU E 414 35.81 -21.79 -53.51
N GLU E 415 36.15 -20.60 -54.01
CA GLU E 415 35.25 -19.45 -53.89
C GLU E 415 33.96 -19.72 -54.65
N GLY E 416 34.04 -20.49 -55.73
CA GLY E 416 32.86 -20.81 -56.52
C GLY E 416 31.82 -21.56 -55.72
N GLU E 417 32.25 -22.36 -54.74
CA GLU E 417 31.30 -23.03 -53.86
C GLU E 417 30.45 -22.03 -53.10
N PHE E 418 31.10 -21.01 -52.53
CA PHE E 418 30.36 -19.97 -51.82
C PHE E 418 29.43 -19.22 -52.76
N SER E 419 29.93 -18.86 -53.95
CA SER E 419 29.10 -18.10 -54.88
C SER E 419 27.88 -18.90 -55.33
N GLU E 420 28.07 -20.19 -55.64
CA GLU E 420 26.96 -20.98 -56.12
C GLU E 420 25.97 -21.29 -55.00
N ALA E 421 26.45 -21.49 -53.77
CA ALA E 421 25.53 -21.65 -52.65
C ALA E 421 24.70 -20.40 -52.44
N ARG E 422 25.34 -19.23 -52.53
CA ARG E 422 24.62 -17.98 -52.35
C ARG E 422 23.56 -17.79 -53.43
N GLU E 423 23.92 -18.03 -54.70
CA GLU E 423 22.95 -17.82 -55.76
C GLU E 423 21.84 -18.86 -55.71
N ASP E 424 22.15 -20.09 -55.30
CA ASP E 424 21.12 -21.09 -55.11
C ASP E 424 20.14 -20.67 -54.01
N MET E 425 20.66 -20.12 -52.92
CA MET E 425 19.78 -19.68 -51.84
C MET E 425 18.90 -18.52 -52.29
N ALA E 426 19.46 -17.60 -53.10
CA ALA E 426 18.65 -16.51 -53.64
C ALA E 426 17.59 -17.02 -54.59
N ALA E 427 17.92 -18.02 -55.41
CA ALA E 427 16.93 -18.62 -56.29
C ALA E 427 15.82 -19.28 -55.49
N LEU E 428 16.17 -19.92 -54.38
CA LEU E 428 15.16 -20.48 -53.49
C LEU E 428 14.27 -19.39 -52.90
N GLU E 429 14.86 -18.25 -52.55
CA GLU E 429 14.06 -17.13 -52.04
C GLU E 429 13.08 -16.65 -53.10
N LYS E 430 13.53 -16.55 -54.35
CA LYS E 430 12.62 -16.21 -55.43
C LYS E 430 11.52 -17.26 -55.57
N ASP E 431 11.87 -18.53 -55.37
CA ASP E 431 10.90 -19.62 -55.44
C ASP E 431 9.81 -19.45 -54.39
N TYR E 432 10.21 -19.16 -53.15
CA TYR E 432 9.21 -18.97 -52.09
C TYR E 432 8.38 -17.72 -52.36
N GLU E 433 9.00 -16.66 -52.85
CA GLU E 433 8.24 -15.46 -53.18
C GLU E 433 7.19 -15.73 -54.25
N GLU E 434 7.54 -16.49 -55.29
CA GLU E 434 6.60 -16.69 -56.38
C GLU E 434 5.52 -17.71 -56.01
N VAL E 435 5.83 -18.68 -55.15
CA VAL E 435 4.77 -19.59 -54.72
C VAL E 435 3.85 -18.91 -53.73
N GLY E 436 4.35 -17.89 -53.02
CA GLY E 436 3.50 -17.16 -52.09
C GLY E 436 2.39 -16.37 -52.78
N VAL E 437 2.72 -15.71 -53.90
CA VAL E 437 1.76 -14.84 -54.55
C VAL E 437 0.62 -15.65 -55.14
N ASP E 438 -0.59 -15.08 -55.09
CA ASP E 438 -1.78 -15.77 -55.56
C ASP E 438 -1.91 -15.64 -57.08
N SER E 439 -3.03 -16.09 -57.62
CA SER E 439 -3.25 -16.07 -59.06
C SER E 439 -4.40 -15.14 -59.43
N MET F 1 -18.54 12.50 26.23
CA MET F 1 -19.98 12.60 26.40
C MET F 1 -20.29 13.51 27.59
N ARG F 2 -20.53 14.80 27.31
CA ARG F 2 -20.70 15.82 28.34
C ARG F 2 -19.49 15.90 29.26
N GLU F 3 -18.30 15.82 28.68
CA GLU F 3 -17.07 15.79 29.45
C GLU F 3 -16.71 17.16 30.00
N ILE F 4 -15.86 17.17 31.02
CA ILE F 4 -15.46 18.39 31.71
C ILE F 4 -13.94 18.46 31.72
N VAL F 5 -13.40 19.61 31.33
CA VAL F 5 -11.98 19.86 31.40
C VAL F 5 -11.67 20.55 32.72
N HIS F 6 -10.77 19.97 33.51
CA HIS F 6 -10.41 20.48 34.82
C HIS F 6 -9.09 21.22 34.73
N ILE F 7 -9.04 22.41 35.31
CA ILE F 7 -7.83 23.23 35.32
C ILE F 7 -7.54 23.67 36.75
N GLN F 8 -6.27 23.63 37.12
CA GLN F 8 -5.80 24.07 38.43
C GLN F 8 -4.80 25.19 38.26
N ALA F 9 -4.97 26.27 39.02
CA ALA F 9 -4.06 27.39 38.97
C ALA F 9 -3.62 27.75 40.38
N GLY F 10 -2.34 28.01 40.55
CA GLY F 10 -1.81 28.37 41.85
C GLY F 10 -1.67 27.18 42.77
N GLN F 11 -1.06 27.43 43.93
CA GLN F 11 -0.82 26.36 44.89
C GLN F 11 -2.13 25.84 45.47
N CYS F 12 -3.01 26.75 45.90
CA CYS F 12 -4.27 26.33 46.49
C CYS F 12 -5.13 25.58 45.47
N GLY F 13 -5.22 26.11 44.25
CA GLY F 13 -5.97 25.43 43.21
C GLY F 13 -5.40 24.07 42.89
N ASN F 14 -4.06 23.98 42.81
CA ASN F 14 -3.42 22.70 42.51
C ASN F 14 -3.71 21.67 43.59
N GLN F 15 -3.59 22.07 44.86
CA GLN F 15 -3.82 21.12 45.95
C GLN F 15 -5.28 20.71 46.05
N ILE F 16 -6.20 21.67 45.89
CA ILE F 16 -7.62 21.34 45.93
C ILE F 16 -7.99 20.41 44.78
N GLY F 17 -7.46 20.68 43.59
CA GLY F 17 -7.71 19.80 42.46
C GLY F 17 -7.10 18.42 42.66
N ALA F 18 -5.92 18.36 43.30
CA ALA F 18 -5.30 17.07 43.56
C ALA F 18 -6.15 16.24 44.52
N LYS F 19 -6.68 16.87 45.57
CA LYS F 19 -7.57 16.14 46.47
C LYS F 19 -8.87 15.77 45.77
N PHE F 20 -9.34 16.62 44.86
CA PHE F 20 -10.53 16.30 44.07
C PHE F 20 -10.29 15.07 43.21
N TRP F 21 -9.12 14.97 42.59
CA TRP F 21 -8.81 13.80 41.78
C TRP F 21 -8.64 12.56 42.65
N GLU F 22 -8.05 12.72 43.84
CA GLU F 22 -8.04 11.64 44.82
C GLU F 22 -9.44 11.08 45.05
N VAL F 23 -10.36 11.96 45.48
CA VAL F 23 -11.68 11.49 45.87
C VAL F 23 -12.47 10.98 44.67
N ILE F 24 -12.25 11.55 43.49
CA ILE F 24 -13.04 11.12 42.33
C ILE F 24 -12.49 9.86 41.69
N SER F 25 -11.18 9.58 41.84
CA SER F 25 -10.65 8.29 41.43
C SER F 25 -11.03 7.22 42.43
N ASP F 26 -11.13 7.57 43.71
CA ASP F 26 -11.71 6.64 44.68
C ASP F 26 -13.15 6.33 44.31
N GLU F 27 -13.91 7.36 43.93
CA GLU F 27 -15.31 7.16 43.56
C GLU F 27 -15.44 6.30 42.31
N HIS F 28 -14.60 6.54 41.31
CA HIS F 28 -14.66 5.80 40.05
C HIS F 28 -13.79 4.55 40.05
N GLY F 29 -13.15 4.22 41.17
CA GLY F 29 -12.36 3.00 41.26
C GLY F 29 -11.12 2.98 40.38
N ILE F 30 -10.35 4.06 40.36
CA ILE F 30 -9.10 4.13 39.63
C ILE F 30 -7.96 4.18 40.63
N ASP F 31 -7.03 3.25 40.52
CA ASP F 31 -5.89 3.17 41.42
C ASP F 31 -4.91 4.30 41.09
N PRO F 32 -3.95 4.57 41.98
CA PRO F 32 -2.96 5.62 41.68
C PRO F 32 -2.18 5.39 40.40
N THR F 33 -2.01 4.14 39.97
CA THR F 33 -1.34 3.87 38.71
C THR F 33 -2.22 4.14 37.50
N GLY F 34 -3.52 4.33 37.68
CA GLY F 34 -4.41 4.66 36.59
C GLY F 34 -5.16 3.50 35.97
N SER F 35 -5.13 2.31 36.58
CA SER F 35 -5.79 1.15 36.03
C SER F 35 -7.08 0.87 36.80
N TYR F 36 -8.15 0.56 36.08
CA TYR F 36 -9.45 0.37 36.70
C TYR F 36 -9.45 -0.85 37.60
N HIS F 37 -9.94 -0.68 38.83
CA HIS F 37 -10.06 -1.77 39.78
C HIS F 37 -11.38 -1.73 40.53
N GLY F 38 -12.42 -1.19 39.90
CA GLY F 38 -13.72 -1.08 40.53
C GLY F 38 -14.48 -2.39 40.49
N ASP F 39 -15.72 -2.33 40.95
CA ASP F 39 -16.59 -3.50 41.02
C ASP F 39 -17.85 -3.36 40.19
N SER F 40 -18.43 -2.16 40.10
CA SER F 40 -19.65 -1.94 39.35
C SER F 40 -19.34 -1.37 37.97
N ASP F 41 -20.17 -1.74 36.99
CA ASP F 41 -20.02 -1.19 35.65
C ASP F 41 -20.40 0.28 35.60
N LEU F 42 -21.13 0.78 36.58
CA LEU F 42 -21.48 2.19 36.63
C LEU F 42 -20.26 3.09 36.82
N GLN F 43 -19.14 2.53 37.28
CA GLN F 43 -17.92 3.31 37.44
C GLN F 43 -17.24 3.57 36.10
N LEU F 44 -17.54 2.77 35.08
CA LEU F 44 -16.99 2.97 33.75
C LEU F 44 -18.03 3.39 32.73
N GLU F 45 -19.31 3.37 33.10
CA GLU F 45 -20.35 3.81 32.17
C GLU F 45 -20.17 5.26 31.78
N ARG F 46 -19.76 6.11 32.72
CA ARG F 46 -19.52 7.52 32.44
C ARG F 46 -18.14 7.96 32.89
N ILE F 47 -17.11 7.14 32.61
CA ILE F 47 -15.75 7.49 33.00
C ILE F 47 -15.20 8.60 32.10
N ASN F 48 -15.75 8.79 30.91
CA ASN F 48 -15.20 9.75 29.95
C ASN F 48 -15.48 11.19 30.34
N VAL F 49 -16.34 11.45 31.32
CA VAL F 49 -16.64 12.82 31.71
C VAL F 49 -15.42 13.49 32.32
N TYR F 50 -14.49 12.71 32.86
CA TYR F 50 -13.28 13.25 33.49
C TYR F 50 -11.99 12.60 33.03
N TYR F 51 -12.01 11.36 32.55
CA TYR F 51 -10.80 10.61 32.26
C TYR F 51 -10.73 10.30 30.77
N ASN F 52 -9.52 10.33 30.23
CA ASN F 52 -9.28 10.01 28.82
C ASN F 52 -8.71 8.61 28.71
N GLU F 53 -9.18 7.87 27.71
CA GLU F 53 -8.72 6.51 27.46
C GLU F 53 -7.28 6.55 26.98
N ALA F 54 -6.42 5.77 27.62
CA ALA F 54 -5.06 5.55 27.15
C ALA F 54 -4.87 4.08 26.80
N ALA F 55 -3.99 3.83 25.85
CA ALA F 55 -3.72 2.47 25.41
C ALA F 55 -3.20 1.65 26.58
N GLY F 56 -3.74 0.45 26.75
CA GLY F 56 -3.40 -0.40 27.86
C GLY F 56 -4.38 -0.41 29.00
N ASN F 57 -5.64 -0.02 28.76
CA ASN F 57 -6.67 0.02 29.79
C ASN F 57 -6.26 0.93 30.95
N LYS F 58 -5.60 2.04 30.62
CA LYS F 58 -5.13 3.01 31.59
C LYS F 58 -5.89 4.31 31.41
N TYR F 59 -6.21 4.96 32.53
CA TYR F 59 -7.03 6.17 32.52
C TYR F 59 -6.19 7.35 32.97
N VAL F 60 -6.27 8.45 32.24
CA VAL F 60 -5.59 9.68 32.61
C VAL F 60 -6.62 10.79 32.78
N PRO F 61 -6.51 11.63 33.80
CA PRO F 61 -7.48 12.71 33.96
C PRO F 61 -7.39 13.73 32.86
N ARG F 62 -8.54 14.37 32.57
CA ARG F 62 -8.59 15.49 31.65
C ARG F 62 -8.26 16.79 32.37
N ALA F 63 -7.12 16.80 33.07
CA ALA F 63 -6.74 17.90 33.95
C ALA F 63 -5.49 18.59 33.42
N ILE F 64 -5.47 19.91 33.54
CA ILE F 64 -4.31 20.72 33.19
C ILE F 64 -3.83 21.41 34.46
N LEU F 65 -2.58 21.15 34.84
CA LEU F 65 -2.04 21.64 36.09
C LEU F 65 -1.14 22.83 35.79
N VAL F 66 -1.54 24.01 36.26
CA VAL F 66 -0.93 25.27 35.87
C VAL F 66 -0.43 25.98 37.13
N ASP F 67 0.82 26.44 37.08
CA ASP F 67 1.35 27.32 38.11
C ASP F 67 2.55 28.07 37.52
N LEU F 68 2.97 29.11 38.24
CA LEU F 68 4.11 29.89 37.80
C LEU F 68 5.41 29.52 38.51
N GLU F 69 5.38 28.54 39.40
CA GLU F 69 6.59 27.99 39.99
C GLU F 69 6.54 26.48 39.91
N PRO F 70 7.70 25.82 39.70
CA PRO F 70 7.71 24.37 39.59
C PRO F 70 7.51 23.63 40.89
N GLY F 71 7.58 24.34 42.03
CA GLY F 71 7.46 23.68 43.31
C GLY F 71 6.11 23.00 43.50
N THR F 72 5.03 23.68 43.12
CA THR F 72 3.70 23.09 43.29
C THR F 72 3.50 21.91 42.36
N MET F 73 4.04 21.98 41.14
CA MET F 73 3.98 20.83 40.24
C MET F 73 4.73 19.64 40.82
N ASP F 74 5.93 19.89 41.38
CA ASP F 74 6.69 18.80 41.97
C ASP F 74 5.96 18.21 43.18
N SER F 75 5.36 19.06 44.00
CA SER F 75 4.60 18.57 45.16
C SER F 75 3.40 17.75 44.72
N VAL F 76 2.69 18.19 43.68
CA VAL F 76 1.54 17.44 43.20
C VAL F 76 1.96 16.10 42.63
N ARG F 77 3.03 16.09 41.83
CA ARG F 77 3.47 14.85 41.20
C ARG F 77 4.00 13.85 42.23
N SER F 78 4.77 14.33 43.21
CA SER F 78 5.37 13.45 44.19
C SER F 78 4.35 12.88 45.17
N GLY F 79 3.17 13.50 45.28
CA GLY F 79 2.17 13.02 46.19
C GLY F 79 1.44 11.82 45.67
N PRO F 80 0.48 11.32 46.47
CA PRO F 80 -0.34 10.20 46.02
C PRO F 80 -1.18 10.60 44.82
N PHE F 81 -1.43 9.63 43.95
CA PHE F 81 -2.18 9.83 42.70
C PHE F 81 -1.56 10.90 41.81
N GLY F 82 -0.32 11.27 42.06
CA GLY F 82 0.34 12.29 41.25
C GLY F 82 0.85 11.71 39.95
N GLN F 83 0.97 10.38 39.91
CA GLN F 83 1.43 9.70 38.70
C GLN F 83 0.31 9.52 37.68
N ILE F 84 -0.94 9.81 38.04
CA ILE F 84 -2.03 9.61 37.10
C ILE F 84 -2.08 10.68 36.03
N PHE F 85 -1.48 11.84 36.28
CA PHE F 85 -1.61 12.97 35.38
C PHE F 85 -0.67 12.87 34.19
N ARG F 86 -1.10 13.42 33.06
CA ARG F 86 -0.27 13.43 31.87
C ARG F 86 0.85 14.46 32.04
N PRO F 87 2.10 14.09 31.73
CA PRO F 87 3.21 15.01 32.00
C PRO F 87 3.16 16.31 31.22
N ASP F 88 2.65 16.31 29.99
CA ASP F 88 2.62 17.54 29.22
C ASP F 88 1.58 18.53 29.73
N ASN F 89 0.60 18.07 30.50
CA ASN F 89 -0.38 18.96 31.11
C ASN F 89 0.23 19.79 32.24
N PHE F 90 1.44 19.47 32.69
CA PHE F 90 2.13 20.24 33.71
C PHE F 90 2.73 21.47 33.05
N VAL F 91 1.94 22.52 32.92
CA VAL F 91 2.39 23.78 32.32
C VAL F 91 2.82 24.69 33.46
N PHE F 92 4.11 24.90 33.61
CA PHE F 92 4.63 25.67 34.71
C PHE F 92 5.71 26.65 34.24
N GLY F 93 5.76 27.80 34.90
CA GLY F 93 6.79 28.79 34.67
C GLY F 93 7.99 28.54 35.55
N GLN F 94 8.70 29.63 35.87
CA GLN F 94 9.90 29.52 36.68
C GLN F 94 10.06 30.61 37.73
N SER F 95 9.14 31.56 37.84
CA SER F 95 9.30 32.69 38.76
C SER F 95 8.28 32.72 39.88
N GLY F 96 7.00 32.55 39.57
CA GLY F 96 5.97 32.77 40.54
C GLY F 96 5.52 34.21 40.55
N ALA F 97 4.22 34.45 40.69
CA ALA F 97 3.71 35.82 40.60
C ALA F 97 4.12 36.65 41.80
N GLY F 98 4.44 36.01 42.91
CA GLY F 98 4.82 36.75 44.11
C GLY F 98 3.70 37.58 44.70
N ASN F 99 2.49 37.02 44.77
CA ASN F 99 1.32 37.72 45.27
C ASN F 99 1.11 39.03 44.51
N ASN F 100 1.28 38.97 43.19
CA ASN F 100 1.11 40.12 42.33
C ASN F 100 0.10 39.77 41.25
N TRP F 101 -1.08 40.37 41.32
CA TRP F 101 -2.09 40.15 40.28
C TRP F 101 -1.59 40.63 38.93
N ALA F 102 -0.80 41.70 38.92
CA ALA F 102 -0.22 42.20 37.67
C ALA F 102 0.73 41.18 37.05
N LYS F 103 1.62 40.62 37.86
CA LYS F 103 2.59 39.66 37.33
C LYS F 103 1.90 38.40 36.84
N GLY F 104 0.74 38.06 37.40
CA GLY F 104 0.02 36.90 36.95
C GLY F 104 -0.91 37.15 35.78
N HIS F 105 -1.27 38.40 35.53
CA HIS F 105 -2.26 38.71 34.50
C HIS F 105 -1.66 39.33 33.25
N TYR F 106 -0.61 40.13 33.38
CA TYR F 106 -0.11 40.93 32.26
C TYR F 106 1.32 40.59 31.88
N THR F 107 2.24 40.53 32.85
CA THR F 107 3.65 40.48 32.51
C THR F 107 4.16 39.06 32.30
N GLU F 108 4.08 38.23 33.34
CA GLU F 108 4.68 36.91 33.29
C GLU F 108 3.66 35.79 33.19
N GLY F 109 2.45 35.98 33.72
CA GLY F 109 1.40 35.00 33.50
C GLY F 109 0.94 34.97 32.05
N ALA F 110 0.84 36.13 31.41
CA ALA F 110 0.43 36.19 30.02
C ALA F 110 1.47 35.57 29.09
N GLU F 111 2.73 35.53 29.51
CA GLU F 111 3.74 34.84 28.72
C GLU F 111 3.50 33.34 28.73
N LEU F 112 3.03 32.79 29.85
CA LEU F 112 2.79 31.37 29.99
C LEU F 112 1.39 30.94 29.57
N VAL F 113 0.47 31.88 29.39
CA VAL F 113 -0.91 31.49 29.12
C VAL F 113 -1.09 30.84 27.76
N ASP F 114 -0.15 31.08 26.83
CA ASP F 114 -0.29 30.50 25.50
C ASP F 114 -0.19 28.98 25.54
N SER F 115 0.75 28.46 26.33
CA SER F 115 0.88 27.00 26.46
C SER F 115 -0.35 26.40 27.13
N VAL F 116 -0.89 27.09 28.14
CA VAL F 116 -2.10 26.60 28.80
C VAL F 116 -3.25 26.55 27.82
N LEU F 117 -3.39 27.59 26.98
CA LEU F 117 -4.43 27.58 25.96
C LEU F 117 -4.22 26.45 24.95
N ASP F 118 -2.96 26.18 24.60
CA ASP F 118 -2.70 25.08 23.66
C ASP F 118 -3.12 23.74 24.27
N VAL F 119 -2.80 23.52 25.55
CA VAL F 119 -3.14 22.25 26.18
C VAL F 119 -4.64 22.10 26.35
N VAL F 120 -5.33 23.18 26.74
CA VAL F 120 -6.78 23.08 26.87
C VAL F 120 -7.44 22.93 25.51
N ARG F 121 -6.83 23.47 24.46
CA ARG F 121 -7.33 23.24 23.11
C ARG F 121 -7.20 21.77 22.73
N LYS F 122 -6.06 21.16 23.06
CA LYS F 122 -5.89 19.72 22.86
C LYS F 122 -6.99 18.95 23.57
N GLU F 123 -7.21 19.28 24.85
CA GLU F 123 -8.20 18.55 25.64
C GLU F 123 -9.62 18.74 25.13
N SER F 124 -9.94 19.94 24.65
CA SER F 124 -11.29 20.21 24.15
C SER F 124 -11.53 19.61 22.78
N GLU F 125 -10.51 19.57 21.92
CA GLU F 125 -10.68 18.97 20.61
C GLU F 125 -10.64 17.45 20.64
N SER F 126 -9.88 16.86 21.57
CA SER F 126 -9.81 15.40 21.63
C SER F 126 -11.14 14.78 22.02
N CYS F 127 -11.98 15.52 22.73
CA CYS F 127 -13.22 15.00 23.26
C CYS F 127 -14.39 15.35 22.35
N ASP F 128 -15.46 14.56 22.46
CA ASP F 128 -16.54 14.61 21.46
C ASP F 128 -17.56 15.70 21.75
N CYS F 129 -18.23 15.63 22.89
CA CYS F 129 -19.25 16.62 23.25
C CYS F 129 -18.82 17.31 24.54
N LEU F 130 -17.98 18.33 24.41
CA LEU F 130 -17.59 19.13 25.56
C LEU F 130 -18.77 19.95 26.04
N GLN F 131 -18.86 20.15 27.35
CA GLN F 131 -19.89 21.00 27.90
C GLN F 131 -19.35 22.20 28.67
N GLY F 132 -18.20 22.09 29.32
CA GLY F 132 -17.71 23.19 30.10
C GLY F 132 -16.36 22.88 30.72
N PHE F 133 -15.85 23.88 31.44
CA PHE F 133 -14.54 23.82 32.07
C PHE F 133 -14.69 24.04 33.57
N GLN F 134 -13.77 23.44 34.33
CA GLN F 134 -13.65 23.67 35.75
C GLN F 134 -12.28 24.26 36.03
N LEU F 135 -12.24 25.38 36.74
CA LEU F 135 -10.99 25.98 37.17
C LEU F 135 -11.02 26.12 38.69
N THR F 136 -9.95 25.70 39.34
CA THR F 136 -9.80 25.80 40.78
C THR F 136 -8.61 26.71 41.08
N HIS F 137 -8.85 27.74 41.87
CA HIS F 137 -7.82 28.73 42.15
C HIS F 137 -8.24 29.57 43.35
N SER F 138 -7.33 30.43 43.81
CA SER F 138 -7.57 31.36 44.89
C SER F 138 -7.92 32.73 44.34
N LEU F 139 -8.17 33.66 45.25
CA LEU F 139 -8.41 35.06 44.91
C LEU F 139 -7.46 36.03 45.59
N GLY F 140 -6.70 35.58 46.58
CA GLY F 140 -5.80 36.47 47.29
C GLY F 140 -4.38 36.43 46.75
N GLY F 141 -4.09 35.46 45.89
CA GLY F 141 -2.78 35.33 45.31
C GLY F 141 -2.65 36.08 43.99
N GLY F 142 -1.47 35.97 43.41
CA GLY F 142 -1.21 36.59 42.12
C GLY F 142 -1.26 35.58 40.99
N THR F 143 -0.70 34.39 41.22
CA THR F 143 -0.75 33.34 40.21
C THR F 143 -2.17 32.85 40.01
N GLY F 144 -2.76 32.28 41.05
CA GLY F 144 -4.10 31.73 40.97
C GLY F 144 -5.10 32.74 40.47
N SER F 145 -5.37 33.77 41.25
CA SER F 145 -6.39 34.76 40.91
C SER F 145 -6.16 35.37 39.54
N GLY F 146 -5.04 36.09 39.37
CA GLY F 146 -4.83 36.82 38.14
C GLY F 146 -4.69 35.94 36.92
N MET F 147 -3.86 34.90 37.02
CA MET F 147 -3.59 34.10 35.84
C MET F 147 -4.77 33.22 35.48
N GLY F 148 -5.46 32.65 36.47
CA GLY F 148 -6.68 31.92 36.18
C GLY F 148 -7.79 32.81 35.65
N THR F 149 -7.83 34.08 36.08
CA THR F 149 -8.80 34.99 35.51
C THR F 149 -8.50 35.28 34.05
N LEU F 150 -7.23 35.49 33.71
CA LEU F 150 -6.83 35.61 32.31
C LEU F 150 -7.20 34.36 31.53
N LEU F 151 -7.00 33.19 32.14
CA LEU F 151 -7.33 31.93 31.50
C LEU F 151 -8.83 31.83 31.22
N ILE F 152 -9.67 32.23 32.18
CA ILE F 152 -11.10 32.20 31.98
C ILE F 152 -11.51 33.15 30.86
N SER F 153 -10.89 34.33 30.81
CA SER F 153 -11.18 35.27 29.74
C SER F 153 -10.85 34.66 28.38
N LYS F 154 -9.67 34.03 28.28
CA LYS F 154 -9.29 33.40 27.01
C LYS F 154 -10.25 32.26 26.64
N ILE F 155 -10.63 31.43 27.61
CA ILE F 155 -11.51 30.31 27.32
C ILE F 155 -12.87 30.80 26.86
N ARG F 156 -13.41 31.83 27.53
CA ARG F 156 -14.71 32.37 27.12
C ARG F 156 -14.63 33.03 25.76
N GLU F 157 -13.47 33.63 25.42
CA GLU F 157 -13.30 34.13 24.06
C GLU F 157 -13.30 32.97 23.06
N GLU F 158 -12.74 31.83 23.43
CA GLU F 158 -12.66 30.70 22.52
C GLU F 158 -13.85 29.77 22.60
N TYR F 159 -14.50 29.67 23.76
CA TYR F 159 -15.66 28.79 23.96
C TYR F 159 -16.79 29.58 24.61
N PRO F 160 -17.44 30.46 23.85
CA PRO F 160 -18.47 31.30 24.46
C PRO F 160 -19.75 30.57 24.82
N ASP F 161 -20.02 29.42 24.20
CA ASP F 161 -21.27 28.69 24.42
C ASP F 161 -21.10 27.48 25.32
N ARG F 162 -19.93 27.31 25.93
CA ARG F 162 -19.70 26.26 26.92
C ARG F 162 -19.75 26.88 28.30
N ILE F 163 -20.28 26.12 29.27
CA ILE F 163 -20.40 26.63 30.61
C ILE F 163 -19.03 26.79 31.26
N MET F 164 -18.96 27.62 32.28
CA MET F 164 -17.73 27.88 33.00
C MET F 164 -17.97 27.65 34.49
N ASN F 165 -17.18 26.78 35.09
CA ASN F 165 -17.25 26.50 36.51
C ASN F 165 -15.95 26.95 37.17
N THR F 166 -16.06 27.55 38.35
CA THR F 166 -14.90 28.03 39.07
C THR F 166 -15.15 27.89 40.57
N PHE F 167 -14.35 27.06 41.24
CA PHE F 167 -14.42 26.88 42.68
C PHE F 167 -13.36 27.78 43.29
N SER F 168 -13.76 28.99 43.67
CA SER F 168 -12.84 30.03 44.10
C SER F 168 -12.86 30.17 45.61
N VAL F 169 -11.70 30.10 46.23
CA VAL F 169 -11.58 30.41 47.65
C VAL F 169 -11.28 31.90 47.78
N VAL F 170 -12.09 32.59 48.59
CA VAL F 170 -12.01 34.05 48.68
C VAL F 170 -11.40 34.42 50.03
N PRO F 171 -10.68 35.54 50.11
CA PRO F 171 -10.13 35.95 51.40
C PRO F 171 -11.23 36.37 52.36
N SER F 172 -10.95 36.18 53.65
CA SER F 172 -11.84 36.57 54.72
C SER F 172 -11.06 37.31 55.79
N PRO F 173 -11.70 38.22 56.53
CA PRO F 173 -10.95 39.07 57.47
C PRO F 173 -10.32 38.30 58.61
N LYS F 174 -10.93 37.19 59.05
CA LYS F 174 -10.38 36.45 60.17
C LYS F 174 -9.07 35.76 59.78
N VAL F 175 -9.14 34.85 58.82
CA VAL F 175 -7.92 34.17 58.33
C VAL F 175 -7.41 35.01 57.17
N SER F 176 -6.67 36.06 57.52
CA SER F 176 -6.06 36.94 56.54
C SER F 176 -4.62 36.47 56.28
N ASP F 177 -4.35 36.08 55.04
CA ASP F 177 -3.10 35.39 54.72
C ASP F 177 -2.01 36.34 54.26
N THR F 178 -2.30 37.24 53.33
CA THR F 178 -1.32 38.19 52.84
C THR F 178 -1.79 39.61 53.13
N VAL F 179 -1.04 40.58 52.61
CA VAL F 179 -1.32 41.98 52.86
C VAL F 179 -2.00 42.58 51.63
N VAL F 180 -1.83 41.93 50.48
CA VAL F 180 -2.40 42.40 49.23
C VAL F 180 -3.60 41.56 48.80
N GLU F 181 -4.27 40.91 49.75
CA GLU F 181 -5.49 40.15 49.42
C GLU F 181 -6.57 41.00 48.76
N PRO F 182 -6.96 42.16 49.27
CA PRO F 182 -8.08 42.89 48.64
C PRO F 182 -7.80 43.31 47.21
N TYR F 183 -6.57 43.68 46.86
CA TYR F 183 -6.28 44.06 45.48
C TYR F 183 -6.57 42.92 44.52
N ASN F 184 -5.99 41.74 44.80
CA ASN F 184 -6.19 40.59 43.93
C ASN F 184 -7.64 40.14 43.95
N ALA F 185 -8.28 40.16 45.12
CA ALA F 185 -9.66 39.71 45.23
C ALA F 185 -10.58 40.59 44.37
N THR F 186 -10.41 41.90 44.45
CA THR F 186 -11.24 42.80 43.66
C THR F 186 -10.96 42.64 42.16
N LEU F 187 -9.67 42.59 41.79
CA LEU F 187 -9.33 42.49 40.39
C LEU F 187 -9.79 41.17 39.78
N SER F 188 -9.91 40.13 40.61
CA SER F 188 -10.36 38.84 40.09
C SER F 188 -11.89 38.76 40.06
N VAL F 189 -12.55 39.27 41.10
CA VAL F 189 -14.01 39.28 41.12
C VAL F 189 -14.55 40.09 39.96
N HIS F 190 -13.86 41.19 39.63
CA HIS F 190 -14.21 41.98 38.46
C HIS F 190 -14.49 41.14 37.23
N GLN F 191 -13.50 40.36 36.78
CA GLN F 191 -13.68 39.60 35.56
C GLN F 191 -14.42 38.30 35.77
N LEU F 192 -14.45 37.78 37.00
CA LEU F 192 -15.31 36.63 37.29
C LEU F 192 -16.78 36.99 37.19
N VAL F 193 -17.13 38.27 37.32
CA VAL F 193 -18.53 38.67 37.20
C VAL F 193 -19.08 38.38 35.80
N GLU F 194 -18.32 38.73 34.76
CA GLU F 194 -18.83 38.56 33.41
C GLU F 194 -18.25 37.36 32.68
N ASN F 195 -17.21 36.71 33.21
CA ASN F 195 -16.58 35.62 32.48
C ASN F 195 -17.02 34.24 32.96
N THR F 196 -17.35 34.08 34.24
CA THR F 196 -17.71 32.78 34.77
C THR F 196 -19.21 32.56 34.69
N ASP F 197 -19.60 31.33 34.33
CA ASP F 197 -21.01 30.98 34.28
C ASP F 197 -21.59 30.82 35.68
N GLU F 198 -20.81 30.22 36.59
CA GLU F 198 -21.21 30.14 37.99
C GLU F 198 -19.98 29.98 38.85
N THR F 199 -19.93 30.70 39.96
CA THR F 199 -18.79 30.74 40.86
C THR F 199 -19.21 30.30 42.25
N TYR F 200 -18.36 29.52 42.90
CA TYR F 200 -18.62 29.06 44.27
C TYR F 200 -17.74 29.87 45.22
N CYS F 201 -18.38 30.57 46.15
CA CYS F 201 -17.66 31.42 47.10
C CYS F 201 -17.25 30.57 48.30
N ILE F 202 -16.10 29.95 48.18
CA ILE F 202 -15.48 29.19 49.26
C ILE F 202 -14.53 30.12 49.99
N ASP F 203 -14.28 29.84 51.26
CA ASP F 203 -13.29 30.59 52.02
C ASP F 203 -12.71 29.70 53.09
N ASN F 204 -11.50 30.04 53.53
CA ASN F 204 -10.83 29.21 54.51
C ASN F 204 -11.44 29.36 55.89
N GLU F 205 -12.06 30.51 56.18
CA GLU F 205 -12.63 30.73 57.50
C GLU F 205 -13.80 29.78 57.77
N ALA F 206 -14.72 29.66 56.81
CA ALA F 206 -15.88 28.79 57.02
C ALA F 206 -15.47 27.33 57.04
N LEU F 207 -14.47 26.95 56.25
CA LEU F 207 -14.00 25.57 56.28
C LEU F 207 -13.34 25.25 57.62
N TYR F 208 -12.54 26.17 58.15
CA TYR F 208 -11.99 25.99 59.48
C TYR F 208 -13.10 25.87 60.52
N ASP F 209 -14.13 26.71 60.40
CA ASP F 209 -15.24 26.68 61.34
C ASP F 209 -16.00 25.36 61.28
N ILE F 210 -16.20 24.83 60.07
CA ILE F 210 -16.76 23.49 59.91
C ILE F 210 -15.90 22.47 60.64
N CYS F 211 -14.59 22.51 60.39
CA CYS F 211 -13.70 21.51 60.98
C CYS F 211 -13.68 21.61 62.50
N PHE F 212 -13.83 22.82 63.03
CA PHE F 212 -13.88 22.98 64.49
C PHE F 212 -15.17 22.41 65.06
N ARG F 213 -16.31 22.96 64.68
CA ARG F 213 -17.52 22.64 65.43
C ARG F 213 -18.31 21.46 64.86
N THR F 214 -18.37 21.33 63.54
CA THR F 214 -19.12 20.22 62.98
C THR F 214 -18.32 18.92 63.02
N LEU F 215 -17.07 18.98 62.56
CA LEU F 215 -16.23 17.78 62.52
C LEU F 215 -15.53 17.49 63.84
N LYS F 216 -15.47 18.46 64.76
CA LYS F 216 -14.78 18.31 66.05
C LYS F 216 -13.35 17.85 65.84
N LEU F 217 -12.69 18.41 64.83
CA LEU F 217 -11.34 18.01 64.46
C LEU F 217 -10.35 18.98 65.10
N THR F 218 -9.45 18.45 65.91
CA THR F 218 -8.62 19.31 66.77
C THR F 218 -7.61 20.10 65.96
N THR F 219 -6.89 19.44 65.05
CA THR F 219 -5.84 20.09 64.25
C THR F 219 -6.07 19.79 62.78
N PRO F 220 -7.05 20.44 62.16
CA PRO F 220 -7.27 20.25 60.72
C PRO F 220 -6.24 20.99 59.89
N THR F 221 -5.44 20.23 59.14
CA THR F 221 -4.52 20.80 58.18
C THR F 221 -5.28 21.17 56.91
N TYR F 222 -4.53 21.60 55.89
CA TYR F 222 -5.16 22.00 54.64
C TYR F 222 -5.76 20.80 53.89
N GLY F 223 -5.28 19.60 54.18
CA GLY F 223 -5.81 18.42 53.49
C GLY F 223 -7.29 18.22 53.76
N ASP F 224 -7.73 18.45 54.99
CA ASP F 224 -9.15 18.31 55.31
C ASP F 224 -10.00 19.34 54.57
N LEU F 225 -9.51 20.58 54.47
CA LEU F 225 -10.23 21.62 53.74
C LEU F 225 -10.36 21.24 52.27
N ASN F 226 -9.24 20.78 51.67
CA ASN F 226 -9.30 20.32 50.29
C ASN F 226 -10.24 19.14 50.13
N HIS F 227 -10.33 18.28 51.16
CA HIS F 227 -11.25 17.16 51.10
C HIS F 227 -12.70 17.63 51.08
N LEU F 228 -13.03 18.63 51.90
CA LEU F 228 -14.38 19.20 51.87
C LEU F 228 -14.70 19.79 50.50
N VAL F 229 -13.77 20.56 49.94
CA VAL F 229 -14.02 21.17 48.63
C VAL F 229 -14.16 20.08 47.56
N SER F 230 -13.35 19.03 47.67
CA SER F 230 -13.44 17.91 46.73
C SER F 230 -14.78 17.21 46.82
N ALA F 231 -15.28 17.01 48.03
CA ALA F 231 -16.58 16.39 48.22
C ALA F 231 -17.67 17.26 47.59
N THR F 232 -17.57 18.58 47.76
CA THR F 232 -18.54 19.47 47.11
C THR F 232 -18.50 19.34 45.60
N MET F 233 -17.29 19.34 45.02
CA MET F 233 -17.16 19.22 43.57
C MET F 233 -17.77 17.92 43.07
N SER F 234 -17.44 16.81 43.74
CA SER F 234 -17.97 15.52 43.33
C SER F 234 -19.48 15.46 43.44
N GLY F 235 -20.04 16.03 44.52
CA GLY F 235 -21.49 16.07 44.65
C GLY F 235 -22.14 16.93 43.59
N VAL F 236 -21.47 17.98 43.13
CA VAL F 236 -22.02 18.81 42.07
C VAL F 236 -22.03 18.05 40.75
N THR F 237 -20.98 17.30 40.47
CA THR F 237 -20.84 16.64 39.16
C THR F 237 -21.42 15.21 39.14
N THR F 238 -21.91 14.70 40.27
CA THR F 238 -22.35 13.30 40.32
C THR F 238 -23.51 13.00 39.38
N CYS F 239 -24.36 13.98 39.09
CA CYS F 239 -25.47 13.73 38.18
C CYS F 239 -24.96 13.42 36.78
N LEU F 240 -23.92 14.11 36.34
CA LEU F 240 -23.26 13.75 35.09
C LEU F 240 -22.58 12.40 35.21
N ARG F 241 -21.82 12.19 36.28
CA ARG F 241 -20.99 11.00 36.36
C ARG F 241 -21.81 9.74 36.63
N PHE F 242 -22.86 9.85 37.42
CA PHE F 242 -23.63 8.71 37.87
C PHE F 242 -25.11 8.94 37.59
N PRO F 243 -25.89 7.88 37.44
CA PRO F 243 -27.33 8.05 37.18
C PRO F 243 -28.10 8.52 38.40
N GLY F 244 -29.42 8.54 38.29
CA GLY F 244 -30.25 8.91 39.42
C GLY F 244 -31.71 8.82 39.03
N GLN F 245 -32.56 9.13 40.00
CA GLN F 245 -33.99 9.19 39.76
C GLN F 245 -34.43 10.54 39.23
N LEU F 246 -33.57 11.55 39.27
CA LEU F 246 -33.86 12.84 38.66
C LEU F 246 -32.53 13.52 38.41
N ASN F 247 -32.14 13.61 37.14
CA ASN F 247 -30.80 14.09 36.78
C ASN F 247 -30.79 15.59 36.62
N ALA F 248 -29.65 16.20 36.96
CA ALA F 248 -29.47 17.64 36.80
C ALA F 248 -27.98 17.91 36.62
N ASP F 249 -27.55 18.09 35.38
CA ASP F 249 -26.16 18.43 35.13
C ASP F 249 -25.92 19.91 35.43
N LEU F 250 -24.74 20.40 35.08
CA LEU F 250 -24.36 21.75 35.48
C LEU F 250 -25.17 22.81 34.74
N ARG F 251 -25.62 22.53 33.52
CA ARG F 251 -26.46 23.48 32.82
C ARG F 251 -27.83 23.61 33.48
N LYS F 252 -28.38 22.51 33.98
CA LYS F 252 -29.65 22.59 34.69
C LYS F 252 -29.52 23.45 35.95
N LEU F 253 -28.44 23.27 36.70
CA LEU F 253 -28.21 24.10 37.87
C LEU F 253 -27.98 25.56 37.48
N ALA F 254 -27.29 25.78 36.36
CA ALA F 254 -27.07 27.16 35.91
C ALA F 254 -28.37 27.84 35.54
N VAL F 255 -29.26 27.15 34.83
CA VAL F 255 -30.51 27.77 34.42
C VAL F 255 -31.51 27.84 35.57
N ASN F 256 -31.34 27.04 36.61
CA ASN F 256 -32.24 27.09 37.75
C ASN F 256 -31.70 27.91 38.91
N MET F 257 -30.47 28.42 38.81
CA MET F 257 -29.87 29.20 39.89
C MET F 257 -29.37 30.56 39.48
N VAL F 258 -29.37 30.89 38.20
CA VAL F 258 -28.89 32.21 37.76
C VAL F 258 -30.07 32.96 37.17
N PRO F 259 -30.92 33.57 38.00
CA PRO F 259 -32.05 34.32 37.45
C PRO F 259 -31.61 35.49 36.59
N PHE F 260 -30.46 36.10 36.89
CA PHE F 260 -29.93 37.21 36.13
C PHE F 260 -28.43 36.98 35.98
N PRO F 261 -27.86 37.33 34.82
CA PRO F 261 -26.54 36.78 34.46
C PRO F 261 -25.42 37.13 35.42
N ARG F 262 -25.54 38.19 36.20
CA ARG F 262 -24.49 38.58 37.12
C ARG F 262 -24.62 37.94 38.50
N LEU F 263 -25.74 37.28 38.78
CA LEU F 263 -25.97 36.67 40.09
C LEU F 263 -25.68 35.17 40.00
N HIS F 264 -24.39 34.83 40.04
CA HIS F 264 -23.98 33.43 39.98
C HIS F 264 -22.86 33.16 40.98
N PHE F 265 -23.00 33.67 42.20
CA PHE F 265 -22.06 33.41 43.27
C PHE F 265 -22.77 32.59 44.34
N PHE F 266 -22.22 31.41 44.66
CA PHE F 266 -22.93 30.40 45.42
C PHE F 266 -22.19 30.07 46.71
N MET F 267 -22.95 29.66 47.72
CA MET F 267 -22.38 29.13 48.95
C MET F 267 -22.49 27.62 48.92
N PRO F 268 -21.39 26.89 48.81
CA PRO F 268 -21.46 25.43 48.78
C PRO F 268 -21.66 24.85 50.17
N GLY F 269 -22.08 23.60 50.18
CA GLY F 269 -22.26 22.88 51.44
C GLY F 269 -22.38 21.40 51.18
N PHE F 270 -21.99 20.63 52.20
CA PHE F 270 -22.01 19.18 52.09
C PHE F 270 -22.63 18.59 53.35
N ALA F 271 -23.46 17.56 53.14
CA ALA F 271 -24.05 16.79 54.22
C ALA F 271 -23.98 15.32 53.86
N PRO F 272 -23.79 14.44 54.84
CA PRO F 272 -23.56 14.71 56.26
C PRO F 272 -22.09 15.01 56.56
N LEU F 273 -21.83 15.77 57.62
CA LEU F 273 -20.48 15.93 58.14
C LEU F 273 -20.53 15.63 59.62
N THR F 274 -19.72 14.67 60.07
CA THR F 274 -19.83 14.14 61.41
C THR F 274 -18.48 14.13 62.09
N SER F 275 -18.50 14.14 63.41
CA SER F 275 -17.34 13.75 64.18
C SER F 275 -17.34 12.24 64.36
N ARG F 276 -16.18 11.69 64.72
CA ARG F 276 -16.10 10.25 64.96
C ARG F 276 -16.87 9.87 66.22
N GLY F 277 -16.87 10.74 67.22
CA GLY F 277 -17.59 10.43 68.45
C GLY F 277 -19.10 10.38 68.27
N SER F 278 -19.63 11.27 67.44
CA SER F 278 -21.08 11.43 67.31
C SER F 278 -21.65 10.65 66.13
N GLN F 279 -20.86 9.79 65.49
CA GLN F 279 -21.35 9.07 64.32
C GLN F 279 -22.51 8.14 64.67
N GLN F 280 -22.42 7.44 65.80
CA GLN F 280 -23.41 6.42 66.14
C GLN F 280 -24.64 6.97 66.84
N TYR F 281 -24.67 8.25 67.17
CA TYR F 281 -25.81 8.85 67.85
C TYR F 281 -26.78 9.53 66.89
N ARG F 282 -26.48 9.57 65.60
CA ARG F 282 -27.32 10.27 64.64
C ARG F 282 -27.97 9.29 63.68
N ALA F 283 -29.28 9.44 63.49
CA ALA F 283 -29.97 8.75 62.43
C ALA F 283 -29.54 9.31 61.09
N LEU F 284 -29.51 8.45 60.08
CA LEU F 284 -29.10 8.85 58.73
C LEU F 284 -30.34 8.84 57.85
N THR F 285 -30.98 10.00 57.74
CA THR F 285 -32.22 10.12 56.99
C THR F 285 -32.27 11.47 56.29
N VAL F 286 -33.18 11.59 55.34
CA VAL F 286 -33.29 12.83 54.56
C VAL F 286 -33.61 14.05 55.41
N PRO F 287 -34.53 14.00 56.39
CA PRO F 287 -34.77 15.21 57.19
C PRO F 287 -33.53 15.75 57.89
N GLU F 288 -32.66 14.89 58.42
CA GLU F 288 -31.49 15.43 59.10
C GLU F 288 -30.43 15.91 58.12
N LEU F 289 -30.33 15.28 56.94
CA LEU F 289 -29.53 15.86 55.87
C LEU F 289 -30.03 17.26 55.50
N THR F 290 -31.36 17.40 55.38
CA THR F 290 -31.93 18.70 54.99
C THR F 290 -31.69 19.75 56.05
N GLN F 291 -31.84 19.38 57.32
CA GLN F 291 -31.57 20.34 58.39
C GLN F 291 -30.09 20.69 58.46
N GLN F 292 -29.20 19.74 58.15
CA GLN F 292 -27.78 20.06 58.17
C GLN F 292 -27.39 20.97 57.01
N MET F 293 -27.89 20.69 55.80
CA MET F 293 -27.47 21.48 54.65
C MET F 293 -28.00 22.90 54.73
N PHE F 294 -29.13 23.11 55.39
CA PHE F 294 -29.72 24.43 55.51
C PHE F 294 -29.25 25.19 56.74
N ASP F 295 -28.43 24.57 57.57
CA ASP F 295 -27.89 25.26 58.73
C ASP F 295 -26.92 26.34 58.28
N ALA F 296 -27.05 27.52 58.89
CA ALA F 296 -26.10 28.60 58.62
C ALA F 296 -24.69 28.20 59.03
N LYS F 297 -24.56 27.20 59.87
CA LYS F 297 -23.26 26.64 60.26
C LYS F 297 -22.60 25.85 59.16
N ASN F 298 -23.35 25.18 58.31
CA ASN F 298 -22.77 24.27 57.33
C ASN F 298 -22.34 24.99 56.06
N MET F 299 -22.57 26.30 55.97
CA MET F 299 -22.16 27.06 54.81
C MET F 299 -20.65 27.08 54.70
N MET F 300 -20.17 27.22 53.46
CA MET F 300 -18.74 27.29 53.19
C MET F 300 -18.33 28.68 52.74
N ALA F 301 -18.98 29.70 53.32
CA ALA F 301 -18.63 31.09 53.08
C ALA F 301 -18.83 31.86 54.37
N ALA F 302 -18.14 33.00 54.47
CA ALA F 302 -18.32 33.88 55.61
C ALA F 302 -19.59 34.69 55.43
N CYS F 303 -20.71 34.01 55.25
CA CYS F 303 -21.98 34.65 54.94
C CYS F 303 -23.08 33.96 55.73
N ASP F 304 -23.80 34.72 56.53
CA ASP F 304 -24.91 34.17 57.29
C ASP F 304 -26.16 34.24 56.41
N PRO F 305 -26.75 33.12 56.01
CA PRO F 305 -27.97 33.18 55.18
C PRO F 305 -29.15 33.83 55.88
N ARG F 306 -29.15 33.90 57.20
CA ARG F 306 -30.22 34.60 57.91
C ARG F 306 -30.16 36.10 57.68
N HIS F 307 -29.02 36.63 57.28
CA HIS F 307 -28.88 38.05 56.99
C HIS F 307 -29.32 38.41 55.58
N GLY F 308 -29.68 37.43 54.77
CA GLY F 308 -30.10 37.68 53.41
C GLY F 308 -31.24 36.81 52.95
N ARG F 309 -31.59 36.88 51.69
CA ARG F 309 -32.69 36.11 51.12
C ARG F 309 -32.14 35.14 50.09
N TYR F 310 -32.48 33.87 50.24
CA TYR F 310 -32.12 32.87 49.24
C TYR F 310 -32.86 33.13 47.95
N LEU F 311 -32.13 33.44 46.88
CA LEU F 311 -32.77 33.56 45.58
C LEU F 311 -33.16 32.18 45.05
N THR F 312 -32.17 31.32 44.88
CA THR F 312 -32.39 29.94 44.45
C THR F 312 -31.48 29.02 45.27
N VAL F 313 -31.93 27.79 45.46
CA VAL F 313 -31.21 26.81 46.27
C VAL F 313 -31.17 25.50 45.50
N ALA F 314 -29.99 24.89 45.42
CA ALA F 314 -29.82 23.60 44.78
C ALA F 314 -29.38 22.59 45.83
N ALA F 315 -30.08 21.46 45.90
CA ALA F 315 -29.74 20.37 46.80
C ALA F 315 -29.57 19.11 45.97
N VAL F 316 -28.33 18.75 45.68
CA VAL F 316 -28.02 17.58 44.86
C VAL F 316 -27.84 16.40 45.81
N PHE F 317 -28.87 15.57 45.90
CA PHE F 317 -28.87 14.43 46.80
C PHE F 317 -28.21 13.23 46.15
N ARG F 318 -27.68 12.33 46.99
CA ARG F 318 -26.98 11.14 46.51
C ARG F 318 -27.33 9.97 47.42
N GLY F 319 -28.06 9.00 46.90
CA GLY F 319 -28.38 7.80 47.66
C GLY F 319 -29.73 7.24 47.25
N ARG F 320 -30.05 6.10 47.83
CA ARG F 320 -31.35 5.48 47.63
C ARG F 320 -32.35 6.14 48.56
N MET F 321 -33.33 6.84 47.97
CA MET F 321 -34.11 7.82 48.71
C MET F 321 -35.52 7.87 48.14
N SER F 322 -36.46 8.22 49.01
CA SER F 322 -37.80 8.53 48.54
C SER F 322 -37.80 9.92 47.92
N MET F 323 -38.74 10.14 47.00
CA MET F 323 -38.90 11.47 46.43
C MET F 323 -39.92 12.29 47.20
N LYS F 324 -40.95 11.64 47.73
CA LYS F 324 -41.89 12.32 48.62
C LYS F 324 -41.19 12.89 49.83
N GLU F 325 -40.23 12.15 50.39
CA GLU F 325 -39.54 12.60 51.59
C GLU F 325 -38.75 13.87 51.33
N VAL F 326 -37.97 13.89 50.24
CA VAL F 326 -37.20 15.07 49.87
C VAL F 326 -38.12 16.24 49.57
N ASP F 327 -39.19 15.99 48.81
CA ASP F 327 -40.09 17.07 48.41
C ASP F 327 -40.81 17.67 49.61
N GLU F 328 -41.26 16.83 50.55
CA GLU F 328 -41.86 17.34 51.77
C GLU F 328 -40.86 18.13 52.59
N GLN F 329 -39.60 17.68 52.62
CA GLN F 329 -38.58 18.43 53.35
C GLN F 329 -38.36 19.81 52.74
N MET F 330 -38.35 19.89 51.41
CA MET F 330 -38.24 21.20 50.76
C MET F 330 -39.44 22.08 51.07
N LEU F 331 -40.65 21.50 51.11
CA LEU F 331 -41.80 22.30 51.52
C LEU F 331 -41.67 22.82 52.94
N ASN F 332 -41.24 21.96 53.86
CA ASN F 332 -41.09 22.42 55.24
C ASN F 332 -40.06 23.54 55.34
N VAL F 333 -38.96 23.42 54.61
CA VAL F 333 -37.93 24.46 54.64
C VAL F 333 -38.48 25.76 54.09
N GLN F 334 -39.18 25.70 52.95
CA GLN F 334 -39.67 26.91 52.30
C GLN F 334 -40.88 27.51 53.00
N ASN F 335 -41.57 26.76 53.86
CA ASN F 335 -42.73 27.27 54.56
C ASN F 335 -42.43 27.74 55.98
N LYS F 336 -41.60 27.00 56.73
CA LYS F 336 -41.22 27.48 58.06
C LYS F 336 -40.30 28.68 57.98
N ASN F 337 -39.71 28.95 56.82
CA ASN F 337 -38.79 30.05 56.61
C ASN F 337 -39.21 30.89 55.41
N SER F 338 -40.49 31.24 55.35
CA SER F 338 -40.98 32.03 54.23
C SER F 338 -40.36 33.42 54.19
N SER F 339 -39.83 33.90 55.30
CA SER F 339 -39.20 35.22 55.34
C SER F 339 -37.75 35.19 54.87
N TYR F 340 -37.15 34.02 54.73
CA TYR F 340 -35.75 33.90 54.34
C TYR F 340 -35.56 33.56 52.86
N PHE F 341 -36.65 33.36 52.12
CA PHE F 341 -36.58 33.05 50.70
C PHE F 341 -37.20 34.18 49.92
N VAL F 342 -36.66 34.43 48.72
CA VAL F 342 -37.15 35.53 47.91
C VAL F 342 -38.57 35.22 47.46
N GLU F 343 -39.40 36.25 47.37
CA GLU F 343 -40.84 36.06 47.26
C GLU F 343 -41.37 36.07 45.83
N TRP F 344 -40.64 36.67 44.88
CA TRP F 344 -41.10 36.66 43.50
C TRP F 344 -40.67 35.41 42.75
N ILE F 345 -39.95 34.51 43.38
CA ILE F 345 -39.63 33.19 42.84
C ILE F 345 -40.30 32.15 43.72
N PRO F 346 -41.40 31.56 43.28
CA PRO F 346 -41.87 30.33 43.92
C PRO F 346 -40.92 29.20 43.60
N ASN F 347 -40.90 28.20 44.50
CA ASN F 347 -40.02 27.04 44.36
C ASN F 347 -38.55 27.47 44.29
N ASN F 348 -38.09 28.03 45.40
CA ASN F 348 -36.73 28.52 45.46
C ASN F 348 -35.70 27.40 45.51
N VAL F 349 -36.12 26.17 45.81
CA VAL F 349 -35.20 25.06 46.04
C VAL F 349 -35.35 24.05 44.91
N LYS F 350 -34.26 23.82 44.19
CA LYS F 350 -34.20 22.77 43.19
C LYS F 350 -33.65 21.49 43.82
N THR F 351 -34.13 20.35 43.31
CA THR F 351 -33.75 19.04 43.84
C THR F 351 -33.20 18.17 42.73
N ALA F 352 -32.04 17.56 42.98
CA ALA F 352 -31.44 16.58 42.10
C ALA F 352 -31.09 15.35 42.91
N VAL F 353 -31.37 14.17 42.36
CA VAL F 353 -31.18 12.92 43.09
C VAL F 353 -30.31 11.98 42.26
N CYS F 354 -29.19 11.57 42.84
CA CYS F 354 -28.31 10.57 42.26
C CYS F 354 -28.36 9.31 43.11
N ASP F 355 -28.35 8.15 42.45
CA ASP F 355 -28.56 6.90 43.17
C ASP F 355 -27.27 6.25 43.66
N ILE F 356 -26.11 6.82 43.35
CA ILE F 356 -24.82 6.26 43.76
C ILE F 356 -24.27 7.14 44.87
N PRO F 357 -24.25 6.69 46.13
CA PRO F 357 -23.77 7.52 47.21
C PRO F 357 -22.25 7.53 47.25
N PRO F 358 -21.65 8.47 47.99
CA PRO F 358 -20.18 8.49 48.10
C PRO F 358 -19.67 7.27 48.84
N ARG F 359 -18.38 7.02 48.68
CA ARG F 359 -17.75 5.86 49.32
C ARG F 359 -17.78 6.00 50.83
N GLY F 360 -18.30 4.98 51.50
CA GLY F 360 -18.37 4.98 52.95
C GLY F 360 -19.59 5.66 53.53
N LEU F 361 -20.43 6.28 52.71
CA LEU F 361 -21.67 6.90 53.16
C LEU F 361 -22.82 6.34 52.33
N LYS F 362 -23.89 5.92 53.01
CA LYS F 362 -25.02 5.37 52.27
C LYS F 362 -25.91 6.47 51.71
N MET F 363 -25.73 7.71 52.16
CA MET F 363 -26.58 8.81 51.75
C MET F 363 -25.84 10.11 51.98
N SER F 364 -25.92 11.00 51.00
CA SER F 364 -25.23 12.29 51.08
C SER F 364 -25.98 13.30 50.23
N ALA F 365 -25.65 14.58 50.44
CA ALA F 365 -26.24 15.63 49.65
C ALA F 365 -25.26 16.80 49.58
N THR F 366 -25.48 17.65 48.57
CA THR F 366 -24.66 18.83 48.35
C THR F 366 -25.55 20.05 48.30
N PHE F 367 -25.18 21.08 49.05
CA PHE F 367 -25.97 22.31 49.11
C PHE F 367 -25.28 23.37 48.27
N ILE F 368 -26.02 23.92 47.31
CA ILE F 368 -25.59 25.09 46.55
C ILE F 368 -26.69 26.13 46.71
N GLY F 369 -26.30 27.33 47.13
CA GLY F 369 -27.28 28.36 47.41
C GLY F 369 -26.93 29.72 46.83
N ASN F 370 -27.79 30.21 45.95
CA ASN F 370 -27.64 31.56 45.39
C ASN F 370 -28.39 32.52 46.30
N SER F 371 -27.66 33.24 47.13
CA SER F 371 -28.25 34.06 48.17
C SER F 371 -27.71 35.49 48.08
N THR F 372 -28.48 36.40 48.65
CA THR F 372 -28.06 37.80 48.77
C THR F 372 -27.06 38.00 49.90
N ALA F 373 -26.73 36.95 50.65
CA ALA F 373 -25.73 37.04 51.70
C ALA F 373 -24.31 37.15 51.15
N ILE F 374 -24.09 36.92 49.86
CA ILE F 374 -22.78 37.12 49.27
C ILE F 374 -22.42 38.61 49.28
N GLN F 375 -23.40 39.47 49.52
CA GLN F 375 -23.16 40.90 49.44
C GLN F 375 -22.16 41.35 50.50
N GLU F 376 -22.24 40.83 51.72
CA GLU F 376 -21.27 41.27 52.72
C GLU F 376 -19.90 40.64 52.52
N LEU F 377 -19.84 39.44 51.93
CA LEU F 377 -18.56 38.89 51.52
C LEU F 377 -17.87 39.80 50.52
N PHE F 378 -18.65 40.39 49.61
CA PHE F 378 -18.06 41.35 48.69
C PHE F 378 -17.79 42.70 49.35
N LYS F 379 -18.63 43.10 50.31
CA LYS F 379 -18.47 44.42 50.93
C LYS F 379 -17.23 44.48 51.81
N ARG F 380 -16.91 43.39 52.51
CA ARG F 380 -15.69 43.42 53.32
C ARG F 380 -14.46 43.56 52.45
N ILE F 381 -14.43 42.86 51.32
CA ILE F 381 -13.32 43.00 50.38
C ILE F 381 -13.28 44.43 49.84
N SER F 382 -14.45 44.98 49.49
CA SER F 382 -14.50 46.33 48.94
C SER F 382 -14.01 47.37 49.94
N GLU F 383 -14.42 47.25 51.20
CA GLU F 383 -14.00 48.23 52.19
C GLU F 383 -12.53 48.08 52.55
N GLN F 384 -12.01 46.85 52.56
CA GLN F 384 -10.57 46.68 52.74
C GLN F 384 -9.78 47.31 51.59
N PHE F 385 -10.26 47.10 50.35
CA PHE F 385 -9.61 47.73 49.21
C PHE F 385 -9.65 49.25 49.35
N THR F 386 -10.82 49.79 49.71
CA THR F 386 -10.95 51.24 49.85
C THR F 386 -10.01 51.77 50.91
N ALA F 387 -9.91 51.08 52.05
CA ALA F 387 -8.97 51.49 53.08
C ALA F 387 -7.54 51.50 52.55
N MET F 388 -7.20 50.54 51.70
CA MET F 388 -5.84 50.55 51.15
C MET F 388 -5.69 51.46 49.94
N PHE F 389 -6.76 52.06 49.43
CA PHE F 389 -6.69 52.75 48.14
C PHE F 389 -6.69 54.27 48.23
N ARG F 390 -7.27 54.87 49.28
CA ARG F 390 -7.10 56.30 49.45
C ARG F 390 -5.63 56.65 49.65
N ARG F 391 -4.91 55.83 50.42
CA ARG F 391 -3.53 56.11 50.75
C ARG F 391 -2.56 55.57 49.72
N LYS F 392 -3.06 54.97 48.64
CA LYS F 392 -2.24 54.57 47.50
C LYS F 392 -1.19 53.55 47.96
N ALA F 393 -1.64 52.58 48.74
CA ALA F 393 -0.76 51.62 49.39
C ALA F 393 -0.55 50.41 48.50
N PHE F 394 0.71 50.01 48.33
CA PHE F 394 1.12 48.85 47.55
C PHE F 394 0.77 48.98 46.05
N LEU F 395 0.29 50.14 45.61
CA LEU F 395 -0.02 50.32 44.20
C LEU F 395 1.23 50.45 43.35
N HIS F 396 2.38 50.78 43.93
CA HIS F 396 3.58 50.94 43.11
C HIS F 396 4.01 49.61 42.52
N TRP F 397 3.81 48.50 43.25
CA TRP F 397 4.07 47.19 42.68
C TRP F 397 3.21 46.94 41.46
N TYR F 398 1.89 46.94 41.64
CA TYR F 398 0.97 46.65 40.52
C TYR F 398 1.17 47.61 39.37
N THR F 399 1.47 48.88 39.65
CA THR F 399 1.73 49.83 38.59
C THR F 399 3.07 49.56 37.91
N GLY F 400 3.96 48.85 38.61
CA GLY F 400 5.24 48.50 38.02
C GLY F 400 5.14 47.59 36.82
N GLU F 401 4.15 46.69 36.77
CA GLU F 401 4.01 45.80 35.64
C GLU F 401 3.09 46.34 34.56
N GLY F 402 2.47 47.50 34.77
CA GLY F 402 1.79 48.16 33.66
C GLY F 402 0.29 48.29 33.77
N MET F 403 -0.25 48.45 34.97
CA MET F 403 -1.64 48.85 35.09
C MET F 403 -1.71 50.33 35.46
N ASP F 404 -2.93 50.79 35.69
CA ASP F 404 -3.18 52.15 36.13
C ASP F 404 -4.27 52.12 37.18
N GLU F 405 -4.32 53.18 37.99
CA GLU F 405 -5.33 53.26 39.04
C GLU F 405 -6.74 53.24 38.49
N MET F 406 -6.93 53.61 37.23
CA MET F 406 -8.26 53.60 36.63
C MET F 406 -8.80 52.18 36.51
N GLU F 407 -7.93 51.21 36.23
CA GLU F 407 -8.34 49.81 36.22
C GLU F 407 -8.87 49.38 37.58
N PHE F 408 -8.16 49.75 38.63
CA PHE F 408 -8.63 49.45 39.98
C PHE F 408 -9.98 50.11 40.23
N THR F 409 -10.11 51.39 39.85
CA THR F 409 -11.34 52.12 40.10
C THR F 409 -12.52 51.47 39.41
N GLU F 410 -12.35 51.06 38.15
CA GLU F 410 -13.46 50.40 37.46
C GLU F 410 -13.73 49.03 38.04
N ALA F 411 -12.70 48.38 38.62
CA ALA F 411 -12.94 47.12 39.32
C ALA F 411 -13.85 47.32 40.53
N GLU F 412 -13.62 48.35 41.34
CA GLU F 412 -14.51 48.54 42.49
C GLU F 412 -15.86 49.08 42.05
N SER F 413 -15.91 49.81 40.94
CA SER F 413 -17.22 50.18 40.41
C SER F 413 -18.02 48.94 40.07
N ASN F 414 -17.38 47.96 39.45
CA ASN F 414 -18.07 46.70 39.12
C ASN F 414 -18.49 45.95 40.38
N MET F 415 -17.60 45.86 41.37
CA MET F 415 -17.95 45.14 42.58
C MET F 415 -19.07 45.83 43.35
N ASN F 416 -19.04 47.16 43.44
CA ASN F 416 -20.11 47.88 44.11
C ASN F 416 -21.42 47.73 43.35
N ASP F 417 -21.36 47.67 42.01
CA ASP F 417 -22.57 47.42 41.24
C ASP F 417 -23.13 46.04 41.56
N LEU F 418 -22.26 45.04 41.69
CA LEU F 418 -22.74 43.70 42.04
C LEU F 418 -23.36 43.68 43.44
N VAL F 419 -22.74 44.37 44.38
CA VAL F 419 -23.28 44.45 45.74
C VAL F 419 -24.65 45.12 45.72
N SER F 420 -24.77 46.21 44.97
CA SER F 420 -26.06 46.90 44.87
C SER F 420 -27.11 46.03 44.21
N GLU F 421 -26.71 45.23 43.22
CA GLU F 421 -27.66 44.31 42.58
C GLU F 421 -28.18 43.28 43.58
N TYR F 422 -27.28 42.69 44.36
CA TYR F 422 -27.72 41.74 45.38
C TYR F 422 -28.61 42.39 46.42
N GLN F 423 -28.26 43.61 46.83
CA GLN F 423 -29.07 44.30 47.83
C GLN F 423 -30.46 44.63 47.29
N GLN F 424 -30.55 45.09 46.04
CA GLN F 424 -31.83 45.50 45.50
C GLN F 424 -32.70 44.31 45.13
N TYR F 425 -32.11 43.15 44.85
CA TYR F 425 -32.92 41.96 44.70
C TYR F 425 -33.23 41.29 46.03
N GLN F 426 -32.55 41.71 47.10
CA GLN F 426 -32.91 41.24 48.43
C GLN F 426 -34.18 41.92 48.92
N ASP F 427 -34.31 43.23 48.67
CA ASP F 427 -35.43 44.04 49.14
C ASP F 427 -35.60 43.94 50.65
N MET G 1 -54.97 -5.25 13.87
CA MET G 1 -55.18 -3.82 13.69
C MET G 1 -55.13 -3.09 15.03
N ARG G 2 -55.98 -2.06 15.17
CA ARG G 2 -56.14 -1.26 16.37
C ARG G 2 -54.82 -0.93 17.06
N GLU G 3 -53.80 -0.58 16.28
CA GLU G 3 -52.47 -0.34 16.81
C GLU G 3 -52.38 1.01 17.50
N CYS G 4 -51.48 1.09 18.47
CA CYS G 4 -51.13 2.34 19.14
C CYS G 4 -49.61 2.40 19.29
N ILE G 5 -49.09 3.62 19.22
CA ILE G 5 -47.65 3.87 19.29
C ILE G 5 -47.38 4.75 20.50
N SER G 6 -46.44 4.33 21.34
CA SER G 6 -46.10 5.04 22.56
C SER G 6 -44.85 5.87 22.34
N ILE G 7 -44.90 7.13 22.76
CA ILE G 7 -43.76 8.03 22.71
C ILE G 7 -43.46 8.49 24.13
N HIS G 8 -42.23 8.29 24.58
CA HIS G 8 -41.81 8.64 25.92
C HIS G 8 -40.69 9.66 25.81
N VAL G 9 -40.94 10.87 26.29
CA VAL G 9 -40.03 12.01 26.12
C VAL G 9 -39.48 12.40 27.48
N GLY G 10 -38.16 12.52 27.56
CA GLY G 10 -37.52 12.98 28.78
C GLY G 10 -37.43 11.89 29.83
N GLN G 11 -36.87 12.26 30.98
CA GLN G 11 -36.66 11.31 32.06
C GLN G 11 -38.00 10.79 32.59
N ALA G 12 -38.95 11.70 32.81
CA ALA G 12 -40.25 11.30 33.33
C ALA G 12 -40.96 10.35 32.37
N GLY G 13 -41.00 10.73 31.09
CA GLY G 13 -41.64 9.88 30.11
C GLY G 13 -40.96 8.54 29.96
N VAL G 14 -39.63 8.52 29.97
CA VAL G 14 -38.90 7.28 29.80
C VAL G 14 -39.14 6.34 30.98
N GLN G 15 -39.12 6.86 32.20
CA GLN G 15 -39.32 6.01 33.36
C GLN G 15 -40.77 5.51 33.44
N ILE G 16 -41.73 6.39 33.14
CA ILE G 16 -43.13 5.96 33.09
C ILE G 16 -43.31 4.90 32.02
N GLY G 17 -42.61 5.04 30.90
CA GLY G 17 -42.67 4.03 29.86
C GLY G 17 -42.03 2.71 30.27
N ASN G 18 -40.95 2.77 31.05
CA ASN G 18 -40.36 1.55 31.59
C ASN G 18 -41.38 0.81 32.45
N ALA G 19 -42.07 1.54 33.32
CA ALA G 19 -43.11 0.92 34.13
C ALA G 19 -44.23 0.36 33.25
N CYS G 20 -44.65 1.13 32.24
CA CYS G 20 -45.74 0.71 31.37
C CYS G 20 -45.39 -0.56 30.62
N TRP G 21 -44.15 -0.66 30.13
CA TRP G 21 -43.75 -1.81 29.33
C TRP G 21 -43.47 -3.02 30.20
N GLU G 22 -42.96 -2.82 31.41
CA GLU G 22 -42.92 -3.92 32.36
C GLU G 22 -44.31 -4.49 32.59
N LEU G 23 -45.28 -3.60 32.81
CA LEU G 23 -46.65 -4.05 33.05
C LEU G 23 -47.23 -4.74 31.83
N TYR G 24 -46.97 -4.21 30.64
CA TYR G 24 -47.50 -4.82 29.42
C TYR G 24 -46.89 -6.19 29.18
N CYS G 25 -45.60 -6.34 29.41
CA CYS G 25 -44.95 -7.63 29.25
C CYS G 25 -45.51 -8.65 30.23
N LEU G 26 -45.74 -8.23 31.49
CA LEU G 26 -46.36 -9.13 32.44
C LEU G 26 -47.77 -9.51 32.04
N GLU G 27 -48.54 -8.55 31.53
CA GLU G 27 -49.93 -8.83 31.16
C GLU G 27 -50.02 -9.79 29.99
N HIS G 28 -49.22 -9.56 28.95
CA HIS G 28 -49.31 -10.37 27.74
C HIS G 28 -48.44 -11.62 27.79
N GLY G 29 -47.69 -11.83 28.88
CA GLY G 29 -46.84 -13.00 28.98
C GLY G 29 -45.52 -12.89 28.27
N ILE G 30 -45.14 -11.71 27.80
CA ILE G 30 -43.88 -11.53 27.11
C ILE G 30 -42.74 -11.56 28.12
N GLN G 31 -41.73 -12.37 27.86
CA GLN G 31 -40.52 -12.35 28.65
C GLN G 31 -39.77 -11.04 28.41
N PRO G 32 -38.95 -10.61 29.37
CA PRO G 32 -38.21 -9.34 29.17
C PRO G 32 -37.28 -9.35 27.98
N ASP G 33 -36.87 -10.52 27.50
CA ASP G 33 -36.05 -10.61 26.30
C ASP G 33 -36.88 -10.63 25.03
N GLY G 34 -38.20 -10.54 25.13
CA GLY G 34 -39.07 -10.44 23.98
C GLY G 34 -39.74 -11.72 23.54
N GLN G 35 -39.42 -12.84 24.16
CA GLN G 35 -40.01 -14.12 23.78
C GLN G 35 -41.31 -14.37 24.54
N MET G 36 -42.18 -15.16 23.93
CA MET G 36 -43.44 -15.57 24.57
C MET G 36 -43.43 -17.08 24.74
N PRO G 37 -43.20 -17.59 25.96
CA PRO G 37 -43.20 -19.03 26.23
C PRO G 37 -44.62 -19.61 26.33
N ASP G 47 -52.47 -12.42 18.25
CA ASP G 47 -53.46 -12.42 19.31
C ASP G 47 -53.80 -11.00 19.77
N SER G 48 -53.93 -10.84 21.08
CA SER G 48 -54.30 -9.56 21.69
C SER G 48 -53.11 -8.65 21.95
N PHE G 49 -51.89 -9.18 21.89
CA PHE G 49 -50.69 -8.37 22.08
C PHE G 49 -50.39 -7.47 20.89
N ASN G 50 -51.07 -7.67 19.77
CA ASN G 50 -50.75 -6.94 18.54
C ASN G 50 -50.98 -5.45 18.68
N THR G 51 -51.76 -5.02 19.68
CA THR G 51 -51.99 -3.59 19.87
C THR G 51 -50.70 -2.87 20.21
N PHE G 52 -49.86 -3.46 21.05
CA PHE G 52 -48.64 -2.81 21.50
C PHE G 52 -47.37 -3.51 21.05
N PHE G 53 -47.44 -4.77 20.61
CA PHE G 53 -46.24 -5.54 20.26
C PHE G 53 -46.32 -5.99 18.80
N SER G 54 -45.19 -5.93 18.12
CA SER G 54 -45.05 -6.42 16.76
C SER G 54 -44.30 -7.75 16.77
N GLU G 55 -44.44 -8.50 15.68
CA GLU G 55 -43.78 -9.78 15.53
C GLU G 55 -42.63 -9.66 14.52
N THR G 56 -41.43 -10.00 14.97
CA THR G 56 -40.25 -9.98 14.13
C THR G 56 -39.73 -11.40 13.99
N GLY G 57 -39.75 -11.92 12.77
CA GLY G 57 -39.29 -13.27 12.52
C GLY G 57 -40.14 -14.32 13.21
N ALA G 58 -39.55 -15.03 14.16
CA ALA G 58 -40.23 -16.10 14.87
C ALA G 58 -40.06 -15.92 16.37
N GLY G 59 -41.16 -15.76 17.08
CA GLY G 59 -41.14 -15.75 18.53
C GLY G 59 -40.61 -14.50 19.18
N LYS G 60 -40.34 -13.46 18.42
CA LYS G 60 -39.78 -12.21 18.95
C LYS G 60 -40.85 -11.15 18.93
N HIS G 61 -41.12 -10.56 20.09
CA HIS G 61 -42.11 -9.50 20.23
C HIS G 61 -41.37 -8.20 20.54
N VAL G 62 -41.51 -7.22 19.67
CA VAL G 62 -40.88 -5.91 19.83
C VAL G 62 -41.97 -4.89 20.15
N PRO G 63 -41.83 -4.08 21.20
CA PRO G 63 -42.88 -3.12 21.54
C PRO G 63 -42.96 -1.99 20.53
N ARG G 64 -44.19 -1.54 20.29
CA ARG G 64 -44.44 -0.41 19.40
C ARG G 64 -44.28 0.90 20.16
N ALA G 65 -43.05 1.16 20.57
CA ALA G 65 -42.72 2.35 21.33
C ALA G 65 -41.42 2.96 20.82
N VAL G 66 -41.29 4.26 21.01
CA VAL G 66 -40.07 4.98 20.69
C VAL G 66 -39.68 5.79 21.91
N PHE G 67 -38.45 5.60 22.39
CA PHE G 67 -37.93 6.28 23.57
C PHE G 67 -36.99 7.37 23.11
N VAL G 68 -37.34 8.61 23.42
CA VAL G 68 -36.55 9.77 22.99
C VAL G 68 -36.12 10.55 24.22
N ASP G 69 -34.83 10.85 24.31
CA ASP G 69 -34.34 11.70 25.37
C ASP G 69 -33.08 12.40 24.90
N LEU G 70 -32.86 13.61 25.40
CA LEU G 70 -31.72 14.41 24.99
C LEU G 70 -30.47 14.16 25.84
N GLU G 71 -30.58 13.37 26.91
CA GLU G 71 -29.43 12.91 27.67
C GLU G 71 -29.41 11.38 27.70
N PRO G 72 -28.22 10.77 27.85
CA PRO G 72 -28.12 9.32 27.70
C PRO G 72 -28.46 8.50 28.94
N THR G 73 -28.74 9.13 30.08
CA THR G 73 -28.79 8.40 31.34
C THR G 73 -29.90 7.35 31.35
N VAL G 74 -31.16 7.78 31.27
CA VAL G 74 -32.27 6.85 31.40
C VAL G 74 -32.32 5.89 30.21
N ILE G 75 -31.98 6.38 29.01
CA ILE G 75 -31.98 5.51 27.85
C ILE G 75 -30.91 4.44 27.99
N ASP G 76 -29.76 4.78 28.58
CA ASP G 76 -28.74 3.76 28.79
C ASP G 76 -29.11 2.79 29.91
N GLU G 77 -29.91 3.24 30.89
CA GLU G 77 -30.50 2.25 31.80
C GLU G 77 -31.40 1.27 31.05
N VAL G 78 -32.21 1.77 30.12
CA VAL G 78 -33.05 0.87 29.33
C VAL G 78 -32.19 -0.03 28.46
N ARG G 79 -31.07 0.49 27.96
CA ARG G 79 -30.15 -0.28 27.13
C ARG G 79 -29.30 -1.27 27.93
N THR G 80 -29.26 -1.12 29.25
CA THR G 80 -28.44 -1.98 30.10
C THR G 80 -29.27 -2.84 31.04
N GLY G 81 -30.44 -2.37 31.44
CA GLY G 81 -31.27 -3.10 32.38
C GLY G 81 -31.84 -4.37 31.80
N THR G 82 -32.81 -4.93 32.52
CA THR G 82 -33.35 -6.24 32.19
C THR G 82 -34.19 -6.24 30.92
N TYR G 83 -34.56 -5.07 30.39
CA TYR G 83 -35.34 -4.99 29.16
C TYR G 83 -34.50 -4.49 28.00
N ARG G 84 -33.19 -4.72 28.05
CA ARG G 84 -32.31 -4.26 26.98
C ARG G 84 -32.56 -5.00 25.67
N GLN G 85 -33.03 -6.24 25.75
CA GLN G 85 -33.31 -7.03 24.56
C GLN G 85 -34.75 -6.88 24.09
N LEU G 86 -35.58 -6.15 24.83
CA LEU G 86 -36.96 -5.95 24.39
C LEU G 86 -37.04 -5.02 23.20
N PHE G 87 -36.33 -3.91 23.26
CA PHE G 87 -36.31 -2.90 22.20
C PHE G 87 -35.10 -3.12 21.30
N HIS G 88 -35.09 -2.41 20.18
CA HIS G 88 -33.87 -2.40 19.40
C HIS G 88 -33.30 -0.98 19.33
N PRO G 89 -31.97 -0.84 19.19
CA PRO G 89 -31.32 0.43 19.58
C PRO G 89 -31.85 1.68 18.90
N GLU G 90 -32.23 1.61 17.62
CA GLU G 90 -32.71 2.82 16.95
C GLU G 90 -34.10 3.24 17.43
N GLN G 91 -34.80 2.38 18.17
CA GLN G 91 -36.01 2.78 18.87
C GLN G 91 -35.71 3.55 20.15
N LEU G 92 -34.44 3.60 20.55
CA LEU G 92 -34.00 4.26 21.78
C LEU G 92 -33.07 5.40 21.37
N ILE G 93 -33.62 6.61 21.28
CA ILE G 93 -32.91 7.75 20.71
C ILE G 93 -32.31 8.58 21.83
N THR G 94 -31.05 8.98 21.66
CA THR G 94 -30.31 9.73 22.66
C THR G 94 -29.54 10.85 21.99
N GLY G 95 -29.60 12.05 22.55
CA GLY G 95 -28.85 13.19 22.09
C GLY G 95 -27.51 13.33 22.78
N LYS G 96 -26.98 14.55 22.78
CA LYS G 96 -25.69 14.85 23.40
C LYS G 96 -25.82 15.66 24.68
N GLU G 97 -26.51 16.79 24.64
CA GLU G 97 -26.70 17.63 25.82
C GLU G 97 -28.18 17.71 26.17
N ASP G 98 -28.45 17.75 27.47
CA ASP G 98 -29.80 17.84 27.98
C ASP G 98 -30.43 19.17 27.59
N ALA G 99 -31.77 19.20 27.57
CA ALA G 99 -32.49 20.45 27.39
C ALA G 99 -32.33 21.37 28.60
N ALA G 100 -32.01 20.81 29.77
CA ALA G 100 -31.66 21.57 30.96
C ALA G 100 -32.77 22.53 31.41
N ASN G 101 -33.91 21.94 31.78
CA ASN G 101 -35.09 22.67 32.24
C ASN G 101 -35.42 23.86 31.36
N ASN G 102 -35.15 23.75 30.07
CA ASN G 102 -35.29 24.89 29.16
C ASN G 102 -36.16 24.46 28.00
N TYR G 103 -37.41 24.95 27.98
CA TYR G 103 -38.27 24.73 26.82
C TYR G 103 -37.62 25.24 25.56
N ALA G 104 -36.88 26.35 25.67
CA ALA G 104 -36.20 26.92 24.51
C ALA G 104 -35.19 25.93 23.95
N ARG G 105 -34.39 25.31 24.82
CA ARG G 105 -33.41 24.34 24.35
C ARG G 105 -34.08 23.09 23.81
N GLY G 106 -35.17 22.65 24.42
CA GLY G 106 -35.84 21.46 23.94
C GLY G 106 -36.58 21.67 22.64
N HIS G 107 -36.91 22.92 22.32
CA HIS G 107 -37.73 23.21 21.14
C HIS G 107 -36.93 23.75 19.98
N TYR G 108 -35.87 24.53 20.21
CA TYR G 108 -35.20 25.25 19.14
C TYR G 108 -33.77 24.77 18.90
N THR G 109 -32.92 24.78 19.91
CA THR G 109 -31.50 24.47 19.70
C THR G 109 -31.27 22.96 19.63
N ILE G 110 -31.54 22.25 20.73
CA ILE G 110 -31.25 20.83 20.77
C ILE G 110 -32.35 20.04 20.07
N GLY G 111 -33.57 20.58 20.04
CA GLY G 111 -34.68 19.83 19.48
C GLY G 111 -34.54 19.60 17.99
N LYS G 112 -33.98 20.57 17.26
CA LYS G 112 -33.98 20.47 15.80
C LYS G 112 -33.01 19.41 15.29
N GLU G 113 -31.96 19.09 16.04
CA GLU G 113 -30.95 18.18 15.54
C GLU G 113 -31.33 16.72 15.75
N ILE G 114 -32.45 16.45 16.41
CA ILE G 114 -32.82 15.08 16.76
C ILE G 114 -34.27 14.81 16.36
N ILE G 115 -34.97 15.84 15.91
CA ILE G 115 -36.39 15.69 15.62
C ILE G 115 -36.60 14.83 14.37
N ASP G 116 -35.75 15.01 13.36
CA ASP G 116 -35.92 14.27 12.11
C ASP G 116 -35.72 12.77 12.33
N LEU G 117 -34.75 12.39 13.17
CA LEU G 117 -34.50 10.97 13.40
C LEU G 117 -35.67 10.32 14.11
N VAL G 118 -36.25 11.00 15.10
CA VAL G 118 -37.37 10.41 15.82
C VAL G 118 -38.61 10.36 14.95
N LEU G 119 -38.79 11.33 14.05
CA LEU G 119 -39.89 11.21 13.10
C LEU G 119 -39.68 10.09 12.10
N ASP G 120 -38.43 9.86 11.68
CA ASP G 120 -38.16 8.73 10.80
C ASP G 120 -38.46 7.41 11.50
N ARG G 121 -38.08 7.30 12.77
CA ARG G 121 -38.40 6.10 13.55
C ARG G 121 -39.90 5.94 13.70
N ILE G 122 -40.61 7.02 14.01
CA ILE G 122 -42.05 6.96 14.16
C ILE G 122 -42.72 6.55 12.86
N ARG G 123 -42.18 7.02 11.74
CA ARG G 123 -42.74 6.66 10.43
C ARG G 123 -42.52 5.18 10.14
N LYS G 124 -41.30 4.68 10.36
CA LYS G 124 -41.05 3.27 10.11
C LYS G 124 -41.73 2.38 11.14
N LEU G 125 -42.23 2.96 12.22
CA LEU G 125 -43.04 2.20 13.16
C LEU G 125 -44.51 2.22 12.75
N ALA G 126 -44.96 3.33 12.17
CA ALA G 126 -46.36 3.50 11.82
C ALA G 126 -46.72 2.90 10.47
N ASP G 127 -45.74 2.69 9.60
CA ASP G 127 -46.04 1.99 8.35
C ASP G 127 -46.30 0.51 8.60
N GLN G 128 -45.62 -0.06 9.60
CA GLN G 128 -45.80 -1.47 9.93
C GLN G 128 -47.20 -1.76 10.45
N CYS G 129 -47.81 -0.81 11.15
CA CYS G 129 -49.17 -0.97 11.63
C CYS G 129 -50.15 -0.81 10.48
N THR G 130 -51.29 -1.51 10.58
CA THR G 130 -52.34 -1.41 9.58
C THR G 130 -53.62 -0.78 10.11
N GLY G 131 -53.78 -0.69 11.42
CA GLY G 131 -54.98 -0.13 12.01
C GLY G 131 -54.68 0.90 13.08
N LEU G 132 -53.66 1.73 12.86
CA LEU G 132 -53.16 2.64 13.88
C LEU G 132 -54.24 3.54 14.44
N GLN G 133 -54.59 3.34 15.71
CA GLN G 133 -55.60 4.17 16.36
C GLN G 133 -55.05 5.55 16.69
N GLY G 134 -53.82 5.61 17.17
CA GLY G 134 -53.24 6.89 17.52
C GLY G 134 -51.96 6.70 18.31
N PHE G 135 -51.49 7.82 18.86
CA PHE G 135 -50.23 7.87 19.59
C PHE G 135 -50.48 8.13 21.07
N LEU G 136 -49.62 7.54 21.89
CA LEU G 136 -49.61 7.80 23.34
C LEU G 136 -48.30 8.50 23.66
N VAL G 137 -48.39 9.76 24.11
CA VAL G 137 -47.22 10.58 24.37
C VAL G 137 -47.08 10.76 25.87
N PHE G 138 -45.91 10.42 26.40
CA PHE G 138 -45.62 10.55 27.81
C PHE G 138 -44.51 11.57 27.99
N HIS G 139 -44.73 12.54 28.88
CA HIS G 139 -43.74 13.57 29.12
C HIS G 139 -44.07 14.26 30.43
N SER G 140 -43.36 15.35 30.73
CA SER G 140 -43.61 16.16 31.89
C SER G 140 -43.57 17.63 31.49
N PHE G 141 -44.50 18.42 32.02
CA PHE G 141 -44.55 19.84 31.67
C PHE G 141 -43.31 20.58 32.12
N GLY G 142 -42.82 20.29 33.32
CA GLY G 142 -41.74 21.09 33.88
C GLY G 142 -40.38 20.83 33.27
N GLY G 143 -40.19 19.66 32.67
CA GLY G 143 -38.91 19.35 32.08
C GLY G 143 -38.68 20.12 30.79
N GLY G 144 -37.41 20.46 30.55
CA GLY G 144 -37.08 21.12 29.31
C GLY G 144 -37.33 20.26 28.09
N THR G 145 -36.91 18.99 28.16
CA THR G 145 -37.21 18.06 27.09
C THR G 145 -38.70 17.82 26.98
N GLY G 146 -39.33 17.44 28.11
CA GLY G 146 -40.74 17.08 28.12
C GLY G 146 -41.67 18.21 27.75
N SER G 147 -41.19 19.45 27.77
CA SER G 147 -41.96 20.58 27.25
C SER G 147 -41.58 20.92 25.82
N GLY G 148 -40.32 21.29 25.60
CA GLY G 148 -39.92 21.77 24.28
C GLY G 148 -39.99 20.69 23.22
N PHE G 149 -39.32 19.56 23.46
CA PHE G 149 -39.28 18.55 22.42
C PHE G 149 -40.63 17.88 22.25
N THR G 150 -41.42 17.79 23.32
CA THR G 150 -42.77 17.28 23.17
C THR G 150 -43.63 18.20 22.32
N SER G 151 -43.51 19.52 22.54
CA SER G 151 -44.26 20.46 21.70
C SER G 151 -43.83 20.36 20.24
N LEU G 152 -42.52 20.30 20.01
CA LEU G 152 -42.00 20.14 18.64
C LEU G 152 -42.54 18.87 18.01
N LEU G 153 -42.47 17.75 18.73
CA LEU G 153 -42.88 16.48 18.16
C LEU G 153 -44.38 16.44 17.91
N MET G 154 -45.18 17.05 18.81
CA MET G 154 -46.61 17.04 18.61
C MET G 154 -47.04 17.92 17.45
N GLU G 155 -46.41 19.08 17.29
CA GLU G 155 -46.77 19.91 16.13
C GLU G 155 -46.33 19.22 14.83
N ARG G 156 -45.17 18.57 14.85
CA ARG G 156 -44.72 17.83 13.67
C ARG G 156 -45.67 16.68 13.34
N LEU G 157 -46.13 15.95 14.37
CA LEU G 157 -47.05 14.85 14.15
C LEU G 157 -48.41 15.35 13.66
N SER G 158 -48.86 16.49 14.17
CA SER G 158 -50.11 17.08 13.69
C SER G 158 -50.01 17.46 12.23
N VAL G 159 -48.86 18.00 11.81
CA VAL G 159 -48.65 18.28 10.40
C VAL G 159 -48.64 16.98 9.60
N ASP G 160 -47.91 15.98 10.08
CA ASP G 160 -47.68 14.77 9.29
C ASP G 160 -48.88 13.84 9.28
N TYR G 161 -49.58 13.70 10.39
CA TYR G 161 -50.64 12.69 10.52
C TYR G 161 -52.04 13.27 10.56
N GLY G 162 -52.29 14.27 11.38
CA GLY G 162 -53.57 14.97 11.32
C GLY G 162 -54.69 14.26 12.06
N LYS G 163 -55.53 13.55 11.30
CA LYS G 163 -56.71 12.92 11.87
C LYS G 163 -56.40 11.79 12.84
N LYS G 164 -55.17 11.28 12.84
CA LYS G 164 -54.79 10.27 13.81
C LYS G 164 -54.87 10.84 15.23
N SER G 165 -55.42 10.06 16.15
CA SER G 165 -55.59 10.53 17.51
C SER G 165 -54.24 10.68 18.20
N LYS G 166 -54.19 11.58 19.18
CA LYS G 166 -52.97 11.85 19.93
C LYS G 166 -53.34 12.03 21.39
N LEU G 167 -53.12 10.99 22.18
CA LEU G 167 -53.39 11.01 23.61
C LEU G 167 -52.09 11.33 24.33
N GLU G 168 -52.16 12.23 25.31
CA GLU G 168 -50.97 12.75 25.98
C GLU G 168 -51.10 12.55 27.48
N PHE G 169 -50.12 11.87 28.07
CA PHE G 169 -50.02 11.71 29.51
C PHE G 169 -48.85 12.56 29.98
N SER G 170 -49.12 13.50 30.89
CA SER G 170 -48.10 14.43 31.34
C SER G 170 -48.16 14.55 32.86
N ILE G 171 -47.01 14.84 33.46
CA ILE G 171 -46.93 15.11 34.89
C ILE G 171 -47.17 16.60 35.07
N TYR G 172 -48.38 16.93 35.49
CA TYR G 172 -48.73 18.31 35.78
C TYR G 172 -47.88 18.83 36.93
N PRO G 173 -47.29 20.02 36.80
CA PRO G 173 -46.47 20.56 37.89
C PRO G 173 -47.30 20.77 39.15
N ALA G 174 -46.71 20.43 40.28
CA ALA G 174 -47.42 20.41 41.55
C ALA G 174 -47.64 21.82 42.08
N PRO G 175 -48.75 22.05 42.79
CA PRO G 175 -48.92 23.32 43.50
C PRO G 175 -47.82 23.58 44.52
N GLN G 176 -47.35 22.54 45.20
CA GLN G 176 -46.38 22.71 46.28
C GLN G 176 -45.04 22.05 45.98
N VAL G 177 -44.99 20.76 45.72
CA VAL G 177 -43.72 20.04 45.58
C VAL G 177 -43.35 20.03 44.09
N SER G 178 -42.69 21.09 43.65
CA SER G 178 -42.10 21.14 42.33
C SER G 178 -40.58 21.18 42.47
N THR G 179 -39.90 20.38 41.66
CA THR G 179 -38.46 20.21 41.79
C THR G 179 -37.66 21.18 40.92
N ALA G 180 -38.31 22.01 40.12
CA ALA G 180 -37.63 22.94 39.23
C ALA G 180 -38.02 24.37 39.56
N VAL G 181 -37.02 25.25 39.66
CA VAL G 181 -37.30 26.65 39.91
C VAL G 181 -38.03 27.28 38.73
N VAL G 182 -37.71 26.83 37.52
CA VAL G 182 -38.22 27.41 36.30
C VAL G 182 -39.40 26.60 35.73
N GLU G 183 -40.03 25.78 36.57
CA GLU G 183 -41.12 24.93 36.10
C GLU G 183 -42.32 25.66 35.52
N PRO G 184 -42.87 26.72 36.15
CA PRO G 184 -44.06 27.37 35.55
C PRO G 184 -43.83 27.92 34.16
N TYR G 185 -42.65 28.46 33.89
CA TYR G 185 -42.33 28.94 32.54
C TYR G 185 -42.52 27.82 31.53
N ASN G 186 -41.89 26.67 31.76
CA ASN G 186 -41.99 25.56 30.84
C ASN G 186 -43.42 25.07 30.72
N SER G 187 -44.15 24.99 31.84
CA SER G 187 -45.51 24.52 31.79
C SER G 187 -46.39 25.40 30.91
N ILE G 188 -46.27 26.72 31.07
CA ILE G 188 -47.06 27.65 30.25
C ILE G 188 -46.68 27.52 28.78
N LEU G 189 -45.37 27.49 28.49
CA LEU G 189 -44.94 27.42 27.11
C LEU G 189 -45.41 26.13 26.44
N THR G 190 -45.38 25.00 27.15
CA THR G 190 -45.77 23.75 26.52
C THR G 190 -47.29 23.63 26.38
N THR G 191 -48.05 24.14 27.35
CA THR G 191 -49.49 24.06 27.20
C THR G 191 -50.01 24.99 26.11
N HIS G 192 -49.28 26.07 25.81
CA HIS G 192 -49.69 26.96 24.73
C HIS G 192 -49.81 26.23 23.40
N THR G 193 -48.97 25.24 23.15
CA THR G 193 -49.07 24.42 21.94
C THR G 193 -49.82 23.12 22.14
N THR G 194 -49.84 22.60 23.38
CA THR G 194 -50.66 21.43 23.68
C THR G 194 -52.14 21.73 23.47
N LEU G 195 -52.55 22.99 23.59
CA LEU G 195 -53.94 23.33 23.36
C LEU G 195 -54.42 22.95 21.97
N GLU G 196 -53.55 23.03 20.97
CA GLU G 196 -53.97 22.76 19.60
C GLU G 196 -53.37 21.52 18.98
N HIS G 197 -52.26 20.98 19.50
CA HIS G 197 -51.64 19.82 18.89
C HIS G 197 -51.90 18.53 19.66
N SER G 198 -52.77 18.56 20.66
CA SER G 198 -53.10 17.37 21.45
C SER G 198 -54.59 17.13 21.40
N ASP G 199 -54.97 15.86 21.22
CA ASP G 199 -56.38 15.51 21.16
C ASP G 199 -56.98 15.26 22.53
N CYS G 200 -56.18 14.80 23.49
CA CYS G 200 -56.64 14.55 24.85
C CYS G 200 -55.43 14.48 25.76
N ALA G 201 -55.34 15.39 26.72
CA ALA G 201 -54.20 15.46 27.62
C ALA G 201 -54.61 14.99 29.00
N PHE G 202 -54.06 13.86 29.43
CA PHE G 202 -54.34 13.30 30.74
C PHE G 202 -53.36 13.86 31.75
N MET G 203 -53.88 14.36 32.86
CA MET G 203 -53.13 15.23 33.73
C MET G 203 -52.94 14.51 35.06
N VAL G 204 -51.68 14.33 35.48
CA VAL G 204 -51.36 13.58 36.68
C VAL G 204 -50.35 14.36 37.48
N ASP G 205 -50.68 14.63 38.74
CA ASP G 205 -49.83 15.41 39.62
C ASP G 205 -49.06 14.47 40.55
N ASN G 206 -47.88 14.91 40.96
CA ASN G 206 -47.07 14.08 41.86
C ASN G 206 -47.55 14.12 43.30
N GLU G 207 -48.12 15.23 43.75
CA GLU G 207 -48.65 15.28 45.12
C GLU G 207 -49.77 14.28 45.30
N ALA G 208 -50.62 14.14 44.28
CA ALA G 208 -51.72 13.19 44.37
C ALA G 208 -51.20 11.77 44.51
N ILE G 209 -50.16 11.41 43.75
CA ILE G 209 -49.58 10.08 43.93
C ILE G 209 -48.99 9.96 45.33
N TYR G 210 -48.32 11.02 45.80
CA TYR G 210 -47.68 10.95 47.11
C TYR G 210 -48.70 10.69 48.22
N ASP G 211 -49.79 11.48 48.25
CA ASP G 211 -50.73 11.30 49.34
C ASP G 211 -51.64 10.09 49.13
N ILE G 212 -51.87 9.67 47.88
CA ILE G 212 -52.56 8.40 47.66
C ILE G 212 -51.73 7.23 48.18
N CYS G 213 -50.43 7.27 47.92
CA CYS G 213 -49.54 6.24 48.46
C CYS G 213 -49.48 6.30 49.98
N ARG G 214 -49.51 7.51 50.55
CA ARG G 214 -49.38 7.67 51.99
C ARG G 214 -50.65 7.26 52.72
N ARG G 215 -51.82 7.40 52.09
CA ARG G 215 -53.08 7.02 52.73
C ARG G 215 -53.52 5.61 52.36
N ASN G 216 -53.74 5.37 51.08
CA ASN G 216 -54.32 4.10 50.63
C ASN G 216 -53.29 2.99 50.60
N LEU G 217 -52.15 3.23 49.95
CA LEU G 217 -51.09 2.23 49.85
C LEU G 217 -50.15 2.27 51.03
N ASP G 218 -50.43 3.12 52.03
CA ASP G 218 -49.70 3.34 53.28
C ASP G 218 -48.21 3.12 53.15
N ILE G 219 -47.59 3.75 52.15
CA ILE G 219 -46.15 3.76 51.98
C ILE G 219 -45.62 5.05 52.57
N GLU G 220 -44.74 4.92 53.58
CA GLU G 220 -44.18 6.10 54.22
C GLU G 220 -43.21 6.82 53.28
N ARG G 221 -42.44 6.06 52.49
CA ARG G 221 -41.35 6.60 51.69
C ARG G 221 -41.50 6.14 50.25
N PRO G 222 -42.42 6.71 49.49
CA PRO G 222 -42.61 6.31 48.09
C PRO G 222 -41.70 7.07 47.15
N THR G 223 -41.06 6.33 46.26
CA THR G 223 -40.18 6.88 45.24
C THR G 223 -40.90 6.89 43.90
N TYR G 224 -40.18 7.37 42.87
CA TYR G 224 -40.77 7.48 41.54
C TYR G 224 -41.20 6.14 40.97
N THR G 225 -40.68 5.03 41.48
CA THR G 225 -41.11 3.72 40.99
C THR G 225 -42.59 3.51 41.20
N ASN G 226 -43.10 3.88 42.38
CA ASN G 226 -44.52 3.71 42.66
C ASN G 226 -45.37 4.67 41.85
N LEU G 227 -44.90 5.89 41.65
CA LEU G 227 -45.59 6.84 40.80
C LEU G 227 -45.76 6.29 39.38
N ASN G 228 -44.65 5.84 38.79
CA ASN G 228 -44.71 5.30 37.44
C ASN G 228 -45.51 4.01 37.38
N ARG G 229 -45.49 3.21 38.45
CA ARG G 229 -46.29 1.99 38.48
C ARG G 229 -47.78 2.32 38.46
N LEU G 230 -48.20 3.30 39.26
CA LEU G 230 -49.61 3.70 39.26
C LEU G 230 -50.02 4.30 37.92
N ILE G 231 -49.16 5.12 37.33
CA ILE G 231 -49.47 5.71 36.03
C ILE G 231 -49.57 4.61 34.97
N SER G 232 -48.68 3.61 35.05
CA SER G 232 -48.74 2.49 34.14
C SER G 232 -50.04 1.70 34.31
N GLN G 233 -50.48 1.53 35.55
CA GLN G 233 -51.75 0.86 35.79
C GLN G 233 -52.90 1.63 35.14
N ILE G 234 -52.89 2.96 35.24
CA ILE G 234 -53.95 3.75 34.63
C ILE G 234 -53.91 3.63 33.11
N VAL G 235 -52.71 3.72 32.52
CA VAL G 235 -52.62 3.64 31.06
C VAL G 235 -53.01 2.25 30.56
N SER G 236 -52.62 1.21 31.29
CA SER G 236 -53.02 -0.15 30.93
C SER G 236 -54.52 -0.32 31.03
N SER G 237 -55.14 0.26 32.05
CA SER G 237 -56.59 0.23 32.14
C SER G 237 -57.23 0.93 30.95
N ILE G 238 -56.64 2.05 30.51
CA ILE G 238 -57.16 2.77 29.36
C ILE G 238 -57.09 1.91 28.11
N THR G 239 -55.95 1.26 27.88
CA THR G 239 -55.71 0.53 26.65
C THR G 239 -56.17 -0.92 26.70
N ALA G 240 -56.71 -1.39 27.84
CA ALA G 240 -57.15 -2.78 27.93
C ALA G 240 -58.28 -3.08 26.98
N SER G 241 -59.12 -2.08 26.67
CA SER G 241 -60.20 -2.31 25.71
C SER G 241 -59.64 -2.66 24.34
N LEU G 242 -58.57 -2.00 23.92
CA LEU G 242 -57.89 -2.36 22.68
C LEU G 242 -57.17 -3.71 22.82
N ARG G 243 -56.55 -3.95 23.97
CA ARG G 243 -55.70 -5.12 24.14
C ARG G 243 -56.47 -6.36 24.60
N PHE G 244 -57.77 -6.26 24.84
CA PHE G 244 -58.53 -7.40 25.34
C PHE G 244 -59.94 -7.32 24.79
N ASP G 245 -60.84 -8.12 25.35
CA ASP G 245 -62.24 -8.12 25.00
C ASP G 245 -63.07 -7.95 26.27
N GLY G 246 -64.22 -7.31 26.12
CA GLY G 246 -65.07 -7.02 27.26
C GLY G 246 -66.51 -6.90 26.85
N ALA G 247 -67.38 -6.79 27.86
CA ALA G 247 -68.80 -6.59 27.59
C ALA G 247 -69.06 -5.27 26.87
N LEU G 248 -68.27 -4.24 27.18
CA LEU G 248 -68.40 -2.94 26.53
C LEU G 248 -67.00 -2.44 26.21
N ASN G 249 -66.68 -2.37 24.92
CA ASN G 249 -65.34 -1.99 24.48
C ASN G 249 -65.33 -0.51 24.14
N VAL G 250 -64.34 0.21 24.66
CA VAL G 250 -64.19 1.64 24.43
C VAL G 250 -62.90 1.85 23.65
N ASP G 251 -63.05 2.25 22.39
CA ASP G 251 -61.90 2.53 21.54
C ASP G 251 -61.38 3.94 21.87
N LEU G 252 -60.19 4.25 21.38
CA LEU G 252 -59.61 5.58 21.61
C LEU G 252 -60.49 6.67 21.02
N THR G 253 -61.01 6.45 19.81
CA THR G 253 -61.91 7.42 19.21
C THR G 253 -63.23 7.52 19.98
N GLU G 254 -63.76 6.37 20.42
CA GLU G 254 -64.91 6.37 21.33
C GLU G 254 -64.63 7.25 22.54
N PHE G 255 -63.47 7.05 23.16
CA PHE G 255 -63.10 7.75 24.37
C PHE G 255 -63.01 9.25 24.13
N GLN G 256 -62.35 9.64 23.04
CA GLN G 256 -62.19 11.05 22.69
C GLN G 256 -63.52 11.71 22.39
N THR G 257 -64.39 11.02 21.66
CA THR G 257 -65.71 11.59 21.35
C THR G 257 -66.54 11.76 22.62
N ASN G 258 -66.49 10.79 23.51
CA ASN G 258 -67.33 10.85 24.70
C ASN G 258 -66.77 11.73 25.80
N LEU G 259 -65.50 12.14 25.72
CA LEU G 259 -64.92 12.92 26.79
C LEU G 259 -64.62 14.37 26.45
N VAL G 260 -64.54 14.73 25.18
CA VAL G 260 -64.14 16.08 24.79
C VAL G 260 -65.38 16.82 24.28
N PRO G 261 -65.93 17.76 25.06
CA PRO G 261 -67.15 18.45 24.63
C PRO G 261 -66.86 19.63 23.70
N TYR G 262 -65.70 20.26 23.86
CA TYR G 262 -65.30 21.39 23.06
C TYR G 262 -63.84 21.21 22.66
N PRO G 263 -63.44 21.74 21.49
CA PRO G 263 -62.08 21.45 21.00
C PRO G 263 -60.97 21.86 21.94
N ARG G 264 -61.12 22.97 22.65
CA ARG G 264 -60.06 23.41 23.56
C ARG G 264 -60.12 22.73 24.91
N ILE G 265 -61.24 22.09 25.24
CA ILE G 265 -61.42 21.45 26.54
C ILE G 265 -61.12 19.97 26.34
N HIS G 266 -59.85 19.60 26.47
CA HIS G 266 -59.43 18.22 26.30
C HIS G 266 -58.42 17.84 27.37
N PHE G 267 -58.69 18.21 28.62
CA PHE G 267 -57.79 17.95 29.74
C PHE G 267 -58.56 17.22 30.84
N PRO G 268 -58.85 15.94 30.63
CA PRO G 268 -59.59 15.19 31.66
C PRO G 268 -58.70 14.85 32.84
N LEU G 269 -59.35 14.54 33.96
CA LEU G 269 -58.67 14.18 35.19
C LEU G 269 -58.78 12.68 35.39
N ALA G 270 -57.64 12.01 35.45
CA ALA G 270 -57.64 10.58 35.71
C ALA G 270 -57.94 10.31 37.18
N THR G 271 -58.30 9.06 37.47
CA THR G 271 -58.33 8.53 38.82
C THR G 271 -58.47 7.02 38.73
N TYR G 272 -57.83 6.32 39.65
CA TYR G 272 -57.81 4.87 39.66
C TYR G 272 -58.35 4.37 40.99
N ALA G 273 -59.11 3.27 40.94
CA ALA G 273 -59.66 2.66 42.12
C ALA G 273 -59.89 1.19 41.85
N PRO G 274 -59.64 0.31 42.82
CA PRO G 274 -59.11 0.60 44.16
C PRO G 274 -57.59 0.49 44.23
N VAL G 275 -56.95 1.43 44.90
CA VAL G 275 -55.54 1.32 45.26
C VAL G 275 -55.49 1.01 46.74
N ILE G 276 -55.01 -0.19 47.08
CA ILE G 276 -55.01 -0.65 48.47
C ILE G 276 -53.80 -1.53 48.68
N SER G 277 -53.32 -1.57 49.92
CA SER G 277 -52.26 -2.48 50.28
C SER G 277 -52.80 -3.90 50.40
N ALA G 278 -51.89 -4.86 50.49
CA ALA G 278 -52.29 -6.26 50.58
C ALA G 278 -53.06 -6.53 51.87
N GLU G 279 -52.62 -5.94 52.98
CA GLU G 279 -53.24 -6.24 54.26
C GLU G 279 -54.64 -5.64 54.39
N LYS G 280 -54.92 -4.55 53.69
CA LYS G 280 -56.25 -3.96 53.75
C LYS G 280 -57.21 -4.55 52.71
N ALA G 281 -56.70 -5.37 51.78
CA ALA G 281 -57.56 -5.93 50.74
C ALA G 281 -58.48 -7.01 51.29
N TYR G 282 -57.99 -7.81 52.24
CA TYR G 282 -58.78 -8.90 52.79
C TYR G 282 -60.01 -8.38 53.53
N HIS G 283 -59.85 -7.31 54.29
CA HIS G 283 -60.98 -6.79 55.06
C HIS G 283 -61.98 -6.05 54.20
N GLU G 284 -61.63 -5.70 52.97
CA GLU G 284 -62.48 -4.85 52.13
C GLU G 284 -63.29 -5.70 51.17
N GLN G 285 -64.60 -5.51 51.17
CA GLN G 285 -65.50 -6.12 50.20
C GLN G 285 -65.53 -5.20 48.99
N LEU G 286 -64.63 -5.44 48.05
CA LEU G 286 -64.36 -4.50 46.96
C LEU G 286 -65.42 -4.68 45.86
N SER G 287 -66.63 -4.22 46.16
CA SER G 287 -67.68 -4.24 45.16
C SER G 287 -67.52 -3.06 44.20
N VAL G 288 -68.23 -3.13 43.09
CA VAL G 288 -68.12 -2.10 42.06
C VAL G 288 -68.70 -0.78 42.56
N ALA G 289 -69.79 -0.85 43.33
CA ALA G 289 -70.44 0.37 43.78
C ALA G 289 -69.52 1.22 44.65
N GLU G 290 -68.79 0.60 45.57
CA GLU G 290 -67.97 1.38 46.48
C GLU G 290 -66.70 1.91 45.81
N ILE G 291 -66.10 1.16 44.87
CA ILE G 291 -64.97 1.71 44.14
C ILE G 291 -65.42 2.82 43.19
N THR G 292 -66.59 2.69 42.59
CA THR G 292 -67.13 3.77 41.77
C THR G 292 -67.37 5.02 42.61
N ASN G 293 -67.88 4.84 43.83
CA ASN G 293 -67.99 5.97 44.75
C ASN G 293 -66.62 6.55 45.08
N ALA G 294 -65.63 5.69 45.28
CA ALA G 294 -64.29 6.14 45.62
C ALA G 294 -63.62 6.88 44.47
N CYS G 295 -64.06 6.66 43.23
CA CYS G 295 -63.51 7.42 42.12
C CYS G 295 -63.83 8.90 42.26
N PHE G 296 -65.05 9.22 42.71
CA PHE G 296 -65.45 10.61 42.89
C PHE G 296 -64.98 11.20 44.21
N GLU G 297 -64.34 10.41 45.07
CA GLU G 297 -63.83 10.94 46.32
C GLU G 297 -62.69 11.90 46.03
N PRO G 298 -62.69 13.11 46.59
CA PRO G 298 -61.61 14.07 46.31
C PRO G 298 -60.24 13.59 46.72
N ALA G 299 -60.15 12.73 47.74
CA ALA G 299 -58.84 12.27 48.21
C ALA G 299 -58.18 11.30 47.24
N ASN G 300 -58.92 10.72 46.31
CA ASN G 300 -58.38 9.73 45.39
C ASN G 300 -58.05 10.30 44.02
N GLN G 301 -58.13 11.63 43.84
CA GLN G 301 -57.88 12.22 42.53
C GLN G 301 -56.40 12.16 42.18
N MET G 302 -56.12 12.23 40.87
CA MET G 302 -54.77 12.20 40.34
C MET G 302 -54.14 13.58 40.21
N VAL G 303 -54.89 14.65 40.46
CA VAL G 303 -54.35 16.00 40.48
C VAL G 303 -54.95 16.70 41.70
N LYS G 304 -54.12 17.48 42.39
CA LYS G 304 -54.58 18.19 43.58
C LYS G 304 -55.54 19.29 43.14
N CYS G 305 -56.83 18.97 43.23
CA CYS G 305 -57.88 19.93 42.92
C CYS G 305 -59.14 19.47 43.62
N ASP G 306 -60.06 20.39 43.79
CA ASP G 306 -61.27 20.12 44.55
C ASP G 306 -62.45 19.95 43.62
N PRO G 307 -62.94 18.72 43.40
CA PRO G 307 -64.11 18.53 42.54
C PRO G 307 -65.37 19.17 43.08
N ARG G 308 -65.44 19.46 44.39
CA ARG G 308 -66.61 20.11 44.94
C ARG G 308 -66.77 21.52 44.38
N HIS G 309 -65.66 22.23 44.21
CA HIS G 309 -65.69 23.58 43.67
C HIS G 309 -65.65 23.60 42.15
N GLY G 310 -65.71 22.44 41.51
CA GLY G 310 -65.84 22.35 40.06
C GLY G 310 -67.12 21.62 39.68
N LYS G 311 -67.42 21.67 38.39
CA LYS G 311 -68.60 21.00 37.85
C LYS G 311 -68.15 20.00 36.80
N TYR G 312 -68.63 18.77 36.93
CA TYR G 312 -68.25 17.72 36.00
C TYR G 312 -68.87 17.96 34.63
N MET G 313 -68.11 17.66 33.59
CA MET G 313 -68.54 17.86 32.21
C MET G 313 -68.74 16.54 31.47
N ALA G 314 -67.90 15.55 31.75
CA ALA G 314 -68.02 14.21 31.18
C ALA G 314 -67.12 13.25 31.94
N CYS G 315 -67.64 12.09 32.33
CA CYS G 315 -66.88 11.10 33.06
C CYS G 315 -66.85 9.80 32.26
N CYS G 316 -65.64 9.28 32.04
CA CYS G 316 -65.47 8.00 31.37
C CYS G 316 -65.10 6.95 32.41
N LEU G 317 -65.98 5.96 32.59
CA LEU G 317 -65.83 4.95 33.62
C LEU G 317 -65.35 3.65 32.99
N LEU G 318 -64.06 3.36 33.14
CA LEU G 318 -63.46 2.17 32.57
C LEU G 318 -63.32 1.11 33.66
N TYR G 319 -64.20 0.12 33.63
CA TYR G 319 -64.19 -0.99 34.57
C TYR G 319 -63.42 -2.16 33.98
N ARG G 320 -62.94 -3.04 34.86
CA ARG G 320 -62.28 -4.26 34.41
C ARG G 320 -62.32 -5.29 35.52
N GLY G 321 -62.54 -6.55 35.13
CA GLY G 321 -62.56 -7.67 36.05
C GLY G 321 -63.92 -8.34 36.08
N ASP G 322 -64.32 -8.80 37.27
CA ASP G 322 -65.63 -9.42 37.46
C ASP G 322 -66.68 -8.33 37.63
N VAL G 323 -66.95 -7.64 36.53
CA VAL G 323 -67.82 -6.48 36.51
C VAL G 323 -68.94 -6.75 35.51
N VAL G 324 -70.18 -6.61 35.98
CA VAL G 324 -71.35 -6.78 35.12
C VAL G 324 -72.08 -5.44 35.06
N PRO G 325 -72.86 -5.17 34.02
CA PRO G 325 -73.53 -3.85 33.90
C PRO G 325 -74.49 -3.52 35.03
N LYS G 326 -74.97 -4.51 35.78
CA LYS G 326 -75.94 -4.32 36.85
C LYS G 326 -75.50 -3.27 37.85
N ASP G 327 -74.44 -3.60 38.58
CA ASP G 327 -73.98 -2.77 39.66
C ASP G 327 -73.19 -1.56 39.16
N VAL G 328 -72.68 -1.60 37.93
CA VAL G 328 -72.16 -0.38 37.31
C VAL G 328 -73.27 0.64 37.15
N ASN G 329 -74.41 0.22 36.60
CA ASN G 329 -75.54 1.12 36.44
C ASN G 329 -76.08 1.58 37.79
N ALA G 330 -76.12 0.68 38.77
CA ALA G 330 -76.57 1.07 40.09
C ALA G 330 -75.65 2.12 40.71
N ALA G 331 -74.33 1.94 40.56
CA ALA G 331 -73.39 2.91 41.10
C ALA G 331 -73.52 4.26 40.40
N ILE G 332 -73.72 4.24 39.08
CA ILE G 332 -73.90 5.48 38.35
C ILE G 332 -75.17 6.20 38.80
N ALA G 333 -76.26 5.44 39.03
CA ALA G 333 -77.48 6.04 39.53
C ALA G 333 -77.29 6.66 40.91
N THR G 334 -76.59 5.95 41.80
CA THR G 334 -76.33 6.50 43.13
C THR G 334 -75.48 7.76 43.04
N ILE G 335 -74.48 7.77 42.16
CA ILE G 335 -73.66 8.97 41.97
C ILE G 335 -74.52 10.12 41.46
N LYS G 336 -75.44 9.83 40.54
CA LYS G 336 -76.34 10.87 40.05
C LYS G 336 -77.19 11.45 41.18
N THR G 337 -77.70 10.59 42.06
CA THR G 337 -78.56 11.07 43.13
C THR G 337 -77.83 11.86 44.20
N LYS G 338 -76.50 11.85 44.22
CA LYS G 338 -75.76 12.55 45.26
C LYS G 338 -75.64 14.03 44.94
N ARG G 339 -75.91 14.86 45.94
CA ARG G 339 -75.89 16.30 45.75
C ARG G 339 -74.48 16.87 45.71
N SER G 340 -73.54 16.24 46.43
CA SER G 340 -72.16 16.75 46.45
C SER G 340 -71.51 16.69 45.08
N ILE G 341 -71.73 15.63 44.33
CA ILE G 341 -71.20 15.51 42.97
C ILE G 341 -72.25 16.12 42.05
N GLN G 342 -71.99 17.33 41.55
CA GLN G 342 -72.90 18.01 40.66
C GLN G 342 -72.33 18.05 39.24
N PHE G 343 -73.23 18.00 38.27
CA PHE G 343 -72.87 17.98 36.85
C PHE G 343 -73.40 19.23 36.17
N VAL G 344 -72.82 19.53 35.01
CA VAL G 344 -73.28 20.66 34.22
C VAL G 344 -74.66 20.34 33.65
N ASP G 345 -75.48 21.38 33.50
CA ASP G 345 -76.86 21.18 33.06
C ASP G 345 -76.94 20.69 31.63
N TRP G 346 -76.04 21.15 30.76
CA TRP G 346 -76.10 20.84 29.34
C TRP G 346 -75.55 19.46 29.01
N CYS G 347 -75.28 18.64 30.02
CA CYS G 347 -74.79 17.28 29.82
C CYS G 347 -75.64 16.35 30.66
N PRO G 348 -76.87 16.06 30.21
CA PRO G 348 -77.78 15.26 31.04
C PRO G 348 -77.25 13.89 31.37
N THR G 349 -76.52 13.26 30.46
CA THR G 349 -75.75 12.07 30.75
C THR G 349 -74.26 12.37 30.53
N GLY G 350 -73.45 12.04 31.54
CA GLY G 350 -72.04 12.33 31.47
C GLY G 350 -71.19 11.16 31.88
N PHE G 351 -71.66 9.95 31.60
CA PHE G 351 -71.00 8.73 32.02
C PHE G 351 -70.77 7.84 30.80
N LYS G 352 -69.50 7.70 30.42
CA LYS G 352 -69.09 6.75 29.39
C LYS G 352 -68.58 5.49 30.07
N VAL G 353 -69.20 4.35 29.76
CA VAL G 353 -69.02 3.13 30.53
C VAL G 353 -68.28 2.10 29.68
N GLY G 354 -67.25 1.51 30.25
CA GLY G 354 -66.53 0.43 29.59
C GLY G 354 -66.20 -0.72 30.53
N ILE G 355 -66.68 -1.91 30.20
CA ILE G 355 -66.41 -3.11 30.99
C ILE G 355 -65.49 -4.01 30.19
N ASN G 356 -64.39 -4.43 30.79
CA ASN G 356 -63.48 -5.39 30.22
C ASN G 356 -63.36 -6.59 31.15
N TYR G 357 -63.33 -7.79 30.58
CA TYR G 357 -63.25 -8.98 31.41
C TYR G 357 -61.89 -9.14 32.08
N GLN G 358 -60.85 -8.55 31.53
CA GLN G 358 -59.49 -8.80 32.02
C GLN G 358 -59.27 -8.10 33.36
N PRO G 359 -58.98 -8.83 34.43
CA PRO G 359 -58.66 -8.18 35.70
C PRO G 359 -57.30 -7.52 35.63
N PRO G 360 -57.04 -6.51 36.46
CA PRO G 360 -55.72 -5.87 36.46
C PRO G 360 -54.68 -6.80 37.07
N THR G 361 -53.54 -6.91 36.40
CA THR G 361 -52.48 -7.79 36.88
C THR G 361 -51.71 -7.12 38.01
N VAL G 362 -50.90 -7.92 38.70
CA VAL G 362 -50.05 -7.45 39.78
C VAL G 362 -48.60 -7.62 39.36
N VAL G 363 -47.85 -6.53 39.45
CA VAL G 363 -46.42 -6.58 39.12
C VAL G 363 -45.66 -7.09 40.33
N PRO G 364 -44.80 -8.10 40.17
CA PRO G 364 -44.01 -8.58 41.31
C PRO G 364 -43.17 -7.48 41.91
N GLY G 365 -43.15 -7.43 43.24
CA GLY G 365 -42.49 -6.35 43.95
C GLY G 365 -43.26 -5.07 44.04
N GLY G 366 -44.48 -5.01 43.49
CA GLY G 366 -45.28 -3.81 43.53
C GLY G 366 -46.00 -3.63 44.84
N ASP G 367 -46.63 -2.48 44.98
CA ASP G 367 -47.38 -2.14 46.19
C ASP G 367 -48.87 -2.41 46.07
N LEU G 368 -49.39 -2.56 44.86
CA LEU G 368 -50.82 -2.77 44.68
C LEU G 368 -51.18 -4.23 44.93
N ALA G 369 -52.31 -4.45 45.58
CA ALA G 369 -52.78 -5.78 45.90
C ALA G 369 -53.53 -6.39 44.71
N LYS G 370 -53.79 -7.68 44.82
CA LYS G 370 -54.55 -8.39 43.79
C LYS G 370 -56.03 -8.18 44.01
N VAL G 371 -56.68 -7.49 43.07
CA VAL G 371 -58.09 -7.14 43.19
C VAL G 371 -58.83 -7.64 41.95
N GLN G 372 -60.00 -8.23 42.18
CA GLN G 372 -60.78 -8.76 41.06
C GLN G 372 -61.28 -7.65 40.15
N ARG G 373 -61.78 -6.54 40.72
CA ARG G 373 -62.38 -5.47 39.95
C ARG G 373 -61.61 -4.17 40.15
N ALA G 374 -61.37 -3.45 39.06
CA ALA G 374 -60.71 -2.15 39.12
C ALA G 374 -61.48 -1.16 38.26
N VAL G 375 -61.34 0.12 38.61
CA VAL G 375 -61.99 1.21 37.87
C VAL G 375 -60.96 2.29 37.57
N CYS G 376 -61.03 2.84 36.37
CA CYS G 376 -60.22 3.99 35.97
C CYS G 376 -61.16 5.05 35.41
N MET G 377 -61.47 6.06 36.20
CA MET G 377 -62.36 7.12 35.77
C MET G 377 -61.55 8.30 35.26
N LEU G 378 -61.92 8.79 34.07
CA LEU G 378 -61.29 9.94 33.45
C LEU G 378 -62.37 11.01 33.34
N SER G 379 -62.49 11.84 34.38
CA SER G 379 -63.56 12.81 34.47
C SER G 379 -63.07 14.16 33.95
N ASN G 380 -63.68 14.63 32.86
CA ASN G 380 -63.42 15.96 32.35
C ASN G 380 -64.26 16.96 33.14
N THR G 381 -63.60 17.84 33.89
CA THR G 381 -64.31 18.74 34.78
C THR G 381 -63.61 20.10 34.79
N THR G 382 -64.25 21.07 35.44
CA THR G 382 -63.74 22.41 35.54
C THR G 382 -62.86 22.63 36.76
N ALA G 383 -62.58 21.58 37.53
CA ALA G 383 -61.75 21.71 38.72
C ALA G 383 -60.30 22.01 38.40
N ILE G 384 -59.84 21.71 37.18
CA ILE G 384 -58.44 21.97 36.82
C ILE G 384 -58.20 23.44 36.52
N ALA G 385 -59.26 24.24 36.39
CA ALA G 385 -59.10 25.66 36.12
C ALA G 385 -58.36 26.36 37.24
N GLU G 386 -58.60 25.97 38.49
CA GLU G 386 -57.92 26.62 39.60
C GLU G 386 -56.43 26.28 39.62
N ALA G 387 -56.06 25.05 39.28
CA ALA G 387 -54.65 24.70 39.19
C ALA G 387 -53.96 25.46 38.07
N TRP G 388 -54.61 25.56 36.92
CA TRP G 388 -54.07 26.36 35.84
C TRP G 388 -53.93 27.82 36.24
N ALA G 389 -54.91 28.34 36.99
CA ALA G 389 -54.84 29.71 37.47
C ALA G 389 -53.66 29.90 38.41
N ARG G 390 -53.38 28.92 39.27
CA ARG G 390 -52.25 29.06 40.18
C ARG G 390 -50.91 28.98 39.44
N LEU G 391 -50.82 28.15 38.38
CA LEU G 391 -49.61 28.24 37.56
C LEU G 391 -49.51 29.58 36.86
N ASP G 392 -50.63 30.15 36.43
CA ASP G 392 -50.60 31.47 35.83
C ASP G 392 -50.10 32.50 36.83
N HIS G 393 -50.53 32.39 38.09
CA HIS G 393 -50.07 33.31 39.11
C HIS G 393 -48.57 33.16 39.36
N LYS G 394 -48.07 31.93 39.44
CA LYS G 394 -46.63 31.74 39.63
C LYS G 394 -45.84 32.24 38.42
N PHE G 395 -46.36 32.02 37.22
CA PHE G 395 -45.74 32.53 36.00
C PHE G 395 -45.67 34.04 36.03
N ASP G 396 -46.76 34.70 36.43
CA ASP G 396 -46.76 36.16 36.52
C ASP G 396 -45.77 36.65 37.57
N LEU G 397 -45.69 35.96 38.70
CA LEU G 397 -44.76 36.35 39.75
C LEU G 397 -43.32 36.28 39.25
N MET G 398 -42.97 35.22 38.53
CA MET G 398 -41.62 35.11 38.00
C MET G 398 -41.38 36.02 36.80
N TYR G 399 -42.43 36.38 36.07
CA TYR G 399 -42.27 37.11 34.82
C TYR G 399 -42.27 38.61 35.01
N ALA G 400 -42.87 39.11 36.09
CA ALA G 400 -42.84 40.55 36.34
C ALA G 400 -41.43 41.06 36.54
N LYS G 401 -40.61 40.29 37.26
CA LYS G 401 -39.22 40.65 37.49
C LYS G 401 -38.29 40.18 36.38
N ARG G 402 -38.84 39.54 35.35
CA ARG G 402 -38.07 39.06 34.19
C ARG G 402 -36.98 38.07 34.61
N ALA G 403 -37.28 37.21 35.58
CA ALA G 403 -36.31 36.25 36.06
C ALA G 403 -36.20 35.07 35.10
N PHE G 404 -34.97 34.61 34.90
CA PHE G 404 -34.66 33.42 34.08
C PHE G 404 -35.03 33.60 32.62
N VAL G 405 -35.51 34.78 32.24
CA VAL G 405 -35.95 34.98 30.85
C VAL G 405 -34.75 34.99 29.91
N HIS G 406 -33.61 35.50 30.38
CA HIS G 406 -32.43 35.56 29.51
C HIS G 406 -31.96 34.18 29.10
N TRP G 407 -32.18 33.16 29.94
CA TRP G 407 -31.79 31.80 29.56
C TRP G 407 -32.57 31.33 28.33
N TYR G 408 -33.87 31.63 28.28
CA TYR G 408 -34.67 31.28 27.12
C TYR G 408 -34.36 32.17 25.93
N VAL G 409 -34.13 33.46 26.17
CA VAL G 409 -33.96 34.41 25.09
C VAL G 409 -32.64 34.20 24.37
N GLY G 410 -31.57 33.89 25.11
CA GLY G 410 -30.24 33.86 24.55
C GLY G 410 -29.97 32.74 23.56
N GLU G 411 -30.95 31.89 23.28
CA GLU G 411 -30.79 30.85 22.28
C GLU G 411 -31.56 31.12 21.00
N GLY G 412 -32.45 32.10 20.98
CA GLY G 412 -33.27 32.34 19.81
C GLY G 412 -34.76 32.36 20.06
N MET G 413 -35.17 32.71 21.27
CA MET G 413 -36.57 32.88 21.62
C MET G 413 -36.85 34.35 21.87
N GLU G 414 -38.12 34.70 22.04
CA GLU G 414 -38.52 36.08 22.22
C GLU G 414 -39.45 36.21 23.42
N GLU G 415 -39.45 37.38 24.04
CA GLU G 415 -40.33 37.64 25.18
C GLU G 415 -41.79 37.63 24.74
N GLY G 416 -42.05 37.99 23.47
CA GLY G 416 -43.41 37.93 22.96
C GLY G 416 -43.98 36.54 23.00
N GLU G 417 -43.12 35.52 22.93
CA GLU G 417 -43.59 34.15 23.09
C GLU G 417 -44.16 33.93 24.48
N PHE G 418 -43.46 34.42 25.51
CA PHE G 418 -43.96 34.33 26.87
C PHE G 418 -45.29 35.07 27.00
N SER G 419 -45.36 36.29 26.43
CA SER G 419 -46.59 37.08 26.54
C SER G 419 -47.76 36.39 25.86
N GLU G 420 -47.54 35.84 24.67
CA GLU G 420 -48.65 35.20 23.97
C GLU G 420 -49.04 33.88 24.62
N ALA G 421 -48.08 33.17 25.22
CA ALA G 421 -48.43 31.98 25.99
C ALA G 421 -49.28 32.35 27.19
N ARG G 422 -48.93 33.43 27.88
CA ARG G 422 -49.71 33.84 29.04
C ARG G 422 -51.12 34.25 28.65
N GLU G 423 -51.27 35.01 27.55
CA GLU G 423 -52.62 35.40 27.16
C GLU G 423 -53.41 34.21 26.63
N ASP G 424 -52.73 33.22 26.04
CA ASP G 424 -53.43 32.00 25.64
C ASP G 424 -53.96 31.25 26.87
N MET G 425 -53.16 31.18 27.93
CA MET G 425 -53.65 30.56 29.16
C MET G 425 -54.80 31.35 29.77
N ALA G 426 -54.72 32.68 29.70
CA ALA G 426 -55.83 33.50 30.20
C ALA G 426 -57.11 33.24 29.42
N ALA G 427 -57.01 33.12 28.09
CA ALA G 427 -58.18 32.81 27.29
C ALA G 427 -58.70 31.41 27.60
N LEU G 428 -57.79 30.48 27.88
CA LEU G 428 -58.20 29.14 28.29
C LEU G 428 -58.99 29.15 29.59
N GLU G 429 -58.52 29.93 30.56
CA GLU G 429 -59.27 30.10 31.80
C GLU G 429 -60.62 30.74 31.55
N LYS G 430 -60.68 31.74 30.67
CA LYS G 430 -61.96 32.33 30.33
C LYS G 430 -62.90 31.31 29.72
N ASP G 431 -62.38 30.43 28.86
CA ASP G 431 -63.20 29.39 28.25
C ASP G 431 -63.73 28.43 29.30
N TYR G 432 -62.89 28.00 30.24
CA TYR G 432 -63.36 27.09 31.28
C TYR G 432 -64.42 27.77 32.15
N GLU G 433 -64.23 29.04 32.47
CA GLU G 433 -65.22 29.76 33.27
C GLU G 433 -66.54 29.87 32.52
N GLU G 434 -66.50 30.16 31.22
CA GLU G 434 -67.74 30.36 30.49
C GLU G 434 -68.41 29.05 30.10
N VAL G 435 -67.70 27.92 30.15
CA VAL G 435 -68.39 26.64 29.98
C VAL G 435 -68.86 26.09 31.32
N GLY G 436 -68.35 26.59 32.44
CA GLY G 436 -68.82 26.11 33.73
C GLY G 436 -70.10 26.76 34.22
N VAL G 437 -70.60 27.77 33.52
CA VAL G 437 -71.76 28.53 33.99
C VAL G 437 -73.05 27.80 33.63
N ASP G 438 -74.15 28.23 34.25
CA ASP G 438 -75.48 27.71 33.98
C ASP G 438 -76.13 28.50 32.84
N SER G 439 -77.16 27.91 32.25
CA SER G 439 -77.86 28.54 31.14
C SER G 439 -79.25 29.00 31.56
N MET H 1 115.97 -8.47 -0.76
CA MET H 1 115.21 -7.96 -1.90
C MET H 1 115.06 -6.45 -1.80
N ARG H 2 115.27 -5.76 -2.92
CA ARG H 2 115.33 -4.30 -2.96
C ARG H 2 116.35 -3.76 -1.95
N GLU H 3 117.52 -4.41 -1.93
CA GLU H 3 118.54 -4.07 -0.95
C GLU H 3 119.16 -2.72 -1.25
N ILE H 4 119.76 -2.12 -0.21
CA ILE H 4 120.41 -0.82 -0.30
C ILE H 4 121.83 -0.96 0.24
N VAL H 5 122.81 -0.47 -0.52
CA VAL H 5 124.19 -0.44 -0.07
C VAL H 5 124.47 0.96 0.48
N HIS H 6 124.86 1.03 1.74
CA HIS H 6 125.11 2.29 2.42
C HIS H 6 126.61 2.57 2.46
N ILE H 7 126.99 3.81 2.17
CA ILE H 7 128.37 4.25 2.20
C ILE H 7 128.46 5.53 3.02
N GLN H 8 129.49 5.61 3.87
CA GLN H 8 129.75 6.76 4.70
C GLN H 8 131.11 7.34 4.33
N ALA H 9 131.12 8.52 3.75
CA ALA H 9 132.36 9.19 3.34
C ALA H 9 132.63 10.38 4.23
N GLY H 10 133.88 10.53 4.66
CA GLY H 10 134.28 11.64 5.48
C GLY H 10 133.89 11.46 6.94
N GLN H 11 134.37 12.39 7.76
CA GLN H 11 134.11 12.30 9.20
C GLN H 11 132.65 12.58 9.50
N CYS H 12 132.09 13.65 8.96
CA CYS H 12 130.68 13.95 9.18
C CYS H 12 129.78 12.88 8.60
N GLY H 13 130.11 12.40 7.41
CA GLY H 13 129.35 11.31 6.82
C GLY H 13 129.39 10.05 7.66
N ASN H 14 130.57 9.72 8.21
CA ASN H 14 130.69 8.54 9.06
C ASN H 14 129.88 8.70 10.34
N GLN H 15 129.91 9.89 10.95
CA GLN H 15 129.13 10.11 12.17
C GLN H 15 127.64 9.98 11.89
N ILE H 16 127.16 10.62 10.82
CA ILE H 16 125.74 10.56 10.50
C ILE H 16 125.32 9.14 10.16
N GLY H 17 126.17 8.41 9.42
CA GLY H 17 125.86 7.05 9.09
C GLY H 17 125.85 6.14 10.30
N ALA H 18 126.75 6.37 11.25
CA ALA H 18 126.74 5.60 12.50
C ALA H 18 125.45 5.84 13.26
N LYS H 19 125.01 7.10 13.34
CA LYS H 19 123.75 7.40 14.01
C LYS H 19 122.58 6.76 13.26
N PHE H 20 122.63 6.78 11.93
CA PHE H 20 121.57 6.18 11.12
C PHE H 20 121.50 4.68 11.34
N TRP H 21 122.65 4.02 11.41
CA TRP H 21 122.65 2.59 11.66
C TRP H 21 122.17 2.27 13.07
N GLU H 22 122.51 3.12 14.04
CA GLU H 22 122.00 2.93 15.39
C GLU H 22 120.47 3.02 15.41
N VAL H 23 119.90 4.03 14.76
CA VAL H 23 118.46 4.20 14.80
C VAL H 23 117.76 3.11 13.99
N ILE H 24 118.37 2.66 12.88
CA ILE H 24 117.78 1.55 12.12
C ILE H 24 117.80 0.26 12.94
N SER H 25 118.92 -0.02 13.61
CA SER H 25 119.01 -1.22 14.43
C SER H 25 118.01 -1.18 15.58
N ASP H 26 117.82 0.01 16.17
CA ASP H 26 116.80 0.15 17.19
C ASP H 26 115.40 -0.08 16.62
N GLU H 27 115.15 0.42 15.41
CA GLU H 27 113.84 0.24 14.79
C GLU H 27 113.58 -1.21 14.43
N HIS H 28 114.60 -1.92 13.95
CA HIS H 28 114.47 -3.32 13.58
C HIS H 28 114.74 -4.27 14.74
N GLY H 29 114.99 -3.75 15.93
CA GLY H 29 115.25 -4.59 17.09
C GLY H 29 116.54 -5.38 17.01
N ILE H 30 117.62 -4.74 16.58
CA ILE H 30 118.94 -5.38 16.50
C ILE H 30 119.82 -4.80 17.61
N ASP H 31 120.40 -5.69 18.40
CA ASP H 31 121.24 -5.29 19.53
C ASP H 31 122.59 -4.81 19.03
N PRO H 32 123.40 -4.17 19.89
CA PRO H 32 124.75 -3.79 19.48
C PRO H 32 125.64 -4.96 19.08
N THR H 33 125.28 -6.20 19.43
CA THR H 33 126.03 -7.36 19.00
C THR H 33 125.50 -7.96 17.71
N GLY H 34 124.47 -7.37 17.11
CA GLY H 34 123.97 -7.80 15.82
C GLY H 34 122.96 -8.92 15.84
N SER H 35 122.48 -9.33 17.01
CA SER H 35 121.52 -10.42 17.11
C SER H 35 120.12 -9.88 17.33
N TYR H 36 119.15 -10.48 16.66
CA TYR H 36 117.78 -9.99 16.71
C TYR H 36 117.16 -10.21 18.08
N HIS H 37 116.52 -9.16 18.61
CA HIS H 37 115.78 -9.26 19.87
C HIS H 37 114.48 -8.46 19.82
N GLY H 38 113.91 -8.28 18.63
CA GLY H 38 112.67 -7.56 18.49
C GLY H 38 111.46 -8.38 18.88
N ASP H 39 110.29 -7.78 18.71
CA ASP H 39 109.03 -8.40 19.06
C ASP H 39 108.19 -8.83 17.87
N SER H 40 107.98 -7.95 16.90
CA SER H 40 107.13 -8.26 15.76
C SER H 40 107.93 -8.87 14.61
N ASP H 41 107.27 -9.73 13.83
CA ASP H 41 107.88 -10.29 12.63
C ASP H 41 108.03 -9.27 11.52
N LEU H 42 107.36 -8.11 11.61
CA LEU H 42 107.55 -7.06 10.64
C LEU H 42 108.95 -6.47 10.71
N GLN H 43 109.63 -6.60 11.84
CA GLN H 43 111.00 -6.14 11.95
C GLN H 43 111.98 -7.04 11.20
N LEU H 44 111.57 -8.26 10.87
CA LEU H 44 112.44 -9.20 10.18
C LEU H 44 112.00 -9.54 8.76
N GLU H 45 110.74 -9.28 8.41
CA GLU H 45 110.29 -9.63 7.07
C GLU H 45 110.92 -8.74 5.99
N ARG H 46 111.56 -7.64 6.37
CA ARG H 46 112.32 -6.80 5.44
C ARG H 46 113.65 -6.41 6.06
N ILE H 47 114.28 -7.32 6.79
CA ILE H 47 115.57 -7.03 7.42
C ILE H 47 116.70 -7.03 6.40
N ASN H 48 116.54 -7.72 5.26
CA ASN H 48 117.62 -7.85 4.30
C ASN H 48 117.85 -6.58 3.48
N VAL H 49 116.96 -5.59 3.56
CA VAL H 49 117.15 -4.36 2.83
C VAL H 49 118.39 -3.62 3.33
N TYR H 50 118.76 -3.81 4.59
CA TYR H 50 119.91 -3.15 5.18
C TYR H 50 120.92 -4.08 5.82
N TYR H 51 120.55 -5.32 6.12
CA TYR H 51 121.41 -6.22 6.87
C TYR H 51 121.61 -7.52 6.11
N ASN H 52 122.84 -8.03 6.16
CA ASN H 52 123.16 -9.32 5.58
C ASN H 52 123.14 -10.38 6.66
N GLU H 53 122.44 -11.49 6.39
CA GLU H 53 122.38 -12.59 7.33
C GLU H 53 123.73 -13.27 7.42
N ALA H 54 124.31 -13.28 8.62
CA ALA H 54 125.57 -13.95 8.87
C ALA H 54 125.33 -15.20 9.72
N ALA H 55 126.34 -16.07 9.73
CA ALA H 55 126.25 -17.29 10.50
C ALA H 55 126.13 -16.99 11.99
N GLY H 56 125.34 -17.79 12.69
CA GLY H 56 125.09 -17.56 14.09
C GLY H 56 123.93 -16.65 14.39
N ASN H 57 123.04 -16.42 13.41
CA ASN H 57 121.86 -15.57 13.57
C ASN H 57 122.25 -14.15 13.98
N LYS H 58 123.34 -13.64 13.41
CA LYS H 58 123.79 -12.28 13.65
C LYS H 58 123.64 -11.48 12.37
N TYR H 59 123.17 -10.24 12.52
CA TYR H 59 122.88 -9.37 11.39
C TYR H 59 124.01 -8.35 11.23
N VAL H 60 124.48 -8.18 10.00
CA VAL H 60 125.56 -7.26 9.68
C VAL H 60 125.04 -6.24 8.68
N PRO H 61 125.18 -4.94 8.94
CA PRO H 61 124.68 -3.94 7.99
C PRO H 61 125.43 -3.98 6.68
N ARG H 62 124.72 -3.60 5.61
CA ARG H 62 125.33 -3.45 4.29
C ARG H 62 125.95 -2.07 4.16
N ALA H 63 126.93 -1.81 5.03
CA ALA H 63 127.53 -0.49 5.18
C ALA H 63 128.98 -0.52 4.74
N ILE H 64 129.41 0.53 4.04
CA ILE H 64 130.79 0.71 3.63
C ILE H 64 131.27 1.99 4.27
N LEU H 65 132.35 1.90 5.05
CA LEU H 65 132.87 3.04 5.79
C LEU H 65 134.20 3.45 5.16
N VAL H 66 134.22 4.63 4.53
CA VAL H 66 135.38 5.10 3.78
C VAL H 66 135.82 6.44 4.36
N ASP H 67 137.13 6.62 4.47
CA ASP H 67 137.74 7.88 4.89
C ASP H 67 139.22 7.81 4.59
N LEU H 68 139.88 8.96 4.72
CA LEU H 68 141.33 9.04 4.57
C LEU H 68 142.06 9.17 5.90
N GLU H 69 141.35 9.02 7.01
CA GLU H 69 141.95 8.99 8.34
C GLU H 69 141.45 7.74 9.07
N PRO H 70 142.33 7.00 9.74
CA PRO H 70 141.87 5.90 10.59
C PRO H 70 141.24 6.35 11.88
N GLY H 71 141.35 7.64 12.22
CA GLY H 71 140.77 8.11 13.48
C GLY H 71 139.27 7.99 13.53
N THR H 72 138.59 8.31 12.43
CA THR H 72 137.14 8.19 12.39
C THR H 72 136.70 6.73 12.43
N MET H 73 137.46 5.84 11.79
CA MET H 73 137.16 4.41 11.92
C MET H 73 137.33 3.94 13.36
N ASP H 74 138.39 4.40 14.03
CA ASP H 74 138.58 4.03 15.43
C ASP H 74 137.42 4.56 16.28
N SER H 75 136.98 5.79 16.01
CA SER H 75 135.89 6.37 16.78
C SER H 75 134.58 5.62 16.57
N VAL H 76 134.26 5.29 15.31
CA VAL H 76 133.00 4.61 15.03
C VAL H 76 133.05 3.16 15.53
N ARG H 77 134.24 2.54 15.51
CA ARG H 77 134.34 1.16 16.01
C ARG H 77 134.23 1.12 17.53
N SER H 78 134.86 2.08 18.21
CA SER H 78 134.84 2.10 19.67
C SER H 78 133.50 2.51 20.24
N GLY H 79 132.67 3.20 19.46
CA GLY H 79 131.40 3.67 19.94
C GLY H 79 130.37 2.56 20.00
N PRO H 80 129.19 2.91 20.51
CA PRO H 80 128.10 1.91 20.56
C PRO H 80 127.63 1.54 19.17
N PHE H 81 127.17 0.30 19.05
CA PHE H 81 126.72 -0.28 17.77
C PHE H 81 127.83 -0.28 16.72
N GLY H 82 129.08 -0.13 17.15
CA GLY H 82 130.18 0.01 16.21
C GLY H 82 130.80 -1.31 15.79
N GLN H 83 130.58 -2.36 16.55
CA GLN H 83 131.13 -3.67 16.22
C GLN H 83 130.20 -4.49 15.35
N ILE H 84 129.05 -3.95 14.96
CA ILE H 84 128.13 -4.69 14.09
C ILE H 84 128.72 -4.79 12.68
N PHE H 85 129.37 -3.73 12.21
CA PHE H 85 129.91 -3.71 10.86
C PHE H 85 131.02 -4.75 10.70
N ARG H 86 131.12 -5.30 9.51
CA ARG H 86 132.22 -6.20 9.20
C ARG H 86 133.53 -5.44 9.26
N PRO H 87 134.56 -5.96 9.92
CA PRO H 87 135.84 -5.25 9.97
C PRO H 87 136.46 -5.00 8.60
N ASP H 88 136.22 -5.89 7.62
CA ASP H 88 136.80 -5.68 6.30
C ASP H 88 136.12 -4.56 5.53
N ASN H 89 134.90 -4.18 5.91
CA ASN H 89 134.26 -3.03 5.28
C ASN H 89 134.91 -1.71 5.66
N PHE H 90 135.68 -1.70 6.75
CA PHE H 90 136.44 -0.51 7.15
C PHE H 90 137.62 -0.37 6.20
N VAL H 91 137.54 0.57 5.27
CA VAL H 91 138.64 0.89 4.37
C VAL H 91 139.02 2.35 4.57
N PHE H 92 140.31 2.60 4.76
CA PHE H 92 140.77 3.93 5.13
C PHE H 92 142.18 4.15 4.61
N GLY H 93 142.53 5.42 4.42
CA GLY H 93 143.85 5.81 4.00
C GLY H 93 144.77 6.10 5.17
N GLN H 94 145.79 6.90 4.91
CA GLN H 94 146.77 7.28 5.92
C GLN H 94 146.97 8.78 6.07
N SER H 95 146.95 9.54 4.98
CA SER H 95 147.37 10.94 5.03
C SER H 95 146.23 11.90 5.33
N GLY H 96 145.06 11.68 4.74
CA GLY H 96 143.96 12.60 4.92
C GLY H 96 143.95 13.73 3.91
N ALA H 97 142.76 14.17 3.50
CA ALA H 97 142.67 15.21 2.49
C ALA H 97 143.05 16.58 3.04
N GLY H 98 142.73 16.83 4.31
CA GLY H 98 142.98 18.14 4.86
C GLY H 98 142.15 19.24 4.23
N ASN H 99 140.85 18.98 4.04
CA ASN H 99 139.93 19.93 3.41
C ASN H 99 140.39 20.30 2.01
N ASN H 100 140.99 19.34 1.31
CA ASN H 100 141.45 19.52 -0.06
C ASN H 100 140.64 18.58 -0.95
N TRP H 101 139.77 19.15 -1.78
CA TRP H 101 139.01 18.35 -2.73
C TRP H 101 139.93 17.66 -3.73
N ALA H 102 140.96 18.37 -4.17
CA ALA H 102 141.91 17.79 -5.12
C ALA H 102 142.61 16.57 -4.54
N LYS H 103 143.04 16.66 -3.28
CA LYS H 103 143.68 15.51 -2.65
C LYS H 103 142.70 14.36 -2.50
N GLY H 104 141.47 14.63 -2.11
CA GLY H 104 140.50 13.58 -1.93
C GLY H 104 139.89 13.06 -3.21
N HIS H 105 140.23 13.65 -4.35
CA HIS H 105 139.65 13.24 -5.62
C HIS H 105 140.67 12.81 -6.67
N TYR H 106 141.96 13.12 -6.51
CA TYR H 106 142.89 12.90 -7.59
C TYR H 106 144.16 12.17 -7.18
N THR H 107 144.56 12.28 -5.91
CA THR H 107 145.85 11.75 -5.49
C THR H 107 145.74 10.52 -4.60
N GLU H 108 145.06 10.64 -3.46
CA GLU H 108 144.90 9.49 -2.56
C GLU H 108 143.52 8.86 -2.66
N GLY H 109 142.51 9.66 -2.97
CA GLY H 109 141.23 9.07 -3.34
C GLY H 109 141.36 8.18 -4.57
N ALA H 110 142.19 8.58 -5.53
CA ALA H 110 142.36 7.80 -6.74
C ALA H 110 142.90 6.41 -6.42
N GLU H 111 143.77 6.30 -5.41
CA GLU H 111 144.34 5.00 -5.06
C GLU H 111 143.55 4.27 -3.98
N LEU H 112 142.60 4.93 -3.32
CA LEU H 112 141.75 4.24 -2.36
C LEU H 112 140.43 3.74 -2.95
N VAL H 113 139.91 4.43 -3.97
CA VAL H 113 138.66 4.02 -4.59
C VAL H 113 138.75 2.65 -5.24
N ASP H 114 139.95 2.17 -5.57
CA ASP H 114 140.05 0.81 -6.09
C ASP H 114 139.56 -0.21 -5.06
N SER H 115 140.10 -0.14 -3.85
CA SER H 115 139.65 -1.04 -2.79
C SER H 115 138.21 -0.75 -2.39
N VAL H 116 137.83 0.52 -2.37
CA VAL H 116 136.46 0.88 -2.03
C VAL H 116 135.48 0.25 -3.02
N LEU H 117 135.79 0.32 -4.30
CA LEU H 117 134.94 -0.28 -5.33
C LEU H 117 134.93 -1.79 -5.22
N ASP H 118 136.06 -2.40 -4.88
CA ASP H 118 136.07 -3.85 -4.66
C ASP H 118 135.09 -4.23 -3.57
N VAL H 119 135.12 -3.50 -2.45
CA VAL H 119 134.24 -3.82 -1.32
C VAL H 119 132.78 -3.58 -1.69
N VAL H 120 132.49 -2.44 -2.32
CA VAL H 120 131.09 -2.15 -2.63
C VAL H 120 130.58 -3.10 -3.71
N ARG H 121 131.45 -3.58 -4.60
CA ARG H 121 130.99 -4.48 -5.65
C ARG H 121 130.73 -5.87 -5.09
N LYS H 122 131.55 -6.34 -4.13
CA LYS H 122 131.22 -7.62 -3.52
C LYS H 122 129.96 -7.51 -2.67
N GLU H 123 129.75 -6.36 -2.02
CA GLU H 123 128.52 -6.17 -1.27
C GLU H 123 127.30 -6.13 -2.20
N SER H 124 127.41 -5.45 -3.33
CA SER H 124 126.30 -5.34 -4.27
C SER H 124 125.99 -6.68 -4.94
N GLU H 125 127.02 -7.48 -5.22
CA GLU H 125 126.77 -8.81 -5.75
C GLU H 125 126.17 -9.73 -4.70
N SER H 126 126.58 -9.57 -3.44
CA SER H 126 126.08 -10.47 -2.40
C SER H 126 124.57 -10.39 -2.25
N CYS H 127 124.00 -9.21 -2.42
CA CYS H 127 122.56 -9.05 -2.24
C CYS H 127 121.81 -9.65 -3.43
N ASP H 128 120.53 -9.95 -3.21
CA ASP H 128 119.73 -10.61 -4.24
C ASP H 128 119.39 -9.66 -5.37
N CYS H 129 118.62 -8.61 -5.08
CA CYS H 129 118.20 -7.64 -6.08
C CYS H 129 118.47 -6.24 -5.54
N LEU H 130 119.63 -5.70 -5.87
CA LEU H 130 119.97 -4.34 -5.48
C LEU H 130 119.02 -3.36 -6.14
N GLN H 131 118.61 -2.32 -5.39
CA GLN H 131 117.86 -1.24 -5.98
C GLN H 131 118.64 0.07 -6.06
N GLY H 132 119.69 0.22 -5.26
CA GLY H 132 120.48 1.44 -5.34
C GLY H 132 121.41 1.58 -4.16
N PHE H 133 122.13 2.70 -4.17
CA PHE H 133 123.10 3.05 -3.15
C PHE H 133 122.67 4.34 -2.47
N GLN H 134 123.11 4.50 -1.22
CA GLN H 134 122.97 5.76 -0.52
C GLN H 134 124.29 6.13 0.10
N LEU H 135 124.66 7.40 -0.02
CA LEU H 135 125.94 7.90 0.46
C LEU H 135 125.70 9.05 1.43
N THR H 136 126.48 9.08 2.50
CA THR H 136 126.46 10.16 3.47
C THR H 136 127.82 10.83 3.49
N HIS H 137 127.83 12.15 3.28
CA HIS H 137 129.07 12.91 3.25
C HIS H 137 128.74 14.38 3.44
N SER H 138 129.78 15.21 3.45
CA SER H 138 129.63 16.65 3.54
C SER H 138 130.44 17.30 2.43
N LEU H 139 129.96 18.47 1.98
CA LEU H 139 130.60 19.17 0.88
C LEU H 139 131.67 20.15 1.33
N GLY H 140 131.81 20.38 2.64
CA GLY H 140 132.79 21.35 3.11
C GLY H 140 134.20 20.81 3.18
N GLY H 141 134.36 19.50 3.33
CA GLY H 141 135.69 18.91 3.47
C GLY H 141 136.23 18.41 2.15
N GLY H 142 137.40 17.79 2.23
CA GLY H 142 138.04 17.22 1.06
C GLY H 142 137.84 15.72 0.97
N THR H 143 137.97 15.02 2.10
CA THR H 143 137.75 13.58 2.11
C THR H 143 136.31 13.25 1.75
N GLY H 144 135.36 13.85 2.47
CA GLY H 144 133.96 13.62 2.22
C GLY H 144 133.55 13.95 0.81
N SER H 145 133.68 15.23 0.43
CA SER H 145 133.20 15.67 -0.88
C SER H 145 133.93 14.97 -2.02
N GLY H 146 135.26 15.00 -2.00
CA GLY H 146 136.02 14.43 -3.11
C GLY H 146 135.89 12.92 -3.19
N MET H 147 135.99 12.24 -2.06
CA MET H 147 135.86 10.79 -2.04
C MET H 147 134.46 10.35 -2.46
N GLY H 148 133.42 11.04 -1.97
CA GLY H 148 132.08 10.71 -2.39
C GLY H 148 131.84 10.98 -3.86
N THR H 149 132.43 12.06 -4.38
CA THR H 149 132.40 12.31 -5.81
C THR H 149 132.96 11.14 -6.59
N LEU H 150 134.19 10.73 -6.27
CA LEU H 150 134.83 9.69 -7.07
C LEU H 150 134.08 8.39 -6.95
N LEU H 151 133.63 8.06 -5.74
CA LEU H 151 132.90 6.81 -5.54
C LEU H 151 131.56 6.81 -6.26
N ILE H 152 130.82 7.93 -6.18
CA ILE H 152 129.54 8.03 -6.87
C ILE H 152 129.73 7.90 -8.37
N SER H 153 130.75 8.58 -8.91
CA SER H 153 131.02 8.49 -10.34
C SER H 153 131.30 7.06 -10.76
N LYS H 154 132.22 6.39 -10.06
CA LYS H 154 132.59 5.03 -10.41
C LYS H 154 131.39 4.09 -10.29
N ILE H 155 130.58 4.27 -9.25
CA ILE H 155 129.34 3.50 -9.13
C ILE H 155 128.44 3.75 -10.34
N ARG H 156 128.43 4.99 -10.84
CA ARG H 156 127.58 5.29 -11.99
C ARG H 156 128.03 4.55 -13.24
N GLU H 157 129.33 4.54 -13.55
CA GLU H 157 129.70 3.72 -14.71
C GLU H 157 129.59 2.23 -14.41
N GLU H 158 129.54 1.83 -13.13
CA GLU H 158 129.35 0.42 -12.84
C GLU H 158 127.89 0.03 -12.67
N TYR H 159 127.05 0.92 -12.15
CA TYR H 159 125.62 0.66 -11.97
C TYR H 159 124.83 1.84 -12.52
N PRO H 160 124.64 1.90 -13.84
CA PRO H 160 123.99 3.08 -14.43
C PRO H 160 122.48 3.09 -14.23
N ASP H 161 121.87 1.92 -14.18
CA ASP H 161 120.42 1.81 -14.06
C ASP H 161 119.93 1.86 -12.62
N ARG H 162 120.82 1.79 -11.65
CA ARG H 162 120.43 1.74 -10.25
C ARG H 162 120.27 3.16 -9.72
N ILE H 163 119.49 3.30 -8.66
CA ILE H 163 119.19 4.63 -8.14
C ILE H 163 120.33 5.10 -7.25
N MET H 164 120.62 6.39 -7.32
CA MET H 164 121.64 7.03 -6.49
C MET H 164 120.94 7.90 -5.46
N ASN H 165 121.20 7.62 -4.19
CA ASN H 165 120.73 8.46 -3.10
C ASN H 165 121.93 9.02 -2.36
N THR H 166 121.79 10.24 -1.86
CA THR H 166 122.86 10.86 -1.11
C THR H 166 122.28 11.87 -0.13
N PHE H 167 122.81 11.85 1.09
CA PHE H 167 122.38 12.76 2.15
C PHE H 167 123.59 13.65 2.45
N SER H 168 123.67 14.76 1.74
CA SER H 168 124.85 15.61 1.74
C SER H 168 124.63 16.82 2.63
N VAL H 169 125.61 17.10 3.48
CA VAL H 169 125.58 18.29 4.33
C VAL H 169 126.30 19.40 3.59
N VAL H 170 125.54 20.36 3.07
CA VAL H 170 126.11 21.43 2.26
C VAL H 170 126.72 22.49 3.17
N PRO H 171 127.74 23.21 2.73
CA PRO H 171 128.30 24.29 3.56
C PRO H 171 127.36 25.47 3.63
N SER H 172 127.63 26.35 4.59
CA SER H 172 126.79 27.50 4.85
C SER H 172 127.63 28.72 5.17
N PRO H 173 127.09 29.92 4.95
CA PRO H 173 127.92 31.13 5.16
C PRO H 173 128.09 31.52 6.62
N LYS H 174 127.11 31.23 7.48
CA LYS H 174 127.18 31.74 8.85
C LYS H 174 128.21 30.98 9.67
N VAL H 175 128.29 29.66 9.50
CA VAL H 175 129.34 28.86 10.14
C VAL H 175 130.26 28.37 9.02
N SER H 176 131.41 29.02 8.91
CA SER H 176 132.44 28.66 7.93
C SER H 176 133.58 27.96 8.68
N ASP H 177 133.48 26.64 8.79
CA ASP H 177 134.47 25.89 9.56
C ASP H 177 135.85 25.98 8.93
N THR H 178 135.92 25.86 7.60
CA THR H 178 137.17 26.00 6.88
C THR H 178 137.05 27.08 5.83
N VAL H 179 138.20 27.67 5.48
CA VAL H 179 138.19 28.79 4.54
C VAL H 179 137.86 28.33 3.13
N VAL H 180 138.12 27.07 2.80
CA VAL H 180 137.95 26.57 1.43
C VAL H 180 136.63 25.83 1.26
N GLU H 181 135.63 26.09 2.11
CA GLU H 181 134.32 25.49 1.92
C GLU H 181 133.69 25.81 0.56
N PRO H 182 133.68 27.06 0.08
CA PRO H 182 133.05 27.31 -1.23
C PRO H 182 133.69 26.53 -2.37
N TYR H 183 135.01 26.37 -2.33
CA TYR H 183 135.69 25.63 -3.39
C TYR H 183 135.21 24.19 -3.46
N ASN H 184 135.24 23.49 -2.33
CA ASN H 184 134.81 22.10 -2.31
C ASN H 184 133.32 21.99 -2.58
N ALA H 185 132.53 22.94 -2.09
CA ALA H 185 131.09 22.91 -2.33
C ALA H 185 130.76 22.99 -3.81
N THR H 186 131.37 23.94 -4.52
CA THR H 186 131.15 24.04 -5.95
C THR H 186 131.69 22.81 -6.68
N LEU H 187 132.89 22.37 -6.30
CA LEU H 187 133.52 21.22 -6.93
C LEU H 187 132.72 19.93 -6.71
N SER H 188 131.85 19.90 -5.71
CA SER H 188 130.98 18.75 -5.50
C SER H 188 129.66 18.91 -6.24
N VAL H 189 129.01 20.08 -6.09
CA VAL H 189 127.71 20.30 -6.69
C VAL H 189 127.80 20.21 -8.21
N HIS H 190 128.99 20.45 -8.79
CA HIS H 190 129.18 20.20 -10.21
C HIS H 190 128.69 18.82 -10.64
N GLN H 191 129.26 17.77 -10.06
CA GLN H 191 129.01 16.40 -10.47
C GLN H 191 127.93 15.69 -9.66
N LEU H 192 127.43 16.31 -8.58
CA LEU H 192 126.17 15.80 -8.07
C LEU H 192 124.98 16.15 -8.97
N VAL H 193 125.20 16.99 -9.98
CA VAL H 193 124.15 17.30 -10.94
C VAL H 193 123.78 16.06 -11.75
N GLU H 194 124.78 15.33 -12.24
CA GLU H 194 124.54 14.28 -13.21
C GLU H 194 124.77 12.87 -12.68
N ASN H 195 125.52 12.72 -11.59
CA ASN H 195 125.86 11.40 -11.09
C ASN H 195 124.98 10.93 -9.94
N THR H 196 124.00 11.75 -9.54
CA THR H 196 123.09 11.38 -8.46
C THR H 196 121.65 11.50 -8.95
N ASP H 197 120.82 10.54 -8.57
CA ASP H 197 119.41 10.57 -8.93
C ASP H 197 118.57 11.38 -7.94
N GLU H 198 119.04 11.54 -6.71
CA GLU H 198 118.40 12.42 -5.75
C GLU H 198 119.43 12.86 -4.73
N THR H 199 119.37 14.12 -4.33
CA THR H 199 120.32 14.69 -3.38
C THR H 199 119.55 15.41 -2.29
N TYR H 200 119.67 14.94 -1.05
CA TYR H 200 119.04 15.58 0.09
C TYR H 200 120.02 16.58 0.67
N CYS H 201 119.76 17.86 0.44
CA CYS H 201 120.67 18.90 0.89
C CYS H 201 120.46 19.15 2.38
N ILE H 202 121.51 18.91 3.16
CA ILE H 202 121.51 19.12 4.61
C ILE H 202 122.45 20.27 4.91
N ASP H 203 122.13 21.07 5.92
CA ASP H 203 123.03 22.10 6.39
C ASP H 203 123.02 22.15 7.92
N ASN H 204 124.13 22.60 8.50
CA ASN H 204 124.19 22.67 9.95
C ASN H 204 123.33 23.79 10.51
N GLU H 205 123.13 24.88 9.74
CA GLU H 205 122.44 26.05 10.29
C GLU H 205 120.98 25.72 10.60
N ALA H 206 120.28 25.11 9.66
CA ALA H 206 118.87 24.80 9.88
C ALA H 206 118.70 23.79 11.00
N LEU H 207 119.62 22.82 11.09
CA LEU H 207 119.56 21.85 12.18
C LEU H 207 119.78 22.53 13.52
N TYR H 208 120.73 23.47 13.60
CA TYR H 208 120.95 24.21 14.83
C TYR H 208 119.73 25.05 15.17
N ASP H 209 119.10 25.65 14.16
CA ASP H 209 117.90 26.44 14.40
C ASP H 209 116.76 25.58 14.93
N ILE H 210 116.64 24.36 14.40
CA ILE H 210 115.63 23.43 14.92
C ILE H 210 115.94 23.11 16.37
N CYS H 211 117.17 22.72 16.66
CA CYS H 211 117.53 22.38 18.05
C CYS H 211 117.46 23.58 18.99
N PHE H 212 117.46 24.80 18.45
CA PHE H 212 117.39 25.98 19.29
C PHE H 212 115.96 26.43 19.54
N ARG H 213 115.16 26.61 18.50
CA ARG H 213 113.82 27.16 18.64
C ARG H 213 112.73 26.11 18.68
N THR H 214 112.90 24.98 17.98
CA THR H 214 111.89 23.94 17.99
C THR H 214 112.07 23.00 19.19
N LEU H 215 113.25 22.41 19.31
CA LEU H 215 113.50 21.48 20.40
C LEU H 215 113.83 22.20 21.71
N LYS H 216 114.13 23.49 21.66
CA LYS H 216 114.51 24.28 22.83
C LYS H 216 115.68 23.63 23.57
N LEU H 217 116.60 23.05 22.82
CA LEU H 217 117.75 22.36 23.38
C LEU H 217 118.83 23.38 23.69
N THR H 218 119.26 23.43 24.94
CA THR H 218 120.17 24.50 25.39
C THR H 218 121.53 24.40 24.72
N THR H 219 122.14 23.22 24.75
CA THR H 219 123.49 23.02 24.22
C THR H 219 123.48 21.83 23.27
N PRO H 220 123.00 22.02 22.05
CA PRO H 220 123.02 20.92 21.08
C PRO H 220 124.44 20.56 20.68
N THR H 221 124.68 19.27 20.54
CA THR H 221 125.94 18.73 20.05
C THR H 221 125.76 18.20 18.65
N TYR H 222 126.84 17.66 18.07
CA TYR H 222 126.72 17.02 16.77
C TYR H 222 125.85 15.76 16.84
N GLY H 223 125.75 15.15 18.02
CA GLY H 223 124.94 13.96 18.16
C GLY H 223 123.47 14.22 17.88
N ASP H 224 122.94 15.35 18.37
CA ASP H 224 121.55 15.68 18.11
C ASP H 224 121.29 15.95 16.64
N LEU H 225 122.20 16.68 15.99
CA LEU H 225 122.05 16.97 14.57
C LEU H 225 122.08 15.68 13.76
N ASN H 226 123.01 14.79 14.11
CA ASN H 226 123.08 13.49 13.46
C ASN H 226 121.82 12.68 13.70
N HIS H 227 121.24 12.80 14.89
CA HIS H 227 119.99 12.09 15.17
C HIS H 227 118.85 12.59 14.29
N LEU H 228 118.74 13.90 14.14
CA LEU H 228 117.69 14.45 13.27
C LEU H 228 117.88 14.01 11.82
N VAL H 229 119.10 14.11 11.30
CA VAL H 229 119.29 13.74 9.90
C VAL H 229 119.13 12.22 9.74
N SER H 230 119.46 11.44 10.76
CA SER H 230 119.26 10.00 10.70
C SER H 230 117.78 9.65 10.68
N ALA H 231 116.97 10.35 11.48
CA ALA H 231 115.53 10.13 11.42
C ALA H 231 114.97 10.49 10.06
N THR H 232 115.44 11.60 9.49
CA THR H 232 114.99 12.00 8.16
C THR H 232 115.34 10.96 7.11
N MET H 233 116.58 10.48 7.12
CA MET H 233 116.99 9.50 6.11
C MET H 233 116.42 8.12 6.37
N SER H 234 116.00 7.83 7.60
CA SER H 234 115.27 6.60 7.86
C SER H 234 113.82 6.69 7.39
N GLY H 235 113.24 7.89 7.40
CA GLY H 235 111.86 8.04 6.98
C GLY H 235 111.64 7.72 5.51
N VAL H 236 112.60 8.07 4.64
CA VAL H 236 112.40 7.91 3.21
C VAL H 236 112.42 6.44 2.79
N THR H 237 113.05 5.58 3.57
CA THR H 237 113.13 4.16 3.24
C THR H 237 112.19 3.31 4.10
N THR H 238 111.25 3.93 4.80
CA THR H 238 110.36 3.18 5.69
C THR H 238 109.47 2.22 4.91
N CYS H 239 108.96 2.66 3.76
CA CYS H 239 108.08 1.79 2.97
C CYS H 239 108.81 0.57 2.46
N LEU H 240 110.13 0.67 2.29
CA LEU H 240 110.92 -0.47 1.85
C LEU H 240 111.04 -1.52 2.95
N ARG H 241 110.96 -1.09 4.22
CA ARG H 241 111.25 -1.94 5.36
C ARG H 241 110.00 -2.39 6.11
N PHE H 242 108.86 -1.77 5.86
CA PHE H 242 107.63 -2.08 6.56
C PHE H 242 106.46 -1.96 5.61
N PRO H 243 105.36 -2.67 5.86
CA PRO H 243 104.17 -2.51 5.02
C PRO H 243 103.49 -1.16 5.24
N GLY H 244 102.40 -0.92 4.53
CA GLY H 244 101.68 0.33 4.71
C GLY H 244 100.50 0.39 3.78
N GLN H 245 99.70 1.45 3.97
CA GLN H 245 98.54 1.65 3.12
C GLN H 245 98.95 2.10 1.72
N LEU H 246 99.92 3.00 1.63
CA LEU H 246 100.52 3.42 0.38
C LEU H 246 102.02 3.22 0.48
N ASN H 247 102.59 2.47 -0.45
CA ASN H 247 104.01 2.12 -0.41
C ASN H 247 104.76 2.93 -1.46
N ALA H 248 105.89 3.49 -1.07
CA ALA H 248 106.71 4.30 -1.97
C ALA H 248 108.17 4.04 -1.67
N ASP H 249 108.87 3.42 -2.62
CA ASP H 249 110.30 3.18 -2.50
C ASP H 249 111.07 4.41 -2.96
N LEU H 250 112.38 4.26 -3.14
CA LEU H 250 113.20 5.39 -3.59
C LEU H 250 112.85 5.78 -5.03
N ARG H 251 112.64 4.80 -5.90
CA ARG H 251 112.38 5.11 -7.30
C ARG H 251 111.03 5.81 -7.50
N LYS H 252 110.03 5.47 -6.69
CA LYS H 252 108.75 6.15 -6.81
C LYS H 252 108.87 7.62 -6.42
N LEU H 253 109.60 7.91 -5.34
CA LEU H 253 109.88 9.29 -4.98
C LEU H 253 110.68 10.00 -6.07
N ALA H 254 111.61 9.28 -6.70
CA ALA H 254 112.41 9.86 -7.76
C ALA H 254 111.55 10.26 -8.96
N VAL H 255 110.65 9.35 -9.38
CA VAL H 255 109.80 9.67 -10.53
C VAL H 255 108.71 10.65 -10.17
N ASN H 256 108.38 10.80 -8.89
CA ASN H 256 107.35 11.74 -8.49
C ASN H 256 107.90 13.09 -8.06
N MET H 257 109.22 13.25 -7.94
CA MET H 257 109.79 14.52 -7.54
C MET H 257 110.88 15.06 -8.47
N VAL H 258 111.13 14.41 -9.60
CA VAL H 258 112.16 14.88 -10.52
C VAL H 258 111.51 15.10 -11.88
N PRO H 259 110.82 16.23 -12.09
CA PRO H 259 110.24 16.49 -13.41
C PRO H 259 111.28 16.60 -14.51
N PHE H 260 112.46 17.11 -14.21
CA PHE H 260 113.57 17.19 -15.15
C PHE H 260 114.82 16.64 -14.47
N PRO H 261 115.65 15.89 -15.19
CA PRO H 261 116.69 15.08 -14.53
C PRO H 261 117.66 15.88 -13.69
N ARG H 262 117.98 17.10 -14.08
CA ARG H 262 118.91 17.93 -13.31
C ARG H 262 118.28 18.48 -12.03
N LEU H 263 116.97 18.35 -11.86
CA LEU H 263 116.27 18.95 -10.73
C LEU H 263 116.01 17.89 -9.67
N HIS H 264 117.05 17.55 -8.92
CA HIS H 264 116.94 16.46 -7.95
C HIS H 264 117.56 16.82 -6.61
N PHE H 265 117.64 18.11 -6.29
CA PHE H 265 118.13 18.57 -4.99
C PHE H 265 116.93 18.84 -4.10
N PHE H 266 116.74 18.01 -3.09
CA PHE H 266 115.52 17.99 -2.30
C PHE H 266 115.73 18.65 -0.94
N MET H 267 114.62 19.11 -0.38
CA MET H 267 114.61 19.81 0.89
C MET H 267 114.03 18.89 1.95
N PRO H 268 114.84 18.35 2.86
CA PRO H 268 114.34 17.37 3.82
C PRO H 268 113.75 18.01 5.07
N GLY H 269 112.96 17.22 5.78
CA GLY H 269 112.34 17.68 7.01
C GLY H 269 111.67 16.52 7.71
N PHE H 270 111.50 16.68 9.02
CA PHE H 270 110.91 15.64 9.85
C PHE H 270 109.84 16.25 10.75
N ALA H 271 108.92 15.39 11.18
CA ALA H 271 107.86 15.78 12.11
C ALA H 271 107.34 14.52 12.77
N PRO H 272 106.92 14.59 14.04
CA PRO H 272 106.94 15.75 14.94
C PRO H 272 108.29 15.98 15.62
N LEU H 273 108.65 17.25 15.84
CA LEU H 273 109.81 17.61 16.66
C LEU H 273 109.28 18.46 17.80
N THR H 274 109.19 17.87 18.99
CA THR H 274 108.60 18.53 20.14
C THR H 274 109.65 18.75 21.22
N SER H 275 109.56 19.90 21.89
CA SER H 275 110.43 20.16 23.02
C SER H 275 110.07 19.24 24.17
N ARG H 276 111.00 19.10 25.11
CA ARG H 276 110.76 18.24 26.27
C ARG H 276 109.59 18.74 27.10
N GLY H 277 109.51 20.05 27.29
CA GLY H 277 108.43 20.61 28.10
C GLY H 277 107.12 20.76 27.36
N SER H 278 107.17 21.09 26.07
CA SER H 278 105.97 21.38 25.31
C SER H 278 105.38 20.17 24.60
N GLN H 279 106.03 19.01 24.70
CA GLN H 279 105.46 17.81 24.08
C GLN H 279 104.17 17.38 24.76
N GLN H 280 104.00 17.77 26.01
CA GLN H 280 102.84 17.37 26.78
C GLN H 280 101.57 18.15 26.37
N TYR H 281 101.74 19.37 25.87
CA TYR H 281 100.61 20.25 25.56
C TYR H 281 100.13 20.12 24.13
N ARG H 282 100.65 19.14 23.38
CA ARG H 282 100.42 19.07 21.94
C ARG H 282 99.74 17.77 21.56
N ALA H 283 98.74 17.88 20.69
CA ALA H 283 98.01 16.73 20.18
C ALA H 283 98.77 16.08 19.03
N LEU H 284 98.52 14.79 18.84
CA LEU H 284 99.17 14.00 17.79
C LEU H 284 98.11 13.67 16.75
N THR H 285 98.01 14.53 15.73
CA THR H 285 97.04 14.38 14.66
C THR H 285 97.71 14.66 13.33
N VAL H 286 97.09 14.17 12.26
CA VAL H 286 97.61 14.44 10.91
C VAL H 286 97.70 15.92 10.60
N PRO H 287 96.70 16.76 10.93
CA PRO H 287 96.87 18.20 10.64
C PRO H 287 98.08 18.83 11.29
N GLU H 288 98.43 18.42 12.52
CA GLU H 288 99.58 19.05 13.16
C GLU H 288 100.90 18.54 12.60
N LEU H 289 100.96 17.27 12.17
CA LEU H 289 102.11 16.85 11.37
C LEU H 289 102.22 17.67 10.10
N THR H 290 101.09 17.92 9.43
CA THR H 290 101.12 18.69 8.20
C THR H 290 101.64 20.11 8.44
N GLN H 291 101.17 20.75 9.51
CA GLN H 291 101.60 22.13 9.76
C GLN H 291 103.06 22.17 10.22
N GLN H 292 103.55 21.13 10.89
CA GLN H 292 104.98 21.14 11.20
C GLN H 292 105.84 20.84 9.98
N MET H 293 105.32 20.04 9.04
CA MET H 293 106.12 19.78 7.84
C MET H 293 106.14 20.98 6.91
N PHE H 294 105.06 21.74 6.83
CA PHE H 294 104.98 22.78 5.83
C PHE H 294 105.38 24.17 6.31
N ASP H 295 105.66 24.36 7.60
CA ASP H 295 106.13 25.66 8.05
C ASP H 295 107.61 25.84 7.70
N ALA H 296 108.00 27.09 7.42
CA ALA H 296 109.30 27.35 6.82
C ALA H 296 110.47 27.02 7.74
N LYS H 297 110.25 26.97 9.06
CA LYS H 297 111.37 26.79 9.98
C LYS H 297 111.81 25.35 10.12
N ASN H 298 111.02 24.38 9.67
CA ASN H 298 111.34 22.97 9.90
C ASN H 298 112.24 22.39 8.82
N MET H 299 112.51 23.12 7.74
CA MET H 299 113.44 22.65 6.73
C MET H 299 114.83 22.46 7.31
N MET H 300 115.54 21.47 6.77
CA MET H 300 116.94 21.23 7.09
C MET H 300 117.87 21.85 6.07
N ALA H 301 117.39 22.85 5.33
CA ALA H 301 118.22 23.73 4.52
C ALA H 301 117.86 25.17 4.86
N ALA H 302 118.88 25.99 5.12
CA ALA H 302 118.65 27.39 5.47
C ALA H 302 118.34 28.20 4.22
N CYS H 303 117.13 27.96 3.70
CA CYS H 303 116.62 28.72 2.57
C CYS H 303 115.10 28.72 2.66
N ASP H 304 114.50 29.90 2.59
CA ASP H 304 113.09 30.05 2.89
C ASP H 304 112.25 29.56 1.74
N PRO H 305 111.39 28.55 1.94
CA PRO H 305 110.53 28.10 0.84
C PRO H 305 109.55 29.15 0.36
N ARG H 306 109.26 30.17 1.18
CA ARG H 306 108.40 31.26 0.74
C ARG H 306 109.04 32.10 -0.36
N HIS H 307 110.37 32.10 -0.45
CA HIS H 307 111.05 32.82 -1.50
C HIS H 307 110.99 32.11 -2.85
N GLY H 308 110.51 30.87 -2.88
CA GLY H 308 110.43 30.13 -4.12
C GLY H 308 109.12 29.37 -4.28
N ARG H 309 109.08 28.44 -5.23
CA ARG H 309 107.89 27.65 -5.51
C ARG H 309 108.22 26.18 -5.30
N TYR H 310 107.24 25.43 -4.81
CA TYR H 310 107.38 23.99 -4.64
C TYR H 310 107.05 23.32 -5.98
N LEU H 311 108.06 22.76 -6.65
CA LEU H 311 107.79 21.93 -7.81
C LEU H 311 107.03 20.68 -7.39
N THR H 312 107.59 19.94 -6.44
CA THR H 312 106.97 18.74 -5.87
C THR H 312 107.37 18.65 -4.41
N VAL H 313 106.50 18.04 -3.61
CA VAL H 313 106.82 17.70 -2.24
C VAL H 313 106.37 16.27 -1.98
N ALA H 314 107.00 15.65 -0.97
CA ALA H 314 106.68 14.28 -0.60
C ALA H 314 106.55 14.20 0.92
N ALA H 315 105.44 13.63 1.38
CA ALA H 315 105.21 13.42 2.80
C ALA H 315 105.07 11.92 3.02
N VAL H 316 106.10 11.31 3.61
CA VAL H 316 106.11 9.87 3.86
C VAL H 316 105.65 9.68 5.31
N PHE H 317 104.35 9.50 5.48
CA PHE H 317 103.77 9.34 6.81
C PHE H 317 104.08 7.97 7.38
N ARG H 318 104.16 7.91 8.70
CA ARG H 318 104.43 6.67 9.42
C ARG H 318 103.46 6.52 10.58
N GLY H 319 103.00 5.31 10.81
CA GLY H 319 102.07 5.01 11.88
C GLY H 319 100.66 4.78 11.37
N ARG H 320 99.77 4.52 12.31
CA ARG H 320 98.36 4.31 12.00
C ARG H 320 97.67 5.68 11.89
N MET H 321 96.88 5.85 10.84
CA MET H 321 96.22 7.12 10.56
C MET H 321 95.23 6.90 9.41
N SER H 322 94.37 7.89 9.21
CA SER H 322 93.33 7.82 8.21
C SER H 322 93.78 8.51 6.93
N MET H 323 93.58 7.84 5.79
CA MET H 323 94.06 8.39 4.53
C MET H 323 93.24 9.60 4.09
N LYS H 324 91.95 9.65 4.45
CA LYS H 324 91.14 10.81 4.14
C LYS H 324 91.75 12.06 4.73
N GLU H 325 92.14 12.01 6.00
CA GLU H 325 92.74 13.18 6.63
C GLU H 325 94.03 13.57 5.93
N VAL H 326 94.83 12.58 5.55
CA VAL H 326 96.14 12.86 4.96
C VAL H 326 95.99 13.56 3.61
N ASP H 327 95.20 12.96 2.69
CA ASP H 327 95.09 13.56 1.37
C ASP H 327 94.27 14.84 1.40
N GLU H 328 93.31 14.95 2.33
CA GLU H 328 92.64 16.22 2.56
C GLU H 328 93.64 17.30 2.94
N GLN H 329 94.52 17.02 3.89
CA GLN H 329 95.50 18.02 4.31
C GLN H 329 96.40 18.41 3.15
N MET H 330 96.82 17.43 2.35
CA MET H 330 97.70 17.71 1.23
C MET H 330 97.02 18.61 0.21
N LEU H 331 95.78 18.27 -0.17
CA LEU H 331 95.08 19.09 -1.15
C LEU H 331 94.74 20.47 -0.59
N ASN H 332 94.45 20.56 0.71
CA ASN H 332 94.17 21.85 1.32
C ASN H 332 95.39 22.75 1.25
N VAL H 333 96.57 22.19 1.56
CA VAL H 333 97.81 22.94 1.42
C VAL H 333 97.98 23.40 -0.01
N GLN H 334 97.68 22.52 -0.96
CA GLN H 334 97.84 22.88 -2.37
C GLN H 334 96.90 24.01 -2.77
N ASN H 335 95.63 23.95 -2.33
CA ASN H 335 94.66 24.94 -2.75
C ASN H 335 94.90 26.29 -2.09
N LYS H 336 94.82 26.35 -0.76
CA LYS H 336 94.79 27.66 -0.12
C LYS H 336 96.18 28.29 0.02
N ASN H 337 97.19 27.70 -0.60
CA ASN H 337 98.50 28.32 -0.74
C ASN H 337 98.97 28.19 -2.18
N SER H 338 98.10 28.51 -3.13
CA SER H 338 98.38 28.21 -4.53
C SER H 338 99.55 29.02 -5.07
N SER H 339 99.81 30.20 -4.51
CA SER H 339 100.89 31.03 -4.99
C SER H 339 102.27 30.47 -4.69
N TYR H 340 102.37 29.48 -3.79
CA TYR H 340 103.65 28.89 -3.42
C TYR H 340 103.92 27.58 -4.13
N PHE H 341 103.01 27.11 -4.98
CA PHE H 341 103.18 25.87 -5.71
C PHE H 341 103.20 26.15 -7.20
N VAL H 342 103.99 25.37 -7.94
CA VAL H 342 104.17 25.62 -9.36
C VAL H 342 102.87 25.32 -10.10
N GLU H 343 102.56 26.16 -11.09
CA GLU H 343 101.24 26.10 -11.71
C GLU H 343 101.09 24.90 -12.63
N TRP H 344 102.10 24.62 -13.44
CA TRP H 344 101.98 23.61 -14.48
C TRP H 344 102.14 22.19 -13.96
N ILE H 345 102.12 22.00 -12.64
CA ILE H 345 102.09 20.66 -12.05
C ILE H 345 100.91 20.59 -11.09
N PRO H 346 99.74 20.18 -11.54
CA PRO H 346 98.66 19.86 -10.60
C PRO H 346 99.06 18.68 -9.74
N ASN H 347 98.56 18.67 -8.50
CA ASN H 347 98.94 17.68 -7.50
C ASN H 347 100.46 17.71 -7.26
N ASN H 348 100.90 18.82 -6.71
CA ASN H 348 102.32 18.97 -6.38
C ASN H 348 102.77 18.09 -5.23
N VAL H 349 101.95 17.21 -4.64
CA VAL H 349 102.32 16.49 -3.44
C VAL H 349 102.31 14.99 -3.72
N LYS H 350 103.39 14.33 -3.34
CA LYS H 350 103.43 12.87 -3.28
C LYS H 350 103.19 12.43 -1.85
N THR H 351 102.28 11.48 -1.67
CA THR H 351 101.89 11.03 -0.34
C THR H 351 102.02 9.52 -0.22
N ALA H 352 102.74 9.08 0.80
CA ALA H 352 102.85 7.67 1.15
C ALA H 352 102.67 7.52 2.65
N VAL H 353 102.07 6.40 3.07
CA VAL H 353 101.76 6.17 4.47
C VAL H 353 102.23 4.76 4.83
N CYS H 354 103.06 4.67 5.87
CA CYS H 354 103.46 3.39 6.43
C CYS H 354 102.80 3.20 7.79
N ASP H 355 102.46 1.96 8.12
CA ASP H 355 101.70 1.71 9.34
C ASP H 355 102.59 1.49 10.56
N ILE H 356 103.89 1.44 10.41
CA ILE H 356 104.81 1.20 11.51
C ILE H 356 105.46 2.52 11.90
N PRO H 357 105.11 3.10 13.05
CA PRO H 357 105.68 4.39 13.44
C PRO H 357 107.07 4.22 14.03
N PRO H 358 107.84 5.29 14.15
CA PRO H 358 109.13 5.19 14.84
C PRO H 358 108.94 4.90 16.32
N ARG H 359 109.98 4.33 16.93
CA ARG H 359 109.90 3.92 18.32
C ARG H 359 109.66 5.13 19.22
N GLY H 360 108.65 5.03 20.08
CA GLY H 360 108.32 6.08 21.01
C GLY H 360 107.34 7.12 20.48
N LEU H 361 106.99 7.07 19.20
CA LEU H 361 106.10 8.04 18.59
C LEU H 361 104.85 7.34 18.08
N LYS H 362 103.68 7.90 18.38
CA LYS H 362 102.43 7.34 17.85
C LYS H 362 102.37 7.45 16.34
N MET H 363 102.81 8.59 15.80
CA MET H 363 102.87 8.79 14.37
C MET H 363 104.00 9.76 14.06
N SER H 364 104.47 9.70 12.82
CA SER H 364 105.53 10.60 12.37
C SER H 364 105.47 10.67 10.85
N ALA H 365 106.15 11.68 10.31
CA ALA H 365 106.20 11.86 8.86
C ALA H 365 107.51 12.53 8.49
N THR H 366 107.90 12.32 7.24
CA THR H 366 109.11 12.93 6.67
C THR H 366 108.70 13.80 5.49
N PHE H 367 109.14 15.05 5.52
CA PHE H 367 108.81 16.01 4.46
C PHE H 367 110.01 16.15 3.53
N ILE H 368 109.80 15.81 2.26
CA ILE H 368 110.82 15.95 1.23
C ILE H 368 110.24 16.84 0.14
N GLY H 369 110.86 17.98 -0.08
CA GLY H 369 110.34 18.94 -1.03
C GLY H 369 111.34 19.39 -2.09
N ASN H 370 110.94 19.32 -3.35
CA ASN H 370 111.77 19.80 -4.46
C ASN H 370 111.32 21.21 -4.79
N SER H 371 112.01 22.20 -4.23
CA SER H 371 111.60 23.60 -4.35
C SER H 371 112.68 24.40 -5.07
N THR H 372 112.24 25.51 -5.66
CA THR H 372 113.16 26.49 -6.25
C THR H 372 113.93 27.27 -5.20
N ALA H 373 113.57 27.15 -3.92
CA ALA H 373 114.28 27.86 -2.86
C ALA H 373 115.73 27.42 -2.72
N ILE H 374 116.08 26.24 -3.24
CA ILE H 374 117.48 25.81 -3.22
C ILE H 374 118.37 26.69 -4.08
N GLN H 375 117.78 27.51 -4.95
CA GLN H 375 118.57 28.35 -5.82
C GLN H 375 119.38 29.36 -5.03
N GLU H 376 118.84 29.89 -3.93
CA GLU H 376 119.61 30.86 -3.16
C GLU H 376 120.71 30.18 -2.34
N LEU H 377 120.43 28.96 -1.85
CA LEU H 377 121.48 28.18 -1.20
C LEU H 377 122.63 27.92 -2.16
N PHE H 378 122.33 27.70 -3.44
CA PHE H 378 123.39 27.53 -4.42
C PHE H 378 124.03 28.87 -4.80
N LYS H 379 123.27 29.96 -4.82
CA LYS H 379 123.83 31.26 -5.16
C LYS H 379 124.84 31.72 -4.12
N ARG H 380 124.58 31.42 -2.84
CA ARG H 380 125.56 31.79 -1.81
C ARG H 380 126.90 31.12 -2.07
N ILE H 381 126.87 29.81 -2.35
CA ILE H 381 128.10 29.09 -2.66
C ILE H 381 128.74 29.64 -3.91
N SER H 382 127.93 29.93 -4.94
CA SER H 382 128.47 30.41 -6.20
C SER H 382 129.14 31.77 -6.04
N GLU H 383 128.53 32.67 -5.28
CA GLU H 383 129.13 34.01 -5.12
C GLU H 383 130.36 33.95 -4.23
N GLN H 384 130.37 33.11 -3.20
CA GLN H 384 131.60 32.95 -2.43
C GLN H 384 132.72 32.36 -3.28
N PHE H 385 132.39 31.36 -4.10
CA PHE H 385 133.38 30.76 -4.99
C PHE H 385 133.91 31.78 -5.98
N THR H 386 133.03 32.63 -6.52
CA THR H 386 133.47 33.68 -7.44
C THR H 386 134.37 34.68 -6.73
N ALA H 387 134.02 35.04 -5.48
CA ALA H 387 134.82 36.01 -4.74
C ALA H 387 136.22 35.49 -4.47
N MET H 388 136.34 34.22 -4.06
CA MET H 388 137.67 33.68 -3.82
C MET H 388 138.42 33.36 -5.11
N PHE H 389 137.69 33.04 -6.18
CA PHE H 389 138.34 32.63 -7.42
C PHE H 389 138.92 33.81 -8.20
N ARG H 390 138.31 34.98 -8.09
CA ARG H 390 138.84 36.15 -8.80
C ARG H 390 140.25 36.50 -8.32
N ARG H 391 140.46 36.45 -7.01
CA ARG H 391 141.76 36.74 -6.42
C ARG H 391 142.63 35.51 -6.29
N LYS H 392 142.35 34.46 -7.08
CA LYS H 392 143.11 33.21 -7.12
C LYS H 392 143.42 32.66 -5.73
N ALA H 393 142.56 32.94 -4.77
CA ALA H 393 142.81 32.53 -3.38
C ALA H 393 142.76 31.02 -3.26
N PHE H 394 143.80 30.45 -2.64
CA PHE H 394 143.93 29.03 -2.37
C PHE H 394 143.95 28.18 -3.64
N LEU H 395 144.21 28.79 -4.80
CA LEU H 395 144.37 28.03 -6.02
C LEU H 395 145.65 27.19 -6.02
N HIS H 396 146.71 27.66 -5.36
CA HIS H 396 147.97 26.93 -5.41
C HIS H 396 147.83 25.57 -4.73
N TRP H 397 147.06 25.50 -3.64
CA TRP H 397 146.85 24.24 -2.95
C TRP H 397 146.19 23.21 -3.87
N TYR H 398 145.16 23.61 -4.60
CA TYR H 398 144.44 22.68 -5.45
C TYR H 398 145.23 22.35 -6.72
N THR H 399 145.86 23.36 -7.33
CA THR H 399 146.66 23.12 -8.53
C THR H 399 147.95 22.39 -8.23
N GLY H 400 148.32 22.23 -6.96
CA GLY H 400 149.46 21.39 -6.63
C GLY H 400 149.24 19.94 -7.02
N GLU H 401 147.98 19.49 -7.02
CA GLU H 401 147.65 18.10 -7.34
C GLU H 401 147.19 17.92 -8.79
N GLY H 402 147.70 18.73 -9.71
CA GLY H 402 147.49 18.48 -11.12
C GLY H 402 146.21 19.00 -11.71
N MET H 403 145.42 19.78 -10.97
CA MET H 403 144.21 20.36 -11.53
C MET H 403 144.57 21.63 -12.29
N ASP H 404 143.54 22.36 -12.73
CA ASP H 404 143.74 23.58 -13.49
C ASP H 404 142.57 24.53 -13.25
N GLU H 405 142.78 25.80 -13.57
CA GLU H 405 141.75 26.82 -13.35
C GLU H 405 140.54 26.56 -14.24
N MET H 406 140.73 25.96 -15.41
CA MET H 406 139.63 25.71 -16.32
C MET H 406 138.58 24.79 -15.69
N GLU H 407 139.02 23.82 -14.88
CA GLU H 407 138.07 22.93 -14.24
C GLU H 407 137.20 23.69 -13.24
N PHE H 408 137.80 24.62 -12.49
CA PHE H 408 137.01 25.48 -11.61
C PHE H 408 136.04 26.34 -12.41
N THR H 409 136.49 26.90 -13.53
CA THR H 409 135.62 27.75 -14.34
C THR H 409 134.41 26.96 -14.85
N GLU H 410 134.65 25.73 -15.31
CA GLU H 410 133.54 24.95 -15.86
C GLU H 410 132.63 24.42 -14.75
N ALA H 411 133.18 24.12 -13.57
CA ALA H 411 132.32 23.79 -12.44
C ALA H 411 131.43 24.97 -12.05
N GLU H 412 132.00 26.18 -12.04
CA GLU H 412 131.21 27.36 -11.73
C GLU H 412 130.15 27.61 -12.81
N SER H 413 130.50 27.35 -14.07
CA SER H 413 129.53 27.52 -15.15
C SER H 413 128.37 26.56 -14.99
N ASN H 414 128.64 25.29 -14.66
CA ASN H 414 127.57 24.34 -14.41
C ASN H 414 126.72 24.75 -13.22
N MET H 415 127.38 25.26 -12.17
CA MET H 415 126.67 25.78 -11.00
C MET H 415 125.69 26.89 -11.39
N ASN H 416 126.17 27.84 -12.19
CA ASN H 416 125.33 28.95 -12.62
C ASN H 416 124.21 28.47 -13.54
N ASP H 417 124.49 27.49 -14.40
CA ASP H 417 123.45 26.95 -15.26
C ASP H 417 122.33 26.30 -14.45
N LEU H 418 122.70 25.55 -13.40
CA LEU H 418 121.68 24.96 -12.54
C LEU H 418 120.89 26.03 -11.79
N VAL H 419 121.57 27.07 -11.31
CA VAL H 419 120.87 28.16 -10.63
C VAL H 419 119.87 28.81 -11.59
N SER H 420 120.30 29.06 -12.83
CA SER H 420 119.42 29.67 -13.82
C SER H 420 118.26 28.76 -14.17
N GLU H 421 118.46 27.44 -14.15
CA GLU H 421 117.34 26.56 -14.48
C GLU H 421 116.32 26.51 -13.35
N TYR H 422 116.78 26.54 -12.08
CA TYR H 422 115.83 26.79 -11.00
C TYR H 422 115.07 28.10 -11.20
N GLN H 423 115.78 29.17 -11.55
CA GLN H 423 115.14 30.46 -11.69
C GLN H 423 114.09 30.45 -12.79
N GLN H 424 114.41 29.87 -13.94
CA GLN H 424 113.49 29.87 -15.06
C GLN H 424 112.34 28.89 -14.90
N TYR H 425 112.52 27.81 -14.13
CA TYR H 425 111.38 26.97 -13.79
C TYR H 425 110.55 27.53 -12.64
N GLN H 426 111.07 28.50 -11.90
CA GLN H 426 110.25 29.17 -10.90
C GLN H 426 109.21 30.07 -11.54
N ASP H 427 109.60 30.78 -12.60
CA ASP H 427 108.74 31.75 -13.29
C ASP H 427 108.21 32.81 -12.34
N MET I 1 78.95 -24.31 -13.11
CA MET I 1 79.37 -23.32 -14.09
C MET I 1 79.28 -21.91 -13.53
N ARG I 2 79.07 -20.95 -14.43
CA ARG I 2 78.92 -19.54 -14.06
C ARG I 2 80.14 -19.03 -13.28
N GLU I 3 81.32 -19.48 -13.68
CA GLU I 3 82.54 -19.07 -13.02
C GLU I 3 83.01 -17.72 -13.53
N CYS I 4 83.70 -16.98 -12.67
CA CYS I 4 84.33 -15.73 -13.06
C CYS I 4 85.62 -15.57 -12.28
N ILE I 5 86.69 -15.19 -12.97
CA ILE I 5 88.03 -15.18 -12.41
C ILE I 5 88.38 -13.76 -11.98
N SER I 6 88.79 -13.61 -10.73
CA SER I 6 89.14 -12.31 -10.18
C SER I 6 90.62 -12.04 -10.39
N ILE I 7 90.93 -10.85 -10.90
CA ILE I 7 92.29 -10.40 -11.11
C ILE I 7 92.52 -9.18 -10.24
N HIS I 8 93.59 -9.20 -9.44
CA HIS I 8 93.92 -8.09 -8.56
C HIS I 8 95.33 -7.62 -8.87
N VAL I 9 95.44 -6.45 -9.49
CA VAL I 9 96.71 -5.90 -9.95
C VAL I 9 97.00 -4.63 -9.17
N GLY I 10 98.19 -4.54 -8.61
CA GLY I 10 98.60 -3.37 -7.87
C GLY I 10 98.11 -3.39 -6.43
N GLN I 11 98.58 -2.40 -5.67
CA GLN I 11 98.21 -2.32 -4.25
C GLN I 11 96.71 -2.11 -4.08
N ALA I 12 96.13 -1.20 -4.86
CA ALA I 12 94.70 -0.95 -4.77
C ALA I 12 93.89 -2.19 -5.11
N GLY I 13 94.25 -2.85 -6.22
CA GLY I 13 93.54 -4.05 -6.61
C GLY I 13 93.66 -5.16 -5.59
N VAL I 14 94.85 -5.34 -5.02
CA VAL I 14 95.07 -6.42 -4.08
C VAL I 14 94.34 -6.16 -2.77
N GLN I 15 94.33 -4.91 -2.30
CA GLN I 15 93.61 -4.61 -1.06
C GLN I 15 92.10 -4.72 -1.25
N ILE I 16 91.59 -4.23 -2.38
CA ILE I 16 90.17 -4.41 -2.68
C ILE I 16 89.84 -5.89 -2.80
N GLY I 17 90.77 -6.67 -3.35
CA GLY I 17 90.56 -8.11 -3.43
C GLY I 17 90.56 -8.78 -2.07
N ASN I 18 91.40 -8.31 -1.15
CA ASN I 18 91.36 -8.83 0.20
C ASN I 18 90.00 -8.58 0.83
N ALA I 19 89.48 -7.36 0.66
CA ALA I 19 88.14 -7.08 1.14
C ALA I 19 87.10 -7.96 0.47
N CYS I 20 87.22 -8.13 -0.85
CA CYS I 20 86.24 -8.91 -1.60
C CYS I 20 86.23 -10.36 -1.16
N TRP I 21 87.41 -10.94 -0.92
CA TRP I 21 87.47 -12.34 -0.55
C TRP I 21 87.08 -12.56 0.91
N GLU I 22 87.35 -11.61 1.79
CA GLU I 22 86.76 -11.66 3.12
C GLU I 22 85.24 -11.66 3.04
N LEU I 23 84.69 -10.78 2.20
CA LEU I 23 83.24 -10.72 2.04
C LEU I 23 82.67 -12.00 1.45
N TYR I 24 83.38 -12.59 0.49
CA TYR I 24 82.91 -13.81 -0.16
C TYR I 24 82.96 -14.99 0.79
N CYS I 25 84.03 -15.09 1.59
CA CYS I 25 84.09 -16.13 2.59
C CYS I 25 82.98 -15.97 3.61
N LEU I 26 82.66 -14.73 3.98
CA LEU I 26 81.58 -14.51 4.93
C LEU I 26 80.23 -14.86 4.32
N GLU I 27 80.03 -14.57 3.03
CA GLU I 27 78.72 -14.77 2.42
C GLU I 27 78.38 -16.25 2.30
N HIS I 28 79.34 -17.07 1.86
CA HIS I 28 79.10 -18.47 1.60
C HIS I 28 79.45 -19.36 2.79
N GLY I 29 79.81 -18.77 3.92
CA GLY I 29 80.18 -19.54 5.08
C GLY I 29 81.58 -20.10 5.06
N ILE I 30 82.38 -19.74 4.06
CA ILE I 30 83.76 -20.22 3.99
C ILE I 30 84.57 -19.59 5.10
N GLN I 31 85.35 -20.41 5.79
CA GLN I 31 86.26 -19.91 6.81
C GLN I 31 87.54 -19.39 6.17
N PRO I 32 88.33 -18.61 6.90
CA PRO I 32 89.61 -18.16 6.34
C PRO I 32 90.55 -19.29 5.95
N ASP I 33 90.41 -20.47 6.54
CA ASP I 33 91.26 -21.60 6.20
C ASP I 33 90.67 -22.45 5.07
N GLY I 34 89.55 -22.04 4.49
CA GLY I 34 88.99 -22.74 3.36
C GLY I 34 88.08 -23.91 3.70
N GLN I 35 87.69 -24.06 4.95
CA GLN I 35 86.84 -25.16 5.37
C GLN I 35 85.42 -24.66 5.63
N MET I 36 84.45 -25.56 5.44
CA MET I 36 83.04 -25.28 5.73
C MET I 36 82.56 -26.16 6.87
N PRO I 37 82.26 -25.59 8.04
CA PRO I 37 81.73 -26.36 9.16
C PRO I 37 80.24 -26.65 9.02
N ASP I 47 77.65 -26.39 -4.75
CA ASP I 47 76.55 -25.49 -4.44
C ASP I 47 76.69 -24.16 -5.16
N SER I 48 76.48 -23.08 -4.40
CA SER I 48 76.51 -21.73 -4.93
C SER I 48 77.86 -21.06 -4.82
N PHE I 49 78.85 -21.73 -4.20
CA PHE I 49 80.19 -21.18 -4.10
C PHE I 49 81.03 -21.43 -5.34
N ASN I 50 80.51 -22.17 -6.32
CA ASN I 50 81.28 -22.54 -7.50
C ASN I 50 81.69 -21.33 -8.33
N THR I 51 80.93 -20.23 -8.24
CA THR I 51 81.24 -19.05 -9.05
C THR I 51 82.62 -18.49 -8.73
N PHE I 52 82.96 -18.41 -7.45
CA PHE I 52 84.23 -17.82 -7.03
C PHE I 52 85.20 -18.80 -6.40
N PHE I 53 84.72 -19.87 -5.76
CA PHE I 53 85.57 -20.82 -5.09
C PHE I 53 85.56 -22.14 -5.85
N SER I 54 86.72 -22.78 -5.93
CA SER I 54 86.85 -24.10 -6.52
C SER I 54 87.08 -25.11 -5.40
N GLU I 55 86.20 -26.10 -5.29
CA GLU I 55 86.33 -27.11 -4.25
C GLU I 55 87.43 -28.08 -4.63
N THR I 56 88.53 -28.05 -3.88
CA THR I 56 89.70 -28.88 -4.15
C THR I 56 89.83 -29.94 -3.08
N GLY I 57 90.02 -31.18 -3.50
CA GLY I 57 90.21 -32.26 -2.55
C GLY I 57 88.97 -32.48 -1.71
N ALA I 58 89.14 -32.45 -0.39
CA ALA I 58 88.06 -32.68 0.55
C ALA I 58 87.96 -31.48 1.49
N GLY I 59 86.84 -30.78 1.44
CA GLY I 59 86.57 -29.71 2.39
C GLY I 59 87.46 -28.49 2.24
N LYS I 60 88.14 -28.36 1.10
CA LYS I 60 89.01 -27.22 0.84
C LYS I 60 88.46 -26.46 -0.34
N HIS I 61 88.24 -25.15 -0.15
CA HIS I 61 87.73 -24.28 -1.20
C HIS I 61 88.82 -23.26 -1.54
N VAL I 62 89.13 -23.17 -2.82
CA VAL I 62 90.20 -22.31 -3.32
C VAL I 62 89.57 -21.17 -4.12
N PRO I 63 89.79 -19.92 -3.74
CA PRO I 63 89.25 -18.81 -4.54
C PRO I 63 89.83 -18.80 -5.94
N ARG I 64 88.97 -18.47 -6.91
CA ARG I 64 89.37 -18.38 -8.31
C ARG I 64 89.89 -16.97 -8.59
N ALA I 65 91.04 -16.68 -8.00
CA ALA I 65 91.63 -15.36 -8.10
C ALA I 65 93.14 -15.47 -8.24
N VAL I 66 93.74 -14.44 -8.81
CA VAL I 66 95.18 -14.28 -8.86
C VAL I 66 95.53 -12.89 -8.36
N PHE I 67 96.49 -12.82 -7.45
CA PHE I 67 96.95 -11.56 -6.88
C PHE I 67 98.32 -11.25 -7.48
N VAL I 68 98.39 -10.19 -8.28
CA VAL I 68 99.61 -9.81 -8.97
C VAL I 68 100.03 -8.43 -8.52
N ASP I 69 101.30 -8.28 -8.15
CA ASP I 69 101.85 -6.99 -7.80
C ASP I 69 103.35 -7.03 -8.00
N LEU I 70 103.89 -5.99 -8.64
CA LEU I 70 105.32 -5.92 -8.88
C LEU I 70 106.12 -5.66 -7.61
N GLU I 71 105.49 -5.12 -6.57
CA GLU I 71 106.17 -4.98 -5.29
C GLU I 71 105.75 -6.10 -4.34
N PRO I 72 106.65 -6.55 -3.48
CA PRO I 72 106.38 -7.78 -2.71
C PRO I 72 105.67 -7.56 -1.38
N THR I 73 105.62 -6.31 -0.89
CA THR I 73 105.17 -6.08 0.47
C THR I 73 103.70 -6.45 0.66
N VAL I 74 102.83 -6.04 -0.26
CA VAL I 74 101.40 -6.26 -0.07
C VAL I 74 101.05 -7.73 -0.25
N ILE I 75 101.62 -8.38 -1.27
CA ILE I 75 101.35 -9.80 -1.49
C ILE I 75 101.92 -10.62 -0.34
N ASP I 76 103.06 -10.21 0.21
CA ASP I 76 103.60 -10.91 1.38
C ASP I 76 102.72 -10.72 2.59
N GLU I 77 102.14 -9.52 2.75
CA GLU I 77 101.18 -9.31 3.83
C GLU I 77 99.99 -10.23 3.69
N VAL I 78 99.52 -10.45 2.46
CA VAL I 78 98.48 -11.45 2.21
C VAL I 78 98.98 -12.84 2.55
N ARG I 79 100.21 -13.16 2.16
CA ARG I 79 100.80 -14.47 2.40
C ARG I 79 101.04 -14.74 3.88
N THR I 80 101.00 -13.72 4.72
CA THR I 80 101.24 -13.88 6.15
C THR I 80 99.99 -13.68 6.99
N GLY I 81 99.01 -12.91 6.52
CA GLY I 81 97.85 -12.55 7.30
C GLY I 81 96.89 -13.69 7.55
N THR I 82 95.64 -13.33 7.84
CA THR I 82 94.65 -14.31 8.27
C THR I 82 94.34 -15.31 7.17
N TYR I 83 94.26 -14.85 5.92
CA TYR I 83 93.90 -15.69 4.79
C TYR I 83 95.11 -16.28 4.09
N ARG I 84 96.20 -16.53 4.82
CA ARG I 84 97.42 -17.01 4.20
C ARG I 84 97.27 -18.42 3.64
N GLN I 85 96.30 -19.20 4.13
CA GLN I 85 96.08 -20.54 3.61
C GLN I 85 94.81 -20.66 2.78
N LEU I 86 94.00 -19.61 2.68
CA LEU I 86 92.86 -19.64 1.77
C LEU I 86 93.33 -19.72 0.33
N PHE I 87 94.35 -18.94 -0.03
CA PHE I 87 94.92 -18.95 -1.37
C PHE I 87 96.07 -19.94 -1.39
N HIS I 88 96.04 -20.89 -2.32
CA HIS I 88 97.23 -21.69 -2.55
C HIS I 88 98.35 -20.80 -3.07
N PRO I 89 99.59 -21.00 -2.64
CA PRO I 89 100.64 -20.01 -2.89
C PRO I 89 100.95 -19.79 -4.35
N GLU I 90 100.59 -20.72 -5.24
CA GLU I 90 100.96 -20.61 -6.63
C GLU I 90 100.25 -19.45 -7.34
N GLN I 91 99.14 -18.96 -6.79
CA GLN I 91 98.36 -17.91 -7.44
C GLN I 91 98.59 -16.53 -6.84
N LEU I 92 99.44 -16.39 -5.83
CA LEU I 92 99.81 -15.08 -5.30
C LEU I 92 101.13 -14.68 -5.96
N ILE I 93 101.02 -14.24 -7.21
CA ILE I 93 102.17 -13.95 -8.04
C ILE I 93 102.78 -12.62 -7.64
N THR I 94 104.09 -12.59 -7.45
CA THR I 94 104.80 -11.41 -6.99
C THR I 94 105.95 -11.09 -7.91
N GLY I 95 106.12 -9.81 -8.22
CA GLY I 95 107.26 -9.34 -8.96
C GLY I 95 108.47 -9.17 -8.07
N LYS I 96 109.47 -8.48 -8.61
CA LYS I 96 110.71 -8.22 -7.87
C LYS I 96 110.87 -6.76 -7.51
N GLU I 97 110.63 -5.85 -8.46
CA GLU I 97 110.72 -4.41 -8.25
C GLU I 97 109.45 -3.77 -8.76
N ASP I 98 108.91 -2.82 -7.99
CA ASP I 98 107.65 -2.20 -8.35
C ASP I 98 107.81 -1.30 -9.57
N ALA I 99 106.69 -1.04 -10.25
CA ALA I 99 106.69 -0.13 -11.38
C ALA I 99 106.99 1.30 -10.94
N ALA I 100 106.74 1.63 -9.68
CA ALA I 100 107.03 2.95 -9.11
C ALA I 100 106.30 4.05 -9.88
N ASN I 101 104.97 3.97 -9.87
CA ASN I 101 104.07 4.97 -10.44
C ASN I 101 104.37 5.27 -11.90
N ASN I 102 104.99 4.33 -12.61
CA ASN I 102 105.41 4.54 -13.99
C ASN I 102 104.65 3.58 -14.88
N TYR I 103 103.88 4.12 -15.83
CA TYR I 103 103.26 3.29 -16.85
C TYR I 103 104.32 2.55 -17.66
N ALA I 104 105.45 3.22 -17.91
CA ALA I 104 106.53 2.62 -18.66
C ALA I 104 107.05 1.36 -17.97
N ARG I 105 107.31 1.44 -16.67
CA ARG I 105 107.91 0.31 -15.97
C ARG I 105 106.93 -0.84 -15.85
N GLY I 106 105.65 -0.54 -15.59
CA GLY I 106 104.66 -1.60 -15.52
C GLY I 106 104.32 -2.21 -16.85
N HIS I 107 104.56 -1.50 -17.95
CA HIS I 107 104.19 -2.00 -19.27
C HIS I 107 105.33 -2.71 -19.97
N TYR I 108 106.56 -2.19 -19.91
CA TYR I 108 107.64 -2.70 -20.74
C TYR I 108 108.77 -3.33 -19.93
N THR I 109 109.38 -2.61 -19.00
CA THR I 109 110.60 -3.11 -18.37
C THR I 109 110.31 -4.26 -17.42
N ILE I 110 109.29 -4.12 -16.58
CA ILE I 110 109.06 -5.10 -15.51
C ILE I 110 107.92 -6.03 -15.91
N GLY I 111 107.01 -5.55 -16.75
CA GLY I 111 105.87 -6.37 -17.13
C GLY I 111 106.24 -7.56 -17.99
N LYS I 112 107.32 -7.45 -18.76
CA LYS I 112 107.63 -8.49 -19.75
C LYS I 112 108.00 -9.81 -19.10
N GLU I 113 108.77 -9.78 -18.01
CA GLU I 113 109.25 -11.01 -17.38
C GLU I 113 108.27 -11.57 -16.36
N ILE I 114 107.10 -10.97 -16.20
CA ILE I 114 106.08 -11.50 -15.30
C ILE I 114 104.76 -11.75 -15.99
N ILE I 115 104.52 -11.20 -17.18
CA ILE I 115 103.22 -11.36 -17.83
C ILE I 115 102.99 -12.81 -18.24
N ASP I 116 104.05 -13.53 -18.63
CA ASP I 116 103.89 -14.92 -19.04
C ASP I 116 103.43 -15.79 -17.88
N LEU I 117 103.97 -15.56 -16.69
CA LEU I 117 103.62 -16.38 -15.53
C LEU I 117 102.19 -16.11 -15.08
N VAL I 118 101.78 -14.83 -15.05
CA VAL I 118 100.40 -14.56 -14.69
C VAL I 118 99.46 -15.10 -15.76
N LEU I 119 99.88 -15.09 -17.03
CA LEU I 119 99.01 -15.61 -18.09
C LEU I 119 98.84 -17.11 -18.03
N ASP I 120 99.92 -17.88 -17.81
CA ASP I 120 99.68 -19.32 -17.75
C ASP I 120 99.01 -19.70 -16.44
N ARG I 121 99.20 -18.91 -15.38
CA ARG I 121 98.44 -19.17 -14.16
C ARG I 121 96.95 -18.95 -14.39
N ILE I 122 96.60 -17.87 -15.09
CA ILE I 122 95.20 -17.63 -15.45
C ILE I 122 94.70 -18.73 -16.38
N ARG I 123 95.57 -19.22 -17.26
CA ARG I 123 95.20 -20.29 -18.18
C ARG I 123 94.84 -21.57 -17.43
N LYS I 124 95.71 -21.99 -16.52
CA LYS I 124 95.43 -23.20 -15.76
C LYS I 124 94.42 -23.00 -14.65
N LEU I 125 94.04 -21.74 -14.36
CA LEU I 125 92.91 -21.48 -13.50
C LEU I 125 91.59 -21.42 -14.26
N ALA I 126 91.64 -21.18 -15.57
CA ALA I 126 90.45 -21.03 -16.38
C ALA I 126 89.93 -22.35 -16.92
N ASP I 127 90.84 -23.27 -17.27
CA ASP I 127 90.41 -24.57 -17.77
C ASP I 127 89.85 -25.45 -16.66
N GLN I 128 90.11 -25.12 -15.40
CA GLN I 128 89.59 -25.90 -14.29
C GLN I 128 88.07 -25.83 -14.26
N CYS I 129 87.50 -24.67 -14.54
CA CYS I 129 86.06 -24.47 -14.51
C CYS I 129 85.51 -24.41 -15.93
N THR I 130 84.41 -25.12 -16.17
CA THR I 130 83.78 -25.20 -17.48
C THR I 130 82.78 -24.08 -17.71
N GLY I 131 82.63 -23.16 -16.78
CA GLY I 131 81.65 -22.10 -16.89
C GLY I 131 82.23 -20.71 -16.84
N LEU I 132 83.37 -20.49 -17.49
CA LEU I 132 83.95 -19.16 -17.59
C LEU I 132 82.94 -18.16 -18.14
N GLN I 133 82.59 -17.17 -17.33
CA GLN I 133 81.65 -16.15 -17.74
C GLN I 133 82.32 -14.78 -17.89
N GLY I 134 83.45 -14.56 -17.25
CA GLY I 134 84.17 -13.32 -17.42
C GLY I 134 85.35 -13.24 -16.48
N PHE I 135 85.95 -12.05 -16.47
CA PHE I 135 87.06 -11.73 -15.60
C PHE I 135 86.73 -10.48 -14.81
N LEU I 136 87.07 -10.48 -13.53
CA LEU I 136 86.94 -9.30 -12.67
C LEU I 136 88.34 -8.76 -12.41
N VAL I 137 88.62 -7.57 -12.91
CA VAL I 137 89.95 -6.97 -12.82
C VAL I 137 89.87 -5.77 -11.88
N PHE I 138 90.76 -5.72 -10.90
CA PHE I 138 90.79 -4.66 -9.91
C PHE I 138 92.15 -3.99 -9.99
N HIS I 139 92.14 -2.68 -10.21
CA HIS I 139 93.37 -1.91 -10.31
C HIS I 139 93.05 -0.43 -10.15
N SER I 140 94.08 0.40 -10.22
CA SER I 140 93.94 1.84 -10.13
C SER I 140 94.60 2.49 -11.33
N PHE I 141 93.96 3.52 -11.86
CA PHE I 141 94.51 4.22 -13.02
C PHE I 141 95.79 4.99 -12.67
N GLY I 142 95.88 5.48 -11.43
CA GLY I 142 97.03 6.28 -11.05
C GLY I 142 98.31 5.50 -10.86
N GLY I 143 98.21 4.26 -10.39
CA GLY I 143 99.40 3.49 -10.10
C GLY I 143 100.12 3.05 -11.36
N GLY I 144 101.45 2.93 -11.24
CA GLY I 144 102.24 2.48 -12.37
C GLY I 144 101.95 1.04 -12.74
N THR I 145 101.93 0.16 -11.75
CA THR I 145 101.58 -1.24 -12.01
C THR I 145 100.15 -1.36 -12.50
N GLY I 146 99.21 -0.78 -11.74
CA GLY I 146 97.79 -0.87 -12.04
C GLY I 146 97.38 -0.22 -13.34
N SER I 147 98.26 0.55 -13.97
CA SER I 147 98.03 1.05 -15.32
C SER I 147 98.77 0.23 -16.37
N GLY I 148 100.10 0.17 -16.27
CA GLY I 148 100.89 -0.47 -17.32
C GLY I 148 100.69 -1.97 -17.36
N PHE I 149 100.88 -2.65 -16.22
CA PHE I 149 100.74 -4.09 -16.23
C PHE I 149 99.29 -4.50 -16.46
N THR I 150 98.34 -3.69 -16.00
CA THR I 150 96.95 -3.99 -16.29
C THR I 150 96.66 -3.90 -17.78
N SER I 151 97.18 -2.86 -18.45
CA SER I 151 96.97 -2.76 -19.90
C SER I 151 97.62 -3.93 -20.63
N LEU I 152 98.82 -4.32 -20.20
CA LEU I 152 99.47 -5.48 -20.78
C LEU I 152 98.63 -6.74 -20.59
N LEU I 153 98.09 -6.92 -19.39
CA LEU I 153 97.29 -8.10 -19.10
C LEU I 153 96.02 -8.12 -19.93
N MET I 154 95.35 -6.96 -20.08
CA MET I 154 94.12 -6.93 -20.88
C MET I 154 94.41 -7.22 -22.35
N GLU I 155 95.50 -6.67 -22.89
CA GLU I 155 95.77 -6.94 -24.30
C GLU I 155 96.12 -8.41 -24.51
N ARG I 156 96.86 -9.00 -23.56
CA ARG I 156 97.19 -10.42 -23.69
C ARG I 156 95.95 -11.29 -23.53
N LEU I 157 95.04 -10.91 -22.63
CA LEU I 157 93.79 -11.65 -22.47
C LEU I 157 92.94 -11.55 -23.72
N SER I 158 92.88 -10.36 -24.33
CA SER I 158 92.09 -10.19 -25.55
C SER I 158 92.65 -11.01 -26.69
N VAL I 159 93.97 -11.02 -26.86
CA VAL I 159 94.54 -11.82 -27.95
C VAL I 159 94.46 -13.31 -27.62
N ASP I 160 94.34 -13.66 -26.34
CA ASP I 160 94.27 -15.06 -25.94
C ASP I 160 92.84 -15.57 -25.87
N TYR I 161 92.01 -14.94 -25.03
CA TYR I 161 90.65 -15.41 -24.81
C TYR I 161 89.65 -14.78 -25.78
N GLY I 162 89.64 -13.45 -25.87
CA GLY I 162 88.83 -12.80 -26.89
C GLY I 162 87.40 -12.51 -26.47
N LYS I 163 86.48 -13.39 -26.88
CA LYS I 163 85.05 -13.16 -26.69
C LYS I 163 84.64 -13.15 -25.23
N LYS I 164 85.46 -13.68 -24.33
CA LYS I 164 85.13 -13.70 -22.92
C LYS I 164 85.04 -12.28 -22.37
N SER I 165 84.04 -12.03 -21.54
CA SER I 165 83.83 -10.71 -20.98
C SER I 165 84.94 -10.35 -20.01
N LYS I 166 85.27 -9.05 -19.95
CA LYS I 166 86.36 -8.56 -19.10
C LYS I 166 85.85 -7.34 -18.34
N LEU I 167 85.25 -7.58 -17.18
CA LEU I 167 84.77 -6.52 -16.32
C LEU I 167 85.90 -6.06 -15.41
N GLU I 168 86.27 -4.79 -15.52
CA GLU I 168 87.38 -4.27 -14.73
C GLU I 168 86.90 -3.13 -13.85
N PHE I 169 87.30 -3.17 -12.59
CA PHE I 169 86.95 -2.16 -11.59
C PHE I 169 88.19 -1.30 -11.33
N SER I 170 88.02 0.01 -11.41
CA SER I 170 89.15 0.92 -11.38
C SER I 170 89.00 1.93 -10.24
N ILE I 171 90.12 2.52 -9.87
CA ILE I 171 90.15 3.62 -8.91
C ILE I 171 90.58 4.86 -9.69
N TYR I 172 89.60 5.65 -10.12
CA TYR I 172 89.88 6.85 -10.88
C TYR I 172 90.58 7.89 -10.00
N PRO I 173 91.49 8.69 -10.56
CA PRO I 173 92.02 9.82 -9.82
C PRO I 173 90.96 10.90 -9.64
N ALA I 174 90.75 11.28 -8.39
CA ALA I 174 89.77 12.30 -8.05
C ALA I 174 90.25 13.69 -8.48
N PRO I 175 89.32 14.65 -8.62
CA PRO I 175 89.76 16.01 -8.96
C PRO I 175 90.74 16.62 -7.98
N GLN I 176 90.56 16.37 -6.68
CA GLN I 176 91.46 16.92 -5.67
C GLN I 176 92.21 15.86 -4.88
N VAL I 177 91.52 14.81 -4.43
CA VAL I 177 92.16 13.73 -3.68
C VAL I 177 92.99 12.93 -4.67
N SER I 178 94.32 13.14 -4.64
CA SER I 178 95.21 12.43 -5.55
C SER I 178 96.59 12.41 -4.92
N THR I 179 97.10 11.20 -4.70
CA THR I 179 98.31 11.00 -3.90
C THR I 179 99.60 11.00 -4.72
N ALA I 180 99.53 10.99 -6.04
CA ALA I 180 100.72 10.91 -6.87
C ALA I 180 100.71 12.02 -7.92
N VAL I 181 101.91 12.51 -8.22
CA VAL I 181 102.05 13.59 -9.19
C VAL I 181 101.76 13.10 -10.61
N VAL I 182 102.26 11.92 -10.96
CA VAL I 182 102.26 11.47 -12.35
C VAL I 182 100.98 10.70 -12.69
N GLU I 183 99.97 10.83 -11.83
CA GLU I 183 98.71 10.13 -12.06
C GLU I 183 98.05 10.41 -13.40
N PRO I 184 97.93 11.65 -13.88
CA PRO I 184 97.27 11.86 -15.18
C PRO I 184 97.95 11.13 -16.32
N TYR I 185 99.28 11.08 -16.32
CA TYR I 185 100.00 10.35 -17.36
C TYR I 185 99.59 8.89 -17.39
N ASN I 186 99.66 8.23 -16.24
CA ASN I 186 99.33 6.81 -16.16
C ASN I 186 97.87 6.58 -16.53
N SER I 187 96.97 7.45 -16.07
CA SER I 187 95.55 7.28 -16.37
C SER I 187 95.28 7.38 -17.86
N ILE I 188 95.85 8.39 -18.53
CA ILE I 188 95.64 8.54 -19.96
C ILE I 188 96.21 7.35 -20.72
N LEU I 189 97.44 6.95 -20.36
CA LEU I 189 98.08 5.86 -21.08
C LEU I 189 97.34 4.54 -20.88
N THR I 190 96.78 4.29 -19.69
CA THR I 190 96.05 3.05 -19.50
C THR I 190 94.66 3.08 -20.13
N THR I 191 94.00 4.24 -20.15
CA THR I 191 92.68 4.28 -20.76
C THR I 191 92.77 4.18 -22.27
N HIS I 192 93.89 4.63 -22.85
CA HIS I 192 94.06 4.52 -24.30
C HIS I 192 93.95 3.07 -24.77
N THR I 193 94.29 2.11 -23.92
CA THR I 193 94.13 0.70 -24.25
C THR I 193 92.89 0.09 -23.61
N THR I 194 92.44 0.63 -22.47
CA THR I 194 91.20 0.17 -21.88
C THR I 194 90.00 0.40 -22.79
N LEU I 195 90.08 1.41 -23.66
CA LEU I 195 88.99 1.66 -24.60
C LEU I 195 88.72 0.45 -25.49
N GLU I 196 89.76 -0.25 -25.93
CA GLU I 196 89.58 -1.35 -26.86
C GLU I 196 89.88 -2.72 -26.25
N HIS I 197 90.26 -2.79 -24.98
CA HIS I 197 90.53 -4.08 -24.37
C HIS I 197 89.61 -4.44 -23.21
N SER I 198 88.75 -3.53 -22.76
CA SER I 198 87.78 -3.80 -21.71
C SER I 198 86.39 -3.49 -22.23
N ASP I 199 85.46 -4.42 -22.03
CA ASP I 199 84.11 -4.25 -22.53
C ASP I 199 83.17 -3.60 -21.52
N CYS I 200 83.63 -3.38 -20.29
CA CYS I 200 82.86 -2.58 -19.33
C CYS I 200 83.82 -2.14 -18.24
N ALA I 201 84.11 -0.84 -18.20
CA ALA I 201 85.06 -0.28 -17.25
C ALA I 201 84.30 0.49 -16.18
N PHE I 202 84.55 0.17 -14.92
CA PHE I 202 83.74 0.69 -13.82
C PHE I 202 84.51 1.77 -13.07
N MET I 203 83.79 2.82 -12.70
CA MET I 203 84.39 4.08 -12.30
C MET I 203 84.12 4.32 -10.82
N VAL I 204 85.18 4.44 -10.03
CA VAL I 204 85.12 4.78 -8.61
C VAL I 204 86.36 5.60 -8.27
N ASP I 205 86.20 6.72 -7.58
CA ASP I 205 87.34 7.46 -7.06
C ASP I 205 87.22 7.58 -5.55
N ASN I 206 88.38 7.77 -4.91
CA ASN I 206 88.43 7.73 -3.45
C ASN I 206 87.71 8.92 -2.81
N GLU I 207 87.66 10.06 -3.50
CA GLU I 207 87.08 11.25 -2.89
C GLU I 207 85.59 11.08 -2.62
N ALA I 208 84.85 10.50 -3.56
CA ALA I 208 83.43 10.31 -3.35
C ALA I 208 83.16 9.25 -2.28
N ILE I 209 84.01 8.22 -2.20
CA ILE I 209 83.86 7.25 -1.13
C ILE I 209 84.12 7.91 0.22
N TYR I 210 85.13 8.77 0.29
CA TYR I 210 85.39 9.54 1.51
C TYR I 210 84.18 10.37 1.90
N ASP I 211 83.57 11.04 0.93
CA ASP I 211 82.44 11.89 1.22
C ASP I 211 81.24 11.07 1.68
N ILE I 212 81.04 9.90 1.07
CA ILE I 212 79.97 9.00 1.49
C ILE I 212 80.19 8.55 2.92
N CYS I 213 81.42 8.17 3.26
CA CYS I 213 81.73 7.73 4.62
C CYS I 213 81.53 8.86 5.61
N ARG I 214 81.89 10.09 5.22
CA ARG I 214 81.78 11.22 6.14
C ARG I 214 80.33 11.60 6.38
N ARG I 215 79.50 11.58 5.33
CA ARG I 215 78.15 12.10 5.48
C ARG I 215 77.18 11.02 5.96
N ASN I 216 77.01 9.96 5.17
CA ASN I 216 76.05 8.92 5.49
C ASN I 216 76.54 8.00 6.59
N LEU I 217 77.73 7.42 6.41
CA LEU I 217 78.27 6.44 7.33
C LEU I 217 78.95 7.07 8.54
N ASP I 218 79.03 8.40 8.56
CA ASP I 218 79.55 9.20 9.68
C ASP I 218 80.83 8.62 10.27
N ILE I 219 81.84 8.46 9.41
CA ILE I 219 83.19 8.15 9.85
C ILE I 219 84.01 9.43 9.68
N GLU I 220 84.48 9.97 10.80
CA GLU I 220 85.27 11.20 10.75
C GLU I 220 86.68 10.96 10.24
N ARG I 221 87.24 9.76 10.43
CA ARG I 221 88.58 9.41 9.95
C ARG I 221 88.53 8.09 9.18
N PRO I 222 87.97 8.09 7.96
CA PRO I 222 87.99 6.88 7.15
C PRO I 222 89.36 6.61 6.56
N THR I 223 89.66 5.32 6.40
CA THR I 223 90.89 4.87 5.75
C THR I 223 90.52 3.86 4.67
N TYR I 224 91.55 3.30 4.02
CA TYR I 224 91.32 2.45 2.85
C TYR I 224 90.56 1.16 3.16
N THR I 225 90.50 0.73 4.43
CA THR I 225 89.74 -0.48 4.69
C THR I 225 88.24 -0.25 4.46
N ASN I 226 87.74 0.93 4.78
CA ASN I 226 86.33 1.24 4.50
C ASN I 226 86.10 1.45 3.01
N LEU I 227 87.06 2.10 2.34
CA LEU I 227 87.08 2.16 0.88
C LEU I 227 86.86 0.78 0.28
N ASN I 228 87.74 -0.16 0.62
CA ASN I 228 87.67 -1.51 0.07
C ASN I 228 86.41 -2.24 0.51
N ARG I 229 85.90 -1.93 1.71
CA ARG I 229 84.67 -2.56 2.17
C ARG I 229 83.49 -2.15 1.28
N LEU I 230 83.36 -0.85 1.00
CA LEU I 230 82.28 -0.40 0.13
C LEU I 230 82.45 -0.93 -1.29
N ILE I 231 83.69 -0.92 -1.80
CA ILE I 231 83.91 -1.43 -3.15
C ILE I 231 83.57 -2.92 -3.22
N SER I 232 83.97 -3.68 -2.19
CA SER I 232 83.65 -5.10 -2.15
C SER I 232 82.15 -5.33 -2.05
N GLN I 233 81.44 -4.45 -1.33
CA GLN I 233 79.98 -4.55 -1.31
C GLN I 233 79.42 -4.36 -2.71
N ILE I 234 79.98 -3.41 -3.47
CA ILE I 234 79.55 -3.21 -4.86
C ILE I 234 79.78 -4.47 -5.68
N VAL I 235 80.98 -5.07 -5.55
CA VAL I 235 81.32 -6.26 -6.33
C VAL I 235 80.40 -7.42 -5.96
N SER I 236 80.15 -7.60 -4.67
CA SER I 236 79.26 -8.66 -4.22
C SER I 236 77.85 -8.47 -4.75
N SER I 237 77.37 -7.23 -4.77
CA SER I 237 76.06 -6.97 -5.37
C SER I 237 76.07 -7.26 -6.86
N ILE I 238 77.19 -7.02 -7.53
CA ILE I 238 77.30 -7.35 -8.94
C ILE I 238 77.18 -8.86 -9.16
N THR I 239 77.88 -9.63 -8.36
CA THR I 239 77.99 -11.07 -8.60
C THR I 239 76.99 -11.91 -7.81
N ALA I 240 76.09 -11.28 -7.05
CA ALA I 240 75.11 -12.04 -6.28
C ALA I 240 74.21 -12.86 -7.19
N SER I 241 73.83 -12.30 -8.34
CA SER I 241 72.96 -13.04 -9.26
C SER I 241 73.65 -14.28 -9.81
N LEU I 242 74.96 -14.20 -10.07
CA LEU I 242 75.72 -15.40 -10.40
C LEU I 242 75.75 -16.37 -9.23
N ARG I 243 75.94 -15.86 -8.01
CA ARG I 243 76.16 -16.72 -6.86
C ARG I 243 74.87 -17.14 -6.14
N PHE I 244 73.72 -16.59 -6.50
CA PHE I 244 72.48 -16.93 -5.82
C PHE I 244 71.35 -16.94 -6.84
N ASP I 245 70.12 -16.96 -6.34
CA ASP I 245 68.95 -16.99 -7.20
C ASP I 245 68.02 -15.84 -6.82
N GLY I 246 67.27 -15.36 -7.81
CA GLY I 246 66.38 -14.24 -7.60
C GLY I 246 65.20 -14.28 -8.54
N ALA I 247 64.24 -13.40 -8.28
CA ALA I 247 63.08 -13.29 -9.17
C ALA I 247 63.50 -12.83 -10.56
N LEU I 248 64.39 -11.86 -10.64
CA LEU I 248 64.94 -11.39 -11.91
C LEU I 248 66.45 -11.45 -11.80
N ASN I 249 67.05 -12.43 -12.47
CA ASN I 249 68.49 -12.66 -12.40
C ASN I 249 69.19 -11.98 -13.56
N VAL I 250 70.43 -11.54 -13.32
CA VAL I 250 71.25 -10.92 -14.34
C VAL I 250 72.58 -11.66 -14.41
N ASP I 251 73.23 -11.58 -15.56
CA ASP I 251 74.54 -12.17 -15.81
C ASP I 251 75.51 -11.07 -16.23
N LEU I 252 76.72 -11.48 -16.58
CA LEU I 252 77.71 -10.51 -17.06
C LEU I 252 77.39 -10.05 -18.48
N THR I 253 77.09 -10.98 -19.39
CA THR I 253 76.70 -10.59 -20.74
C THR I 253 75.35 -9.90 -20.73
N GLU I 254 74.44 -10.36 -19.87
CA GLU I 254 73.19 -9.67 -19.57
C GLU I 254 73.46 -8.21 -19.26
N PHE I 255 74.41 -7.98 -18.34
CA PHE I 255 74.74 -6.65 -17.86
C PHE I 255 75.31 -5.78 -18.98
N GLN I 256 76.25 -6.34 -19.75
CA GLN I 256 76.87 -5.56 -20.82
C GLN I 256 75.86 -5.22 -21.90
N THR I 257 75.03 -6.19 -22.31
CA THR I 257 74.05 -5.93 -23.35
C THR I 257 73.04 -4.89 -22.92
N ASN I 258 72.66 -4.91 -21.65
CA ASN I 258 71.67 -3.96 -21.17
C ASN I 258 72.27 -2.65 -20.69
N LEU I 259 73.59 -2.49 -20.70
CA LEU I 259 74.17 -1.25 -20.22
C LEU I 259 75.01 -0.49 -21.24
N VAL I 260 75.64 -1.18 -22.19
CA VAL I 260 76.60 -0.56 -23.10
C VAL I 260 75.89 -0.24 -24.41
N PRO I 261 75.69 1.04 -24.75
CA PRO I 261 74.98 1.36 -25.99
C PRO I 261 75.86 1.35 -27.22
N TYR I 262 77.13 1.69 -27.05
CA TYR I 262 78.10 1.75 -28.14
C TYR I 262 79.42 1.17 -27.64
N PRO I 263 80.21 0.55 -28.53
CA PRO I 263 81.40 -0.19 -28.07
C PRO I 263 82.38 0.65 -27.27
N ARG I 264 82.58 1.92 -27.64
CA ARG I 264 83.49 2.77 -26.90
C ARG I 264 82.85 3.32 -25.63
N ILE I 265 81.53 3.24 -25.50
CA ILE I 265 80.83 3.79 -24.33
C ILE I 265 80.63 2.64 -23.37
N HIS I 266 81.63 2.38 -22.53
CA HIS I 266 81.56 1.28 -21.58
C HIS I 266 82.13 1.70 -20.23
N PHE I 267 81.73 2.87 -19.75
CA PHE I 267 82.21 3.39 -18.48
C PHE I 267 81.01 3.72 -17.58
N PRO I 268 80.33 2.70 -17.07
CA PRO I 268 79.17 2.97 -16.21
C PRO I 268 79.57 3.55 -14.88
N LEU I 269 78.62 4.25 -14.28
CA LEU I 269 78.81 4.92 -13.00
C LEU I 269 78.07 4.12 -11.92
N ALA I 270 78.81 3.65 -10.93
CA ALA I 270 78.28 2.79 -9.88
C ALA I 270 77.91 3.59 -8.65
N THR I 271 76.96 3.04 -7.89
CA THR I 271 76.56 3.61 -6.62
C THR I 271 75.84 2.54 -5.81
N TYR I 272 75.77 2.77 -4.50
CA TYR I 272 75.19 1.81 -3.56
C TYR I 272 74.19 2.50 -2.66
N ALA I 273 73.19 1.72 -2.23
CA ALA I 273 72.17 2.21 -1.33
C ALA I 273 71.48 1.02 -0.70
N PRO I 274 71.10 1.09 0.58
CA PRO I 274 71.32 2.21 1.50
C PRO I 274 72.60 2.04 2.30
N VAL I 275 73.61 2.85 2.03
CA VAL I 275 74.79 2.89 2.88
C VAL I 275 74.47 3.76 4.09
N ILE I 276 74.61 3.18 5.29
CA ILE I 276 74.13 3.82 6.50
C ILE I 276 74.81 3.16 7.68
N SER I 277 74.90 3.90 8.79
CA SER I 277 75.50 3.39 10.00
C SER I 277 74.44 2.70 10.86
N ALA I 278 74.87 2.17 12.01
CA ALA I 278 73.95 1.45 12.87
C ALA I 278 72.90 2.37 13.48
N GLU I 279 73.32 3.57 13.92
CA GLU I 279 72.38 4.44 14.63
C GLU I 279 71.36 5.09 13.71
N LYS I 280 71.72 5.39 12.47
CA LYS I 280 70.76 6.00 11.56
C LYS I 280 69.83 4.99 10.90
N ALA I 281 70.14 3.71 10.99
CA ALA I 281 69.30 2.70 10.36
C ALA I 281 68.10 2.31 11.20
N TYR I 282 68.17 2.52 12.52
CA TYR I 282 67.04 2.18 13.38
C TYR I 282 65.82 3.03 13.07
N HIS I 283 66.03 4.34 12.89
CA HIS I 283 64.90 5.23 12.63
C HIS I 283 64.53 5.31 11.15
N GLU I 284 65.36 4.77 10.27
CA GLU I 284 65.07 4.86 8.85
C GLU I 284 64.18 3.70 8.42
N GLN I 285 63.15 4.04 7.65
CA GLN I 285 62.27 3.04 7.04
C GLN I 285 62.80 2.79 5.64
N LEU I 286 63.79 1.90 5.54
CA LEU I 286 64.51 1.69 4.28
C LEU I 286 63.63 0.88 3.34
N SER I 287 62.87 1.60 2.52
CA SER I 287 61.98 1.00 1.54
C SER I 287 62.63 1.00 0.17
N VAL I 288 62.02 0.26 -0.76
CA VAL I 288 62.55 0.15 -2.11
C VAL I 288 62.53 1.52 -2.79
N ALA I 289 61.43 2.27 -2.62
CA ALA I 289 61.28 3.53 -3.34
C ALA I 289 62.34 4.55 -2.94
N GLU I 290 62.62 4.68 -1.64
CA GLU I 290 63.53 5.74 -1.24
C GLU I 290 64.98 5.39 -1.51
N ILE I 291 65.37 4.11 -1.42
CA ILE I 291 66.73 3.75 -1.82
C ILE I 291 66.89 3.88 -3.34
N THR I 292 65.84 3.58 -4.12
CA THR I 292 65.90 3.84 -5.54
C THR I 292 66.07 5.33 -5.82
N ASN I 293 65.36 6.18 -5.07
CA ASN I 293 65.54 7.62 -5.22
C ASN I 293 66.96 8.04 -4.85
N ALA I 294 67.50 7.48 -3.76
CA ALA I 294 68.82 7.86 -3.29
C ALA I 294 69.91 7.42 -4.25
N CYS I 295 69.66 6.38 -5.03
CA CYS I 295 70.64 5.97 -6.04
C CYS I 295 70.86 7.05 -7.09
N PHE I 296 69.90 7.94 -7.27
CA PHE I 296 69.99 9.02 -8.25
C PHE I 296 70.51 10.33 -7.67
N GLU I 297 70.79 10.37 -6.39
CA GLU I 297 71.19 11.59 -5.73
C GLU I 297 72.65 11.90 -6.01
N PRO I 298 73.00 13.13 -6.40
CA PRO I 298 74.38 13.41 -6.78
C PRO I 298 75.40 13.20 -5.68
N ALA I 299 75.03 13.44 -4.42
CA ALA I 299 75.98 13.26 -3.33
C ALA I 299 76.19 11.81 -2.95
N ASN I 300 75.36 10.89 -3.45
CA ASN I 300 75.52 9.47 -3.19
C ASN I 300 76.29 8.74 -4.28
N GLN I 301 76.74 9.44 -5.31
CA GLN I 301 77.49 8.80 -6.38
C GLN I 301 78.88 8.40 -5.90
N MET I 302 79.38 7.29 -6.45
CA MET I 302 80.69 6.81 -6.06
C MET I 302 81.81 7.54 -6.80
N VAL I 303 81.48 8.46 -7.70
CA VAL I 303 82.44 9.28 -8.41
C VAL I 303 82.04 10.73 -8.26
N LYS I 304 83.01 11.60 -8.00
CA LYS I 304 82.71 13.02 -7.88
C LYS I 304 82.34 13.59 -9.24
N CYS I 305 81.04 13.60 -9.53
CA CYS I 305 80.54 14.14 -10.78
C CYS I 305 79.10 14.58 -10.57
N ASP I 306 78.62 15.40 -11.49
CA ASP I 306 77.28 15.98 -11.39
C ASP I 306 76.31 15.39 -12.41
N PRO I 307 75.46 14.44 -12.02
CA PRO I 307 74.59 13.78 -12.99
C PRO I 307 73.59 14.70 -13.68
N ARG I 308 73.25 15.84 -13.08
CA ARG I 308 72.29 16.74 -13.73
C ARG I 308 72.86 17.33 -15.00
N HIS I 309 74.14 17.68 -15.00
CA HIS I 309 74.77 18.26 -16.18
C HIS I 309 74.96 17.24 -17.30
N GLY I 310 74.73 15.96 -17.04
CA GLY I 310 74.70 14.94 -18.06
C GLY I 310 73.33 14.32 -18.21
N LYS I 311 73.25 13.39 -19.15
CA LYS I 311 72.03 12.64 -19.43
C LYS I 311 72.30 11.15 -19.28
N TYR I 312 71.33 10.43 -18.71
CA TYR I 312 71.48 9.00 -18.51
C TYR I 312 71.18 8.25 -19.81
N MET I 313 72.13 7.43 -20.25
CA MET I 313 71.85 6.53 -21.36
C MET I 313 71.01 5.35 -20.89
N ALA I 314 71.55 4.55 -19.99
CA ALA I 314 70.86 3.38 -19.47
C ALA I 314 71.48 3.01 -18.14
N CYS I 315 70.67 2.49 -17.23
CA CYS I 315 71.13 2.13 -15.90
C CYS I 315 70.60 0.77 -15.52
N CYS I 316 71.34 0.09 -14.66
CA CYS I 316 71.00 -1.25 -14.18
C CYS I 316 70.79 -1.21 -12.68
N LEU I 317 69.62 -1.65 -12.24
CA LEU I 317 69.25 -1.65 -10.83
C LEU I 317 69.37 -3.08 -10.31
N LEU I 318 70.19 -3.27 -9.28
CA LEU I 318 70.46 -4.60 -8.72
C LEU I 318 69.92 -4.64 -7.30
N TYR I 319 68.62 -4.95 -7.17
CA TYR I 319 68.00 -5.09 -5.86
C TYR I 319 68.38 -6.42 -5.25
N ARG I 320 68.62 -6.43 -3.95
CA ARG I 320 68.92 -7.67 -3.24
C ARG I 320 68.30 -7.63 -1.86
N GLY I 321 67.78 -8.78 -1.43
CA GLY I 321 67.16 -8.88 -0.13
C GLY I 321 65.65 -9.10 -0.22
N ASP I 322 64.90 -8.49 0.69
CA ASP I 322 63.44 -8.59 0.70
C ASP I 322 62.88 -7.54 -0.25
N VAL I 323 62.88 -7.88 -1.54
CA VAL I 323 62.46 -6.98 -2.60
C VAL I 323 61.46 -7.70 -3.49
N VAL I 324 60.30 -7.09 -3.71
CA VAL I 324 59.34 -7.61 -4.66
C VAL I 324 59.39 -6.74 -5.91
N PRO I 325 59.10 -7.29 -7.10
CA PRO I 325 59.21 -6.47 -8.32
C PRO I 325 58.24 -5.31 -8.39
N LYS I 326 57.12 -5.36 -7.65
CA LYS I 326 56.07 -4.38 -7.82
C LYS I 326 56.51 -3.00 -7.36
N ASP I 327 57.06 -2.90 -6.15
CA ASP I 327 57.52 -1.60 -5.68
C ASP I 327 58.76 -1.14 -6.44
N VAL I 328 59.51 -2.08 -7.00
CA VAL I 328 60.60 -1.70 -7.91
C VAL I 328 60.05 -0.97 -9.11
N ASN I 329 59.00 -1.51 -9.72
CA ASN I 329 58.37 -0.84 -10.85
C ASN I 329 57.78 0.50 -10.45
N ALA I 330 57.18 0.58 -9.26
CA ALA I 330 56.65 1.85 -8.78
C ALA I 330 57.76 2.88 -8.62
N ALA I 331 58.90 2.49 -8.06
CA ALA I 331 60.01 3.41 -7.90
C ALA I 331 60.58 3.85 -9.25
N ILE I 332 60.68 2.91 -10.20
CA ILE I 332 61.16 3.28 -11.53
C ILE I 332 60.23 4.27 -12.19
N ALA I 333 58.91 4.08 -12.02
CA ALA I 333 57.95 5.04 -12.56
C ALA I 333 58.12 6.41 -11.91
N THR I 334 58.30 6.44 -10.59
CA THR I 334 58.48 7.73 -9.91
C THR I 334 59.75 8.43 -10.40
N ILE I 335 60.79 7.67 -10.66
CA ILE I 335 62.01 8.25 -11.23
C ILE I 335 61.72 8.80 -12.62
N LYS I 336 60.96 8.06 -13.43
CA LYS I 336 60.59 8.53 -14.75
C LYS I 336 59.78 9.82 -14.70
N THR I 337 59.05 10.04 -13.61
CA THR I 337 58.27 11.27 -13.48
C THR I 337 59.05 12.43 -12.89
N LYS I 338 60.33 12.25 -12.59
CA LYS I 338 61.16 13.33 -12.06
C LYS I 338 61.80 14.09 -13.22
N ARG I 339 61.63 15.41 -13.23
CA ARG I 339 62.16 16.24 -14.30
C ARG I 339 63.66 16.48 -14.17
N SER I 340 64.22 16.30 -12.99
CA SER I 340 65.64 16.56 -12.78
C SER I 340 66.52 15.42 -13.26
N ILE I 341 65.96 14.24 -13.50
CA ILE I 341 66.70 13.11 -14.05
C ILE I 341 66.34 13.02 -15.53
N GLN I 342 67.27 13.43 -16.39
CA GLN I 342 67.04 13.47 -17.82
C GLN I 342 67.67 12.26 -18.49
N PHE I 343 66.87 11.53 -19.26
CA PHE I 343 67.32 10.41 -20.07
C PHE I 343 67.48 10.84 -21.52
N VAL I 344 68.35 10.14 -22.23
CA VAL I 344 68.55 10.43 -23.64
C VAL I 344 67.31 10.02 -24.42
N ASP I 345 66.95 10.84 -25.41
CA ASP I 345 65.72 10.61 -26.16
C ASP I 345 65.76 9.33 -26.97
N TRP I 346 66.95 8.84 -27.34
CA TRP I 346 67.04 7.65 -28.15
C TRP I 346 66.99 6.38 -27.34
N CYS I 347 66.82 6.47 -26.02
CA CYS I 347 66.72 5.30 -25.14
C CYS I 347 65.47 5.46 -24.29
N PRO I 348 64.28 5.24 -24.86
CA PRO I 348 63.05 5.44 -24.10
C PRO I 348 62.96 4.57 -22.86
N THR I 349 63.45 3.34 -22.92
CA THR I 349 63.57 2.47 -21.76
C THR I 349 65.04 2.32 -21.41
N GLY I 350 65.41 2.76 -20.21
CA GLY I 350 66.80 2.75 -19.82
C GLY I 350 67.02 2.17 -18.44
N PHE I 351 66.20 1.20 -18.05
CA PHE I 351 66.26 0.60 -16.73
C PHE I 351 66.44 -0.90 -16.86
N LYS I 352 67.51 -1.41 -16.28
CA LYS I 352 67.72 -2.85 -16.14
C LYS I 352 67.49 -3.22 -14.68
N VAL I 353 66.65 -4.21 -14.44
CA VAL I 353 66.16 -4.52 -13.10
C VAL I 353 66.56 -5.94 -12.73
N GLY I 354 67.13 -6.10 -11.54
CA GLY I 354 67.46 -7.41 -11.02
C GLY I 354 67.17 -7.53 -9.54
N ILE I 355 66.47 -8.59 -9.15
CA ILE I 355 66.12 -8.83 -7.75
C ILE I 355 66.76 -10.13 -7.31
N ASN I 356 67.38 -10.11 -6.13
CA ASN I 356 68.00 -11.30 -5.55
C ASN I 356 67.49 -11.47 -4.12
N TYR I 357 67.17 -12.70 -3.74
CA TYR I 357 66.63 -12.92 -2.39
C TYR I 357 67.69 -12.83 -1.30
N GLN I 358 68.96 -12.92 -1.66
CA GLN I 358 70.00 -12.91 -0.63
C GLN I 358 70.20 -11.51 -0.08
N PRO I 359 69.99 -11.28 1.21
CA PRO I 359 70.23 -9.96 1.79
C PRO I 359 71.73 -9.68 1.85
N PRO I 360 72.12 -8.41 1.87
CA PRO I 360 73.56 -8.09 1.94
C PRO I 360 74.10 -8.41 3.32
N THR I 361 75.14 -9.24 3.37
CA THR I 361 75.73 -9.62 4.64
C THR I 361 76.52 -8.46 5.23
N VAL I 362 76.81 -8.58 6.53
CA VAL I 362 77.55 -7.56 7.26
C VAL I 362 78.87 -8.18 7.73
N VAL I 363 79.97 -7.53 7.39
CA VAL I 363 81.29 -7.98 7.85
C VAL I 363 81.47 -7.60 9.31
N PRO I 364 82.03 -8.46 10.15
CA PRO I 364 82.37 -8.06 11.51
C PRO I 364 83.35 -6.90 11.49
N GLY I 365 83.13 -5.93 12.38
CA GLY I 365 83.92 -4.73 12.41
C GLY I 365 83.57 -3.72 11.34
N GLY I 366 82.64 -4.04 10.44
CA GLY I 366 82.27 -3.12 9.40
C GLY I 366 81.42 -1.97 9.91
N ASP I 367 81.59 -0.81 9.28
CA ASP I 367 80.86 0.37 9.71
C ASP I 367 79.41 0.34 9.26
N LEU I 368 79.14 -0.18 8.07
CA LEU I 368 77.78 -0.19 7.54
C LEU I 368 76.92 -1.20 8.28
N ALA I 369 75.65 -0.86 8.46
CA ALA I 369 74.75 -1.62 9.33
C ALA I 369 74.07 -2.74 8.56
N LYS I 370 73.12 -3.40 9.22
CA LYS I 370 72.37 -4.49 8.62
C LYS I 370 71.10 -3.94 7.98
N VAL I 371 70.90 -4.25 6.70
CA VAL I 371 69.77 -3.75 5.94
C VAL I 371 69.09 -4.91 5.22
N GLN I 372 67.77 -4.89 5.20
CA GLN I 372 67.02 -5.94 4.53
C GLN I 372 67.08 -5.80 3.02
N ARG I 373 67.27 -4.58 2.51
CA ARG I 373 67.31 -4.33 1.08
C ARG I 373 68.60 -3.59 0.74
N ALA I 374 69.02 -3.73 -0.52
CA ALA I 374 70.18 -3.00 -1.01
C ALA I 374 70.11 -2.91 -2.53
N VAL I 375 70.58 -1.79 -3.07
CA VAL I 375 70.65 -1.58 -4.51
C VAL I 375 72.08 -1.23 -4.88
N CYS I 376 72.58 -1.85 -5.94
CA CYS I 376 73.80 -1.41 -6.60
C CYS I 376 73.40 -0.91 -7.98
N MET I 377 73.16 0.38 -8.09
CA MET I 377 72.88 1.00 -9.37
C MET I 377 74.16 1.22 -10.16
N LEU I 378 74.13 0.90 -11.44
CA LEU I 378 75.25 1.18 -12.35
C LEU I 378 74.67 1.87 -13.56
N SER I 379 75.03 3.13 -13.77
CA SER I 379 74.38 3.98 -14.76
C SER I 379 75.39 4.51 -15.74
N ASN I 380 75.10 4.35 -17.03
CA ASN I 380 75.85 5.02 -18.09
C ASN I 380 75.29 6.42 -18.26
N THR I 381 76.05 7.42 -17.87
CA THR I 381 75.62 8.80 -17.96
C THR I 381 76.70 9.63 -18.62
N THR I 382 76.29 10.68 -19.32
CA THR I 382 77.24 11.60 -19.93
C THR I 382 77.91 12.52 -18.93
N ALA I 383 77.46 12.51 -17.67
CA ALA I 383 78.09 13.35 -16.66
C ALA I 383 79.52 12.93 -16.35
N ILE I 384 79.87 11.68 -16.62
CA ILE I 384 81.23 11.19 -16.41
C ILE I 384 82.22 11.76 -17.43
N ALA I 385 81.74 12.49 -18.44
CA ALA I 385 82.65 13.11 -19.39
C ALA I 385 83.50 14.20 -18.76
N GLU I 386 83.00 14.85 -17.70
CA GLU I 386 83.74 15.96 -17.14
C GLU I 386 84.96 15.51 -16.35
N ALA I 387 84.94 14.29 -15.80
CA ALA I 387 86.13 13.75 -15.17
C ALA I 387 87.26 13.60 -16.20
N TRP I 388 86.94 13.07 -17.37
CA TRP I 388 87.89 13.05 -18.46
C TRP I 388 88.27 14.45 -18.94
N ALA I 389 87.34 15.41 -18.88
CA ALA I 389 87.69 16.78 -19.23
C ALA I 389 88.80 17.31 -18.33
N ARG I 390 88.61 17.18 -17.01
CA ARG I 390 89.61 17.70 -16.09
C ARG I 390 90.90 16.89 -16.13
N LEU I 391 90.81 15.57 -16.34
CA LEU I 391 92.03 14.78 -16.48
C LEU I 391 92.81 15.17 -17.73
N ASP I 392 92.11 15.43 -18.84
CA ASP I 392 92.80 15.89 -20.04
C ASP I 392 93.41 17.26 -19.82
N HIS I 393 92.74 18.12 -19.04
CA HIS I 393 93.32 19.42 -18.72
C HIS I 393 94.62 19.26 -17.95
N LYS I 394 94.62 18.37 -16.94
CA LYS I 394 95.83 18.12 -16.16
C LYS I 394 96.93 17.54 -17.04
N PHE I 395 96.58 16.61 -17.92
CA PHE I 395 97.55 16.02 -18.84
C PHE I 395 98.15 17.08 -19.75
N ASP I 396 97.32 17.99 -20.26
CA ASP I 396 97.83 19.04 -21.13
C ASP I 396 98.76 19.98 -20.38
N LEU I 397 98.40 20.35 -19.15
CA LEU I 397 99.28 21.21 -18.36
C LEU I 397 100.63 20.55 -18.11
N MET I 398 100.63 19.25 -17.81
CA MET I 398 101.90 18.59 -17.56
C MET I 398 102.68 18.31 -18.84
N TYR I 399 101.99 18.06 -19.95
CA TYR I 399 102.65 17.72 -21.20
C TYR I 399 103.13 18.94 -21.97
N ALA I 400 102.64 20.13 -21.64
CA ALA I 400 103.12 21.33 -22.30
C ALA I 400 104.54 21.70 -21.90
N LYS I 401 105.02 21.20 -20.76
CA LYS I 401 106.33 21.55 -20.23
C LYS I 401 107.30 20.38 -20.25
N ARG I 402 106.95 19.28 -20.92
CA ARG I 402 107.79 18.08 -20.96
C ARG I 402 108.08 17.52 -19.57
N ALA I 403 107.19 17.78 -18.61
CA ALA I 403 107.44 17.36 -17.24
C ALA I 403 107.27 15.85 -17.10
N PHE I 404 108.23 15.21 -16.44
CA PHE I 404 108.23 13.78 -16.12
C PHE I 404 108.24 12.88 -17.35
N VAL I 405 108.32 13.45 -18.55
CA VAL I 405 108.34 12.62 -19.76
C VAL I 405 109.64 11.84 -19.86
N HIS I 406 110.73 12.39 -19.32
CA HIS I 406 112.04 11.73 -19.43
C HIS I 406 112.06 10.39 -18.68
N TRP I 407 111.22 10.23 -17.67
CA TRP I 407 111.13 8.93 -17.00
C TRP I 407 110.52 7.89 -17.92
N TYR I 408 109.44 8.23 -18.62
CA TYR I 408 108.77 7.29 -19.50
C TYR I 408 109.62 6.99 -20.73
N VAL I 409 110.14 8.04 -21.39
CA VAL I 409 110.94 7.82 -22.59
C VAL I 409 112.33 7.34 -22.25
N GLY I 410 112.72 7.40 -20.97
CA GLY I 410 114.05 6.97 -20.57
C GLY I 410 114.26 5.48 -20.64
N GLU I 411 113.18 4.70 -20.71
CA GLU I 411 113.27 3.25 -20.80
C GLU I 411 112.93 2.71 -22.18
N GLY I 412 112.34 3.53 -23.06
CA GLY I 412 112.03 3.06 -24.39
C GLY I 412 110.62 3.28 -24.91
N MET I 413 109.89 4.24 -24.32
CA MET I 413 108.65 4.69 -24.92
C MET I 413 108.96 5.82 -25.91
N GLU I 414 107.92 6.49 -26.39
CA GLU I 414 108.07 7.59 -27.34
C GLU I 414 107.17 8.74 -26.91
N GLU I 415 107.22 9.83 -27.67
CA GLU I 415 106.29 10.93 -27.50
C GLU I 415 105.07 10.77 -28.39
N GLY I 416 105.21 10.05 -29.50
CA GLY I 416 104.08 9.79 -30.36
C GLY I 416 102.97 9.02 -29.67
N GLU I 417 103.33 8.11 -28.76
CA GLU I 417 102.32 7.40 -28.00
C GLU I 417 101.58 8.32 -27.04
N PHE I 418 102.29 9.29 -26.45
CA PHE I 418 101.62 10.29 -25.62
C PHE I 418 100.63 11.10 -26.45
N SER I 419 101.07 11.54 -27.63
CA SER I 419 100.19 12.32 -28.50
C SER I 419 98.98 11.51 -28.95
N GLU I 420 99.19 10.24 -29.30
CA GLU I 420 98.08 9.42 -29.76
C GLU I 420 97.13 9.07 -28.62
N ALA I 421 97.65 8.91 -27.39
CA ALA I 421 96.77 8.70 -26.25
C ALA I 421 95.91 9.93 -25.99
N ARG I 422 96.51 11.12 -26.08
CA ARG I 422 95.72 12.34 -25.90
C ARG I 422 94.68 12.48 -27.00
N GLU I 423 95.05 12.15 -28.24
CA GLU I 423 94.10 12.24 -29.34
C GLU I 423 92.96 11.24 -29.16
N ASP I 424 93.28 10.03 -28.69
CA ASP I 424 92.25 9.03 -28.43
C ASP I 424 91.30 9.49 -27.33
N MET I 425 91.84 10.11 -26.27
CA MET I 425 91.01 10.62 -25.20
C MET I 425 90.10 11.74 -25.70
N ALA I 426 90.63 12.63 -26.54
CA ALA I 426 89.82 13.70 -27.10
C ALA I 426 88.72 13.13 -27.99
N ALA I 427 89.02 12.08 -28.75
CA ALA I 427 88.01 11.44 -29.58
C ALA I 427 86.93 10.80 -28.72
N LEU I 428 87.32 10.20 -27.59
CA LEU I 428 86.33 9.65 -26.66
C LEU I 428 85.42 10.74 -26.11
N GLU I 429 86.01 11.89 -25.75
CA GLU I 429 85.21 13.02 -25.30
C GLU I 429 84.23 13.48 -26.37
N LYS I 430 84.70 13.58 -27.60
CA LYS I 430 83.82 13.98 -28.70
C LYS I 430 82.69 12.98 -28.89
N ASP I 431 83.00 11.69 -28.75
CA ASP I 431 81.97 10.66 -28.85
C ASP I 431 80.89 10.81 -27.79
N TYR I 432 81.30 11.10 -26.54
CA TYR I 432 80.29 11.33 -25.50
C TYR I 432 79.50 12.61 -25.75
N GLU I 433 80.16 13.65 -26.24
CA GLU I 433 79.43 14.88 -26.55
C GLU I 433 78.39 14.63 -27.64
N GLU I 434 78.75 13.86 -28.67
CA GLU I 434 77.81 13.63 -29.77
C GLU I 434 76.74 12.61 -29.40
N VAL I 435 77.01 11.71 -28.44
CA VAL I 435 75.94 10.82 -28.03
C VAL I 435 75.01 11.52 -27.05
N GLY I 436 75.50 12.53 -26.34
CA GLY I 436 74.64 13.26 -25.43
C GLY I 436 73.55 14.05 -26.14
N VAL I 437 73.89 14.64 -27.30
CA VAL I 437 72.96 15.50 -28.00
C VAL I 437 71.80 14.68 -28.56
N ASP I 438 70.61 15.29 -28.59
CA ASP I 438 69.40 14.62 -29.05
C ASP I 438 69.29 14.76 -30.56
N SER I 439 68.16 14.32 -31.11
CA SER I 439 67.93 14.36 -32.55
C SER I 439 66.63 15.08 -32.88
N MET J 1 83.65 24.97 17.43
CA MET J 1 82.37 25.66 17.41
C MET J 1 82.44 26.99 18.16
N ARG J 2 82.49 28.08 17.38
CA ARG J 2 82.46 29.44 17.92
C ARG J 2 83.61 29.67 18.92
N GLU J 3 84.81 29.27 18.51
CA GLU J 3 85.98 29.42 19.37
C GLU J 3 86.34 30.89 19.55
N ILE J 4 86.96 31.19 20.69
CA ILE J 4 87.45 32.52 21.01
C ILE J 4 88.95 32.42 21.22
N VAL J 5 89.71 33.22 20.48
CA VAL J 5 91.15 33.31 20.66
C VAL J 5 91.42 34.44 21.66
N HIS J 6 92.04 34.11 22.78
CA HIS J 6 92.29 35.07 23.85
C HIS J 6 93.71 35.59 23.75
N ILE J 7 93.86 36.91 23.86
CA ILE J 7 95.15 37.57 23.85
C ILE J 7 95.24 38.47 25.08
N GLN J 8 96.40 38.45 25.73
CA GLN J 8 96.65 39.29 26.89
C GLN J 8 97.86 40.17 26.60
N ALA J 9 97.71 41.47 26.81
CA ALA J 9 98.77 42.43 26.54
C ALA J 9 99.08 43.21 27.80
N GLY J 10 100.37 43.39 28.08
CA GLY J 10 100.80 44.17 29.21
C GLY J 10 100.69 43.43 30.52
N GLN J 11 101.19 44.07 31.58
CA GLN J 11 101.22 43.44 32.89
C GLN J 11 99.81 43.32 33.48
N CYS J 12 99.04 44.41 33.42
CA CYS J 12 97.66 44.37 33.91
C CYS J 12 96.81 43.41 33.09
N GLY J 13 96.98 43.43 31.77
CA GLY J 13 96.23 42.50 30.94
C GLY J 13 96.58 41.06 31.24
N ASN J 14 97.86 40.77 31.44
CA ASN J 14 98.28 39.41 31.78
C ASN J 14 97.71 38.98 33.14
N GLN J 15 97.72 39.88 34.12
CA GLN J 15 97.16 39.53 35.43
C GLN J 15 95.66 39.23 35.32
N ILE J 16 94.93 40.11 34.64
CA ILE J 16 93.49 39.91 34.51
C ILE J 16 93.19 38.65 33.72
N GLY J 17 93.98 38.37 32.68
CA GLY J 17 93.79 37.15 31.92
C GLY J 17 94.10 35.90 32.72
N ALA J 18 95.13 35.95 33.56
CA ALA J 18 95.45 34.81 34.41
C ALA J 18 94.31 34.53 35.38
N LYS J 19 93.75 35.59 35.98
CA LYS J 19 92.62 35.37 36.89
C LYS J 19 91.38 34.89 36.12
N PHE J 20 91.23 35.36 34.88
CA PHE J 20 90.12 34.91 34.05
C PHE J 20 90.25 33.43 33.73
N TRP J 21 91.46 32.96 33.46
CA TRP J 21 91.67 31.55 33.21
C TRP J 21 91.47 30.74 34.49
N GLU J 22 91.87 31.28 35.64
CA GLU J 22 91.50 30.69 36.93
C GLU J 22 90.01 30.42 36.99
N VAL J 23 89.21 31.49 36.88
CA VAL J 23 87.77 31.36 37.11
C VAL J 23 87.11 30.52 36.04
N ILE J 24 87.59 30.58 34.79
CA ILE J 24 86.94 29.82 33.73
C ILE J 24 87.35 28.36 33.72
N SER J 25 88.52 28.02 34.28
CA SER J 25 88.82 26.61 34.50
C SER J 25 88.06 26.09 35.71
N ASP J 26 87.78 26.96 36.69
CA ASP J 26 86.92 26.57 37.79
C ASP J 26 85.51 26.27 37.28
N GLU J 27 85.02 27.08 36.34
CA GLU J 27 83.69 26.85 35.77
C GLU J 27 83.60 25.51 35.06
N HIS J 28 84.62 25.16 34.28
CA HIS J 28 84.62 23.95 33.47
C HIS J 28 85.29 22.77 34.16
N GLY J 29 85.71 22.92 35.41
CA GLY J 29 86.31 21.81 36.13
C GLY J 29 87.65 21.36 35.60
N ILE J 30 88.54 22.30 35.27
CA ILE J 30 89.87 21.99 34.77
C ILE J 30 90.86 22.21 35.90
N ASP J 31 91.67 21.20 36.18
CA ASP J 31 92.60 21.22 37.30
C ASP J 31 93.81 22.07 36.95
N PRO J 32 94.68 22.38 37.94
CA PRO J 32 95.90 23.15 37.63
C PRO J 32 96.82 22.49 36.62
N THR J 33 96.70 21.17 36.40
CA THR J 33 97.50 20.52 35.37
C THR J 33 96.83 20.53 34.01
N GLY J 34 95.58 20.97 33.94
CA GLY J 34 94.86 21.06 32.67
C GLY J 34 93.88 19.94 32.40
N SER J 35 93.95 18.84 33.14
CA SER J 35 93.06 17.72 32.92
C SER J 35 91.70 17.98 33.55
N TYR J 36 90.70 17.25 33.08
CA TYR J 36 89.34 17.43 33.52
C TYR J 36 89.07 16.63 34.78
N HIS J 37 88.49 17.28 35.80
CA HIS J 37 88.04 16.61 37.00
C HIS J 37 86.70 17.15 37.47
N GLY J 38 85.86 17.60 36.56
CA GLY J 38 84.54 18.10 36.91
C GLY J 38 83.56 16.98 37.12
N ASP J 39 82.31 17.36 37.36
CA ASP J 39 81.24 16.41 37.62
C ASP J 39 80.13 16.45 36.58
N SER J 40 79.73 17.63 36.13
CA SER J 40 78.64 17.76 35.18
C SER J 40 79.13 17.57 33.75
N ASP J 41 78.27 16.99 32.92
CA ASP J 41 78.60 16.80 31.52
C ASP J 41 78.53 18.08 30.72
N LEU J 42 77.83 19.10 31.24
CA LEU J 42 77.70 20.37 30.53
C LEU J 42 78.98 21.17 30.49
N GLN J 43 80.07 20.65 31.05
CA GLN J 43 81.37 21.29 31.03
C GLN J 43 82.24 20.83 29.87
N LEU J 44 81.73 19.97 29.00
CA LEU J 44 82.51 19.37 27.94
C LEU J 44 82.03 19.73 26.55
N GLU J 45 80.71 19.78 26.32
CA GLU J 45 80.19 19.99 24.98
C GLU J 45 80.55 21.36 24.42
N ARG J 46 80.94 22.30 25.27
CA ARG J 46 81.40 23.61 24.85
C ARG J 46 82.76 23.93 25.45
N ILE J 47 83.64 22.94 25.49
CA ILE J 47 84.99 23.15 26.02
C ILE J 47 85.92 23.70 24.96
N ASN J 48 85.57 23.58 23.69
CA ASN J 48 86.45 24.02 22.61
C ASN J 48 86.46 25.53 22.41
N VAL J 49 85.51 26.25 23.01
CA VAL J 49 85.44 27.69 22.79
C VAL J 49 86.66 28.39 23.35
N TYR J 50 87.21 27.89 24.46
CA TYR J 50 88.35 28.50 25.11
C TYR J 50 89.56 27.59 25.23
N TYR J 51 89.43 26.29 24.95
CA TYR J 51 90.48 25.33 25.20
C TYR J 51 90.74 24.50 23.95
N ASN J 52 91.95 23.95 23.88
CA ASN J 52 92.34 23.02 22.84
C ASN J 52 92.58 21.65 23.43
N GLU J 53 92.22 20.61 22.68
CA GLU J 53 92.38 19.23 23.13
C GLU J 53 93.83 18.80 22.91
N ALA J 54 94.54 18.54 23.99
CA ALA J 54 95.88 18.00 23.90
C ALA J 54 95.84 16.48 23.98
N ALA J 55 96.99 15.86 23.69
CA ALA J 55 97.07 14.40 23.75
C ALA J 55 96.90 13.92 25.19
N GLY J 56 96.11 12.87 25.36
CA GLY J 56 95.86 12.32 26.67
C GLY J 56 94.95 13.20 27.51
N ASN J 57 93.69 13.33 27.06
CA ASN J 57 92.59 14.01 27.77
C ASN J 57 93.04 15.23 28.56
N LYS J 58 93.80 16.09 27.89
CA LYS J 58 94.41 17.26 28.50
C LYS J 58 94.00 18.49 27.73
N TYR J 59 93.73 19.59 28.44
CA TYR J 59 93.18 20.79 27.85
C TYR J 59 94.16 21.95 28.01
N VAL J 60 94.41 22.67 26.93
CA VAL J 60 95.29 23.85 26.95
C VAL J 60 94.48 25.05 26.50
N PRO J 61 94.59 26.19 27.18
CA PRO J 61 93.80 27.36 26.80
C PRO J 61 94.22 27.90 25.45
N ARG J 62 93.26 28.51 24.76
CA ARG J 62 93.55 29.21 23.52
C ARG J 62 93.93 30.66 23.82
N ALA J 63 94.98 30.81 24.62
CA ALA J 63 95.41 32.09 25.13
C ALA J 63 96.75 32.48 24.52
N ILE J 64 96.88 33.75 24.17
CA ILE J 64 98.12 34.30 23.63
C ILE J 64 98.62 35.33 24.63
N LEU J 65 99.82 35.13 25.13
CA LEU J 65 100.39 35.99 26.16
C LEU J 65 101.41 36.91 25.53
N VAL J 66 101.16 38.22 25.60
CA VAL J 66 102.01 39.21 24.97
C VAL J 66 102.48 40.18 26.04
N ASP J 67 103.79 40.43 26.07
CA ASP J 67 104.38 41.39 26.98
C ASP J 67 105.75 41.78 26.44
N LEU J 68 106.29 42.86 26.98
CA LEU J 68 107.62 43.29 26.63
C LEU J 68 108.65 43.02 27.73
N GLU J 69 108.20 42.75 28.95
CA GLU J 69 109.08 42.35 30.03
C GLU J 69 108.90 40.87 30.31
N PRO J 70 109.96 40.07 30.27
CA PRO J 70 109.83 38.64 30.60
C PRO J 70 109.41 38.39 32.04
N GLY J 71 109.56 39.37 32.92
CA GLY J 71 109.17 39.18 34.31
C GLY J 71 107.69 38.91 34.46
N THR J 72 106.86 39.56 33.64
CA THR J 72 105.43 39.29 33.68
C THR J 72 105.13 37.86 33.25
N MET J 73 105.83 37.37 32.24
CA MET J 73 105.66 35.99 31.81
C MET J 73 106.05 35.02 32.92
N ASP J 74 107.18 35.28 33.57
CA ASP J 74 107.62 34.42 34.68
C ASP J 74 106.61 34.45 35.82
N SER J 75 106.07 35.62 36.15
CA SER J 75 105.09 35.72 37.22
C SER J 75 103.82 34.96 36.87
N VAL J 76 103.35 35.08 35.64
CA VAL J 76 102.14 34.37 35.23
C VAL J 76 102.36 32.86 35.26
N ARG J 77 103.50 32.41 34.72
CA ARG J 77 103.77 30.98 34.67
C ARG J 77 103.94 30.39 36.08
N SER J 78 104.62 31.11 36.97
CA SER J 78 104.93 30.60 38.29
C SER J 78 103.70 30.53 39.20
N GLY J 79 102.64 31.24 38.87
CA GLY J 79 101.47 31.27 39.71
C GLY J 79 100.63 30.02 39.56
N PRO J 80 99.52 29.99 40.29
CA PRO J 80 98.58 28.87 40.14
C PRO J 80 97.99 28.85 38.74
N PHE J 81 97.68 27.64 38.28
CA PHE J 81 97.07 27.38 36.98
C PHE J 81 97.92 27.91 35.82
N GLY J 82 99.14 28.37 36.10
CA GLY J 82 99.97 28.96 35.05
C GLY J 82 100.62 27.96 34.14
N GLN J 83 100.74 26.71 34.56
CA GLN J 83 101.33 25.68 33.73
C GLN J 83 100.34 25.11 32.72
N ILE J 84 99.07 25.50 32.78
CA ILE J 84 98.11 25.02 31.81
C ILE J 84 98.39 25.60 30.43
N PHE J 85 98.96 26.80 30.40
CA PHE J 85 99.15 27.54 29.16
C PHE J 85 100.14 26.82 28.24
N ARG J 86 99.99 27.05 26.95
CA ARG J 86 100.94 26.53 25.99
C ARG J 86 102.25 27.28 26.10
N PRO J 87 103.38 26.60 26.26
CA PRO J 87 104.65 27.30 26.50
C PRO J 87 105.06 28.25 25.39
N ASP J 88 104.78 27.92 24.12
CA ASP J 88 105.22 28.80 23.04
C ASP J 88 104.23 29.93 22.76
N ASN J 89 103.04 29.92 23.37
CA ASN J 89 102.17 31.07 23.28
C ASN J 89 102.70 32.24 24.09
N PHE J 90 103.60 32.01 25.02
CA PHE J 90 104.28 33.08 25.75
C PHE J 90 105.17 33.81 24.76
N VAL J 91 104.77 35.00 24.34
CA VAL J 91 105.54 35.82 23.42
C VAL J 91 105.94 37.07 24.17
N PHE J 92 107.24 37.23 24.41
CA PHE J 92 107.75 38.33 25.21
C PHE J 92 109.02 38.90 24.60
N GLY J 93 109.21 40.19 24.79
CA GLY J 93 110.42 40.87 24.38
C GLY J 93 111.46 40.85 25.48
N GLN J 94 112.37 41.82 25.43
CA GLN J 94 113.43 41.91 26.43
C GLN J 94 113.63 43.31 27.00
N SER J 95 113.19 44.36 26.32
CA SER J 95 113.48 45.72 26.77
C SER J 95 112.38 46.30 27.64
N GLY J 96 111.13 46.23 27.18
CA GLY J 96 110.04 46.90 27.85
C GLY J 96 109.76 48.28 27.27
N ALA J 97 108.50 48.70 27.42
CA ALA J 97 108.07 49.96 26.84
C ALA J 97 108.40 51.16 27.72
N GLY J 98 108.44 50.97 29.03
CA GLY J 98 108.64 52.11 29.92
C GLY J 98 107.52 53.12 29.85
N ASN J 99 106.28 52.63 29.73
CA ASN J 99 105.09 53.48 29.63
C ASN J 99 105.22 54.49 28.49
N ASN J 100 105.66 53.99 27.34
CA ASN J 100 105.77 54.81 26.13
C ASN J 100 104.92 54.15 25.06
N TRP J 101 103.81 54.80 24.68
CA TRP J 101 102.95 54.28 23.63
C TRP J 101 103.69 54.19 22.31
N ALA J 102 104.52 55.20 22.02
CA ALA J 102 105.26 55.23 20.77
C ALA J 102 106.20 54.04 20.65
N LYS J 103 106.89 53.68 21.73
CA LYS J 103 107.79 52.54 21.69
C LYS J 103 107.01 51.26 21.42
N GLY J 104 105.95 51.01 22.19
CA GLY J 104 105.18 49.79 22.04
C GLY J 104 104.47 49.67 20.72
N HIS J 105 104.21 50.79 20.04
CA HIS J 105 103.54 50.75 18.75
C HIS J 105 104.49 50.81 17.55
N TYR J 106 105.69 51.33 17.72
CA TYR J 106 106.52 51.52 16.54
C TYR J 106 107.91 50.93 16.68
N THR J 107 108.52 50.97 17.85
CA THR J 107 109.95 50.69 17.95
C THR J 107 110.24 49.22 18.27
N GLU J 108 109.81 48.76 19.44
CA GLU J 108 110.06 47.38 19.83
C GLU J 108 108.83 46.50 19.71
N GLY J 109 107.63 47.08 19.64
CA GLY J 109 106.47 46.29 19.34
C GLY J 109 106.39 45.85 17.89
N ALA J 110 107.08 46.56 17.00
CA ALA J 110 107.00 46.25 15.58
C ALA J 110 107.53 44.86 15.27
N GLU J 111 108.65 44.48 15.87
CA GLU J 111 109.24 43.19 15.61
C GLU J 111 108.73 42.09 16.53
N LEU J 112 107.82 42.41 17.44
CA LEU J 112 107.16 41.41 18.26
C LEU J 112 105.76 41.08 17.77
N VAL J 113 105.09 42.06 17.14
CA VAL J 113 103.77 41.83 16.58
C VAL J 113 103.82 40.75 15.50
N ASP J 114 104.95 40.62 14.80
CA ASP J 114 105.06 39.56 13.80
C ASP J 114 104.94 38.18 14.45
N SER J 115 105.69 37.94 15.51
CA SER J 115 105.61 36.65 16.20
C SER J 115 104.25 36.44 16.83
N VAL J 116 103.68 37.49 17.43
CA VAL J 116 102.36 37.36 18.03
C VAL J 116 101.32 37.01 16.98
N LEU J 117 101.40 37.66 15.80
CA LEU J 117 100.47 37.36 14.73
C LEU J 117 100.65 35.94 14.22
N ASP J 118 101.89 35.47 14.16
CA ASP J 118 102.13 34.09 13.73
C ASP J 118 101.45 33.10 14.68
N VAL J 119 101.61 33.32 15.99
CA VAL J 119 101.02 32.40 16.95
C VAL J 119 99.50 32.51 16.93
N VAL J 120 98.97 33.73 16.82
CA VAL J 120 97.53 33.93 16.77
C VAL J 120 96.94 33.29 15.52
N ARG J 121 97.65 33.38 14.39
CA ARG J 121 97.27 32.64 13.20
C ARG J 121 97.16 31.15 13.52
N LYS J 122 98.28 30.54 13.92
CA LYS J 122 98.30 29.11 14.20
C LYS J 122 97.12 28.69 15.07
N GLU J 123 96.79 29.51 16.07
CA GLU J 123 95.59 29.24 16.86
C GLU J 123 94.32 29.38 16.04
N SER J 124 94.24 30.39 15.16
CA SER J 124 93.00 30.69 14.48
C SER J 124 92.63 29.62 13.45
N GLU J 125 93.58 29.24 12.59
CA GLU J 125 93.28 28.08 11.75
C GLU J 125 93.47 26.75 12.47
N SER J 126 93.89 26.75 13.74
CA SER J 126 93.81 25.52 14.52
C SER J 126 92.38 25.18 14.90
N CYS J 127 91.50 26.17 14.94
CA CYS J 127 90.14 25.96 15.42
C CYS J 127 89.18 25.71 14.26
N ASP J 128 87.96 25.30 14.61
CA ASP J 128 86.98 24.89 13.61
C ASP J 128 86.24 26.08 13.02
N CYS J 129 85.48 26.80 13.84
CA CYS J 129 84.68 27.94 13.38
C CYS J 129 84.96 29.12 14.32
N LEU J 130 85.98 29.90 14.00
CA LEU J 130 86.32 31.06 14.81
C LEU J 130 85.22 32.11 14.74
N GLN J 131 84.89 32.70 15.88
CA GLN J 131 83.94 33.80 15.91
C GLN J 131 84.57 35.14 16.27
N GLY J 132 85.72 35.16 16.93
CA GLY J 132 86.36 36.41 17.24
C GLY J 132 87.47 36.24 18.25
N PHE J 133 87.95 37.38 18.73
CA PHE J 133 89.10 37.46 19.61
C PHE J 133 88.72 38.20 20.88
N GLN J 134 89.59 38.11 21.88
CA GLN J 134 89.33 38.70 23.20
C GLN J 134 90.66 39.19 23.74
N LEU J 135 90.91 40.49 23.64
CA LEU J 135 92.15 41.09 24.11
C LEU J 135 91.93 41.81 25.42
N THR J 136 92.81 41.59 26.38
CA THR J 136 92.79 42.25 27.67
C THR J 136 94.05 43.08 27.84
N HIS J 137 93.89 44.36 28.16
CA HIS J 137 95.02 45.25 28.38
C HIS J 137 94.55 46.47 29.15
N SER J 138 95.48 47.39 29.39
CA SER J 138 95.18 48.64 30.07
C SER J 138 95.70 49.80 29.23
N LEU J 139 94.91 50.87 29.17
CA LEU J 139 95.25 52.03 28.36
C LEU J 139 96.35 52.88 28.98
N GLY J 140 96.60 52.76 30.28
CA GLY J 140 97.55 53.64 30.93
C GLY J 140 98.98 53.42 30.49
N GLY J 141 99.41 52.17 30.35
CA GLY J 141 100.78 51.85 30.06
C GLY J 141 101.13 51.98 28.58
N GLY J 142 102.34 51.57 28.26
CA GLY J 142 102.81 51.61 26.89
C GLY J 142 102.76 50.27 26.20
N THR J 143 103.16 49.21 26.92
CA THR J 143 103.08 47.87 26.35
C THR J 143 101.64 47.47 26.10
N GLY J 144 100.78 47.58 27.11
CA GLY J 144 99.39 47.22 26.98
C GLY J 144 98.71 47.97 25.86
N SER J 145 98.58 49.29 26.04
CA SER J 145 97.88 50.12 25.06
C SER J 145 98.48 49.96 23.66
N GLY J 146 99.72 50.41 23.47
CA GLY J 146 100.30 50.42 22.14
C GLY J 146 100.45 49.02 21.53
N MET J 147 101.05 48.10 22.29
CA MET J 147 101.21 46.72 21.81
C MET J 147 99.88 46.11 21.42
N GLY J 148 98.96 45.99 22.37
CA GLY J 148 97.71 45.30 22.11
C GLY J 148 96.85 45.99 21.06
N THR J 149 96.91 47.32 20.99
CA THR J 149 96.11 48.05 20.01
C THR J 149 96.67 47.87 18.61
N LEU J 150 98.00 47.90 18.46
CA LEU J 150 98.60 47.56 17.19
C LEU J 150 98.23 46.14 16.80
N LEU J 151 98.20 45.25 17.78
CA LEU J 151 97.79 43.87 17.56
C LEU J 151 96.35 43.81 17.06
N ILE J 152 95.47 44.62 17.64
CA ILE J 152 94.08 44.67 17.22
C ILE J 152 93.98 45.15 15.77
N SER J 153 94.76 46.17 15.42
CA SER J 153 94.75 46.68 14.05
C SER J 153 95.18 45.61 13.07
N LYS J 154 96.27 44.90 13.40
CA LYS J 154 96.73 43.82 12.52
C LYS J 154 95.70 42.71 12.40
N ILE J 155 95.08 42.32 13.52
CA ILE J 155 94.09 41.25 13.49
C ILE J 155 92.89 41.65 12.62
N ARG J 156 92.39 42.88 12.79
CA ARG J 156 91.27 43.33 11.99
C ARG J 156 91.64 43.43 10.51
N GLU J 157 92.91 43.72 10.21
CA GLU J 157 93.36 43.60 8.84
C GLU J 157 93.27 42.16 8.36
N GLU J 158 93.62 41.20 9.22
CA GLU J 158 93.60 39.80 8.82
C GLU J 158 92.23 39.15 8.99
N TYR J 159 91.46 39.52 10.01
CA TYR J 159 90.17 38.89 10.30
C TYR J 159 89.12 39.99 10.44
N PRO J 160 88.63 40.53 9.33
CA PRO J 160 87.73 41.69 9.41
C PRO J 160 86.30 41.33 9.80
N ASP J 161 85.89 40.09 9.54
CA ASP J 161 84.52 39.68 9.79
C ASP J 161 84.31 39.05 11.17
N ARG J 162 85.36 38.97 11.97
CA ARG J 162 85.27 38.37 13.30
C ARG J 162 85.08 39.45 14.36
N ILE J 163 84.57 39.04 15.51
CA ILE J 163 84.27 39.99 16.57
C ILE J 163 85.55 40.29 17.35
N MET J 164 85.57 41.45 18.00
CA MET J 164 86.77 41.93 18.68
C MET J 164 86.38 42.45 20.06
N ASN J 165 86.55 41.62 21.08
CA ASN J 165 86.25 42.02 22.44
C ASN J 165 87.49 42.58 23.11
N THR J 166 87.33 43.72 23.77
CA THR J 166 88.45 44.40 24.41
C THR J 166 88.04 44.79 25.83
N PHE J 167 88.63 44.12 26.81
CA PHE J 167 88.40 44.45 28.22
C PHE J 167 89.55 45.35 28.67
N SER J 168 89.43 46.63 28.32
CA SER J 168 90.51 47.58 28.50
C SER J 168 90.28 48.40 29.76
N VAL J 169 91.26 48.40 30.65
CA VAL J 169 91.18 49.16 31.89
C VAL J 169 91.61 50.59 31.59
N VAL J 170 90.65 51.52 31.58
CA VAL J 170 90.93 52.91 31.26
C VAL J 170 91.54 53.60 32.46
N PRO J 171 92.37 54.62 32.26
CA PRO J 171 92.91 55.37 33.41
C PRO J 171 91.85 56.27 34.03
N SER J 172 92.13 56.68 35.27
CA SER J 172 91.23 57.51 36.03
C SER J 172 92.01 58.69 36.62
N PRO J 173 91.34 59.83 36.84
CA PRO J 173 92.06 61.02 37.33
C PRO J 173 92.49 60.92 38.77
N LYS J 174 91.87 60.05 39.57
CA LYS J 174 92.18 60.01 41.00
C LYS J 174 93.46 59.22 41.26
N VAL J 175 93.49 57.97 40.82
CA VAL J 175 94.70 57.14 40.93
C VAL J 175 95.42 57.21 39.59
N SER J 176 96.36 58.14 39.49
CA SER J 176 97.18 58.33 38.30
C SER J 176 98.55 57.73 38.61
N ASP J 177 98.73 56.46 38.24
CA ASP J 177 99.97 55.77 38.57
C ASP J 177 101.15 56.33 37.78
N THR J 178 100.90 56.79 36.56
CA THR J 178 101.96 57.35 35.73
C THR J 178 101.50 58.67 35.12
N VAL J 179 102.45 59.56 34.88
CA VAL J 179 102.14 60.89 34.39
C VAL J 179 101.74 60.90 32.92
N VAL J 180 102.20 59.93 32.13
CA VAL J 180 101.97 59.94 30.69
C VAL J 180 100.72 59.14 30.36
N GLU J 181 99.88 58.89 31.36
CA GLU J 181 98.64 58.16 31.12
C GLU J 181 97.72 58.82 30.09
N PRO J 182 97.48 60.14 30.11
CA PRO J 182 96.61 60.72 29.07
C PRO J 182 97.09 60.49 27.65
N TYR J 183 98.41 60.58 27.41
CA TYR J 183 98.93 60.37 26.07
C TYR J 183 98.63 58.95 25.59
N ASN J 184 98.96 57.95 26.41
CA ASN J 184 98.72 56.57 26.02
C ASN J 184 97.24 56.30 25.84
N ALA J 185 96.41 56.83 26.75
CA ALA J 185 94.97 56.59 26.65
C ALA J 185 94.40 57.15 25.36
N THR J 186 94.71 58.42 25.06
CA THR J 186 94.18 59.04 23.85
C THR J 186 94.70 58.36 22.59
N LEU J 187 96.00 58.06 22.56
CA LEU J 187 96.57 57.44 21.37
C LEU J 187 96.03 56.05 21.14
N SER J 188 95.78 55.29 22.21
CA SER J 188 95.18 53.98 22.06
C SER J 188 93.73 54.08 21.62
N VAL J 189 92.98 55.03 22.19
CA VAL J 189 91.56 55.15 21.86
C VAL J 189 91.37 55.56 20.42
N HIS J 190 92.25 56.43 19.90
CA HIS J 190 92.17 56.89 18.51
C HIS J 190 91.91 55.78 17.51
N GLN J 191 92.40 54.58 17.78
CA GLN J 191 92.20 53.46 16.88
C GLN J 191 91.54 52.26 17.53
N LEU J 192 91.44 52.21 18.86
CA LEU J 192 90.53 51.27 19.50
C LEU J 192 89.09 51.56 19.10
N VAL J 193 88.78 52.81 18.76
CA VAL J 193 87.44 53.15 18.31
C VAL J 193 87.11 52.47 16.99
N GLU J 194 88.01 52.56 16.01
CA GLU J 194 87.75 52.05 14.67
C GLU J 194 88.23 50.63 14.42
N ASN J 195 88.90 50.00 15.39
CA ASN J 195 89.39 48.65 15.21
C ASN J 195 88.75 47.65 16.16
N THR J 196 87.79 48.07 16.96
CA THR J 196 87.06 47.15 17.83
C THR J 196 85.57 47.37 17.65
N ASP J 197 84.79 46.30 17.82
CA ASP J 197 83.35 46.39 17.70
C ASP J 197 82.63 46.24 19.04
N GLU J 198 83.34 45.93 20.11
CA GLU J 198 82.78 46.03 21.46
C GLU J 198 83.93 46.09 22.45
N THR J 199 83.98 47.19 23.21
CA THR J 199 85.06 47.42 24.17
C THR J 199 84.45 47.68 25.53
N TYR J 200 84.90 46.93 26.53
CA TYR J 200 84.40 47.06 27.90
C TYR J 200 85.39 47.89 28.69
N CYS J 201 85.01 49.14 28.97
CA CYS J 201 85.89 50.05 29.70
C CYS J 201 85.82 49.72 31.19
N ILE J 202 86.92 49.21 31.72
CA ILE J 202 87.08 48.97 33.15
C ILE J 202 87.84 50.14 33.74
N ASP J 203 87.50 50.52 34.96
CA ASP J 203 88.25 51.56 35.65
C ASP J 203 88.59 51.08 37.05
N ASN J 204 89.81 51.40 37.49
CA ASN J 204 90.24 50.96 38.80
C ASN J 204 89.52 51.70 39.92
N GLU J 205 89.11 52.94 39.68
CA GLU J 205 88.41 53.68 40.72
C GLU J 205 87.10 53.03 41.11
N ALA J 206 86.30 52.64 40.12
CA ALA J 206 85.03 51.99 40.42
C ALA J 206 85.25 50.62 41.05
N LEU J 207 86.31 49.91 40.63
CA LEU J 207 86.61 48.62 41.23
C LEU J 207 86.98 48.76 42.69
N TYR J 208 87.81 49.76 43.01
CA TYR J 208 88.16 50.02 44.40
C TYR J 208 86.93 50.45 45.20
N ASP J 209 86.06 51.25 44.59
CA ASP J 209 84.84 51.65 45.27
C ASP J 209 83.96 50.45 45.58
N ILE J 210 83.87 49.50 44.65
CA ILE J 210 83.12 48.28 44.90
C ILE J 210 83.74 47.51 46.06
N CYS J 211 85.06 47.33 46.01
CA CYS J 211 85.72 46.56 47.06
C CYS J 211 85.62 47.25 48.43
N PHE J 212 85.56 48.58 48.45
CA PHE J 212 85.48 49.28 49.73
C PHE J 212 84.06 49.26 50.28
N ARG J 213 83.09 49.79 49.53
CA ARG J 213 81.76 49.99 50.08
C ARG J 213 80.81 48.85 49.78
N THR J 214 80.97 48.16 48.64
CA THR J 214 80.11 47.03 48.34
C THR J 214 80.52 45.80 49.14
N LEU J 215 81.72 45.29 48.86
CA LEU J 215 82.20 44.05 49.47
C LEU J 215 82.65 44.24 50.90
N LYS J 216 82.76 45.49 51.37
CA LYS J 216 83.25 45.79 52.71
C LYS J 216 84.60 45.13 52.96
N LEU J 217 85.46 45.20 51.95
CA LEU J 217 86.76 44.56 51.98
C LEU J 217 87.81 45.57 52.44
N THR J 218 88.52 45.23 53.52
CA THR J 218 89.38 46.20 54.18
C THR J 218 90.59 46.56 53.32
N THR J 219 91.29 45.55 52.80
CA THR J 219 92.54 45.76 52.06
C THR J 219 92.46 45.02 50.73
N PRO J 220 91.78 45.59 49.74
CA PRO J 220 91.66 44.91 48.44
C PRO J 220 92.93 45.06 47.62
N THR J 221 93.53 43.92 47.28
CA THR J 221 94.71 43.91 46.42
C THR J 221 94.27 43.88 44.97
N TYR J 222 95.23 43.78 44.04
CA TYR J 222 94.88 43.63 42.64
C TYR J 222 94.20 42.30 42.36
N GLY J 223 94.37 41.31 43.23
CA GLY J 223 93.72 40.03 43.00
C GLY J 223 92.21 40.13 43.00
N ASP J 224 91.66 40.92 43.91
CA ASP J 224 90.20 41.08 43.99
C ASP J 224 89.65 41.83 42.79
N LEU J 225 90.33 42.90 42.37
CA LEU J 225 89.89 43.65 41.21
C LEU J 225 89.94 42.77 39.96
N ASN J 226 91.03 42.02 39.79
CA ASN J 226 91.11 41.09 38.68
C ASN J 226 90.06 40.00 38.80
N HIS J 227 89.66 39.63 40.02
CA HIS J 227 88.60 38.63 40.17
C HIS J 227 87.26 39.15 39.67
N LEU J 228 86.91 40.39 40.01
CA LEU J 228 85.68 40.97 39.46
C LEU J 228 85.75 41.08 37.94
N VAL J 229 86.88 41.56 37.42
CA VAL J 229 86.98 41.70 35.97
C VAL J 229 86.87 40.34 35.29
N SER J 230 87.48 39.31 35.89
CA SER J 230 87.41 37.96 35.35
C SER J 230 85.99 37.42 35.39
N ALA J 231 85.27 37.66 36.48
CA ALA J 231 83.89 37.20 36.58
C ALA J 231 83.03 37.83 35.50
N THR J 232 83.24 39.12 35.23
CA THR J 232 82.45 39.78 34.19
C THR J 232 82.87 39.33 32.79
N MET J 233 84.16 39.06 32.58
CA MET J 233 84.58 38.49 31.31
C MET J 233 83.93 37.14 31.07
N SER J 234 83.87 36.30 32.11
CA SER J 234 83.21 35.02 31.98
C SER J 234 81.70 35.14 31.87
N GLY J 235 81.13 36.25 32.35
CA GLY J 235 79.69 36.41 32.29
C GLY J 235 79.16 36.72 30.90
N VAL J 236 79.96 37.41 30.08
CA VAL J 236 79.49 37.80 28.75
C VAL J 236 79.64 36.71 27.72
N THR J 237 80.25 35.58 28.07
CA THR J 237 80.42 34.46 27.15
C THR J 237 79.83 33.16 27.71
N THR J 238 78.97 33.25 28.73
CA THR J 238 78.43 32.05 29.33
C THR J 238 77.41 31.37 28.42
N CYS J 239 76.76 32.13 27.55
CA CYS J 239 75.82 31.54 26.60
C CYS J 239 76.56 30.70 25.56
N LEU J 240 77.82 31.01 25.29
CA LEU J 240 78.60 30.23 24.35
C LEU J 240 79.07 28.91 24.97
N ARG J 241 79.09 28.83 26.29
CA ARG J 241 79.66 27.67 26.97
C ARG J 241 78.64 26.78 27.65
N PHE J 242 77.43 27.26 27.87
CA PHE J 242 76.40 26.48 28.54
C PHE J 242 75.07 26.72 27.84
N PRO J 243 74.13 25.78 27.95
CA PRO J 243 72.80 26.02 27.41
C PRO J 243 72.05 27.06 28.24
N GLY J 244 70.80 27.33 27.89
CA GLY J 244 70.03 28.28 28.66
C GLY J 244 68.69 28.54 28.01
N GLN J 245 67.91 29.41 28.67
CA GLN J 245 66.60 29.77 28.16
C GLN J 245 66.71 30.68 26.95
N LEU J 246 67.36 31.83 27.12
CA LEU J 246 67.68 32.74 26.03
C LEU J 246 69.20 32.74 25.87
N ASN J 247 69.68 32.45 24.67
CA ASN J 247 71.09 32.28 24.41
C ASN J 247 71.58 33.39 23.49
N ALA J 248 72.59 34.12 23.94
CA ALA J 248 73.11 35.28 23.22
C ALA J 248 74.62 35.21 23.17
N ASP J 249 75.16 34.99 21.98
CA ASP J 249 76.61 34.93 21.80
C ASP J 249 77.17 36.34 21.73
N LEU J 250 78.45 36.46 21.36
CA LEU J 250 79.08 37.77 21.29
C LEU J 250 78.45 38.64 20.20
N ARG J 251 78.17 38.06 19.05
CA ARG J 251 77.62 38.86 17.94
C ARG J 251 76.21 39.36 18.24
N LYS J 252 75.43 38.59 19.00
CA LYS J 252 74.08 39.05 19.31
C LYS J 252 74.12 40.27 20.23
N LEU J 253 74.99 40.24 21.25
CA LEU J 253 75.21 41.45 22.06
C LEU J 253 75.79 42.58 21.21
N ALA J 254 76.62 42.25 20.23
CA ALA J 254 77.18 43.29 19.36
C ALA J 254 76.08 43.99 18.58
N VAL J 255 75.13 43.23 18.02
CA VAL J 255 74.07 43.86 17.24
C VAL J 255 72.99 44.47 18.14
N ASN J 256 72.89 44.06 19.40
CA ASN J 256 71.88 44.61 20.28
C ASN J 256 72.38 45.76 21.14
N MET J 257 73.69 46.00 21.18
CA MET J 257 74.27 47.03 22.02
C MET J 257 74.94 48.14 21.23
N VAL J 258 75.07 48.02 19.93
CA VAL J 258 75.80 48.99 19.13
C VAL J 258 74.87 49.56 18.06
N PRO J 259 74.09 50.59 18.38
CA PRO J 259 73.21 51.18 17.35
C PRO J 259 73.98 51.80 16.20
N PHE J 260 75.14 52.40 16.47
CA PHE J 260 75.97 53.00 15.44
C PHE J 260 77.41 52.52 15.63
N PRO J 261 78.17 52.32 14.56
CA PRO J 261 79.41 51.54 14.67
C PRO J 261 80.42 52.11 15.65
N ARG J 262 80.46 53.43 15.83
CA ARG J 262 81.47 54.01 16.71
C ARG J 262 81.14 53.81 18.18
N LEU J 263 79.87 53.85 18.56
CA LEU J 263 79.46 53.75 19.96
C LEU J 263 79.47 52.29 20.38
N HIS J 264 80.62 51.83 20.87
CA HIS J 264 80.73 50.45 21.33
C HIS J 264 81.55 50.36 22.61
N PHE J 265 81.47 51.37 23.46
CA PHE J 265 82.15 51.36 24.75
C PHE J 265 81.12 51.13 25.84
N PHE J 266 81.27 50.04 26.58
CA PHE J 266 80.21 49.54 27.45
C PHE J 266 80.60 49.68 28.92
N MET J 267 79.58 49.82 29.77
CA MET J 267 79.76 49.99 31.20
C MET J 267 79.43 48.67 31.88
N PRO J 268 80.41 47.84 32.18
CA PRO J 268 80.11 46.50 32.70
C PRO J 268 79.73 46.51 34.18
N GLY J 269 79.37 45.35 34.69
CA GLY J 269 78.94 45.23 36.07
C GLY J 269 78.68 43.78 36.40
N PHE J 270 78.45 43.52 37.68
CA PHE J 270 78.22 42.16 38.12
C PHE J 270 77.31 42.18 39.34
N ALA J 271 76.56 41.09 39.51
CA ALA J 271 75.67 40.93 40.64
C ALA J 271 75.43 39.44 40.84
N PRO J 272 75.30 38.97 42.09
CA PRO J 272 75.38 39.72 43.34
C PRO J 272 76.80 39.94 43.82
N LEU J 273 77.05 41.03 44.55
CA LEU J 273 78.33 41.29 45.19
C LEU J 273 78.04 41.63 46.65
N THR J 274 78.35 40.70 47.54
CA THR J 274 77.89 40.76 48.92
C THR J 274 79.06 40.84 49.88
N SER J 275 78.90 41.66 50.91
CA SER J 275 79.81 41.59 52.04
C SER J 275 79.62 40.28 52.78
N ARG J 276 80.71 39.78 53.37
CA ARG J 276 80.64 38.51 54.08
C ARG J 276 79.69 38.60 55.27
N GLY J 277 79.74 39.70 56.01
CA GLY J 277 78.84 39.85 57.14
C GLY J 277 77.39 39.99 56.72
N SER J 278 77.14 40.70 55.62
CA SER J 278 75.78 40.95 55.15
C SER J 278 75.35 39.99 54.06
N GLN J 279 76.13 38.95 53.79
CA GLN J 279 75.75 37.98 52.77
C GLN J 279 74.47 37.26 53.16
N GLN J 280 74.33 36.91 54.44
CA GLN J 280 73.12 36.23 54.89
C GLN J 280 71.90 37.14 54.83
N TYR J 281 72.04 38.40 55.24
CA TYR J 281 70.90 39.27 55.49
C TYR J 281 70.14 39.67 54.25
N ARG J 282 70.49 39.15 53.08
CA ARG J 282 69.86 39.56 51.83
C ARG J 282 69.17 38.38 51.19
N ALA J 283 67.92 38.58 50.77
CA ALA J 283 67.27 37.60 49.93
C ALA J 283 67.93 37.57 48.56
N LEU J 284 68.02 36.39 47.98
CA LEU J 284 68.65 36.21 46.67
C LEU J 284 67.55 35.92 45.67
N THR J 285 67.00 36.97 45.08
CA THR J 285 65.93 36.84 44.10
C THR J 285 66.26 37.72 42.90
N VAL J 286 65.48 37.56 41.84
CA VAL J 286 65.75 38.29 40.60
C VAL J 286 65.62 39.80 40.77
N PRO J 287 64.60 40.35 41.45
CA PRO J 287 64.53 41.81 41.59
C PRO J 287 65.74 42.43 42.27
N GLU J 288 66.31 41.76 43.28
CA GLU J 288 67.45 42.36 43.94
C GLU J 288 68.72 42.25 43.10
N LEU J 289 68.84 41.20 42.28
CA LEU J 289 69.87 41.21 41.24
C LEU J 289 69.68 42.39 40.30
N THR J 290 68.44 42.64 39.88
CA THR J 290 68.19 43.74 38.94
C THR J 290 68.56 45.09 39.54
N GLN J 291 68.19 45.32 40.80
CA GLN J 291 68.57 46.58 41.43
C GLN J 291 70.07 46.67 41.68
N GLN J 292 70.72 45.53 41.93
CA GLN J 292 72.17 45.57 42.08
C GLN J 292 72.87 45.89 40.78
N MET J 293 72.36 45.41 39.64
CA MET J 293 72.94 45.81 38.36
C MET J 293 72.67 47.28 38.08
N PHE J 294 71.43 47.73 38.24
CA PHE J 294 71.01 49.00 37.66
C PHE J 294 71.26 50.20 38.56
N ASP J 295 71.93 50.02 39.69
CA ASP J 295 72.30 51.19 40.47
C ASP J 295 73.65 51.73 39.99
N ALA J 296 73.87 53.02 40.22
CA ALA J 296 75.10 53.66 39.80
C ALA J 296 76.32 53.11 40.51
N LYS J 297 76.13 52.54 41.70
CA LYS J 297 77.25 52.06 42.49
C LYS J 297 77.98 50.90 41.83
N ASN J 298 77.26 49.94 41.25
CA ASN J 298 77.86 48.68 40.85
C ASN J 298 78.68 48.77 39.57
N MET J 299 78.70 49.92 38.91
CA MET J 299 79.41 50.06 37.66
C MET J 299 80.93 49.98 37.86
N MET J 300 81.62 49.51 36.83
CA MET J 300 83.07 49.42 36.84
C MET J 300 83.71 50.46 35.93
N ALA J 301 83.08 51.61 35.78
CA ALA J 301 83.68 52.78 35.16
C ALA J 301 83.33 53.98 36.02
N ALA J 302 84.32 54.83 36.32
CA ALA J 302 84.05 55.96 37.19
C ALA J 302 83.25 57.02 36.45
N CYS J 303 82.02 56.69 36.08
CA CYS J 303 81.12 57.62 35.43
C CYS J 303 79.70 57.28 35.81
N ASP J 304 79.06 58.20 36.52
CA ASP J 304 77.73 57.96 37.06
C ASP J 304 76.72 57.90 35.92
N PRO J 305 75.95 56.82 35.79
CA PRO J 305 74.97 56.75 34.70
C PRO J 305 73.87 57.79 34.78
N ARG J 306 73.60 58.35 35.97
CA ARG J 306 72.51 59.31 36.09
C ARG J 306 72.84 60.63 35.41
N HIS J 307 74.12 60.94 35.19
CA HIS J 307 74.45 62.10 34.36
C HIS J 307 74.19 61.88 32.89
N GLY J 308 73.90 60.65 32.47
CA GLY J 308 73.62 60.39 31.08
C GLY J 308 72.36 59.58 30.87
N ARG J 309 72.14 59.14 29.64
CA ARG J 309 71.01 58.29 29.30
C ARG J 309 71.51 57.02 28.64
N TYR J 310 70.92 55.89 29.01
CA TYR J 310 71.30 54.61 28.42
C TYR J 310 70.84 54.54 26.97
N LEU J 311 71.74 54.15 26.08
CA LEU J 311 71.33 53.80 24.73
C LEU J 311 70.73 52.39 24.72
N THR J 312 71.54 51.40 25.10
CA THR J 312 71.11 50.02 25.25
C THR J 312 71.80 49.44 26.47
N VAL J 313 71.16 48.45 27.10
CA VAL J 313 71.77 47.71 28.19
C VAL J 313 71.62 46.23 27.91
N ALA J 314 72.46 45.44 28.58
CA ALA J 314 72.46 44.00 28.43
C ALA J 314 72.54 43.34 29.79
N ALA J 315 71.83 42.23 29.96
CA ALA J 315 71.82 41.48 31.21
C ALA J 315 71.89 39.98 30.86
N VAL J 316 73.07 39.41 30.99
CA VAL J 316 73.29 38.00 30.69
C VAL J 316 73.11 37.24 32.00
N PHE J 317 71.86 36.91 32.32
CA PHE J 317 71.52 36.23 33.56
C PHE J 317 72.03 34.79 33.52
N ARG J 318 72.34 34.27 34.70
CA ARG J 318 72.81 32.90 34.85
C ARG J 318 72.07 32.22 35.99
N GLY J 319 71.82 30.93 35.83
CA GLY J 319 71.17 30.13 36.86
C GLY J 319 69.73 29.80 36.50
N ARG J 320 69.12 28.99 37.37
CA ARG J 320 67.75 28.54 37.19
C ARG J 320 66.80 29.58 37.77
N MET J 321 66.07 30.26 36.90
CA MET J 321 65.20 31.36 37.29
C MET J 321 63.96 31.34 36.40
N SER J 322 63.13 32.36 36.53
CA SER J 322 61.88 32.46 35.78
C SER J 322 61.92 33.66 34.85
N MET J 323 61.64 33.42 33.57
CA MET J 323 61.75 34.48 32.56
C MET J 323 60.71 35.56 32.79
N LYS J 324 59.54 35.21 33.32
CA LYS J 324 58.51 36.20 33.59
C LYS J 324 59.01 37.23 34.59
N GLU J 325 59.66 36.76 35.66
CA GLU J 325 60.21 37.69 36.65
C GLU J 325 61.28 38.57 36.02
N VAL J 326 62.14 38.00 35.20
CA VAL J 326 63.24 38.75 34.59
C VAL J 326 62.70 39.86 33.71
N ASP J 327 61.79 39.53 32.79
CA ASP J 327 61.36 40.55 31.85
C ASP J 327 60.37 41.54 32.45
N GLU J 328 59.59 41.15 33.46
CA GLU J 328 58.83 42.18 34.17
C GLU J 328 59.76 43.13 34.91
N GLN J 329 60.85 42.60 35.49
CA GLN J 329 61.80 43.48 36.15
C GLN J 329 62.44 44.44 35.16
N MET J 330 62.79 43.96 33.96
CA MET J 330 63.44 44.83 32.99
C MET J 330 62.49 45.90 32.46
N LEU J 331 61.23 45.54 32.16
CA LEU J 331 60.31 46.57 31.73
C LEU J 331 59.97 47.54 32.87
N ASN J 332 59.97 47.05 34.11
CA ASN J 332 59.82 47.90 35.27
C ASN J 332 60.92 48.95 35.31
N VAL J 333 62.18 48.50 35.17
CA VAL J 333 63.30 49.43 35.16
C VAL J 333 63.17 50.43 34.03
N GLN J 334 62.76 49.96 32.85
CA GLN J 334 62.67 50.86 31.70
C GLN J 334 61.59 51.91 31.87
N ASN J 335 60.39 51.50 32.31
CA ASN J 335 59.26 52.42 32.25
C ASN J 335 59.13 53.27 33.51
N LYS J 336 59.63 52.78 34.64
CA LYS J 336 59.66 53.60 35.84
C LYS J 336 60.85 54.54 35.89
N ASN J 337 61.76 54.44 34.92
CA ASN J 337 62.92 55.33 34.82
C ASN J 337 63.08 55.80 33.39
N SER J 338 61.97 56.27 32.80
CA SER J 338 61.96 56.59 31.37
C SER J 338 62.91 57.74 31.04
N SER J 339 63.21 58.61 32.00
CA SER J 339 64.07 59.75 31.71
C SER J 339 65.51 59.34 31.49
N TYR J 340 65.94 58.20 32.02
CA TYR J 340 67.33 57.76 31.92
C TYR J 340 67.59 56.85 30.73
N PHE J 341 66.61 56.68 29.86
CA PHE J 341 66.76 55.85 28.67
C PHE J 341 66.39 56.66 27.44
N VAL J 342 67.04 56.34 26.32
CA VAL J 342 66.79 57.09 25.09
C VAL J 342 65.40 56.75 24.56
N GLU J 343 64.66 57.79 24.18
CA GLU J 343 63.28 57.60 23.75
C GLU J 343 63.18 57.03 22.34
N TRP J 344 64.17 57.27 21.49
CA TRP J 344 64.09 56.82 20.11
C TRP J 344 64.49 55.36 19.94
N ILE J 345 64.87 54.69 21.01
CA ILE J 345 65.05 53.24 21.00
C ILE J 345 64.15 52.65 22.08
N PRO J 346 62.96 52.19 21.70
CA PRO J 346 62.13 51.44 22.66
C PRO J 346 62.80 50.12 22.98
N ASN J 347 62.53 49.62 24.19
CA ASN J 347 63.14 48.38 24.69
C ASN J 347 64.67 48.48 24.67
N ASN J 348 65.18 49.38 25.50
CA ASN J 348 66.62 49.56 25.61
C ASN J 348 67.32 48.36 26.22
N VAL J 349 66.59 47.41 26.80
CA VAL J 349 67.19 46.28 27.51
C VAL J 349 67.19 45.07 26.60
N LYS J 350 68.32 44.36 26.55
CA LYS J 350 68.38 43.03 25.97
C LYS J 350 68.69 42.05 27.09
N THR J 351 67.97 40.93 27.10
CA THR J 351 68.07 39.95 28.18
C THR J 351 68.46 38.60 27.63
N ALA J 352 69.47 37.98 28.24
CA ALA J 352 69.86 36.60 27.98
C ALA J 352 69.95 35.88 29.32
N VAL J 353 69.48 34.63 29.35
CA VAL J 353 69.43 33.86 30.57
C VAL J 353 70.09 32.52 30.34
N CYS J 354 71.08 32.18 31.16
CA CYS J 354 71.76 30.90 31.14
C CYS J 354 71.37 30.08 32.36
N ASP J 355 71.46 28.76 32.24
CA ASP J 355 71.00 27.90 33.32
C ASP J 355 72.09 27.49 34.29
N ILE J 356 73.36 27.60 33.90
CA ILE J 356 74.48 27.18 34.74
C ILE J 356 75.03 28.41 35.44
N PRO J 357 74.91 28.52 36.75
CA PRO J 357 75.39 29.71 37.46
C PRO J 357 76.85 29.56 37.83
N PRO J 358 77.50 30.64 38.23
CA PRO J 358 78.88 30.53 38.73
C PRO J 358 78.93 29.73 40.03
N ARG J 359 80.10 29.13 40.27
CA ARG J 359 80.28 28.29 41.43
C ARG J 359 80.08 29.09 42.72
N GLY J 360 79.30 28.53 43.64
CA GLY J 360 79.03 29.16 44.92
C GLY J 360 77.79 30.03 44.95
N LEU J 361 77.29 30.44 43.80
CA LEU J 361 76.07 31.25 43.71
C LEU J 361 75.05 30.48 42.88
N LYS J 362 73.81 30.42 43.37
CA LYS J 362 72.79 29.70 42.65
C LYS J 362 72.24 30.49 41.46
N MET J 363 72.59 31.77 41.36
CA MET J 363 72.35 32.55 40.16
C MET J 363 73.15 33.83 40.24
N SER J 364 73.48 34.39 39.07
CA SER J 364 74.23 35.63 38.98
C SER J 364 73.66 36.46 37.82
N ALA J 365 74.34 37.56 37.53
CA ALA J 365 73.92 38.45 36.46
C ALA J 365 75.08 39.34 36.06
N THR J 366 75.27 39.51 34.76
CA THR J 366 76.31 40.38 34.22
C THR J 366 75.64 41.55 33.52
N PHE J 367 75.97 42.76 33.95
CA PHE J 367 75.42 43.98 33.37
C PHE J 367 76.38 44.51 32.32
N ILE J 368 75.84 44.88 31.16
CA ILE J 368 76.59 45.58 30.12
C ILE J 368 75.75 46.75 29.68
N GLY J 369 76.24 47.97 29.90
CA GLY J 369 75.45 49.14 29.60
C GLY J 369 76.12 50.10 28.63
N ASN J 370 75.50 50.31 27.48
CA ASN J 370 76.00 51.26 26.48
C ASN J 370 75.38 52.61 26.78
N SER J 371 76.00 53.35 27.69
CA SER J 371 75.48 54.62 28.17
C SER J 371 76.25 55.78 27.57
N THR J 372 75.65 56.96 27.66
CA THR J 372 76.31 58.20 27.25
C THR J 372 77.20 58.78 28.33
N ALA J 373 77.23 58.15 29.52
CA ALA J 373 78.11 58.61 30.59
C ALA J 373 79.58 58.38 30.27
N ILE J 374 79.91 57.62 29.22
CA ILE J 374 81.30 57.46 28.83
C ILE J 374 81.86 58.77 28.29
N GLN J 375 80.99 59.72 27.94
CA GLN J 375 81.48 61.01 27.45
C GLN J 375 82.30 61.72 28.50
N GLU J 376 81.93 61.62 29.79
CA GLU J 376 82.73 62.27 30.81
C GLU J 376 84.01 61.50 31.12
N LEU J 377 83.96 60.17 31.05
CA LEU J 377 85.18 59.38 31.22
C LEU J 377 86.20 59.72 30.15
N PHE J 378 85.74 59.91 28.92
CA PHE J 378 86.64 60.33 27.85
C PHE J 378 86.99 61.80 27.93
N LYS J 379 86.09 62.63 28.46
CA LYS J 379 86.35 64.06 28.55
C LYS J 379 87.44 64.36 29.57
N ARG J 380 87.49 63.58 30.65
CA ARG J 380 88.57 63.75 31.62
C ARG J 380 89.92 63.47 30.99
N ILE J 381 90.02 62.37 30.25
CA ILE J 381 91.25 62.04 29.56
C ILE J 381 91.58 63.11 28.53
N SER J 382 90.57 63.60 27.81
CA SER J 382 90.81 64.61 26.79
C SER J 382 91.32 65.91 27.41
N GLU J 383 90.77 66.33 28.55
CA GLU J 383 91.22 67.57 29.15
C GLU J 383 92.60 67.43 29.77
N GLN J 384 92.91 66.27 30.35
CA GLN J 384 94.27 66.04 30.83
C GLN J 384 95.26 66.03 29.68
N PHE J 385 94.88 65.42 28.56
CA PHE J 385 95.72 65.42 27.37
C PHE J 385 95.94 66.84 26.86
N THR J 386 94.88 67.65 26.83
CA THR J 386 95.02 69.03 26.36
C THR J 386 95.90 69.85 27.30
N ALA J 387 95.75 69.65 28.60
CA ALA J 387 96.60 70.35 29.56
C ALA J 387 98.05 69.97 29.38
N MET J 388 98.33 68.69 29.17
CA MET J 388 99.71 68.23 28.97
C MET J 388 100.21 68.45 27.55
N PHE J 389 99.37 68.92 26.63
CA PHE J 389 99.73 68.97 25.23
C PHE J 389 100.02 70.38 24.73
N ARG J 390 99.41 71.41 25.31
CA ARG J 390 99.76 72.77 24.92
C ARG J 390 101.22 73.08 25.23
N ARG J 391 101.72 72.57 26.36
CA ARG J 391 103.07 72.84 26.81
C ARG J 391 104.08 71.85 26.27
N LYS J 392 103.65 70.93 25.40
CA LYS J 392 104.53 69.92 24.80
C LYS J 392 105.19 69.04 25.85
N ALA J 393 104.54 68.87 26.99
CA ALA J 393 105.13 68.10 28.09
C ALA J 393 105.27 66.65 27.70
N PHE J 394 106.46 66.09 27.92
CA PHE J 394 106.80 64.69 27.68
C PHE J 394 106.75 64.31 26.20
N LEU J 395 106.52 65.27 25.30
CA LEU J 395 106.43 64.96 23.88
C LEU J 395 107.74 64.48 23.29
N HIS J 396 108.88 64.86 23.88
CA HIS J 396 110.15 64.50 23.26
C HIS J 396 110.38 63.00 23.29
N TRP J 397 109.85 62.31 24.30
CA TRP J 397 109.93 60.86 24.31
C TRP J 397 109.22 60.25 23.11
N TYR J 398 107.96 60.64 22.90
CA TYR J 398 107.18 60.05 21.82
C TYR J 398 107.74 60.44 20.46
N THR J 399 108.15 61.70 20.30
CA THR J 399 108.75 62.13 19.05
C THR J 399 110.15 61.57 18.86
N GLY J 400 110.74 60.97 19.88
CA GLY J 400 112.04 60.34 19.71
C GLY J 400 112.01 59.08 18.89
N GLU J 401 110.85 58.44 18.78
CA GLU J 401 110.72 57.19 18.03
C GLU J 401 109.90 57.35 16.76
N GLY J 402 110.08 58.47 16.07
CA GLY J 402 109.49 58.66 14.77
C GLY J 402 108.03 59.05 14.76
N MET J 403 107.42 59.22 15.93
CA MET J 403 106.04 59.69 15.98
C MET J 403 106.02 61.21 15.88
N ASP J 404 105.08 61.73 15.10
CA ASP J 404 104.98 63.15 14.89
C ASP J 404 103.91 63.78 15.78
N GLU J 405 103.95 65.10 15.87
CA GLU J 405 102.96 65.85 16.63
C GLU J 405 101.57 65.68 16.03
N MET J 406 101.51 65.47 14.72
CA MET J 406 100.23 65.52 14.02
C MET J 406 99.38 64.30 14.36
N GLU J 407 100.04 63.18 14.69
CA GLU J 407 99.31 62.02 15.20
C GLU J 407 98.64 62.31 16.52
N PHE J 408 99.33 63.02 17.42
CA PHE J 408 98.70 63.44 18.66
C PHE J 408 97.50 64.33 18.40
N THR J 409 97.65 65.29 17.48
CA THR J 409 96.54 66.19 17.18
C THR J 409 95.35 65.42 16.61
N GLU J 410 95.60 64.47 15.71
CA GLU J 410 94.49 63.72 15.12
C GLU J 410 93.85 62.79 16.14
N ALA J 411 94.64 62.22 17.06
CA ALA J 411 94.05 61.40 18.11
C ALA J 411 93.13 62.22 19.00
N GLU J 412 93.58 63.42 19.40
CA GLU J 412 92.74 64.29 20.20
C GLU J 412 91.48 64.66 19.45
N SER J 413 91.61 64.99 18.16
CA SER J 413 90.44 65.39 17.38
C SER J 413 89.44 64.25 17.25
N ASN J 414 89.92 63.03 16.99
CA ASN J 414 89.02 61.89 16.84
C ASN J 414 88.30 61.59 18.15
N MET J 415 89.02 61.64 19.27
CA MET J 415 88.38 61.34 20.55
C MET J 415 87.38 62.42 20.92
N ASN J 416 87.69 63.69 20.62
CA ASN J 416 86.72 64.76 20.83
C ASN J 416 85.50 64.57 19.96
N ASP J 417 85.69 64.11 18.72
CA ASP J 417 84.55 63.85 17.84
C ASP J 417 83.66 62.75 18.41
N LEU J 418 84.27 61.69 18.97
CA LEU J 418 83.48 60.62 19.55
C LEU J 418 82.71 61.12 20.79
N VAL J 419 83.35 61.94 21.62
CA VAL J 419 82.63 62.53 22.75
C VAL J 419 81.48 63.38 22.26
N SER J 420 81.70 64.13 21.18
CA SER J 420 80.64 64.97 20.62
C SER J 420 79.48 64.13 20.13
N GLU J 421 79.76 62.97 19.51
CA GLU J 421 78.66 62.15 18.99
C GLU J 421 77.90 61.45 20.12
N TYR J 422 78.59 61.07 21.21
CA TYR J 422 77.88 60.61 22.39
C TYR J 422 76.96 61.69 22.95
N GLN J 423 77.46 62.93 23.01
CA GLN J 423 76.61 64.03 23.46
C GLN J 423 75.43 64.24 22.52
N GLN J 424 75.67 64.08 21.22
CA GLN J 424 74.61 64.24 20.23
C GLN J 424 73.50 63.22 20.44
N TYR J 425 73.86 61.95 20.58
CA TYR J 425 72.83 60.94 20.74
C TYR J 425 72.28 60.86 22.16
N GLN J 426 72.90 61.56 23.11
CA GLN J 426 72.28 61.71 24.42
C GLN J 426 71.09 62.66 24.38
N ASP J 427 71.22 63.75 23.62
CA ASP J 427 70.21 64.80 23.55
C ASP J 427 69.88 65.36 24.93
N MET K 1 47.42 8.21 6.07
CA MET K 1 47.41 9.47 5.34
C MET K 1 47.30 10.65 6.29
N ARG K 2 46.77 11.76 5.78
CA ARG K 2 46.53 13.00 6.52
C ARG K 2 47.71 13.38 7.42
N GLU K 3 48.90 13.25 6.85
CA GLU K 3 50.12 13.59 7.58
C GLU K 3 50.42 15.08 7.46
N CYS K 4 51.05 15.62 8.50
CA CYS K 4 51.47 17.02 8.51
C CYS K 4 52.88 17.11 9.09
N ILE K 5 53.72 17.93 8.47
CA ILE K 5 55.12 18.04 8.82
C ILE K 5 55.32 19.28 9.70
N SER K 6 56.01 19.11 10.81
CA SER K 6 56.27 20.20 11.74
C SER K 6 57.69 20.70 11.57
N ILE K 7 57.83 21.99 11.28
CA ILE K 7 59.13 22.62 11.09
C ILE K 7 59.36 23.57 12.24
N HIS K 8 60.44 23.35 12.99
CA HIS K 8 60.79 24.19 14.13
C HIS K 8 62.06 24.94 13.81
N VAL K 9 62.00 26.27 13.84
CA VAL K 9 63.10 27.13 13.45
C VAL K 9 63.40 28.07 14.60
N GLY K 10 64.67 28.19 14.96
CA GLY K 10 65.09 29.07 16.02
C GLY K 10 64.94 28.44 17.38
N GLN K 11 65.40 29.17 18.40
CA GLN K 11 65.34 28.66 19.76
C GLN K 11 63.90 28.48 20.23
N ALA K 12 63.06 29.49 19.97
CA ALA K 12 61.65 29.40 20.35
C ALA K 12 60.98 28.23 19.64
N GLY K 13 61.23 28.09 18.35
CA GLY K 13 60.65 26.99 17.61
C GLY K 13 61.10 25.63 18.14
N VAL K 14 62.39 25.51 18.43
CA VAL K 14 62.92 24.22 18.90
C VAL K 14 62.35 23.88 20.27
N GLN K 15 62.23 24.86 21.16
CA GLN K 15 61.73 24.55 22.50
C GLN K 15 60.22 24.28 22.50
N ILE K 16 59.47 25.04 21.71
CA ILE K 16 58.05 24.75 21.55
C ILE K 16 57.87 23.38 20.89
N GLY K 17 58.77 23.01 19.99
CA GLY K 17 58.72 21.69 19.41
C GLY K 17 59.02 20.59 20.40
N ASN K 18 59.96 20.84 21.32
CA ASN K 18 60.23 19.88 22.38
C ASN K 18 58.98 19.65 23.22
N ALA K 19 58.32 20.74 23.61
CA ALA K 19 57.08 20.61 24.35
C ALA K 19 56.02 19.87 23.54
N CYS K 20 55.89 20.23 22.26
CA CYS K 20 54.87 19.62 21.42
C CYS K 20 55.10 18.13 21.25
N TRP K 21 56.35 17.71 21.05
CA TRP K 21 56.63 16.30 20.84
C TRP K 21 56.55 15.49 22.12
N GLU K 22 56.89 16.10 23.26
CA GLU K 22 56.61 15.44 24.53
C GLU K 22 55.12 15.22 24.70
N LEU K 23 54.31 16.24 24.39
CA LEU K 23 52.87 16.11 24.51
C LEU K 23 52.32 15.05 23.57
N TYR K 24 52.82 15.01 22.33
CA TYR K 24 52.32 14.05 21.36
C TYR K 24 52.74 12.62 21.69
N CYS K 25 53.95 12.45 22.23
CA CYS K 25 54.36 11.13 22.69
C CYS K 25 53.47 10.67 23.84
N LEU K 26 53.09 11.59 24.72
CA LEU K 26 52.12 11.25 25.76
C LEU K 26 50.75 10.93 25.16
N GLU K 27 50.36 11.62 24.08
CA GLU K 27 49.01 11.48 23.54
C GLU K 27 48.79 10.08 22.98
N HIS K 28 49.71 9.63 22.13
CA HIS K 28 49.56 8.35 21.45
C HIS K 28 50.26 7.20 22.16
N GLY K 29 50.80 7.44 23.35
CA GLY K 29 51.48 6.39 24.07
C GLY K 29 52.88 6.09 23.62
N ILE K 30 53.45 6.90 22.72
CA ILE K 30 54.82 6.70 22.29
C ILE K 30 55.76 6.98 23.44
N GLN K 31 56.64 6.02 23.74
CA GLN K 31 57.65 6.23 24.75
C GLN K 31 58.72 7.19 24.24
N PRO K 32 59.51 7.80 25.13
CA PRO K 32 60.54 8.73 24.68
C PRO K 32 61.56 8.12 23.74
N ASP K 33 61.79 6.81 23.82
CA ASP K 33 62.69 6.14 22.89
C ASP K 33 61.99 5.69 21.61
N GLY K 34 60.70 5.96 21.47
CA GLY K 34 59.98 5.66 20.25
C GLY K 34 59.40 4.26 20.16
N GLN K 35 58.87 3.73 21.25
CA GLN K 35 58.29 2.40 21.25
C GLN K 35 56.92 2.41 21.92
N MET K 36 56.03 1.55 21.41
CA MET K 36 54.73 1.33 22.04
C MET K 36 54.81 0.15 22.99
N PRO K 37 54.60 0.36 24.29
CA PRO K 37 54.59 -0.75 25.26
C PRO K 37 53.29 -1.54 25.20
N ASP K 47 47.72 3.28 12.94
CA ASP K 47 46.57 3.73 13.69
C ASP K 47 46.38 5.24 13.58
N SER K 48 46.21 5.90 14.73
CA SER K 48 45.95 7.33 14.79
C SER K 48 47.23 8.15 14.93
N PHE K 49 48.37 7.52 15.16
CA PHE K 49 49.63 8.25 15.25
C PHE K 49 50.21 8.59 13.89
N ASN K 50 49.63 8.07 12.80
CA ASN K 50 50.21 8.23 11.47
C ASN K 50 50.21 9.69 11.04
N THR K 51 49.37 10.53 11.66
CA THR K 51 49.35 11.94 11.32
C THR K 51 50.71 12.59 11.59
N PHE K 52 51.32 12.26 12.73
CA PHE K 52 52.57 12.89 13.12
C PHE K 52 53.77 11.95 13.17
N PHE K 53 53.56 10.65 13.37
CA PHE K 53 54.64 9.69 13.52
C PHE K 53 54.61 8.71 12.36
N SER K 54 55.79 8.42 11.81
CA SER K 54 55.94 7.40 10.79
C SER K 54 56.58 6.17 11.40
N GLU K 55 55.91 5.02 11.26
CA GLU K 55 56.39 3.78 11.84
C GLU K 55 57.53 3.25 10.97
N THR K 56 58.70 3.08 11.57
CA THR K 56 59.89 2.67 10.84
C THR K 56 60.38 1.35 11.40
N GLY K 57 60.66 0.40 10.51
CA GLY K 57 61.20 -0.88 10.94
C GLY K 57 60.22 -1.65 11.79
N ALA K 58 60.67 -2.09 12.96
CA ALA K 58 59.86 -2.91 13.86
C ALA K 58 59.61 -2.14 15.14
N GLY K 59 58.38 -1.65 15.30
CA GLY K 59 57.98 -1.00 16.53
C GLY K 59 58.75 0.27 16.87
N LYS K 60 59.14 1.03 15.85
CA LYS K 60 59.85 2.28 16.06
C LYS K 60 59.10 3.39 15.35
N HIS K 61 58.86 4.49 16.06
CA HIS K 61 58.14 5.64 15.53
C HIS K 61 59.07 6.83 15.48
N VAL K 62 59.11 7.50 14.33
CA VAL K 62 59.96 8.66 14.13
C VAL K 62 59.05 9.86 13.86
N PRO K 63 59.16 10.94 14.64
CA PRO K 63 58.32 12.11 14.42
C PRO K 63 58.58 12.73 13.05
N ARG K 64 57.52 13.19 12.42
CA ARG K 64 57.62 13.90 11.14
C ARG K 64 57.91 15.37 11.40
N ALA K 65 59.12 15.60 11.90
CA ALA K 65 59.55 16.94 12.28
C ALA K 65 60.97 17.17 11.80
N VAL K 66 61.31 18.45 11.64
CA VAL K 66 62.67 18.87 11.35
C VAL K 66 63.00 20.03 12.29
N PHE K 67 64.14 19.92 12.97
CA PHE K 67 64.60 20.93 13.92
C PHE K 67 65.79 21.64 13.30
N VAL K 68 65.64 22.92 13.00
CA VAL K 68 66.68 23.70 12.35
C VAL K 68 67.00 24.91 13.20
N ASP K 69 68.29 25.13 13.46
CA ASP K 69 68.75 26.32 14.14
C ASP K 69 70.18 26.57 13.71
N LEU K 70 70.50 27.82 13.41
CA LEU K 70 71.85 28.17 12.98
C LEU K 70 72.86 28.03 14.12
N GLU K 71 72.40 28.03 15.37
CA GLU K 71 73.21 27.80 16.55
C GLU K 71 73.03 26.36 17.03
N PRO K 72 74.07 25.76 17.61
CA PRO K 72 74.01 24.34 17.93
C PRO K 72 73.39 24.03 19.29
N THR K 73 73.34 25.02 20.17
CA THR K 73 73.13 24.76 21.60
C THR K 73 71.81 24.05 21.87
N VAL K 74 70.69 24.54 21.31
CA VAL K 74 69.41 23.92 21.59
C VAL K 74 69.30 22.56 20.92
N ILE K 75 69.84 22.42 19.72
CA ILE K 75 69.75 21.16 19.01
C ILE K 75 70.57 20.08 19.71
N ASP K 76 71.78 20.43 20.19
CA ASP K 76 72.52 19.45 20.97
C ASP K 76 71.91 19.22 22.35
N GLU K 77 71.17 20.18 22.88
CA GLU K 77 70.39 19.90 24.09
C GLU K 77 69.35 18.83 23.82
N VAL K 78 68.70 18.90 22.66
CA VAL K 78 67.77 17.85 22.26
C VAL K 78 68.50 16.54 22.02
N ARG K 79 69.68 16.61 21.39
CA ARG K 79 70.43 15.41 21.01
C ARG K 79 70.92 14.61 22.21
N THR K 80 71.00 15.22 23.39
CA THR K 80 71.45 14.53 24.60
C THR K 80 70.37 14.46 25.66
N GLY K 81 69.17 14.91 25.36
CA GLY K 81 68.09 14.92 26.33
C GLY K 81 67.37 13.59 26.40
N THR K 82 66.15 13.64 26.95
CA THR K 82 65.36 12.43 27.08
C THR K 82 64.89 11.90 25.73
N TYR K 83 64.64 12.78 24.77
CA TYR K 83 64.13 12.41 23.46
C TYR K 83 65.23 12.33 22.41
N ARG K 84 66.42 11.90 22.80
CA ARG K 84 67.48 11.72 21.81
C ARG K 84 67.18 10.56 20.88
N GLN K 85 66.50 9.54 21.38
CA GLN K 85 66.17 8.37 20.57
C GLN K 85 64.97 8.59 19.68
N LEU K 86 64.18 9.64 19.93
CA LEU K 86 62.97 9.85 19.14
C LEU K 86 63.32 10.30 17.73
N PHE K 87 64.22 11.27 17.60
CA PHE K 87 64.53 11.88 16.32
C PHE K 87 65.78 11.26 15.72
N HIS K 88 65.74 10.97 14.40
CA HIS K 88 67.05 10.55 13.96
C HIS K 88 67.89 11.77 13.57
N PRO K 89 69.22 11.67 13.70
CA PRO K 89 70.06 12.88 13.78
C PRO K 89 69.93 13.83 12.60
N GLU K 90 69.79 13.34 11.38
CA GLU K 90 69.78 14.25 10.24
C GLU K 90 68.51 15.08 10.13
N GLN K 91 67.46 14.74 10.89
CA GLN K 91 66.35 15.69 11.04
C GLN K 91 66.77 16.90 11.85
N LEU K 92 67.56 16.69 12.90
CA LEU K 92 68.04 17.79 13.74
C LEU K 92 69.17 18.49 13.00
N ILE K 93 68.86 19.60 12.37
CA ILE K 93 69.81 20.33 11.53
C ILE K 93 70.44 21.44 12.36
N THR K 94 71.74 21.66 12.17
CA THR K 94 72.51 22.54 13.01
C THR K 94 73.51 23.32 12.15
N GLY K 95 73.60 24.63 12.39
CA GLY K 95 74.58 25.47 11.74
C GLY K 95 75.84 25.60 12.58
N LYS K 96 76.57 26.68 12.33
CA LYS K 96 77.78 27.00 13.08
C LYS K 96 77.60 28.24 13.95
N GLU K 97 77.24 29.36 13.35
CA GLU K 97 77.00 30.61 14.07
C GLU K 97 75.54 30.99 13.94
N ASP K 98 74.96 31.50 15.03
CA ASP K 98 73.58 31.90 15.02
C ASP K 98 73.39 33.16 14.17
N ALA K 99 72.14 33.44 13.84
CA ALA K 99 71.82 34.67 13.12
C ALA K 99 72.06 35.90 13.99
N ALA K 100 72.13 35.73 15.31
CA ALA K 100 72.41 36.81 16.25
C ALA K 100 71.40 37.95 16.10
N ASN K 101 70.12 37.58 16.23
CA ASN K 101 69.01 38.53 16.20
C ASN K 101 69.04 39.41 14.95
N ASN K 102 69.58 38.89 13.86
CA ASN K 102 69.72 39.65 12.62
C ASN K 102 68.95 38.94 11.53
N TYR K 103 67.98 39.65 10.94
CA TYR K 103 67.23 39.07 9.81
C TYR K 103 68.15 38.82 8.63
N ALA K 104 69.09 39.73 8.38
CA ALA K 104 69.99 39.58 7.25
C ALA K 104 70.85 38.33 7.39
N ARG K 105 71.35 38.06 8.59
CA ARG K 105 72.18 36.88 8.79
C ARG K 105 71.40 35.60 8.52
N GLY K 106 70.16 35.52 9.02
CA GLY K 106 69.36 34.33 8.81
C GLY K 106 68.79 34.20 7.42
N HIS K 107 68.76 35.29 6.65
CA HIS K 107 68.14 35.27 5.34
C HIS K 107 69.14 35.17 4.19
N TYR K 108 70.27 35.86 4.25
CA TYR K 108 71.15 36.01 3.10
C TYR K 108 72.51 35.36 3.28
N THR K 109 73.13 35.46 4.46
CA THR K 109 74.49 34.98 4.64
C THR K 109 74.55 33.63 5.34
N ILE K 110 73.99 33.53 6.55
CA ILE K 110 74.09 32.29 7.30
C ILE K 110 72.98 31.31 6.93
N GLY K 111 71.80 31.82 6.55
CA GLY K 111 70.71 30.93 6.19
C GLY K 111 70.87 30.30 4.82
N LYS K 112 71.66 30.92 3.95
CA LYS K 112 71.77 30.42 2.57
C LYS K 112 72.64 29.19 2.46
N GLU K 113 73.48 28.91 3.46
CA GLU K 113 74.36 27.77 3.41
C GLU K 113 73.76 26.52 4.05
N ILE K 114 72.53 26.60 4.54
CA ILE K 114 71.89 25.49 5.22
C ILE K 114 70.51 25.25 4.63
N ILE K 115 70.08 26.14 3.73
CA ILE K 115 68.72 26.06 3.21
C ILE K 115 68.54 24.84 2.30
N ASP K 116 69.56 24.48 1.54
CA ASP K 116 69.43 23.30 0.69
C ASP K 116 69.25 22.03 1.50
N LEU K 117 69.95 21.93 2.63
CA LEU K 117 69.86 20.73 3.45
C LEU K 117 68.49 20.62 4.12
N VAL K 118 67.95 21.74 4.59
CA VAL K 118 66.62 21.68 5.20
C VAL K 118 65.57 21.36 4.13
N LEU K 119 65.72 21.93 2.93
CA LEU K 119 64.75 21.63 1.88
C LEU K 119 64.81 20.15 1.46
N ASP K 120 66.00 19.57 1.30
CA ASP K 120 65.95 18.17 0.87
C ASP K 120 65.60 17.24 2.03
N ARG K 121 65.85 17.63 3.27
CA ARG K 121 65.34 16.84 4.39
C ARG K 121 63.82 16.88 4.44
N ILE K 122 63.24 18.06 4.19
CA ILE K 122 61.78 18.15 4.11
C ILE K 122 61.26 17.33 2.94
N ARG K 123 61.99 17.32 1.83
CA ARG K 123 61.58 16.51 0.69
C ARG K 123 61.61 15.01 1.03
N LYS K 124 62.67 14.56 1.69
CA LYS K 124 62.76 13.16 2.09
C LYS K 124 61.69 12.80 3.12
N LEU K 125 61.26 13.77 3.92
CA LEU K 125 60.22 13.52 4.91
C LEU K 125 58.82 13.61 4.31
N ALA K 126 58.65 14.29 3.19
CA ALA K 126 57.34 14.51 2.61
C ALA K 126 56.95 13.45 1.58
N ASP K 127 57.90 12.99 0.76
CA ASP K 127 57.60 11.92 -0.17
C ASP K 127 57.35 10.59 0.54
N GLN K 128 57.80 10.45 1.79
CA GLN K 128 57.55 9.24 2.55
C GLN K 128 56.06 9.09 2.85
N CYS K 129 55.38 10.17 3.19
CA CYS K 129 53.95 10.14 3.48
C CYS K 129 53.16 10.35 2.20
N THR K 130 51.97 9.75 2.17
CA THR K 130 51.14 9.75 0.98
C THR K 130 50.01 10.77 1.02
N GLY K 131 49.69 11.31 2.18
CA GLY K 131 48.57 12.22 2.31
C GLY K 131 48.95 13.51 3.00
N LEU K 132 50.12 14.05 2.66
CA LEU K 132 50.62 15.27 3.29
C LEU K 132 49.57 16.36 3.28
N GLN K 133 49.20 16.81 4.47
CA GLN K 133 48.13 17.79 4.60
C GLN K 133 48.65 19.21 4.67
N GLY K 134 49.78 19.43 5.32
CA GLY K 134 50.35 20.75 5.38
C GLY K 134 51.59 20.78 6.24
N PHE K 135 52.10 21.99 6.46
CA PHE K 135 53.29 22.22 7.27
C PHE K 135 52.92 23.05 8.48
N LEU K 136 53.48 22.67 9.63
CA LEU K 136 53.29 23.41 10.88
C LEU K 136 54.62 24.04 11.26
N VAL K 137 54.82 25.28 10.84
CA VAL K 137 56.09 25.97 11.06
C VAL K 137 56.02 26.75 12.36
N PHE K 138 56.94 26.47 13.26
CA PHE K 138 57.03 27.13 14.56
C PHE K 138 58.27 28.02 14.57
N HIS K 139 58.09 29.28 14.94
CA HIS K 139 59.20 30.22 14.96
C HIS K 139 58.79 31.41 15.84
N SER K 140 59.66 32.42 15.89
CA SER K 140 59.39 33.65 16.60
C SER K 140 59.73 34.83 15.71
N PHE K 141 58.97 35.91 15.85
CA PHE K 141 59.20 37.08 15.02
C PHE K 141 60.48 37.82 15.41
N GLY K 142 60.78 37.89 16.71
CA GLY K 142 61.90 38.70 17.17
C GLY K 142 63.25 38.16 16.75
N GLY K 143 63.44 36.85 16.81
CA GLY K 143 64.75 36.28 16.58
C GLY K 143 65.22 36.43 15.15
N GLY K 144 66.53 36.51 14.99
CA GLY K 144 67.09 36.61 13.65
C GLY K 144 66.87 35.36 12.82
N THR K 145 67.11 34.19 13.43
CA THR K 145 66.84 32.94 12.72
C THR K 145 65.36 32.79 12.44
N GLY K 146 64.54 32.91 13.48
CA GLY K 146 63.10 32.70 13.35
C GLY K 146 62.41 33.68 12.44
N SER K 147 63.07 34.78 12.08
CA SER K 147 62.56 35.69 11.06
C SER K 147 63.17 35.39 9.70
N GLY K 148 64.49 35.53 9.57
CA GLY K 148 65.11 35.44 8.26
C GLY K 148 65.03 34.03 7.67
N PHE K 149 65.46 33.03 8.44
CA PHE K 149 65.49 31.69 7.91
C PHE K 149 64.09 31.14 7.70
N THR K 150 63.16 31.48 8.59
CA THR K 150 61.78 31.09 8.40
C THR K 150 61.21 31.72 7.13
N SER K 151 61.52 32.99 6.88
CA SER K 151 61.10 33.62 5.63
C SER K 151 61.65 32.86 4.44
N LEU K 152 62.97 32.62 4.42
CA LEU K 152 63.60 31.92 3.31
C LEU K 152 62.96 30.56 3.07
N LEU K 153 62.71 29.81 4.14
CA LEU K 153 62.03 28.54 4.03
C LEU K 153 60.62 28.71 3.50
N MET K 154 59.96 29.83 3.82
CA MET K 154 58.63 30.07 3.24
C MET K 154 58.69 30.26 1.73
N GLU K 155 59.63 31.07 1.22
CA GLU K 155 59.70 31.17 -0.24
C GLU K 155 60.05 29.84 -0.86
N ARG K 156 60.96 29.08 -0.25
CA ARG K 156 61.33 27.80 -0.84
C ARG K 156 60.16 26.82 -0.86
N LEU K 157 59.41 26.75 0.23
CA LEU K 157 58.25 25.86 0.28
C LEU K 157 57.17 26.32 -0.69
N SER K 158 56.97 27.63 -0.81
CA SER K 158 55.96 28.14 -1.74
C SER K 158 56.31 27.82 -3.18
N VAL K 159 57.58 28.00 -3.57
CA VAL K 159 57.95 27.71 -4.94
C VAL K 159 58.04 26.20 -5.20
N ASP K 160 58.26 25.41 -4.16
CA ASP K 160 58.41 23.97 -4.34
C ASP K 160 57.09 23.23 -4.13
N TYR K 161 56.43 23.45 -3.01
CA TYR K 161 55.23 22.68 -2.68
C TYR K 161 53.95 23.36 -3.15
N GLY K 162 53.94 24.68 -3.23
CA GLY K 162 52.84 25.39 -3.87
C GLY K 162 51.52 25.32 -3.15
N LYS K 163 50.57 24.58 -3.73
CA LYS K 163 49.20 24.54 -3.26
C LYS K 163 49.06 23.89 -1.89
N LYS K 164 50.08 23.19 -1.42
CA LYS K 164 49.99 22.52 -0.13
C LYS K 164 49.88 23.55 0.99
N SER K 165 49.04 23.24 1.98
CA SER K 165 48.75 24.18 3.05
C SER K 165 49.97 24.42 3.93
N LYS K 166 50.02 25.61 4.53
CA LYS K 166 51.12 26.00 5.42
C LYS K 166 50.53 26.75 6.61
N LEU K 167 50.40 26.07 7.74
CA LEU K 167 49.99 26.68 8.99
C LEU K 167 51.25 27.06 9.77
N GLU K 168 51.36 28.34 10.12
CA GLU K 168 52.56 28.85 10.75
C GLU K 168 52.24 29.34 12.16
N PHE K 169 52.99 28.83 13.14
CA PHE K 169 52.90 29.31 14.51
C PHE K 169 54.04 30.27 14.78
N SER K 170 53.73 31.40 15.41
CA SER K 170 54.73 32.43 15.64
C SER K 170 54.55 33.02 17.03
N ILE K 171 55.64 33.56 17.55
CA ILE K 171 55.63 34.30 18.81
C ILE K 171 55.79 35.77 18.48
N TYR K 172 54.84 36.58 18.91
CA TYR K 172 54.78 37.98 18.57
C TYR K 172 55.27 38.85 19.71
N PRO K 173 56.11 39.85 19.44
CA PRO K 173 56.59 40.72 20.51
C PRO K 173 55.47 41.48 21.19
N ALA K 174 55.58 41.62 22.50
CA ALA K 174 54.59 42.31 23.30
C ALA K 174 54.83 43.81 23.31
N PRO K 175 53.82 44.59 23.70
CA PRO K 175 54.07 46.03 23.89
C PRO K 175 55.14 46.33 24.93
N GLN K 176 55.21 45.52 26.00
CA GLN K 176 56.20 45.74 27.04
C GLN K 176 57.19 44.59 27.15
N VAL K 177 56.72 43.36 27.30
CA VAL K 177 57.58 42.20 27.40
C VAL K 177 58.29 42.01 26.06
N SER K 178 59.59 42.25 26.03
CA SER K 178 60.37 42.09 24.80
C SER K 178 61.84 42.09 25.17
N THR K 179 62.56 41.06 24.75
CA THR K 179 63.93 40.81 25.17
C THR K 179 64.97 41.19 24.12
N ALA K 180 64.54 41.72 22.98
CA ALA K 180 65.46 42.08 21.89
C ALA K 180 65.30 43.56 21.56
N VAL K 181 66.43 44.26 21.47
CA VAL K 181 66.39 45.68 21.12
C VAL K 181 66.04 45.87 19.64
N VAL K 182 66.50 44.96 18.79
CA VAL K 182 66.35 45.11 17.34
C VAL K 182 65.15 44.29 16.89
N GLU K 183 64.27 43.96 17.83
CA GLU K 183 63.12 43.10 17.56
C GLU K 183 62.15 43.66 16.52
N PRO K 184 61.72 44.92 16.58
CA PRO K 184 60.73 45.40 15.58
C PRO K 184 61.21 45.30 14.14
N TYR K 185 62.51 45.51 13.89
CA TYR K 185 63.03 45.37 12.53
C TYR K 185 62.79 43.97 11.99
N ASN K 186 63.18 42.96 12.78
CA ASN K 186 62.97 41.57 12.37
C ASN K 186 61.49 41.26 12.20
N SER K 187 60.66 41.78 13.12
CA SER K 187 59.23 41.51 13.05
C SER K 187 58.61 42.05 11.77
N ILE K 188 58.96 43.28 11.39
CA ILE K 188 58.42 43.85 10.16
C ILE K 188 58.94 43.09 8.94
N LEU K 189 60.24 42.79 8.94
CA LEU K 189 60.86 42.16 7.79
C LEU K 189 60.30 40.76 7.54
N THR K 190 60.02 40.00 8.61
CA THR K 190 59.50 38.65 8.40
C THR K 190 58.02 38.67 8.01
N THR K 191 57.24 39.63 8.51
CA THR K 191 55.85 39.70 8.09
C THR K 191 55.72 40.13 6.64
N HIS K 192 56.67 40.92 6.14
CA HIS K 192 56.60 41.31 4.73
C HIS K 192 56.61 40.10 3.79
N THR K 193 57.16 38.97 4.21
CA THR K 193 57.12 37.74 3.41
C THR K 193 56.08 36.74 3.91
N THR K 194 55.80 36.73 5.21
CA THR K 194 54.75 35.89 5.76
C THR K 194 53.39 36.26 5.17
N LEU K 195 53.20 37.53 4.79
CA LEU K 195 51.92 37.96 4.25
C LEU K 195 51.52 37.17 3.00
N GLU K 196 52.50 36.73 2.22
CA GLU K 196 52.16 36.04 0.98
C GLU K 196 52.61 34.58 0.94
N HIS K 197 53.58 34.18 1.77
CA HIS K 197 54.05 32.80 1.73
C HIS K 197 53.48 31.93 2.83
N SER K 198 52.47 32.41 3.56
CA SER K 198 51.84 31.62 4.60
C SER K 198 50.32 31.62 4.38
N ASP K 199 49.68 30.52 4.74
CA ASP K 199 48.25 30.38 4.51
C ASP K 199 47.42 30.81 5.71
N CYS K 200 47.84 30.44 6.91
CA CYS K 200 47.13 30.88 8.12
C CYS K 200 48.18 30.95 9.24
N ALA K 201 48.71 32.13 9.47
CA ALA K 201 49.77 32.35 10.46
C ALA K 201 49.13 32.70 11.78
N PHE K 202 49.28 31.82 12.77
CA PHE K 202 48.73 32.07 14.09
C PHE K 202 49.61 33.05 14.86
N MET K 203 49.07 33.55 15.96
CA MET K 203 49.70 34.63 16.70
C MET K 203 49.66 34.31 18.18
N VAL K 204 50.81 34.41 18.84
CA VAL K 204 50.91 34.20 20.28
C VAL K 204 51.87 35.25 20.83
N ASP K 205 51.51 35.85 21.96
CA ASP K 205 52.32 36.88 22.59
C ASP K 205 52.69 36.41 23.99
N ASN K 206 54.00 36.46 24.30
CA ASN K 206 54.50 35.91 25.56
C ASN K 206 53.93 36.62 26.78
N GLU K 207 53.72 37.94 26.68
CA GLU K 207 53.20 38.67 27.83
C GLU K 207 51.79 38.19 28.20
N ALA K 208 50.95 37.96 27.20
CA ALA K 208 49.61 37.47 27.48
C ALA K 208 49.64 36.08 28.09
N ILE K 209 50.57 35.24 27.64
CA ILE K 209 50.66 33.89 28.19
C ILE K 209 51.11 33.96 29.65
N TYR K 210 52.07 34.85 29.95
CA TYR K 210 52.47 35.07 31.34
C TYR K 210 51.30 35.54 32.17
N ASP K 211 50.50 36.46 31.64
CA ASP K 211 49.37 37.01 32.37
C ASP K 211 48.35 35.91 32.66
N ILE K 212 48.07 35.06 31.68
CA ILE K 212 47.16 33.94 31.86
C ILE K 212 47.71 32.97 32.91
N CYS K 213 49.00 32.67 32.84
CA CYS K 213 49.60 31.75 33.81
C CYS K 213 49.50 32.31 35.23
N ARG K 214 49.74 33.61 35.39
CA ARG K 214 49.78 34.18 36.73
C ARG K 214 48.40 34.40 37.31
N ARG K 215 47.37 34.58 36.47
CA ARG K 215 46.03 34.75 37.04
C ARG K 215 45.26 33.44 37.14
N ASN K 216 45.33 32.60 36.12
CA ASN K 216 44.53 31.37 36.11
C ASN K 216 45.28 30.22 36.75
N LEU K 217 46.50 29.96 36.30
CA LEU K 217 47.29 28.84 36.81
C LEU K 217 48.03 29.18 38.10
N ASP K 218 47.77 30.36 38.67
CA ASP K 218 48.37 30.94 39.88
C ASP K 218 49.82 30.53 40.06
N ILE K 219 50.62 30.67 39.00
CA ILE K 219 52.06 30.49 39.08
C ILE K 219 52.70 31.86 39.23
N GLU K 220 53.42 32.05 40.33
CA GLU K 220 54.07 33.34 40.55
C GLU K 220 55.25 33.54 39.60
N ARG K 221 55.95 32.45 39.27
CA ARG K 221 57.21 32.52 38.52
C ARG K 221 57.17 31.53 37.36
N PRO K 222 56.44 31.85 36.29
CA PRO K 222 56.41 30.96 35.12
C PRO K 222 57.60 31.19 34.20
N THR K 223 58.09 30.10 33.63
CA THR K 223 59.23 30.10 32.73
C THR K 223 58.76 29.84 31.30
N TYR K 224 59.72 29.65 30.38
CA TYR K 224 59.36 29.29 29.00
C TYR K 224 58.75 27.90 28.90
N THR K 225 59.04 27.00 29.84
CA THR K 225 58.51 25.65 29.70
C THR K 225 56.99 25.63 29.89
N ASN K 226 56.46 26.45 30.80
CA ASN K 226 55.01 26.57 30.93
C ASN K 226 54.41 27.23 29.70
N LEU K 227 55.11 28.22 29.15
CA LEU K 227 54.64 28.91 27.96
C LEU K 227 54.50 27.95 26.80
N ASN K 228 55.54 27.14 26.58
CA ASN K 228 55.52 26.16 25.52
C ASN K 228 54.53 25.04 25.82
N ARG K 229 54.30 24.74 27.09
CA ARG K 229 53.24 23.77 27.42
C ARG K 229 51.88 24.26 26.96
N LEU K 230 51.58 25.53 27.23
CA LEU K 230 50.30 26.09 26.77
C LEU K 230 50.23 26.12 25.25
N ILE K 231 51.30 26.54 24.59
CA ILE K 231 51.30 26.59 23.13
C ILE K 231 51.14 25.19 22.55
N SER K 232 51.80 24.20 23.16
CA SER K 232 51.69 22.82 22.70
C SER K 232 50.28 22.28 22.89
N GLN K 233 49.62 22.67 23.98
CA GLN K 233 48.23 22.30 24.15
C GLN K 233 47.37 22.87 23.04
N ILE K 234 47.64 24.11 22.64
CA ILE K 234 46.90 24.71 21.54
C ILE K 234 47.12 23.93 20.24
N VAL K 235 48.38 23.60 19.95
CA VAL K 235 48.68 22.89 18.70
C VAL K 235 48.06 21.50 18.70
N SER K 236 48.10 20.81 19.84
CA SER K 236 47.46 19.51 19.94
C SER K 236 45.96 19.62 19.74
N SER K 237 45.34 20.66 20.29
CA SER K 237 43.90 20.86 20.08
C SER K 237 43.60 21.10 18.60
N ILE K 238 44.47 21.83 17.91
CA ILE K 238 44.26 22.10 16.49
C ILE K 238 44.37 20.81 15.68
N THR K 239 45.37 19.98 15.98
CA THR K 239 45.62 18.78 15.18
C THR K 239 44.89 17.55 15.68
N ALA K 240 44.09 17.66 16.75
CA ALA K 240 43.39 16.50 17.27
C ALA K 240 42.41 15.91 16.26
N SER K 241 41.80 16.76 15.42
CA SER K 241 40.89 16.26 14.41
C SER K 241 41.63 15.35 13.42
N LEU K 242 42.84 15.74 13.04
CA LEU K 242 43.65 14.87 12.19
C LEU K 242 44.07 13.61 12.93
N ARG K 243 44.38 13.73 14.21
CA ARG K 243 44.95 12.61 14.96
C ARG K 243 43.91 11.72 15.61
N PHE K 244 42.64 12.10 15.65
CA PHE K 244 41.63 11.31 16.33
C PHE K 244 40.33 11.40 15.53
N ASP K 245 39.23 10.98 16.16
CA ASP K 245 37.91 11.05 15.56
C ASP K 245 36.92 11.69 16.53
N GLY K 246 35.91 12.33 15.97
CA GLY K 246 34.93 13.03 16.78
C GLY K 246 33.61 13.26 16.08
N ALA K 247 32.69 13.97 16.74
CA ALA K 247 31.40 14.26 16.13
C ALA K 247 31.56 15.12 14.88
N LEU K 248 32.42 16.13 14.95
CA LEU K 248 32.73 16.99 13.82
C LEU K 248 34.23 17.08 13.65
N ASN K 249 34.71 16.82 12.44
CA ASN K 249 36.13 16.79 12.14
C ASN K 249 36.50 17.99 11.28
N VAL K 250 37.53 18.72 11.70
CA VAL K 250 37.99 19.91 11.01
C VAL K 250 39.37 19.62 10.43
N ASP K 251 39.47 19.64 9.11
CA ASP K 251 40.74 19.45 8.44
C ASP K 251 41.48 20.79 8.38
N LEU K 252 42.73 20.75 7.92
CA LEU K 252 43.51 21.98 7.80
C LEU K 252 42.96 22.88 6.69
N THR K 253 42.64 22.30 5.54
CA THR K 253 42.05 23.08 4.46
C THR K 253 40.67 23.60 4.86
N GLU K 254 39.90 22.77 5.56
CA GLU K 254 38.61 23.21 6.10
C GLU K 254 38.81 24.39 7.04
N PHE K 255 39.82 24.30 7.90
CA PHE K 255 40.16 25.38 8.81
C PHE K 255 40.42 26.68 8.07
N GLN K 256 41.28 26.61 7.04
CA GLN K 256 41.61 27.81 6.28
C GLN K 256 40.39 28.38 5.56
N THR K 257 39.58 27.51 4.96
CA THR K 257 38.39 27.98 4.24
C THR K 257 37.44 28.69 5.18
N ASN K 258 37.30 28.18 6.40
CA ASN K 258 36.34 28.76 7.33
C ASN K 258 36.87 29.94 8.12
N LEU K 259 38.18 30.14 8.20
CA LEU K 259 38.71 31.19 9.06
C LEU K 259 39.29 32.40 8.34
N VAL K 260 39.65 32.27 7.08
CA VAL K 260 40.35 33.32 6.35
C VAL K 260 39.40 33.93 5.33
N PRO K 261 38.90 35.15 5.54
CA PRO K 261 37.92 35.72 4.60
C PRO K 261 38.57 36.29 3.34
N TYR K 262 39.73 36.89 3.49
CA TYR K 262 40.44 37.53 2.39
C TYR K 262 41.88 37.04 2.37
N PRO K 263 42.52 37.04 1.20
CA PRO K 263 43.83 36.35 1.10
C PRO K 263 44.89 36.90 2.03
N ARG K 264 44.89 38.20 2.33
CA ARG K 264 45.92 38.78 3.18
C ARG K 264 45.55 38.77 4.65
N ILE K 265 44.29 38.56 5.00
CA ILE K 265 43.85 38.55 6.39
C ILE K 265 43.82 37.10 6.83
N HIS K 266 44.96 36.61 7.33
CA HIS K 266 45.08 35.23 7.77
C HIS K 266 45.89 35.15 9.05
N PHE K 267 45.60 36.04 9.99
CA PHE K 267 46.34 36.15 11.25
C PHE K 267 45.38 36.03 12.42
N PRO K 268 44.84 34.83 12.65
CA PRO K 268 43.85 34.67 13.73
C PRO K 268 44.51 34.64 15.10
N LEU K 269 43.69 34.96 16.10
CA LEU K 269 44.11 34.98 17.50
C LEU K 269 43.76 33.64 18.13
N ALA K 270 44.77 32.95 18.66
CA ALA K 270 44.53 31.71 19.37
C ALA K 270 44.12 32.01 20.80
N THR K 271 43.41 31.04 21.40
CA THR K 271 43.11 31.08 22.83
C THR K 271 42.75 29.67 23.26
N TYR K 272 42.78 29.45 24.57
CA TYR K 272 42.53 28.12 25.12
C TYR K 272 41.70 28.25 26.39
N ALA K 273 40.87 27.24 26.63
CA ALA K 273 40.03 27.19 27.82
C ALA K 273 39.55 25.76 27.98
N PRO K 274 39.52 25.21 29.19
CA PRO K 274 39.91 25.81 30.47
C PRO K 274 41.42 25.77 30.70
N VAL K 275 41.96 26.78 31.36
CA VAL K 275 43.35 26.80 31.79
C VAL K 275 43.33 27.04 33.29
N ILE K 276 43.30 25.97 34.08
CA ILE K 276 43.16 26.08 35.52
C ILE K 276 44.08 25.08 36.20
N SER K 277 44.39 25.35 37.46
CA SER K 277 45.25 24.50 38.25
C SER K 277 44.44 23.34 38.85
N ALA K 278 45.17 22.40 39.45
CA ALA K 278 44.52 21.22 40.02
C ALA K 278 43.57 21.61 41.15
N GLU K 279 44.01 22.48 42.05
CA GLU K 279 43.15 22.90 43.15
C GLU K 279 41.96 23.72 42.68
N LYS K 280 42.08 24.38 41.52
CA LYS K 280 41.00 25.20 41.01
C LYS K 280 39.89 24.37 40.39
N ALA K 281 40.25 23.28 39.70
CA ALA K 281 39.29 22.50 38.93
C ALA K 281 38.29 21.76 39.80
N TYR K 282 38.63 21.47 41.05
CA TYR K 282 37.73 20.71 41.92
C TYR K 282 36.45 21.48 42.17
N HIS K 283 36.57 22.76 42.56
CA HIS K 283 35.41 23.53 42.93
C HIS K 283 34.62 24.01 41.71
N GLU K 284 35.29 24.30 40.61
CA GLU K 284 34.63 24.86 39.45
C GLU K 284 33.89 23.80 38.66
N GLN K 285 32.69 24.13 38.22
CA GLN K 285 31.91 23.28 37.34
C GLN K 285 32.23 23.66 35.90
N LEU K 286 32.88 22.76 35.17
CA LEU K 286 33.42 23.08 33.86
C LEU K 286 32.48 22.53 32.78
N SER K 287 31.51 23.37 32.41
CA SER K 287 30.59 23.01 31.35
C SER K 287 31.01 23.68 30.05
N VAL K 288 30.35 23.25 28.97
CA VAL K 288 30.65 23.79 27.64
C VAL K 288 30.36 25.28 27.57
N ALA K 289 29.26 25.72 28.19
CA ALA K 289 28.88 27.12 28.12
C ALA K 289 29.94 28.02 28.76
N GLU K 290 30.48 27.61 29.90
CA GLU K 290 31.37 28.51 30.62
C GLU K 290 32.74 28.59 29.94
N ILE K 291 33.25 27.48 29.41
CA ILE K 291 34.50 27.56 28.65
C ILE K 291 34.31 28.33 27.36
N THR K 292 33.14 28.19 26.73
CA THR K 292 32.86 28.96 25.53
C THR K 292 32.84 30.45 25.83
N ASN K 293 32.26 30.84 26.97
CA ASN K 293 32.30 32.24 27.37
C ASN K 293 33.73 32.67 27.71
N ALA K 294 34.50 31.79 28.34
CA ALA K 294 35.86 32.14 28.74
C ALA K 294 36.77 32.35 27.55
N CYS K 295 36.48 31.69 26.43
CA CYS K 295 37.30 31.91 25.23
C CYS K 295 37.17 33.34 24.71
N PHE K 296 36.03 33.99 24.98
CA PHE K 296 35.81 35.37 24.55
C PHE K 296 36.19 36.39 25.61
N GLU K 297 36.64 35.94 26.77
CA GLU K 297 37.06 36.87 27.81
C GLU K 297 38.38 37.52 27.41
N PRO K 298 38.47 38.85 27.38
CA PRO K 298 39.74 39.49 27.00
C PRO K 298 40.88 39.16 27.94
N ALA K 299 40.59 38.73 29.16
CA ALA K 299 41.64 38.29 30.07
C ALA K 299 42.29 36.98 29.63
N ASN K 300 41.58 36.16 28.86
CA ASN K 300 42.09 34.85 28.46
C ASN K 300 42.68 34.83 27.06
N GLN K 301 42.80 35.98 26.41
CA GLN K 301 43.38 36.01 25.07
C GLN K 301 44.86 35.66 25.11
N MET K 302 45.31 34.86 24.14
CA MET K 302 46.68 34.40 24.14
C MET K 302 47.63 35.48 23.64
N VAL K 303 47.08 36.55 23.07
CA VAL K 303 47.83 37.70 22.60
C VAL K 303 47.33 38.94 23.32
N LYS K 304 48.25 39.84 23.67
CA LYS K 304 47.88 41.04 24.41
C LYS K 304 47.19 42.05 23.50
N CYS K 305 45.88 41.90 23.33
CA CYS K 305 45.08 42.86 22.58
C CYS K 305 43.63 42.71 22.99
N ASP K 306 42.90 43.82 22.94
CA ASP K 306 41.53 43.85 23.41
C ASP K 306 40.58 43.55 22.27
N PRO K 307 39.85 42.44 22.31
CA PRO K 307 38.88 42.16 21.23
C PRO K 307 37.75 43.15 21.15
N ARG K 308 37.49 43.92 22.21
CA ARG K 308 36.41 44.90 22.16
C ARG K 308 36.70 46.00 21.14
N HIS K 309 37.94 46.46 21.09
CA HIS K 309 38.30 47.52 20.15
C HIS K 309 38.22 47.06 18.70
N GLY K 310 38.14 45.75 18.44
CA GLY K 310 37.94 45.23 17.11
C GLY K 310 36.60 44.51 16.98
N LYS K 311 36.39 43.94 15.80
CA LYS K 311 35.20 43.16 15.51
C LYS K 311 35.60 41.83 14.91
N TYR K 312 34.94 40.76 15.36
CA TYR K 312 35.24 39.43 14.89
C TYR K 312 34.81 39.25 13.44
N MET K 313 35.52 38.38 12.74
CA MET K 313 35.20 38.05 11.36
C MET K 313 34.96 36.57 11.13
N ALA K 314 35.51 35.71 11.98
CA ALA K 314 35.35 34.27 11.89
C ALA K 314 35.91 33.64 13.15
N CYS K 315 35.25 32.60 13.63
CA CYS K 315 35.69 31.87 14.82
C CYS K 315 35.67 30.39 14.53
N CYS K 316 36.70 29.69 15.00
CA CYS K 316 36.81 28.24 14.83
C CYS K 316 36.84 27.60 16.21
N LEU K 317 35.68 27.21 16.70
CA LEU K 317 35.55 26.59 18.01
C LEU K 317 35.98 25.14 17.89
N LEU K 318 37.11 24.79 18.50
CA LEU K 318 37.64 23.42 18.47
C LEU K 318 37.41 22.79 19.85
N TYR K 319 36.36 21.98 19.95
CA TYR K 319 36.03 21.30 21.19
C TYR K 319 36.63 19.91 21.20
N ARG K 320 37.18 19.52 22.35
CA ARG K 320 37.68 18.17 22.53
C ARG K 320 37.35 17.70 23.93
N GLY K 321 36.94 16.44 24.04
CA GLY K 321 36.56 15.84 25.31
C GLY K 321 35.12 15.37 25.29
N ASP K 322 34.46 15.51 26.44
CA ASP K 322 33.06 15.09 26.61
C ASP K 322 32.16 16.25 26.22
N VAL K 323 31.98 16.42 24.91
CA VAL K 323 31.30 17.57 24.34
C VAL K 323 30.19 17.08 23.44
N VAL K 324 29.00 17.69 23.57
CA VAL K 324 27.87 17.35 22.71
C VAL K 324 27.50 18.57 21.88
N PRO K 325 27.00 18.40 20.65
CA PRO K 325 26.64 19.57 19.84
C PRO K 325 25.49 20.38 20.40
N LYS K 326 24.66 19.81 21.27
CA LYS K 326 23.56 20.50 21.93
C LYS K 326 24.02 21.78 22.63
N ASP K 327 24.81 21.61 23.69
CA ASP K 327 25.22 22.76 24.47
C ASP K 327 26.27 23.59 23.75
N VAL K 328 26.92 23.03 22.72
CA VAL K 328 27.77 23.87 21.86
C VAL K 328 26.91 24.88 21.12
N ASN K 329 25.80 24.42 20.52
CA ASN K 329 24.90 25.35 19.86
C ASN K 329 24.30 26.33 20.85
N ALA K 330 23.97 25.85 22.06
CA ALA K 330 23.45 26.76 23.08
C ALA K 330 24.46 27.84 23.43
N ALA K 331 25.72 27.47 23.62
CA ALA K 331 26.74 28.44 23.96
C ALA K 331 26.98 29.43 22.83
N ILE K 332 26.96 28.95 21.58
CA ILE K 332 27.15 29.84 20.45
C ILE K 332 25.99 30.82 20.33
N ALA K 333 24.76 30.35 20.59
CA ALA K 333 23.62 31.26 20.59
C ALA K 333 23.76 32.32 21.68
N THR K 334 24.20 31.92 22.88
CA THR K 334 24.40 32.89 23.94
C THR K 334 25.46 33.91 23.57
N ILE K 335 26.53 33.46 22.92
CA ILE K 335 27.56 34.39 22.45
C ILE K 335 26.98 35.35 21.44
N LYS K 336 26.12 34.85 20.55
CA LYS K 336 25.46 35.72 19.58
C LYS K 336 24.60 36.77 20.25
N THR K 337 23.95 36.41 21.37
CA THR K 337 23.08 37.35 22.05
C THR K 337 23.84 38.47 22.75
N LYS K 338 25.07 38.24 23.17
CA LYS K 338 25.82 39.26 23.90
C LYS K 338 26.18 40.41 22.98
N ARG K 339 26.04 41.64 23.48
CA ARG K 339 26.33 42.81 22.67
C ARG K 339 27.80 43.24 22.74
N SER K 340 28.55 42.71 23.70
CA SER K 340 29.96 43.08 23.81
C SER K 340 30.81 42.40 22.74
N ILE K 341 30.45 41.19 22.34
CA ILE K 341 31.18 40.46 21.31
C ILE K 341 30.61 40.90 19.96
N GLN K 342 31.37 41.74 19.26
CA GLN K 342 30.92 42.29 17.99
C GLN K 342 31.33 41.39 16.83
N PHE K 343 30.44 41.27 15.85
CA PHE K 343 30.70 40.52 14.64
C PHE K 343 30.40 41.39 13.43
N VAL K 344 31.18 41.20 12.37
CA VAL K 344 31.00 42.02 11.17
C VAL K 344 29.70 41.64 10.48
N ASP K 345 29.13 42.61 9.77
CA ASP K 345 27.83 42.38 9.13
C ASP K 345 27.92 41.38 7.99
N TRP K 346 29.04 41.33 7.29
CA TRP K 346 29.17 40.44 6.13
C TRP K 346 29.47 39.00 6.53
N CYS K 347 29.31 38.64 7.79
CA CYS K 347 29.50 37.27 8.27
C CYS K 347 28.33 36.90 9.17
N PRO K 348 27.15 36.63 8.59
CA PRO K 348 26.00 36.27 9.43
C PRO K 348 26.22 35.01 10.26
N THR K 349 26.92 34.04 9.71
CA THR K 349 27.37 32.87 10.47
C THR K 349 28.89 32.92 10.58
N GLY K 350 29.39 32.92 11.82
CA GLY K 350 30.81 33.12 12.02
C GLY K 350 31.44 32.18 13.03
N PHE K 351 30.94 30.95 13.09
CA PHE K 351 31.42 29.96 14.06
C PHE K 351 31.62 28.62 13.34
N LYS K 352 32.86 28.32 12.99
CA LYS K 352 33.21 26.97 12.56
C LYS K 352 33.43 26.12 13.80
N VAL K 353 32.76 24.97 13.86
CA VAL K 353 32.66 24.19 15.09
C VAL K 353 33.23 22.80 14.85
N GLY K 354 34.08 22.35 15.77
CA GLY K 354 34.59 21.00 15.73
C GLY K 354 34.56 20.35 17.11
N ILE K 355 33.94 19.18 17.21
CA ILE K 355 33.87 18.43 18.45
C ILE K 355 34.68 17.15 18.29
N ASN K 356 35.57 16.90 19.24
CA ASN K 356 36.42 15.71 19.24
C ASN K 356 36.17 14.92 20.52
N TYR K 357 36.41 13.61 20.45
CA TYR K 357 36.17 12.76 21.59
C TYR K 357 37.36 12.65 22.53
N GLN K 358 38.56 12.89 22.05
CA GLN K 358 39.75 12.69 22.86
C GLN K 358 39.91 13.83 23.85
N PRO K 359 39.90 13.56 25.16
CA PRO K 359 40.14 14.62 26.13
C PRO K 359 41.58 15.07 26.10
N PRO K 360 41.87 16.30 26.54
CA PRO K 360 43.26 16.78 26.53
C PRO K 360 44.09 16.03 27.56
N THR K 361 45.16 15.41 27.09
CA THR K 361 46.06 14.69 28.00
C THR K 361 46.86 15.67 28.83
N VAL K 362 47.13 15.28 30.08
CA VAL K 362 47.88 16.11 31.02
C VAL K 362 49.32 15.63 31.06
N VAL K 363 50.23 16.56 30.85
CA VAL K 363 51.67 16.24 30.92
C VAL K 363 52.04 15.99 32.36
N PRO K 364 52.75 14.90 32.68
CA PRO K 364 53.24 14.71 34.04
C PRO K 364 54.15 15.86 34.45
N GLY K 365 53.94 16.37 35.66
CA GLY K 365 54.64 17.54 36.13
C GLY K 365 54.13 18.85 35.59
N GLY K 366 53.06 18.84 34.79
CA GLY K 366 52.54 20.07 34.23
C GLY K 366 51.75 20.87 35.24
N ASP K 367 51.43 22.10 34.83
CA ASP K 367 50.64 23.01 35.66
C ASP K 367 49.16 22.96 35.36
N LEU K 368 48.77 22.39 34.22
CA LEU K 368 47.36 22.30 33.86
C LEU K 368 46.69 21.15 34.60
N ALA K 369 45.39 21.29 34.81
CA ALA K 369 44.62 20.29 35.54
C ALA K 369 43.90 19.37 34.56
N LYS K 370 43.57 18.18 35.05
CA LYS K 370 42.80 17.24 34.24
C LYS K 370 41.36 17.72 34.13
N VAL K 371 40.88 17.87 32.89
CA VAL K 371 39.56 18.40 32.61
C VAL K 371 38.85 17.47 31.65
N GLN K 372 37.52 17.45 31.74
CA GLN K 372 36.73 16.63 30.83
C GLN K 372 36.60 17.26 29.46
N ARG K 373 36.63 18.59 29.38
CA ARG K 373 36.41 19.31 28.14
C ARG K 373 37.50 20.33 27.92
N ALA K 374 37.72 20.70 26.67
CA ALA K 374 38.72 21.69 26.31
C ALA K 374 38.32 22.37 25.01
N VAL K 375 38.62 23.66 24.91
CA VAL K 375 38.29 24.46 23.73
C VAL K 375 39.51 25.25 23.32
N CYS K 376 39.81 25.24 22.02
CA CYS K 376 40.82 26.12 21.43
C CYS K 376 40.11 26.98 20.39
N MET K 377 39.80 28.22 20.76
CA MET K 377 39.07 29.14 19.89
C MET K 377 40.06 29.95 19.07
N LEU K 378 39.95 29.86 17.75
CA LEU K 378 40.80 30.62 16.83
C LEU K 378 39.92 31.62 16.12
N SER K 379 40.07 32.90 16.50
CA SER K 379 39.22 33.97 16.02
C SER K 379 40.01 34.90 15.12
N ASN K 380 39.48 35.16 13.93
CA ASN K 380 40.08 36.12 13.01
C ASN K 380 39.44 37.48 13.28
N THR K 381 40.03 38.23 14.19
CA THR K 381 39.47 39.49 14.64
C THR K 381 40.28 40.65 14.08
N THR K 382 39.71 41.85 14.18
CA THR K 382 40.39 43.07 13.78
C THR K 382 41.14 43.72 14.95
N ALA K 383 41.14 43.09 16.12
CA ALA K 383 41.86 43.64 17.25
C ALA K 383 43.37 43.56 17.09
N ILE K 384 43.87 42.75 16.15
CA ILE K 384 45.31 42.61 15.98
C ILE K 384 45.90 43.79 15.22
N ALA K 385 45.05 44.61 14.60
CA ALA K 385 45.53 45.77 13.86
C ALA K 385 46.25 46.75 14.78
N GLU K 386 45.75 46.91 16.01
CA GLU K 386 46.39 47.86 16.92
C GLU K 386 47.72 47.34 17.45
N ALA K 387 47.84 46.03 17.67
CA ALA K 387 49.14 45.47 18.04
C ALA K 387 50.15 45.66 16.92
N TRP K 388 49.71 45.42 15.68
CA TRP K 388 50.58 45.69 14.55
C TRP K 388 50.94 47.16 14.46
N ALA K 389 49.99 48.04 14.80
CA ALA K 389 50.25 49.48 14.75
C ALA K 389 51.29 49.89 15.78
N ARG K 390 51.24 49.33 16.99
CA ARG K 390 52.25 49.69 17.98
C ARG K 390 53.62 49.12 17.60
N LEU K 391 53.65 47.92 17.00
CA LEU K 391 54.91 47.42 16.48
C LEU K 391 55.45 48.33 15.39
N ASP K 392 54.58 48.84 14.53
CA ASP K 392 54.99 49.76 13.48
C ASP K 392 55.51 51.06 14.06
N HIS K 393 54.90 51.54 15.14
CA HIS K 393 55.39 52.74 15.80
C HIS K 393 56.79 52.52 16.35
N LYS K 394 57.03 51.37 16.98
CA LYS K 394 58.38 51.06 17.43
C LYS K 394 59.36 51.02 16.25
N PHE K 395 58.95 50.38 15.15
CA PHE K 395 59.82 50.25 14.00
C PHE K 395 60.21 51.60 13.43
N ASP K 396 59.23 52.47 13.17
CA ASP K 396 59.60 53.75 12.56
C ASP K 396 60.23 54.71 13.56
N LEU K 397 59.96 54.57 14.85
CA LEU K 397 60.72 55.33 15.84
C LEU K 397 62.20 54.98 15.77
N MET K 398 62.52 53.69 15.69
CA MET K 398 63.93 53.31 15.55
C MET K 398 64.48 53.65 14.16
N TYR K 399 63.61 53.66 13.15
CA TYR K 399 64.06 53.89 11.78
C TYR K 399 64.37 55.35 11.49
N ALA K 400 63.68 56.28 12.15
CA ALA K 400 63.92 57.69 11.89
C ALA K 400 65.36 58.08 12.18
N LYS K 401 66.00 57.41 13.13
CA LYS K 401 67.40 57.65 13.47
C LYS K 401 68.35 56.69 12.79
N ARG K 402 67.84 55.77 11.96
CA ARG K 402 68.66 54.79 11.25
C ARG K 402 69.48 53.93 12.19
N ALA K 403 69.00 53.70 13.41
CA ALA K 403 69.74 52.90 14.37
C ALA K 403 69.69 51.43 13.97
N PHE K 404 70.82 50.73 14.17
CA PHE K 404 70.95 49.29 13.94
C PHE K 404 70.80 48.90 12.47
N VAL K 405 70.59 49.88 11.59
CA VAL K 405 70.42 49.56 10.17
C VAL K 405 71.73 49.06 9.57
N HIS K 406 72.85 49.64 10.00
CA HIS K 406 74.14 49.26 9.44
C HIS K 406 74.44 47.79 9.67
N TRP K 407 73.95 47.21 10.76
CA TRP K 407 74.12 45.78 10.99
C TRP K 407 73.45 44.97 9.88
N TYR K 408 72.24 45.36 9.47
CA TYR K 408 71.55 44.64 8.42
C TYR K 408 72.21 44.89 7.06
N VAL K 409 72.61 46.14 6.79
CA VAL K 409 73.24 46.47 5.52
C VAL K 409 74.60 45.79 5.38
N GLY K 410 75.28 45.47 6.48
CA GLY K 410 76.62 44.94 6.40
C GLY K 410 76.74 43.56 5.80
N GLU K 411 75.65 42.81 5.71
CA GLU K 411 75.69 41.44 5.22
C GLU K 411 74.60 41.18 4.18
N GLY K 412 74.51 42.06 3.19
CA GLY K 412 73.67 41.78 2.04
C GLY K 412 72.21 42.15 2.21
N MET K 413 71.94 43.42 2.47
CA MET K 413 70.58 43.92 2.56
C MET K 413 70.58 45.40 2.24
N GLU K 414 69.62 45.82 1.43
CA GLU K 414 69.56 47.19 0.96
C GLU K 414 68.69 48.05 1.89
N GLU K 415 68.80 49.36 1.70
CA GLU K 415 67.99 50.30 2.47
C GLU K 415 66.54 50.26 2.03
N GLY K 416 66.30 49.94 0.75
CA GLY K 416 64.95 50.00 0.21
C GLY K 416 64.01 48.95 0.77
N GLU K 417 64.56 47.81 1.20
CA GLU K 417 63.69 46.74 1.69
C GLU K 417 62.99 47.15 2.98
N PHE K 418 63.66 47.96 3.82
CA PHE K 418 63.04 48.44 5.04
C PHE K 418 61.81 49.29 4.71
N SER K 419 61.96 50.22 3.76
CA SER K 419 60.84 51.06 3.36
C SER K 419 59.73 50.25 2.70
N GLU K 420 60.09 49.26 1.88
CA GLU K 420 59.05 48.47 1.24
C GLU K 420 58.31 47.58 2.23
N ALA K 421 59.00 47.05 3.25
CA ALA K 421 58.32 46.31 4.29
C ALA K 421 57.42 47.22 5.12
N ARG K 422 57.87 48.45 5.37
CA ARG K 422 57.03 49.43 6.04
C ARG K 422 55.77 49.73 5.25
N GLU K 423 55.90 49.90 3.94
CA GLU K 423 54.75 50.15 3.10
C GLU K 423 53.82 48.94 3.07
N ASP K 424 54.40 47.74 3.08
CA ASP K 424 53.57 46.53 3.10
C ASP K 424 52.75 46.44 4.38
N MET K 425 53.37 46.75 5.53
CA MET K 425 52.64 46.73 6.79
C MET K 425 51.57 47.82 6.83
N ALA K 426 51.88 48.99 6.27
CA ALA K 426 50.88 50.05 6.18
C ALA K 426 49.69 49.61 5.33
N ALA K 427 49.96 48.93 4.21
CA ALA K 427 48.88 48.41 3.38
C ALA K 427 48.07 47.36 4.13
N LEU K 428 48.74 46.55 4.95
CA LEU K 428 48.01 45.55 5.75
C LEU K 428 47.07 46.22 6.74
N GLU K 429 47.54 47.28 7.41
CA GLU K 429 46.66 48.03 8.30
C GLU K 429 45.50 48.68 7.54
N LYS K 430 45.78 49.21 6.36
CA LYS K 430 44.71 49.83 5.58
C LYS K 430 43.68 48.78 5.19
N ASP K 431 44.12 47.56 4.85
CA ASP K 431 43.21 46.49 4.51
C ASP K 431 42.34 46.09 5.71
N TYR K 432 42.94 46.01 6.89
CA TYR K 432 42.15 45.68 8.08
C TYR K 432 41.11 46.76 8.36
N GLU K 433 41.50 48.03 8.22
CA GLU K 433 40.54 49.11 8.42
C GLU K 433 39.42 49.04 7.39
N GLU K 434 39.74 48.72 6.14
CA GLU K 434 38.71 48.60 5.11
C GLU K 434 37.74 47.47 5.41
N VAL K 435 38.25 46.31 5.85
CA VAL K 435 37.35 45.20 6.14
C VAL K 435 36.64 45.36 7.47
N GLY K 436 37.05 46.31 8.30
CA GLY K 436 36.33 46.56 9.53
C GLY K 436 35.07 47.38 9.36
N VAL K 437 35.05 48.31 8.41
CA VAL K 437 33.93 49.24 8.29
C VAL K 437 32.70 48.50 7.75
N ASP K 438 31.52 48.98 8.13
CA ASP K 438 30.27 48.37 7.72
C ASP K 438 29.94 48.75 6.28
N SER K 439 28.86 48.16 5.78
CA SER K 439 28.42 48.42 4.41
C SER K 439 27.01 49.00 4.39
N MET L 1 52.60 43.79 52.03
CA MET L 1 51.18 43.77 52.33
C MET L 1 50.90 44.56 53.59
N ARG L 2 50.44 45.81 53.42
CA ARG L 2 50.26 46.76 54.52
C ARG L 2 51.56 46.91 55.31
N GLU L 3 52.66 47.09 54.59
CA GLU L 3 53.98 47.08 55.17
C GLU L 3 54.21 48.30 56.05
N ILE L 4 55.14 48.16 56.99
CA ILE L 4 55.54 49.24 57.89
C ILE L 4 57.07 49.30 57.92
N VAL L 5 57.62 50.49 57.71
CA VAL L 5 59.06 50.71 57.76
C VAL L 5 59.38 51.41 59.07
N HIS L 6 60.27 50.81 59.86
CA HIS L 6 60.65 51.33 61.15
C HIS L 6 61.96 52.11 61.03
N ILE L 7 62.00 53.30 61.62
CA ILE L 7 63.20 54.12 61.63
C ILE L 7 63.47 54.56 63.05
N GLN L 8 64.74 54.64 63.42
CA GLN L 8 65.15 55.08 64.74
C GLN L 8 66.14 56.22 64.61
N ALA L 9 65.93 57.28 65.37
CA ALA L 9 66.80 58.44 65.34
C ALA L 9 67.29 58.74 66.74
N GLY L 10 68.59 58.94 66.89
CA GLY L 10 69.17 59.31 68.16
C GLY L 10 69.37 58.13 69.09
N GLN L 11 69.97 58.42 70.24
CA GLN L 11 70.28 57.39 71.23
C GLN L 11 69.01 56.83 71.87
N CYS L 12 68.12 57.71 72.31
CA CYS L 12 66.85 57.26 72.87
C CYS L 12 66.02 56.53 71.84
N GLY L 13 65.94 57.05 70.62
CA GLY L 13 65.19 56.37 69.58
C GLY L 13 65.75 54.99 69.28
N ASN L 14 67.08 54.88 69.23
CA ASN L 14 67.71 53.60 68.95
C ASN L 14 67.44 52.59 70.06
N GLN L 15 67.54 53.02 71.32
CA GLN L 15 67.28 52.07 72.41
C GLN L 15 65.82 51.65 72.45
N ILE L 16 64.90 52.60 72.27
CA ILE L 16 63.48 52.24 72.28
C ILE L 16 63.15 51.32 71.12
N GLY L 17 63.74 51.57 69.95
CA GLY L 17 63.52 50.68 68.82
C GLY L 17 64.11 49.30 69.06
N ALA L 18 65.27 49.23 69.71
CA ALA L 18 65.85 47.93 70.03
C ALA L 18 64.95 47.13 70.95
N LYS L 19 64.41 47.78 71.98
CA LYS L 19 63.47 47.07 72.85
C LYS L 19 62.18 46.71 72.12
N PHE L 20 61.75 47.56 71.18
CA PHE L 20 60.58 47.25 70.37
C PHE L 20 60.80 46.01 69.53
N TRP L 21 61.98 45.88 68.92
CA TRP L 21 62.28 44.70 68.14
C TRP L 21 62.43 43.48 69.04
N GLU L 22 62.95 43.66 70.25
CA GLU L 22 62.94 42.58 71.25
C GLU L 22 61.53 42.05 71.46
N VAL L 23 60.60 42.95 71.79
CA VAL L 23 59.25 42.49 72.16
C VAL L 23 58.51 41.96 70.94
N ILE L 24 58.77 42.52 69.75
CA ILE L 24 58.03 42.06 68.57
C ILE L 24 58.61 40.77 67.99
N SER L 25 59.90 40.47 68.24
CA SER L 25 60.41 39.16 67.93
C SER L 25 59.97 38.14 68.97
N ASP L 26 59.75 38.58 70.22
CA ASP L 26 59.17 37.69 71.21
C ASP L 26 57.77 37.30 70.80
N GLU L 27 56.96 38.27 70.35
CA GLU L 27 55.60 37.96 69.93
C GLU L 27 55.57 37.08 68.67
N HIS L 28 56.47 37.35 67.73
CA HIS L 28 56.49 36.62 66.47
C HIS L 28 57.40 35.39 66.52
N GLY L 29 58.00 35.10 67.67
CA GLY L 29 58.80 33.89 67.83
C GLY L 29 60.04 33.84 66.96
N ILE L 30 60.81 34.91 66.94
CA ILE L 30 62.05 34.98 66.18
C ILE L 30 63.21 34.99 67.16
N ASP L 31 64.15 34.07 66.97
CA ASP L 31 65.30 33.93 67.86
C ASP L 31 66.29 35.07 67.61
N PRO L 32 67.24 35.29 68.52
CA PRO L 32 68.27 36.32 68.28
C PRO L 32 69.05 36.12 67.00
N THR L 33 69.18 34.88 66.50
CA THR L 33 69.79 34.69 65.20
C THR L 33 68.92 35.21 64.06
N GLY L 34 67.61 34.98 64.14
CA GLY L 34 66.70 35.46 63.11
C GLY L 34 65.76 34.41 62.57
N SER L 35 65.94 33.16 62.99
CA SER L 35 65.14 32.06 62.49
C SER L 35 63.85 31.91 63.30
N TYR L 36 62.80 31.46 62.63
CA TYR L 36 61.52 31.28 63.29
C TYR L 36 61.56 30.05 64.19
N HIS L 37 61.08 30.21 65.42
CA HIS L 37 61.03 29.09 66.36
C HIS L 37 59.75 29.12 67.18
N GLY L 38 58.69 29.73 66.65
CA GLY L 38 57.42 29.78 67.34
C GLY L 38 56.65 28.48 67.22
N ASP L 39 55.43 28.50 67.75
CA ASP L 39 54.57 27.33 67.77
C ASP L 39 53.29 27.48 66.96
N SER L 40 52.73 28.69 66.89
CA SER L 40 51.46 28.91 66.21
C SER L 40 51.69 29.40 64.78
N ASP L 41 50.83 28.94 63.87
CA ASP L 41 50.88 29.42 62.50
C ASP L 41 50.38 30.86 62.39
N LEU L 42 49.78 31.40 63.45
CA LEU L 42 49.30 32.77 63.42
C LEU L 42 50.43 33.79 63.38
N GLN L 43 51.66 33.35 63.59
CA GLN L 43 52.83 34.23 63.61
C GLN L 43 53.51 34.34 62.25
N LEU L 44 52.95 33.74 61.21
CA LEU L 44 53.59 33.69 59.90
C LEU L 44 52.88 34.49 58.83
N GLU L 45 51.54 34.52 58.84
CA GLU L 45 50.81 35.16 57.75
C GLU L 45 51.02 36.67 57.72
N ARG L 46 51.45 37.27 58.84
CA ARG L 46 51.74 38.69 58.88
C ARG L 46 53.16 38.95 59.39
N ILE L 47 54.08 38.01 59.17
CA ILE L 47 55.47 38.24 59.52
C ILE L 47 56.09 39.29 58.61
N ASN L 48 55.50 39.53 57.43
CA ASN L 48 56.10 40.44 56.46
C ASN L 48 55.98 41.90 56.87
N VAL L 49 54.94 42.24 57.64
CA VAL L 49 54.64 43.65 57.93
C VAL L 49 55.81 44.33 58.62
N TYR L 50 56.62 43.58 59.36
CA TYR L 50 57.79 44.13 60.02
C TYR L 50 59.10 43.48 59.62
N TYR L 51 59.09 42.26 59.10
CA TYR L 51 60.29 41.52 58.80
C TYR L 51 60.37 41.22 57.31
N ASN L 52 61.57 41.37 56.75
CA ASN L 52 61.79 41.05 55.34
C ASN L 52 62.29 39.62 55.20
N GLU L 53 61.70 38.89 54.27
CA GLU L 53 62.08 37.51 54.02
C GLU L 53 63.50 37.47 53.44
N ALA L 54 64.41 36.82 54.16
CA ALA L 54 65.76 36.59 53.69
C ALA L 54 65.97 35.12 53.38
N ALA L 55 66.92 34.84 52.51
CA ALA L 55 67.22 33.46 52.15
C ALA L 55 67.74 32.69 53.36
N GLY L 56 67.30 31.45 53.48
CA GLY L 56 67.63 30.62 54.62
C GLY L 56 66.52 30.43 55.63
N ASN L 57 65.28 30.78 55.28
CA ASN L 57 64.12 30.63 56.17
C ASN L 57 64.32 31.38 57.48
N LYS L 58 64.84 32.59 57.40
CA LYS L 58 65.00 33.44 58.57
C LYS L 58 64.91 34.90 58.14
N TYR L 59 64.55 35.75 59.09
CA TYR L 59 64.00 37.07 58.80
C TYR L 59 64.93 38.18 59.28
N VAL L 60 64.77 39.34 58.66
CA VAL L 60 65.50 40.56 59.03
C VAL L 60 64.50 41.68 59.22
N PRO L 61 64.72 42.60 60.16
CA PRO L 61 63.74 43.66 60.37
C PRO L 61 63.73 44.65 59.23
N ARG L 62 62.59 45.30 59.04
CA ARG L 62 62.50 46.44 58.14
C ARG L 62 62.82 47.74 58.90
N ALA L 63 63.98 47.76 59.55
CA ALA L 63 64.39 48.86 60.41
C ALA L 63 65.61 49.54 59.85
N ILE L 64 65.63 50.87 59.92
CA ILE L 64 66.76 51.68 59.50
C ILE L 64 67.24 52.46 60.71
N LEU L 65 68.35 52.03 61.29
CA LEU L 65 68.88 52.65 62.49
C LEU L 65 69.73 53.84 62.10
N VAL L 66 69.36 55.02 62.57
CA VAL L 66 70.00 56.28 62.18
C VAL L 66 70.49 56.99 63.43
N ASP L 67 71.72 57.47 63.38
CA ASP L 67 72.31 58.24 64.47
C ASP L 67 73.49 59.03 63.92
N LEU L 68 74.16 59.75 64.81
CA LEU L 68 75.37 60.48 64.48
C LEU L 68 76.61 60.00 65.22
N GLU L 69 76.43 59.32 66.33
CA GLU L 69 77.58 58.73 67.01
C GLU L 69 77.63 57.23 66.72
N PRO L 70 78.78 56.71 66.29
CA PRO L 70 78.90 55.27 66.10
C PRO L 70 78.79 54.48 67.39
N GLY L 71 78.97 55.12 68.55
CA GLY L 71 78.89 54.40 69.81
C GLY L 71 77.51 53.83 70.07
N THR L 72 76.46 54.61 69.80
CA THR L 72 75.10 54.11 69.98
C THR L 72 74.82 52.94 69.06
N MET L 73 75.30 53.01 67.82
CA MET L 73 75.07 51.95 66.87
C MET L 73 75.81 50.68 67.28
N ASP L 74 77.04 50.82 67.78
CA ASP L 74 77.78 49.68 68.30
C ASP L 74 77.06 49.08 69.50
N SER L 75 76.52 49.92 70.38
CA SER L 75 75.78 49.42 71.53
C SER L 75 74.54 48.64 71.10
N VAL L 76 73.83 49.14 70.09
CA VAL L 76 72.65 48.43 69.61
C VAL L 76 73.05 47.09 68.99
N ARG L 77 74.11 47.07 68.20
CA ARG L 77 74.52 45.83 67.55
C ARG L 77 75.01 44.81 68.57
N SER L 78 75.78 45.25 69.56
CA SER L 78 76.37 44.31 70.52
C SER L 78 75.35 43.75 71.50
N GLY L 79 74.21 44.40 71.65
CA GLY L 79 73.20 43.94 72.58
C GLY L 79 72.44 42.75 72.05
N PRO L 80 71.54 42.23 72.88
CA PRO L 80 70.71 41.10 72.45
C PRO L 80 69.81 41.49 71.29
N PHE L 81 69.56 40.52 70.41
CA PHE L 81 68.76 40.67 69.20
C PHE L 81 69.33 41.73 68.26
N GLY L 82 70.53 42.24 68.53
CA GLY L 82 71.13 43.24 67.67
C GLY L 82 71.74 42.72 66.40
N GLN L 83 71.94 41.40 66.32
CA GLN L 83 72.46 40.79 65.11
C GLN L 83 71.38 40.50 64.08
N ILE L 84 70.11 40.71 64.41
CA ILE L 84 69.04 40.45 63.45
C ILE L 84 69.02 41.52 62.37
N PHE L 85 69.36 42.76 62.74
CA PHE L 85 69.28 43.89 61.82
C PHE L 85 70.24 43.73 60.65
N ARG L 86 69.83 44.24 59.49
CA ARG L 86 70.69 44.25 58.33
C ARG L 86 71.82 45.25 58.54
N PRO L 87 73.08 44.85 58.34
CA PRO L 87 74.20 45.76 58.64
C PRO L 87 74.20 47.04 57.82
N ASP L 88 73.75 47.00 56.56
CA ASP L 88 73.80 48.21 55.74
C ASP L 88 72.77 49.25 56.16
N ASN L 89 71.71 48.84 56.86
CA ASN L 89 70.74 49.78 57.38
C ASN L 89 71.31 50.64 58.51
N PHE L 90 72.45 50.24 59.07
CA PHE L 90 73.12 51.05 60.08
C PHE L 90 73.73 52.28 59.40
N VAL L 91 73.04 53.41 59.50
CA VAL L 91 73.51 54.67 58.94
C VAL L 91 73.90 55.57 60.11
N PHE L 92 75.18 55.93 60.18
CA PHE L 92 75.67 56.75 61.27
C PHE L 92 76.68 57.77 60.74
N GLY L 93 76.82 58.87 61.47
CA GLY L 93 77.85 59.84 61.22
C GLY L 93 79.08 59.57 62.05
N GLN L 94 79.87 60.63 62.26
CA GLN L 94 81.07 60.48 63.08
C GLN L 94 81.28 61.61 64.08
N SER L 95 80.58 62.73 63.96
CA SER L 95 80.81 63.88 64.84
C SER L 95 79.78 64.01 65.94
N GLY L 96 78.52 63.73 65.65
CA GLY L 96 77.45 63.95 66.61
C GLY L 96 76.87 65.34 66.52
N ALA L 97 75.75 65.54 67.22
CA ALA L 97 75.08 66.82 67.23
C ALA L 97 75.36 67.65 68.47
N GLY L 98 75.70 67.01 69.58
CA GLY L 98 75.97 67.75 70.80
C GLY L 98 74.77 68.49 71.33
N ASN L 99 73.60 67.87 71.30
CA ASN L 99 72.35 68.47 71.76
C ASN L 99 72.07 69.78 71.03
N ASN L 100 72.33 69.80 69.72
CA ASN L 100 72.12 70.97 68.89
C ASN L 100 71.16 70.60 67.77
N TRP L 101 69.95 71.17 67.80
CA TRP L 101 68.99 70.96 66.73
C TRP L 101 69.49 71.52 65.41
N ALA L 102 70.18 72.66 65.47
CA ALA L 102 70.58 73.37 64.26
C ALA L 102 71.51 72.51 63.41
N LYS L 103 72.60 72.00 64.00
CA LYS L 103 73.53 71.21 63.23
C LYS L 103 73.03 69.79 63.00
N GLY L 104 72.06 69.33 63.79
CA GLY L 104 71.43 68.06 63.51
C GLY L 104 70.39 68.11 62.42
N HIS L 105 69.97 69.31 62.02
CA HIS L 105 68.97 69.48 60.98
C HIS L 105 69.50 70.12 59.71
N TYR L 106 70.51 70.97 59.79
CA TYR L 106 70.93 71.76 58.63
C TYR L 106 72.36 71.46 58.20
N THR L 107 73.34 71.54 59.12
CA THR L 107 74.73 71.51 58.71
C THR L 107 75.20 70.10 58.35
N GLU L 108 75.19 69.20 59.33
CA GLU L 108 75.72 67.87 59.12
C GLU L 108 74.67 66.77 59.22
N GLY L 109 73.48 67.07 59.75
CA GLY L 109 72.38 66.13 59.61
C GLY L 109 71.93 66.00 58.17
N ALA L 110 71.86 67.11 57.45
CA ALA L 110 71.49 67.09 56.04
C ALA L 110 72.56 66.42 55.19
N GLU L 111 73.80 66.38 55.65
CA GLU L 111 74.83 65.67 54.92
C GLU L 111 74.63 64.16 55.01
N LEU L 112 74.11 63.67 56.13
CA LEU L 112 73.90 62.24 56.34
C LEU L 112 72.51 61.78 55.92
N VAL L 113 71.56 62.70 55.75
CA VAL L 113 70.19 62.30 55.47
C VAL L 113 70.05 61.66 54.09
N ASP L 114 71.00 61.89 53.18
CA ASP L 114 70.92 61.31 51.84
C ASP L 114 71.01 59.79 51.90
N SER L 115 71.95 59.26 52.69
CA SER L 115 72.05 57.81 52.83
C SER L 115 70.82 57.24 53.51
N VAL L 116 70.25 57.96 54.47
CA VAL L 116 69.04 57.50 55.13
C VAL L 116 67.89 57.40 54.12
N LEU L 117 67.76 58.42 53.28
CA LEU L 117 66.74 58.37 52.23
C LEU L 117 66.98 57.22 51.27
N ASP L 118 68.24 56.96 50.92
CA ASP L 118 68.53 55.84 50.02
C ASP L 118 68.12 54.52 50.65
N VAL L 119 68.42 54.33 51.94
CA VAL L 119 68.11 53.06 52.59
C VAL L 119 66.60 52.89 52.77
N VAL L 120 65.90 53.96 53.16
CA VAL L 120 64.45 53.83 53.31
C VAL L 120 63.79 53.65 51.96
N ARG L 121 64.36 54.22 50.90
CA ARG L 121 63.86 53.96 49.55
C ARG L 121 64.04 52.50 49.17
N LYS L 122 65.21 51.94 49.48
CA LYS L 122 65.44 50.54 49.20
C LYS L 122 64.43 49.67 49.93
N GLU L 123 64.18 49.98 51.20
CA GLU L 123 63.19 49.23 51.95
C GLU L 123 61.76 49.42 51.40
N SER L 124 61.43 50.62 50.96
CA SER L 124 60.05 50.91 50.55
C SER L 124 59.70 50.27 49.22
N GLU L 125 60.52 50.50 48.18
CA GLU L 125 60.27 49.75 46.95
C GLU L 125 60.77 48.31 47.02
N SER L 126 61.35 47.88 48.13
CA SER L 126 61.61 46.45 48.30
C SER L 126 60.33 45.68 48.62
N CYS L 127 59.40 46.31 49.33
CA CYS L 127 58.21 45.63 49.82
C CYS L 127 57.05 45.78 48.84
N ASP L 128 56.00 45.01 49.09
CA ASP L 128 54.88 44.91 48.16
C ASP L 128 53.94 46.10 48.28
N CYS L 129 53.29 46.26 49.43
CA CYS L 129 52.32 47.33 49.65
C CYS L 129 52.67 48.03 50.95
N LEU L 130 53.54 49.03 50.88
CA LEU L 130 53.85 49.84 52.04
C LEU L 130 52.65 50.70 52.40
N GLN L 131 52.32 50.77 53.69
CA GLN L 131 51.20 51.55 54.15
C GLN L 131 51.58 52.66 55.12
N GLY L 132 52.80 52.67 55.64
CA GLY L 132 53.19 53.75 56.53
C GLY L 132 54.61 53.59 57.02
N PHE L 133 55.05 54.60 57.75
CA PHE L 133 56.38 54.64 58.35
C PHE L 133 56.25 54.81 59.86
N GLN L 134 57.23 54.30 60.59
CA GLN L 134 57.33 54.52 62.02
C GLN L 134 58.70 55.09 62.33
N LEU L 135 58.73 56.18 63.10
CA LEU L 135 59.98 56.78 63.54
C LEU L 135 59.97 56.91 65.05
N THR L 136 61.04 56.46 65.68
CA THR L 136 61.24 56.61 67.12
C THR L 136 62.39 57.58 67.35
N HIS L 137 62.11 58.64 68.08
CA HIS L 137 63.12 59.68 68.31
C HIS L 137 62.74 60.48 69.55
N SER L 138 63.52 61.50 69.83
CA SER L 138 63.32 62.38 70.97
C SER L 138 63.04 63.80 70.48
N LEU L 139 62.90 64.72 71.44
CA LEU L 139 62.79 66.13 71.14
C LEU L 139 63.84 66.99 71.83
N GLY L 140 64.34 66.57 72.99
CA GLY L 140 65.31 67.36 73.72
C GLY L 140 66.69 67.31 73.12
N GLY L 141 66.99 66.26 72.35
CA GLY L 141 68.30 66.09 71.78
C GLY L 141 68.49 66.84 70.47
N GLY L 142 69.70 66.77 69.96
CA GLY L 142 70.02 67.39 68.69
C GLY L 142 69.96 66.43 67.52
N THR L 143 70.53 65.24 67.70
CA THR L 143 70.50 64.23 66.64
C THR L 143 69.08 63.74 66.41
N GLY L 144 68.45 63.19 67.44
CA GLY L 144 67.12 62.64 67.33
C GLY L 144 66.12 63.62 66.77
N SER L 145 65.86 64.70 67.51
CA SER L 145 64.86 65.68 67.10
C SER L 145 65.12 66.20 65.70
N GLY L 146 66.27 66.85 65.49
CA GLY L 146 66.51 67.51 64.22
C GLY L 146 66.61 66.56 63.04
N MET L 147 67.39 65.48 63.19
CA MET L 147 67.59 64.59 62.05
C MET L 147 66.35 63.77 61.75
N GLY L 148 65.67 63.25 62.77
CA GLY L 148 64.41 62.60 62.52
C GLY L 148 63.38 63.55 61.94
N THR L 149 63.46 64.82 62.32
CA THR L 149 62.53 65.81 61.77
C THR L 149 62.76 66.02 60.29
N LEU L 150 64.02 66.17 59.89
CA LEU L 150 64.35 66.32 58.47
C LEU L 150 64.01 65.06 57.68
N LEU L 151 64.23 63.89 58.29
CA LEU L 151 63.86 62.64 57.64
C LEU L 151 62.35 62.57 57.43
N ILE L 152 61.56 62.96 58.43
CA ILE L 152 60.11 62.99 58.27
C ILE L 152 59.72 63.94 57.15
N SER L 153 60.35 65.12 57.12
CA SER L 153 60.03 66.10 56.08
C SER L 153 60.30 65.52 54.70
N LYS L 154 61.47 64.91 54.50
CA LYS L 154 61.79 64.34 53.20
C LYS L 154 60.85 63.19 52.83
N ILE L 155 60.52 62.34 53.81
CA ILE L 155 59.64 61.21 53.55
C ILE L 155 58.26 61.70 53.11
N ARG L 156 57.71 62.70 53.80
CA ARG L 156 56.42 63.23 53.40
C ARG L 156 56.50 63.97 52.07
N GLU L 157 57.63 64.61 51.76
CA GLU L 157 57.76 65.23 50.45
C GLU L 157 57.84 64.18 49.35
N GLU L 158 58.26 62.96 49.66
CA GLU L 158 58.39 61.94 48.64
C GLU L 158 57.42 60.77 48.82
N TYR L 159 56.83 60.59 50.01
CA TYR L 159 55.70 59.68 50.21
C TYR L 159 54.58 60.49 50.86
N PRO L 160 53.84 61.28 50.08
CA PRO L 160 52.86 62.20 50.68
C PRO L 160 51.57 61.53 51.14
N ASP L 161 51.27 60.32 50.69
CA ASP L 161 49.99 59.68 50.97
C ASP L 161 50.13 58.43 51.83
N ARG L 162 51.21 58.30 52.59
CA ARG L 162 51.40 57.22 53.53
C ARG L 162 51.34 57.78 54.95
N ILE L 163 50.89 56.96 55.88
CA ILE L 163 50.70 57.40 57.26
C ILE L 163 52.04 57.48 57.97
N MET L 164 52.22 58.55 58.75
CA MET L 164 53.42 58.75 59.56
C MET L 164 53.09 58.44 61.02
N ASN L 165 53.93 57.62 61.65
CA ASN L 165 53.82 57.35 63.08
C ASN L 165 55.12 57.76 63.75
N THR L 166 55.02 58.57 64.79
CA THR L 166 56.18 59.05 65.54
C THR L 166 55.94 58.83 67.02
N PHE L 167 56.69 57.91 67.61
CA PHE L 167 56.62 57.66 69.05
C PHE L 167 57.71 58.49 69.71
N SER L 168 57.43 59.77 69.85
CA SER L 168 58.42 60.77 70.24
C SER L 168 58.30 61.08 71.72
N VAL L 169 59.43 61.07 72.42
CA VAL L 169 59.46 61.48 73.82
C VAL L 169 59.75 62.96 73.89
N VAL L 170 58.98 63.68 74.70
CA VAL L 170 59.07 65.13 74.80
C VAL L 170 59.76 65.50 76.10
N PRO L 171 60.43 66.65 76.18
CA PRO L 171 61.04 67.03 77.45
C PRO L 171 60.00 67.42 78.48
N SER L 172 60.39 67.31 79.75
CA SER L 172 59.54 67.63 80.88
C SER L 172 60.28 68.54 81.83
N PRO L 173 59.57 69.42 82.54
CA PRO L 173 60.27 70.40 83.37
C PRO L 173 60.94 69.80 84.60
N LYS L 174 60.39 68.72 85.15
CA LYS L 174 60.96 68.15 86.37
C LYS L 174 62.33 67.52 86.09
N VAL L 175 62.43 66.70 85.05
CA VAL L 175 63.70 66.09 84.68
C VAL L 175 64.19 66.65 83.35
N SER L 176 65.05 67.66 83.43
CA SER L 176 65.61 68.34 82.26
C SER L 176 67.10 68.05 82.25
N ASP L 177 67.51 67.06 81.45
CA ASP L 177 68.91 66.69 81.39
C ASP L 177 69.74 67.61 80.50
N THR L 178 69.10 68.44 79.68
CA THR L 178 69.80 69.33 78.77
C THR L 178 69.21 70.73 78.88
N VAL L 179 70.10 71.74 78.94
CA VAL L 179 69.65 73.11 79.14
C VAL L 179 68.87 73.62 77.92
N VAL L 180 69.24 73.19 76.72
CA VAL L 180 68.65 73.70 75.50
C VAL L 180 67.51 72.81 75.02
N GLU L 181 66.93 72.00 75.90
CA GLU L 181 65.82 71.14 75.51
C GLU L 181 64.62 71.89 74.96
N PRO L 182 64.15 73.01 75.56
CA PRO L 182 62.99 73.70 74.97
C PRO L 182 63.22 74.20 73.56
N TYR L 183 64.42 74.67 73.23
CA TYR L 183 64.70 75.11 71.86
C TYR L 183 64.49 73.97 70.87
N ASN L 184 65.11 72.83 71.12
CA ASN L 184 64.99 71.70 70.21
C ASN L 184 63.56 71.20 70.17
N ALA L 185 62.88 71.18 71.32
CA ALA L 185 61.50 70.70 71.36
C ALA L 185 60.60 71.56 70.50
N THR L 186 60.68 72.88 70.65
CA THR L 186 59.83 73.76 69.86
C THR L 186 60.18 73.67 68.37
N LEU L 187 61.47 73.64 68.06
CA LEU L 187 61.89 73.57 66.66
C LEU L 187 61.41 72.28 66.01
N SER L 188 61.35 71.19 66.79
CA SER L 188 60.83 69.94 66.24
C SER L 188 59.31 69.99 66.09
N VAL L 189 58.62 70.49 67.11
CA VAL L 189 57.16 70.45 67.11
C VAL L 189 56.59 71.31 65.99
N HIS L 190 57.26 72.43 65.68
CA HIS L 190 56.79 73.34 64.64
C HIS L 190 56.40 72.61 63.37
N GLN L 191 57.17 71.62 62.97
CA GLN L 191 56.89 70.87 61.76
C GLN L 191 56.55 69.41 61.98
N LEU L 192 56.64 68.88 63.21
CA LEU L 192 55.84 67.71 63.53
C LEU L 192 54.35 68.03 63.51
N VAL L 193 53.99 69.31 63.53
CA VAL L 193 52.60 69.73 63.39
C VAL L 193 52.04 69.28 62.04
N GLU L 194 52.79 69.49 60.96
CA GLU L 194 52.25 69.21 59.62
C GLU L 194 52.88 68.02 58.93
N ASN L 195 54.05 67.54 59.37
CA ASN L 195 54.72 66.46 58.66
C ASN L 195 54.40 65.08 59.22
N THR L 196 53.67 64.98 60.32
CA THR L 196 53.36 63.69 60.93
C THR L 196 51.85 63.46 60.90
N ASP L 197 51.44 62.27 60.47
CA ASP L 197 50.02 61.95 60.46
C ASP L 197 49.48 61.76 61.87
N GLU L 198 50.29 61.19 62.77
CA GLU L 198 49.96 61.15 64.19
C GLU L 198 51.24 61.03 64.99
N THR L 199 51.25 61.63 66.18
CA THR L 199 52.40 61.64 67.05
C THR L 199 51.98 61.18 68.43
N TYR L 200 52.75 60.26 69.01
CA TYR L 200 52.48 59.73 70.34
C TYR L 200 53.35 60.48 71.35
N CYS L 201 52.72 61.36 72.12
CA CYS L 201 53.45 62.23 73.03
C CYS L 201 53.81 61.45 74.28
N ILE L 202 55.08 61.12 74.43
CA ILE L 202 55.59 60.38 75.57
C ILE L 202 56.58 61.29 76.29
N ASP L 203 56.78 61.03 77.58
CA ASP L 203 57.79 61.76 78.33
C ASP L 203 58.30 60.90 79.47
N ASN L 204 59.53 61.18 79.89
CA ASN L 204 60.18 60.35 80.90
C ASN L 204 59.54 60.51 82.26
N GLU L 205 58.86 61.63 82.51
CA GLU L 205 58.23 61.83 83.80
C GLU L 205 57.11 60.83 84.04
N ALA L 206 56.21 60.67 83.06
CA ALA L 206 55.09 59.75 83.23
C ALA L 206 55.56 58.31 83.32
N LEU L 207 56.55 57.95 82.49
CA LEU L 207 57.09 56.59 82.54
C LEU L 207 57.75 56.32 83.89
N TYR L 208 58.54 57.29 84.38
CA TYR L 208 59.11 57.17 85.72
C TYR L 208 58.03 56.97 86.76
N ASP L 209 57.00 57.83 86.77
CA ASP L 209 55.97 57.76 87.81
C ASP L 209 55.23 56.43 87.76
N ILE L 210 54.96 55.93 86.55
CA ILE L 210 54.35 54.61 86.41
C ILE L 210 55.26 53.55 87.04
N CYS L 211 56.56 53.62 86.74
CA CYS L 211 57.49 52.64 87.28
C CYS L 211 57.56 52.71 88.81
N PHE L 212 57.54 53.93 89.37
CA PHE L 212 57.64 54.06 90.82
C PHE L 212 56.37 53.58 91.53
N ARG L 213 55.22 54.16 91.19
CA ARG L 213 54.07 53.87 92.06
C ARG L 213 53.07 52.89 91.44
N THR L 214 53.07 52.71 90.12
CA THR L 214 52.18 51.70 89.54
C THR L 214 52.85 50.34 89.53
N LEU L 215 54.04 50.24 88.94
CA LEU L 215 54.77 48.99 88.90
C LEU L 215 55.49 48.68 90.20
N LYS L 216 55.57 49.64 91.12
CA LYS L 216 56.28 49.47 92.40
C LYS L 216 57.71 49.04 92.17
N LEU L 217 58.34 49.61 91.14
CA LEU L 217 59.71 49.26 90.80
C LEU L 217 60.66 50.24 91.48
N THR L 218 61.57 49.71 92.30
CA THR L 218 62.38 50.56 93.16
C THR L 218 63.38 51.39 92.36
N THR L 219 64.12 50.76 91.45
CA THR L 219 65.18 51.41 90.69
C THR L 219 64.95 51.18 89.21
N PRO L 220 64.01 51.90 88.59
CA PRO L 220 63.76 51.71 87.16
C PRO L 220 64.85 52.37 86.33
N THR L 221 65.44 51.58 85.43
CA THR L 221 66.39 52.10 84.47
C THR L 221 65.68 52.44 83.16
N TYR L 222 66.44 52.91 82.18
CA TYR L 222 65.85 53.25 80.88
C TYR L 222 65.29 52.02 80.17
N GLY L 223 65.75 50.82 80.52
CA GLY L 223 65.25 49.63 79.88
C GLY L 223 63.76 49.42 80.13
N ASP L 224 63.32 49.68 81.36
CA ASP L 224 61.90 49.53 81.68
C ASP L 224 61.04 50.55 80.92
N LEU L 225 61.51 51.78 80.84
CA LEU L 225 60.77 52.81 80.09
C LEU L 225 60.64 52.42 78.63
N ASN L 226 61.76 52.00 78.03
CA ASN L 226 61.72 51.56 76.64
C ASN L 226 60.84 50.32 76.49
N HIS L 227 60.75 49.48 77.52
CA HIS L 227 59.88 48.31 77.45
C HIS L 227 58.41 48.69 77.43
N LEU L 228 58.01 49.66 78.27
CA LEU L 228 56.63 50.16 78.19
C LEU L 228 56.34 50.80 76.83
N VAL L 229 57.28 51.58 76.31
CA VAL L 229 57.04 52.19 75.01
C VAL L 229 56.92 51.12 73.92
N SER L 230 57.74 50.08 74.02
CA SER L 230 57.65 48.96 73.07
C SER L 230 56.31 48.25 73.19
N ALA L 231 55.83 48.06 74.41
CA ALA L 231 54.54 47.41 74.61
C ALA L 231 53.42 48.25 74.00
N THR L 232 53.49 49.57 74.16
CA THR L 232 52.50 50.46 73.55
C THR L 232 52.52 50.35 72.03
N MET L 233 53.72 50.38 71.44
CA MET L 233 53.81 50.29 69.98
C MET L 233 53.29 48.95 69.46
N SER L 234 53.66 47.85 70.15
CA SER L 234 53.19 46.54 69.73
C SER L 234 51.67 46.44 69.86
N GLY L 235 51.10 46.97 70.94
CA GLY L 235 49.66 46.99 71.06
C GLY L 235 48.98 47.81 69.99
N VAL L 236 49.62 48.90 69.56
CA VAL L 236 49.06 49.72 68.49
C VAL L 236 49.02 48.92 67.19
N THR L 237 50.10 48.21 66.88
CA THR L 237 50.22 47.54 65.58
C THR L 237 49.71 46.10 65.60
N THR L 238 49.21 45.62 66.75
CA THR L 238 48.76 44.23 66.83
C THR L 238 47.65 43.92 65.84
N CYS L 239 46.70 44.84 65.66
CA CYS L 239 45.60 44.59 64.74
C CYS L 239 46.09 44.37 63.32
N LEU L 240 47.11 45.12 62.89
CA LEU L 240 47.75 44.83 61.62
C LEU L 240 48.44 43.47 61.64
N ARG L 241 49.12 43.15 62.75
CA ARG L 241 49.93 41.94 62.79
C ARG L 241 49.11 40.68 63.09
N PHE L 242 47.99 40.78 63.77
CA PHE L 242 47.23 39.61 64.17
C PHE L 242 45.75 39.83 63.90
N PRO L 243 44.99 38.75 63.69
CA PRO L 243 43.55 38.90 63.44
C PRO L 243 42.77 39.18 64.72
N GLY L 244 41.47 39.41 64.58
CA GLY L 244 40.64 39.66 65.74
C GLY L 244 39.19 39.82 65.33
N GLN L 245 38.33 39.92 66.34
CA GLN L 245 36.91 40.12 66.08
C GLN L 245 36.61 41.47 65.45
N LEU L 246 37.51 42.44 65.59
CA LEU L 246 37.31 43.75 64.98
C LEU L 246 38.68 44.36 64.74
N ASN L 247 39.13 44.33 63.48
CA ASN L 247 40.46 44.81 63.13
C ASN L 247 40.45 46.33 62.97
N ALA L 248 41.63 46.92 63.13
CA ALA L 248 41.79 48.37 62.99
C ALA L 248 43.24 48.66 62.65
N ASP L 249 43.49 49.03 61.39
CA ASP L 249 44.85 49.36 60.96
C ASP L 249 45.20 50.77 61.40
N LEU L 250 46.35 51.27 60.95
CA LEU L 250 46.79 52.59 61.38
C LEU L 250 45.92 53.70 60.81
N ARG L 251 45.46 53.53 59.56
CA ARG L 251 44.61 54.57 58.97
C ARG L 251 43.25 54.65 59.63
N LYS L 252 42.71 53.52 60.09
CA LYS L 252 41.43 53.56 60.79
C LYS L 252 41.55 54.33 62.09
N LEU L 253 42.63 54.09 62.84
CA LEU L 253 42.90 54.90 64.04
C LEU L 253 43.14 56.36 63.68
N ALA L 254 43.83 56.62 62.58
CA ALA L 254 44.09 58.01 62.19
C ALA L 254 42.78 58.75 61.88
N VAL L 255 41.87 58.10 61.16
CA VAL L 255 40.62 58.77 60.81
C VAL L 255 39.63 58.80 61.97
N ASN L 256 39.78 57.91 62.96
CA ASN L 256 38.89 57.96 64.11
C ASN L 256 39.47 58.77 65.27
N MET L 257 40.72 59.19 65.19
CA MET L 257 41.36 59.93 66.27
C MET L 257 41.78 61.35 65.89
N VAL L 258 41.77 61.69 64.61
CA VAL L 258 42.19 63.00 64.15
C VAL L 258 41.00 63.69 63.52
N PRO L 259 40.26 64.51 64.27
CA PRO L 259 39.11 65.21 63.70
C PRO L 259 39.53 66.36 62.80
N PHE L 260 40.64 67.01 63.14
CA PHE L 260 41.20 68.10 62.37
C PHE L 260 42.71 67.86 62.25
N PRO L 261 43.33 68.24 61.13
CA PRO L 261 44.67 67.73 60.82
C PRO L 261 45.72 68.08 61.86
N ARG L 262 45.57 69.17 62.60
CA ARG L 262 46.56 69.54 63.60
C ARG L 262 46.40 68.79 64.92
N LEU L 263 45.30 68.06 65.10
CA LEU L 263 45.02 67.37 66.35
C LEU L 263 45.40 65.90 66.20
N HIS L 264 46.70 65.63 66.25
CA HIS L 264 47.18 64.25 66.16
C HIS L 264 48.31 64.01 67.14
N PHE L 265 48.25 64.63 68.31
CA PHE L 265 49.21 64.39 69.38
C PHE L 265 48.48 63.59 70.46
N PHE L 266 48.81 62.31 70.57
CA PHE L 266 48.08 61.38 71.41
C PHE L 266 48.90 61.00 72.63
N MET L 267 48.27 61.01 73.79
CA MET L 267 48.89 60.46 74.98
C MET L 267 48.63 58.96 75.04
N PRO L 268 49.65 58.12 75.11
CA PRO L 268 49.44 56.68 75.08
C PRO L 268 49.33 56.08 76.48
N GLY L 269 48.99 54.80 76.51
CA GLY L 269 48.87 54.07 77.76
C GLY L 269 48.75 52.59 77.50
N PHE L 270 49.10 51.82 78.52
CA PHE L 270 49.08 50.36 78.43
C PHE L 270 48.45 49.79 79.68
N ALA L 271 47.73 48.68 79.51
CA ALA L 271 47.10 47.97 80.62
C ALA L 271 47.06 46.49 80.27
N PRO L 272 47.12 45.60 81.27
CA PRO L 272 47.28 45.86 82.71
C PRO L 272 48.73 46.06 83.11
N LEU L 273 48.97 46.82 84.18
CA LEU L 273 50.30 47.02 84.73
C LEU L 273 50.22 46.82 86.23
N THR L 274 50.70 45.68 86.71
CA THR L 274 50.58 45.32 88.12
C THR L 274 51.97 45.01 88.68
N SER L 275 52.14 45.31 89.96
CA SER L 275 53.37 44.95 90.64
C SER L 275 53.42 43.45 90.88
N ARG L 276 54.62 42.95 91.17
CA ARG L 276 54.80 41.53 91.41
C ARG L 276 54.06 41.08 92.67
N GLY L 277 54.12 41.90 93.72
CA GLY L 277 53.46 41.52 94.97
C GLY L 277 51.95 41.61 94.90
N SER L 278 51.43 42.45 94.01
CA SER L 278 49.99 42.65 93.88
C SER L 278 49.40 41.94 92.68
N GLN L 279 50.14 41.01 92.06
CA GLN L 279 49.65 40.36 90.86
C GLN L 279 48.50 39.40 91.16
N GLN L 280 48.54 38.73 92.30
CA GLN L 280 47.55 37.72 92.63
C GLN L 280 46.33 38.29 93.34
N TYR L 281 46.32 39.57 93.68
CA TYR L 281 45.19 40.19 94.36
C TYR L 281 44.30 40.99 93.41
N ARG L 282 44.52 40.87 92.10
CA ARG L 282 43.80 41.69 91.14
C ARG L 282 43.05 40.81 90.15
N ALA L 283 41.88 41.28 89.73
CA ALA L 283 41.00 40.48 88.88
C ALA L 283 41.53 40.41 87.46
N LEU L 284 40.94 39.51 86.69
CA LEU L 284 41.31 39.24 85.30
C LEU L 284 40.06 39.44 84.45
N THR L 285 39.78 40.69 84.08
CA THR L 285 38.50 40.97 83.43
C THR L 285 38.58 42.30 82.70
N VAL L 286 37.59 42.52 81.83
CA VAL L 286 37.55 43.74 81.02
C VAL L 286 37.42 45.01 81.87
N PRO L 287 36.49 45.08 82.86
CA PRO L 287 36.34 46.36 83.58
C PRO L 287 37.60 46.85 84.28
N GLU L 288 38.43 45.96 84.82
CA GLU L 288 39.63 46.45 85.48
C GLU L 288 40.69 46.90 84.48
N LEU L 289 40.76 46.27 83.30
CA LEU L 289 41.55 46.84 82.22
C LEU L 289 41.07 48.24 81.86
N THR L 290 39.75 48.43 81.76
CA THR L 290 39.23 49.74 81.40
C THR L 290 39.53 50.78 82.47
N GLN L 291 39.39 50.41 83.74
CA GLN L 291 39.68 51.34 84.82
C GLN L 291 41.16 51.69 84.89
N GLN L 292 42.04 50.71 84.65
CA GLN L 292 43.46 51.02 84.56
C GLN L 292 43.76 51.88 83.35
N MET L 293 42.98 51.74 82.28
CA MET L 293 43.20 52.56 81.09
C MET L 293 42.82 54.02 81.34
N PHE L 294 41.65 54.25 81.91
CA PHE L 294 41.07 55.59 81.88
C PHE L 294 41.43 56.44 83.09
N ASP L 295 42.19 55.93 84.04
CA ASP L 295 42.64 56.78 85.13
C ASP L 295 43.77 57.70 84.65
N ALA L 296 43.93 58.83 85.35
CA ALA L 296 44.96 59.78 84.96
C ALA L 296 46.37 59.23 85.20
N LYS L 297 46.49 58.18 86.00
CA LYS L 297 47.80 57.69 86.40
C LYS L 297 48.52 57.02 85.23
N ASN L 298 47.81 56.16 84.50
CA ASN L 298 48.41 55.30 83.49
C ASN L 298 48.85 56.03 82.22
N MET L 299 48.50 57.30 82.07
CA MET L 299 48.88 58.05 80.87
C MET L 299 50.39 58.16 80.77
N MET L 300 50.92 57.91 79.58
CA MET L 300 52.35 58.01 79.33
C MET L 300 52.78 59.43 78.97
N ALA L 301 51.97 60.43 79.31
CA ALA L 301 52.34 61.83 79.20
C ALA L 301 51.99 62.53 80.50
N ALA L 302 52.78 63.54 80.84
CA ALA L 302 52.57 64.30 82.08
C ALA L 302 51.43 65.31 81.91
N CYS L 303 50.27 64.78 81.52
CA CYS L 303 49.07 65.57 81.31
C CYS L 303 47.92 64.88 82.01
N ASP L 304 47.35 65.53 83.01
CA ASP L 304 46.17 65.01 83.65
C ASP L 304 44.96 65.28 82.76
N PRO L 305 44.25 64.26 82.28
CA PRO L 305 43.08 64.51 81.43
C PRO L 305 41.95 65.21 82.16
N ARG L 306 41.95 65.21 83.50
CA ARG L 306 40.90 65.89 84.24
C ARG L 306 40.89 67.40 84.01
N HIS L 307 42.04 68.00 83.68
CA HIS L 307 42.04 69.40 83.32
C HIS L 307 41.60 69.65 81.89
N GLY L 308 41.41 68.62 81.09
CA GLY L 308 41.02 68.80 79.71
C GLY L 308 39.83 67.97 79.31
N ARG L 309 39.56 67.92 78.01
CA ARG L 309 38.46 67.13 77.46
C ARG L 309 39.01 66.18 76.40
N TYR L 310 38.53 64.95 76.44
CA TYR L 310 38.93 63.96 75.44
C TYR L 310 38.23 64.26 74.12
N LEU L 311 39.01 64.55 73.08
CA LEU L 311 38.42 64.68 71.75
C LEU L 311 37.98 63.31 71.22
N THR L 312 38.93 62.39 71.11
CA THR L 312 38.66 61.01 70.72
C THR L 312 39.53 60.09 71.56
N VAL L 313 39.08 58.84 71.72
CA VAL L 313 39.80 57.84 72.50
C VAL L 313 39.86 56.56 71.69
N ALA L 314 41.06 56.00 71.57
CA ALA L 314 41.27 54.72 70.90
C ALA L 314 41.63 53.67 71.94
N ALA L 315 40.96 52.53 71.89
CA ALA L 315 41.18 51.43 72.82
C ALA L 315 41.40 50.16 72.02
N VAL L 316 42.64 49.70 71.96
CA VAL L 316 42.99 48.49 71.23
C VAL L 316 43.16 47.37 72.23
N PHE L 317 42.21 46.43 72.22
CA PHE L 317 42.21 45.31 73.15
C PHE L 317 42.78 44.07 72.48
N ARG L 318 43.38 43.20 73.29
CA ARG L 318 43.96 41.96 72.81
C ARG L 318 43.60 40.82 73.74
N GLY L 319 43.19 39.69 73.19
CA GLY L 319 42.93 38.49 73.94
C GLY L 319 41.50 37.98 73.74
N ARG L 320 41.21 36.86 74.39
CA ARG L 320 39.88 36.26 74.38
C ARG L 320 38.96 37.14 75.20
N MET L 321 38.20 38.01 74.52
CA MET L 321 37.41 39.02 75.19
C MET L 321 36.01 39.06 74.61
N SER L 322 35.06 39.46 75.43
CA SER L 322 33.66 39.54 75.03
C SER L 322 33.35 40.94 74.54
N MET L 323 32.73 41.03 73.36
CA MET L 323 32.47 42.32 72.75
C MET L 323 31.45 43.12 73.56
N LYS L 324 30.41 42.46 74.07
CA LYS L 324 29.39 43.19 74.82
C LYS L 324 29.97 43.79 76.08
N GLU L 325 30.84 43.04 76.76
CA GLU L 325 31.46 43.55 77.99
C GLU L 325 32.29 44.78 77.70
N VAL L 326 33.10 44.75 76.65
CA VAL L 326 33.91 45.90 76.27
C VAL L 326 33.03 47.10 75.93
N ASP L 327 31.98 46.86 75.14
CA ASP L 327 31.11 47.95 74.71
C ASP L 327 30.39 48.58 75.90
N GLU L 328 29.87 47.75 76.81
CA GLU L 328 29.22 48.27 78.01
C GLU L 328 30.21 49.04 78.87
N GLN L 329 31.44 48.53 79.00
CA GLN L 329 32.44 49.23 79.80
C GLN L 329 32.74 50.61 79.24
N MET L 330 32.97 50.72 77.93
CA MET L 330 33.34 52.02 77.38
C MET L 330 32.15 52.96 77.34
N LEU L 331 30.95 52.44 77.12
CA LEU L 331 29.76 53.27 77.23
C LEU L 331 29.58 53.81 78.64
N ASN L 332 29.80 52.96 79.65
CA ASN L 332 29.69 53.42 81.03
C ASN L 332 30.75 54.46 81.34
N VAL L 333 31.96 54.29 80.81
CA VAL L 333 33.01 55.29 81.01
C VAL L 333 32.59 56.62 80.40
N GLN L 334 32.01 56.59 79.19
CA GLN L 334 31.55 57.82 78.57
C GLN L 334 30.42 58.47 79.37
N ASN L 335 29.49 57.66 79.88
CA ASN L 335 28.33 58.21 80.57
C ASN L 335 28.70 58.79 81.93
N LYS L 336 29.50 58.08 82.71
CA LYS L 336 29.85 58.55 84.05
C LYS L 336 30.72 59.81 84.01
N ASN L 337 31.39 60.07 82.89
CA ASN L 337 32.32 61.17 82.76
C ASN L 337 31.97 62.02 81.55
N SER L 338 30.69 62.39 81.44
CA SER L 338 30.25 63.19 80.30
C SER L 338 30.91 64.55 80.28
N SER L 339 31.32 65.07 81.44
CA SER L 339 31.98 66.37 81.49
C SER L 339 33.40 66.31 80.96
N TYR L 340 34.05 65.14 81.00
CA TYR L 340 35.44 65.01 80.58
C TYR L 340 35.59 64.65 79.10
N PHE L 341 34.48 64.56 78.36
CA PHE L 341 34.51 64.24 76.94
C PHE L 341 33.88 65.37 76.15
N VAL L 342 34.43 65.65 74.98
CA VAL L 342 33.90 66.71 74.13
C VAL L 342 32.49 66.36 73.68
N GLU L 343 31.63 67.36 73.57
CA GLU L 343 30.21 67.13 73.37
C GLU L 343 29.79 67.08 71.91
N TRP L 344 30.43 67.85 71.03
CA TRP L 344 30.01 67.86 69.64
C TRP L 344 30.53 66.69 68.84
N ILE L 345 31.29 65.78 69.46
CA ILE L 345 31.61 64.50 68.85
C ILE L 345 30.99 63.42 69.72
N PRO L 346 29.78 62.96 69.42
CA PRO L 346 29.19 61.87 70.21
C PRO L 346 29.95 60.57 69.99
N ASN L 347 30.00 59.77 71.05
CA ASN L 347 30.71 58.49 71.05
C ASN L 347 32.18 58.70 70.69
N ASN L 348 32.88 59.39 71.59
CA ASN L 348 34.30 59.70 71.45
C ASN L 348 35.20 58.47 71.54
N VAL L 349 34.63 57.27 71.53
CA VAL L 349 35.36 56.03 71.75
C VAL L 349 35.46 55.26 70.45
N LYS L 350 36.67 54.83 70.11
CA LYS L 350 36.88 53.78 69.12
C LYS L 350 37.40 52.54 69.83
N THR L 351 36.80 51.39 69.52
CA THR L 351 37.15 50.13 70.15
C THR L 351 37.64 49.15 69.09
N ALA L 352 38.81 48.57 69.33
CA ALA L 352 39.36 47.52 68.49
C ALA L 352 39.80 46.36 69.36
N VAL L 353 39.46 45.15 68.95
CA VAL L 353 39.75 43.94 69.73
C VAL L 353 40.52 42.97 68.84
N CYS L 354 41.66 42.50 69.35
CA CYS L 354 42.51 41.56 68.65
C CYS L 354 42.54 40.21 69.36
N ASP L 355 42.93 39.18 68.62
CA ASP L 355 42.89 37.83 69.16
C ASP L 355 44.10 37.52 70.03
N ILE L 356 45.29 37.61 69.46
CA ILE L 356 46.50 37.15 70.14
C ILE L 356 46.90 38.13 71.23
N PRO L 357 46.98 37.69 72.48
CA PRO L 357 47.43 38.57 73.55
C PRO L 357 48.95 38.59 73.64
N PRO L 358 49.53 39.55 74.34
CA PRO L 358 50.98 39.56 74.54
C PRO L 358 51.44 38.36 75.35
N ARG L 359 52.69 38.00 75.15
CA ARG L 359 53.27 36.85 75.85
C ARG L 359 53.23 37.06 77.36
N GLY L 360 52.81 36.03 78.08
CA GLY L 360 52.70 36.09 79.53
C GLY L 360 51.38 36.62 80.05
N LEU L 361 50.49 37.09 79.18
CA LEU L 361 49.19 37.58 79.59
C LEU L 361 48.14 37.05 78.64
N LYS L 362 46.91 36.94 79.13
CA LYS L 362 45.79 36.57 78.28
C LYS L 362 44.91 37.74 77.89
N MET L 363 45.03 38.88 78.59
CA MET L 363 44.28 40.08 78.28
C MET L 363 45.20 41.28 78.39
N SER L 364 45.06 42.20 77.44
CA SER L 364 45.84 43.44 77.45
C SER L 364 45.07 44.48 76.67
N ALA L 365 45.49 45.74 76.86
CA ALA L 365 44.83 46.85 76.19
C ALA L 365 45.82 47.97 75.97
N THR L 366 45.61 48.71 74.89
CA THR L 366 46.43 49.87 74.56
C THR L 366 45.51 51.09 74.50
N PHE L 367 45.85 52.11 75.27
CA PHE L 367 45.08 53.34 75.31
C PHE L 367 45.76 54.38 74.44
N ILE L 368 45.03 54.90 73.46
CA ILE L 368 45.46 56.04 72.66
C ILE L 368 44.41 57.12 72.80
N GLY L 369 44.80 58.27 73.35
CA GLY L 369 43.83 59.31 73.64
C GLY L 369 44.22 60.67 73.07
N ASN L 370 43.32 61.24 72.27
CA ASN L 370 43.50 62.59 71.75
C ASN L 370 42.74 63.54 72.67
N SER L 371 43.46 64.22 73.55
CA SER L 371 42.86 65.06 74.56
C SER L 371 43.45 66.46 74.50
N THR L 372 42.69 67.42 75.02
CA THR L 372 43.14 68.80 75.09
C THR L 372 44.15 69.03 76.21
N ALA L 373 44.41 68.03 77.03
CA ALA L 373 45.40 68.15 78.09
C ALA L 373 46.83 68.28 77.57
N ILE L 374 47.06 68.00 76.29
CA ILE L 374 48.38 68.18 75.70
C ILE L 374 48.71 69.67 75.56
N GLN L 375 47.70 70.53 75.68
CA GLN L 375 47.94 71.96 75.53
C GLN L 375 48.87 72.48 76.61
N GLU L 376 48.77 71.95 77.84
CA GLU L 376 49.63 72.44 78.90
C GLU L 376 51.04 71.90 78.78
N LEU L 377 51.19 70.68 78.27
CA LEU L 377 52.53 70.17 77.96
C LEU L 377 53.20 71.01 76.88
N PHE L 378 52.42 71.55 75.96
CA PHE L 378 53.01 72.48 75.02
C PHE L 378 53.24 73.86 75.61
N LYS L 379 52.37 74.30 76.53
CA LYS L 379 52.54 75.62 77.14
C LYS L 379 53.79 75.69 78.00
N ARG L 380 54.11 74.61 78.73
CA ARG L 380 55.32 74.65 79.54
C ARG L 380 56.57 74.75 78.68
N ILE L 381 56.61 74.03 77.57
CA ILE L 381 57.73 74.15 76.64
C ILE L 381 57.77 75.56 76.06
N SER L 382 56.60 76.11 75.73
CA SER L 382 56.55 77.45 75.15
C SER L 382 57.06 78.50 76.14
N GLU L 383 56.69 78.39 77.41
CA GLU L 383 57.13 79.38 78.38
C GLU L 383 58.60 79.23 78.72
N GLN L 384 59.13 78.00 78.75
CA GLN L 384 60.57 77.84 78.90
C GLN L 384 61.32 78.44 77.71
N PHE L 385 60.80 78.23 76.51
CA PHE L 385 61.39 78.82 75.31
C PHE L 385 61.34 80.34 75.37
N THR L 386 60.22 80.90 75.81
CA THR L 386 60.11 82.35 75.91
C THR L 386 61.07 82.91 76.95
N ALA L 387 61.22 82.22 78.08
CA ALA L 387 62.15 82.66 79.11
C ALA L 387 63.58 82.66 78.59
N MET L 388 63.99 81.60 77.89
CA MET L 388 65.37 81.56 77.42
C MET L 388 65.58 82.39 76.16
N PHE L 389 64.50 82.76 75.47
CA PHE L 389 64.65 83.43 74.18
C PHE L 389 64.58 84.94 74.30
N ARG L 390 63.87 85.46 75.30
CA ARG L 390 63.82 86.90 75.50
C ARG L 390 65.20 87.46 75.82
N ARG L 391 65.95 86.75 76.66
CA ARG L 391 67.30 87.16 77.03
C ARG L 391 68.34 86.73 76.01
N LYS L 392 67.93 86.07 74.94
CA LYS L 392 68.82 85.66 73.84
C LYS L 392 69.93 84.74 74.39
N ALA L 393 69.50 83.60 74.91
CA ALA L 393 70.38 82.67 75.59
C ALA L 393 70.56 81.41 74.77
N PHE L 394 71.81 81.00 74.58
CA PHE L 394 72.22 79.83 73.81
C PHE L 394 71.86 79.92 72.34
N LEU L 395 71.41 81.09 71.85
CA LEU L 395 71.11 81.23 70.44
C LEU L 395 72.36 81.32 69.57
N HIS L 396 73.53 81.62 70.16
CA HIS L 396 74.69 81.84 69.32
C HIS L 396 75.15 80.55 68.64
N TRP L 397 74.96 79.41 69.30
CA TRP L 397 75.28 78.12 68.66
C TRP L 397 74.45 77.91 67.40
N TYR L 398 73.12 78.05 67.54
CA TYR L 398 72.24 77.84 66.40
C TYR L 398 72.47 78.89 65.31
N THR L 399 72.73 80.13 65.72
CA THR L 399 72.90 81.21 64.75
C THR L 399 74.19 81.03 63.95
N GLY L 400 75.31 80.76 64.64
CA GLY L 400 76.55 80.47 63.94
C GLY L 400 76.50 79.18 63.16
N GLU L 401 75.61 78.26 63.53
CA GLU L 401 75.39 77.08 62.71
C GLU L 401 74.80 77.46 61.35
N GLY L 402 73.89 78.43 61.33
CA GLY L 402 73.31 78.86 60.07
C GLY L 402 71.85 79.29 60.13
N MET L 403 71.19 79.10 61.27
CA MET L 403 69.79 79.48 61.38
C MET L 403 69.68 80.98 61.64
N ASP L 404 68.45 81.42 61.87
CA ASP L 404 68.14 82.81 62.19
C ASP L 404 67.06 82.85 63.24
N GLU L 405 66.99 83.98 63.95
CA GLU L 405 66.02 84.11 65.03
C GLU L 405 64.58 84.16 64.52
N MET L 406 64.40 84.49 63.23
CA MET L 406 63.05 84.44 62.66
C MET L 406 62.49 83.03 62.67
N GLU L 407 63.34 82.02 62.48
CA GLU L 407 62.87 80.64 62.57
C GLU L 407 62.35 80.32 63.97
N PHE L 408 63.06 80.77 65.00
CA PHE L 408 62.59 80.56 66.36
C PHE L 408 61.29 81.33 66.62
N THR L 409 61.19 82.55 66.09
CA THR L 409 59.97 83.33 66.28
C THR L 409 58.77 82.65 65.63
N GLU L 410 58.93 82.14 64.41
CA GLU L 410 57.82 81.50 63.74
C GLU L 410 57.51 80.14 64.35
N ALA L 411 58.52 79.46 64.90
CA ALA L 411 58.24 78.24 65.66
C ALA L 411 57.41 78.54 66.91
N GLU L 412 57.74 79.63 67.61
CA GLU L 412 56.93 80.04 68.75
C GLU L 412 55.51 80.39 68.33
N SER L 413 55.37 81.09 67.20
CA SER L 413 54.04 81.42 66.71
C SER L 413 53.23 80.17 66.41
N ASN L 414 53.86 79.17 65.79
CA ASN L 414 53.17 77.92 65.50
C ASN L 414 52.78 77.20 66.80
N MET L 415 53.68 77.20 67.78
CA MET L 415 53.38 76.59 69.08
C MET L 415 52.17 77.26 69.72
N ASN L 416 52.15 78.59 69.74
CA ASN L 416 51.05 79.32 70.34
C ASN L 416 49.74 79.09 69.59
N ASP L 417 49.80 79.02 68.26
CA ASP L 417 48.60 78.77 67.47
C ASP L 417 48.04 77.38 67.78
N LEU L 418 48.92 76.38 67.89
CA LEU L 418 48.47 75.04 68.26
C LEU L 418 47.85 75.02 69.65
N VAL L 419 48.48 75.70 70.62
CA VAL L 419 47.92 75.73 71.96
C VAL L 419 46.55 76.40 71.95
N SER L 420 46.42 77.50 71.19
CA SER L 420 45.16 78.22 71.12
C SER L 420 44.07 77.37 70.48
N GLU L 421 44.42 76.57 69.46
CA GLU L 421 43.38 75.79 68.81
C GLU L 421 42.94 74.59 69.66
N TYR L 422 43.87 73.94 70.38
CA TYR L 422 43.42 73.01 71.43
C TYR L 422 42.55 73.69 72.46
N GLN L 423 42.91 74.90 72.89
CA GLN L 423 42.10 75.59 73.90
C GLN L 423 40.70 75.87 73.39
N GLN L 424 40.57 76.33 72.14
CA GLN L 424 39.26 76.66 71.61
C GLN L 424 38.44 75.42 71.30
N TYR L 425 39.07 74.30 70.96
CA TYR L 425 38.31 73.07 70.82
C TYR L 425 37.95 72.45 72.17
N GLN L 426 38.66 72.83 73.24
CA GLN L 426 38.28 72.36 74.56
C GLN L 426 37.01 73.04 75.06
N ASP L 427 36.89 74.35 74.82
CA ASP L 427 35.76 75.15 75.28
C ASP L 427 35.57 75.05 76.79
N MET M 1 16.67 25.59 40.32
CA MET M 1 16.26 26.98 40.11
C MET M 1 16.26 27.74 41.43
N ARG M 2 15.41 28.76 41.50
CA ARG M 2 15.19 29.62 42.68
C ARG M 2 16.49 29.96 43.41
N GLU M 3 17.54 30.24 42.67
CA GLU M 3 18.83 30.55 43.27
C GLU M 3 18.84 31.95 43.86
N CYS M 4 19.72 32.15 44.84
CA CYS M 4 19.96 33.47 45.41
C CYS M 4 21.41 33.58 45.80
N ILE M 5 22.07 34.65 45.36
CA ILE M 5 23.50 34.83 45.53
C ILE M 5 23.74 35.69 46.77
N SER M 6 24.59 35.20 47.67
CA SER M 6 24.91 35.92 48.89
C SER M 6 26.21 36.69 48.71
N ILE M 7 26.20 37.96 49.08
CA ILE M 7 27.38 38.82 48.99
C ILE M 7 27.70 39.31 50.39
N HIS M 8 28.93 39.13 50.82
CA HIS M 8 29.36 39.53 52.16
C HIS M 8 30.49 40.54 52.04
N VAL M 9 30.25 41.75 52.53
CA VAL M 9 31.16 42.87 52.37
C VAL M 9 31.57 43.37 53.75
N GLY M 10 32.88 43.55 53.95
CA GLY M 10 33.39 44.05 55.20
C GLY M 10 33.58 42.94 56.22
N GLN M 11 34.17 43.32 57.36
CA GLN M 11 34.38 42.35 58.42
C GLN M 11 33.07 41.81 58.97
N ALA M 12 32.10 42.70 59.21
CA ALA M 12 30.80 42.27 59.70
C ALA M 12 30.12 41.34 58.72
N GLY M 13 30.11 41.72 57.44
CA GLY M 13 29.49 40.87 56.43
C GLY M 13 30.17 39.53 56.30
N VAL M 14 31.50 39.52 56.33
CA VAL M 14 32.23 38.27 56.16
C VAL M 14 32.01 37.34 57.35
N GLN M 15 32.03 37.88 58.56
CA GLN M 15 31.81 37.01 59.73
C GLN M 15 30.37 36.50 59.79
N ILE M 16 29.39 37.37 59.49
CA ILE M 16 28.01 36.92 59.43
C ILE M 16 27.85 35.86 58.35
N GLY M 17 28.55 36.02 57.23
CA GLY M 17 28.50 35.02 56.18
C GLY M 17 29.12 33.70 56.59
N ASN M 18 30.21 33.76 57.36
CA ASN M 18 30.80 32.53 57.87
C ASN M 18 29.82 31.79 58.75
N ALA M 19 29.14 32.52 59.64
CA ALA M 19 28.12 31.88 60.47
C ALA M 19 26.96 31.35 59.63
N CYS M 20 26.55 32.12 58.63
CA CYS M 20 25.43 31.71 57.77
C CYS M 20 25.77 30.43 57.01
N TRP M 21 26.98 30.34 56.48
CA TRP M 21 27.35 29.17 55.70
C TRP M 21 27.63 27.97 56.59
N GLU M 22 28.12 28.18 57.80
CA GLU M 22 28.16 27.09 58.76
C GLU M 22 26.76 26.55 59.02
N LEU M 23 25.80 27.45 59.24
CA LEU M 23 24.42 27.03 59.47
C LEU M 23 23.85 26.30 58.27
N TYR M 24 24.14 26.79 57.06
CA TYR M 24 23.61 26.17 55.85
C TYR M 24 24.22 24.78 55.63
N CYS M 25 25.52 24.63 55.90
CA CYS M 25 26.15 23.33 55.78
C CYS M 25 25.56 22.34 56.78
N LEU M 26 25.28 22.80 58.00
CA LEU M 26 24.59 21.95 58.95
C LEU M 26 23.18 21.61 58.47
N GLU M 27 22.51 22.57 57.84
CA GLU M 27 21.13 22.35 57.39
C GLU M 27 21.07 21.29 56.30
N HIS M 28 21.94 21.39 55.31
CA HIS M 28 21.88 20.53 54.13
C HIS M 28 22.79 19.32 54.21
N GLY M 29 23.50 19.12 55.32
CA GLY M 29 24.36 17.98 55.46
C GLY M 29 25.72 18.09 54.82
N ILE M 30 26.07 19.26 54.29
CA ILE M 30 27.38 19.46 53.66
C ILE M 30 28.43 19.53 54.76
N GLN M 31 29.47 18.71 54.62
CA GLN M 31 30.62 18.83 55.50
C GLN M 31 31.40 20.09 55.14
N PRO M 32 32.27 20.56 56.05
CA PRO M 32 33.07 21.75 55.73
C PRO M 32 33.97 21.58 54.53
N ASP M 33 34.31 20.35 54.14
CA ASP M 33 35.12 20.13 52.95
C ASP M 33 34.29 20.16 51.66
N GLY M 34 32.98 20.36 51.76
CA GLY M 34 32.14 20.50 50.59
C GLY M 34 31.54 19.22 50.06
N GLN M 35 31.45 18.17 50.87
CA GLN M 35 30.91 16.90 50.43
C GLN M 35 29.56 16.63 51.07
N MET M 36 28.79 15.75 50.44
CA MET M 36 27.53 15.25 50.98
C MET M 36 27.62 13.73 51.04
N PRO M 37 27.64 13.12 52.24
CA PRO M 37 27.74 11.67 52.35
C PRO M 37 26.43 10.96 52.04
N ASP M 47 18.79 18.33 44.76
CA ASP M 47 17.70 18.41 45.72
C ASP M 47 17.38 19.83 46.12
N SER M 48 17.13 20.03 47.41
CA SER M 48 16.77 21.34 47.94
C SER M 48 17.98 22.20 48.27
N PHE M 49 19.18 21.62 48.31
CA PHE M 49 20.39 22.40 48.54
C PHE M 49 20.76 23.28 47.36
N ASN M 50 20.12 23.09 46.20
CA ASN M 50 20.46 23.81 44.99
C ASN M 50 20.23 25.31 45.11
N THR M 51 19.48 25.75 46.11
CA THR M 51 19.28 27.18 46.32
C THR M 51 20.61 27.90 46.53
N PHE M 52 21.42 27.40 47.46
CA PHE M 52 22.64 28.08 47.86
C PHE M 52 23.91 27.38 47.42
N PHE M 53 23.87 26.08 47.16
CA PHE M 53 25.06 25.29 46.84
C PHE M 53 24.96 24.79 45.40
N SER M 54 26.02 25.03 44.62
CA SER M 54 26.10 24.55 43.26
C SER M 54 26.88 23.24 43.21
N GLU M 55 26.28 22.23 42.58
CA GLU M 55 26.92 20.92 42.47
C GLU M 55 27.93 20.95 41.33
N THR M 56 29.18 20.65 41.65
CA THR M 56 30.27 20.68 40.69
C THR M 56 30.90 19.29 40.61
N GLY M 57 31.01 18.78 39.39
CA GLY M 57 31.65 17.50 39.16
C GLY M 57 30.98 16.33 39.82
N ALA M 58 31.66 15.71 40.79
CA ALA M 58 31.16 14.52 41.46
C ALA M 58 31.10 14.77 42.95
N GLY M 59 29.89 15.03 43.46
CA GLY M 59 29.69 15.16 44.89
C GLY M 59 30.42 16.32 45.53
N LYS M 60 30.63 17.41 44.80
CA LYS M 60 31.28 18.60 45.32
C LYS M 60 30.31 19.77 45.21
N HIS M 61 30.00 20.38 46.35
CA HIS M 61 29.07 21.49 46.41
C HIS M 61 29.83 22.75 46.79
N VAL M 62 29.64 23.80 46.01
CA VAL M 62 30.25 25.10 46.31
C VAL M 62 29.13 26.09 46.61
N PRO M 63 29.27 26.90 47.65
CA PRO M 63 28.21 27.85 47.98
C PRO M 63 28.17 28.99 46.98
N ARG M 64 26.94 29.47 46.72
CA ARG M 64 26.74 30.62 45.85
C ARG M 64 26.94 31.90 46.67
N ALA M 65 28.20 32.16 46.97
CA ALA M 65 28.58 33.30 47.78
C ALA M 65 29.83 33.96 47.21
N VAL M 66 29.98 35.23 47.53
CA VAL M 66 31.19 35.97 47.23
C VAL M 66 31.56 36.79 48.46
N PHE M 67 32.81 36.66 48.90
CA PHE M 67 33.29 37.33 50.10
C PHE M 67 34.31 38.40 49.68
N VAL M 68 34.04 39.65 50.05
CA VAL M 68 34.89 40.75 49.65
C VAL M 68 35.22 41.60 50.87
N ASP M 69 36.50 41.90 51.04
CA ASP M 69 36.94 42.88 52.02
C ASP M 69 38.24 43.49 51.53
N LEU M 70 38.39 44.79 51.72
CA LEU M 70 39.60 45.48 51.28
C LEU M 70 40.82 45.09 52.08
N GLU M 71 40.65 44.52 53.27
CA GLU M 71 41.74 43.94 54.03
C GLU M 71 41.61 42.42 54.03
N PRO M 72 42.73 41.68 54.08
CA PRO M 72 42.67 40.23 53.89
C PRO M 72 42.56 39.40 55.15
N THR M 73 42.54 40.00 56.34
CA THR M 73 42.58 39.21 57.57
C THR M 73 41.34 38.33 57.71
N VAL M 74 40.15 38.94 57.60
CA VAL M 74 38.91 38.19 57.80
C VAL M 74 38.66 37.22 56.67
N ILE M 75 39.29 37.41 55.52
CA ILE M 75 39.20 36.46 54.43
C ILE M 75 40.24 35.36 54.57
N ASP M 76 41.46 35.71 55.01
CA ASP M 76 42.47 34.70 55.26
C ASP M 76 42.08 33.78 56.40
N GLU M 77 41.21 34.23 57.31
CA GLU M 77 40.65 33.31 58.30
C GLU M 77 39.82 32.23 57.62
N VAL M 78 39.04 32.60 56.60
CA VAL M 78 38.27 31.60 55.87
C VAL M 78 39.18 30.72 55.04
N ARG M 79 40.22 31.32 54.44
CA ARG M 79 41.12 30.56 53.58
C ARG M 79 41.96 29.56 54.35
N THR M 80 42.09 29.71 55.67
CA THR M 80 42.82 28.77 56.50
C THR M 80 41.94 28.11 57.56
N GLY M 81 40.67 28.45 57.64
CA GLY M 81 39.78 27.89 58.63
C GLY M 81 39.29 26.52 58.23
N THR M 82 38.33 26.01 59.00
CA THR M 82 37.79 24.69 58.74
C THR M 82 36.94 24.64 57.48
N TYR M 83 36.47 25.79 56.99
CA TYR M 83 35.70 25.87 55.76
C TYR M 83 36.54 26.36 54.58
N ARG M 84 37.85 26.08 54.60
CA ARG M 84 38.72 26.58 53.55
C ARG M 84 38.48 25.85 52.23
N GLN M 85 38.00 24.60 52.29
CA GLN M 85 37.73 23.84 51.08
C GLN M 85 36.32 24.00 50.58
N LEU M 86 35.46 24.73 51.29
CA LEU M 86 34.09 24.93 50.84
C LEU M 86 34.05 25.90 49.65
N PHE M 87 34.76 27.01 49.75
CA PHE M 87 34.79 28.03 48.72
C PHE M 87 35.99 27.83 47.81
N HIS M 88 35.97 28.48 46.65
CA HIS M 88 37.17 28.52 45.84
C HIS M 88 37.68 29.94 45.75
N PRO M 89 38.99 30.13 45.51
CA PRO M 89 39.62 31.42 45.81
C PRO M 89 39.01 32.62 45.10
N GLU M 90 38.35 32.44 43.96
CA GLU M 90 37.71 33.57 43.31
C GLU M 90 36.41 33.98 43.97
N GLN M 91 35.91 33.22 44.94
CA GLN M 91 34.80 33.69 45.77
C GLN M 91 35.28 34.45 47.00
N LEU M 92 36.59 34.51 47.23
CA LEU M 92 37.17 35.18 48.39
C LEU M 92 38.13 36.24 47.85
N ILE M 93 37.67 37.49 47.83
CA ILE M 93 38.41 38.59 47.19
C ILE M 93 38.95 39.50 48.28
N THR M 94 40.24 39.83 48.18
CA THR M 94 40.90 40.72 49.11
C THR M 94 41.53 41.89 48.37
N GLY M 95 41.58 43.03 49.05
CA GLY M 95 42.27 44.19 48.55
C GLY M 95 43.67 44.30 49.14
N LYS M 96 44.23 45.51 49.07
CA LYS M 96 45.53 45.80 49.67
C LYS M 96 45.41 46.63 50.93
N GLU M 97 44.72 47.77 50.86
CA GLU M 97 44.54 48.64 52.02
C GLU M 97 43.08 48.64 52.43
N ASP M 98 42.84 48.52 53.73
CA ASP M 98 41.49 48.57 54.25
C ASP M 98 40.88 49.95 54.02
N ALA M 99 39.55 49.99 53.90
CA ALA M 99 38.86 51.27 53.78
C ALA M 99 39.04 52.13 55.02
N ALA M 100 39.38 51.52 56.16
CA ALA M 100 39.74 52.22 57.39
C ALA M 100 38.60 53.14 57.84
N ASN M 101 37.40 52.57 57.94
CA ASN M 101 36.22 53.29 58.42
C ASN M 101 35.99 54.57 57.63
N ASN M 102 36.21 54.52 56.32
CA ASN M 102 36.02 55.68 55.45
C ASN M 102 35.09 55.28 54.32
N TYR M 103 33.94 55.97 54.21
CA TYR M 103 33.09 55.77 53.05
C TYR M 103 33.79 56.18 51.77
N ALA M 104 34.63 57.21 51.84
CA ALA M 104 35.36 57.68 50.67
C ALA M 104 36.29 56.59 50.15
N ARG M 105 37.07 55.96 51.03
CA ARG M 105 37.99 54.93 50.60
C ARG M 105 37.24 53.70 50.08
N GLY M 106 36.08 53.39 50.66
CA GLY M 106 35.32 52.26 50.18
C GLY M 106 34.60 52.50 48.87
N HIS M 107 34.28 53.75 48.56
CA HIS M 107 33.47 54.07 47.39
C HIS M 107 34.27 54.55 46.20
N TYR M 108 35.27 55.42 46.40
CA TYR M 108 35.93 56.09 45.30
C TYR M 108 37.36 55.61 45.06
N THR M 109 38.21 55.64 46.06
CA THR M 109 39.63 55.36 45.84
C THR M 109 39.91 53.86 45.79
N ILE M 110 39.66 53.14 46.88
CA ILE M 110 40.02 51.74 46.91
C ILE M 110 38.96 50.87 46.25
N GLY M 111 37.70 51.30 46.29
CA GLY M 111 36.64 50.48 45.74
C GLY M 111 36.67 50.37 44.22
N LYS M 112 37.36 51.31 43.57
CA LYS M 112 37.28 51.37 42.11
C LYS M 112 38.12 50.30 41.42
N GLU M 113 39.20 49.84 42.04
CA GLU M 113 40.05 48.84 41.40
C GLU M 113 39.71 47.41 41.81
N ILE M 114 38.65 47.21 42.59
CA ILE M 114 38.28 45.87 43.05
C ILE M 114 36.83 45.60 42.69
N ILE M 115 36.11 46.63 42.25
CA ILE M 115 34.71 46.45 41.89
C ILE M 115 34.58 45.62 40.61
N ASP M 116 35.48 45.84 39.65
CA ASP M 116 35.39 45.11 38.39
C ASP M 116 35.55 43.61 38.60
N LEU M 117 36.47 43.20 39.46
CA LEU M 117 36.72 41.78 39.67
C LEU M 117 35.54 41.12 40.39
N VAL M 118 34.99 41.77 41.40
CA VAL M 118 33.85 41.18 42.11
C VAL M 118 32.62 41.15 41.22
N LEU M 119 32.44 42.15 40.36
CA LEU M 119 31.33 42.10 39.43
C LEU M 119 31.51 41.01 38.39
N ASP M 120 32.75 40.76 37.96
CA ASP M 120 33.01 39.61 37.09
C ASP M 120 32.67 38.31 37.79
N ARG M 121 33.04 38.19 39.07
CA ARG M 121 32.70 36.98 39.83
C ARG M 121 31.20 36.82 39.98
N ILE M 122 30.49 37.91 40.25
CA ILE M 122 29.03 37.86 40.38
C ILE M 122 28.41 37.46 39.05
N ARG M 123 28.94 37.97 37.94
CA ARG M 123 28.43 37.60 36.63
C ARG M 123 28.65 36.13 36.36
N LYS M 124 29.84 35.62 36.68
CA LYS M 124 30.12 34.20 36.43
C LYS M 124 29.28 33.30 37.35
N LEU M 125 28.95 33.77 38.55
CA LEU M 125 28.11 33.00 39.45
C LEU M 125 26.67 33.00 38.99
N ALA M 126 26.17 34.16 38.55
CA ALA M 126 24.77 34.26 38.13
C ALA M 126 24.54 33.61 36.78
N ASP M 127 25.58 33.50 35.95
CA ASP M 127 25.44 32.77 34.69
C ASP M 127 25.15 31.31 34.94
N GLN M 128 25.79 30.71 35.95
CA GLN M 128 25.55 29.31 36.27
C GLN M 128 24.12 29.07 36.73
N CYS M 129 23.57 29.98 37.53
CA CYS M 129 22.21 29.83 38.01
C CYS M 129 21.21 30.01 36.87
N THR M 130 20.12 29.25 36.94
CA THR M 130 19.07 29.32 35.94
C THR M 130 17.79 29.97 36.44
N GLY M 131 17.60 30.08 37.74
CA GLY M 131 16.40 30.65 38.30
C GLY M 131 16.68 31.71 39.35
N LEU M 132 17.70 32.53 39.10
CA LEU M 132 18.17 33.51 40.07
C LEU M 132 17.04 34.37 40.62
N GLN M 133 16.82 34.28 41.93
CA GLN M 133 15.71 35.01 42.54
C GLN M 133 16.14 36.38 43.05
N GLY M 134 17.40 36.53 43.46
CA GLY M 134 17.85 37.81 43.96
C GLY M 134 19.21 37.69 44.61
N PHE M 135 19.57 38.73 45.36
CA PHE M 135 20.85 38.82 46.04
C PHE M 135 20.62 39.05 47.53
N LEU M 136 21.45 38.41 48.34
CA LEU M 136 21.43 38.60 49.79
C LEU M 136 22.77 39.23 50.19
N VAL M 137 22.76 40.55 50.34
CA VAL M 137 23.98 41.31 50.57
C VAL M 137 24.10 41.62 52.06
N PHE M 138 25.28 41.42 52.61
CA PHE M 138 25.53 41.60 54.04
C PHE M 138 26.61 42.66 54.22
N HIS M 139 26.37 43.59 55.14
CA HIS M 139 27.28 44.70 55.36
C HIS M 139 26.96 45.34 56.71
N SER M 140 27.75 46.36 57.05
CA SER M 140 27.52 47.18 58.23
C SER M 140 27.54 48.65 57.81
N PHE M 141 26.63 49.43 58.40
CA PHE M 141 26.53 50.83 58.00
C PHE M 141 27.78 51.63 58.35
N GLY M 142 28.33 51.41 59.54
CA GLY M 142 29.43 52.23 59.99
C GLY M 142 30.77 51.88 59.38
N GLY M 143 30.94 50.63 58.95
CA GLY M 143 32.20 50.23 58.36
C GLY M 143 32.45 50.96 57.04
N GLY M 144 33.71 51.36 56.84
CA GLY M 144 34.06 52.06 55.61
C GLY M 144 33.85 51.20 54.39
N THR M 145 34.34 49.95 54.44
CA THR M 145 34.09 49.02 53.35
C THR M 145 32.59 48.73 53.23
N GLY M 146 31.97 48.33 54.33
CA GLY M 146 30.57 47.94 54.34
C GLY M 146 29.60 49.05 54.03
N SER M 147 30.06 50.30 53.99
CA SER M 147 29.24 51.40 53.50
C SER M 147 29.61 51.78 52.06
N GLY M 148 30.86 52.17 51.84
CA GLY M 148 31.24 52.67 50.52
C GLY M 148 31.20 51.59 49.45
N PHE M 149 31.89 50.48 49.68
CA PHE M 149 31.93 49.44 48.66
C PHE M 149 30.58 48.77 48.51
N THR M 150 29.82 48.67 49.59
CA THR M 150 28.46 48.14 49.48
C THR M 150 27.60 49.03 48.61
N SER M 151 27.70 50.36 48.79
CA SER M 151 26.93 51.27 47.94
C SER M 151 27.37 51.17 46.48
N LEU M 152 28.68 51.08 46.25
CA LEU M 152 29.17 50.95 44.89
C LEU M 152 28.67 49.66 44.24
N LEU M 153 28.69 48.56 45.00
CA LEU M 153 28.20 47.29 44.47
C LEU M 153 26.70 47.34 44.25
N MET M 154 25.95 48.04 45.12
CA MET M 154 24.52 48.21 44.89
C MET M 154 24.24 48.94 43.60
N GLU M 155 24.93 50.05 43.36
CA GLU M 155 24.64 50.82 42.15
C GLU M 155 25.07 50.04 40.91
N ARG M 156 26.18 49.31 40.97
CA ARG M 156 26.59 48.49 39.83
C ARG M 156 25.61 47.35 39.59
N LEU M 157 25.11 46.72 40.64
CA LEU M 157 24.11 45.66 40.47
C LEU M 157 22.83 46.22 39.90
N SER M 158 22.41 47.40 40.34
CA SER M 158 21.19 48.02 39.84
C SER M 158 21.31 48.36 38.36
N VAL M 159 22.45 48.92 37.95
CA VAL M 159 22.61 49.25 36.54
C VAL M 159 22.86 48.00 35.70
N ASP M 160 23.29 46.91 36.33
CA ASP M 160 23.61 45.68 35.61
C ASP M 160 22.43 44.72 35.55
N TYR M 161 21.90 44.34 36.71
CA TYR M 161 20.86 43.32 36.76
C TYR M 161 19.46 43.88 36.75
N GLY M 162 19.24 45.05 37.34
CA GLY M 162 17.98 45.72 37.19
C GLY M 162 16.84 45.16 38.03
N LYS M 163 15.93 44.44 37.37
CA LYS M 163 14.70 43.99 38.02
C LYS M 163 14.93 42.89 39.04
N LYS M 164 16.13 42.32 39.11
CA LYS M 164 16.41 41.29 40.09
C LYS M 164 16.32 41.87 41.50
N SER M 165 15.73 41.09 42.41
CA SER M 165 15.49 41.57 43.76
C SER M 165 16.81 41.74 44.51
N LYS M 166 16.90 42.81 45.28
CA LYS M 166 18.10 43.14 46.05
C LYS M 166 17.73 43.22 47.52
N LEU M 167 17.94 42.13 48.24
CA LEU M 167 17.71 42.08 49.68
C LEU M 167 19.04 42.24 50.39
N GLU M 168 19.10 43.12 51.37
CA GLU M 168 20.33 43.31 52.11
C GLU M 168 20.07 43.33 53.61
N PHE M 169 21.04 42.80 54.36
CA PHE M 169 21.04 42.85 55.80
C PHE M 169 22.17 43.78 56.24
N SER M 170 21.86 44.67 57.18
CA SER M 170 22.81 45.66 57.64
C SER M 170 22.81 45.70 59.15
N ILE M 171 23.94 46.12 59.72
CA ILE M 171 24.09 46.28 61.16
C ILE M 171 23.94 47.77 61.44
N TYR M 172 22.71 48.17 61.76
CA TYR M 172 22.46 49.57 62.05
C TYR M 172 23.14 49.95 63.37
N PRO M 173 23.87 51.06 63.39
CA PRO M 173 24.58 51.46 64.61
C PRO M 173 23.63 51.67 65.78
N ALA M 174 24.09 51.29 66.98
CA ALA M 174 23.26 51.38 68.16
C ALA M 174 23.21 52.80 68.70
N PRO M 175 22.12 53.17 69.37
CA PRO M 175 21.99 54.55 69.87
C PRO M 175 23.08 54.95 70.85
N GLN M 176 23.49 54.06 71.76
CA GLN M 176 24.59 54.39 72.67
C GLN M 176 25.91 53.71 72.31
N VAL M 177 25.87 52.52 71.70
CA VAL M 177 27.07 51.71 71.53
C VAL M 177 27.48 51.71 70.07
N SER M 178 28.72 52.11 69.80
CA SER M 178 29.32 51.96 68.49
C SER M 178 30.83 52.02 68.64
N THR M 179 31.52 51.23 67.82
CA THR M 179 32.97 51.10 67.90
C THR M 179 33.71 52.10 67.03
N ALA M 180 33.00 52.95 66.28
CA ALA M 180 33.62 53.91 65.39
C ALA M 180 33.18 55.32 65.76
N VAL M 181 34.11 56.27 65.60
CA VAL M 181 33.79 57.67 65.89
C VAL M 181 33.11 58.31 64.68
N VAL M 182 33.37 57.82 63.48
CA VAL M 182 32.88 58.43 62.25
C VAL M 182 31.66 57.65 61.76
N GLU M 183 31.03 56.89 62.66
CA GLU M 183 29.90 56.03 62.32
C GLU M 183 28.73 56.73 61.63
N PRO M 184 28.18 57.84 62.16
CA PRO M 184 27.02 58.44 61.49
C PRO M 184 27.31 58.94 60.08
N TYR M 185 28.53 59.43 59.83
CA TYR M 185 28.89 59.85 58.49
C TYR M 185 28.74 58.70 57.49
N ASN M 186 29.32 57.55 57.83
CA ASN M 186 29.22 56.38 56.96
C ASN M 186 27.77 55.93 56.82
N SER M 187 27.02 55.94 57.92
CA SER M 187 25.64 55.48 57.86
C SER M 187 24.80 56.33 56.91
N ILE M 188 24.88 57.67 57.05
CA ILE M 188 24.11 58.54 56.18
C ILE M 188 24.58 58.42 54.74
N LEU M 189 25.89 58.37 54.52
CA LEU M 189 26.42 58.31 53.18
C LEU M 189 25.98 57.03 52.46
N THR M 190 25.96 55.89 53.17
CA THR M 190 25.52 54.67 52.51
C THR M 190 24.01 54.60 52.36
N THR M 191 23.24 55.15 53.30
CA THR M 191 21.80 55.08 53.16
C THR M 191 21.27 55.99 52.06
N HIS M 192 22.01 57.05 51.72
CA HIS M 192 21.57 57.91 50.62
C HIS M 192 21.43 57.14 49.32
N THR M 193 22.28 56.13 49.10
CA THR M 193 22.16 55.27 47.93
C THR M 193 21.38 53.99 48.21
N THR M 194 21.34 53.54 49.46
CA THR M 194 20.46 52.45 49.85
C THR M 194 19.00 52.76 49.54
N LEU M 195 18.60 54.04 49.67
CA LEU M 195 17.20 54.40 49.47
C LEU M 195 16.68 54.01 48.08
N GLU M 196 17.55 53.93 47.09
CA GLU M 196 17.11 53.61 45.74
C GLU M 196 17.72 52.35 45.14
N HIS M 197 18.90 51.91 45.60
CA HIS M 197 19.55 50.77 45.00
C HIS M 197 19.25 49.47 45.72
N SER M 198 18.41 49.48 46.75
CA SER M 198 18.05 48.30 47.50
C SER M 198 16.54 48.11 47.48
N ASP M 199 16.09 46.86 47.38
CA ASP M 199 14.66 46.57 47.34
C ASP M 199 14.08 46.32 48.71
N CYS M 200 14.88 45.82 49.66
CA CYS M 200 14.41 45.60 51.02
C CYS M 200 15.63 45.49 51.92
N ALA M 201 15.77 46.43 52.84
CA ALA M 201 16.95 46.50 53.72
C ALA M 201 16.54 46.18 55.14
N PHE M 202 17.17 45.16 55.73
CA PHE M 202 16.91 44.73 57.09
C PHE M 202 18.04 45.21 57.98
N MET M 203 17.70 45.83 59.10
CA MET M 203 18.69 46.30 60.06
C MET M 203 18.61 45.48 61.34
N VAL M 204 19.78 45.14 61.88
CA VAL M 204 19.88 44.43 63.14
C VAL M 204 20.85 45.19 64.03
N ASP M 205 20.38 45.58 65.21
CA ASP M 205 21.14 46.42 66.12
C ASP M 205 21.96 45.57 67.07
N ASN M 206 23.18 46.02 67.36
CA ASN M 206 24.07 45.22 68.21
C ASN M 206 23.64 45.26 69.67
N GLU M 207 23.17 46.42 70.16
CA GLU M 207 22.68 46.48 71.54
C GLU M 207 21.49 45.56 71.74
N ALA M 208 20.59 45.49 70.76
CA ALA M 208 19.42 44.63 70.89
C ALA M 208 19.81 43.16 70.95
N ILE M 209 20.75 42.74 70.11
CA ILE M 209 21.23 41.37 70.22
C ILE M 209 21.92 41.16 71.56
N TYR M 210 22.67 42.16 72.03
CA TYR M 210 23.36 42.05 73.31
C TYR M 210 22.38 41.78 74.44
N ASP M 211 21.34 42.62 74.56
CA ASP M 211 20.43 42.44 75.68
C ASP M 211 19.47 41.28 75.49
N ILE M 212 19.18 40.89 74.24
CA ILE M 212 18.43 39.65 74.02
C ILE M 212 19.24 38.45 74.48
N CYS M 213 20.53 38.43 74.17
CA CYS M 213 21.39 37.36 74.68
C CYS M 213 21.47 37.40 76.20
N ARG M 214 21.53 38.60 76.78
CA ARG M 214 21.65 38.72 78.23
C ARG M 214 20.39 38.25 78.95
N ARG M 215 19.22 38.54 78.38
CA ARG M 215 17.97 38.20 79.06
C ARG M 215 17.48 36.81 78.68
N ASN M 216 17.21 36.60 77.40
CA ASN M 216 16.62 35.34 76.96
C ASN M 216 17.62 34.19 77.07
N LEU M 217 18.83 34.38 76.58
CA LEU M 217 19.84 33.33 76.56
C LEU M 217 20.77 33.37 77.75
N ASP M 218 20.54 34.29 78.70
CA ASP M 218 21.29 34.52 79.93
C ASP M 218 22.80 34.31 79.76
N ILE M 219 23.35 34.78 78.65
CA ILE M 219 24.79 34.77 78.42
C ILE M 219 25.37 36.04 79.03
N GLU M 220 26.29 35.87 79.97
CA GLU M 220 26.88 37.04 80.62
C GLU M 220 27.90 37.73 79.74
N ARG M 221 28.71 36.96 78.99
CA ARG M 221 29.79 37.50 78.17
C ARG M 221 29.67 36.98 76.74
N PRO M 222 28.74 37.53 75.96
CA PRO M 222 28.64 37.14 74.55
C PRO M 222 29.50 37.98 73.64
N THR M 223 30.04 37.32 72.62
CA THR M 223 30.89 37.94 71.62
C THR M 223 30.14 38.03 70.30
N TYR M 224 30.86 38.47 69.25
CA TYR M 224 30.25 38.56 67.92
C TYR M 224 29.82 37.21 67.37
N THR M 225 30.31 36.10 67.94
CA THR M 225 29.88 34.79 67.46
C THR M 225 28.38 34.60 67.66
N ASN M 226 27.86 34.99 68.83
CA ASN M 226 26.43 34.88 69.08
C ASN M 226 25.64 35.85 68.19
N LEU M 227 26.19 37.04 67.97
CA LEU M 227 25.61 38.00 67.03
C LEU M 227 25.40 37.37 65.67
N ASN M 228 26.46 36.79 65.13
CA ASN M 228 26.40 36.22 63.79
C ASN M 228 25.55 34.96 63.76
N ARG M 229 25.52 34.18 64.84
CA ARG M 229 24.64 33.02 64.88
C ARG M 229 23.18 33.43 64.85
N LEU M 230 22.80 34.46 65.61
CA LEU M 230 21.42 34.92 65.59
C LEU M 230 21.06 35.50 64.22
N ILE M 231 21.97 36.26 63.61
CA ILE M 231 21.69 36.81 62.29
C ILE M 231 21.58 35.68 61.26
N SER M 232 22.41 34.66 61.40
CA SER M 232 22.32 33.50 60.51
C SER M 232 20.99 32.79 60.68
N GLN M 233 20.49 32.71 61.91
CA GLN M 233 19.17 32.13 62.11
C GLN M 233 18.09 32.96 61.42
N ILE M 234 18.21 34.29 61.48
CA ILE M 234 17.24 35.14 60.78
C ILE M 234 17.26 34.87 59.29
N VAL M 235 18.46 34.84 58.70
CA VAL M 235 18.56 34.65 57.25
C VAL M 235 18.12 33.24 56.85
N SER M 236 18.41 32.24 57.69
CA SER M 236 17.94 30.90 57.44
C SER M 236 16.43 30.83 57.48
N SER M 237 15.79 31.55 58.41
CA SER M 237 14.34 31.59 58.42
C SER M 237 13.79 32.33 57.21
N ILE M 238 14.53 33.32 56.71
CA ILE M 238 14.14 34.00 55.48
C ILE M 238 14.11 33.03 54.31
N THR M 239 15.18 32.24 54.16
CA THR M 239 15.33 31.36 53.01
C THR M 239 14.77 29.96 53.23
N ALA M 240 14.19 29.68 54.40
CA ALA M 240 13.64 28.36 54.66
C ALA M 240 12.40 28.09 53.82
N SER M 241 11.59 29.11 53.56
CA SER M 241 10.43 28.94 52.71
C SER M 241 10.81 28.65 51.26
N LEU M 242 12.08 28.82 50.92
CA LEU M 242 12.57 28.60 49.57
C LEU M 242 13.52 27.42 49.45
N ARG M 243 14.14 26.99 50.55
CA ARG M 243 15.04 25.85 50.56
C ARG M 243 14.36 24.55 50.99
N PHE M 244 13.09 24.60 51.35
CA PHE M 244 12.38 23.41 51.82
C PHE M 244 10.93 23.53 51.36
N ASP M 245 10.05 22.72 51.94
CA ASP M 245 8.65 22.75 51.63
C ASP M 245 7.81 23.02 52.88
N GLY M 246 6.63 23.59 52.67
CA GLY M 246 5.76 23.92 53.78
C GLY M 246 4.33 24.03 53.30
N ALA M 247 3.42 24.05 54.28
CA ALA M 247 2.01 24.23 53.97
C ALA M 247 1.69 25.61 53.44
N LEU M 248 2.63 26.55 53.54
CA LEU M 248 2.41 27.92 53.07
C LEU M 248 3.77 28.51 52.76
N ASN M 249 4.08 28.67 51.48
CA ASN M 249 5.41 29.09 51.05
C ASN M 249 5.45 30.57 50.73
N VAL M 250 6.60 31.17 51.00
CA VAL M 250 6.84 32.59 50.75
C VAL M 250 8.10 32.72 49.91
N ASP M 251 7.99 33.47 48.82
CA ASP M 251 9.11 33.72 47.92
C ASP M 251 9.62 35.14 48.15
N LEU M 252 10.81 35.44 47.64
CA LEU M 252 11.44 36.73 47.90
C LEU M 252 10.63 37.88 47.29
N THR M 253 10.19 37.73 46.04
CA THR M 253 9.37 38.77 45.42
C THR M 253 8.03 38.89 46.14
N GLU M 254 7.46 37.75 46.53
CA GLU M 254 6.25 37.75 47.35
C GLU M 254 6.49 38.48 48.67
N PHE M 255 7.66 38.25 49.27
CA PHE M 255 8.03 38.92 50.52
C PHE M 255 8.06 40.43 50.33
N GLN M 256 8.69 40.89 49.25
CA GLN M 256 8.75 42.32 48.97
C GLN M 256 7.36 42.91 48.72
N THR M 257 6.54 42.22 47.92
CA THR M 257 5.22 42.75 47.59
C THR M 257 4.35 42.87 48.84
N ASN M 258 4.40 41.86 49.70
CA ASN M 258 3.58 41.90 50.90
C ASN M 258 4.19 42.74 52.02
N LEU M 259 5.44 43.17 51.89
CA LEU M 259 6.08 43.88 52.99
C LEU M 259 6.38 45.34 52.70
N VAL M 260 6.58 45.72 51.44
CA VAL M 260 7.02 47.06 51.07
C VAL M 260 5.82 47.81 50.50
N PRO M 261 5.24 48.77 51.23
CA PRO M 261 4.05 49.47 50.72
C PRO M 261 4.35 50.60 49.78
N TYR M 262 5.48 51.28 49.99
CA TYR M 262 5.89 52.40 49.17
C TYR M 262 7.34 52.21 48.75
N PRO M 263 7.75 52.78 47.61
CA PRO M 263 9.11 52.51 47.11
C PRO M 263 10.21 52.90 48.09
N ARG M 264 10.03 53.99 48.83
CA ARG M 264 11.07 54.43 49.76
C ARG M 264 10.96 53.77 51.13
N ILE M 265 9.88 53.07 51.41
CA ILE M 265 9.69 52.40 52.70
C ILE M 265 10.01 50.93 52.49
N HIS M 266 11.28 50.57 52.68
CA HIS M 266 11.71 49.18 52.54
C HIS M 266 12.69 48.82 53.64
N PHE M 267 12.39 49.24 54.87
CA PHE M 267 13.28 49.06 56.00
C PHE M 267 12.54 48.38 57.13
N PRO M 268 12.24 47.09 57.00
CA PRO M 268 11.52 46.38 58.04
C PRO M 268 12.43 45.93 59.18
N LEU M 269 11.79 45.61 60.30
CA LEU M 269 12.48 45.15 61.50
C LEU M 269 12.33 43.64 61.60
N ALA M 270 13.45 42.93 61.55
CA ALA M 270 13.44 41.48 61.68
C ALA M 270 13.58 41.12 63.15
N THR M 271 12.60 40.38 63.67
CA THR M 271 12.64 39.86 65.03
C THR M 271 12.49 38.34 64.98
N TYR M 272 13.21 37.65 65.86
CA TYR M 272 13.24 36.20 65.86
C TYR M 272 12.78 35.67 67.20
N ALA M 273 12.09 34.52 67.14
CA ALA M 273 11.59 33.86 68.34
C ALA M 273 11.40 32.39 68.00
N PRO M 274 11.62 31.48 68.95
CA PRO M 274 12.05 31.68 70.33
C PRO M 274 13.55 31.57 70.51
N VAL M 275 14.16 32.46 71.29
CA VAL M 275 15.57 32.37 71.65
C VAL M 275 15.63 32.06 73.14
N ILE M 276 16.13 30.87 73.47
CA ILE M 276 16.14 30.38 74.85
C ILE M 276 17.35 29.48 75.04
N SER M 277 17.81 29.39 76.28
CA SER M 277 18.89 28.48 76.62
C SER M 277 18.35 27.06 76.74
N ALA M 278 19.24 26.11 77.00
CA ALA M 278 18.82 24.73 77.17
C ALA M 278 17.95 24.56 78.42
N GLU M 279 18.29 25.25 79.51
CA GLU M 279 17.60 25.00 80.77
C GLU M 279 16.21 25.61 80.81
N LYS M 280 15.98 26.73 80.12
CA LYS M 280 14.66 27.35 80.13
C LYS M 280 13.71 26.74 79.11
N ALA M 281 14.22 25.93 78.19
CA ALA M 281 13.35 25.31 77.19
C ALA M 281 12.44 24.26 77.81
N TYR M 282 12.95 23.50 78.78
CA TYR M 282 12.16 22.42 79.37
C TYR M 282 10.93 22.95 80.10
N HIS M 283 11.09 24.05 80.83
CA HIS M 283 10.00 24.55 81.66
C HIS M 283 8.95 25.29 80.85
N GLU M 284 9.21 25.58 79.58
CA GLU M 284 8.26 26.27 78.74
C GLU M 284 7.65 25.30 77.75
N GLN M 285 6.32 25.30 77.66
CA GLN M 285 5.58 24.50 76.69
C GLN M 285 5.31 25.41 75.51
N LEU M 286 6.29 25.54 74.62
CA LEU M 286 6.31 26.60 73.61
C LEU M 286 5.25 26.34 72.55
N SER M 287 4.18 27.11 72.60
CA SER M 287 3.14 27.04 71.57
C SER M 287 3.33 28.17 70.56
N VAL M 288 2.67 28.03 69.41
CA VAL M 288 2.76 29.04 68.37
C VAL M 288 2.21 30.37 68.86
N ALA M 289 1.14 30.34 69.65
CA ALA M 289 0.54 31.58 70.14
C ALA M 289 1.52 32.39 70.96
N GLU M 290 2.25 31.74 71.87
CA GLU M 290 3.10 32.51 72.77
C GLU M 290 4.37 33.00 72.09
N ILE M 291 4.94 32.22 71.16
CA ILE M 291 6.08 32.74 70.41
C ILE M 291 5.65 33.87 69.48
N THR M 292 4.44 33.77 68.91
CA THR M 292 3.93 34.87 68.10
C THR M 292 3.75 36.13 68.95
N ASN M 293 3.24 35.97 70.18
CA ASN M 293 3.13 37.11 71.08
C ASN M 293 4.52 37.67 71.42
N ALA M 294 5.49 36.78 71.66
CA ALA M 294 6.83 37.22 72.00
C ALA M 294 7.52 37.93 70.85
N CYS M 295 7.11 37.66 69.61
CA CYS M 295 7.66 38.41 68.48
C CYS M 295 7.30 39.88 68.55
N PHE M 296 6.09 40.20 69.03
CA PHE M 296 5.65 41.58 69.17
C PHE M 296 6.10 42.22 70.47
N GLU M 297 6.74 41.46 71.36
CA GLU M 297 7.17 42.01 72.64
C GLU M 297 8.27 43.03 72.43
N PRO M 298 8.18 44.21 73.05
CA PRO M 298 9.14 45.29 72.74
C PRO M 298 10.60 44.95 73.00
N ALA M 299 10.89 44.14 74.01
CA ALA M 299 12.28 43.84 74.33
C ALA M 299 12.88 42.75 73.44
N ASN M 300 12.07 42.02 72.68
CA ASN M 300 12.59 41.01 71.78
C ASN M 300 12.91 41.54 70.39
N GLN M 301 12.58 42.79 70.09
CA GLN M 301 12.94 43.38 68.81
C GLN M 301 14.46 43.49 68.71
N MET M 302 15.01 43.10 67.57
CA MET M 302 16.45 43.14 67.37
C MET M 302 16.91 44.47 66.78
N VAL M 303 16.11 45.52 66.91
CA VAL M 303 16.56 46.90 66.74
C VAL M 303 16.15 47.66 67.98
N LYS M 304 17.08 48.45 68.53
CA LYS M 304 16.78 49.17 69.76
C LYS M 304 15.84 50.33 69.48
N CYS M 305 14.55 50.03 69.34
CA CYS M 305 13.53 51.04 69.17
C CYS M 305 12.29 50.59 69.92
N ASP M 306 11.30 51.48 69.98
CA ASP M 306 10.07 51.19 70.72
C ASP M 306 8.90 51.02 69.75
N PRO M 307 8.44 49.80 69.50
CA PRO M 307 7.26 49.63 68.63
C PRO M 307 6.00 50.23 69.19
N ARG M 308 5.93 50.45 70.51
CA ARG M 308 4.75 51.08 71.10
C ARG M 308 4.55 52.48 70.55
N HIS M 309 5.64 53.19 70.30
CA HIS M 309 5.59 54.57 69.84
C HIS M 309 5.48 54.67 68.32
N GLY M 310 5.40 53.54 67.62
CA GLY M 310 5.19 53.52 66.20
C GLY M 310 3.97 52.71 65.84
N LYS M 311 3.68 52.68 64.54
CA LYS M 311 2.54 51.95 64.00
C LYS M 311 3.04 50.90 63.02
N TYR M 312 2.58 49.67 63.19
CA TYR M 312 2.94 48.61 62.26
C TYR M 312 2.23 48.82 60.94
N MET M 313 2.98 48.73 59.85
CA MET M 313 2.44 48.91 58.51
C MET M 313 2.18 47.59 57.80
N ALA M 314 3.11 46.65 57.91
CA ALA M 314 2.93 45.30 57.38
C ALA M 314 4.00 44.41 58.00
N CYS M 315 3.60 43.25 58.50
CA CYS M 315 4.51 42.31 59.11
C CYS M 315 4.40 40.96 58.42
N CYS M 316 5.55 40.33 58.16
CA CYS M 316 5.63 39.03 57.52
C CYS M 316 6.00 37.99 58.56
N LEU M 317 5.14 36.99 58.72
CA LEU M 317 5.31 35.96 59.73
C LEU M 317 5.84 34.70 59.05
N LEU M 318 7.07 34.32 59.36
CA LEU M 318 7.72 33.16 58.74
C LEU M 318 7.89 32.08 59.78
N TYR M 319 6.93 31.17 59.86
CA TYR M 319 6.96 30.06 60.80
C TYR M 319 7.71 28.88 60.19
N ARG M 320 8.30 28.06 61.05
CA ARG M 320 8.98 26.86 60.61
C ARG M 320 8.94 25.83 61.72
N GLY M 321 8.69 24.58 61.35
CA GLY M 321 8.62 23.48 62.29
C GLY M 321 7.23 22.86 62.32
N ASP M 322 6.87 22.35 63.50
CA ASP M 322 5.57 21.71 63.70
C ASP M 322 4.52 22.80 63.92
N VAL M 323 4.20 23.50 62.83
CA VAL M 323 3.31 24.66 62.85
C VAL M 323 2.15 24.39 61.90
N VAL M 324 0.94 24.62 62.38
CA VAL M 324 -0.26 24.45 61.57
C VAL M 324 -0.94 25.81 61.47
N PRO M 325 -1.76 26.03 60.43
CA PRO M 325 -2.45 27.32 60.28
C PRO M 325 -3.43 27.64 61.41
N LYS M 326 -3.87 26.65 62.17
CA LYS M 326 -4.82 26.83 63.26
C LYS M 326 -4.36 27.87 64.27
N ASP M 327 -3.31 27.53 65.00
CA ASP M 327 -2.82 28.40 66.05
C ASP M 327 -2.11 29.63 65.50
N VAL M 328 -1.64 29.58 64.26
CA VAL M 328 -1.14 30.79 63.61
C VAL M 328 -2.26 31.82 63.48
N ASN M 329 -3.40 31.38 62.94
CA ASN M 329 -4.54 32.29 62.80
C ASN M 329 -5.06 32.72 64.16
N ALA M 330 -5.08 31.81 65.13
CA ALA M 330 -5.51 32.19 66.48
C ALA M 330 -4.60 33.26 67.07
N ALA M 331 -3.29 33.09 66.93
CA ALA M 331 -2.34 34.07 67.44
C ALA M 331 -2.49 35.41 66.74
N ILE M 332 -2.69 35.39 65.42
CA ILE M 332 -2.86 36.62 64.68
C ILE M 332 -4.12 37.35 65.12
N ALA M 333 -5.21 36.61 65.32
CA ALA M 333 -6.45 37.23 65.79
C ALA M 333 -6.27 37.83 67.18
N THR M 334 -5.58 37.11 68.08
CA THR M 334 -5.35 37.65 69.41
C THR M 334 -4.48 38.90 69.36
N ILE M 335 -3.48 38.92 68.47
CA ILE M 335 -2.66 40.11 68.29
C ILE M 335 -3.51 41.26 67.80
N LYS M 336 -4.44 40.99 66.88
CA LYS M 336 -5.35 42.02 66.41
C LYS M 336 -6.20 42.58 67.54
N THR M 337 -6.67 41.71 68.44
CA THR M 337 -7.53 42.16 69.53
C THR M 337 -6.78 42.97 70.58
N LYS M 338 -5.46 43.03 70.54
CA LYS M 338 -4.68 43.77 71.53
C LYS M 338 -4.53 45.21 71.10
N ARG M 339 -4.70 46.14 72.06
CA ARG M 339 -4.64 47.56 71.75
C ARG M 339 -3.24 48.13 71.87
N SER M 340 -2.34 47.46 72.60
CA SER M 340 -0.96 47.92 72.66
C SER M 340 -0.28 47.81 71.30
N ILE M 341 -0.51 46.71 70.59
CA ILE M 341 0.00 46.52 69.24
C ILE M 341 -1.09 47.00 68.29
N GLN M 342 -0.86 48.16 67.67
CA GLN M 342 -1.85 48.75 66.78
C GLN M 342 -1.23 49.02 65.41
N PHE M 343 -2.02 48.76 64.38
CA PHE M 343 -1.59 48.89 63.00
C PHE M 343 -2.12 50.18 62.39
N VAL M 344 -1.64 50.48 61.18
CA VAL M 344 -2.09 51.67 60.48
C VAL M 344 -3.51 51.45 59.97
N ASP M 345 -4.26 52.55 59.83
CA ASP M 345 -5.65 52.46 59.44
C ASP M 345 -5.83 52.01 58.00
N TRP M 346 -4.88 52.33 57.13
CA TRP M 346 -5.01 52.03 55.71
C TRP M 346 -4.55 50.62 55.36
N CYS M 347 -4.25 49.79 56.34
CA CYS M 347 -3.82 48.40 56.11
C CYS M 347 -4.69 47.50 56.98
N PRO M 348 -5.93 47.25 56.58
CA PRO M 348 -6.81 46.39 57.38
C PRO M 348 -6.27 44.99 57.56
N THR M 349 -5.62 44.43 56.54
CA THR M 349 -4.92 43.17 56.64
C THR M 349 -3.43 43.43 56.49
N GLY M 350 -2.68 43.19 57.56
CA GLY M 350 -1.27 43.53 57.55
C GLY M 350 -0.37 42.40 57.98
N PHE M 351 -0.85 41.18 57.84
CA PHE M 351 -0.10 39.99 58.25
C PHE M 351 0.16 39.14 57.01
N LYS M 352 1.44 38.89 56.73
CA LYS M 352 1.85 37.94 55.71
C LYS M 352 2.40 36.70 56.40
N VAL M 353 1.88 35.54 56.03
CA VAL M 353 2.09 34.31 56.80
C VAL M 353 2.83 33.30 55.95
N GLY M 354 3.79 32.61 56.56
CA GLY M 354 4.49 31.52 55.92
C GLY M 354 4.84 30.39 56.88
N ILE M 355 4.44 29.17 56.55
CA ILE M 355 4.70 28.00 57.38
C ILE M 355 5.61 27.05 56.60
N ASN M 356 6.69 26.62 57.24
CA ASN M 356 7.62 25.66 56.65
C ASN M 356 7.73 24.44 57.55
N TYR M 357 7.81 23.26 56.92
CA TYR M 357 7.90 22.04 57.71
C TYR M 357 9.28 21.82 58.31
N GLN M 358 10.31 22.46 57.77
CA GLN M 358 11.66 22.20 58.25
C GLN M 358 11.90 22.96 59.55
N PRO M 359 12.22 22.27 60.64
CA PRO M 359 12.52 22.97 61.90
C PRO M 359 13.88 23.62 61.84
N PRO M 360 14.14 24.62 62.69
CA PRO M 360 15.46 25.26 62.70
C PRO M 360 16.51 24.35 63.32
N THR M 361 17.57 24.09 62.56
CA THR M 361 18.66 23.27 63.06
C THR M 361 19.50 24.06 64.07
N VAL M 362 20.14 23.32 64.98
CA VAL M 362 20.98 23.91 66.01
C VAL M 362 22.44 23.57 65.71
N VAL M 363 23.27 24.60 65.60
CA VAL M 363 24.68 24.44 65.30
C VAL M 363 25.38 23.95 66.57
N PRO M 364 26.25 22.96 66.49
CA PRO M 364 27.00 22.56 67.69
C PRO M 364 27.82 23.71 68.25
N GLY M 365 27.85 23.80 69.57
CA GLY M 365 28.51 24.89 70.25
C GLY M 365 27.69 26.14 70.39
N GLY M 366 26.50 26.20 69.81
CA GLY M 366 25.68 27.38 69.93
C GLY M 366 24.91 27.41 71.24
N ASP M 367 24.48 28.62 71.59
CA ASP M 367 23.74 28.83 72.82
C ASP M 367 22.23 28.67 72.65
N LEU M 368 21.74 28.55 71.43
CA LEU M 368 20.31 28.41 71.19
C LEU M 368 19.90 26.95 71.34
N ALA M 369 18.88 26.71 72.16
CA ALA M 369 18.35 25.37 72.36
C ALA M 369 17.34 25.03 71.28
N LYS M 370 17.24 23.74 70.97
CA LYS M 370 16.36 23.31 69.89
C LYS M 370 14.90 23.48 70.28
N VAL M 371 14.09 23.93 69.32
CA VAL M 371 12.68 24.17 69.54
C VAL M 371 11.91 23.58 68.37
N GLN M 372 10.71 23.07 68.66
CA GLN M 372 9.88 22.50 67.61
C GLN M 372 9.41 23.56 66.63
N ARG M 373 9.13 24.77 67.10
CA ARG M 373 8.58 25.84 66.29
C ARG M 373 9.43 27.10 66.45
N ALA M 374 9.55 27.85 65.37
CA ALA M 374 10.30 29.09 65.37
C ALA M 374 9.59 30.11 64.50
N VAL M 375 9.72 31.39 64.88
CA VAL M 375 9.07 32.49 64.16
C VAL M 375 10.12 33.54 63.86
N CYS M 376 10.07 34.09 62.65
CA CYS M 376 10.93 35.20 62.25
C CYS M 376 10.04 36.28 61.67
N MET M 377 9.50 37.16 62.52
CA MET M 377 8.66 38.23 62.04
C MET M 377 9.50 39.37 61.50
N LEU M 378 9.13 39.85 60.32
CA LEU M 378 9.76 41.01 59.70
C LEU M 378 8.68 42.08 59.59
N SER M 379 8.64 42.98 60.56
CA SER M 379 7.60 43.98 60.66
C SER M 379 8.10 45.30 60.13
N ASN M 380 7.38 45.86 59.15
CA ASN M 380 7.66 47.18 58.64
C ASN M 380 6.82 48.17 59.45
N THR M 381 7.48 48.98 60.28
CA THR M 381 6.77 49.86 61.20
C THR M 381 7.39 51.25 61.15
N THR M 382 6.60 52.23 61.54
CA THR M 382 7.04 53.62 61.60
C THR M 382 7.91 53.89 62.82
N ALA M 383 8.07 52.92 63.72
CA ALA M 383 8.88 53.13 64.91
C ALA M 383 10.37 53.26 64.58
N ILE M 384 10.78 52.90 63.37
CA ILE M 384 12.19 53.02 63.01
C ILE M 384 12.56 54.43 62.59
N ALA M 385 11.59 55.33 62.45
CA ALA M 385 11.90 56.71 62.09
C ALA M 385 12.70 57.41 63.19
N GLU M 386 12.43 57.08 64.45
CA GLU M 386 13.09 57.77 65.55
C GLU M 386 14.56 57.36 65.68
N ALA M 387 14.89 56.12 65.29
CA ALA M 387 16.30 55.73 65.26
C ALA M 387 17.08 56.58 64.26
N TRP M 388 16.51 56.79 63.07
CA TRP M 388 17.16 57.69 62.12
C TRP M 388 17.10 59.14 62.58
N ALA M 389 16.11 59.49 63.41
CA ALA M 389 16.08 60.83 63.98
C ALA M 389 17.29 61.06 64.87
N ARG M 390 17.59 60.12 65.77
CA ARG M 390 18.77 60.33 66.60
C ARG M 390 20.06 60.18 65.79
N LEU M 391 20.06 59.34 64.76
CA LEU M 391 21.24 59.26 63.89
C LEU M 391 21.48 60.60 63.20
N ASP M 392 20.42 61.26 62.75
CA ASP M 392 20.54 62.59 62.18
C ASP M 392 21.02 63.59 63.21
N HIS M 393 20.56 63.45 64.46
CA HIS M 393 21.03 64.34 65.51
C HIS M 393 22.55 64.21 65.70
N LYS M 394 23.04 62.97 65.75
CA LYS M 394 24.48 62.75 65.89
C LYS M 394 25.23 63.28 64.67
N PHE M 395 24.69 63.05 63.47
CA PHE M 395 25.31 63.55 62.25
C PHE M 395 25.39 65.07 62.27
N ASP M 396 24.32 65.74 62.70
CA ASP M 396 24.34 67.19 62.78
C ASP M 396 25.34 67.69 63.82
N LEU M 397 25.42 67.00 64.96
CA LEU M 397 26.39 67.40 65.98
C LEU M 397 27.81 67.31 65.45
N MET M 398 28.12 66.23 64.72
CA MET M 398 29.46 66.11 64.15
C MET M 398 29.69 67.10 63.02
N TYR M 399 28.66 67.37 62.23
CA TYR M 399 28.80 68.14 60.99
C TYR M 399 28.76 69.64 61.21
N ALA M 400 28.25 70.10 62.36
CA ALA M 400 28.26 71.54 62.65
C ALA M 400 29.70 72.06 62.75
N LYS M 401 30.58 71.29 63.37
CA LYS M 401 31.97 71.68 63.54
C LYS M 401 32.87 71.19 62.42
N ARG M 402 32.30 70.58 61.38
CA ARG M 402 33.07 70.09 60.24
C ARG M 402 34.13 69.08 60.66
N ALA M 403 33.80 68.25 61.63
CA ALA M 403 34.75 67.29 62.17
C ALA M 403 34.86 66.07 61.27
N PHE M 404 36.09 65.59 61.08
CA PHE M 404 36.41 64.40 60.29
C PHE M 404 36.05 64.56 58.81
N VAL M 405 35.53 65.73 58.43
CA VAL M 405 35.13 65.94 57.04
C VAL M 405 36.35 65.98 56.13
N HIS M 406 37.47 66.50 56.63
CA HIS M 406 38.67 66.59 55.81
C HIS M 406 39.15 65.21 55.37
N TRP M 407 38.94 64.18 56.20
CA TRP M 407 39.32 62.83 55.80
C TRP M 407 38.56 62.38 54.56
N TYR M 408 37.25 62.63 54.51
CA TYR M 408 36.47 62.25 53.34
C TYR M 408 36.79 63.14 52.15
N VAL M 409 37.00 64.43 52.38
CA VAL M 409 37.27 65.36 51.29
C VAL M 409 38.62 65.06 50.65
N GLY M 410 39.58 64.56 51.43
CA GLY M 410 40.93 64.40 50.92
C GLY M 410 41.06 63.41 49.77
N GLU M 411 40.08 62.53 49.60
CA GLU M 411 40.12 61.55 48.53
C GLU M 411 38.85 61.56 47.69
N GLY M 412 38.40 62.74 47.30
CA GLY M 412 37.44 62.87 46.22
C GLY M 412 35.98 62.99 46.59
N MET M 413 35.67 63.74 47.65
CA MET M 413 34.29 64.00 48.02
C MET M 413 34.17 65.44 48.49
N GLU M 414 32.94 65.97 48.45
CA GLU M 414 32.68 67.37 48.73
C GLU M 414 31.69 67.50 49.89
N GLU M 415 31.44 68.75 50.28
CA GLU M 415 30.40 69.00 51.28
C GLU M 415 29.01 68.83 50.68
N GLY M 416 28.90 68.97 49.36
CA GLY M 416 27.61 68.84 48.70
C GLY M 416 27.00 67.46 48.89
N GLU M 417 27.83 66.42 48.88
CA GLU M 417 27.30 65.08 49.08
C GLU M 417 26.79 64.91 50.51
N PHE M 418 27.48 65.49 51.50
CA PHE M 418 27.00 65.44 52.87
C PHE M 418 25.66 66.15 52.99
N SER M 419 25.55 67.34 52.39
CA SER M 419 24.29 68.08 52.46
C SER M 419 23.16 67.32 51.78
N GLU M 420 23.43 66.73 50.62
CA GLU M 420 22.37 66.03 49.90
C GLU M 420 21.97 64.74 50.60
N ALA M 421 22.92 64.04 51.22
CA ALA M 421 22.57 62.87 52.01
C ALA M 421 21.74 63.25 53.22
N ARG M 422 22.10 64.34 53.89
CA ARG M 422 21.32 64.79 55.05
C ARG M 422 19.89 65.17 54.64
N GLU M 423 19.74 65.89 53.52
CA GLU M 423 18.39 66.26 53.12
C GLU M 423 17.62 65.06 52.58
N ASP M 424 18.31 64.06 52.03
CA ASP M 424 17.62 62.83 51.63
C ASP M 424 17.08 62.09 52.84
N MET M 425 17.86 62.01 53.92
CA MET M 425 17.32 61.44 55.15
C MET M 425 16.20 62.29 55.74
N ALA M 426 16.30 63.62 55.60
CA ALA M 426 15.20 64.47 56.07
C ALA M 426 13.92 64.18 55.31
N ALA M 427 14.02 64.02 53.98
CA ALA M 427 12.85 63.66 53.18
C ALA M 427 12.31 62.30 53.58
N LEU M 428 13.20 61.35 53.89
CA LEU M 428 12.77 60.03 54.34
C LEU M 428 12.01 60.12 55.66
N GLU M 429 12.50 60.94 56.58
CA GLU M 429 11.82 61.12 57.85
C GLU M 429 10.43 61.73 57.65
N LYS M 430 10.35 62.73 56.76
CA LYS M 430 9.03 63.29 56.43
C LYS M 430 8.13 62.23 55.81
N ASP M 431 8.71 61.33 55.01
CA ASP M 431 7.90 60.27 54.39
C ASP M 431 7.32 59.33 55.43
N TYR M 432 8.12 58.89 56.40
CA TYR M 432 7.56 58.08 57.49
C TYR M 432 6.53 58.86 58.29
N GLU M 433 6.76 60.14 58.53
CA GLU M 433 5.79 60.92 59.27
C GLU M 433 4.46 60.99 58.53
N GLU M 434 4.49 61.17 57.22
CA GLU M 434 3.25 61.33 56.47
C GLU M 434 2.61 60.00 56.10
N VAL M 435 3.32 58.88 56.20
CA VAL M 435 2.66 57.59 56.03
C VAL M 435 2.14 57.04 57.35
N GLY M 436 2.69 57.47 58.48
CA GLY M 436 2.18 57.02 59.76
C GLY M 436 0.97 57.78 60.26
N VAL M 437 0.52 58.78 59.52
CA VAL M 437 -0.58 59.62 59.98
C VAL M 437 -1.91 59.02 59.56
N ASP M 438 -2.95 59.28 60.35
CA ASP M 438 -4.27 58.76 60.08
C ASP M 438 -4.86 59.53 58.90
N SER M 439 -5.76 58.87 58.16
CA SER M 439 -6.39 59.47 57.00
C SER M 439 -7.76 60.04 57.34
N MET N 1 -25.94 -69.33 -54.96
CA MET N 1 -27.21 -68.95 -55.55
C MET N 1 -27.35 -67.43 -55.45
N ARG N 2 -27.06 -66.73 -56.55
CA ARG N 2 -27.01 -65.26 -56.56
C ARG N 2 -26.01 -64.74 -55.54
N GLU N 3 -24.80 -65.29 -55.56
CA GLU N 3 -23.80 -64.95 -54.57
C GLU N 3 -23.24 -63.55 -54.79
N ILE N 4 -22.72 -62.98 -53.71
CA ILE N 4 -22.04 -61.68 -53.75
C ILE N 4 -20.69 -61.86 -53.06
N VAL N 5 -19.62 -61.47 -53.75
CA VAL N 5 -18.26 -61.53 -53.19
C VAL N 5 -17.84 -60.13 -52.79
N HIS N 6 -17.27 -60.01 -51.60
CA HIS N 6 -16.96 -58.72 -50.99
C HIS N 6 -15.48 -58.40 -51.14
N ILE N 7 -15.19 -57.14 -51.47
CA ILE N 7 -13.83 -56.64 -51.58
C ILE N 7 -13.74 -55.36 -50.76
N GLN N 8 -12.70 -55.25 -49.93
CA GLN N 8 -12.47 -54.05 -49.13
C GLN N 8 -11.07 -53.54 -49.44
N ALA N 9 -10.99 -52.30 -49.87
CA ALA N 9 -9.72 -51.66 -50.19
C ALA N 9 -9.46 -50.51 -49.23
N GLY N 10 -8.23 -50.41 -48.76
CA GLY N 10 -7.83 -49.31 -47.91
C GLY N 10 -8.27 -49.49 -46.47
N GLN N 11 -7.79 -48.59 -45.62
CA GLN N 11 -8.12 -48.67 -44.20
C GLN N 11 -9.59 -48.43 -43.95
N CYS N 12 -10.14 -47.35 -44.51
CA CYS N 12 -11.55 -47.04 -44.31
C CYS N 12 -12.44 -48.13 -44.88
N GLY N 13 -12.12 -48.60 -46.08
CA GLY N 13 -12.92 -49.66 -46.67
C GLY N 13 -12.86 -50.94 -45.87
N ASN N 14 -11.66 -51.29 -45.36
CA ASN N 14 -11.52 -52.49 -44.55
C ASN N 14 -12.32 -52.38 -43.26
N GLN N 15 -12.25 -51.23 -42.59
CA GLN N 15 -13.01 -51.05 -41.35
C GLN N 15 -14.51 -51.14 -41.61
N ILE N 16 -14.99 -50.48 -42.66
CA ILE N 16 -16.42 -50.48 -42.95
C ILE N 16 -16.88 -51.88 -43.33
N GLY N 17 -16.08 -52.60 -44.12
CA GLY N 17 -16.44 -53.96 -44.47
C GLY N 17 -16.40 -54.91 -43.30
N ALA N 18 -15.47 -54.70 -42.37
CA ALA N 18 -15.44 -55.51 -41.16
C ALA N 18 -16.70 -55.29 -40.33
N LYS N 19 -17.13 -54.04 -40.20
CA LYS N 19 -18.38 -53.76 -39.51
C LYS N 19 -19.56 -54.38 -40.24
N PHE N 20 -19.54 -54.34 -41.58
CA PHE N 20 -20.59 -54.97 -42.37
C PHE N 20 -20.65 -56.46 -42.13
N TRP N 21 -19.50 -57.12 -42.08
CA TRP N 21 -19.49 -58.56 -41.85
C TRP N 21 -19.95 -58.90 -40.44
N GLU N 22 -19.59 -58.06 -39.47
CA GLU N 22 -20.09 -58.26 -38.11
C GLU N 22 -21.61 -58.17 -38.08
N VAL N 23 -22.18 -57.15 -38.73
CA VAL N 23 -23.63 -56.98 -38.66
C VAL N 23 -24.35 -58.06 -39.48
N ILE N 24 -23.73 -58.55 -40.55
CA ILE N 24 -24.35 -59.63 -41.32
C ILE N 24 -24.31 -60.93 -40.52
N SER N 25 -23.19 -61.23 -39.89
CA SER N 25 -23.10 -62.44 -39.06
C SER N 25 -24.09 -62.37 -37.90
N ASP N 26 -24.27 -61.19 -37.33
CA ASP N 26 -25.31 -61.03 -36.31
C ASP N 26 -26.69 -61.29 -36.91
N GLU N 27 -26.95 -60.74 -38.10
CA GLU N 27 -28.25 -60.89 -38.73
C GLU N 27 -28.51 -62.34 -39.13
N HIS N 28 -27.50 -63.04 -39.63
CA HIS N 28 -27.64 -64.43 -40.04
C HIS N 28 -27.35 -65.41 -38.93
N GLY N 29 -27.11 -64.95 -37.71
CA GLY N 29 -26.85 -65.83 -36.59
C GLY N 29 -25.56 -66.62 -36.70
N ILE N 30 -24.47 -65.96 -37.09
CA ILE N 30 -23.15 -66.58 -37.19
C ILE N 30 -22.29 -66.03 -36.07
N ASP N 31 -21.69 -66.93 -35.29
CA ASP N 31 -20.85 -66.55 -34.17
C ASP N 31 -19.49 -66.06 -34.68
N PRO N 32 -18.68 -65.45 -33.82
CA PRO N 32 -17.33 -65.06 -34.24
C PRO N 32 -16.46 -66.22 -34.68
N THR N 33 -16.81 -67.45 -34.33
CA THR N 33 -16.07 -68.62 -34.79
C THR N 33 -16.61 -69.20 -36.09
N GLY N 34 -17.66 -68.61 -36.66
CA GLY N 34 -18.18 -69.02 -37.95
C GLY N 34 -19.19 -70.14 -37.94
N SER N 35 -19.64 -70.58 -36.77
CA SER N 35 -20.60 -71.67 -36.68
C SER N 35 -21.99 -71.13 -36.38
N TYR N 36 -22.98 -71.63 -37.13
CA TYR N 36 -24.34 -71.09 -37.06
C TYR N 36 -24.97 -71.41 -35.72
N HIS N 37 -25.49 -70.38 -35.04
CA HIS N 37 -26.25 -70.53 -33.80
C HIS N 37 -27.56 -69.75 -33.86
N GLY N 38 -28.11 -69.56 -35.05
CA GLY N 38 -29.35 -68.83 -35.19
C GLY N 38 -30.55 -69.65 -34.75
N ASP N 39 -31.71 -69.01 -34.75
CA ASP N 39 -32.94 -69.61 -34.28
C ASP N 39 -33.87 -70.00 -35.43
N SER N 40 -34.15 -69.09 -36.34
CA SER N 40 -35.12 -69.35 -37.39
C SER N 40 -34.47 -70.06 -38.57
N ASP N 41 -35.27 -70.88 -39.26
CA ASP N 41 -34.80 -71.55 -40.46
C ASP N 41 -34.52 -70.58 -41.60
N LEU N 42 -35.08 -69.37 -41.55
CA LEU N 42 -34.90 -68.39 -42.61
C LEU N 42 -33.48 -67.87 -42.72
N GLN N 43 -32.62 -68.18 -41.75
CA GLN N 43 -31.26 -67.66 -41.72
C GLN N 43 -30.27 -68.54 -42.47
N LEU N 44 -30.72 -69.60 -43.14
CA LEU N 44 -29.78 -70.54 -43.74
C LEU N 44 -29.99 -70.76 -45.24
N GLU N 45 -31.23 -70.67 -45.72
CA GLU N 45 -31.47 -70.99 -47.13
C GLU N 45 -30.81 -69.97 -48.06
N ARG N 46 -30.47 -68.80 -47.54
CA ARG N 46 -29.81 -67.75 -48.30
C ARG N 46 -28.51 -67.33 -47.62
N ILE N 47 -27.83 -68.29 -47.01
CA ILE N 47 -26.51 -68.02 -46.43
C ILE N 47 -25.41 -68.08 -47.47
N ASN N 48 -25.66 -68.69 -48.63
CA ASN N 48 -24.65 -68.82 -49.65
C ASN N 48 -24.36 -67.52 -50.39
N VAL N 49 -25.22 -66.51 -50.26
CA VAL N 49 -24.99 -65.25 -50.96
C VAL N 49 -23.76 -64.55 -50.41
N TYR N 50 -23.50 -64.66 -49.11
CA TYR N 50 -22.36 -64.01 -48.48
C TYR N 50 -21.36 -64.97 -47.88
N TYR N 51 -21.72 -66.24 -47.69
CA TYR N 51 -20.85 -67.21 -47.05
C TYR N 51 -20.74 -68.45 -47.92
N ASN N 52 -19.61 -69.14 -47.80
CA ASN N 52 -19.44 -70.44 -48.42
C ASN N 52 -19.19 -71.49 -47.35
N GLU N 53 -19.86 -72.63 -47.47
CA GLU N 53 -19.80 -73.67 -46.46
C GLU N 53 -18.40 -74.27 -46.41
N ALA N 54 -17.80 -74.26 -45.22
CA ALA N 54 -16.52 -74.90 -44.99
C ALA N 54 -16.72 -76.18 -44.17
N ALA N 55 -15.71 -77.04 -44.22
CA ALA N 55 -15.78 -78.31 -43.50
C ALA N 55 -15.87 -78.06 -41.99
N GLY N 56 -16.57 -78.96 -41.31
CA GLY N 56 -16.80 -78.82 -39.90
C GLY N 56 -17.97 -77.94 -39.52
N ASN N 57 -18.85 -77.63 -40.47
CA ASN N 57 -20.04 -76.79 -40.25
C ASN N 57 -19.64 -75.41 -39.73
N LYS N 58 -18.74 -74.77 -40.46
CA LYS N 58 -18.32 -73.40 -40.17
C LYS N 58 -18.47 -72.57 -41.43
N TYR N 59 -18.88 -71.31 -41.26
CA TYR N 59 -19.19 -70.42 -42.37
C TYR N 59 -18.09 -69.37 -42.50
N VAL N 60 -17.66 -69.12 -43.72
CA VAL N 60 -16.61 -68.17 -44.03
C VAL N 60 -17.19 -67.12 -44.96
N PRO N 61 -16.97 -65.83 -44.73
CA PRO N 61 -17.49 -64.81 -45.64
C PRO N 61 -16.82 -64.88 -46.99
N ARG N 62 -17.57 -64.48 -48.02
CA ARG N 62 -17.02 -64.36 -49.37
C ARG N 62 -16.37 -62.98 -49.51
N ALA N 63 -15.33 -62.78 -48.71
CA ALA N 63 -14.70 -61.48 -48.56
C ALA N 63 -13.24 -61.55 -48.99
N ILE N 64 -12.81 -60.53 -49.73
CA ILE N 64 -11.41 -60.36 -50.11
C ILE N 64 -10.92 -59.08 -49.48
N LEU N 65 -9.85 -59.16 -48.71
CA LEU N 65 -9.35 -58.04 -47.93
C LEU N 65 -8.04 -57.58 -48.57
N VAL N 66 -8.05 -56.40 -49.18
CA VAL N 66 -6.90 -55.89 -49.92
C VAL N 66 -6.44 -54.59 -49.28
N ASP N 67 -5.13 -54.41 -49.22
CA ASP N 67 -4.55 -53.15 -48.78
C ASP N 67 -3.07 -53.16 -49.16
N LEU N 68 -2.43 -52.01 -48.96
CA LEU N 68 -0.99 -51.88 -49.11
C LEU N 68 -0.27 -51.77 -47.79
N GLU N 69 -1.01 -51.77 -46.67
CA GLU N 69 -0.44 -51.70 -45.34
C GLU N 69 -0.84 -52.91 -44.53
N PRO N 70 0.11 -53.67 -43.99
CA PRO N 70 -0.26 -54.83 -43.16
C PRO N 70 -0.91 -54.45 -41.85
N GLY N 71 -0.79 -53.19 -41.41
CA GLY N 71 -1.35 -52.80 -40.13
C GLY N 71 -2.86 -52.93 -40.09
N THR N 72 -3.54 -52.54 -41.16
CA THR N 72 -5.00 -52.66 -41.17
C THR N 72 -5.44 -54.11 -41.26
N MET N 73 -4.67 -54.96 -41.95
CA MET N 73 -4.97 -56.39 -41.93
C MET N 73 -4.85 -56.95 -40.52
N ASP N 74 -3.80 -56.55 -39.80
CA ASP N 74 -3.64 -56.99 -38.42
C ASP N 74 -4.78 -56.49 -37.56
N SER N 75 -5.19 -55.24 -37.75
CA SER N 75 -6.29 -54.68 -36.94
C SER N 75 -7.59 -55.40 -37.21
N VAL N 76 -7.90 -55.67 -38.47
CA VAL N 76 -9.15 -56.36 -38.81
C VAL N 76 -9.13 -57.78 -38.26
N ARG N 77 -8.00 -58.48 -38.41
CA ARG N 77 -7.91 -59.85 -37.91
C ARG N 77 -8.03 -59.88 -36.39
N SER N 78 -7.40 -58.94 -35.69
CA SER N 78 -7.42 -58.93 -34.23
C SER N 78 -8.74 -58.47 -33.65
N GLY N 79 -9.58 -57.79 -34.43
CA GLY N 79 -10.83 -57.30 -33.92
C GLY N 79 -11.86 -58.40 -33.77
N PRO N 80 -13.01 -58.03 -33.23
CA PRO N 80 -14.11 -58.99 -33.11
C PRO N 80 -14.61 -59.43 -34.47
N PHE N 81 -15.03 -60.70 -34.54
CA PHE N 81 -15.46 -61.34 -35.79
C PHE N 81 -14.35 -61.34 -36.84
N GLY N 82 -13.10 -61.18 -36.41
CA GLY N 82 -12.00 -61.03 -37.34
C GLY N 82 -11.38 -62.34 -37.76
N GLN N 83 -11.70 -63.41 -37.03
CA GLN N 83 -11.14 -64.73 -37.33
C GLN N 83 -12.02 -65.53 -38.29
N ILE N 84 -13.14 -64.97 -38.73
CA ILE N 84 -14.06 -65.72 -39.57
C ILE N 84 -13.48 -65.87 -40.98
N PHE N 85 -12.81 -64.83 -41.47
CA PHE N 85 -12.30 -64.84 -42.84
C PHE N 85 -11.19 -65.88 -43.01
N ARG N 86 -11.08 -66.41 -44.22
CA ARG N 86 -9.92 -67.22 -44.57
C ARG N 86 -8.67 -66.34 -44.53
N PRO N 87 -7.60 -66.79 -43.87
CA PRO N 87 -6.38 -65.98 -43.84
C PRO N 87 -5.77 -65.72 -45.21
N ASP N 88 -5.99 -66.60 -46.19
CA ASP N 88 -5.40 -66.39 -47.50
C ASP N 88 -6.07 -65.26 -48.28
N ASN N 89 -7.31 -64.93 -47.94
CA ASN N 89 -7.96 -63.79 -48.57
C ASN N 89 -7.32 -62.47 -48.14
N PHE N 90 -6.66 -62.45 -47.00
CA PHE N 90 -5.91 -61.27 -46.56
C PHE N 90 -4.73 -61.09 -47.49
N VAL N 91 -4.82 -60.15 -48.42
CA VAL N 91 -3.72 -59.84 -49.32
C VAL N 91 -3.30 -58.40 -49.08
N PHE N 92 -2.00 -58.19 -48.92
CA PHE N 92 -1.48 -56.89 -48.53
C PHE N 92 -0.06 -56.73 -49.06
N GLY N 93 0.34 -55.47 -49.21
CA GLY N 93 1.67 -55.13 -49.66
C GLY N 93 2.59 -54.76 -48.51
N GLN N 94 3.59 -53.97 -48.81
CA GLN N 94 4.56 -53.57 -47.81
C GLN N 94 4.70 -52.06 -47.65
N SER N 95 4.68 -51.31 -48.75
CA SER N 95 5.04 -49.90 -48.71
C SER N 95 3.88 -49.00 -48.28
N GLY N 96 2.75 -49.11 -48.95
CA GLY N 96 1.65 -48.19 -48.72
C GLY N 96 1.61 -47.09 -49.76
N ALA N 97 0.40 -46.65 -50.08
CA ALA N 97 0.23 -45.67 -51.15
C ALA N 97 0.68 -44.29 -50.73
N GLY N 98 0.41 -43.90 -49.48
CA GLY N 98 0.72 -42.56 -49.03
C GLY N 98 -0.09 -41.50 -49.74
N ASN N 99 -1.39 -41.76 -49.88
CA ASN N 99 -2.34 -40.84 -50.53
C ASN N 99 -1.94 -40.54 -51.98
N ASN N 100 -1.24 -41.47 -52.61
CA ASN N 100 -0.84 -41.31 -54.00
C ASN N 100 -1.72 -42.20 -54.87
N TRP N 101 -2.54 -41.58 -55.71
CA TRP N 101 -3.26 -42.34 -56.73
C TRP N 101 -2.29 -43.04 -57.66
N ALA N 102 -1.16 -42.40 -57.95
CA ALA N 102 -0.13 -43.04 -58.77
C ALA N 102 0.39 -44.30 -58.10
N LYS N 103 0.76 -44.20 -56.82
CA LYS N 103 1.29 -45.37 -56.13
C LYS N 103 0.24 -46.44 -55.88
N GLY N 104 -1.05 -46.10 -55.94
CA GLY N 104 -2.08 -47.08 -55.75
C GLY N 104 -2.68 -47.59 -57.04
N HIS N 105 -2.20 -47.06 -58.17
CA HIS N 105 -2.78 -47.46 -59.45
C HIS N 105 -1.75 -47.93 -60.48
N TYR N 106 -0.51 -47.51 -60.35
CA TYR N 106 0.47 -47.74 -61.41
C TYR N 106 1.70 -48.50 -60.96
N THR N 107 2.24 -48.20 -59.77
CA THR N 107 3.50 -48.80 -59.33
C THR N 107 3.29 -49.95 -58.35
N GLU N 108 2.69 -49.68 -57.19
CA GLU N 108 2.45 -50.74 -56.22
C GLU N 108 1.10 -51.42 -56.43
N GLY N 109 0.10 -50.67 -56.86
CA GLY N 109 -1.17 -51.27 -57.20
C GLY N 109 -1.05 -52.27 -58.33
N ALA N 110 -0.24 -51.93 -59.35
CA ALA N 110 -0.06 -52.85 -60.48
C ALA N 110 0.63 -54.13 -60.07
N GLU N 111 1.63 -54.03 -59.19
CA GLU N 111 2.37 -55.24 -58.80
C GLU N 111 1.65 -56.02 -57.71
N LEU N 112 0.66 -55.44 -57.06
CA LEU N 112 -0.12 -56.19 -56.08
C LEU N 112 -1.44 -56.73 -56.64
N VAL N 113 -1.98 -56.11 -57.68
CA VAL N 113 -3.31 -56.44 -58.16
C VAL N 113 -3.40 -57.84 -58.75
N ASP N 114 -2.28 -58.43 -59.17
CA ASP N 114 -2.31 -59.77 -59.74
C ASP N 114 -2.77 -60.78 -58.69
N SER N 115 -2.27 -60.66 -57.46
CA SER N 115 -2.68 -61.57 -56.39
C SER N 115 -4.16 -61.41 -56.09
N VAL N 116 -4.65 -60.17 -56.08
CA VAL N 116 -6.06 -59.93 -55.79
C VAL N 116 -6.93 -60.53 -56.88
N LEU N 117 -6.55 -60.35 -58.15
CA LEU N 117 -7.31 -60.97 -59.23
C LEU N 117 -7.28 -62.49 -59.13
N ASP N 118 -6.15 -63.07 -58.73
CA ASP N 118 -6.10 -64.51 -58.55
C ASP N 118 -7.08 -64.95 -57.46
N VAL N 119 -7.09 -64.24 -56.34
CA VAL N 119 -7.96 -64.62 -55.22
C VAL N 119 -9.44 -64.46 -55.59
N VAL N 120 -9.79 -63.32 -56.21
CA VAL N 120 -11.19 -63.12 -56.58
C VAL N 120 -11.60 -64.06 -57.70
N ARG N 121 -10.65 -64.46 -58.55
CA ARG N 121 -10.96 -65.42 -59.59
C ARG N 121 -11.26 -66.80 -58.99
N LYS N 122 -10.47 -67.22 -58.01
CA LYS N 122 -10.75 -68.48 -57.33
C LYS N 122 -12.08 -68.41 -56.61
N GLU N 123 -12.36 -67.30 -55.93
CA GLU N 123 -13.62 -67.14 -55.23
C GLU N 123 -14.79 -67.13 -56.20
N SER N 124 -14.61 -66.52 -57.37
CA SER N 124 -15.66 -66.44 -58.37
C SER N 124 -15.94 -67.81 -58.99
N GLU N 125 -14.89 -68.57 -59.26
CA GLU N 125 -15.09 -69.91 -59.82
C GLU N 125 -15.69 -70.86 -58.79
N SER N 126 -15.39 -70.64 -57.50
CA SER N 126 -15.92 -71.51 -56.47
C SER N 126 -17.45 -71.41 -56.38
N CYS N 127 -17.99 -70.20 -56.45
CA CYS N 127 -19.41 -70.01 -56.24
C CYS N 127 -20.21 -70.46 -57.45
N ASP N 128 -21.52 -70.65 -57.23
CA ASP N 128 -22.38 -71.20 -58.27
C ASP N 128 -22.74 -70.16 -59.33
N CYS N 129 -23.44 -69.09 -58.91
CA CYS N 129 -23.88 -68.05 -59.84
C CYS N 129 -23.75 -66.70 -59.13
N LEU N 130 -22.59 -66.07 -59.28
CA LEU N 130 -22.39 -64.76 -58.68
C LEU N 130 -23.16 -63.72 -59.47
N GLN N 131 -23.92 -62.89 -58.76
CA GLN N 131 -24.68 -61.85 -59.45
C GLN N 131 -23.88 -60.57 -59.62
N GLY N 132 -22.84 -60.37 -58.82
CA GLY N 132 -22.05 -59.16 -58.94
C GLY N 132 -21.01 -59.08 -57.84
N PHE N 133 -20.25 -57.99 -57.89
CA PHE N 133 -19.19 -57.71 -56.93
C PHE N 133 -19.54 -56.42 -56.19
N GLN N 134 -19.22 -56.38 -54.90
CA GLN N 134 -19.35 -55.14 -54.14
C GLN N 134 -18.01 -54.82 -53.51
N LEU N 135 -17.63 -53.54 -53.59
CA LEU N 135 -16.33 -53.08 -53.14
C LEU N 135 -16.52 -51.88 -52.23
N THR N 136 -15.86 -51.89 -51.09
CA THR N 136 -15.91 -50.79 -50.13
C THR N 136 -14.56 -50.09 -50.09
N HIS N 137 -14.57 -48.78 -50.34
CA HIS N 137 -13.34 -48.02 -50.36
C HIS N 137 -13.69 -46.55 -50.14
N SER N 138 -12.65 -45.71 -50.13
CA SER N 138 -12.80 -44.27 -50.01
C SER N 138 -12.02 -43.60 -51.12
N LEU N 139 -12.61 -42.57 -51.73
CA LEU N 139 -12.00 -41.89 -52.85
C LEU N 139 -10.93 -40.89 -52.46
N GLY N 140 -10.81 -40.59 -51.17
CA GLY N 140 -9.85 -39.57 -50.74
C GLY N 140 -8.44 -40.07 -50.57
N GLY N 141 -8.27 -41.38 -50.41
CA GLY N 141 -6.97 -41.95 -50.15
C GLY N 141 -6.31 -42.53 -51.40
N GLY N 142 -5.09 -43.01 -51.21
CA GLY N 142 -4.33 -43.60 -52.30
C GLY N 142 -4.59 -45.08 -52.45
N THR N 143 -4.50 -45.84 -51.36
CA THR N 143 -4.76 -47.27 -51.42
C THR N 143 -6.21 -47.55 -51.75
N GLY N 144 -7.13 -46.93 -51.03
CA GLY N 144 -8.54 -47.12 -51.27
C GLY N 144 -8.96 -46.80 -52.69
N SER N 145 -8.78 -45.55 -53.10
CA SER N 145 -9.24 -45.13 -54.42
C SER N 145 -8.47 -45.85 -55.54
N GLY N 146 -7.15 -45.94 -55.41
CA GLY N 146 -6.36 -46.54 -56.46
C GLY N 146 -6.66 -48.02 -56.64
N MET N 147 -6.68 -48.76 -55.53
CA MET N 147 -7.01 -50.18 -55.61
C MET N 147 -8.45 -50.39 -56.06
N GLY N 148 -9.38 -49.56 -55.60
CA GLY N 148 -10.75 -49.69 -56.05
C GLY N 148 -10.87 -49.51 -57.55
N THR N 149 -10.23 -48.45 -58.08
CA THR N 149 -10.20 -48.23 -59.51
C THR N 149 -9.63 -49.43 -60.26
N LEU N 150 -8.44 -49.88 -59.87
CA LEU N 150 -7.77 -50.93 -60.61
C LEU N 150 -8.57 -52.23 -60.54
N LEU N 151 -9.07 -52.56 -59.36
CA LEU N 151 -9.83 -53.79 -59.19
C LEU N 151 -11.13 -53.75 -59.96
N ILE N 152 -11.85 -52.63 -59.93
CA ILE N 152 -13.10 -52.54 -60.67
C ILE N 152 -12.83 -52.66 -62.16
N SER N 153 -11.79 -51.98 -62.64
CA SER N 153 -11.46 -52.03 -64.06
C SER N 153 -11.15 -53.47 -64.50
N LYS N 154 -10.31 -54.17 -63.74
CA LYS N 154 -9.96 -55.52 -64.14
C LYS N 154 -11.12 -56.50 -63.96
N ILE N 155 -11.97 -56.28 -62.96
CA ILE N 155 -13.15 -57.12 -62.79
C ILE N 155 -14.10 -56.96 -63.97
N ARG N 156 -14.33 -55.71 -64.38
CA ARG N 156 -15.19 -55.48 -65.54
C ARG N 156 -14.58 -56.02 -66.82
N GLU N 157 -13.25 -55.97 -66.95
CA GLU N 157 -12.60 -56.62 -68.08
C GLU N 157 -12.82 -58.12 -68.04
N GLU N 158 -12.84 -58.71 -66.84
CA GLU N 158 -13.05 -60.15 -66.72
C GLU N 158 -14.53 -60.52 -66.61
N TYR N 159 -15.37 -59.62 -66.11
CA TYR N 159 -16.80 -59.88 -65.92
C TYR N 159 -17.59 -58.70 -66.48
N PRO N 160 -17.74 -58.63 -67.80
CA PRO N 160 -18.41 -57.47 -68.41
C PRO N 160 -19.93 -57.52 -68.31
N ASP N 161 -20.53 -58.71 -68.30
CA ASP N 161 -21.97 -58.85 -68.21
C ASP N 161 -22.46 -58.89 -66.77
N ARG N 162 -21.57 -58.63 -65.81
CA ARG N 162 -21.89 -58.72 -64.39
C ARG N 162 -21.93 -57.34 -63.77
N ILE N 163 -22.82 -57.16 -62.80
CA ILE N 163 -22.98 -55.85 -62.17
C ILE N 163 -21.83 -55.59 -61.21
N MET N 164 -21.55 -54.32 -60.98
CA MET N 164 -20.52 -53.89 -60.04
C MET N 164 -21.16 -52.93 -59.05
N ASN N 165 -20.92 -53.18 -57.77
CA ASN N 165 -21.46 -52.36 -56.69
C ASN N 165 -20.31 -51.75 -55.90
N THR N 166 -20.46 -50.48 -55.52
CA THR N 166 -19.43 -49.78 -54.76
C THR N 166 -20.07 -48.96 -53.66
N PHE N 167 -19.43 -48.95 -52.49
CA PHE N 167 -19.81 -48.08 -51.38
C PHE N 167 -18.58 -47.21 -51.10
N SER N 168 -18.48 -46.11 -51.82
CA SER N 168 -17.30 -45.26 -51.81
C SER N 168 -17.56 -44.02 -50.97
N VAL N 169 -16.68 -43.75 -50.02
CA VAL N 169 -16.76 -42.56 -49.20
C VAL N 169 -16.08 -41.42 -49.95
N VAL N 170 -16.88 -40.49 -50.46
CA VAL N 170 -16.35 -39.39 -51.26
C VAL N 170 -15.80 -38.32 -50.32
N PRO N 171 -14.76 -37.59 -50.70
CA PRO N 171 -14.29 -36.49 -49.85
C PRO N 171 -15.28 -35.36 -49.79
N SER N 172 -15.24 -34.63 -48.68
CA SER N 172 -16.11 -33.50 -48.43
C SER N 172 -15.28 -32.31 -47.99
N PRO N 173 -15.74 -31.08 -48.24
CA PRO N 173 -14.86 -29.92 -48.05
C PRO N 173 -14.61 -29.56 -46.59
N LYS N 174 -15.61 -29.71 -45.72
CA LYS N 174 -15.46 -29.24 -44.34
C LYS N 174 -14.60 -30.21 -43.53
N VAL N 175 -15.00 -31.48 -43.47
CA VAL N 175 -14.21 -32.49 -42.76
C VAL N 175 -13.23 -33.08 -43.78
N SER N 176 -12.12 -32.38 -43.97
CA SER N 176 -11.08 -32.78 -44.91
C SER N 176 -9.88 -33.29 -44.12
N ASP N 177 -9.45 -34.51 -44.40
CA ASP N 177 -8.40 -35.16 -43.64
C ASP N 177 -7.05 -35.17 -44.33
N THR N 178 -7.01 -35.19 -45.66
CA THR N 178 -5.75 -35.20 -46.39
C THR N 178 -5.73 -34.09 -47.42
N VAL N 179 -4.54 -33.51 -47.60
CA VAL N 179 -4.38 -32.34 -48.47
C VAL N 179 -4.61 -32.67 -49.94
N VAL N 180 -4.37 -33.91 -50.37
CA VAL N 180 -4.45 -34.25 -51.78
C VAL N 180 -5.75 -35.02 -52.05
N GLU N 181 -6.78 -34.74 -51.26
CA GLU N 181 -8.09 -35.34 -51.49
C GLU N 181 -8.65 -35.07 -52.88
N PRO N 182 -8.68 -33.83 -53.38
CA PRO N 182 -9.33 -33.61 -54.70
C PRO N 182 -8.68 -34.36 -55.84
N TYR N 183 -7.35 -34.54 -55.82
CA TYR N 183 -6.69 -35.27 -56.89
C TYR N 183 -7.18 -36.69 -56.96
N ASN N 184 -7.14 -37.40 -55.83
CA ASN N 184 -7.60 -38.79 -55.81
C ASN N 184 -9.09 -38.88 -56.10
N ALA N 185 -9.86 -37.91 -55.62
CA ALA N 185 -11.30 -37.94 -55.85
C ALA N 185 -11.61 -37.82 -57.34
N THR N 186 -11.00 -36.85 -58.02
CA THR N 186 -11.24 -36.69 -59.45
C THR N 186 -10.74 -37.89 -60.24
N LEU N 187 -9.51 -38.33 -59.94
CA LEU N 187 -8.93 -39.45 -60.65
C LEU N 187 -9.66 -40.75 -60.39
N SER N 188 -10.45 -40.83 -59.32
CA SER N 188 -11.29 -42.00 -59.10
C SER N 188 -12.63 -41.89 -59.81
N VAL N 189 -13.30 -40.74 -59.64
CA VAL N 189 -14.62 -40.55 -60.23
C VAL N 189 -14.54 -40.69 -61.74
N HIS N 190 -13.41 -40.28 -62.33
CA HIS N 190 -13.23 -40.34 -63.78
C HIS N 190 -13.58 -41.70 -64.38
N GLN N 191 -13.21 -42.78 -63.69
CA GLN N 191 -13.51 -44.12 -64.17
C GLN N 191 -14.60 -44.83 -63.40
N LEU N 192 -14.84 -44.47 -62.12
CA LEU N 192 -16.03 -44.98 -61.45
C LEU N 192 -17.29 -44.55 -62.16
N VAL N 193 -17.25 -43.47 -62.94
CA VAL N 193 -18.38 -43.12 -63.80
C VAL N 193 -18.64 -44.22 -64.82
N GLU N 194 -17.58 -44.75 -65.43
CA GLU N 194 -17.73 -45.59 -66.60
C GLU N 194 -17.73 -47.09 -66.32
N ASN N 195 -17.12 -47.55 -65.22
CA ASN N 195 -17.00 -48.99 -65.02
C ASN N 195 -17.72 -49.54 -63.81
N THR N 196 -18.35 -48.70 -62.99
CA THR N 196 -19.15 -49.18 -61.87
C THR N 196 -20.62 -49.11 -62.22
N ASP N 197 -21.34 -50.21 -62.00
CA ASP N 197 -22.76 -50.25 -62.35
C ASP N 197 -23.58 -49.36 -61.41
N GLU N 198 -23.22 -49.33 -60.13
CA GLU N 198 -23.86 -48.42 -59.19
C GLU N 198 -22.83 -47.97 -58.17
N THR N 199 -23.06 -46.79 -57.59
CA THR N 199 -22.12 -46.20 -56.65
C THR N 199 -22.91 -45.50 -55.55
N TYR N 200 -22.77 -45.98 -54.32
CA TYR N 200 -23.41 -45.35 -53.17
C TYR N 200 -22.44 -44.34 -52.59
N CYS N 201 -22.54 -43.09 -53.04
CA CYS N 201 -21.61 -42.07 -52.60
C CYS N 201 -21.97 -41.63 -51.18
N ILE N 202 -21.00 -41.75 -50.27
CA ILE N 202 -21.17 -41.40 -48.87
C ILE N 202 -20.06 -40.43 -48.51
N ASP N 203 -20.30 -39.61 -47.50
CA ASP N 203 -19.28 -38.70 -47.01
C ASP N 203 -19.38 -38.60 -45.49
N ASN N 204 -18.26 -38.24 -44.88
CA ASN N 204 -18.23 -38.14 -43.42
C ASN N 204 -19.01 -36.93 -42.92
N GLU N 205 -19.26 -35.94 -43.77
CA GLU N 205 -20.03 -34.77 -43.37
C GLU N 205 -21.44 -35.14 -42.94
N ALA N 206 -22.24 -35.66 -43.87
CA ALA N 206 -23.64 -35.94 -43.56
C ALA N 206 -23.75 -37.03 -42.51
N LEU N 207 -22.77 -37.93 -42.44
CA LEU N 207 -22.82 -39.02 -41.48
C LEU N 207 -22.53 -38.52 -40.07
N TYR N 208 -21.52 -37.65 -39.92
CA TYR N 208 -21.32 -36.95 -38.67
C TYR N 208 -22.53 -36.11 -38.30
N ASP N 209 -23.18 -35.50 -39.29
CA ASP N 209 -24.35 -34.68 -39.01
C ASP N 209 -25.51 -35.53 -38.49
N ILE N 210 -25.66 -36.74 -39.05
CA ILE N 210 -26.64 -37.68 -38.52
C ILE N 210 -26.33 -38.00 -37.07
N CYS N 211 -25.07 -38.37 -36.80
CA CYS N 211 -24.67 -38.68 -35.43
C CYS N 211 -24.84 -37.49 -34.48
N PHE N 212 -24.76 -36.26 -35.01
CA PHE N 212 -24.97 -35.07 -34.21
C PHE N 212 -26.45 -34.85 -33.91
N ARG N 213 -27.26 -34.69 -34.95
CA ARG N 213 -28.61 -34.16 -34.79
C ARG N 213 -29.69 -35.23 -34.74
N THR N 214 -29.53 -36.34 -35.47
CA THR N 214 -30.56 -37.37 -35.47
C THR N 214 -30.35 -38.34 -34.31
N LEU N 215 -29.15 -38.90 -34.18
CA LEU N 215 -28.88 -39.84 -33.13
C LEU N 215 -28.56 -39.16 -31.80
N LYS N 216 -28.27 -37.86 -31.81
CA LYS N 216 -27.88 -37.11 -30.62
C LYS N 216 -26.71 -37.77 -29.89
N LEU N 217 -25.86 -38.46 -30.65
CA LEU N 217 -24.75 -39.17 -30.06
C LEU N 217 -23.64 -38.17 -29.75
N THR N 218 -23.21 -38.14 -28.48
CA THR N 218 -22.33 -37.06 -28.04
C THR N 218 -20.92 -37.18 -28.63
N THR N 219 -20.31 -38.35 -28.58
CA THR N 219 -18.98 -38.58 -29.15
C THR N 219 -18.89 -39.96 -29.79
N PRO N 220 -19.61 -40.20 -30.89
CA PRO N 220 -19.31 -41.39 -31.69
C PRO N 220 -17.92 -41.31 -32.31
N THR N 221 -17.27 -42.45 -32.40
CA THR N 221 -16.02 -42.60 -33.12
C THR N 221 -16.32 -42.99 -34.56
N TYR N 222 -15.29 -43.40 -35.29
CA TYR N 222 -15.52 -43.98 -36.61
C TYR N 222 -16.36 -45.24 -36.56
N GLY N 223 -16.42 -45.89 -35.38
CA GLY N 223 -17.17 -47.13 -35.28
C GLY N 223 -18.65 -46.95 -35.58
N ASP N 224 -19.26 -45.90 -35.03
CA ASP N 224 -20.67 -45.68 -35.29
C ASP N 224 -20.94 -45.26 -36.72
N LEU N 225 -20.03 -44.49 -37.32
CA LEU N 225 -20.16 -44.16 -38.74
C LEU N 225 -20.13 -45.42 -39.59
N ASN N 226 -19.17 -46.30 -39.34
CA ASN N 226 -19.11 -47.56 -40.05
C ASN N 226 -20.33 -48.42 -39.75
N HIS N 227 -20.91 -48.29 -38.56
CA HIS N 227 -22.13 -49.03 -38.24
C HIS N 227 -23.30 -48.58 -39.09
N LEU N 228 -23.48 -47.27 -39.23
CA LEU N 228 -24.54 -46.76 -40.10
C LEU N 228 -24.32 -47.17 -41.55
N VAL N 229 -23.07 -47.08 -42.02
CA VAL N 229 -22.79 -47.44 -43.41
C VAL N 229 -23.03 -48.93 -43.62
N SER N 230 -22.67 -49.75 -42.63
CA SER N 230 -22.91 -51.20 -42.72
C SER N 230 -24.39 -51.52 -42.73
N ALA N 231 -25.18 -50.83 -41.91
CA ALA N 231 -26.62 -51.04 -41.94
C ALA N 231 -27.20 -50.65 -43.29
N THR N 232 -26.71 -49.55 -43.86
CA THR N 232 -27.20 -49.12 -45.18
C THR N 232 -26.89 -50.17 -46.23
N MET N 233 -25.65 -50.68 -46.26
CA MET N 233 -25.33 -51.68 -47.27
C MET N 233 -25.97 -53.04 -46.98
N SER N 234 -26.36 -53.28 -45.72
CA SER N 234 -27.12 -54.49 -45.43
C SER N 234 -28.55 -54.37 -45.90
N GLY N 235 -29.08 -53.15 -45.94
CA GLY N 235 -30.44 -52.96 -46.41
C GLY N 235 -30.62 -53.27 -47.89
N VAL N 236 -29.61 -52.95 -48.70
CA VAL N 236 -29.77 -53.07 -50.15
C VAL N 236 -29.76 -54.52 -50.62
N THR N 237 -29.25 -55.44 -49.81
CA THR N 237 -29.20 -56.85 -50.18
C THR N 237 -30.08 -57.71 -49.29
N THR N 238 -31.02 -57.10 -48.56
CA THR N 238 -31.90 -57.86 -47.69
C THR N 238 -32.83 -58.77 -48.48
N CYS N 239 -33.29 -58.31 -49.65
CA CYS N 239 -34.23 -59.10 -50.43
C CYS N 239 -33.62 -60.40 -50.92
N LEU N 240 -32.30 -60.45 -51.10
CA LEU N 240 -31.66 -61.70 -51.46
C LEU N 240 -31.68 -62.68 -50.29
N ARG N 241 -31.34 -62.20 -49.11
CA ARG N 241 -31.11 -63.06 -47.96
C ARG N 241 -32.38 -63.47 -47.24
N PHE N 242 -33.51 -62.81 -47.52
CA PHE N 242 -34.77 -63.13 -46.85
C PHE N 242 -35.90 -62.95 -47.84
N PRO N 243 -37.02 -63.65 -47.65
CA PRO N 243 -38.17 -63.47 -48.55
C PRO N 243 -38.89 -62.15 -48.30
N GLY N 244 -39.99 -61.93 -49.01
CA GLY N 244 -40.77 -60.72 -48.80
C GLY N 244 -41.89 -60.64 -49.81
N GLN N 245 -42.80 -59.70 -49.56
CA GLN N 245 -43.91 -59.48 -50.48
C GLN N 245 -43.41 -58.97 -51.83
N LEU N 246 -42.46 -58.04 -51.83
CA LEU N 246 -41.80 -57.57 -53.04
C LEU N 246 -40.31 -57.84 -52.92
N ASN N 247 -39.77 -58.59 -53.87
CA ASN N 247 -38.37 -58.99 -53.87
C ASN N 247 -37.62 -58.24 -54.95
N ALA N 248 -36.50 -57.62 -54.60
CA ALA N 248 -35.73 -56.80 -55.52
C ALA N 248 -34.25 -56.98 -55.21
N ASP N 249 -33.53 -57.62 -56.13
CA ASP N 249 -32.09 -57.79 -55.97
C ASP N 249 -31.37 -56.54 -56.44
N LEU N 250 -30.04 -56.60 -56.48
CA LEU N 250 -29.25 -55.42 -56.88
C LEU N 250 -29.50 -55.07 -58.33
N ARG N 251 -29.65 -56.07 -59.20
CA ARG N 251 -29.87 -55.78 -60.62
C ARG N 251 -31.20 -55.09 -60.84
N LYS N 252 -32.24 -55.47 -60.10
CA LYS N 252 -33.53 -54.81 -60.25
C LYS N 252 -33.47 -53.36 -59.81
N LEU N 253 -32.82 -53.08 -58.68
CA LEU N 253 -32.62 -51.69 -58.27
C LEU N 253 -31.82 -50.92 -59.31
N ALA N 254 -30.80 -51.56 -59.89
CA ALA N 254 -30.01 -50.89 -60.91
C ALA N 254 -30.88 -50.52 -62.11
N VAL N 255 -31.60 -51.48 -62.67
CA VAL N 255 -32.41 -51.19 -63.85
C VAL N 255 -33.57 -50.24 -63.53
N ASN N 256 -33.96 -50.14 -62.27
CA ASN N 256 -35.03 -49.24 -61.89
C ASN N 256 -34.54 -47.87 -61.44
N MET N 257 -33.23 -47.67 -61.28
CA MET N 257 -32.75 -46.40 -60.77
C MET N 257 -31.79 -45.64 -61.67
N VAL N 258 -31.32 -46.20 -62.77
CA VAL N 258 -30.50 -45.47 -63.72
C VAL N 258 -31.24 -45.38 -65.05
N PRO N 259 -31.91 -44.26 -65.31
CA PRO N 259 -32.50 -44.05 -66.64
C PRO N 259 -31.46 -44.01 -67.74
N PHE N 260 -30.23 -43.60 -67.43
CA PHE N 260 -29.15 -43.52 -68.39
C PHE N 260 -27.88 -44.07 -67.73
N PRO N 261 -26.96 -44.62 -68.51
CA PRO N 261 -25.89 -45.44 -67.92
C PRO N 261 -25.00 -44.72 -66.92
N ARG N 262 -24.83 -43.40 -67.05
CA ARG N 262 -23.86 -42.69 -66.22
C ARG N 262 -24.48 -42.06 -64.98
N LEU N 263 -25.78 -42.20 -64.76
CA LEU N 263 -26.45 -41.63 -63.59
C LEU N 263 -26.54 -42.63 -62.45
N HIS N 264 -25.42 -43.25 -62.06
CA HIS N 264 -25.42 -44.32 -61.09
C HIS N 264 -24.72 -43.95 -59.78
N PHE N 265 -24.84 -42.70 -59.38
CA PHE N 265 -24.31 -42.23 -58.09
C PHE N 265 -25.51 -41.95 -57.19
N PHE N 266 -25.70 -42.82 -56.20
CA PHE N 266 -26.93 -42.83 -55.42
C PHE N 266 -26.74 -42.17 -54.06
N MET N 267 -27.86 -41.84 -53.44
CA MET N 267 -27.89 -41.16 -52.15
C MET N 267 -28.35 -42.15 -51.09
N PRO N 268 -27.45 -42.70 -50.27
CA PRO N 268 -27.88 -43.68 -49.27
C PRO N 268 -28.58 -43.04 -48.10
N GLY N 269 -29.46 -43.81 -47.48
CA GLY N 269 -30.19 -43.35 -46.31
C GLY N 269 -30.83 -44.50 -45.55
N PHE N 270 -30.91 -44.40 -44.24
CA PHE N 270 -31.44 -45.46 -43.41
C PHE N 270 -32.43 -44.90 -42.41
N ALA N 271 -33.52 -45.64 -42.18
CA ALA N 271 -34.53 -45.27 -41.20
C ALA N 271 -35.06 -46.53 -40.56
N PRO N 272 -35.52 -46.47 -39.30
CA PRO N 272 -35.53 -45.32 -38.40
C PRO N 272 -34.18 -45.11 -37.71
N LEU N 273 -33.89 -43.86 -37.34
CA LEU N 273 -32.70 -43.54 -36.55
C LEU N 273 -33.15 -42.65 -35.39
N THR N 274 -33.00 -43.14 -34.18
CA THR N 274 -33.56 -42.51 -33.00
C THR N 274 -32.45 -42.18 -32.00
N SER N 275 -32.63 -41.06 -31.32
CA SER N 275 -31.81 -40.81 -30.13
C SER N 275 -32.19 -41.77 -29.03
N ARG N 276 -31.24 -42.04 -28.13
CA ARG N 276 -31.52 -42.96 -27.03
C ARG N 276 -32.65 -42.45 -26.14
N GLY N 277 -32.62 -41.15 -25.82
CA GLY N 277 -33.70 -40.59 -25.02
C GLY N 277 -35.00 -40.49 -25.79
N SER N 278 -34.94 -40.06 -27.03
CA SER N 278 -36.15 -39.77 -27.82
C SER N 278 -36.70 -41.00 -28.54
N GLN N 279 -36.05 -42.16 -28.41
CA GLN N 279 -36.57 -43.36 -29.04
C GLN N 279 -37.92 -43.75 -28.46
N GLN N 280 -38.16 -43.42 -27.19
CA GLN N 280 -39.35 -43.86 -26.49
C GLN N 280 -40.59 -43.09 -26.92
N TYR N 281 -40.43 -41.89 -27.49
CA TYR N 281 -41.56 -41.01 -27.78
C TYR N 281 -42.05 -41.11 -29.22
N ARG N 282 -41.49 -42.02 -30.02
CA ARG N 282 -41.82 -42.07 -31.43
C ARG N 282 -42.56 -43.35 -31.76
N ALA N 283 -43.65 -43.23 -32.52
CA ALA N 283 -44.35 -44.39 -33.05
C ALA N 283 -43.56 -45.00 -34.20
N LEU N 284 -43.79 -46.29 -34.44
CA LEU N 284 -43.11 -47.03 -35.49
C LEU N 284 -44.16 -47.40 -36.54
N THR N 285 -44.28 -46.55 -37.56
CA THR N 285 -45.23 -46.75 -38.64
C THR N 285 -44.57 -46.43 -39.97
N VAL N 286 -45.17 -46.92 -41.05
CA VAL N 286 -44.66 -46.61 -42.39
C VAL N 286 -44.58 -45.13 -42.66
N PRO N 287 -45.58 -44.30 -42.31
CA PRO N 287 -45.43 -42.85 -42.58
C PRO N 287 -44.23 -42.22 -41.92
N GLU N 288 -43.88 -42.63 -40.69
CA GLU N 288 -42.74 -41.99 -40.05
C GLU N 288 -41.42 -42.48 -40.61
N LEU N 289 -41.35 -43.74 -41.05
CA LEU N 289 -40.20 -44.16 -41.86
C LEU N 289 -40.07 -43.32 -43.12
N THR N 290 -41.20 -43.05 -43.79
CA THR N 290 -41.13 -42.27 -45.02
C THR N 290 -40.65 -40.84 -44.76
N GLN N 291 -41.15 -40.22 -43.69
CA GLN N 291 -40.73 -38.84 -43.41
C GLN N 291 -39.30 -38.80 -42.91
N GLN N 292 -38.80 -39.86 -42.27
CA GLN N 292 -37.39 -39.94 -41.95
C GLN N 292 -36.54 -40.20 -43.18
N MET N 293 -37.10 -40.83 -44.21
CA MET N 293 -36.36 -40.97 -45.46
C MET N 293 -36.23 -39.64 -46.18
N PHE N 294 -37.36 -39.03 -46.54
CA PHE N 294 -37.36 -38.01 -47.58
C PHE N 294 -36.96 -36.62 -47.08
N ASP N 295 -36.53 -36.48 -45.83
CA ASP N 295 -36.01 -35.20 -45.39
C ASP N 295 -34.51 -35.10 -45.69
N ALA N 296 -34.05 -33.86 -45.85
CA ALA N 296 -32.69 -33.64 -46.33
C ALA N 296 -31.63 -33.99 -45.30
N LYS N 297 -31.98 -33.94 -44.01
CA LYS N 297 -30.97 -34.16 -42.97
C LYS N 297 -30.55 -35.62 -42.87
N ASN N 298 -31.41 -36.55 -43.31
CA ASN N 298 -31.12 -37.97 -43.16
C ASN N 298 -30.17 -38.52 -44.21
N MET N 299 -29.92 -37.77 -45.28
CA MET N 299 -29.05 -38.26 -46.34
C MET N 299 -27.64 -38.47 -45.82
N MET N 300 -26.94 -39.44 -46.41
CA MET N 300 -25.57 -39.73 -46.06
C MET N 300 -24.57 -39.09 -47.01
N ALA N 301 -25.03 -38.13 -47.83
CA ALA N 301 -24.18 -37.33 -48.68
C ALA N 301 -24.44 -35.86 -48.39
N ALA N 302 -23.36 -35.07 -48.32
CA ALA N 302 -23.47 -33.65 -47.99
C ALA N 302 -24.05 -32.93 -49.21
N CYS N 303 -25.35 -33.12 -49.42
CA CYS N 303 -26.04 -32.52 -50.54
C CYS N 303 -27.50 -32.36 -50.17
N ASP N 304 -28.09 -31.22 -50.53
CA ASP N 304 -29.49 -30.97 -50.25
C ASP N 304 -30.32 -31.45 -51.42
N PRO N 305 -31.17 -32.46 -51.24
CA PRO N 305 -32.06 -32.87 -52.34
C PRO N 305 -33.02 -31.77 -52.77
N ARG N 306 -33.31 -30.81 -51.90
CA ARG N 306 -34.17 -29.70 -52.28
C ARG N 306 -33.53 -28.81 -53.35
N HIS N 307 -32.22 -28.87 -53.52
CA HIS N 307 -31.55 -28.12 -54.56
C HIS N 307 -31.61 -28.80 -55.91
N GLY N 308 -32.14 -30.02 -55.98
CA GLY N 308 -32.20 -30.76 -57.22
C GLY N 308 -33.46 -31.57 -57.40
N ARG N 309 -33.48 -32.44 -58.41
CA ARG N 309 -34.63 -33.26 -58.73
C ARG N 309 -34.31 -34.73 -58.50
N TYR N 310 -35.24 -35.42 -57.85
CA TYR N 310 -35.13 -36.87 -57.71
C TYR N 310 -35.46 -37.53 -59.04
N LEU N 311 -34.43 -38.03 -59.73
CA LEU N 311 -34.67 -38.83 -60.93
C LEU N 311 -35.46 -40.08 -60.57
N THR N 312 -34.86 -40.95 -59.76
CA THR N 312 -35.51 -42.14 -59.24
C THR N 312 -35.06 -42.36 -57.81
N VAL N 313 -35.94 -42.97 -57.00
CA VAL N 313 -35.58 -43.33 -55.64
C VAL N 313 -36.02 -44.76 -55.39
N ALA N 314 -35.40 -45.38 -54.38
CA ALA N 314 -35.72 -46.72 -53.96
C ALA N 314 -35.94 -46.75 -52.46
N ALA N 315 -36.87 -47.58 -52.02
CA ALA N 315 -37.21 -47.72 -50.60
C ALA N 315 -37.32 -49.21 -50.30
N VAL N 316 -36.19 -49.82 -49.93
CA VAL N 316 -36.13 -51.25 -49.63
C VAL N 316 -36.57 -51.42 -48.18
N PHE N 317 -37.85 -51.70 -47.98
CA PHE N 317 -38.41 -51.83 -46.65
C PHE N 317 -38.08 -53.19 -46.04
N ARG N 318 -38.01 -53.22 -44.71
CA ARG N 318 -37.76 -54.44 -43.97
C ARG N 318 -38.73 -54.52 -42.80
N GLY N 319 -39.37 -55.67 -42.64
CA GLY N 319 -40.29 -55.92 -41.56
C GLY N 319 -41.65 -56.33 -42.06
N ARG N 320 -42.54 -56.58 -41.09
CA ARG N 320 -43.92 -56.96 -41.37
C ARG N 320 -44.77 -55.69 -41.41
N MET N 321 -45.30 -55.37 -42.59
CA MET N 321 -46.05 -54.14 -42.78
C MET N 321 -47.03 -54.32 -43.94
N SER N 322 -47.89 -53.33 -44.11
CA SER N 322 -48.94 -53.37 -45.13
C SER N 322 -48.46 -52.66 -46.38
N MET N 323 -48.70 -53.27 -47.54
CA MET N 323 -48.18 -52.70 -48.78
C MET N 323 -48.95 -51.46 -49.20
N LYS N 324 -50.24 -51.39 -48.85
CA LYS N 324 -51.04 -50.22 -49.21
C LYS N 324 -50.46 -48.97 -48.56
N GLU N 325 -50.08 -49.06 -47.28
CA GLU N 325 -49.50 -47.92 -46.59
C GLU N 325 -48.21 -47.47 -47.28
N VAL N 326 -47.36 -48.43 -47.65
CA VAL N 326 -46.07 -48.09 -48.26
C VAL N 326 -46.27 -47.37 -49.59
N ASP N 327 -47.07 -47.97 -50.47
CA ASP N 327 -47.19 -47.39 -51.81
C ASP N 327 -48.03 -46.12 -51.79
N GLU N 328 -49.00 -46.04 -50.87
CA GLU N 328 -49.69 -44.79 -50.64
C GLU N 328 -48.74 -43.68 -50.20
N GLN N 329 -47.81 -44.00 -49.29
CA GLN N 329 -46.85 -42.99 -48.85
C GLN N 329 -45.98 -42.54 -50.01
N MET N 330 -45.58 -43.48 -50.87
CA MET N 330 -44.74 -43.11 -52.01
C MET N 330 -45.50 -42.20 -52.97
N LEU N 331 -46.74 -42.55 -53.32
CA LEU N 331 -47.48 -41.70 -54.25
C LEU N 331 -47.84 -40.37 -53.60
N ASN N 332 -48.02 -40.35 -52.28
CA ASN N 332 -48.23 -39.09 -51.56
C ASN N 332 -47.03 -38.18 -51.68
N VAL N 333 -45.83 -38.73 -51.45
CA VAL N 333 -44.61 -37.95 -51.55
C VAL N 333 -44.44 -37.42 -52.97
N GLN N 334 -44.69 -38.28 -53.97
CA GLN N 334 -44.62 -37.83 -55.35
C GLN N 334 -45.71 -36.82 -55.69
N ASN N 335 -46.82 -36.82 -54.95
CA ASN N 335 -47.92 -35.91 -55.26
C ASN N 335 -47.66 -34.51 -54.73
N LYS N 336 -47.47 -34.37 -53.41
CA LYS N 336 -47.30 -33.00 -52.91
C LYS N 336 -45.86 -32.51 -52.97
N ASN N 337 -44.99 -33.14 -53.74
CA ASN N 337 -43.63 -32.67 -53.97
C ASN N 337 -43.27 -32.82 -55.44
N SER N 338 -44.20 -32.45 -56.32
CA SER N 338 -43.99 -32.63 -57.75
C SER N 338 -42.89 -31.74 -58.30
N SER N 339 -42.52 -30.67 -57.59
CA SER N 339 -41.43 -29.82 -58.01
C SER N 339 -40.07 -30.39 -57.66
N TYR N 340 -40.00 -31.48 -56.90
CA TYR N 340 -38.76 -32.12 -56.53
C TYR N 340 -38.54 -33.44 -57.25
N PHE N 341 -39.43 -33.80 -58.17
CA PHE N 341 -39.32 -35.02 -58.95
C PHE N 341 -39.36 -34.66 -60.43
N VAL N 342 -38.61 -35.42 -61.24
CA VAL N 342 -38.59 -35.17 -62.67
C VAL N 342 -39.94 -35.53 -63.26
N GLU N 343 -40.46 -34.64 -64.09
CA GLU N 343 -41.78 -34.84 -64.67
C GLU N 343 -41.78 -35.88 -65.79
N TRP N 344 -40.66 -36.04 -66.47
CA TRP N 344 -40.58 -36.95 -67.61
C TRP N 344 -40.37 -38.40 -67.21
N ILE N 345 -40.25 -38.68 -65.92
CA ILE N 345 -40.40 -40.01 -65.37
C ILE N 345 -41.54 -40.01 -64.38
N PRO N 346 -42.70 -40.55 -64.75
CA PRO N 346 -43.76 -40.78 -63.76
C PRO N 346 -43.29 -41.75 -62.69
N ASN N 347 -44.05 -41.81 -61.59
CA ASN N 347 -43.92 -42.76 -60.47
C ASN N 347 -42.44 -43.09 -60.19
N ASN N 348 -41.73 -42.06 -59.74
CA ASN N 348 -40.29 -42.08 -59.51
C ASN N 348 -39.84 -42.99 -58.39
N VAL N 349 -40.69 -43.75 -57.69
CA VAL N 349 -40.28 -44.48 -56.51
C VAL N 349 -40.28 -45.98 -56.81
N LYS N 350 -39.18 -46.64 -56.51
CA LYS N 350 -39.09 -48.09 -56.55
C LYS N 350 -39.32 -48.62 -55.13
N THR N 351 -40.21 -49.59 -55.00
CA THR N 351 -40.61 -50.10 -53.70
C THR N 351 -40.27 -51.58 -53.59
N ALA N 352 -39.54 -51.94 -52.54
CA ALA N 352 -39.26 -53.33 -52.20
C ALA N 352 -39.49 -53.51 -50.71
N VAL N 353 -40.13 -54.62 -50.34
CA VAL N 353 -40.49 -54.87 -48.95
C VAL N 353 -40.05 -56.28 -48.59
N CYS N 354 -39.26 -56.39 -47.53
CA CYS N 354 -38.82 -57.66 -46.98
C CYS N 354 -39.45 -57.87 -45.61
N ASP N 355 -39.86 -59.11 -45.35
CA ASP N 355 -40.59 -59.38 -44.11
C ASP N 355 -39.68 -59.57 -42.90
N ILE N 356 -38.37 -59.67 -43.09
CA ILE N 356 -37.44 -59.90 -41.99
C ILE N 356 -36.80 -58.57 -41.63
N PRO N 357 -37.08 -58.01 -40.45
CA PRO N 357 -36.51 -56.72 -40.08
C PRO N 357 -35.11 -56.90 -39.49
N PRO N 358 -34.36 -55.81 -39.33
CA PRO N 358 -33.07 -55.92 -38.65
C PRO N 358 -33.26 -56.26 -37.18
N ARG N 359 -32.21 -56.84 -36.60
CA ARG N 359 -32.26 -57.27 -35.21
C ARG N 359 -32.50 -56.09 -34.29
N GLY N 360 -33.47 -56.24 -33.38
CA GLY N 360 -33.80 -55.21 -32.43
C GLY N 360 -34.77 -54.15 -32.92
N LEU N 361 -35.16 -54.20 -34.19
CA LEU N 361 -36.08 -53.23 -34.76
C LEU N 361 -37.32 -53.93 -35.27
N LYS N 362 -38.49 -53.38 -34.95
CA LYS N 362 -39.74 -53.92 -35.47
C LYS N 362 -39.82 -53.76 -36.98
N MET N 363 -39.43 -52.60 -37.49
CA MET N 363 -39.38 -52.37 -38.92
C MET N 363 -38.30 -51.35 -39.23
N SER N 364 -37.71 -51.46 -40.42
CA SER N 364 -36.68 -50.55 -40.86
C SER N 364 -36.69 -50.54 -42.37
N ALA N 365 -36.02 -49.54 -42.94
CA ALA N 365 -35.98 -49.44 -44.40
C ALA N 365 -34.74 -48.66 -44.81
N THR N 366 -34.36 -48.83 -46.06
CA THR N 366 -33.21 -48.17 -46.65
C THR N 366 -33.64 -47.33 -47.84
N PHE N 367 -33.20 -46.08 -47.87
CA PHE N 367 -33.55 -45.14 -48.92
C PHE N 367 -32.36 -45.00 -49.87
N ILE N 368 -32.58 -45.32 -51.14
CA ILE N 368 -31.58 -45.15 -52.18
C ILE N 368 -32.17 -44.18 -53.19
N GLY N 369 -31.52 -43.03 -53.36
CA GLY N 369 -32.07 -42.00 -54.22
C GLY N 369 -31.12 -41.48 -55.28
N ASN N 370 -31.48 -41.63 -56.54
CA ASN N 370 -30.70 -41.10 -57.65
C ASN N 370 -31.19 -39.68 -57.94
N SER N 371 -30.50 -38.69 -57.39
CA SER N 371 -30.91 -37.30 -57.50
C SER N 371 -29.84 -36.49 -58.21
N THR N 372 -30.25 -35.31 -58.69
CA THR N 372 -29.35 -34.39 -59.36
C THR N 372 -28.57 -33.52 -58.38
N ALA N 373 -28.81 -33.66 -57.07
CA ALA N 373 -28.07 -32.89 -56.08
C ALA N 373 -26.61 -33.32 -55.98
N ILE N 374 -26.24 -34.46 -56.56
CA ILE N 374 -24.85 -34.89 -56.57
C ILE N 374 -24.01 -34.02 -57.49
N GLN N 375 -24.65 -33.20 -58.33
CA GLN N 375 -23.90 -32.33 -59.22
C GLN N 375 -23.06 -31.32 -58.43
N GLU N 376 -23.58 -30.80 -57.32
CA GLU N 376 -22.79 -29.85 -56.55
C GLU N 376 -21.72 -30.57 -55.73
N LEU N 377 -21.98 -31.81 -55.30
CA LEU N 377 -20.94 -32.60 -54.65
C LEU N 377 -19.77 -32.83 -55.58
N PHE N 378 -20.04 -33.14 -56.84
CA PHE N 378 -18.95 -33.29 -57.81
C PHE N 378 -18.35 -31.95 -58.19
N LYS N 379 -19.15 -30.89 -58.18
CA LYS N 379 -18.65 -29.57 -58.56
C LYS N 379 -17.69 -29.01 -57.53
N ARG N 380 -17.91 -29.33 -56.25
CA ARG N 380 -16.95 -28.93 -55.22
C ARG N 380 -15.60 -29.59 -55.45
N ILE N 381 -15.61 -30.88 -55.77
CA ILE N 381 -14.37 -31.58 -56.10
C ILE N 381 -13.75 -30.98 -57.35
N SER N 382 -14.59 -30.61 -58.33
CA SER N 382 -14.11 -30.01 -59.56
C SER N 382 -13.39 -28.70 -59.29
N GLU N 383 -13.98 -27.84 -58.46
CA GLU N 383 -13.36 -26.55 -58.21
C GLU N 383 -12.12 -26.68 -57.34
N GLN N 384 -12.09 -27.63 -56.41
CA GLN N 384 -10.87 -27.86 -55.64
C GLN N 384 -9.75 -28.41 -56.53
N PHE N 385 -10.08 -29.33 -57.43
CA PHE N 385 -9.09 -29.83 -58.38
C PHE N 385 -8.59 -28.72 -59.28
N THR N 386 -9.49 -27.84 -59.73
CA THR N 386 -9.07 -26.72 -60.57
C THR N 386 -8.16 -25.77 -59.82
N ALA N 387 -8.48 -25.49 -58.55
CA ALA N 387 -7.63 -24.61 -57.75
C ALA N 387 -6.25 -25.22 -57.56
N MET N 388 -6.19 -26.52 -57.28
CA MET N 388 -4.88 -27.15 -57.10
C MET N 388 -4.15 -27.43 -58.40
N PHE N 389 -4.83 -27.33 -59.54
CA PHE N 389 -4.23 -27.71 -60.82
C PHE N 389 -3.78 -26.53 -61.66
N ARG N 390 -4.28 -25.32 -61.40
CA ARG N 390 -3.81 -24.16 -62.15
C ARG N 390 -2.33 -23.91 -61.88
N ARG N 391 -1.90 -24.05 -60.64
CA ARG N 391 -0.51 -23.81 -60.26
C ARG N 391 0.27 -25.11 -60.08
N LYS N 392 -0.28 -26.23 -60.55
CA LYS N 392 0.41 -27.52 -60.57
C LYS N 392 0.85 -27.96 -59.17
N ALA N 393 0.02 -27.68 -58.16
CA ALA N 393 0.37 -28.06 -56.81
C ALA N 393 0.27 -29.57 -56.64
N PHE N 394 1.30 -30.15 -56.02
CA PHE N 394 1.38 -31.58 -55.70
C PHE N 394 1.40 -32.48 -56.92
N LEU N 395 1.50 -31.91 -58.13
CA LEU N 395 1.60 -32.75 -59.32
C LEU N 395 2.92 -33.50 -59.41
N HIS N 396 3.97 -33.01 -58.74
CA HIS N 396 5.27 -33.66 -58.88
C HIS N 396 5.27 -35.05 -58.25
N TRP N 397 4.50 -35.25 -57.19
CA TRP N 397 4.41 -36.57 -56.59
C TRP N 397 3.81 -37.58 -57.56
N TYR N 398 2.65 -37.25 -58.14
CA TYR N 398 2.00 -38.18 -59.06
C TYR N 398 2.81 -38.35 -60.35
N THR N 399 3.41 -37.26 -60.84
CA THR N 399 4.25 -37.34 -62.03
C THR N 399 5.50 -38.17 -61.76
N GLY N 400 5.88 -38.31 -60.49
CA GLY N 400 7.01 -39.15 -60.15
C GLY N 400 6.82 -40.62 -60.50
N GLU N 401 5.57 -41.06 -60.69
CA GLU N 401 5.28 -42.43 -61.09
C GLU N 401 4.72 -42.52 -62.50
N GLY N 402 5.18 -41.66 -63.40
CA GLY N 402 4.89 -41.85 -64.81
C GLY N 402 3.50 -41.46 -65.26
N MET N 403 2.87 -40.49 -64.61
CA MET N 403 1.65 -39.90 -65.16
C MET N 403 2.00 -38.71 -66.04
N ASP N 404 0.98 -37.96 -66.42
CA ASP N 404 1.16 -36.74 -67.20
C ASP N 404 -0.02 -35.82 -66.93
N GLU N 405 0.15 -34.55 -67.26
CA GLU N 405 -0.93 -33.59 -67.07
C GLU N 405 -2.15 -33.91 -67.92
N MET N 406 -1.95 -34.62 -69.03
CA MET N 406 -3.07 -34.96 -69.90
C MET N 406 -4.08 -35.85 -69.20
N GLU N 407 -3.60 -36.81 -68.40
CA GLU N 407 -4.51 -37.70 -67.70
C GLU N 407 -5.31 -36.95 -66.65
N PHE N 408 -4.68 -36.01 -65.95
CA PHE N 408 -5.40 -35.17 -65.00
C PHE N 408 -6.46 -34.32 -65.70
N THR N 409 -6.08 -33.73 -66.84
CA THR N 409 -7.03 -32.89 -67.56
C THR N 409 -8.20 -33.70 -68.08
N GLU N 410 -7.95 -34.91 -68.57
CA GLU N 410 -9.07 -35.71 -69.08
C GLU N 410 -9.96 -36.20 -67.94
N ALA N 411 -9.37 -36.52 -66.77
CA ALA N 411 -10.20 -36.88 -65.63
C ALA N 411 -11.10 -35.72 -65.21
N GLU N 412 -10.53 -34.52 -65.13
CA GLU N 412 -11.33 -33.35 -64.78
C GLU N 412 -12.40 -33.06 -65.82
N SER N 413 -12.06 -33.19 -67.09
CA SER N 413 -13.05 -32.96 -68.14
C SER N 413 -14.18 -33.97 -68.07
N ASN N 414 -13.85 -35.23 -67.79
CA ASN N 414 -14.87 -36.26 -67.65
C ASN N 414 -15.80 -35.96 -66.48
N MET N 415 -15.25 -35.54 -65.35
CA MET N 415 -16.10 -35.26 -64.20
C MET N 415 -16.93 -34.00 -64.41
N ASN N 416 -16.36 -33.00 -65.10
CA ASN N 416 -17.15 -31.82 -65.47
C ASN N 416 -18.28 -32.20 -66.43
N ASP N 417 -18.02 -33.11 -67.36
CA ASP N 417 -19.06 -33.58 -68.26
C ASP N 417 -20.16 -34.29 -67.48
N LEU N 418 -19.77 -35.07 -66.48
CA LEU N 418 -20.77 -35.72 -65.62
C LEU N 418 -21.63 -34.68 -64.90
N VAL N 419 -21.00 -33.62 -64.38
CA VAL N 419 -21.75 -32.56 -63.72
C VAL N 419 -22.70 -31.89 -64.70
N SER N 420 -22.22 -31.62 -65.91
CA SER N 420 -23.04 -30.94 -66.91
C SER N 420 -24.22 -31.80 -67.32
N GLU N 421 -24.04 -33.11 -67.42
CA GLU N 421 -25.17 -33.95 -67.83
C GLU N 421 -26.16 -34.16 -66.68
N TYR N 422 -25.68 -34.22 -65.43
CA TYR N 422 -26.60 -34.07 -64.30
C TYR N 422 -27.41 -32.79 -64.42
N GLN N 423 -26.75 -31.68 -64.79
CA GLN N 423 -27.45 -30.41 -64.90
C GLN N 423 -28.50 -30.42 -65.99
N GLN N 424 -28.17 -30.98 -67.16
CA GLN N 424 -29.13 -30.95 -68.26
C GLN N 424 -30.28 -31.92 -68.01
N TYR N 425 -30.05 -32.97 -67.24
CA TYR N 425 -31.18 -33.80 -66.84
C TYR N 425 -31.93 -33.22 -65.66
N GLN N 426 -31.33 -32.26 -64.94
CA GLN N 426 -32.01 -31.50 -63.90
C GLN N 426 -33.03 -30.54 -64.50
N ASP N 427 -32.68 -29.87 -65.60
CA ASP N 427 -33.52 -28.87 -66.25
C ASP N 427 -33.98 -27.78 -65.27
N MET O 1 -63.35 -85.17 -66.83
CA MET O 1 -62.84 -84.28 -67.87
C MET O 1 -62.84 -82.83 -67.38
N ARG O 2 -63.22 -81.92 -68.29
CA ARG O 2 -63.33 -80.48 -68.04
C ARG O 2 -62.18 -79.91 -67.22
N GLU O 3 -60.96 -80.39 -67.50
CA GLU O 3 -59.79 -79.95 -66.75
C GLU O 3 -59.30 -78.59 -67.24
N CYS O 4 -58.50 -77.94 -66.39
CA CYS O 4 -57.87 -76.68 -66.74
C CYS O 4 -56.55 -76.58 -65.98
N ILE O 5 -55.52 -76.09 -66.66
CA ILE O 5 -54.16 -76.03 -66.13
C ILE O 5 -53.85 -74.60 -65.75
N SER O 6 -53.39 -74.39 -64.52
CA SER O 6 -53.09 -73.06 -64.00
C SER O 6 -51.63 -72.73 -64.27
N ILE O 7 -51.38 -71.50 -64.72
CA ILE O 7 -50.04 -71.01 -65.01
C ILE O 7 -49.77 -69.86 -64.04
N HIS O 8 -48.66 -69.94 -63.31
CA HIS O 8 -48.29 -68.89 -62.36
C HIS O 8 -46.87 -68.45 -62.68
N VAL O 9 -46.74 -67.25 -63.23
CA VAL O 9 -45.45 -66.71 -63.67
C VAL O 9 -45.17 -65.44 -62.87
N GLY O 10 -43.98 -65.38 -62.28
CA GLY O 10 -43.58 -64.22 -61.50
C GLY O 10 -44.06 -64.29 -60.07
N GLN O 11 -43.58 -63.33 -59.27
CA GLN O 11 -43.93 -63.30 -57.85
C GLN O 11 -45.42 -63.07 -57.66
N ALA O 12 -46.00 -62.12 -58.39
CA ALA O 12 -47.43 -61.85 -58.28
C ALA O 12 -48.24 -63.07 -58.68
N GLY O 13 -47.90 -63.69 -59.80
CA GLY O 13 -48.62 -64.87 -60.24
C GLY O 13 -48.51 -66.01 -59.26
N VAL O 14 -47.33 -66.21 -58.69
CA VAL O 14 -47.13 -67.32 -57.76
C VAL O 14 -47.89 -67.09 -56.46
N GLN O 15 -47.93 -65.85 -55.99
CA GLN O 15 -48.68 -65.59 -54.75
C GLN O 15 -50.19 -65.66 -54.98
N ILE O 16 -50.67 -65.16 -56.11
CA ILE O 16 -52.07 -65.37 -56.48
C ILE O 16 -52.37 -66.85 -56.56
N GLY O 17 -51.44 -67.64 -57.11
CA GLY O 17 -51.64 -69.08 -57.17
C GLY O 17 -51.64 -69.75 -55.82
N ASN O 18 -50.81 -69.28 -54.89
CA ASN O 18 -50.82 -69.79 -53.54
C ASN O 18 -52.19 -69.57 -52.90
N ALA O 19 -52.71 -68.35 -53.02
CA ALA O 19 -54.04 -68.07 -52.50
C ALA O 19 -55.11 -68.91 -53.20
N CYS O 20 -55.00 -69.04 -54.52
CA CYS O 20 -56.00 -69.80 -55.27
C CYS O 20 -56.01 -71.26 -54.87
N TRP O 21 -54.83 -71.85 -54.67
CA TRP O 21 -54.77 -73.27 -54.33
C TRP O 21 -55.12 -73.52 -52.88
N GLU O 22 -54.81 -72.59 -51.98
CA GLU O 22 -55.35 -72.67 -50.63
C GLU O 22 -56.88 -72.65 -50.66
N LEU O 23 -57.45 -71.75 -51.47
CA LEU O 23 -58.90 -71.66 -51.57
C LEU O 23 -59.50 -72.92 -52.17
N TYR O 24 -58.87 -73.48 -53.21
CA TYR O 24 -59.38 -74.70 -53.82
C TYR O 24 -59.29 -75.88 -52.87
N CYS O 25 -58.19 -75.98 -52.13
CA CYS O 25 -58.04 -77.04 -51.15
C CYS O 25 -59.12 -76.96 -50.08
N LEU O 26 -59.43 -75.74 -49.62
CA LEU O 26 -60.54 -75.58 -48.68
C LEU O 26 -61.88 -75.88 -49.33
N GLU O 27 -62.04 -75.55 -50.62
CA GLU O 27 -63.31 -75.77 -51.30
C GLU O 27 -63.62 -77.25 -51.43
N HIS O 28 -62.66 -78.03 -51.90
CA HIS O 28 -62.89 -79.44 -52.19
C HIS O 28 -62.53 -80.36 -51.02
N GLY O 29 -62.17 -79.81 -49.87
CA GLY O 29 -61.78 -80.63 -48.75
C GLY O 29 -60.38 -81.18 -48.82
N ILE O 30 -59.55 -80.70 -49.74
CA ILE O 30 -58.18 -81.18 -49.83
C ILE O 30 -57.39 -80.62 -48.66
N GLN O 31 -56.82 -81.51 -47.86
CA GLN O 31 -55.90 -81.10 -46.82
C GLN O 31 -54.61 -80.60 -47.44
N PRO O 32 -53.82 -79.79 -46.72
CA PRO O 32 -52.59 -79.26 -47.31
C PRO O 32 -51.59 -80.33 -47.72
N ASP O 33 -51.71 -81.54 -47.19
CA ASP O 33 -50.87 -82.65 -47.60
C ASP O 33 -51.48 -83.46 -48.73
N GLY O 34 -52.53 -82.95 -49.37
CA GLY O 34 -53.10 -83.63 -50.52
C GLY O 34 -53.92 -84.86 -50.24
N GLN O 35 -54.47 -84.98 -49.03
CA GLN O 35 -55.24 -86.15 -48.64
C GLN O 35 -56.68 -85.76 -48.34
N MET O 36 -57.63 -86.53 -48.88
CA MET O 36 -59.02 -86.44 -48.47
C MET O 36 -59.23 -87.19 -47.17
N PRO O 37 -59.72 -86.55 -46.11
CA PRO O 37 -60.07 -87.22 -44.86
C PRO O 37 -61.42 -87.93 -44.95
N ASP O 47 -64.47 -87.31 -58.53
CA ASP O 47 -65.65 -86.49 -58.32
C ASP O 47 -65.52 -85.12 -58.98
N SER O 48 -65.71 -84.08 -58.19
CA SER O 48 -65.67 -82.71 -58.68
C SER O 48 -64.29 -82.07 -58.61
N PHE O 49 -63.32 -82.74 -57.98
CA PHE O 49 -61.97 -82.20 -57.89
C PHE O 49 -61.17 -82.41 -59.16
N ASN O 50 -61.68 -83.19 -60.13
CA ASN O 50 -60.91 -83.53 -61.31
C ASN O 50 -60.62 -82.33 -62.20
N THR O 51 -61.35 -81.22 -62.02
CA THR O 51 -61.08 -80.02 -62.80
C THR O 51 -59.70 -79.46 -62.48
N PHE O 52 -59.35 -79.42 -61.19
CA PHE O 52 -58.09 -78.83 -60.77
C PHE O 52 -57.11 -79.82 -60.15
N PHE O 53 -57.59 -80.92 -59.58
CA PHE O 53 -56.74 -81.89 -58.91
C PHE O 53 -56.77 -83.20 -59.66
N SER O 54 -55.59 -83.80 -59.86
CA SER O 54 -55.46 -85.10 -60.48
C SER O 54 -55.16 -86.14 -59.41
N GLU O 55 -55.98 -87.18 -59.35
CA GLU O 55 -55.77 -88.27 -58.40
C GLU O 55 -54.52 -89.05 -58.79
N THR O 56 -53.56 -89.12 -57.88
CA THR O 56 -52.30 -89.81 -58.11
C THR O 56 -52.13 -90.89 -57.06
N GLY O 57 -51.93 -92.12 -57.51
CA GLY O 57 -51.76 -93.22 -56.58
C GLY O 57 -53.02 -93.48 -55.79
N ALA O 58 -52.89 -93.55 -54.46
CA ALA O 58 -53.99 -93.84 -53.56
C ALA O 58 -54.21 -92.65 -52.65
N GLY O 59 -55.34 -91.95 -52.84
CA GLY O 59 -55.72 -90.87 -51.94
C GLY O 59 -54.76 -89.69 -51.92
N LYS O 60 -54.10 -89.41 -53.04
CA LYS O 60 -53.19 -88.28 -53.15
C LYS O 60 -53.62 -87.44 -54.34
N HIS O 61 -54.03 -86.20 -54.06
CA HIS O 61 -54.44 -85.25 -55.09
C HIS O 61 -53.36 -84.20 -55.26
N VAL O 62 -52.86 -84.07 -56.48
CA VAL O 62 -51.88 -83.03 -56.79
C VAL O 62 -52.53 -82.01 -57.73
N PRO O 63 -52.27 -80.73 -57.55
CA PRO O 63 -52.92 -79.73 -58.40
C PRO O 63 -52.44 -79.80 -59.84
N ARG O 64 -53.34 -79.47 -60.76
CA ARG O 64 -53.01 -79.40 -62.18
C ARG O 64 -52.56 -77.97 -62.52
N ALA O 65 -51.44 -77.59 -61.92
CA ALA O 65 -50.89 -76.25 -62.09
C ALA O 65 -49.40 -76.35 -62.33
N VAL O 66 -48.75 -75.20 -62.36
CA VAL O 66 -47.29 -75.11 -62.48
C VAL O 66 -46.87 -73.75 -61.95
N PHE O 67 -45.79 -73.74 -61.17
CA PHE O 67 -45.30 -72.53 -60.53
C PHE O 67 -43.94 -72.20 -61.13
N VAL O 68 -43.88 -71.14 -61.93
CA VAL O 68 -42.66 -70.74 -62.62
C VAL O 68 -42.27 -69.35 -62.13
N ASP O 69 -41.02 -69.20 -61.72
CA ASP O 69 -40.49 -67.90 -61.35
C ASP O 69 -38.99 -67.91 -61.55
N LEU O 70 -38.46 -66.86 -62.18
CA LEU O 70 -37.03 -66.77 -62.39
C LEU O 70 -36.27 -66.52 -61.10
N GLU O 71 -36.88 -65.82 -60.14
CA GLU O 71 -36.19 -65.71 -58.86
C GLU O 71 -36.62 -66.84 -57.93
N PRO O 72 -35.68 -67.37 -57.13
CA PRO O 72 -35.95 -68.61 -56.38
C PRO O 72 -36.78 -68.45 -55.12
N THR O 73 -36.65 -67.31 -54.45
CA THR O 73 -37.07 -67.21 -53.06
C THR O 73 -38.56 -67.48 -52.86
N VAL O 74 -39.41 -67.04 -53.80
CA VAL O 74 -40.84 -67.28 -53.64
C VAL O 74 -41.16 -68.76 -53.84
N ILE O 75 -40.55 -69.39 -54.85
CA ILE O 75 -40.79 -70.81 -55.09
C ILE O 75 -40.24 -71.64 -53.94
N ASP O 76 -39.11 -71.23 -53.38
CA ASP O 76 -38.58 -71.95 -52.21
C ASP O 76 -39.48 -71.75 -51.00
N GLU O 77 -40.07 -70.57 -50.84
CA GLU O 77 -41.03 -70.34 -49.78
C GLU O 77 -42.23 -71.28 -49.93
N VAL O 78 -42.68 -71.49 -51.17
CA VAL O 78 -43.70 -72.50 -51.41
C VAL O 78 -43.19 -73.90 -51.09
N ARG O 79 -41.93 -74.19 -51.46
CA ARG O 79 -41.36 -75.51 -51.26
C ARG O 79 -41.09 -75.84 -49.80
N THR O 80 -41.15 -74.85 -48.91
CA THR O 80 -40.96 -75.10 -47.50
C THR O 80 -42.15 -74.69 -46.65
N GLY O 81 -43.23 -74.23 -47.26
CA GLY O 81 -44.40 -73.77 -46.52
C GLY O 81 -45.32 -74.92 -46.13
N THR O 82 -46.55 -74.54 -45.81
CA THR O 82 -47.55 -75.54 -45.40
C THR O 82 -47.87 -76.50 -46.54
N TYR O 83 -47.97 -75.98 -47.77
CA TYR O 83 -48.33 -76.78 -48.93
C TYR O 83 -47.13 -77.33 -49.66
N ARG O 84 -46.02 -77.59 -48.96
CA ARG O 84 -44.80 -78.03 -49.63
C ARG O 84 -44.95 -79.42 -50.22
N GLN O 85 -45.81 -80.26 -49.63
CA GLN O 85 -46.03 -81.60 -50.15
C GLN O 85 -47.29 -81.72 -50.98
N LEU O 86 -48.07 -80.63 -51.12
CA LEU O 86 -49.21 -80.66 -52.03
C LEU O 86 -48.75 -80.73 -53.47
N PHE O 87 -47.74 -79.96 -53.83
CA PHE O 87 -47.17 -79.95 -55.17
C PHE O 87 -45.98 -80.90 -55.21
N HIS O 88 -45.96 -81.77 -56.21
CA HIS O 88 -44.76 -82.57 -56.42
C HIS O 88 -43.60 -81.66 -56.82
N PRO O 89 -42.39 -81.98 -56.40
CA PRO O 89 -41.26 -81.05 -56.61
C PRO O 89 -41.00 -80.71 -58.06
N GLU O 90 -41.27 -81.63 -58.99
CA GLU O 90 -41.08 -81.36 -60.40
C GLU O 90 -42.07 -80.33 -60.93
N GLN O 91 -43.16 -80.08 -60.21
CA GLN O 91 -44.19 -79.15 -60.66
C GLN O 91 -43.77 -77.69 -60.50
N LEU O 92 -42.92 -77.39 -59.51
CA LEU O 92 -42.48 -76.03 -59.24
C LEU O 92 -41.13 -75.83 -59.90
N ILE O 93 -41.08 -75.01 -60.95
CA ILE O 93 -39.87 -74.75 -61.71
C ILE O 93 -39.29 -73.41 -61.29
N THR O 94 -37.99 -73.40 -61.03
CA THR O 94 -37.29 -72.24 -60.53
C THR O 94 -36.17 -71.84 -61.49
N GLY O 95 -36.07 -70.55 -61.77
CA GLY O 95 -35.00 -70.02 -62.59
C GLY O 95 -33.72 -69.86 -61.80
N LYS O 96 -32.78 -69.12 -62.37
CA LYS O 96 -31.50 -68.89 -61.74
C LYS O 96 -31.31 -67.42 -61.35
N GLU O 97 -31.52 -66.51 -62.30
CA GLU O 97 -31.56 -65.07 -62.03
C GLU O 97 -32.91 -64.53 -62.44
N ASP O 98 -33.40 -63.54 -61.70
CA ASP O 98 -34.70 -62.97 -62.02
C ASP O 98 -34.60 -62.11 -63.28
N ALA O 99 -35.76 -61.82 -63.88
CA ALA O 99 -35.78 -60.93 -65.01
C ALA O 99 -35.45 -59.50 -64.62
N ALA O 100 -35.54 -59.18 -63.32
CA ALA O 100 -35.16 -57.87 -62.78
C ALA O 100 -35.93 -56.75 -63.48
N ASN O 101 -37.25 -56.89 -63.47
CA ASN O 101 -38.16 -55.87 -63.99
C ASN O 101 -37.82 -55.46 -65.42
N ASN O 102 -37.45 -56.44 -66.24
CA ASN O 102 -37.13 -56.21 -67.64
C ASN O 102 -37.89 -57.18 -68.51
N TYR O 103 -38.61 -56.65 -69.49
CA TYR O 103 -39.20 -57.50 -70.52
C TYR O 103 -38.13 -58.22 -71.31
N ALA O 104 -37.01 -57.54 -71.57
CA ALA O 104 -35.94 -58.13 -72.37
C ALA O 104 -35.36 -59.36 -71.71
N ARG O 105 -35.02 -59.26 -70.42
CA ARG O 105 -34.43 -60.41 -69.73
C ARG O 105 -35.43 -61.56 -69.61
N GLY O 106 -36.69 -61.25 -69.34
CA GLY O 106 -37.69 -62.30 -69.19
C GLY O 106 -38.08 -62.95 -70.50
N HIS O 107 -37.84 -62.27 -71.63
CA HIS O 107 -38.27 -62.78 -72.92
C HIS O 107 -37.15 -63.40 -73.74
N TYR O 108 -35.93 -62.84 -73.68
CA TYR O 108 -34.88 -63.19 -74.62
C TYR O 108 -33.76 -64.00 -73.97
N THR O 109 -33.15 -63.49 -72.92
CA THR O 109 -31.93 -64.08 -72.37
C THR O 109 -32.18 -65.03 -71.21
N ILE O 110 -33.01 -64.66 -70.25
CA ILE O 110 -33.21 -65.48 -69.05
C ILE O 110 -34.39 -66.43 -69.28
N GLY O 111 -35.35 -66.00 -70.10
CA GLY O 111 -36.50 -66.85 -70.36
C GLY O 111 -36.23 -67.98 -71.33
N LYS O 112 -35.11 -67.94 -72.05
CA LYS O 112 -34.88 -68.92 -73.11
C LYS O 112 -34.45 -70.28 -72.58
N GLU O 113 -33.79 -70.34 -71.42
CA GLU O 113 -33.31 -71.61 -70.89
C GLU O 113 -34.28 -72.26 -69.92
N ILE O 114 -35.42 -71.63 -69.65
CA ILE O 114 -36.45 -72.22 -68.80
C ILE O 114 -37.73 -72.49 -69.57
N ILE O 115 -37.90 -71.90 -70.75
CA ILE O 115 -39.16 -72.03 -71.48
C ILE O 115 -39.37 -73.45 -71.97
N ASP O 116 -38.30 -74.12 -72.41
CA ASP O 116 -38.43 -75.50 -72.86
C ASP O 116 -38.86 -76.42 -71.73
N LEU O 117 -38.30 -76.21 -70.54
CA LEU O 117 -38.64 -77.05 -69.40
C LEU O 117 -40.07 -76.79 -68.94
N VAL O 118 -40.49 -75.52 -68.90
CA VAL O 118 -41.87 -75.28 -68.49
C VAL O 118 -42.84 -75.82 -69.54
N LEU O 119 -42.47 -75.77 -70.83
CA LEU O 119 -43.36 -76.29 -71.86
C LEU O 119 -43.45 -77.81 -71.84
N ASP O 120 -42.34 -78.54 -71.65
CA ASP O 120 -42.54 -79.98 -71.63
C ASP O 120 -43.18 -80.42 -70.32
N ARG O 121 -43.01 -79.65 -69.24
CA ARG O 121 -43.78 -79.93 -68.03
C ARG O 121 -45.27 -79.73 -68.27
N ILE O 122 -45.64 -78.64 -68.96
CA ILE O 122 -47.04 -78.41 -69.32
C ILE O 122 -47.54 -79.53 -70.22
N ARG O 123 -46.68 -80.01 -71.12
CA ARG O 123 -47.08 -81.10 -72.02
C ARG O 123 -47.38 -82.36 -71.23
N LYS O 124 -46.46 -82.78 -70.36
CA LYS O 124 -46.68 -83.99 -69.59
C LYS O 124 -47.71 -83.82 -68.50
N LEU O 125 -48.15 -82.59 -68.24
CA LEU O 125 -49.31 -82.37 -67.39
C LEU O 125 -50.62 -82.41 -68.17
N ALA O 126 -50.61 -81.97 -69.43
CA ALA O 126 -51.83 -81.87 -70.22
C ALA O 126 -52.29 -83.22 -70.73
N ASP O 127 -51.35 -84.09 -71.12
CA ASP O 127 -51.74 -85.41 -71.61
C ASP O 127 -52.32 -86.28 -70.52
N GLN O 128 -52.09 -85.93 -69.25
CA GLN O 128 -52.68 -86.68 -68.14
C GLN O 128 -54.20 -86.52 -68.12
N CYS O 129 -54.71 -85.33 -68.47
CA CYS O 129 -56.14 -85.08 -68.49
C CYS O 129 -56.69 -85.26 -69.90
N THR O 130 -57.96 -85.65 -69.97
CA THR O 130 -58.60 -85.95 -71.24
C THR O 130 -59.60 -84.90 -71.68
N GLY O 131 -59.92 -83.92 -70.84
CA GLY O 131 -60.91 -82.92 -71.18
C GLY O 131 -60.43 -81.50 -70.95
N LEU O 132 -59.16 -81.23 -71.28
CA LEU O 132 -58.55 -79.94 -70.99
C LEU O 132 -59.33 -78.80 -71.64
N GLN O 133 -59.97 -77.97 -70.81
CA GLN O 133 -60.73 -76.84 -71.32
C GLN O 133 -59.85 -75.67 -71.73
N GLY O 134 -58.75 -75.45 -71.02
CA GLY O 134 -57.90 -74.32 -71.33
C GLY O 134 -56.87 -74.11 -70.24
N PHE O 135 -56.30 -72.90 -70.25
CA PHE O 135 -55.24 -72.53 -69.33
C PHE O 135 -55.61 -71.28 -68.55
N LEU O 136 -55.18 -71.21 -67.30
CA LEU O 136 -55.36 -70.04 -66.45
C LEU O 136 -53.97 -69.50 -66.14
N VAL O 137 -53.63 -68.34 -66.68
CA VAL O 137 -52.31 -67.75 -66.51
C VAL O 137 -52.42 -66.59 -65.54
N PHE O 138 -51.58 -66.59 -64.50
CA PHE O 138 -51.55 -65.56 -63.49
C PHE O 138 -50.19 -64.89 -63.49
N HIS O 139 -50.18 -63.57 -63.59
CA HIS O 139 -48.94 -62.80 -63.60
C HIS O 139 -49.30 -61.34 -63.37
N SER O 140 -48.32 -60.46 -63.55
CA SER O 140 -48.52 -59.03 -63.46
C SER O 140 -47.87 -58.36 -64.67
N PHE O 141 -48.49 -57.27 -65.13
CA PHE O 141 -47.97 -56.55 -66.28
C PHE O 141 -46.67 -55.83 -65.97
N GLY O 142 -46.48 -55.39 -64.73
CA GLY O 142 -45.32 -54.61 -64.38
C GLY O 142 -44.05 -55.41 -64.18
N GLY O 143 -44.17 -56.67 -63.74
CA GLY O 143 -42.99 -57.47 -63.48
C GLY O 143 -42.28 -57.84 -64.77
N GLY O 144 -40.94 -57.86 -64.69
CA GLY O 144 -40.17 -58.30 -65.84
C GLY O 144 -40.43 -59.74 -66.19
N THR O 145 -40.45 -60.62 -65.19
CA THR O 145 -40.79 -62.02 -65.44
C THR O 145 -42.22 -62.13 -65.93
N GLY O 146 -43.16 -61.56 -65.19
CA GLY O 146 -44.58 -61.64 -65.51
C GLY O 146 -44.96 -60.98 -66.82
N SER O 147 -44.07 -60.19 -67.42
CA SER O 147 -44.26 -59.69 -68.77
C SER O 147 -43.55 -60.56 -69.80
N GLY O 148 -42.22 -60.65 -69.70
CA GLY O 148 -41.45 -61.31 -70.74
C GLY O 148 -41.70 -62.81 -70.79
N PHE O 149 -41.54 -63.49 -69.66
CA PHE O 149 -41.71 -64.94 -69.67
C PHE O 149 -43.15 -65.32 -69.94
N THR O 150 -44.10 -64.51 -69.46
CA THR O 150 -45.50 -64.76 -69.79
C THR O 150 -45.76 -64.61 -71.27
N SER O 151 -45.18 -63.59 -71.92
CA SER O 151 -45.36 -63.43 -73.36
C SER O 151 -44.75 -64.60 -74.13
N LEU O 152 -43.56 -65.04 -73.71
CA LEU O 152 -42.93 -66.18 -74.34
C LEU O 152 -43.79 -67.43 -74.18
N LEU O 153 -44.34 -67.62 -72.98
CA LEU O 153 -45.21 -68.77 -72.74
C LEU O 153 -46.47 -68.68 -73.57
N MET O 154 -47.02 -67.47 -73.73
CA MET O 154 -48.20 -67.30 -74.58
C MET O 154 -47.91 -67.68 -76.02
N GLU O 155 -46.80 -67.19 -76.58
CA GLU O 155 -46.54 -67.49 -77.98
C GLU O 155 -46.26 -68.98 -78.17
N ARG O 156 -45.55 -69.60 -77.23
CA ARG O 156 -45.30 -71.04 -77.35
C ARG O 156 -46.58 -71.84 -77.20
N LEU O 157 -47.45 -71.46 -76.27
CA LEU O 157 -48.72 -72.16 -76.11
C LEU O 157 -49.60 -71.99 -77.34
N SER O 158 -49.59 -70.80 -77.94
CA SER O 158 -50.37 -70.58 -79.15
C SER O 158 -49.86 -71.43 -80.30
N VAL O 159 -48.54 -71.51 -80.48
CA VAL O 159 -48.02 -72.28 -81.60
C VAL O 159 -48.14 -73.78 -81.34
N ASP O 160 -48.22 -74.21 -80.09
CA ASP O 160 -48.27 -75.64 -79.78
C ASP O 160 -49.71 -76.15 -79.69
N TYR O 161 -50.48 -75.61 -78.74
CA TYR O 161 -51.82 -76.13 -78.50
C TYR O 161 -52.84 -75.53 -79.47
N GLY O 162 -52.74 -74.24 -79.75
CA GLY O 162 -53.56 -73.63 -80.77
C GLY O 162 -54.95 -73.24 -80.31
N LYS O 163 -55.94 -74.05 -80.69
CA LYS O 163 -57.35 -73.73 -80.44
C LYS O 163 -57.73 -73.78 -78.97
N LYS O 164 -56.87 -74.32 -78.11
CA LYS O 164 -57.18 -74.37 -76.69
C LYS O 164 -57.26 -72.96 -76.11
N SER O 165 -58.25 -72.74 -75.24
CA SER O 165 -58.45 -71.43 -74.66
C SER O 165 -57.31 -71.08 -73.70
N LYS O 166 -56.97 -69.80 -73.66
CA LYS O 166 -55.92 -69.28 -72.77
C LYS O 166 -56.51 -68.14 -71.97
N LEU O 167 -57.16 -68.46 -70.86
CA LEU O 167 -57.66 -67.44 -69.94
C LEU O 167 -56.49 -66.84 -69.18
N GLU O 168 -56.45 -65.52 -69.08
CA GLU O 168 -55.31 -64.81 -68.54
C GLU O 168 -55.75 -63.85 -67.44
N PHE O 169 -55.12 -63.98 -66.28
CA PHE O 169 -55.33 -63.08 -65.14
C PHE O 169 -54.07 -62.25 -64.94
N SER O 170 -54.23 -60.94 -64.79
CA SER O 170 -53.09 -60.04 -64.65
C SER O 170 -53.39 -58.97 -63.62
N ILE O 171 -52.32 -58.29 -63.20
CA ILE O 171 -52.42 -57.15 -62.30
C ILE O 171 -52.04 -55.89 -63.05
N TYR O 172 -53.04 -55.17 -63.54
CA TYR O 172 -52.84 -53.96 -64.35
C TYR O 172 -52.32 -52.81 -63.48
N PRO O 173 -51.30 -52.09 -63.94
CA PRO O 173 -50.77 -50.98 -63.15
C PRO O 173 -51.79 -49.87 -62.95
N ALA O 174 -51.70 -49.23 -61.79
CA ALA O 174 -52.64 -48.18 -61.43
C ALA O 174 -52.09 -46.81 -61.83
N PRO O 175 -52.97 -45.81 -61.99
CA PRO O 175 -52.48 -44.46 -62.29
C PRO O 175 -51.54 -43.90 -61.24
N GLN O 176 -51.79 -44.20 -59.96
CA GLN O 176 -50.95 -43.72 -58.88
C GLN O 176 -50.20 -44.81 -58.14
N VAL O 177 -50.73 -46.02 -58.11
CA VAL O 177 -50.11 -47.15 -57.42
C VAL O 177 -49.30 -47.94 -58.43
N SER O 178 -47.97 -47.88 -58.30
CA SER O 178 -47.08 -48.64 -59.16
C SER O 178 -45.73 -48.70 -58.47
N THR O 179 -45.28 -49.91 -58.14
CA THR O 179 -44.04 -50.06 -57.38
C THR O 179 -42.79 -50.02 -58.25
N ALA O 180 -42.92 -50.10 -59.57
CA ALA O 180 -41.77 -50.13 -60.47
C ALA O 180 -41.69 -48.85 -61.28
N VAL O 181 -40.47 -48.47 -61.62
CA VAL O 181 -40.25 -47.24 -62.39
C VAL O 181 -40.38 -47.50 -63.88
N VAL O 182 -39.88 -48.64 -64.35
CA VAL O 182 -39.85 -48.95 -65.78
C VAL O 182 -41.07 -49.78 -66.13
N GLU O 183 -42.06 -49.77 -65.23
CA GLU O 183 -43.27 -50.59 -65.37
C GLU O 183 -44.09 -50.33 -66.63
N PRO O 184 -44.35 -49.09 -67.06
CA PRO O 184 -45.13 -48.91 -68.29
C PRO O 184 -44.51 -49.55 -69.52
N TYR O 185 -43.18 -49.55 -69.62
CA TYR O 185 -42.52 -50.25 -70.71
C TYR O 185 -42.92 -51.72 -70.72
N ASN O 186 -42.84 -52.37 -69.56
CA ASN O 186 -43.20 -53.77 -69.47
C ASN O 186 -44.66 -54.00 -69.84
N SER O 187 -45.55 -53.09 -69.42
CA SER O 187 -46.96 -53.25 -69.74
C SER O 187 -47.20 -53.20 -71.24
N ILE O 188 -46.64 -52.19 -71.92
CA ILE O 188 -46.80 -52.08 -73.37
C ILE O 188 -46.23 -53.31 -74.06
N LEU O 189 -45.02 -53.72 -73.68
CA LEU O 189 -44.37 -54.82 -74.37
C LEU O 189 -45.10 -56.13 -74.17
N THR O 190 -45.65 -56.37 -72.98
CA THR O 190 -46.32 -57.64 -72.76
C THR O 190 -47.71 -57.66 -73.42
N THR O 191 -48.41 -56.53 -73.44
CA THR O 191 -49.71 -56.56 -74.09
C THR O 191 -49.58 -56.61 -75.60
N HIS O 192 -48.45 -56.14 -76.15
CA HIS O 192 -48.26 -56.24 -77.60
C HIS O 192 -48.32 -57.69 -78.09
N THR O 193 -47.99 -58.64 -77.23
CA THR O 193 -48.18 -60.05 -77.56
C THR O 193 -49.45 -60.63 -76.96
N THR O 194 -49.92 -60.07 -75.83
CA THR O 194 -51.17 -60.55 -75.24
C THR O 194 -52.36 -60.31 -76.15
N LEU O 195 -52.29 -59.31 -77.04
CA LEU O 195 -53.38 -59.06 -77.97
C LEU O 195 -53.63 -60.26 -78.88
N GLU O 196 -52.57 -60.85 -79.42
CA GLU O 196 -52.72 -61.93 -80.39
C GLU O 196 -52.42 -63.30 -79.84
N HIS O 197 -52.05 -63.42 -78.56
CA HIS O 197 -51.76 -64.72 -77.99
C HIS O 197 -52.66 -65.10 -76.82
N SER O 198 -53.58 -64.23 -76.43
CA SER O 198 -54.54 -64.54 -75.37
C SER O 198 -55.94 -64.20 -75.86
N ASP O 199 -56.85 -65.17 -75.78
CA ASP O 199 -58.20 -64.98 -76.27
C ASP O 199 -59.13 -64.37 -75.24
N CYS O 200 -58.72 -64.31 -73.97
CA CYS O 200 -59.54 -63.68 -72.94
C CYS O 200 -58.63 -63.29 -71.79
N ALA O 201 -58.44 -62.00 -71.60
CA ALA O 201 -57.55 -61.46 -70.58
C ALA O 201 -58.35 -60.67 -69.55
N PHE O 202 -58.21 -61.01 -68.28
CA PHE O 202 -58.93 -60.35 -67.21
C PHE O 202 -58.00 -59.34 -66.55
N MET O 203 -58.50 -58.12 -66.36
CA MET O 203 -57.69 -57.03 -65.83
C MET O 203 -58.06 -56.79 -64.38
N VAL O 204 -57.04 -56.73 -63.52
CA VAL O 204 -57.21 -56.40 -62.11
C VAL O 204 -56.21 -55.32 -61.75
N ASP O 205 -56.65 -54.34 -60.97
CA ASP O 205 -55.80 -53.23 -60.56
C ASP O 205 -55.59 -53.28 -59.04
N ASN O 206 -54.36 -53.02 -58.61
CA ASN O 206 -54.02 -53.18 -57.20
C ASN O 206 -54.70 -52.13 -56.32
N GLU O 207 -54.66 -50.86 -56.73
CA GLU O 207 -55.23 -49.84 -55.86
C GLU O 207 -56.75 -49.89 -55.82
N ALA O 208 -57.38 -50.46 -56.84
CA ALA O 208 -58.81 -50.73 -56.73
C ALA O 208 -59.08 -51.76 -55.64
N ILE O 209 -58.23 -52.78 -55.53
CA ILE O 209 -58.37 -53.74 -54.45
C ILE O 209 -58.14 -53.05 -53.11
N TYR O 210 -57.15 -52.17 -53.06
CA TYR O 210 -56.88 -51.44 -51.81
C TYR O 210 -58.09 -50.62 -51.39
N ASP O 211 -58.68 -49.90 -52.34
CA ASP O 211 -59.84 -49.06 -52.04
C ASP O 211 -61.03 -49.91 -51.62
N ILE O 212 -61.26 -51.03 -52.29
CA ILE O 212 -62.35 -51.92 -51.91
C ILE O 212 -62.14 -52.46 -50.51
N CYS O 213 -60.92 -52.89 -50.18
CA CYS O 213 -60.64 -53.40 -48.85
C CYS O 213 -60.81 -52.30 -47.80
N ARG O 214 -60.38 -51.09 -48.11
CA ARG O 214 -60.48 -49.99 -47.14
C ARG O 214 -61.92 -49.61 -46.88
N ARG O 215 -62.75 -49.58 -47.93
CA ARG O 215 -64.12 -49.09 -47.77
C ARG O 215 -65.09 -50.20 -47.36
N ASN O 216 -65.14 -51.28 -48.13
CA ASN O 216 -66.08 -52.37 -47.89
C ASN O 216 -65.62 -53.31 -46.79
N LEU O 217 -64.43 -53.90 -46.95
CA LEU O 217 -63.88 -54.81 -45.96
C LEU O 217 -63.28 -54.11 -44.76
N ASP O 218 -63.41 -52.78 -44.70
CA ASP O 218 -62.88 -51.86 -43.68
C ASP O 218 -61.56 -52.33 -43.08
N ILE O 219 -60.61 -52.68 -43.93
CA ILE O 219 -59.24 -52.93 -43.50
C ILE O 219 -58.42 -51.69 -43.79
N GLU O 220 -57.94 -51.04 -42.73
CA GLU O 220 -57.17 -49.81 -42.91
C GLU O 220 -55.74 -50.08 -43.39
N ARG O 221 -55.21 -51.27 -43.12
CA ARG O 221 -53.86 -51.64 -43.59
C ARG O 221 -53.85 -53.06 -44.18
N PRO O 222 -54.47 -53.23 -45.35
CA PRO O 222 -54.39 -54.54 -46.03
C PRO O 222 -53.11 -54.67 -46.84
N THR O 223 -52.49 -55.84 -46.73
CA THR O 223 -51.29 -56.16 -47.49
C THR O 223 -51.66 -57.07 -48.65
N TYR O 224 -50.65 -57.62 -49.34
CA TYR O 224 -50.89 -58.42 -50.54
C TYR O 224 -51.73 -59.65 -50.27
N THR O 225 -51.74 -60.18 -49.05
CA THR O 225 -52.48 -61.42 -48.82
C THR O 225 -53.99 -61.22 -49.00
N ASN O 226 -54.52 -60.07 -48.61
CA ASN O 226 -55.94 -59.80 -48.83
C ASN O 226 -56.25 -59.65 -50.31
N LEU O 227 -55.35 -58.99 -51.05
CA LEU O 227 -55.49 -58.90 -52.49
C LEU O 227 -55.51 -60.29 -53.13
N ASN O 228 -54.60 -61.15 -52.69
CA ASN O 228 -54.53 -62.49 -53.25
C ASN O 228 -55.79 -63.30 -52.91
N ARG O 229 -56.31 -63.12 -51.70
CA ARG O 229 -57.54 -63.81 -51.33
C ARG O 229 -58.72 -63.35 -52.19
N LEU O 230 -58.80 -62.04 -52.44
CA LEU O 230 -59.88 -61.53 -53.28
C LEU O 230 -59.78 -62.06 -54.70
N ILE O 231 -58.56 -62.07 -55.25
CA ILE O 231 -58.37 -62.59 -56.61
C ILE O 231 -58.67 -64.08 -56.65
N SER O 232 -58.31 -64.80 -55.59
CA SER O 232 -58.62 -66.23 -55.52
C SER O 232 -60.13 -66.46 -55.51
N GLN O 233 -60.86 -65.61 -54.78
CA GLN O 233 -62.31 -65.68 -54.80
C GLN O 233 -62.85 -65.44 -56.21
N ILE O 234 -62.27 -64.48 -56.91
CA ILE O 234 -62.68 -64.20 -58.29
C ILE O 234 -62.49 -65.45 -59.17
N VAL O 235 -61.31 -66.05 -59.10
CA VAL O 235 -61.02 -67.20 -59.97
C VAL O 235 -61.85 -68.41 -59.57
N SER O 236 -62.10 -68.57 -58.27
CA SER O 236 -62.98 -69.65 -57.81
C SER O 236 -64.39 -69.46 -58.36
N SER O 237 -64.89 -68.23 -58.37
CA SER O 237 -66.19 -67.98 -58.95
C SER O 237 -66.17 -68.21 -60.46
N ILE O 238 -65.04 -67.97 -61.12
CA ILE O 238 -64.92 -68.28 -62.54
C ILE O 238 -65.08 -69.78 -62.76
N THR O 239 -64.36 -70.58 -61.98
CA THR O 239 -64.25 -72.02 -62.23
C THR O 239 -65.27 -72.86 -61.47
N ALA O 240 -66.15 -72.24 -60.69
CA ALA O 240 -67.17 -73.02 -59.99
C ALA O 240 -68.11 -73.74 -60.94
N SER O 241 -68.32 -73.19 -62.14
CA SER O 241 -69.15 -73.88 -63.12
C SER O 241 -68.55 -75.21 -63.52
N LEU O 242 -67.23 -75.25 -63.70
CA LEU O 242 -66.56 -76.52 -63.97
C LEU O 242 -66.55 -77.41 -62.74
N ARG O 243 -66.25 -76.84 -61.58
CA ARG O 243 -66.05 -77.65 -60.38
C ARG O 243 -67.35 -78.06 -59.69
N PHE O 244 -68.48 -77.45 -60.03
CA PHE O 244 -69.74 -77.77 -59.38
C PHE O 244 -70.84 -77.73 -60.43
N ASP O 245 -72.10 -77.74 -59.96
CA ASP O 245 -73.25 -77.74 -60.85
C ASP O 245 -74.33 -76.84 -60.28
N GLY O 246 -75.10 -76.24 -61.18
CA GLY O 246 -76.19 -75.37 -60.80
C GLY O 246 -77.28 -75.32 -61.84
N ALA O 247 -78.21 -74.37 -61.69
CA ALA O 247 -79.28 -74.24 -62.67
C ALA O 247 -78.75 -73.88 -64.04
N LEU O 248 -77.79 -72.96 -64.10
CA LEU O 248 -77.15 -72.56 -65.35
C LEU O 248 -75.64 -72.69 -65.19
N ASN O 249 -75.01 -73.40 -66.11
CA ASN O 249 -73.57 -73.60 -66.09
C ASN O 249 -72.91 -72.81 -67.21
N VAL O 250 -71.74 -72.25 -66.92
CA VAL O 250 -71.01 -71.41 -67.87
C VAL O 250 -69.68 -72.09 -68.13
N ASP O 251 -69.59 -72.83 -69.24
CA ASP O 251 -68.33 -73.38 -69.69
C ASP O 251 -67.45 -72.26 -70.23
N LEU O 252 -66.14 -72.50 -70.26
CA LEU O 252 -65.19 -71.47 -70.67
C LEU O 252 -65.37 -71.08 -72.13
N THR O 253 -65.67 -72.04 -73.00
CA THR O 253 -65.83 -71.74 -74.41
C THR O 253 -67.01 -70.81 -74.66
N GLU O 254 -68.18 -71.16 -74.12
CA GLU O 254 -69.34 -70.28 -74.25
C GLU O 254 -69.14 -68.98 -73.47
N PHE O 255 -68.32 -69.03 -72.41
CA PHE O 255 -67.95 -67.81 -71.71
C PHE O 255 -67.25 -66.83 -72.64
N GLN O 256 -66.25 -67.32 -73.38
CA GLN O 256 -65.55 -66.48 -74.35
C GLN O 256 -66.50 -66.04 -75.47
N THR O 257 -67.38 -66.94 -75.92
CA THR O 257 -68.30 -66.59 -76.99
C THR O 257 -69.22 -65.45 -76.57
N ASN O 258 -69.72 -65.49 -75.33
CA ASN O 258 -70.63 -64.46 -74.86
C ASN O 258 -69.90 -63.18 -74.50
N LEU O 259 -68.64 -63.26 -74.06
CA LEU O 259 -67.97 -62.10 -73.51
C LEU O 259 -67.08 -61.35 -74.50
N VAL O 260 -66.62 -62.01 -75.57
CA VAL O 260 -65.67 -61.41 -76.50
C VAL O 260 -66.41 -61.09 -77.79
N PRO O 261 -66.70 -59.82 -78.08
CA PRO O 261 -67.42 -59.49 -79.30
C PRO O 261 -66.54 -59.45 -80.54
N TYR O 262 -65.30 -59.01 -80.38
CA TYR O 262 -64.34 -58.89 -81.47
C TYR O 262 -63.02 -59.51 -81.03
N PRO O 263 -62.24 -60.07 -81.97
CA PRO O 263 -61.03 -60.79 -81.56
C PRO O 263 -60.03 -59.92 -80.80
N ARG O 264 -59.91 -58.65 -81.14
CA ARG O 264 -58.97 -57.78 -80.44
C ARG O 264 -59.53 -57.22 -79.15
N ILE O 265 -60.86 -57.24 -78.98
CA ILE O 265 -61.50 -56.70 -77.78
C ILE O 265 -61.77 -57.90 -76.87
N HIS O 266 -60.79 -58.24 -76.04
CA HIS O 266 -60.89 -59.42 -75.18
C HIS O 266 -60.35 -59.11 -73.79
N PHE O 267 -60.70 -57.94 -73.25
CA PHE O 267 -60.21 -57.51 -71.94
C PHE O 267 -61.39 -57.13 -71.06
N PRO O 268 -62.18 -58.11 -70.60
CA PRO O 268 -63.30 -57.81 -69.72
C PRO O 268 -62.81 -57.37 -68.35
N LEU O 269 -63.65 -56.57 -67.70
CA LEU O 269 -63.38 -56.05 -66.36
C LEU O 269 -64.16 -56.90 -65.36
N ALA O 270 -63.44 -57.48 -64.40
CA ALA O 270 -64.05 -58.34 -63.40
C ALA O 270 -64.41 -57.53 -62.16
N THR O 271 -65.30 -58.10 -61.35
CA THR O 271 -65.67 -57.53 -60.06
C THR O 271 -66.32 -58.62 -59.22
N TYR O 272 -66.40 -58.37 -57.92
CA TYR O 272 -66.97 -59.32 -56.98
C TYR O 272 -67.98 -58.62 -56.08
N ALA O 273 -68.99 -59.37 -55.66
CA ALA O 273 -70.00 -58.88 -54.75
C ALA O 273 -70.68 -60.07 -54.11
N PRO O 274 -71.01 -60.02 -52.82
CA PRO O 274 -70.81 -58.90 -51.90
C PRO O 274 -69.49 -58.99 -51.13
N VAL O 275 -68.57 -58.07 -51.40
CA VAL O 275 -67.34 -57.98 -50.62
C VAL O 275 -67.68 -57.23 -49.34
N ILE O 276 -67.94 -57.97 -48.26
CA ILE O 276 -68.45 -57.38 -47.04
C ILE O 276 -67.65 -57.90 -45.85
N SER O 277 -67.66 -57.13 -44.77
CA SER O 277 -66.96 -57.48 -43.55
C SER O 277 -67.78 -58.47 -42.73
N ALA O 278 -67.13 -59.04 -41.72
CA ALA O 278 -67.82 -60.00 -40.85
C ALA O 278 -68.93 -59.32 -40.06
N GLU O 279 -68.62 -58.19 -39.43
CA GLU O 279 -69.62 -57.48 -38.64
C GLU O 279 -70.63 -56.74 -39.51
N LYS O 280 -70.27 -56.45 -40.76
CA LYS O 280 -71.17 -55.69 -41.62
C LYS O 280 -72.31 -56.55 -42.16
N ALA O 281 -72.07 -57.84 -42.37
CA ALA O 281 -73.04 -58.70 -43.04
C ALA O 281 -74.27 -58.98 -42.18
N TYR O 282 -74.16 -58.82 -40.86
CA TYR O 282 -75.30 -59.10 -39.99
C TYR O 282 -76.45 -58.16 -40.27
N HIS O 283 -76.16 -56.87 -40.47
CA HIS O 283 -77.21 -55.88 -40.64
C HIS O 283 -77.72 -55.77 -42.06
N GLU O 284 -77.06 -56.42 -43.02
CA GLU O 284 -77.40 -56.23 -44.42
C GLU O 284 -78.26 -57.37 -44.94
N GLN O 285 -79.25 -57.01 -45.77
CA GLN O 285 -80.02 -57.99 -46.52
C GLN O 285 -79.28 -58.29 -47.82
N LEU O 286 -78.67 -59.46 -47.90
CA LEU O 286 -77.87 -59.81 -49.08
C LEU O 286 -78.78 -60.48 -50.10
N SER O 287 -79.60 -59.67 -50.74
CA SER O 287 -80.51 -60.14 -51.77
C SER O 287 -79.82 -60.15 -53.12
N VAL O 288 -80.41 -60.88 -54.07
CA VAL O 288 -79.84 -60.97 -55.41
C VAL O 288 -79.84 -59.59 -56.08
N ALA O 289 -80.94 -58.85 -55.93
CA ALA O 289 -81.07 -57.57 -56.61
C ALA O 289 -80.01 -56.57 -56.13
N GLU O 290 -79.76 -56.52 -54.83
CA GLU O 290 -78.87 -55.48 -54.32
C GLU O 290 -77.41 -55.78 -54.64
N ILE O 291 -77.00 -57.04 -54.58
CA ILE O 291 -75.63 -57.37 -54.99
C ILE O 291 -75.47 -57.19 -56.50
N THR O 292 -76.50 -57.50 -57.28
CA THR O 292 -76.43 -57.25 -58.72
C THR O 292 -76.28 -55.76 -59.00
N ASN O 293 -77.02 -54.92 -58.27
CA ASN O 293 -76.86 -53.48 -58.40
C ASN O 293 -75.46 -53.03 -58.00
N ALA O 294 -74.94 -53.58 -56.90
CA ALA O 294 -73.62 -53.22 -56.42
C ALA O 294 -72.51 -53.65 -57.36
N CYS O 295 -72.76 -54.65 -58.20
CA CYS O 295 -71.75 -55.05 -59.18
C CYS O 295 -71.47 -53.93 -60.17
N PHE O 296 -72.51 -53.21 -60.60
CA PHE O 296 -72.32 -52.11 -61.54
C PHE O 296 -71.81 -50.84 -60.87
N GLU O 297 -71.76 -50.80 -59.55
CA GLU O 297 -71.42 -49.57 -58.85
C GLU O 297 -69.94 -49.25 -59.08
N PRO O 298 -69.61 -48.02 -59.49
CA PRO O 298 -68.23 -47.74 -59.95
C PRO O 298 -67.16 -47.97 -58.91
N ALA O 299 -67.46 -47.79 -57.61
CA ALA O 299 -66.42 -47.90 -56.60
C ALA O 299 -66.03 -49.33 -56.29
N ASN O 300 -66.76 -50.32 -56.81
CA ASN O 300 -66.43 -51.72 -56.58
C ASN O 300 -65.72 -52.37 -57.76
N GLN O 301 -65.39 -51.62 -58.79
CA GLN O 301 -64.69 -52.19 -59.94
C GLN O 301 -63.27 -52.58 -59.55
N MET O 302 -62.80 -53.70 -60.09
CA MET O 302 -61.48 -54.21 -59.74
C MET O 302 -60.37 -53.46 -60.46
N VAL O 303 -60.70 -52.59 -61.40
CA VAL O 303 -59.75 -51.72 -62.06
C VAL O 303 -60.23 -50.29 -61.89
N LYS O 304 -59.32 -49.38 -61.53
CA LYS O 304 -59.68 -47.99 -61.35
C LYS O 304 -60.05 -47.40 -62.70
N CYS O 305 -61.34 -47.36 -62.99
CA CYS O 305 -61.85 -46.80 -64.22
C CYS O 305 -63.32 -46.45 -64.01
N ASP O 306 -63.83 -45.58 -64.86
CA ASP O 306 -65.17 -45.05 -64.73
C ASP O 306 -66.15 -45.64 -65.73
N PRO O 307 -67.06 -46.52 -65.30
CA PRO O 307 -67.99 -47.16 -66.24
C PRO O 307 -68.93 -46.20 -66.94
N ARG O 308 -69.25 -45.05 -66.33
CA ARG O 308 -70.19 -44.13 -66.96
C ARG O 308 -69.64 -43.56 -68.25
N HIS O 309 -68.38 -43.16 -68.26
CA HIS O 309 -67.77 -42.65 -69.48
C HIS O 309 -67.45 -43.75 -70.47
N GLY O 310 -67.60 -45.01 -70.08
CA GLY O 310 -67.52 -46.12 -71.01
C GLY O 310 -68.90 -46.64 -71.40
N LYS O 311 -68.90 -47.63 -72.29
CA LYS O 311 -70.12 -48.27 -72.74
C LYS O 311 -69.96 -49.77 -72.55
N TYR O 312 -70.97 -50.40 -71.93
CA TYR O 312 -70.92 -51.83 -71.70
C TYR O 312 -71.16 -52.57 -73.02
N MET O 313 -70.28 -53.53 -73.32
CA MET O 313 -70.36 -54.28 -74.56
C MET O 313 -71.00 -55.64 -74.32
N ALA O 314 -70.53 -56.35 -73.29
CA ALA O 314 -71.15 -57.58 -72.83
C ALA O 314 -70.64 -57.87 -71.43
N CYS O 315 -71.53 -58.29 -70.55
CA CYS O 315 -71.18 -58.61 -69.18
C CYS O 315 -71.74 -59.98 -68.81
N CYS O 316 -70.93 -60.77 -68.11
CA CYS O 316 -71.30 -62.12 -67.70
C CYS O 316 -71.57 -62.15 -66.21
N LEU O 317 -72.68 -62.77 -65.82
CA LEU O 317 -73.09 -62.88 -64.43
C LEU O 317 -72.84 -64.31 -63.96
N LEU O 318 -72.13 -64.44 -62.84
CA LEU O 318 -71.83 -65.75 -62.24
C LEU O 318 -72.33 -65.74 -60.80
N TYR O 319 -73.61 -66.10 -60.63
CA TYR O 319 -74.20 -66.20 -59.31
C TYR O 319 -73.83 -67.54 -58.67
N ARG O 320 -73.63 -67.53 -57.36
CA ARG O 320 -73.37 -68.77 -56.64
C ARG O 320 -74.00 -68.68 -55.25
N GLY O 321 -74.62 -69.79 -54.82
CA GLY O 321 -75.26 -69.86 -53.53
C GLY O 321 -76.75 -70.10 -53.66
N ASP O 322 -77.52 -69.49 -52.77
CA ASP O 322 -78.98 -69.59 -52.77
C ASP O 322 -79.53 -68.55 -53.74
N VAL O 323 -79.51 -68.92 -55.02
CA VAL O 323 -79.91 -68.02 -56.10
C VAL O 323 -80.87 -68.75 -57.02
N VAL O 324 -81.99 -68.10 -57.34
CA VAL O 324 -82.96 -68.67 -58.27
C VAL O 324 -83.00 -67.81 -59.52
N PRO O 325 -83.34 -68.36 -60.68
CA PRO O 325 -83.28 -67.56 -61.92
C PRO O 325 -84.24 -66.37 -61.95
N LYS O 326 -85.37 -66.44 -61.26
CA LYS O 326 -86.40 -65.42 -61.46
C LYS O 326 -86.00 -64.08 -60.87
N ASP O 327 -85.45 -64.06 -59.65
CA ASP O 327 -85.01 -62.79 -59.09
C ASP O 327 -83.78 -62.28 -59.82
N VAL O 328 -82.99 -63.18 -60.41
CA VAL O 328 -81.90 -62.75 -61.28
C VAL O 328 -82.45 -62.00 -62.48
N ASN O 329 -83.51 -62.52 -63.09
CA ASN O 329 -84.14 -61.84 -64.22
C ASN O 329 -84.70 -60.49 -63.80
N ALA O 330 -85.30 -60.44 -62.61
CA ALA O 330 -85.80 -59.16 -62.10
C ALA O 330 -84.68 -58.15 -61.91
N ALA O 331 -83.55 -58.58 -61.35
CA ALA O 331 -82.42 -57.70 -61.16
C ALA O 331 -81.85 -57.22 -62.49
N ILE O 332 -81.77 -58.12 -63.47
CA ILE O 332 -81.29 -57.72 -64.80
C ILE O 332 -82.23 -56.71 -65.43
N ALA O 333 -83.54 -56.90 -65.25
CA ALA O 333 -84.50 -55.93 -65.77
C ALA O 333 -84.33 -54.57 -65.10
N THR O 334 -84.14 -54.56 -63.78
CA THR O 334 -83.93 -53.29 -63.09
C THR O 334 -82.65 -52.60 -63.55
N ILE O 335 -81.61 -53.39 -63.83
CA ILE O 335 -80.38 -52.82 -64.37
C ILE O 335 -80.64 -52.21 -65.75
N LYS O 336 -81.41 -52.92 -66.59
CA LYS O 336 -81.71 -52.41 -67.91
C LYS O 336 -82.51 -51.11 -67.84
N THR O 337 -83.40 -50.99 -66.86
CA THR O 337 -84.17 -49.76 -66.72
C THR O 337 -83.32 -48.57 -66.29
N LYS O 338 -82.22 -48.81 -65.59
CA LYS O 338 -81.38 -47.72 -65.12
C LYS O 338 -80.70 -47.03 -66.29
N ARG O 339 -80.74 -45.69 -66.30
CA ARG O 339 -80.14 -44.91 -67.38
C ARG O 339 -78.65 -44.69 -67.19
N SER O 340 -78.16 -44.71 -65.95
CA SER O 340 -76.74 -44.48 -65.71
C SER O 340 -75.87 -45.60 -66.27
N ILE O 341 -76.44 -46.78 -66.51
CA ILE O 341 -75.73 -47.89 -67.12
C ILE O 341 -76.10 -47.92 -68.60
N GLN O 342 -75.11 -47.72 -69.46
CA GLN O 342 -75.33 -47.68 -70.90
C GLN O 342 -74.79 -48.95 -71.53
N PHE O 343 -75.46 -49.38 -72.60
CA PHE O 343 -75.03 -50.51 -73.40
C PHE O 343 -74.91 -50.07 -74.86
N VAL O 344 -74.01 -50.73 -75.58
CA VAL O 344 -73.86 -50.47 -77.01
C VAL O 344 -75.15 -50.88 -77.72
N ASP O 345 -75.48 -50.14 -78.78
CA ASP O 345 -76.74 -50.38 -79.49
C ASP O 345 -76.74 -51.73 -80.19
N TRP O 346 -75.58 -52.19 -80.64
CA TRP O 346 -75.50 -53.45 -81.38
C TRP O 346 -75.51 -54.67 -80.47
N CYS O 347 -75.86 -54.52 -79.20
CA CYS O 347 -75.95 -55.64 -78.26
C CYS O 347 -77.28 -55.55 -77.54
N PRO O 348 -78.38 -55.92 -78.22
CA PRO O 348 -79.71 -55.79 -77.58
C PRO O 348 -79.85 -56.60 -76.31
N THR O 349 -79.25 -57.79 -76.26
CA THR O 349 -79.17 -58.57 -75.04
C THR O 349 -77.71 -58.69 -74.64
N GLY O 350 -77.39 -58.22 -73.43
CA GLY O 350 -76.00 -58.12 -73.04
C GLY O 350 -75.70 -58.74 -71.70
N PHE O 351 -76.36 -59.85 -71.36
CA PHE O 351 -76.15 -60.51 -70.08
C PHE O 351 -76.06 -62.01 -70.29
N LYS O 352 -74.91 -62.57 -69.95
CA LYS O 352 -74.74 -64.02 -69.86
C LYS O 352 -74.80 -64.40 -68.40
N VAL O 353 -75.78 -65.23 -68.03
CA VAL O 353 -76.12 -65.49 -66.64
C VAL O 353 -75.80 -66.94 -66.32
N GLY O 354 -75.13 -67.16 -65.19
CA GLY O 354 -74.87 -68.50 -64.69
C GLY O 354 -75.05 -68.58 -63.19
N ILE O 355 -75.76 -69.60 -62.73
CA ILE O 355 -76.07 -69.77 -61.31
C ILE O 355 -75.46 -71.09 -60.85
N ASN O 356 -74.68 -71.03 -59.77
CA ASN O 356 -74.07 -72.21 -59.18
C ASN O 356 -74.65 -72.47 -57.80
N TYR O 357 -74.91 -73.74 -57.51
CA TYR O 357 -75.52 -74.10 -56.22
C TYR O 357 -74.53 -74.00 -55.06
N GLN O 358 -73.24 -74.12 -55.33
CA GLN O 358 -72.25 -74.14 -54.27
C GLN O 358 -72.02 -72.72 -53.74
N PRO O 359 -72.25 -72.46 -52.46
CA PRO O 359 -71.98 -71.14 -51.90
C PRO O 359 -70.48 -70.89 -51.81
N PRO O 360 -70.06 -69.63 -51.79
CA PRO O 360 -68.62 -69.34 -51.68
C PRO O 360 -68.12 -69.65 -50.28
N THR O 361 -67.07 -70.47 -50.20
CA THR O 361 -66.50 -70.81 -48.91
C THR O 361 -65.67 -69.65 -48.37
N VAL O 362 -65.40 -69.69 -47.07
CA VAL O 362 -64.64 -68.66 -46.38
C VAL O 362 -63.34 -69.24 -45.88
N VAL O 363 -62.24 -68.59 -46.20
CA VAL O 363 -60.92 -69.04 -45.73
C VAL O 363 -60.78 -68.75 -44.25
N PRO O 364 -60.24 -69.66 -43.45
CA PRO O 364 -59.92 -69.32 -42.07
C PRO O 364 -58.88 -68.22 -42.01
N GLY O 365 -59.09 -67.28 -41.09
CA GLY O 365 -58.21 -66.14 -40.96
C GLY O 365 -58.44 -65.04 -41.98
N GLY O 366 -59.38 -65.23 -42.91
CA GLY O 366 -59.64 -64.22 -43.90
C GLY O 366 -60.55 -63.11 -43.40
N ASP O 367 -60.62 -62.05 -44.20
CA ASP O 367 -61.44 -60.90 -43.84
C ASP O 367 -62.86 -61.00 -44.36
N LEU O 368 -63.07 -61.73 -45.46
CA LEU O 368 -64.40 -61.83 -46.03
C LEU O 368 -65.33 -62.61 -45.11
N ALA O 369 -66.60 -62.23 -45.12
CA ALA O 369 -67.60 -62.84 -44.27
C ALA O 369 -68.27 -64.02 -44.96
N LYS O 370 -69.01 -64.79 -44.18
CA LYS O 370 -69.80 -65.89 -44.72
C LYS O 370 -71.08 -65.32 -45.31
N VAL O 371 -71.32 -65.59 -46.59
CA VAL O 371 -72.44 -65.02 -47.31
C VAL O 371 -73.22 -66.13 -47.99
N GLN O 372 -74.53 -65.94 -48.12
CA GLN O 372 -75.37 -66.93 -48.78
C GLN O 372 -75.21 -66.86 -50.30
N ARG O 373 -75.04 -65.66 -50.85
CA ARG O 373 -74.96 -65.46 -52.28
C ARG O 373 -73.71 -64.67 -52.62
N ALA O 374 -73.26 -64.81 -53.87
CA ALA O 374 -72.12 -64.06 -54.35
C ALA O 374 -72.21 -63.94 -55.86
N VAL O 375 -71.72 -62.82 -56.40
CA VAL O 375 -71.71 -62.57 -57.83
C VAL O 375 -70.30 -62.21 -58.26
N CYS O 376 -69.86 -62.76 -59.39
CA CYS O 376 -68.61 -62.37 -60.03
C CYS O 376 -68.96 -61.89 -61.44
N MET O 377 -69.19 -60.59 -61.57
CA MET O 377 -69.45 -60.01 -62.89
C MET O 377 -68.16 -59.78 -63.64
N LEU O 378 -68.17 -60.06 -64.93
CA LEU O 378 -67.05 -59.80 -65.83
C LEU O 378 -67.60 -59.00 -66.99
N SER O 379 -67.42 -57.68 -66.94
CA SER O 379 -68.00 -56.78 -67.92
C SER O 379 -66.94 -56.35 -68.92
N ASN O 380 -67.23 -56.57 -70.20
CA ASN O 380 -66.41 -56.06 -71.29
C ASN O 380 -66.96 -54.68 -71.62
N THR O 381 -66.21 -53.64 -71.25
CA THR O 381 -66.65 -52.27 -71.44
C THR O 381 -65.54 -51.41 -72.03
N THR O 382 -65.94 -50.31 -72.64
CA THR O 382 -64.99 -49.37 -73.23
C THR O 382 -64.33 -48.47 -72.21
N ALA O 383 -64.65 -48.62 -70.93
CA ALA O 383 -64.05 -47.78 -69.90
C ALA O 383 -62.56 -48.04 -69.72
N ILE O 384 -62.06 -49.20 -70.17
CA ILE O 384 -60.64 -49.50 -70.06
C ILE O 384 -59.81 -48.71 -71.05
N ALA O 385 -60.45 -48.08 -72.03
CA ALA O 385 -59.73 -47.31 -73.04
C ALA O 385 -58.98 -46.14 -72.40
N GLU O 386 -59.59 -45.48 -71.43
CA GLU O 386 -58.92 -44.35 -70.79
C GLU O 386 -57.75 -44.81 -69.93
N ALA O 387 -57.87 -45.97 -69.28
CA ALA O 387 -56.74 -46.52 -68.54
C ALA O 387 -55.57 -46.82 -69.47
N TRP O 388 -55.87 -47.43 -70.62
CA TRP O 388 -54.80 -47.69 -71.58
C TRP O 388 -54.24 -46.40 -72.15
N ALA O 389 -55.08 -45.37 -72.32
CA ALA O 389 -54.60 -44.08 -72.82
C ALA O 389 -53.65 -43.43 -71.82
N ARG O 390 -53.95 -43.50 -70.53
CA ARG O 390 -53.03 -42.93 -69.55
C ARG O 390 -51.75 -43.77 -69.44
N LEU O 391 -51.85 -45.09 -69.63
CA LEU O 391 -50.65 -45.90 -69.69
C LEU O 391 -49.79 -45.50 -70.88
N ASP O 392 -50.41 -45.19 -72.02
CA ASP O 392 -49.66 -44.66 -73.16
C ASP O 392 -49.07 -43.30 -72.87
N HIS O 393 -49.75 -42.45 -72.12
CA HIS O 393 -49.17 -41.15 -71.80
C HIS O 393 -47.92 -41.31 -70.96
N LYS O 394 -47.95 -42.22 -69.98
CA LYS O 394 -46.75 -42.52 -69.20
C LYS O 394 -45.64 -43.09 -70.08
N PHE O 395 -46.00 -44.04 -70.96
CA PHE O 395 -45.00 -44.64 -71.84
C PHE O 395 -44.37 -43.60 -72.75
N ASP O 396 -45.17 -42.71 -73.33
CA ASP O 396 -44.64 -41.67 -74.20
C ASP O 396 -43.77 -40.70 -73.43
N LEU O 397 -44.17 -40.35 -72.20
CA LEU O 397 -43.35 -39.46 -71.39
C LEU O 397 -41.98 -40.06 -71.11
N MET O 398 -41.94 -41.37 -70.82
CA MET O 398 -40.65 -42.00 -70.56
C MET O 398 -39.85 -42.19 -71.85
N TYR O 399 -40.51 -42.50 -72.96
CA TYR O 399 -39.83 -42.84 -74.19
C TYR O 399 -39.41 -41.63 -75.01
N ALA O 400 -39.95 -40.44 -74.71
CA ALA O 400 -39.54 -39.25 -75.43
C ALA O 400 -38.07 -38.89 -75.19
N LYS O 401 -37.48 -39.39 -74.10
CA LYS O 401 -36.09 -39.14 -73.78
C LYS O 401 -35.27 -40.43 -73.75
N ARG O 402 -35.83 -41.54 -74.21
CA ARG O 402 -35.15 -42.84 -74.25
C ARG O 402 -34.66 -43.27 -72.87
N ALA O 403 -35.44 -42.98 -71.84
CA ALA O 403 -35.07 -43.41 -70.49
C ALA O 403 -35.20 -44.91 -70.35
N PHE O 404 -34.22 -45.52 -69.69
CA PHE O 404 -34.17 -46.94 -69.36
C PHE O 404 -34.14 -47.85 -70.58
N VAL O 405 -34.14 -47.29 -71.80
CA VAL O 405 -34.16 -48.11 -72.99
C VAL O 405 -32.84 -48.84 -73.19
N HIS O 406 -31.74 -48.29 -72.67
CA HIS O 406 -30.45 -48.95 -72.80
C HIS O 406 -30.44 -50.31 -72.11
N TRP O 407 -31.11 -50.44 -70.97
CA TRP O 407 -31.21 -51.73 -70.31
C TRP O 407 -31.85 -52.77 -71.22
N TYR O 408 -32.97 -52.39 -71.86
CA TYR O 408 -33.68 -53.32 -72.72
C TYR O 408 -32.87 -53.67 -73.95
N VAL O 409 -32.24 -52.67 -74.59
CA VAL O 409 -31.46 -52.94 -75.79
C VAL O 409 -30.17 -53.67 -75.48
N GLY O 410 -29.78 -53.74 -74.20
CA GLY O 410 -28.61 -54.53 -73.83
C GLY O 410 -28.75 -56.02 -74.09
N GLU O 411 -29.97 -56.50 -74.32
CA GLU O 411 -30.22 -57.93 -74.56
C GLU O 411 -30.77 -58.19 -75.96
N GLY O 412 -30.18 -57.56 -76.97
CA GLY O 412 -30.60 -57.82 -78.35
C GLY O 412 -32.02 -57.40 -78.64
N MET O 413 -32.41 -56.20 -78.21
CA MET O 413 -33.77 -55.71 -78.37
C MET O 413 -33.70 -54.31 -78.97
N GLU O 414 -34.62 -54.02 -79.88
CA GLU O 414 -34.49 -52.86 -80.76
C GLU O 414 -35.38 -51.72 -80.30
N GLU O 415 -35.15 -50.54 -80.89
CA GLU O 415 -36.05 -49.41 -80.70
C GLU O 415 -37.30 -49.56 -81.55
N GLY O 416 -37.14 -50.14 -82.75
CA GLY O 416 -38.27 -50.32 -83.64
C GLY O 416 -39.37 -51.16 -83.05
N GLU O 417 -39.01 -52.14 -82.20
CA GLU O 417 -40.04 -52.95 -81.57
C GLU O 417 -40.78 -52.15 -80.49
N PHE O 418 -40.09 -51.26 -79.78
CA PHE O 418 -40.82 -50.31 -78.93
C PHE O 418 -41.82 -49.51 -79.74
N SER O 419 -41.36 -48.96 -80.87
CA SER O 419 -42.25 -48.10 -81.67
C SER O 419 -43.44 -48.89 -82.20
N GLU O 420 -43.21 -50.12 -82.67
CA GLU O 420 -44.32 -50.87 -83.24
C GLU O 420 -45.26 -51.40 -82.17
N ALA O 421 -44.76 -51.72 -80.97
CA ALA O 421 -45.66 -52.04 -79.86
C ALA O 421 -46.52 -50.84 -79.50
N ARG O 422 -45.93 -49.65 -79.46
CA ARG O 422 -46.70 -48.45 -79.16
C ARG O 422 -47.78 -48.20 -80.21
N GLU O 423 -47.43 -48.33 -81.49
CA GLU O 423 -48.44 -48.07 -82.51
C GLU O 423 -49.48 -49.18 -82.54
N ASP O 424 -49.12 -50.39 -82.12
CA ASP O 424 -50.11 -51.46 -82.02
C ASP O 424 -51.13 -51.17 -80.91
N MET O 425 -50.67 -50.70 -79.74
CA MET O 425 -51.64 -50.29 -78.74
C MET O 425 -52.42 -49.06 -79.18
N ALA O 426 -51.81 -48.17 -79.98
CA ALA O 426 -52.57 -47.06 -80.53
C ALA O 426 -53.69 -47.57 -81.44
N ALA O 427 -53.40 -48.58 -82.26
CA ALA O 427 -54.43 -49.18 -83.10
C ALA O 427 -55.52 -49.84 -82.25
N LEU O 428 -55.13 -50.47 -81.15
CA LEU O 428 -56.12 -51.05 -80.24
C LEU O 428 -57.02 -49.97 -79.65
N GLU O 429 -56.43 -48.84 -79.27
CA GLU O 429 -57.24 -47.74 -78.77
C GLU O 429 -58.21 -47.23 -79.83
N LYS O 430 -57.73 -47.09 -81.07
CA LYS O 430 -58.59 -46.71 -82.18
C LYS O 430 -59.75 -47.68 -82.33
N ASP O 431 -59.45 -48.98 -82.29
CA ASP O 431 -60.49 -50.01 -82.27
C ASP O 431 -61.51 -49.73 -81.19
N TYR O 432 -61.05 -49.35 -80.00
CA TYR O 432 -61.97 -49.15 -78.89
C TYR O 432 -62.92 -47.99 -79.11
N GLU O 433 -62.45 -46.82 -79.55
CA GLU O 433 -63.46 -45.77 -79.68
C GLU O 433 -64.33 -46.00 -80.92
N GLU O 434 -63.80 -46.67 -81.94
CA GLU O 434 -64.65 -46.88 -83.11
C GLU O 434 -65.68 -47.98 -82.86
N VAL O 435 -65.46 -48.86 -81.90
CA VAL O 435 -66.50 -49.79 -81.51
C VAL O 435 -67.43 -49.21 -80.46
N GLY O 436 -66.95 -48.23 -79.68
CA GLY O 436 -67.82 -47.59 -78.71
C GLY O 436 -68.81 -46.60 -79.30
N VAL O 437 -68.58 -46.14 -80.53
CA VAL O 437 -69.45 -45.14 -81.13
C VAL O 437 -70.71 -45.81 -81.67
N ASP O 438 -71.83 -45.10 -81.55
CA ASP O 438 -73.11 -45.58 -82.04
C ASP O 438 -73.12 -45.54 -83.56
N SER O 439 -73.94 -46.42 -84.14
CA SER O 439 -74.05 -46.51 -85.59
C SER O 439 -74.94 -45.41 -86.15
N MET P 1 -58.21 -36.15 -35.29
CA MET P 1 -59.59 -35.74 -35.52
C MET P 1 -59.84 -34.41 -34.82
N ARG P 2 -59.91 -33.33 -35.60
CA ARG P 2 -60.00 -31.97 -35.08
C ARG P 2 -58.84 -31.67 -34.13
N GLU P 3 -57.63 -32.01 -34.57
CA GLU P 3 -56.44 -31.86 -33.75
C GLU P 3 -56.11 -30.40 -33.52
N ILE P 4 -55.42 -30.14 -32.40
CA ILE P 4 -54.94 -28.81 -32.05
C ILE P 4 -53.43 -28.91 -31.81
N VAL P 5 -52.67 -28.05 -32.48
CA VAL P 5 -51.24 -27.96 -32.26
C VAL P 5 -50.98 -26.84 -31.26
N HIS P 6 -50.28 -27.16 -30.17
CA HIS P 6 -50.03 -26.21 -29.10
C HIS P 6 -48.62 -25.66 -29.23
N ILE P 7 -48.49 -24.34 -29.13
CA ILE P 7 -47.21 -23.66 -29.15
C ILE P 7 -47.13 -22.79 -27.91
N GLN P 8 -45.97 -22.78 -27.27
CA GLN P 8 -45.73 -21.95 -26.09
C GLN P 8 -44.49 -21.11 -26.36
N ALA P 9 -44.63 -19.80 -26.21
CA ALA P 9 -43.54 -18.87 -26.46
C ALA P 9 -43.25 -18.08 -25.20
N GLY P 10 -41.97 -17.88 -24.92
CA GLY P 10 -41.55 -17.10 -23.77
C GLY P 10 -41.68 -17.87 -22.47
N GLN P 11 -41.11 -17.29 -21.42
CA GLN P 11 -41.13 -17.95 -20.11
C GLN P 11 -42.55 -18.06 -19.58
N CYS P 12 -43.32 -16.98 -19.66
CA CYS P 12 -44.70 -17.01 -19.20
C CYS P 12 -45.52 -17.99 -20.02
N GLY P 13 -45.37 -17.98 -21.34
CA GLY P 13 -46.10 -18.91 -22.17
C GLY P 13 -45.77 -20.35 -21.83
N ASN P 14 -44.49 -20.64 -21.61
CA ASN P 14 -44.09 -22.01 -21.28
C ASN P 14 -44.62 -22.43 -19.91
N GLN P 15 -44.60 -21.52 -18.94
CA GLN P 15 -45.13 -21.86 -17.62
C GLN P 15 -46.63 -22.17 -17.70
N ILE P 16 -47.38 -21.29 -18.36
CA ILE P 16 -48.83 -21.50 -18.49
C ILE P 16 -49.11 -22.76 -19.29
N GLY P 17 -48.30 -23.03 -20.32
CA GLY P 17 -48.48 -24.24 -21.09
C GLY P 17 -48.17 -25.51 -20.31
N ALA P 18 -47.13 -25.46 -19.47
CA ALA P 18 -46.84 -26.62 -18.62
C ALA P 18 -47.98 -26.89 -17.66
N LYS P 19 -48.54 -25.83 -17.08
CA LYS P 19 -49.69 -26.03 -16.20
C LYS P 19 -50.92 -26.51 -16.98
N PHE P 20 -51.08 -26.03 -18.21
CA PHE P 20 -52.19 -26.46 -19.05
C PHE P 20 -52.08 -27.94 -19.39
N TRP P 21 -50.86 -28.39 -19.70
CA TRP P 21 -50.67 -29.82 -19.96
C TRP P 21 -50.85 -30.64 -18.70
N GLU P 22 -50.45 -30.09 -17.55
CA GLU P 22 -50.75 -30.74 -16.27
C GLU P 22 -52.25 -30.99 -16.13
N VAL P 23 -53.06 -29.94 -16.31
CA VAL P 23 -54.50 -30.08 -16.08
C VAL P 23 -55.15 -30.94 -17.17
N ILE P 24 -54.65 -30.87 -18.40
CA ILE P 24 -55.22 -31.68 -19.47
C ILE P 24 -54.93 -33.16 -19.24
N SER P 25 -53.68 -33.50 -18.90
CA SER P 25 -53.35 -34.88 -18.59
C SER P 25 -54.12 -35.37 -17.37
N ASP P 26 -54.42 -34.47 -16.43
CA ASP P 26 -55.31 -34.85 -15.34
C ASP P 26 -56.71 -35.17 -15.86
N GLU P 27 -57.20 -34.37 -16.81
CA GLU P 27 -58.54 -34.60 -17.35
C GLU P 27 -58.63 -35.93 -18.10
N HIS P 28 -57.61 -36.26 -18.89
CA HIS P 28 -57.64 -37.44 -19.73
C HIS P 28 -57.00 -38.66 -19.07
N GLY P 29 -56.59 -38.54 -17.81
CA GLY P 29 -56.01 -39.67 -17.11
C GLY P 29 -54.66 -40.12 -17.65
N ILE P 30 -53.78 -39.18 -17.96
CA ILE P 30 -52.45 -39.49 -18.45
C ILE P 30 -51.45 -39.28 -17.32
N ASP P 31 -50.64 -40.30 -17.05
CA ASP P 31 -49.72 -40.28 -15.91
C ASP P 31 -48.53 -39.36 -16.21
N PRO P 32 -47.68 -39.08 -15.21
CA PRO P 32 -46.49 -38.28 -15.48
C PRO P 32 -45.55 -38.87 -16.52
N THR P 33 -45.61 -40.18 -16.76
CA THR P 33 -44.78 -40.78 -17.81
C THR P 33 -45.44 -40.76 -19.18
N GLY P 34 -46.71 -40.39 -19.28
CA GLY P 34 -47.39 -40.28 -20.54
C GLY P 34 -48.27 -41.43 -20.93
N SER P 35 -48.43 -42.44 -20.07
CA SER P 35 -49.23 -43.61 -20.36
C SER P 35 -50.61 -43.50 -19.72
N TYR P 36 -51.60 -44.11 -20.37
CA TYR P 36 -52.98 -44.00 -19.92
C TYR P 36 -53.19 -44.81 -18.64
N HIS P 37 -53.79 -44.19 -17.64
CA HIS P 37 -54.24 -44.88 -16.43
C HIS P 37 -55.58 -44.35 -15.95
N GLY P 38 -56.41 -43.87 -16.87
CA GLY P 38 -57.72 -43.40 -16.51
C GLY P 38 -58.70 -44.53 -16.31
N ASP P 39 -59.90 -44.16 -15.85
CA ASP P 39 -60.95 -45.12 -15.58
C ASP P 39 -62.07 -45.10 -16.62
N SER P 40 -62.50 -43.91 -17.04
CA SER P 40 -63.60 -43.79 -17.98
C SER P 40 -63.08 -43.93 -19.41
N ASP P 41 -63.87 -44.61 -20.24
CA ASP P 41 -63.52 -44.76 -21.64
C ASP P 41 -63.70 -43.47 -22.43
N LEU P 42 -64.38 -42.47 -21.86
CA LEU P 42 -64.58 -41.20 -22.54
C LEU P 42 -63.30 -40.38 -22.64
N GLN P 43 -62.24 -40.80 -21.97
CA GLN P 43 -60.97 -40.08 -21.96
C GLN P 43 -60.07 -40.44 -23.12
N LEU P 44 -60.51 -41.30 -24.03
CA LEU P 44 -59.62 -41.81 -25.06
C LEU P 44 -60.09 -41.62 -26.49
N GLU P 45 -61.40 -41.49 -26.74
CA GLU P 45 -61.84 -41.30 -28.13
C GLU P 45 -61.46 -39.94 -28.66
N ARG P 46 -61.25 -38.96 -27.79
CA ARG P 46 -60.83 -37.62 -28.17
C ARG P 46 -59.45 -37.31 -27.58
N ILE P 47 -58.59 -38.32 -27.53
CA ILE P 47 -57.24 -38.11 -27.03
C ILE P 47 -56.34 -37.49 -28.09
N ASN P 48 -56.71 -37.60 -29.37
CA ASN P 48 -55.85 -37.11 -30.44
C ASN P 48 -55.92 -35.61 -30.65
N VAL P 49 -56.88 -34.92 -30.03
CA VAL P 49 -56.97 -33.47 -30.19
C VAL P 49 -55.75 -32.79 -29.59
N TYR P 50 -55.14 -33.39 -28.56
CA TYR P 50 -53.97 -32.82 -27.91
C TYR P 50 -52.78 -33.75 -27.85
N TYR P 51 -52.93 -35.03 -28.14
CA TYR P 51 -51.89 -36.02 -27.92
C TYR P 51 -51.65 -36.83 -29.19
N ASN P 52 -50.44 -37.38 -29.28
CA ASN P 52 -50.07 -38.28 -30.36
C ASN P 52 -49.80 -39.68 -29.81
N GLU P 53 -50.04 -40.68 -30.64
CA GLU P 53 -49.87 -42.07 -30.25
C GLU P 53 -48.41 -42.46 -30.41
N ALA P 54 -47.77 -42.84 -29.31
CA ALA P 54 -46.41 -43.35 -29.36
C ALA P 54 -46.43 -44.86 -29.22
N ALA P 55 -45.28 -45.47 -29.50
CA ALA P 55 -45.17 -46.92 -29.43
C ALA P 55 -45.26 -47.38 -27.98
N GLY P 56 -46.09 -48.39 -27.74
CA GLY P 56 -46.23 -48.95 -26.41
C GLY P 56 -47.28 -48.27 -25.56
N ASN P 57 -48.41 -47.91 -26.18
CA ASN P 57 -49.54 -47.28 -25.47
C ASN P 57 -49.10 -46.03 -24.72
N LYS P 58 -48.30 -45.20 -25.39
CA LYS P 58 -47.74 -44.00 -24.80
C LYS P 58 -48.27 -42.78 -25.54
N TYR P 59 -48.59 -41.73 -24.79
CA TYR P 59 -49.19 -40.52 -25.35
C TYR P 59 -48.24 -39.35 -25.17
N VAL P 60 -47.93 -38.67 -26.27
CA VAL P 60 -47.07 -37.49 -26.24
C VAL P 60 -47.88 -36.28 -26.69
N PRO P 61 -47.72 -35.13 -26.06
CA PRO P 61 -48.55 -33.97 -26.42
C PRO P 61 -48.19 -33.43 -27.79
N ARG P 62 -49.15 -32.73 -28.38
CA ARG P 62 -48.91 -32.00 -29.62
C ARG P 62 -48.49 -30.57 -29.30
N ALA P 63 -47.40 -30.46 -28.54
CA ALA P 63 -46.92 -29.19 -28.02
C ALA P 63 -45.56 -28.85 -28.59
N ILE P 64 -45.37 -27.58 -28.91
CA ILE P 64 -44.09 -27.03 -29.35
C ILE P 64 -43.61 -26.07 -28.28
N LEU P 65 -42.42 -26.30 -27.77
CA LEU P 65 -41.90 -25.55 -26.63
C LEU P 65 -40.85 -24.58 -27.16
N VAL P 66 -41.23 -23.32 -27.28
CA VAL P 66 -40.44 -22.31 -27.97
C VAL P 66 -40.00 -21.26 -26.98
N ASP P 67 -38.70 -20.99 -26.96
CA ASP P 67 -38.13 -19.88 -26.21
C ASP P 67 -36.70 -19.69 -26.66
N LEU P 68 -36.15 -18.53 -26.35
CA LEU P 68 -34.76 -18.24 -26.65
C LEU P 68 -33.82 -18.58 -25.51
N GLU P 69 -34.30 -18.50 -24.26
CA GLU P 69 -33.48 -18.87 -23.11
C GLU P 69 -33.65 -20.36 -22.82
N PRO P 70 -32.59 -21.17 -22.88
CA PRO P 70 -32.74 -22.60 -22.61
C PRO P 70 -33.16 -22.92 -21.19
N GLY P 71 -32.98 -21.99 -20.25
CA GLY P 71 -33.36 -22.26 -18.87
C GLY P 71 -34.84 -22.53 -18.69
N THR P 72 -35.67 -21.88 -19.50
CA THR P 72 -37.12 -22.08 -19.38
C THR P 72 -37.49 -23.53 -19.71
N MET P 73 -36.97 -24.06 -20.80
CA MET P 73 -37.24 -25.45 -21.15
C MET P 73 -36.54 -26.42 -20.21
N ASP P 74 -35.39 -26.04 -19.66
CA ASP P 74 -34.77 -26.86 -18.63
C ASP P 74 -35.73 -27.00 -17.44
N SER P 75 -36.31 -25.88 -17.02
CA SER P 75 -37.26 -25.90 -15.91
C SER P 75 -38.51 -26.70 -16.26
N VAL P 76 -39.01 -26.54 -17.49
CA VAL P 76 -40.23 -27.24 -17.88
C VAL P 76 -40.00 -28.75 -17.90
N ARG P 77 -38.87 -29.18 -18.47
CA ARG P 77 -38.55 -30.59 -18.50
C ARG P 77 -38.32 -31.14 -17.09
N SER P 78 -37.62 -30.38 -16.25
CA SER P 78 -37.29 -30.85 -14.91
C SER P 78 -38.50 -30.92 -13.99
N GLY P 79 -39.56 -30.18 -14.30
CA GLY P 79 -40.73 -30.16 -13.44
C GLY P 79 -41.58 -31.39 -13.58
N PRO P 80 -42.73 -31.37 -12.94
CA PRO P 80 -43.67 -32.49 -13.07
C PRO P 80 -44.52 -32.51 -14.34
N PHE P 81 -44.76 -33.74 -14.80
CA PHE P 81 -45.35 -34.01 -16.11
C PHE P 81 -44.53 -33.42 -17.25
N GLY P 82 -43.25 -33.09 -16.99
CA GLY P 82 -42.44 -32.41 -17.99
C GLY P 82 -41.73 -33.32 -18.95
N GLN P 83 -41.59 -34.61 -18.60
CA GLN P 83 -40.95 -35.56 -19.50
C GLN P 83 -41.92 -36.13 -20.52
N ILE P 84 -43.20 -35.77 -20.44
CA ILE P 84 -44.17 -36.27 -21.41
C ILE P 84 -43.89 -35.67 -22.78
N PHE P 85 -43.33 -34.46 -22.82
CA PHE P 85 -43.13 -33.75 -24.08
C PHE P 85 -42.10 -34.45 -24.95
N ARG P 86 -42.23 -34.23 -26.25
CA ARG P 86 -41.27 -34.76 -27.21
C ARG P 86 -39.96 -34.00 -27.08
N PRO P 87 -38.82 -34.71 -26.97
CA PRO P 87 -37.54 -34.01 -26.76
C PRO P 87 -37.16 -33.03 -27.84
N ASP P 88 -37.47 -33.30 -29.10
CA ASP P 88 -37.06 -32.42 -30.18
C ASP P 88 -38.07 -31.32 -30.47
N ASN P 89 -39.23 -31.33 -29.80
CA ASN P 89 -40.13 -30.19 -29.88
C ASN P 89 -39.56 -28.99 -29.14
N PHE P 90 -38.77 -29.22 -28.11
CA PHE P 90 -38.04 -28.16 -27.43
C PHE P 90 -37.11 -27.47 -28.43
N VAL P 91 -37.36 -26.19 -28.71
CA VAL P 91 -36.54 -25.42 -29.64
C VAL P 91 -36.03 -24.19 -28.91
N PHE P 92 -34.73 -23.93 -29.01
CA PHE P 92 -34.12 -22.88 -28.21
C PHE P 92 -32.89 -22.32 -28.90
N GLY P 93 -32.62 -21.06 -28.63
CA GLY P 93 -31.39 -20.40 -28.99
C GLY P 93 -30.41 -20.37 -27.84
N GLN P 94 -29.63 -19.30 -27.76
CA GLN P 94 -28.68 -19.14 -26.67
C GLN P 94 -28.66 -17.76 -26.05
N SER P 95 -29.18 -16.73 -26.72
CA SER P 95 -29.03 -15.36 -26.25
C SER P 95 -30.18 -14.94 -25.35
N GLY P 96 -31.39 -14.95 -25.86
CA GLY P 96 -32.52 -14.36 -25.15
C GLY P 96 -32.90 -13.02 -25.73
N ALA P 97 -34.22 -12.79 -25.80
CA ALA P 97 -34.72 -11.60 -26.49
C ALA P 97 -34.37 -10.32 -25.76
N GLY P 98 -34.11 -10.42 -24.46
CA GLY P 98 -33.72 -9.24 -23.71
C GLY P 98 -34.81 -8.20 -23.56
N ASN P 99 -36.06 -8.63 -23.39
CA ASN P 99 -37.20 -7.73 -23.27
C ASN P 99 -37.25 -6.74 -24.45
N ASN P 100 -36.95 -7.26 -25.64
CA ASN P 100 -36.90 -6.45 -26.84
C ASN P 100 -37.76 -7.12 -27.91
N TRP P 101 -38.86 -6.47 -28.28
CA TRP P 101 -39.66 -6.95 -29.39
C TRP P 101 -38.84 -6.99 -30.67
N ALA P 102 -37.91 -6.04 -30.83
CA ALA P 102 -37.11 -5.96 -32.03
C ALA P 102 -36.20 -7.17 -32.18
N LYS P 103 -35.48 -7.53 -31.11
CA LYS P 103 -34.64 -8.73 -31.23
C LYS P 103 -35.45 -10.01 -31.22
N GLY P 104 -36.64 -9.99 -30.62
CA GLY P 104 -37.48 -11.16 -30.67
C GLY P 104 -38.20 -11.35 -31.98
N HIS P 105 -38.17 -10.35 -32.86
CA HIS P 105 -38.87 -10.41 -34.13
C HIS P 105 -37.96 -10.36 -35.34
N TYR P 106 -36.76 -9.80 -35.23
CA TYR P 106 -35.91 -9.60 -36.40
C TYR P 106 -34.57 -10.31 -36.34
N THR P 107 -33.83 -10.16 -35.24
CA THR P 107 -32.41 -10.50 -35.26
C THR P 107 -32.06 -11.85 -34.68
N GLU P 108 -32.75 -12.30 -33.63
CA GLU P 108 -32.56 -13.67 -33.17
C GLU P 108 -33.84 -14.47 -33.11
N GLY P 109 -35.00 -13.84 -33.31
CA GLY P 109 -36.20 -14.62 -33.53
C GLY P 109 -36.18 -15.32 -34.87
N ALA P 110 -35.68 -14.64 -35.91
CA ALA P 110 -35.78 -15.15 -37.28
C ALA P 110 -35.01 -16.44 -37.47
N GLU P 111 -33.80 -16.55 -36.90
CA GLU P 111 -33.02 -17.77 -37.05
C GLU P 111 -33.65 -18.96 -36.34
N LEU P 112 -34.54 -18.71 -35.38
CA LEU P 112 -35.20 -19.79 -34.65
C LEU P 112 -36.56 -20.14 -35.22
N VAL P 113 -37.25 -19.17 -35.84
CA VAL P 113 -38.55 -19.43 -36.43
C VAL P 113 -38.47 -20.47 -37.54
N ASP P 114 -37.33 -20.57 -38.22
CA ASP P 114 -37.19 -21.61 -39.23
C ASP P 114 -37.34 -22.99 -38.60
N SER P 115 -36.61 -23.24 -37.51
CA SER P 115 -36.71 -24.53 -36.83
C SER P 115 -38.10 -24.73 -36.22
N VAL P 116 -38.67 -23.67 -35.64
CA VAL P 116 -39.99 -23.80 -35.03
C VAL P 116 -41.03 -24.16 -36.09
N LEU P 117 -40.94 -23.51 -37.26
CA LEU P 117 -41.88 -23.81 -38.34
C LEU P 117 -41.67 -25.21 -38.87
N ASP P 118 -40.43 -25.68 -38.92
CA ASP P 118 -40.20 -27.07 -39.31
C ASP P 118 -40.88 -28.03 -38.36
N VAL P 119 -40.75 -27.78 -37.05
CA VAL P 119 -41.37 -28.66 -36.06
C VAL P 119 -42.90 -28.61 -36.18
N VAL P 120 -43.47 -27.41 -36.30
CA VAL P 120 -44.93 -27.33 -36.38
C VAL P 120 -45.43 -27.88 -37.71
N ARG P 121 -44.64 -27.79 -38.78
CA ARG P 121 -45.00 -28.44 -40.04
C ARG P 121 -45.07 -29.94 -39.87
N LYS P 122 -44.07 -30.52 -39.19
CA LYS P 122 -44.10 -31.95 -38.94
C LYS P 122 -45.31 -32.34 -38.12
N GLU P 123 -45.61 -31.57 -37.07
CA GLU P 123 -46.76 -31.88 -36.23
C GLU P 123 -48.08 -31.74 -36.98
N SER P 124 -48.21 -30.71 -37.81
CA SER P 124 -49.46 -30.47 -38.53
C SER P 124 -49.67 -31.52 -39.62
N GLU P 125 -48.60 -31.91 -40.32
CA GLU P 125 -48.75 -32.95 -41.33
C GLU P 125 -48.96 -34.32 -40.71
N SER P 126 -48.43 -34.54 -39.50
CA SER P 126 -48.68 -35.81 -38.82
C SER P 126 -50.14 -35.98 -38.47
N CYS P 127 -50.79 -34.91 -38.01
CA CYS P 127 -52.16 -35.00 -37.54
C CYS P 127 -53.12 -35.24 -38.70
N ASP P 128 -54.29 -35.79 -38.37
CA ASP P 128 -55.22 -36.25 -39.39
C ASP P 128 -56.02 -35.10 -39.98
N CYS P 129 -56.84 -34.45 -39.15
CA CYS P 129 -57.70 -33.34 -39.59
C CYS P 129 -57.46 -32.16 -38.66
N LEU P 130 -56.51 -31.30 -39.03
CA LEU P 130 -56.20 -30.14 -38.22
C LEU P 130 -57.35 -29.15 -38.24
N GLN P 131 -57.58 -28.50 -37.10
CA GLN P 131 -58.56 -27.43 -37.01
C GLN P 131 -57.97 -26.09 -36.63
N GLY P 132 -56.83 -26.06 -35.93
CA GLY P 132 -56.23 -24.80 -35.56
C GLY P 132 -55.04 -24.98 -34.65
N PHE P 133 -54.53 -23.86 -34.17
CA PHE P 133 -53.34 -23.81 -33.33
C PHE P 133 -53.65 -23.03 -32.06
N GLN P 134 -52.89 -23.32 -31.01
CA GLN P 134 -52.95 -22.59 -29.76
C GLN P 134 -51.57 -22.04 -29.42
N LEU P 135 -51.51 -20.74 -29.10
CA LEU P 135 -50.27 -20.12 -28.69
C LEU P 135 -50.47 -19.44 -27.35
N THR P 136 -49.55 -19.70 -26.41
CA THR P 136 -49.55 -19.06 -25.11
C THR P 136 -48.31 -18.18 -25.03
N HIS P 137 -48.52 -16.90 -24.74
CA HIS P 137 -47.41 -15.95 -24.67
C HIS P 137 -47.86 -14.73 -23.90
N SER P 138 -46.89 -13.92 -23.49
CA SER P 138 -47.15 -12.65 -22.84
C SER P 138 -46.62 -11.52 -23.70
N LEU P 139 -47.23 -10.35 -23.52
CA LEU P 139 -46.94 -9.18 -24.35
C LEU P 139 -45.88 -8.28 -23.74
N GLY P 140 -45.31 -8.64 -22.60
CA GLY P 140 -44.36 -7.78 -21.94
C GLY P 140 -42.93 -7.95 -22.43
N GLY P 141 -42.55 -9.19 -22.71
CA GLY P 141 -41.20 -9.52 -23.11
C GLY P 141 -40.99 -9.40 -24.61
N GLY P 142 -39.85 -9.90 -25.05
CA GLY P 142 -39.52 -9.89 -26.46
C GLY P 142 -39.67 -11.25 -27.09
N THR P 143 -39.37 -12.31 -26.33
CA THR P 143 -39.58 -13.66 -26.84
C THR P 143 -41.07 -13.93 -27.02
N GLY P 144 -41.82 -13.88 -25.92
CA GLY P 144 -43.25 -14.07 -25.97
C GLY P 144 -43.91 -13.16 -26.99
N SER P 145 -43.97 -11.86 -26.70
CA SER P 145 -44.66 -10.93 -27.58
C SER P 145 -44.12 -10.98 -29.00
N GLY P 146 -42.84 -10.64 -29.16
CA GLY P 146 -42.30 -10.49 -30.51
C GLY P 146 -42.28 -11.78 -31.30
N MET P 147 -41.66 -12.82 -30.75
CA MET P 147 -41.49 -14.02 -31.53
C MET P 147 -42.81 -14.78 -31.68
N GLY P 148 -43.72 -14.68 -30.71
CA GLY P 148 -45.03 -15.26 -30.89
C GLY P 148 -45.84 -14.56 -31.97
N THR P 149 -45.72 -13.23 -32.05
CA THR P 149 -46.37 -12.53 -33.16
C THR P 149 -45.81 -12.99 -34.49
N LEU P 150 -44.49 -13.11 -34.58
CA LEU P 150 -43.87 -13.59 -35.82
C LEU P 150 -44.36 -14.99 -36.16
N LEU P 151 -44.41 -15.87 -35.16
CA LEU P 151 -44.84 -17.24 -35.36
C LEU P 151 -46.28 -17.30 -35.81
N ILE P 152 -47.13 -16.47 -35.22
CA ILE P 152 -48.53 -16.41 -35.62
C ILE P 152 -48.64 -15.98 -37.07
N SER P 153 -47.86 -14.98 -37.47
CA SER P 153 -47.90 -14.53 -38.85
C SER P 153 -47.49 -15.65 -39.82
N LYS P 154 -46.40 -16.35 -39.50
CA LYS P 154 -45.92 -17.42 -40.36
C LYS P 154 -46.95 -18.54 -40.48
N ILE P 155 -47.58 -18.89 -39.36
CA ILE P 155 -48.62 -19.91 -39.40
C ILE P 155 -49.78 -19.43 -40.26
N ARG P 156 -50.05 -18.11 -40.23
CA ARG P 156 -51.16 -17.58 -41.01
C ARG P 156 -50.92 -17.68 -42.52
N GLU P 157 -49.70 -17.39 -42.99
CA GLU P 157 -49.55 -17.64 -44.43
C GLU P 157 -49.52 -19.13 -44.71
N GLU P 158 -49.02 -19.94 -43.78
CA GLU P 158 -48.98 -21.37 -44.06
C GLU P 158 -50.31 -22.08 -43.86
N TYR P 159 -51.11 -21.65 -42.87
CA TYR P 159 -52.42 -22.23 -42.59
C TYR P 159 -53.44 -21.12 -42.42
N PRO P 160 -53.92 -20.52 -43.52
CA PRO P 160 -54.84 -19.39 -43.38
C PRO P 160 -56.27 -19.79 -43.06
N ASP P 161 -56.68 -21.00 -43.42
CA ASP P 161 -58.03 -21.47 -43.16
C ASP P 161 -58.21 -22.13 -41.80
N ARG P 162 -57.13 -22.50 -41.13
CA ARG P 162 -57.17 -23.02 -39.77
C ARG P 162 -57.34 -21.88 -38.78
N ILE P 163 -57.95 -22.20 -37.64
CA ILE P 163 -58.28 -21.18 -36.66
C ILE P 163 -57.04 -20.83 -35.85
N MET P 164 -56.87 -19.54 -35.56
CA MET P 164 -55.75 -19.05 -34.77
C MET P 164 -56.26 -18.69 -33.39
N ASN P 165 -55.86 -19.45 -32.38
CA ASN P 165 -56.25 -19.20 -31.01
C ASN P 165 -55.01 -18.86 -30.21
N THR P 166 -55.06 -17.75 -29.47
CA THR P 166 -53.94 -17.34 -28.64
C THR P 166 -54.45 -16.98 -27.25
N PHE P 167 -53.62 -17.24 -26.25
CA PHE P 167 -53.90 -16.91 -24.86
C PHE P 167 -52.79 -15.98 -24.39
N SER P 168 -53.08 -14.68 -24.41
CA SER P 168 -52.07 -13.65 -24.30
C SER P 168 -52.23 -12.90 -22.98
N VAL P 169 -51.18 -12.92 -22.17
CA VAL P 169 -51.14 -12.12 -20.95
C VAL P 169 -50.73 -10.70 -21.32
N VAL P 170 -51.63 -9.75 -21.11
CA VAL P 170 -51.36 -8.36 -21.47
C VAL P 170 -50.83 -7.62 -20.24
N PRO P 171 -50.03 -6.57 -20.42
CA PRO P 171 -49.53 -5.83 -19.27
C PRO P 171 -50.64 -5.01 -18.60
N SER P 172 -50.42 -4.70 -17.34
CA SER P 172 -51.38 -3.95 -16.54
C SER P 172 -50.70 -2.77 -15.87
N PRO P 173 -51.43 -1.67 -15.65
CA PRO P 173 -50.81 -0.50 -15.01
C PRO P 173 -50.37 -0.76 -13.59
N LYS P 174 -51.10 -1.59 -12.85
CA LYS P 174 -50.71 -1.89 -11.47
C LYS P 174 -49.58 -2.92 -11.44
N VAL P 175 -49.79 -4.07 -12.06
CA VAL P 175 -48.79 -5.14 -12.09
C VAL P 175 -47.94 -4.87 -13.33
N SER P 176 -46.89 -4.07 -13.15
CA SER P 176 -45.94 -3.75 -14.21
C SER P 176 -44.59 -4.32 -13.82
N ASP P 177 -44.03 -5.17 -14.68
CA ASP P 177 -42.82 -5.91 -14.36
C ASP P 177 -41.61 -5.47 -15.16
N THR P 178 -41.79 -5.01 -16.40
CA THR P 178 -40.68 -4.53 -17.20
C THR P 178 -40.97 -3.11 -17.67
N VAL P 179 -39.92 -2.38 -17.99
CA VAL P 179 -40.04 -0.96 -18.29
C VAL P 179 -40.56 -0.71 -19.71
N VAL P 180 -40.32 -1.64 -20.63
CA VAL P 180 -40.66 -1.43 -22.03
C VAL P 180 -41.92 -2.20 -22.38
N GLU P 181 -42.75 -2.48 -21.38
CA GLU P 181 -44.04 -3.12 -21.63
C GLU P 181 -44.91 -2.40 -22.66
N PRO P 182 -45.07 -1.07 -22.63
CA PRO P 182 -45.91 -0.44 -23.66
C PRO P 182 -45.44 -0.70 -25.08
N TYR P 183 -44.13 -0.65 -25.33
CA TYR P 183 -43.62 -0.88 -26.68
C TYR P 183 -43.94 -2.29 -27.15
N ASN P 184 -43.59 -3.29 -26.35
CA ASN P 184 -43.80 -4.68 -26.74
C ASN P 184 -45.28 -4.97 -26.89
N ALA P 185 -46.10 -4.46 -25.97
CA ALA P 185 -47.54 -4.70 -26.04
C ALA P 185 -48.14 -4.08 -27.30
N THR P 186 -47.77 -2.84 -27.61
CA THR P 186 -48.34 -2.19 -28.79
C THR P 186 -47.89 -2.87 -30.07
N LEU P 187 -46.59 -3.20 -30.17
CA LEU P 187 -46.10 -3.87 -31.36
C LEU P 187 -46.73 -5.25 -31.52
N SER P 188 -47.05 -5.91 -30.42
CA SER P 188 -47.65 -7.23 -30.51
C SER P 188 -49.13 -7.14 -30.87
N VAL P 189 -49.84 -6.15 -30.34
CA VAL P 189 -51.24 -5.97 -30.70
C VAL P 189 -51.36 -5.60 -32.17
N HIS P 190 -50.40 -4.83 -32.68
CA HIS P 190 -50.40 -4.47 -34.11
C HIS P 190 -50.48 -5.68 -35.02
N GLN P 191 -50.07 -6.86 -34.56
CA GLN P 191 -50.14 -8.06 -35.37
C GLN P 191 -51.19 -9.06 -34.90
N LEU P 192 -51.51 -9.09 -33.61
CA LEU P 192 -52.63 -9.90 -33.15
C LEU P 192 -53.97 -9.37 -33.64
N VAL P 193 -54.04 -8.10 -34.06
CA VAL P 193 -55.30 -7.56 -34.57
C VAL P 193 -55.70 -8.27 -35.86
N GLU P 194 -54.76 -8.48 -36.77
CA GLU P 194 -55.09 -9.03 -38.08
C GLU P 194 -54.54 -10.43 -38.31
N ASN P 195 -53.88 -11.04 -37.33
CA ASN P 195 -53.30 -12.36 -37.55
C ASN P 195 -53.90 -13.44 -36.64
N THR P 196 -54.91 -13.12 -35.85
CA THR P 196 -55.48 -14.08 -34.91
C THR P 196 -56.99 -14.08 -35.02
N ASP P 197 -57.59 -15.27 -34.91
CA ASP P 197 -59.03 -15.41 -34.97
C ASP P 197 -59.72 -15.18 -33.63
N GLU P 198 -59.03 -15.45 -32.52
CA GLU P 198 -59.55 -15.13 -31.20
C GLU P 198 -58.40 -14.96 -30.23
N THR P 199 -58.46 -13.91 -29.42
CA THR P 199 -57.41 -13.59 -28.46
C THR P 199 -58.02 -13.48 -27.08
N TYR P 200 -57.51 -14.26 -26.12
CA TYR P 200 -58.02 -14.25 -24.76
C TYR P 200 -57.09 -13.37 -23.93
N CYS P 201 -57.52 -12.14 -23.68
CA CYS P 201 -56.69 -11.16 -22.99
C CYS P 201 -56.59 -11.52 -21.52
N ILE P 202 -55.51 -12.20 -21.16
CA ILE P 202 -55.19 -12.48 -19.77
C ILE P 202 -54.39 -11.30 -19.23
N ASP P 203 -54.42 -11.11 -17.91
CA ASP P 203 -53.55 -10.13 -17.28
C ASP P 203 -53.31 -10.55 -15.84
N ASN P 204 -52.15 -10.16 -15.32
CA ASN P 204 -51.78 -10.60 -13.97
C ASN P 204 -52.57 -9.87 -12.91
N GLU P 205 -52.99 -8.63 -13.18
CA GLU P 205 -53.70 -7.85 -12.19
C GLU P 205 -55.02 -8.50 -11.81
N ALA P 206 -55.81 -8.89 -12.81
CA ALA P 206 -57.08 -9.54 -12.54
C ALA P 206 -56.89 -10.90 -11.89
N LEU P 207 -55.85 -11.64 -12.28
CA LEU P 207 -55.60 -12.94 -11.66
C LEU P 207 -55.26 -12.79 -10.20
N TYR P 208 -54.44 -11.79 -9.86
CA TYR P 208 -54.14 -11.52 -8.46
C TYR P 208 -55.38 -11.06 -7.71
N ASP P 209 -56.24 -10.28 -8.35
CA ASP P 209 -57.48 -9.87 -7.71
C ASP P 209 -58.38 -11.07 -7.43
N ILE P 210 -58.43 -12.04 -8.35
CA ILE P 210 -59.13 -13.28 -8.10
C ILE P 210 -58.56 -13.97 -6.87
N CYS P 211 -57.24 -14.16 -6.87
CA CYS P 211 -56.60 -14.91 -5.79
C CYS P 211 -56.70 -14.20 -4.45
N PHE P 212 -56.91 -12.88 -4.45
CA PHE P 212 -57.22 -12.15 -3.22
C PHE P 212 -58.68 -12.31 -2.80
N ARG P 213 -59.59 -11.71 -3.56
CA ARG P 213 -60.95 -11.54 -3.05
C ARG P 213 -61.83 -12.76 -3.28
N THR P 214 -61.62 -13.50 -4.36
CA THR P 214 -62.47 -14.64 -4.66
C THR P 214 -61.98 -15.90 -3.96
N LEU P 215 -60.73 -16.29 -4.22
CA LEU P 215 -60.18 -17.52 -3.65
C LEU P 215 -59.69 -17.34 -2.22
N LYS P 216 -59.54 -16.11 -1.75
CA LYS P 216 -59.01 -15.83 -0.41
C LYS P 216 -57.66 -16.53 -0.21
N LEU P 217 -56.83 -16.49 -1.22
CA LEU P 217 -55.54 -17.17 -1.22
C LEU P 217 -54.49 -16.23 -0.64
N THR P 218 -53.78 -16.70 0.39
CA THR P 218 -52.91 -15.81 1.16
C THR P 218 -51.71 -15.34 0.33
N THR P 219 -50.99 -16.27 -0.28
CA THR P 219 -49.75 -15.96 -1.00
C THR P 219 -49.80 -16.59 -2.38
N PRO P 220 -50.53 -15.98 -3.32
CA PRO P 220 -50.64 -16.55 -4.66
C PRO P 220 -49.32 -16.43 -5.43
N THR P 221 -48.73 -17.57 -5.75
CA THR P 221 -47.56 -17.61 -6.61
C THR P 221 -48.02 -17.64 -8.06
N TYR P 222 -47.07 -17.73 -9.00
CA TYR P 222 -47.46 -17.88 -10.40
C TYR P 222 -48.14 -19.21 -10.67
N GLY P 223 -47.94 -20.21 -9.81
CA GLY P 223 -48.59 -21.50 -10.03
C GLY P 223 -50.10 -21.39 -10.05
N ASP P 224 -50.65 -20.62 -9.12
CA ASP P 224 -52.11 -20.49 -9.04
C ASP P 224 -52.67 -19.70 -10.22
N LEU P 225 -51.97 -18.63 -10.61
CA LEU P 225 -52.40 -17.85 -11.77
C LEU P 225 -52.40 -18.70 -13.03
N ASN P 226 -51.33 -19.47 -13.22
CA ASN P 226 -51.27 -20.38 -14.35
C ASN P 226 -52.32 -21.47 -14.25
N HIS P 227 -52.68 -21.88 -13.03
CA HIS P 227 -53.75 -22.86 -12.86
C HIS P 227 -55.08 -22.29 -13.34
N LEU P 228 -55.36 -21.04 -13.00
CA LEU P 228 -56.60 -20.41 -13.49
C LEU P 228 -56.61 -20.30 -15.01
N VAL P 229 -55.48 -19.86 -15.59
CA VAL P 229 -55.43 -19.74 -17.04
C VAL P 229 -55.58 -21.11 -17.70
N SER P 230 -54.98 -22.14 -17.11
CA SER P 230 -55.11 -23.49 -17.63
C SER P 230 -56.55 -23.99 -17.54
N ALA P 231 -57.24 -23.64 -16.46
CA ALA P 231 -58.66 -24.01 -16.34
C ALA P 231 -59.48 -23.38 -17.46
N THR P 232 -59.23 -22.11 -17.75
CA THR P 232 -59.94 -21.45 -18.86
C THR P 232 -59.59 -22.11 -20.19
N MET P 233 -58.31 -22.43 -20.41
CA MET P 233 -57.89 -23.06 -21.66
C MET P 233 -58.53 -24.43 -21.82
N SER P 234 -58.69 -25.18 -20.73
CA SER P 234 -59.37 -26.47 -20.82
C SER P 234 -60.86 -26.28 -21.07
N GLY P 235 -61.43 -25.23 -20.49
CA GLY P 235 -62.86 -24.97 -20.70
C GLY P 235 -63.19 -24.65 -22.14
N VAL P 236 -62.32 -23.89 -22.82
CA VAL P 236 -62.63 -23.50 -24.19
C VAL P 236 -62.55 -24.66 -25.18
N THR P 237 -62.02 -25.82 -24.78
CA THR P 237 -61.90 -26.97 -25.67
C THR P 237 -62.54 -28.23 -25.09
N THR P 238 -63.22 -28.12 -23.93
CA THR P 238 -63.94 -29.26 -23.39
C THR P 238 -64.89 -29.89 -24.41
N CYS P 239 -65.63 -29.06 -25.15
CA CYS P 239 -66.56 -29.59 -26.14
C CYS P 239 -65.85 -30.39 -27.22
N LEU P 240 -64.63 -29.97 -27.58
CA LEU P 240 -63.83 -30.75 -28.51
C LEU P 240 -63.41 -32.06 -27.89
N ARG P 241 -63.07 -32.06 -26.59
CA ARG P 241 -62.50 -33.23 -25.96
C ARG P 241 -63.53 -34.19 -25.38
N PHE P 242 -64.77 -33.77 -25.21
CA PHE P 242 -65.78 -34.59 -24.54
C PHE P 242 -67.12 -34.39 -25.22
N PRO P 243 -68.03 -35.36 -25.08
CA PRO P 243 -69.39 -35.18 -25.62
C PRO P 243 -70.18 -34.15 -24.81
N GLY P 244 -71.42 -33.92 -25.17
CA GLY P 244 -72.24 -32.97 -24.44
C GLY P 244 -73.59 -32.79 -25.10
N GLN P 245 -74.46 -32.10 -24.38
CA GLN P 245 -75.79 -31.82 -24.90
C GLN P 245 -75.71 -30.83 -26.05
N LEU P 246 -74.97 -29.74 -25.86
CA LEU P 246 -74.63 -28.80 -26.93
C LEU P 246 -73.13 -28.78 -27.11
N ASN P 247 -72.67 -28.98 -28.34
CA ASN P 247 -71.26 -29.06 -28.65
C ASN P 247 -70.83 -27.82 -29.42
N ALA P 248 -69.71 -27.23 -29.00
CA ALA P 248 -69.21 -26.00 -29.60
C ALA P 248 -67.70 -26.07 -29.70
N ASP P 249 -67.18 -26.28 -30.90
CA ASP P 249 -65.75 -26.27 -31.12
C ASP P 249 -65.23 -24.83 -31.15
N LEU P 250 -63.94 -24.68 -31.44
CA LEU P 250 -63.34 -23.34 -31.48
C LEU P 250 -63.98 -22.48 -32.56
N ARG P 251 -64.22 -23.07 -33.75
CA ARG P 251 -64.78 -22.31 -34.85
C ARG P 251 -66.20 -21.83 -34.53
N LYS P 252 -66.98 -22.61 -33.80
CA LYS P 252 -68.33 -22.18 -33.46
C LYS P 252 -68.30 -20.98 -32.51
N LEU P 253 -67.43 -21.00 -31.52
CA LEU P 253 -67.28 -19.83 -30.66
C LEU P 253 -66.77 -18.63 -31.44
N ALA P 254 -65.85 -18.86 -32.38
CA ALA P 254 -65.33 -17.75 -33.18
C ALA P 254 -66.44 -17.13 -34.03
N VAL P 255 -67.27 -17.95 -34.67
CA VAL P 255 -68.31 -17.41 -35.53
C VAL P 255 -69.42 -16.80 -34.69
N ASN P 256 -69.61 -17.26 -33.45
CA ASN P 256 -70.65 -16.71 -32.60
C ASN P 256 -70.19 -15.52 -31.78
N MET P 257 -68.91 -15.19 -31.80
CA MET P 257 -68.40 -14.06 -31.03
C MET P 257 -67.60 -13.05 -31.82
N VAL P 258 -67.52 -13.16 -33.14
CA VAL P 258 -66.77 -12.19 -33.92
C VAL P 258 -67.72 -11.60 -34.96
N PRO P 259 -68.56 -10.64 -34.57
CA PRO P 259 -69.42 -9.98 -35.57
C PRO P 259 -68.63 -9.28 -36.65
N PHE P 260 -67.48 -8.72 -36.33
CA PHE P 260 -66.59 -8.08 -37.27
C PHE P 260 -65.18 -8.58 -37.00
N PRO P 261 -64.38 -8.81 -38.04
CA PRO P 261 -63.16 -9.62 -37.86
C PRO P 261 -62.17 -9.06 -36.86
N ARG P 262 -62.12 -7.75 -36.68
CA ARG P 262 -61.11 -7.16 -35.81
C ARG P 262 -61.48 -7.23 -34.33
N LEU P 263 -62.72 -7.52 -33.98
CA LEU P 263 -63.15 -7.56 -32.58
C LEU P 263 -63.13 -9.01 -32.08
N HIS P 264 -61.92 -9.53 -31.91
CA HIS P 264 -61.74 -10.89 -31.44
C HIS P 264 -60.91 -10.95 -30.16
N PHE P 265 -61.00 -9.92 -29.33
CA PHE P 265 -60.33 -9.87 -28.05
C PHE P 265 -61.36 -10.16 -26.97
N PHE P 266 -61.25 -11.32 -26.34
CA PHE P 266 -62.28 -11.83 -25.44
C PHE P 266 -61.80 -11.75 -23.99
N MET P 267 -62.75 -11.51 -23.10
CA MET P 267 -62.45 -11.37 -21.68
C MET P 267 -62.82 -12.68 -21.00
N PRO P 268 -61.86 -13.52 -20.65
CA PRO P 268 -62.19 -14.87 -20.16
C PRO P 268 -62.54 -14.87 -18.68
N GLY P 269 -62.93 -16.04 -18.21
CA GLY P 269 -63.33 -16.22 -16.82
C GLY P 269 -63.61 -17.67 -16.55
N PHE P 270 -63.87 -17.96 -15.28
CA PHE P 270 -64.12 -19.33 -14.83
C PHE P 270 -65.05 -19.29 -13.63
N ALA P 271 -65.78 -20.39 -13.43
CA ALA P 271 -66.68 -20.53 -12.31
C ALA P 271 -66.94 -22.01 -12.08
N PRO P 272 -67.11 -22.46 -10.85
CA PRO P 272 -67.01 -21.70 -9.59
C PRO P 272 -65.58 -21.55 -9.11
N LEU P 273 -65.26 -20.42 -8.51
CA LEU P 273 -63.98 -20.20 -7.85
C LEU P 273 -64.28 -19.88 -6.40
N THR P 274 -63.95 -20.81 -5.50
CA THR P 274 -64.39 -20.73 -4.12
C THR P 274 -63.18 -20.81 -3.18
N SER P 275 -63.27 -20.11 -2.07
CA SER P 275 -62.28 -20.24 -1.01
C SER P 275 -62.43 -21.59 -0.33
N ARG P 276 -61.35 -22.03 0.31
CA ARG P 276 -61.37 -23.33 0.98
C ARG P 276 -62.38 -23.35 2.11
N GLY P 277 -62.45 -22.27 2.90
CA GLY P 277 -63.41 -22.22 3.97
C GLY P 277 -64.81 -21.86 3.54
N SER P 278 -64.94 -21.15 2.42
CA SER P 278 -66.24 -20.67 1.97
C SER P 278 -66.94 -21.63 1.02
N GLN P 279 -66.22 -22.58 0.42
CA GLN P 279 -66.86 -23.53 -0.48
C GLN P 279 -67.83 -24.44 0.25
N GLN P 280 -67.67 -24.59 1.56
CA GLN P 280 -68.55 -25.44 2.34
C GLN P 280 -69.92 -24.82 2.58
N TYR P 281 -70.04 -23.51 2.42
CA TYR P 281 -71.29 -22.80 2.66
C TYR P 281 -72.03 -22.42 1.38
N ARG P 282 -71.51 -22.81 0.22
CA ARG P 282 -72.04 -22.35 -1.06
C ARG P 282 -72.89 -23.43 -1.70
N ALA P 283 -74.14 -23.07 -2.01
CA ALA P 283 -74.94 -23.90 -2.90
C ALA P 283 -74.29 -23.92 -4.28
N LEU P 284 -74.38 -25.07 -4.94
CA LEU P 284 -73.69 -25.28 -6.21
C LEU P 284 -74.74 -25.70 -7.24
N THR P 285 -75.30 -24.72 -7.93
CA THR P 285 -76.30 -24.94 -8.96
C THR P 285 -75.95 -24.07 -10.17
N VAL P 286 -76.75 -24.20 -11.23
CA VAL P 286 -76.53 -23.36 -12.42
C VAL P 286 -76.69 -21.87 -12.12
N PRO P 287 -77.70 -21.40 -11.37
CA PRO P 287 -77.79 -19.96 -11.12
C PRO P 287 -76.58 -19.38 -10.40
N GLU P 288 -75.96 -20.11 -9.48
CA GLU P 288 -74.80 -19.53 -8.81
C GLU P 288 -73.57 -19.52 -9.69
N LEU P 289 -73.40 -20.54 -10.54
CA LEU P 289 -72.39 -20.44 -11.59
C LEU P 289 -72.64 -19.21 -12.45
N THR P 290 -73.89 -18.97 -12.83
CA THR P 290 -74.20 -17.84 -13.70
C THR P 290 -73.88 -16.51 -13.01
N GLN P 291 -74.24 -16.37 -11.74
CA GLN P 291 -73.97 -15.10 -11.06
C GLN P 291 -72.49 -14.91 -10.80
N GLN P 292 -71.75 -15.99 -10.60
CA GLN P 292 -70.30 -15.85 -10.41
C GLN P 292 -69.62 -15.48 -11.72
N MET P 293 -69.96 -16.17 -12.81
CA MET P 293 -69.24 -15.99 -14.07
C MET P 293 -69.56 -14.66 -14.73
N PHE P 294 -70.66 -14.01 -14.34
CA PHE P 294 -71.01 -12.70 -14.87
C PHE P 294 -70.62 -11.56 -13.93
N ASP P 295 -69.95 -11.87 -12.82
CA ASP P 295 -69.54 -10.86 -11.85
C ASP P 295 -68.24 -10.22 -12.30
N ALA P 296 -68.19 -8.89 -12.24
CA ALA P 296 -67.04 -8.14 -12.72
C ALA P 296 -65.76 -8.48 -11.98
N LYS P 297 -65.86 -8.90 -10.72
CA LYS P 297 -64.65 -9.26 -9.98
C LYS P 297 -64.07 -10.57 -10.48
N ASN P 298 -64.91 -11.47 -10.99
CA ASN P 298 -64.46 -12.77 -11.47
C ASN P 298 -63.69 -12.69 -12.77
N MET P 299 -63.73 -11.56 -13.46
CA MET P 299 -63.22 -11.49 -14.82
C MET P 299 -61.70 -11.46 -14.83
N MET P 300 -61.13 -12.01 -15.90
CA MET P 300 -59.69 -12.16 -16.05
C MET P 300 -59.07 -11.06 -16.89
N ALA P 301 -59.57 -9.84 -16.78
CA ALA P 301 -59.00 -8.67 -17.42
C ALA P 301 -59.17 -7.46 -16.52
N ALA P 302 -58.26 -6.50 -16.64
CA ALA P 302 -58.28 -5.30 -15.81
C ALA P 302 -59.16 -4.22 -16.44
N CYS P 303 -60.40 -4.60 -16.74
CA CYS P 303 -61.36 -3.67 -17.30
C CYS P 303 -62.76 -4.08 -16.86
N ASP P 304 -63.48 -3.14 -16.28
CA ASP P 304 -64.81 -3.40 -15.75
C ASP P 304 -65.81 -3.58 -16.89
N PRO P 305 -66.51 -4.69 -16.97
CA PRO P 305 -67.57 -4.83 -17.99
C PRO P 305 -68.67 -3.79 -17.85
N ARG P 306 -68.93 -3.31 -16.63
CA ARG P 306 -69.98 -2.32 -16.43
C ARG P 306 -69.66 -1.00 -17.12
N HIS P 307 -68.39 -0.76 -17.47
CA HIS P 307 -68.01 0.43 -18.19
C HIS P 307 -68.24 0.31 -19.70
N GLY P 308 -68.72 -0.83 -20.16
CA GLY P 308 -68.97 -1.02 -21.58
C GLY P 308 -70.16 -1.90 -21.87
N ARG P 309 -70.28 -2.34 -23.13
CA ARG P 309 -71.38 -3.18 -23.55
C ARG P 309 -70.84 -4.51 -24.07
N TYR P 310 -71.53 -5.59 -23.73
CA TYR P 310 -71.18 -6.92 -24.22
C TYR P 310 -71.65 -7.05 -25.66
N LEU P 311 -70.71 -7.18 -26.60
CA LEU P 311 -71.10 -7.53 -27.95
C LEU P 311 -71.65 -8.95 -27.99
N THR P 312 -70.87 -9.91 -27.51
CA THR P 312 -71.28 -11.30 -27.40
C THR P 312 -70.64 -11.90 -26.17
N VAL P 313 -71.29 -12.91 -25.59
CA VAL P 313 -70.72 -13.68 -24.49
C VAL P 313 -70.91 -15.15 -24.78
N ALA P 314 -70.05 -15.96 -24.15
CA ALA P 314 -70.09 -17.41 -24.30
C ALA P 314 -70.09 -18.05 -22.92
N ALA P 315 -70.91 -19.09 -22.76
CA ALA P 315 -71.02 -19.83 -21.51
C ALA P 315 -70.81 -21.30 -21.82
N VAL P 316 -69.56 -21.75 -21.79
CA VAL P 316 -69.21 -23.14 -22.08
C VAL P 316 -69.40 -23.92 -20.80
N PHE P 317 -70.63 -24.38 -20.57
CA PHE P 317 -70.95 -25.10 -19.35
C PHE P 317 -70.44 -26.54 -19.42
N ARG P 318 -70.14 -27.09 -18.23
CA ARG P 318 -69.65 -28.46 -18.11
C ARG P 318 -70.37 -29.16 -16.98
N GLY P 319 -70.65 -30.44 -17.17
CA GLY P 319 -71.30 -31.26 -16.17
C GLY P 319 -72.75 -31.54 -16.51
N ARG P 320 -73.32 -32.48 -15.76
CA ARG P 320 -74.70 -32.92 -15.98
C ARG P 320 -75.64 -31.84 -15.43
N MET P 321 -76.23 -31.06 -16.31
CA MET P 321 -77.06 -29.94 -15.92
C MET P 321 -78.26 -29.86 -16.86
N SER P 322 -79.32 -29.23 -16.38
CA SER P 322 -80.53 -29.07 -17.17
C SER P 322 -80.38 -27.91 -18.15
N MET P 323 -80.82 -28.14 -19.39
CA MET P 323 -80.70 -27.11 -20.41
C MET P 323 -81.70 -25.98 -20.22
N LYS P 324 -82.88 -26.29 -19.66
CA LYS P 324 -83.84 -25.24 -19.35
C LYS P 324 -83.24 -24.23 -18.38
N GLU P 325 -82.61 -24.71 -17.32
CA GLU P 325 -82.03 -23.80 -16.33
C GLU P 325 -80.94 -22.94 -16.94
N VAL P 326 -80.08 -23.54 -17.76
CA VAL P 326 -78.98 -22.80 -18.36
C VAL P 326 -79.49 -21.72 -19.29
N ASP P 327 -80.37 -22.10 -20.22
CA ASP P 327 -80.89 -21.13 -21.18
C ASP P 327 -81.72 -20.06 -20.49
N GLU P 328 -82.48 -20.43 -19.46
CA GLU P 328 -83.28 -19.46 -18.74
C GLU P 328 -82.41 -18.48 -17.97
N GLN P 329 -81.32 -18.96 -17.37
CA GLN P 329 -80.41 -18.06 -16.68
C GLN P 329 -79.78 -17.08 -17.65
N MET P 330 -79.39 -17.57 -18.84
CA MET P 330 -78.85 -16.66 -19.84
C MET P 330 -79.89 -15.63 -20.26
N LEU P 331 -81.14 -16.07 -20.40
CA LEU P 331 -82.25 -15.16 -20.73
C LEU P 331 -82.42 -14.08 -19.67
N ASN P 332 -82.42 -14.47 -18.40
CA ASN P 332 -82.58 -13.49 -17.33
C ASN P 332 -81.44 -12.49 -17.30
N VAL P 333 -80.21 -12.97 -17.51
CA VAL P 333 -79.06 -12.07 -17.57
C VAL P 333 -79.24 -11.07 -18.70
N GLN P 334 -79.70 -11.54 -19.87
CA GLN P 334 -79.88 -10.63 -21.00
C GLN P 334 -81.00 -9.62 -20.76
N ASN P 335 -82.06 -10.02 -20.06
CA ASN P 335 -83.20 -9.13 -19.89
C ASN P 335 -82.96 -8.09 -18.80
N LYS P 336 -82.62 -8.53 -17.59
CA LYS P 336 -82.50 -7.54 -16.52
C LYS P 336 -81.29 -6.64 -16.65
N ASN P 337 -80.41 -6.90 -17.61
CA ASN P 337 -79.22 -6.08 -17.84
C ASN P 337 -79.15 -5.65 -19.30
N SER P 338 -80.28 -5.17 -19.82
CA SER P 338 -80.36 -4.82 -21.25
C SER P 338 -79.44 -3.66 -21.60
N SER P 339 -79.16 -2.77 -20.64
CA SER P 339 -78.29 -1.63 -20.92
C SER P 339 -76.84 -2.04 -21.11
N TYR P 340 -76.44 -3.22 -20.61
CA TYR P 340 -75.07 -3.70 -20.70
C TYR P 340 -74.83 -4.58 -21.91
N PHE P 341 -75.83 -4.73 -22.79
CA PHE P 341 -75.72 -5.57 -23.97
C PHE P 341 -76.07 -4.74 -25.19
N VAL P 342 -75.44 -5.09 -26.32
CA VAL P 342 -75.67 -4.34 -27.55
C VAL P 342 -77.08 -4.61 -28.06
N GLU P 343 -77.79 -3.55 -28.44
CA GLU P 343 -79.19 -3.68 -28.82
C GLU P 343 -79.37 -4.26 -30.21
N TRP P 344 -78.41 -4.05 -31.11
CA TRP P 344 -78.53 -4.53 -32.47
C TRP P 344 -78.12 -5.99 -32.62
N ILE P 345 -77.83 -6.69 -31.53
CA ILE P 345 -77.57 -8.12 -31.56
C ILE P 345 -78.49 -8.80 -30.54
N PRO P 346 -79.67 -9.24 -30.93
CA PRO P 346 -80.49 -10.04 -30.02
C PRO P 346 -79.83 -11.38 -29.75
N ASN P 347 -80.11 -11.93 -28.56
CA ASN P 347 -79.49 -13.17 -28.10
C ASN P 347 -77.97 -13.06 -28.10
N ASN P 348 -77.49 -12.17 -27.23
CA ASN P 348 -76.06 -11.90 -27.13
C ASN P 348 -75.27 -13.05 -26.58
N VAL P 349 -75.92 -14.08 -26.03
CA VAL P 349 -75.23 -15.17 -25.34
C VAL P 349 -75.13 -16.36 -26.27
N LYS P 350 -73.95 -16.95 -26.35
CA LYS P 350 -73.74 -18.25 -26.96
C LYS P 350 -73.53 -19.28 -25.86
N THR P 351 -74.34 -20.33 -25.85
CA THR P 351 -74.35 -21.31 -24.78
C THR P 351 -73.95 -22.68 -25.31
N ALA P 352 -73.00 -23.31 -24.63
CA ALA P 352 -72.63 -24.70 -24.89
C ALA P 352 -72.57 -25.44 -23.57
N VAL P 353 -72.96 -26.71 -23.59
CA VAL P 353 -73.01 -27.52 -22.38
C VAL P 353 -72.35 -28.85 -22.66
N CYS P 354 -71.31 -29.17 -21.89
CA CYS P 354 -70.69 -30.48 -21.88
C CYS P 354 -71.13 -31.25 -20.64
N ASP P 355 -70.88 -32.55 -20.65
CA ASP P 355 -71.31 -33.41 -19.55
C ASP P 355 -70.17 -33.88 -18.66
N ILE P 356 -68.93 -33.78 -19.11
CA ILE P 356 -67.77 -34.20 -18.33
C ILE P 356 -67.23 -32.96 -17.59
N PRO P 357 -67.36 -32.90 -16.27
CA PRO P 357 -66.91 -31.72 -15.54
C PRO P 357 -65.43 -31.83 -15.21
N PRO P 358 -64.81 -30.73 -14.78
CA PRO P 358 -63.42 -30.82 -14.31
C PRO P 358 -63.32 -31.67 -13.06
N ARG P 359 -62.15 -32.27 -12.88
CA ARG P 359 -61.93 -33.17 -11.76
C ARG P 359 -62.13 -32.46 -10.43
N GLY P 360 -62.89 -33.09 -9.53
CA GLY P 360 -63.17 -32.53 -8.23
C GLY P 360 -64.40 -31.66 -8.17
N LEU P 361 -64.99 -31.29 -9.30
CA LEU P 361 -66.19 -30.49 -9.34
C LEU P 361 -67.22 -31.18 -10.20
N LYS P 362 -68.49 -31.04 -9.83
CA LYS P 362 -69.56 -31.68 -10.58
C LYS P 362 -70.11 -30.82 -11.70
N MET P 363 -69.90 -29.50 -11.65
CA MET P 363 -70.23 -28.65 -12.78
C MET P 363 -69.33 -27.43 -12.74
N SER P 364 -69.03 -26.90 -13.93
CA SER P 364 -68.19 -25.72 -14.04
C SER P 364 -68.57 -24.96 -15.31
N ALA P 365 -68.26 -23.66 -15.31
CA ALA P 365 -68.55 -22.81 -16.44
C ALA P 365 -67.33 -21.98 -16.78
N THR P 366 -67.09 -21.80 -18.07
CA THR P 366 -66.04 -20.91 -18.56
C THR P 366 -66.70 -19.72 -19.23
N PHE P 367 -66.56 -18.54 -18.61
CA PHE P 367 -67.11 -17.32 -19.18
C PHE P 367 -66.14 -16.79 -20.22
N ILE P 368 -66.64 -16.52 -21.41
CA ILE P 368 -65.92 -15.81 -22.45
C ILE P 368 -66.84 -14.68 -22.88
N GLY P 369 -66.32 -13.46 -22.90
CA GLY P 369 -67.14 -12.33 -23.27
C GLY P 369 -66.43 -11.34 -24.17
N ASN P 370 -67.04 -11.03 -25.32
CA ASN P 370 -66.51 -10.02 -26.23
C ASN P 370 -67.18 -8.70 -25.88
N SER P 371 -66.55 -7.93 -25.00
CA SER P 371 -67.11 -6.69 -24.50
C SER P 371 -66.40 -5.50 -25.12
N THR P 372 -66.99 -4.33 -24.91
CA THR P 372 -66.37 -3.08 -25.33
C THR P 372 -65.46 -2.48 -24.27
N ALA P 373 -65.27 -3.18 -23.15
CA ALA P 373 -64.36 -2.72 -22.11
C ALA P 373 -62.90 -2.96 -22.46
N ILE P 374 -62.62 -3.72 -23.51
CA ILE P 374 -61.25 -3.86 -24.00
C ILE P 374 -60.69 -2.53 -24.47
N GLN P 375 -61.55 -1.57 -24.80
CA GLN P 375 -61.07 -0.30 -25.30
C GLN P 375 -60.21 0.42 -24.27
N GLU P 376 -60.59 0.36 -22.99
CA GLU P 376 -59.79 1.06 -21.98
C GLU P 376 -58.52 0.30 -21.64
N LEU P 377 -58.58 -1.04 -21.67
CA LEU P 377 -57.37 -1.84 -21.49
C LEU P 377 -56.35 -1.53 -22.57
N PHE P 378 -56.82 -1.23 -23.78
CA PHE P 378 -55.90 -0.85 -24.84
C PHE P 378 -55.51 0.62 -24.78
N LYS P 379 -56.40 1.49 -24.27
CA LYS P 379 -56.04 2.89 -24.11
C LYS P 379 -54.96 3.09 -23.07
N ARG P 380 -54.92 2.25 -22.03
CA ARG P 380 -53.84 2.34 -21.07
C ARG P 380 -52.49 2.10 -21.74
N ILE P 381 -52.41 1.02 -22.52
CA ILE P 381 -51.18 0.72 -23.25
C ILE P 381 -50.89 1.84 -24.25
N SER P 382 -51.92 2.36 -24.90
CA SER P 382 -51.74 3.40 -25.91
C SER P 382 -51.18 4.68 -25.28
N GLU P 383 -51.70 5.08 -24.12
CA GLU P 383 -51.21 6.31 -23.50
C GLU P 383 -49.83 6.13 -22.92
N GLN P 384 -49.52 4.94 -22.37
CA GLN P 384 -48.15 4.69 -21.93
C GLN P 384 -47.18 4.71 -23.10
N PHE P 385 -47.57 4.10 -24.22
CA PHE P 385 -46.75 4.13 -25.42
C PHE P 385 -46.54 5.55 -25.93
N THR P 386 -47.60 6.36 -25.91
CA THR P 386 -47.48 7.74 -26.35
C THR P 386 -46.56 8.54 -25.44
N ALA P 387 -46.67 8.31 -24.12
CA ALA P 387 -45.79 9.00 -23.19
C ALA P 387 -44.33 8.62 -23.43
N MET P 388 -44.06 7.34 -23.63
CA MET P 388 -42.69 6.90 -23.88
C MET P 388 -42.22 7.19 -25.30
N PHE P 389 -43.11 7.62 -26.20
CA PHE P 389 -42.74 7.75 -27.61
C PHE P 389 -42.52 9.20 -28.03
N ARG P 390 -43.13 10.18 -27.35
CA ARG P 390 -42.85 11.57 -27.68
C ARG P 390 -41.40 11.91 -27.43
N ARG P 391 -40.84 11.38 -26.36
CA ARG P 391 -39.49 11.71 -25.94
C ARG P 391 -38.45 10.73 -26.49
N LYS P 392 -38.86 9.85 -27.41
CA LYS P 392 -37.99 8.85 -28.01
C LYS P 392 -37.38 7.92 -26.97
N ALA P 393 -38.09 7.68 -25.87
CA ALA P 393 -37.54 6.89 -24.79
C ALA P 393 -37.35 5.44 -25.21
N PHE P 394 -36.15 4.91 -24.99
CA PHE P 394 -35.81 3.51 -25.24
C PHE P 394 -35.88 3.14 -26.72
N LEU P 395 -36.18 4.11 -27.60
CA LEU P 395 -36.20 3.81 -29.03
C LEU P 395 -34.85 3.43 -29.58
N HIS P 396 -33.76 3.83 -28.93
CA HIS P 396 -32.45 3.49 -29.48
C HIS P 396 -32.21 1.99 -29.47
N TRP P 397 -32.83 1.28 -28.52
CA TRP P 397 -32.74 -0.18 -28.50
C TRP P 397 -33.40 -0.79 -29.71
N TYR P 398 -34.70 -0.53 -29.89
CA TYR P 398 -35.44 -1.12 -31.00
C TYR P 398 -34.87 -0.68 -32.35
N THR P 399 -34.46 0.59 -32.46
CA THR P 399 -33.84 1.07 -33.69
C THR P 399 -32.45 0.48 -33.89
N GLY P 400 -31.81 -0.01 -32.83
CA GLY P 400 -30.46 -0.53 -32.98
C GLY P 400 -30.37 -1.76 -33.85
N GLU P 401 -31.44 -2.52 -33.98
CA GLU P 401 -31.45 -3.74 -34.79
C GLU P 401 -32.61 -3.79 -35.79
N GLY P 402 -32.77 -2.73 -36.57
CA GLY P 402 -33.54 -2.78 -37.80
C GLY P 402 -34.87 -2.06 -37.78
N MET P 403 -35.46 -1.86 -36.61
CA MET P 403 -36.76 -1.20 -36.58
C MET P 403 -36.59 0.29 -36.85
N ASP P 404 -37.72 0.95 -37.12
CA ASP P 404 -37.72 2.37 -37.43
C ASP P 404 -38.92 3.03 -36.78
N GLU P 405 -38.92 4.36 -36.79
CA GLU P 405 -39.97 5.11 -36.11
C GLU P 405 -41.34 4.86 -36.75
N MET P 406 -41.38 4.69 -38.07
CA MET P 406 -42.65 4.51 -38.75
C MET P 406 -43.37 3.24 -38.33
N GLU P 407 -42.63 2.18 -37.98
CA GLU P 407 -43.29 0.97 -37.50
C GLU P 407 -43.99 1.22 -36.17
N PHE P 408 -43.34 1.95 -35.27
CA PHE P 408 -44.00 2.32 -34.01
C PHE P 408 -45.21 3.20 -34.27
N THR P 409 -45.09 4.14 -35.21
CA THR P 409 -46.21 5.01 -35.53
C THR P 409 -47.39 4.22 -36.07
N GLU P 410 -47.13 3.25 -36.95
CA GLU P 410 -48.22 2.46 -37.50
C GLU P 410 -48.83 1.52 -36.48
N ALA P 411 -48.02 1.01 -35.54
CA ALA P 411 -48.57 0.18 -34.47
C ALA P 411 -49.49 1.00 -33.58
N GLU P 412 -49.06 2.21 -33.21
CA GLU P 412 -49.93 3.08 -32.41
C GLU P 412 -51.19 3.45 -33.17
N SER P 413 -51.06 3.74 -34.46
CA SER P 413 -52.24 4.08 -35.26
C SER P 413 -53.22 2.92 -35.32
N ASN P 414 -52.71 1.69 -35.48
CA ASN P 414 -53.58 0.53 -35.52
C ASN P 414 -54.29 0.32 -34.19
N MET P 415 -53.58 0.46 -33.08
CA MET P 415 -54.23 0.31 -31.78
C MET P 415 -55.28 1.39 -31.56
N ASN P 416 -54.97 2.64 -31.94
CA ASN P 416 -55.95 3.71 -31.80
C ASN P 416 -57.18 3.44 -32.66
N ASP P 417 -56.98 2.92 -33.87
CA ASP P 417 -58.11 2.60 -34.74
C ASP P 417 -58.98 1.51 -34.13
N LEU P 418 -58.36 0.49 -33.54
CA LEU P 418 -59.15 -0.57 -32.91
C LEU P 418 -59.91 -0.05 -31.70
N VAL P 419 -59.29 0.82 -30.90
CA VAL P 419 -60.00 1.42 -29.78
C VAL P 419 -61.18 2.24 -30.29
N SER P 420 -60.98 3.00 -31.37
CA SER P 420 -62.05 3.82 -31.91
C SER P 420 -63.21 2.98 -32.42
N GLU P 421 -62.90 1.83 -33.04
CA GLU P 421 -64.00 1.00 -33.55
C GLU P 421 -64.73 0.28 -32.43
N TYR P 422 -64.04 -0.13 -31.37
CA TYR P 422 -64.75 -0.61 -30.18
C TYR P 422 -65.66 0.46 -29.61
N GLN P 423 -65.18 1.71 -29.54
CA GLN P 423 -66.02 2.80 -29.07
C GLN P 423 -67.22 2.99 -29.98
N GLN P 424 -67.01 2.89 -31.29
CA GLN P 424 -68.08 3.09 -32.26
C GLN P 424 -69.18 2.04 -32.09
N TYR P 425 -68.79 0.77 -32.02
CA TYR P 425 -69.79 -0.28 -31.83
C TYR P 425 -70.32 -0.36 -30.42
N GLN P 426 -69.70 0.34 -29.46
CA GLN P 426 -70.32 0.46 -28.14
C GLN P 426 -71.52 1.39 -28.18
N ASP P 427 -71.42 2.50 -28.92
CA ASP P 427 -72.46 3.53 -28.99
C ASP P 427 -72.85 4.03 -27.60
N MET Q 1 -95.19 -53.22 -47.09
CA MET Q 1 -94.95 -51.95 -47.75
C MET Q 1 -95.00 -50.79 -46.77
N ARG Q 2 -95.58 -49.68 -47.22
CA ARG Q 2 -95.78 -48.45 -46.46
C ARG Q 2 -94.56 -48.07 -45.60
N GLU Q 3 -93.37 -48.21 -46.16
CA GLU Q 3 -92.15 -47.87 -45.45
C GLU Q 3 -91.90 -46.37 -45.47
N CYS Q 4 -91.21 -45.88 -44.45
CA CYS Q 4 -90.78 -44.49 -44.36
C CYS Q 4 -89.32 -44.44 -43.97
N ILE Q 5 -88.60 -43.45 -44.49
CA ILE Q 5 -87.17 -43.28 -44.23
C ILE Q 5 -86.99 -42.05 -43.34
N SER Q 6 -86.29 -42.22 -42.23
CA SER Q 6 -86.05 -41.15 -41.29
C SER Q 6 -84.63 -40.64 -41.45
N ILE Q 7 -84.48 -39.35 -41.70
CA ILE Q 7 -83.19 -38.70 -41.84
C ILE Q 7 -82.99 -37.80 -40.64
N HIS Q 8 -81.89 -37.99 -39.93
CA HIS Q 8 -81.55 -37.19 -38.75
C HIS Q 8 -80.26 -36.45 -39.03
N VAL Q 9 -80.34 -35.14 -39.19
CA VAL Q 9 -79.19 -34.31 -39.49
C VAL Q 9 -79.02 -33.28 -38.38
N GLY Q 10 -77.77 -33.02 -38.03
CA GLY Q 10 -77.46 -32.12 -36.94
C GLY Q 10 -77.54 -32.82 -35.59
N GLN Q 11 -77.04 -32.13 -34.57
CA GLN Q 11 -77.05 -32.69 -33.22
C GLN Q 11 -78.48 -32.89 -32.73
N ALA Q 12 -79.33 -31.88 -32.93
CA ALA Q 12 -80.71 -31.99 -32.50
C ALA Q 12 -81.42 -33.12 -33.24
N GLY Q 13 -81.21 -33.23 -34.54
CA GLY Q 13 -81.82 -34.31 -35.30
C GLY Q 13 -81.35 -35.67 -34.83
N VAL Q 14 -80.06 -35.81 -34.55
CA VAL Q 14 -79.53 -37.11 -34.13
C VAL Q 14 -80.06 -37.49 -32.75
N GLN Q 15 -80.13 -36.53 -31.83
CA GLN Q 15 -80.64 -36.85 -30.50
C GLN Q 15 -82.14 -37.16 -30.53
N ILE Q 16 -82.90 -36.40 -31.32
CA ILE Q 16 -84.32 -36.70 -31.47
C ILE Q 16 -84.51 -38.05 -32.14
N GLY Q 17 -83.61 -38.40 -33.06
CA GLY Q 17 -83.66 -39.73 -33.67
C GLY Q 17 -83.35 -40.84 -32.69
N ASN Q 18 -82.41 -40.60 -31.78
CA ASN Q 18 -82.14 -41.57 -30.72
C ASN Q 18 -83.39 -41.80 -29.88
N ALA Q 19 -84.06 -40.71 -29.51
CA ALA Q 19 -85.30 -40.84 -28.75
C ALA Q 19 -86.37 -41.58 -29.56
N CYS Q 20 -86.51 -41.23 -30.83
CA CYS Q 20 -87.52 -41.85 -31.68
C CYS Q 20 -87.27 -43.35 -31.84
N TRP Q 21 -86.02 -43.74 -32.03
CA TRP Q 21 -85.72 -45.15 -32.24
C TRP Q 21 -85.83 -45.96 -30.96
N GLU Q 22 -85.47 -45.36 -29.82
CA GLU Q 22 -85.78 -46.01 -28.55
C GLU Q 22 -87.28 -46.23 -28.42
N LEU Q 23 -88.08 -45.21 -28.75
CA LEU Q 23 -89.53 -45.33 -28.64
C LEU Q 23 -90.08 -46.41 -29.57
N TYR Q 24 -89.57 -46.45 -30.81
CA TYR Q 24 -90.08 -47.42 -31.77
C TYR Q 24 -89.67 -48.84 -31.42
N CYS Q 25 -88.44 -49.02 -30.93
CA CYS Q 25 -88.02 -50.34 -30.48
C CYS Q 25 -88.85 -50.81 -29.30
N LEU Q 26 -89.20 -49.89 -28.39
CA LEU Q 26 -90.12 -50.25 -27.32
C LEU Q 26 -91.49 -50.62 -27.85
N GLU Q 27 -91.98 -49.87 -28.84
CA GLU Q 27 -93.33 -50.10 -29.35
C GLU Q 27 -93.45 -51.44 -30.06
N HIS Q 28 -92.53 -51.73 -30.98
CA HIS Q 28 -92.61 -52.93 -31.80
C HIS Q 28 -91.97 -54.15 -31.13
N GLY Q 29 -91.42 -54.00 -29.94
CA GLY Q 29 -90.79 -55.11 -29.26
C GLY Q 29 -89.37 -55.40 -29.68
N ILE Q 30 -88.77 -54.55 -30.52
CA ILE Q 30 -87.38 -54.76 -30.93
C ILE Q 30 -86.46 -54.48 -29.76
N GLN Q 31 -85.55 -55.41 -29.48
CA GLN Q 31 -84.53 -55.19 -28.48
C GLN Q 31 -83.47 -54.24 -29.04
N PRO Q 32 -82.69 -53.60 -28.17
CA PRO Q 32 -81.67 -52.67 -28.67
C PRO Q 32 -80.64 -53.30 -29.59
N ASP Q 33 -80.36 -54.60 -29.44
CA ASP Q 33 -79.38 -55.26 -30.28
C ASP Q 33 -79.99 -55.83 -31.56
N GLY Q 34 -81.27 -55.61 -31.80
CA GLY Q 34 -81.88 -55.91 -33.08
C GLY Q 34 -82.62 -57.22 -33.21
N GLN Q 35 -82.86 -57.94 -32.11
CA GLN Q 35 -83.61 -59.19 -32.16
C GLN Q 35 -84.95 -59.03 -31.49
N MET Q 36 -85.96 -59.69 -32.06
CA MET Q 36 -87.29 -59.70 -31.47
C MET Q 36 -87.48 -61.02 -30.72
N PRO Q 37 -87.58 -61.01 -29.39
CA PRO Q 37 -87.77 -62.24 -28.62
C PRO Q 37 -89.21 -62.74 -28.64
N ASP Q 47 -94.62 -58.13 -40.28
CA ASP Q 47 -95.79 -57.65 -39.55
C ASP Q 47 -95.96 -56.14 -39.68
N SER Q 48 -96.10 -55.47 -38.55
CA SER Q 48 -96.35 -54.04 -38.51
C SER Q 48 -95.08 -53.22 -38.33
N PHE Q 49 -93.92 -53.85 -38.16
CA PHE Q 49 -92.67 -53.13 -38.04
C PHE Q 49 -92.06 -52.75 -39.38
N ASN Q 50 -92.66 -53.20 -40.48
CA ASN Q 50 -92.09 -52.96 -41.80
C ASN Q 50 -92.12 -51.49 -42.21
N THR Q 51 -92.88 -50.65 -41.50
CA THR Q 51 -92.87 -49.22 -41.81
C THR Q 51 -91.50 -48.61 -41.53
N PHE Q 52 -90.88 -48.98 -40.40
CA PHE Q 52 -89.62 -48.37 -40.00
C PHE Q 52 -88.45 -49.34 -39.92
N PHE Q 53 -88.69 -50.61 -39.65
CA PHE Q 53 -87.61 -51.60 -39.50
C PHE Q 53 -87.69 -52.59 -40.64
N SER Q 54 -86.54 -52.92 -41.21
CA SER Q 54 -86.43 -53.94 -42.25
C SER Q 54 -85.74 -55.16 -41.67
N GLU Q 55 -86.41 -56.31 -41.72
CA GLU Q 55 -85.83 -57.54 -41.22
C GLU Q 55 -84.71 -57.99 -42.13
N THR Q 56 -83.54 -58.26 -41.55
CA THR Q 56 -82.36 -58.61 -42.32
C THR Q 56 -81.85 -59.98 -41.88
N GLY Q 57 -81.64 -60.86 -42.85
CA GLY Q 57 -81.14 -62.19 -42.56
C GLY Q 57 -82.08 -63.00 -41.71
N ALA Q 58 -81.63 -63.36 -40.51
CA ALA Q 58 -82.41 -64.20 -39.60
C ALA Q 58 -82.49 -63.51 -38.25
N GLY Q 59 -83.69 -63.05 -37.89
CA GLY Q 59 -83.91 -62.45 -36.58
C GLY Q 59 -83.13 -61.18 -36.33
N LYS Q 60 -82.98 -60.35 -37.36
CA LYS Q 60 -82.30 -59.07 -37.23
C LYS Q 60 -83.12 -58.02 -37.96
N HIS Q 61 -83.49 -56.95 -37.25
CA HIS Q 61 -84.23 -55.83 -37.83
C HIS Q 61 -83.34 -54.60 -37.76
N VAL Q 62 -83.12 -53.97 -38.90
CA VAL Q 62 -82.34 -52.74 -38.99
C VAL Q 62 -83.27 -51.61 -39.39
N PRO Q 63 -83.30 -50.51 -38.66
CA PRO Q 63 -84.24 -49.44 -38.97
C PRO Q 63 -83.92 -48.74 -40.27
N ARG Q 64 -84.97 -48.25 -40.92
CA ARG Q 64 -84.82 -47.47 -42.16
C ARG Q 64 -84.49 -46.03 -41.80
N ALA Q 65 -83.29 -45.85 -41.27
CA ALA Q 65 -82.83 -44.56 -40.80
C ALA Q 65 -81.54 -44.18 -41.49
N VAL Q 66 -81.11 -42.95 -41.21
CA VAL Q 66 -79.79 -42.47 -41.61
C VAL Q 66 -79.42 -41.32 -40.68
N PHE Q 67 -78.21 -41.36 -40.16
CA PHE Q 67 -77.73 -40.40 -39.17
C PHE Q 67 -76.53 -39.68 -39.75
N VAL Q 68 -76.72 -38.40 -40.10
CA VAL Q 68 -75.68 -37.62 -40.74
C VAL Q 68 -75.38 -36.39 -39.91
N ASP Q 69 -74.11 -36.19 -39.59
CA ASP Q 69 -73.67 -34.98 -38.90
C ASP Q 69 -72.26 -34.66 -39.37
N LEU Q 70 -71.93 -33.37 -39.32
CA LEU Q 70 -70.62 -32.92 -39.75
C LEU Q 70 -69.56 -33.06 -38.67
N GLU Q 71 -69.94 -33.49 -37.47
CA GLU Q 71 -69.01 -33.78 -36.40
C GLU Q 71 -69.16 -35.23 -35.98
N PRO Q 72 -68.09 -35.86 -35.50
CA PRO Q 72 -68.17 -37.30 -35.23
C PRO Q 72 -68.82 -37.64 -33.91
N THR Q 73 -68.68 -36.77 -32.92
CA THR Q 73 -68.95 -37.16 -31.53
C THR Q 73 -70.42 -37.50 -31.32
N VAL Q 74 -71.34 -36.70 -31.87
CA VAL Q 74 -72.76 -36.89 -31.63
C VAL Q 74 -73.22 -38.23 -32.21
N ILE Q 75 -72.72 -38.58 -33.39
CA ILE Q 75 -72.93 -39.94 -33.89
C ILE Q 75 -72.17 -40.93 -33.04
N ASP Q 76 -71.04 -40.51 -32.46
CA ASP Q 76 -70.16 -41.46 -31.78
C ASP Q 76 -70.75 -42.03 -30.50
N GLU Q 77 -71.55 -41.28 -29.73
CA GLU Q 77 -72.15 -41.96 -28.58
C GLU Q 77 -73.18 -42.97 -29.04
N VAL Q 78 -73.77 -42.76 -30.22
CA VAL Q 78 -74.69 -43.74 -30.78
C VAL Q 78 -73.93 -44.98 -31.24
N ARG Q 79 -72.75 -44.79 -31.84
CA ARG Q 79 -71.97 -45.91 -32.32
C ARG Q 79 -71.43 -46.78 -31.20
N THR Q 80 -71.37 -46.25 -29.97
CA THR Q 80 -70.83 -46.99 -28.83
C THR Q 80 -71.83 -47.09 -27.69
N GLY Q 81 -73.07 -46.68 -27.89
CA GLY Q 81 -74.07 -46.69 -26.86
C GLY Q 81 -74.85 -47.99 -26.81
N THR Q 82 -76.06 -47.92 -26.25
CA THR Q 82 -76.89 -49.10 -26.13
C THR Q 82 -77.38 -49.60 -27.48
N TYR Q 83 -77.62 -48.70 -28.42
CA TYR Q 83 -78.13 -49.05 -29.74
C TYR Q 83 -77.03 -49.12 -30.79
N ARG Q 84 -75.84 -49.55 -30.39
CA ARG Q 84 -74.74 -49.66 -31.34
C ARG Q 84 -74.97 -50.79 -32.33
N GLN Q 85 -75.72 -51.81 -31.95
CA GLN Q 85 -75.98 -52.95 -32.81
C GLN Q 85 -77.31 -52.87 -33.55
N LEU Q 86 -78.16 -51.90 -33.20
CA LEU Q 86 -79.36 -51.66 -33.98
C LEU Q 86 -79.03 -51.16 -35.37
N PHE Q 87 -77.98 -50.35 -35.48
CA PHE Q 87 -77.56 -49.75 -36.73
C PHE Q 87 -76.36 -50.49 -37.29
N HIS Q 88 -75.89 -50.04 -38.44
CA HIS Q 88 -74.58 -50.41 -38.95
C HIS Q 88 -73.93 -49.20 -39.61
N PRO Q 89 -72.60 -49.10 -39.61
CA PRO Q 89 -71.96 -47.78 -39.77
C PRO Q 89 -72.23 -47.05 -41.08
N GLU Q 90 -73.03 -47.61 -41.99
CA GLU Q 90 -73.25 -46.92 -43.25
C GLU Q 90 -74.38 -45.90 -43.21
N GLN Q 91 -75.42 -46.11 -42.40
CA GLN Q 91 -76.38 -45.04 -42.19
C GLN Q 91 -76.03 -44.14 -41.01
N LEU Q 92 -74.90 -44.36 -40.34
CA LEU Q 92 -74.34 -43.43 -39.39
C LEU Q 92 -73.16 -42.73 -40.07
N ILE Q 93 -73.35 -41.47 -40.44
CA ILE Q 93 -72.39 -40.74 -41.24
C ILE Q 93 -71.84 -39.58 -40.43
N THR Q 94 -70.53 -39.45 -40.39
CA THR Q 94 -69.84 -38.35 -39.73
C THR Q 94 -68.94 -37.63 -40.70
N GLY Q 95 -68.88 -36.31 -40.58
CA GLY Q 95 -67.94 -35.50 -41.33
C GLY Q 95 -66.65 -35.31 -40.58
N LYS Q 96 -65.97 -34.22 -40.89
CA LYS Q 96 -64.73 -33.86 -40.21
C LYS Q 96 -64.88 -32.64 -39.32
N GLU Q 97 -65.41 -31.54 -39.85
CA GLU Q 97 -65.55 -30.30 -39.11
C GLU Q 97 -67.01 -29.89 -39.05
N ASP Q 98 -67.43 -29.42 -37.88
CA ASP Q 98 -68.77 -28.92 -37.69
C ASP Q 98 -69.03 -27.70 -38.57
N ALA Q 99 -70.30 -27.53 -38.96
CA ALA Q 99 -70.68 -26.34 -39.72
C ALA Q 99 -70.49 -25.06 -38.91
N ALA Q 100 -70.40 -25.18 -37.59
CA ALA Q 100 -70.17 -24.04 -36.70
C ALA Q 100 -71.24 -22.97 -36.88
N ASN Q 101 -72.49 -23.39 -36.67
CA ASN Q 101 -73.65 -22.49 -36.71
C ASN Q 101 -73.68 -21.65 -37.98
N ASN Q 102 -73.04 -22.14 -39.05
CA ASN Q 102 -73.01 -21.46 -40.33
C ASN Q 102 -73.87 -22.23 -41.32
N TYR Q 103 -74.91 -21.58 -41.82
CA TYR Q 103 -75.64 -22.15 -42.95
C TYR Q 103 -74.73 -22.31 -44.14
N ALA Q 104 -73.82 -21.34 -44.33
CA ALA Q 104 -72.91 -21.38 -45.46
C ALA Q 104 -71.99 -22.59 -45.41
N ARG Q 105 -71.43 -22.87 -44.23
CA ARG Q 105 -70.51 -24.00 -44.12
C ARG Q 105 -71.23 -25.32 -44.35
N GLY Q 106 -72.42 -25.49 -43.77
CA GLY Q 106 -73.17 -26.70 -43.97
C GLY Q 106 -73.73 -26.86 -45.37
N HIS Q 107 -73.88 -25.77 -46.10
CA HIS Q 107 -74.49 -25.82 -47.43
C HIS Q 107 -73.46 -25.93 -48.55
N TYR Q 108 -72.32 -25.26 -48.43
CA TYR Q 108 -71.37 -25.14 -49.53
C TYR Q 108 -70.05 -25.83 -49.26
N THR Q 109 -69.37 -25.49 -48.17
CA THR Q 109 -67.98 -25.92 -48.01
C THR Q 109 -67.88 -27.34 -47.44
N ILE Q 110 -68.75 -27.71 -46.52
CA ILE Q 110 -68.66 -29.00 -45.87
C ILE Q 110 -69.71 -29.95 -46.42
N GLY Q 111 -70.86 -29.40 -46.79
CA GLY Q 111 -71.93 -30.23 -47.29
C GLY Q 111 -71.60 -30.92 -48.60
N LYS Q 112 -70.76 -30.29 -49.43
CA LYS Q 112 -70.56 -30.79 -50.78
C LYS Q 112 -69.81 -32.12 -50.83
N GLU Q 113 -68.99 -32.43 -49.83
CA GLU Q 113 -68.24 -33.68 -49.84
C GLU Q 113 -68.87 -34.75 -48.96
N ILE Q 114 -70.10 -34.55 -48.50
CA ILE Q 114 -70.79 -35.54 -47.70
C ILE Q 114 -72.20 -35.74 -48.24
N ILE Q 115 -72.63 -34.87 -49.15
CA ILE Q 115 -73.98 -34.97 -49.69
C ILE Q 115 -74.12 -36.20 -50.58
N ASP Q 116 -73.09 -36.55 -51.33
CA ASP Q 116 -73.17 -37.72 -52.20
C ASP Q 116 -73.30 -39.01 -51.40
N LEU Q 117 -72.59 -39.10 -50.28
CA LEU Q 117 -72.60 -40.33 -49.50
C LEU Q 117 -73.97 -40.53 -48.82
N VAL Q 118 -74.52 -39.48 -48.22
CA VAL Q 118 -75.86 -39.59 -47.68
C VAL Q 118 -76.88 -39.85 -48.79
N LEU Q 119 -76.66 -39.26 -49.97
CA LEU Q 119 -77.61 -39.43 -51.06
C LEU Q 119 -77.66 -40.88 -51.51
N ASP Q 120 -76.50 -41.51 -51.70
CA ASP Q 120 -76.53 -42.90 -52.16
C ASP Q 120 -76.87 -43.88 -51.03
N ARG Q 121 -76.61 -43.52 -49.77
CA ARG Q 121 -77.15 -44.33 -48.67
C ARG Q 121 -78.68 -44.28 -48.67
N ILE Q 122 -79.26 -43.10 -48.90
CA ILE Q 122 -80.71 -43.00 -49.00
C ILE Q 122 -81.21 -43.77 -50.21
N ARG Q 123 -80.43 -43.78 -51.29
CA ARG Q 123 -80.80 -44.56 -52.46
C ARG Q 123 -80.84 -46.06 -52.15
N LYS Q 124 -79.81 -46.56 -51.46
CA LYS Q 124 -79.77 -47.98 -51.12
C LYS Q 124 -80.79 -48.32 -50.05
N LEU Q 125 -81.24 -47.34 -49.28
CA LEU Q 125 -82.27 -47.60 -48.28
C LEU Q 125 -83.67 -47.52 -48.87
N ALA Q 126 -83.83 -46.77 -49.96
CA ALA Q 126 -85.13 -46.61 -50.60
C ALA Q 126 -85.41 -47.65 -51.66
N ASP Q 127 -84.40 -48.09 -52.41
CA ASP Q 127 -84.63 -49.14 -53.38
C ASP Q 127 -84.90 -50.48 -52.71
N GLN Q 128 -84.53 -50.62 -51.45
CA GLN Q 128 -84.82 -51.86 -50.72
C GLN Q 128 -86.31 -52.03 -50.48
N CYS Q 129 -86.98 -50.99 -50.02
CA CYS Q 129 -88.41 -51.06 -49.76
C CYS Q 129 -89.20 -50.91 -51.05
N THR Q 130 -90.46 -51.36 -51.00
CA THR Q 130 -91.33 -51.35 -52.17
C THR Q 130 -92.50 -50.38 -52.07
N GLY Q 131 -92.78 -49.85 -50.88
CA GLY Q 131 -93.92 -48.99 -50.71
C GLY Q 131 -93.60 -47.68 -50.01
N LEU Q 132 -92.46 -47.09 -50.34
CA LEU Q 132 -91.97 -45.90 -49.67
C LEU Q 132 -92.96 -44.75 -49.72
N GLN Q 133 -93.51 -44.36 -48.56
CA GLN Q 133 -94.42 -43.22 -48.53
C GLN Q 133 -93.66 -41.90 -48.64
N GLY Q 134 -92.50 -41.80 -47.99
CA GLY Q 134 -91.76 -40.57 -48.04
C GLY Q 134 -90.62 -40.56 -47.03
N PHE Q 135 -90.27 -39.35 -46.61
CA PHE Q 135 -89.09 -39.14 -45.78
C PHE Q 135 -89.46 -38.33 -44.55
N LEU Q 136 -88.74 -38.59 -43.45
CA LEU Q 136 -88.83 -37.81 -42.22
C LEU Q 136 -87.46 -37.20 -41.97
N VAL Q 137 -87.37 -35.88 -42.05
CA VAL Q 137 -86.12 -35.16 -41.86
C VAL Q 137 -86.19 -34.40 -40.54
N PHE Q 138 -85.22 -34.64 -39.66
CA PHE Q 138 -85.18 -34.05 -38.34
C PHE Q 138 -83.97 -33.13 -38.24
N HIS Q 139 -84.18 -31.92 -37.74
CA HIS Q 139 -83.11 -30.94 -37.64
C HIS Q 139 -83.60 -29.74 -36.83
N SER Q 140 -82.75 -28.73 -36.73
CA SER Q 140 -83.09 -27.43 -36.17
C SER Q 140 -82.91 -26.37 -37.26
N PHE Q 141 -83.39 -25.17 -36.98
CA PHE Q 141 -83.13 -24.04 -37.87
C PHE Q 141 -81.95 -23.19 -37.42
N GLY Q 142 -81.62 -23.21 -36.12
CA GLY Q 142 -80.52 -22.39 -35.64
C GLY Q 142 -79.16 -22.97 -35.94
N GLY Q 143 -79.04 -24.28 -35.98
CA GLY Q 143 -77.75 -24.90 -36.22
C GLY Q 143 -77.28 -24.71 -37.64
N GLY Q 144 -75.97 -24.70 -37.82
CA GLY Q 144 -75.41 -24.60 -39.15
C GLY Q 144 -75.69 -25.84 -39.99
N THR Q 145 -75.49 -27.02 -39.41
CA THR Q 145 -75.78 -28.25 -40.14
C THR Q 145 -77.27 -28.37 -40.43
N GLY Q 146 -78.11 -28.25 -39.40
CA GLY Q 146 -79.53 -28.45 -39.53
C GLY Q 146 -80.22 -27.47 -40.44
N SER Q 147 -79.55 -26.35 -40.77
CA SER Q 147 -80.05 -25.44 -41.78
C SER Q 147 -79.41 -25.71 -43.14
N GLY Q 148 -78.09 -25.57 -43.24
CA GLY Q 148 -77.45 -25.64 -44.54
C GLY Q 148 -77.48 -27.02 -45.15
N PHE Q 149 -77.06 -28.03 -44.39
CA PHE Q 149 -77.01 -29.37 -44.97
C PHE Q 149 -78.41 -29.91 -45.19
N THR Q 150 -79.37 -29.53 -44.35
CA THR Q 150 -80.75 -29.90 -44.61
C THR Q 150 -81.26 -29.26 -45.90
N SER Q 151 -80.91 -27.99 -46.14
CA SER Q 151 -81.31 -27.35 -47.39
C SER Q 151 -80.73 -28.09 -48.58
N LEU Q 152 -79.44 -28.42 -48.52
CA LEU Q 152 -78.80 -29.16 -49.61
C LEU Q 152 -79.45 -30.52 -49.81
N LEU Q 153 -79.71 -31.24 -48.72
CA LEU Q 153 -80.27 -32.58 -48.80
C LEU Q 153 -81.68 -32.54 -49.36
N MET Q 154 -82.48 -31.53 -48.99
CA MET Q 154 -83.83 -31.44 -49.52
C MET Q 154 -83.81 -31.02 -50.98
N GLU Q 155 -82.84 -30.20 -51.39
CA GLU Q 155 -82.62 -29.95 -52.82
C GLU Q 155 -82.42 -31.27 -53.56
N ARG Q 156 -81.50 -32.10 -53.06
CA ARG Q 156 -81.19 -33.35 -53.74
C ARG Q 156 -82.39 -34.29 -53.74
N LEU Q 157 -83.11 -34.38 -52.62
CA LEU Q 157 -84.26 -35.26 -52.53
C LEU Q 157 -85.38 -34.80 -53.46
N SER Q 158 -85.60 -33.49 -53.57
CA SER Q 158 -86.62 -32.99 -54.47
C SER Q 158 -86.25 -33.25 -55.93
N VAL Q 159 -84.98 -33.05 -56.29
CA VAL Q 159 -84.60 -33.24 -57.69
C VAL Q 159 -84.52 -34.72 -58.04
N ASP Q 160 -84.34 -35.61 -57.05
CA ASP Q 160 -84.21 -37.03 -57.34
C ASP Q 160 -85.55 -37.76 -57.24
N TYR Q 161 -86.19 -37.71 -56.06
CA TYR Q 161 -87.42 -38.46 -55.86
C TYR Q 161 -88.64 -37.73 -56.39
N GLY Q 162 -88.77 -36.43 -56.09
CA GLY Q 162 -89.79 -35.62 -56.70
C GLY Q 162 -91.14 -35.70 -56.02
N LYS Q 163 -92.06 -36.48 -56.61
CA LYS Q 163 -93.43 -36.57 -56.11
C LYS Q 163 -93.52 -37.24 -54.75
N LYS Q 164 -92.46 -37.90 -54.30
CA LYS Q 164 -92.48 -38.58 -53.02
C LYS Q 164 -92.57 -37.55 -51.90
N SER Q 165 -93.35 -37.89 -50.87
CA SER Q 165 -93.58 -36.96 -49.78
C SER Q 165 -92.30 -36.73 -48.97
N LYS Q 166 -92.21 -35.55 -48.36
CA LYS Q 166 -91.06 -35.19 -47.52
C LYS Q 166 -91.58 -34.46 -46.29
N LEU Q 167 -91.86 -35.22 -45.23
CA LEU Q 167 -92.28 -34.63 -43.97
C LEU Q 167 -91.06 -34.10 -43.23
N GLU Q 168 -91.22 -32.95 -42.60
CA GLU Q 168 -90.11 -32.23 -42.00
C GLU Q 168 -90.43 -31.92 -40.55
N PHE Q 169 -89.50 -32.22 -39.65
CA PHE Q 169 -89.60 -31.87 -38.25
C PHE Q 169 -88.49 -30.89 -37.89
N SER Q 170 -88.85 -29.81 -37.21
CA SER Q 170 -87.92 -28.73 -36.94
C SER Q 170 -87.94 -28.36 -35.47
N ILE Q 171 -86.84 -27.78 -35.02
CA ILE Q 171 -86.80 -27.11 -33.73
C ILE Q 171 -86.68 -25.62 -33.98
N TYR Q 172 -87.83 -24.94 -34.03
CA TYR Q 172 -87.83 -23.51 -34.28
C TYR Q 172 -87.11 -22.76 -33.15
N PRO Q 173 -86.32 -21.74 -33.48
CA PRO Q 173 -85.78 -20.88 -32.43
C PRO Q 173 -86.88 -20.18 -31.66
N ALA Q 174 -86.68 -20.05 -30.36
CA ALA Q 174 -87.66 -19.43 -29.49
C ALA Q 174 -87.60 -17.91 -29.59
N PRO Q 175 -88.67 -17.22 -29.20
CA PRO Q 175 -88.58 -15.76 -29.10
C PRO Q 175 -87.49 -15.30 -28.14
N GLN Q 176 -87.28 -16.02 -27.06
CA GLN Q 176 -86.33 -15.60 -26.04
C GLN Q 176 -85.30 -16.65 -25.67
N VAL Q 177 -85.68 -17.93 -25.62
CA VAL Q 177 -84.77 -19.00 -25.23
C VAL Q 177 -83.97 -19.37 -26.48
N SER Q 178 -82.81 -18.74 -26.64
CA SER Q 178 -81.96 -19.02 -27.78
C SER Q 178 -80.53 -19.21 -27.32
N THR Q 179 -79.80 -20.08 -28.01
CA THR Q 179 -78.44 -20.44 -27.63
C THR Q 179 -77.39 -20.11 -28.68
N ALA Q 180 -77.79 -19.58 -29.84
CA ALA Q 180 -76.84 -19.21 -30.88
C ALA Q 180 -77.06 -17.75 -31.25
N VAL Q 181 -75.96 -17.01 -31.37
CA VAL Q 181 -76.04 -15.60 -31.74
C VAL Q 181 -76.46 -15.45 -33.20
N VAL Q 182 -75.99 -16.34 -34.07
CA VAL Q 182 -76.25 -16.23 -35.51
C VAL Q 182 -77.49 -17.05 -35.87
N GLU Q 183 -78.29 -17.39 -34.87
CA GLU Q 183 -79.47 -18.24 -35.10
C GLU Q 183 -80.47 -17.65 -36.07
N PRO Q 184 -80.86 -16.36 -35.98
CA PRO Q 184 -81.81 -15.84 -36.98
C PRO Q 184 -81.30 -15.89 -38.40
N TYR Q 185 -80.00 -15.72 -38.62
CA TYR Q 185 -79.45 -15.80 -39.96
C TYR Q 185 -79.70 -17.17 -40.56
N ASN Q 186 -79.34 -18.22 -39.82
CA ASN Q 186 -79.53 -19.59 -40.31
C ASN Q 186 -81.02 -19.89 -40.49
N SER Q 187 -81.86 -19.42 -39.57
CA SER Q 187 -83.29 -19.71 -39.67
C SER Q 187 -83.90 -19.06 -40.90
N ILE Q 188 -83.49 -17.83 -41.22
CA ILE Q 188 -84.00 -17.17 -42.41
C ILE Q 188 -83.44 -17.83 -43.67
N LEU Q 189 -82.19 -18.29 -43.61
CA LEU Q 189 -81.59 -18.88 -44.81
C LEU Q 189 -82.18 -20.25 -45.14
N THR Q 190 -82.50 -21.06 -44.13
CA THR Q 190 -82.96 -22.41 -44.42
C THR Q 190 -84.39 -22.43 -44.97
N THR Q 191 -85.23 -21.51 -44.52
CA THR Q 191 -86.61 -21.50 -44.97
C THR Q 191 -86.75 -21.15 -46.44
N HIS Q 192 -85.78 -20.43 -47.01
CA HIS Q 192 -85.85 -20.07 -48.43
C HIS Q 192 -85.84 -21.29 -49.33
N THR Q 193 -85.35 -22.43 -48.86
CA THR Q 193 -85.47 -23.69 -49.58
C THR Q 193 -86.47 -24.64 -48.95
N THR Q 194 -86.67 -24.56 -47.64
CA THR Q 194 -87.70 -25.37 -47.00
C THR Q 194 -89.09 -25.03 -47.54
N LEU Q 195 -89.27 -23.81 -48.07
CA LEU Q 195 -90.57 -23.42 -48.62
C LEU Q 195 -90.94 -24.29 -49.82
N GLU Q 196 -90.04 -24.40 -50.79
CA GLU Q 196 -90.36 -25.09 -52.03
C GLU Q 196 -89.87 -26.52 -52.08
N HIS Q 197 -89.22 -27.01 -51.02
CA HIS Q 197 -88.75 -28.39 -51.04
C HIS Q 197 -89.35 -29.27 -49.96
N SER Q 198 -90.22 -28.75 -49.10
CA SER Q 198 -90.87 -29.53 -48.07
C SER Q 198 -92.36 -29.59 -48.33
N ASP Q 199 -92.93 -30.79 -48.34
CA ASP Q 199 -94.37 -30.93 -48.51
C ASP Q 199 -95.13 -30.56 -47.24
N CYS Q 200 -94.57 -30.84 -46.07
CA CYS Q 200 -95.19 -30.45 -44.81
C CYS Q 200 -94.09 -30.27 -43.77
N ALA Q 201 -94.13 -29.14 -43.07
CA ALA Q 201 -93.07 -28.76 -42.14
C ALA Q 201 -93.67 -28.50 -40.77
N PHE Q 202 -93.51 -29.46 -39.86
CA PHE Q 202 -93.99 -29.31 -38.49
C PHE Q 202 -92.99 -28.50 -37.67
N MET Q 203 -93.51 -27.64 -36.82
CA MET Q 203 -92.68 -26.78 -35.99
C MET Q 203 -92.76 -27.18 -34.52
N VAL Q 204 -91.61 -27.18 -33.87
CA VAL Q 204 -91.51 -27.38 -32.43
C VAL Q 204 -90.56 -26.32 -31.89
N ASP Q 205 -90.97 -25.63 -30.83
CA ASP Q 205 -90.16 -24.57 -30.23
C ASP Q 205 -89.73 -25.00 -28.84
N ASN Q 206 -88.43 -24.91 -28.57
CA ASN Q 206 -87.87 -25.45 -27.33
C ASN Q 206 -88.44 -24.76 -26.10
N GLU Q 207 -88.67 -23.45 -26.19
CA GLU Q 207 -89.21 -22.73 -25.03
C GLU Q 207 -90.59 -23.24 -24.67
N ALA Q 208 -91.45 -23.48 -25.66
CA ALA Q 208 -92.78 -24.00 -25.39
C ALA Q 208 -92.70 -25.40 -24.78
N ILE Q 209 -91.77 -26.23 -25.24
CA ILE Q 209 -91.67 -27.58 -24.71
C ILE Q 209 -91.19 -27.52 -23.27
N TYR Q 210 -90.23 -26.64 -22.98
CA TYR Q 210 -89.77 -26.45 -21.60
C TYR Q 210 -90.91 -25.99 -20.70
N ASP Q 211 -91.71 -25.04 -21.17
CA ASP Q 211 -92.78 -24.51 -20.34
C ASP Q 211 -93.83 -25.59 -20.10
N ILE Q 212 -94.09 -26.42 -21.12
CA ILE Q 212 -95.00 -27.54 -20.97
C ILE Q 212 -94.46 -28.53 -19.94
N CYS Q 213 -93.18 -28.86 -20.02
CA CYS Q 213 -92.59 -29.76 -19.03
C CYS Q 213 -92.64 -29.18 -17.64
N ARG Q 214 -92.55 -27.85 -17.52
CA ARG Q 214 -92.59 -27.21 -16.21
C ARG Q 214 -93.99 -27.26 -15.60
N ARG Q 215 -95.01 -26.94 -16.40
CA ARG Q 215 -96.37 -26.92 -15.86
C ARG Q 215 -96.96 -28.32 -15.79
N ASN Q 216 -97.15 -28.93 -16.95
CA ASN Q 216 -97.88 -30.19 -17.03
C ASN Q 216 -97.11 -31.33 -16.40
N LEU Q 217 -95.84 -31.47 -16.76
CA LEU Q 217 -95.02 -32.59 -16.32
C LEU Q 217 -94.27 -32.30 -15.03
N ASP Q 218 -94.53 -31.14 -14.41
CA ASP Q 218 -93.96 -30.63 -13.17
C ASP Q 218 -92.51 -31.06 -12.95
N ILE Q 219 -91.69 -30.90 -13.98
CA ILE Q 219 -90.25 -31.10 -13.88
C ILE Q 219 -89.61 -29.73 -13.72
N GLU Q 220 -88.86 -29.55 -12.63
CA GLU Q 220 -88.19 -28.29 -12.40
C GLU Q 220 -87.01 -28.11 -13.37
N ARG Q 221 -86.33 -29.20 -13.70
CA ARG Q 221 -85.08 -29.15 -14.45
C ARG Q 221 -85.11 -30.14 -15.61
N PRO Q 222 -85.80 -29.82 -16.69
CA PRO Q 222 -85.81 -30.71 -17.86
C PRO Q 222 -84.65 -30.44 -18.80
N THR Q 223 -84.05 -31.53 -19.27
CA THR Q 223 -82.92 -31.47 -20.18
C THR Q 223 -83.40 -31.68 -21.61
N TYR Q 224 -82.45 -31.84 -22.54
CA TYR Q 224 -82.82 -32.14 -23.91
C TYR Q 224 -83.48 -33.51 -24.05
N THR Q 225 -83.21 -34.45 -23.14
CA THR Q 225 -83.74 -35.79 -23.32
C THR Q 225 -85.25 -35.82 -23.15
N ASN Q 226 -85.79 -35.01 -22.24
CA ASN Q 226 -87.24 -34.92 -22.11
C ASN Q 226 -87.85 -34.25 -23.34
N LEU Q 227 -87.17 -33.23 -23.87
CA LEU Q 227 -87.66 -32.54 -25.05
C LEU Q 227 -87.76 -33.52 -26.22
N ASN Q 228 -86.70 -34.31 -26.41
CA ASN Q 228 -86.69 -35.30 -27.47
C ASN Q 228 -87.69 -36.42 -27.21
N ARG Q 229 -87.96 -36.74 -25.93
CA ARG Q 229 -89.00 -37.71 -25.63
C ARG Q 229 -90.36 -37.23 -26.10
N LEU Q 230 -90.69 -35.95 -25.82
CA LEU Q 230 -91.96 -35.41 -26.30
C LEU Q 230 -92.00 -35.37 -27.83
N ILE Q 231 -90.91 -34.96 -28.46
CA ILE Q 231 -90.89 -34.91 -29.93
C ILE Q 231 -91.07 -36.32 -30.51
N SER Q 232 -90.39 -37.31 -29.91
CA SER Q 232 -90.51 -38.68 -30.38
C SER Q 232 -91.93 -39.20 -30.19
N GLN Q 233 -92.59 -38.82 -29.10
CA GLN Q 233 -93.98 -39.20 -28.90
C GLN Q 233 -94.86 -38.61 -30.00
N ILE Q 234 -94.61 -37.35 -30.37
CA ILE Q 234 -95.38 -36.73 -31.44
C ILE Q 234 -95.16 -37.47 -32.76
N VAL Q 235 -93.91 -37.80 -33.08
CA VAL Q 235 -93.62 -38.48 -34.34
C VAL Q 235 -94.23 -39.87 -34.35
N SER Q 236 -94.19 -40.57 -33.21
CA SER Q 236 -94.81 -41.89 -33.12
C SER Q 236 -96.31 -41.79 -33.31
N SER Q 237 -96.94 -40.77 -32.73
CA SER Q 237 -98.37 -40.57 -32.94
C SER Q 237 -98.69 -40.26 -34.40
N ILE Q 238 -97.78 -39.57 -35.09
CA ILE Q 238 -97.99 -39.30 -36.51
C ILE Q 238 -97.91 -40.58 -37.33
N THR Q 239 -96.93 -41.43 -37.03
CA THR Q 239 -96.68 -42.62 -37.85
C THR Q 239 -97.42 -43.87 -37.37
N ALA Q 240 -98.19 -43.78 -36.28
CA ALA Q 240 -98.90 -44.95 -35.78
C ALA Q 240 -99.91 -45.49 -36.78
N SER Q 241 -100.46 -44.63 -37.62
CA SER Q 241 -101.41 -45.10 -38.63
C SER Q 241 -100.73 -46.05 -39.61
N LEU Q 242 -99.50 -45.74 -40.01
CA LEU Q 242 -98.75 -46.66 -40.84
C LEU Q 242 -98.32 -47.90 -40.06
N ARG Q 243 -97.92 -47.72 -38.80
CA ARG Q 243 -97.35 -48.82 -38.05
C ARG Q 243 -98.39 -49.69 -37.36
N PHE Q 244 -99.67 -49.31 -37.37
CA PHE Q 244 -100.71 -50.08 -36.70
C PHE Q 244 -102.00 -49.95 -37.50
N ASP Q 245 -103.12 -50.32 -36.87
CA ASP Q 245 -104.41 -50.24 -37.51
C ASP Q 245 -105.43 -49.64 -36.55
N GLY Q 246 -106.43 -48.97 -37.11
CA GLY Q 246 -107.46 -48.33 -36.31
C GLY Q 246 -108.75 -48.10 -37.06
N ALA Q 247 -109.72 -47.48 -36.38
CA ALA Q 247 -111.01 -47.22 -37.02
C ALA Q 247 -110.86 -46.30 -38.21
N LEU Q 248 -110.07 -45.23 -38.06
CA LEU Q 248 -109.80 -44.28 -39.13
C LEU Q 248 -108.29 -44.15 -39.26
N ASN Q 249 -107.77 -44.38 -40.46
CA ASN Q 249 -106.34 -44.36 -40.70
C ASN Q 249 -105.96 -43.16 -41.56
N VAL Q 250 -104.83 -42.55 -41.24
CA VAL Q 250 -104.35 -41.37 -41.93
C VAL Q 250 -103.00 -41.70 -42.55
N ASP Q 251 -102.96 -41.79 -43.87
CA ASP Q 251 -101.71 -41.93 -44.60
C ASP Q 251 -101.08 -40.54 -44.77
N LEU Q 252 -99.79 -40.52 -45.12
CA LEU Q 252 -99.08 -39.26 -45.29
C LEU Q 252 -99.68 -38.42 -46.42
N THR Q 253 -100.08 -39.06 -47.52
CA THR Q 253 -100.61 -38.32 -48.66
C THR Q 253 -101.91 -37.63 -48.31
N GLU Q 254 -102.87 -38.37 -47.75
CA GLU Q 254 -104.12 -37.76 -47.33
C GLU Q 254 -103.91 -36.78 -46.18
N PHE Q 255 -102.88 -37.03 -45.37
CA PHE Q 255 -102.48 -36.07 -44.35
C PHE Q 255 -102.15 -34.72 -44.95
N GLN Q 256 -101.28 -34.71 -45.96
CA GLN Q 256 -100.94 -33.46 -46.65
C GLN Q 256 -102.16 -32.86 -47.34
N THR Q 257 -102.98 -33.71 -47.97
CA THR Q 257 -104.14 -33.20 -48.69
C THR Q 257 -105.09 -32.46 -47.75
N ASN Q 258 -105.31 -33.01 -46.56
CA ASN Q 258 -106.20 -32.37 -45.60
C ASN Q 258 -105.56 -31.17 -44.92
N LEU Q 259 -104.25 -31.20 -44.69
CA LEU Q 259 -103.63 -30.20 -43.82
C LEU Q 259 -103.07 -29.00 -44.57
N VAL Q 260 -102.73 -29.13 -45.84
CA VAL Q 260 -102.03 -28.08 -46.58
C VAL Q 260 -103.01 -27.44 -47.55
N PRO Q 261 -103.50 -26.23 -47.27
CA PRO Q 261 -104.47 -25.59 -48.18
C PRO Q 261 -103.81 -25.00 -49.42
N TYR Q 262 -102.63 -24.42 -49.26
CA TYR Q 262 -101.90 -23.80 -50.35
C TYR Q 262 -100.45 -24.26 -50.30
N PRO Q 263 -99.77 -24.34 -51.44
CA PRO Q 263 -98.41 -24.91 -51.45
C PRO Q 263 -97.43 -24.18 -50.55
N ARG Q 264 -97.56 -22.86 -50.42
CA ARG Q 264 -96.68 -22.13 -49.51
C ARG Q 264 -97.08 -22.34 -48.06
N ILE Q 265 -98.36 -22.58 -47.80
CA ILE Q 265 -98.88 -22.71 -46.44
C ILE Q 265 -98.81 -24.19 -46.07
N HIS Q 266 -97.65 -24.62 -45.59
CA HIS Q 266 -97.45 -26.01 -45.20
C HIS Q 266 -96.66 -26.09 -43.91
N PHE Q 267 -97.00 -25.26 -42.93
CA PHE Q 267 -96.26 -25.15 -41.67
C PHE Q 267 -97.22 -25.31 -40.50
N PRO Q 268 -97.70 -26.53 -40.26
CA PRO Q 268 -98.63 -26.76 -39.15
C PRO Q 268 -97.92 -26.78 -37.81
N LEU Q 269 -98.72 -26.60 -36.75
CA LEU Q 269 -98.24 -26.62 -35.38
C LEU Q 269 -98.65 -27.91 -34.72
N ALA Q 270 -97.70 -28.59 -34.08
CA ALA Q 270 -97.97 -29.84 -33.39
C ALA Q 270 -98.32 -29.57 -31.93
N THR Q 271 -99.07 -30.50 -31.35
CA THR Q 271 -99.33 -30.52 -29.93
C THR Q 271 -99.70 -31.93 -29.51
N TYR Q 272 -99.56 -32.22 -28.23
CA TYR Q 272 -99.81 -33.54 -27.70
C TYR Q 272 -100.62 -33.43 -26.41
N ALA Q 273 -101.46 -34.44 -26.19
CA ALA Q 273 -102.30 -34.47 -25.00
C ALA Q 273 -102.72 -35.91 -24.77
N PRO Q 274 -102.78 -36.39 -23.53
CA PRO Q 274 -102.46 -35.68 -22.30
C PRO Q 274 -101.00 -35.84 -21.89
N VAL Q 275 -100.30 -34.73 -21.66
CA VAL Q 275 -98.93 -34.74 -21.18
C VAL Q 275 -99.02 -34.50 -19.68
N ILE Q 276 -99.01 -35.58 -18.90
CA ILE Q 276 -99.16 -35.50 -17.46
C ILE Q 276 -98.14 -36.40 -16.78
N SER Q 277 -97.85 -36.08 -15.53
CA SER Q 277 -96.96 -36.91 -14.72
C SER Q 277 -97.72 -38.12 -14.21
N ALA Q 278 -97.00 -39.00 -13.50
CA ALA Q 278 -97.63 -40.21 -12.97
C ALA Q 278 -98.67 -39.87 -11.92
N GLU Q 279 -98.33 -38.98 -10.98
CA GLU Q 279 -99.24 -38.68 -9.88
C GLU Q 279 -100.44 -37.86 -10.34
N LYS Q 280 -100.29 -37.08 -11.41
CA LYS Q 280 -101.41 -36.31 -11.92
C LYS Q 280 -102.38 -37.19 -12.70
N ALA Q 281 -101.92 -38.33 -13.19
CA ALA Q 281 -102.78 -39.19 -14.01
C ALA Q 281 -103.86 -39.88 -13.18
N TYR Q 282 -103.58 -40.16 -11.90
CA TYR Q 282 -104.54 -40.89 -11.08
C TYR Q 282 -105.81 -40.09 -10.86
N HIS Q 283 -105.68 -38.79 -10.62
CA HIS Q 283 -106.83 -37.96 -10.30
C HIS Q 283 -107.50 -37.36 -11.53
N GLU Q 284 -107.04 -37.69 -12.73
CA GLU Q 284 -107.54 -37.09 -13.95
C GLU Q 284 -108.48 -38.04 -14.67
N GLN Q 285 -109.63 -37.53 -15.08
CA GLN Q 285 -110.57 -38.27 -15.94
C GLN Q 285 -110.17 -37.96 -17.38
N LEU Q 286 -109.28 -38.78 -17.93
CA LEU Q 286 -108.72 -38.53 -19.26
C LEU Q 286 -109.71 -38.99 -20.33
N SER Q 287 -110.80 -38.23 -20.44
CA SER Q 287 -111.80 -38.51 -21.45
C SER Q 287 -111.38 -37.90 -22.79
N VAL Q 288 -112.05 -38.33 -23.85
CA VAL Q 288 -111.76 -37.83 -25.19
C VAL Q 288 -112.02 -36.34 -25.29
N ALA Q 289 -113.14 -35.88 -24.73
CA ALA Q 289 -113.50 -34.48 -24.84
C ALA Q 289 -112.47 -33.58 -24.17
N GLU Q 290 -111.98 -33.97 -23.00
CA GLU Q 290 -111.11 -33.07 -22.25
C GLU Q 290 -109.72 -32.99 -22.87
N ILE Q 291 -109.20 -34.10 -23.40
CA ILE Q 291 -107.92 -34.02 -24.10
C ILE Q 291 -108.08 -33.27 -25.42
N THR Q 292 -109.22 -33.44 -26.09
CA THR Q 292 -109.47 -32.64 -27.29
C THR Q 292 -109.50 -31.15 -26.97
N ASN Q 293 -110.11 -30.77 -25.85
CA ASN Q 293 -110.08 -29.38 -25.43
C ASN Q 293 -108.67 -28.92 -25.08
N ALA Q 294 -107.93 -29.75 -24.34
CA ALA Q 294 -106.57 -29.39 -23.93
C ALA Q 294 -105.65 -29.22 -25.13
N CYS Q 295 -105.94 -29.88 -26.25
CA CYS Q 295 -105.14 -29.67 -27.44
C CYS Q 295 -105.23 -28.23 -27.94
N PHE Q 296 -106.41 -27.62 -27.89
CA PHE Q 296 -106.58 -26.29 -28.46
C PHE Q 296 -106.24 -25.14 -27.54
N GLU Q 297 -106.01 -25.38 -26.25
CA GLU Q 297 -105.77 -24.27 -25.32
C GLU Q 297 -104.33 -23.78 -25.48
N PRO Q 298 -104.05 -22.48 -25.34
CA PRO Q 298 -102.75 -21.95 -25.76
C PRO Q 298 -101.55 -22.52 -25.02
N ALA Q 299 -101.71 -22.93 -23.76
CA ALA Q 299 -100.57 -23.26 -22.93
C ALA Q 299 -99.88 -24.58 -23.32
N ASN Q 300 -100.54 -25.47 -24.06
CA ASN Q 300 -99.91 -26.72 -24.46
C ASN Q 300 -99.45 -26.72 -25.91
N GLN Q 301 -99.42 -25.57 -26.56
CA GLN Q 301 -98.87 -25.49 -27.90
C GLN Q 301 -97.37 -25.75 -27.87
N MET Q 302 -96.90 -26.56 -28.81
CA MET Q 302 -95.49 -26.94 -28.83
C MET Q 302 -94.62 -25.83 -29.40
N VAL Q 303 -95.21 -24.75 -29.89
CA VAL Q 303 -94.50 -23.56 -30.34
C VAL Q 303 -95.03 -22.36 -29.58
N LYS Q 304 -94.13 -21.50 -29.12
CA LYS Q 304 -94.51 -20.32 -28.36
C LYS Q 304 -95.22 -19.33 -29.28
N CYS Q 305 -96.54 -19.41 -29.33
CA CYS Q 305 -97.37 -18.51 -30.12
C CYS Q 305 -98.80 -18.67 -29.66
N ASP Q 306 -99.52 -17.55 -29.59
CA ASP Q 306 -100.89 -17.56 -29.10
C ASP Q 306 -101.84 -17.78 -30.28
N PRO Q 307 -102.58 -18.89 -30.32
CA PRO Q 307 -103.53 -19.11 -31.41
C PRO Q 307 -104.77 -18.24 -31.32
N ARG Q 308 -104.99 -17.57 -30.19
CA ARG Q 308 -106.21 -16.79 -30.00
C ARG Q 308 -106.32 -15.67 -31.02
N HIS Q 309 -105.24 -14.94 -31.23
CA HIS Q 309 -105.23 -13.85 -32.20
C HIS Q 309 -104.82 -14.32 -33.59
N GLY Q 310 -104.78 -15.63 -33.82
CA GLY Q 310 -104.74 -16.20 -35.15
C GLY Q 310 -106.04 -16.94 -35.46
N LYS Q 311 -106.10 -17.47 -36.67
CA LYS Q 311 -107.27 -18.22 -37.11
C LYS Q 311 -106.83 -19.54 -37.73
N TYR Q 312 -107.50 -20.62 -37.33
CA TYR Q 312 -107.14 -21.95 -37.81
C TYR Q 312 -107.57 -22.13 -39.25
N MET Q 313 -106.87 -23.04 -39.94
CA MET Q 313 -107.23 -23.43 -41.30
C MET Q 313 -107.64 -24.89 -41.38
N ALA Q 314 -106.82 -25.80 -40.87
CA ALA Q 314 -107.13 -27.22 -40.88
C ALA Q 314 -106.45 -27.88 -39.70
N CYS Q 315 -107.19 -28.72 -38.98
CA CYS Q 315 -106.66 -29.42 -37.83
C CYS Q 315 -106.74 -30.93 -38.09
N CYS Q 316 -105.62 -31.62 -37.90
CA CYS Q 316 -105.56 -33.06 -38.04
C CYS Q 316 -105.49 -33.69 -36.66
N LEU Q 317 -106.56 -34.36 -36.26
CA LEU Q 317 -106.69 -34.93 -34.93
C LEU Q 317 -106.35 -36.41 -35.02
N LEU Q 318 -105.20 -36.80 -34.47
CA LEU Q 318 -104.72 -38.18 -34.53
C LEU Q 318 -104.94 -38.85 -33.18
N TYR Q 319 -106.14 -39.38 -32.98
CA TYR Q 319 -106.47 -40.09 -31.76
C TYR Q 319 -105.82 -41.47 -31.76
N ARG Q 320 -105.38 -41.91 -30.59
CA ARG Q 320 -104.82 -43.25 -30.44
C ARG Q 320 -105.10 -43.76 -29.03
N GLY Q 321 -105.46 -45.04 -28.93
CA GLY Q 321 -105.76 -45.67 -27.66
C GLY Q 321 -107.18 -46.20 -27.64
N ASP Q 322 -107.88 -45.94 -26.54
CA ASP Q 322 -109.25 -46.40 -26.35
C ASP Q 322 -110.21 -45.28 -26.71
N VAL Q 323 -110.38 -45.07 -28.01
CA VAL Q 323 -111.15 -43.96 -28.54
C VAL Q 323 -112.17 -44.50 -29.55
N VAL Q 324 -113.40 -44.04 -29.44
CA VAL Q 324 -114.45 -44.41 -30.39
C VAL Q 324 -114.89 -43.15 -31.13
N PRO Q 325 -115.32 -43.25 -32.40
CA PRO Q 325 -115.56 -42.04 -33.20
C PRO Q 325 -116.68 -41.14 -32.68
N LYS Q 326 -117.66 -41.67 -31.94
CA LYS Q 326 -118.80 -40.84 -31.57
C LYS Q 326 -118.42 -39.76 -30.56
N ASP Q 327 -117.59 -40.09 -29.57
CA ASP Q 327 -117.17 -39.04 -28.64
C ASP Q 327 -116.21 -38.08 -29.31
N VAL Q 328 -115.48 -38.53 -30.34
CA VAL Q 328 -114.66 -37.62 -31.12
C VAL Q 328 -115.54 -36.60 -31.84
N ASN Q 329 -116.64 -37.06 -32.43
CA ASN Q 329 -117.57 -36.14 -33.07
C ASN Q 329 -118.19 -35.19 -32.06
N ALA Q 330 -118.51 -35.70 -30.87
CA ALA Q 330 -119.04 -34.83 -29.82
C ALA Q 330 -118.03 -33.76 -29.41
N ALA Q 331 -116.77 -34.14 -29.25
CA ALA Q 331 -115.74 -33.18 -28.88
C ALA Q 331 -115.53 -32.14 -29.97
N ILE Q 332 -115.53 -32.57 -31.23
CA ILE Q 332 -115.38 -31.62 -32.34
C ILE Q 332 -116.58 -30.68 -32.39
N ALA Q 333 -117.78 -31.18 -32.12
CA ALA Q 333 -118.96 -30.32 -32.09
C ALA Q 333 -118.85 -29.28 -30.98
N THR Q 334 -118.35 -29.69 -29.81
CA THR Q 334 -118.15 -28.73 -28.73
C THR Q 334 -117.09 -27.70 -29.10
N ILE Q 335 -116.05 -28.12 -29.82
CA ILE Q 335 -115.02 -27.19 -30.26
C ILE Q 335 -115.60 -26.17 -31.24
N LYS Q 336 -116.43 -26.62 -32.17
CA LYS Q 336 -116.99 -25.73 -33.18
C LYS Q 336 -117.87 -24.65 -32.57
N THR Q 337 -118.43 -24.90 -31.39
CA THR Q 337 -119.29 -23.92 -30.75
C THR Q 337 -118.54 -22.93 -29.87
N LYS Q 338 -117.24 -23.13 -29.67
CA LYS Q 338 -116.46 -22.24 -28.83
C LYS Q 338 -116.06 -20.99 -29.61
N ARG Q 339 -116.46 -19.82 -29.11
CA ARG Q 339 -116.16 -18.58 -29.79
C ARG Q 339 -114.67 -18.27 -29.78
N SER Q 340 -113.96 -18.70 -28.73
CA SER Q 340 -112.54 -18.38 -28.61
C SER Q 340 -111.72 -19.01 -29.74
N ILE Q 341 -112.05 -20.24 -30.13
CA ILE Q 341 -111.38 -20.89 -31.25
C ILE Q 341 -112.05 -20.43 -32.54
N GLN Q 342 -111.26 -19.94 -33.48
CA GLN Q 342 -111.78 -19.41 -34.73
C GLN Q 342 -111.21 -20.17 -35.91
N PHE Q 343 -112.00 -20.29 -36.97
CA PHE Q 343 -111.60 -20.94 -38.21
C PHE Q 343 -111.86 -20.00 -39.38
N VAL Q 344 -111.05 -20.16 -40.43
CA VAL Q 344 -111.23 -19.36 -41.63
C VAL Q 344 -112.56 -19.69 -42.28
N ASP Q 345 -113.15 -18.69 -42.93
CA ASP Q 345 -114.47 -18.86 -43.53
C ASP Q 345 -114.44 -19.83 -44.70
N TRP Q 346 -113.33 -19.89 -45.43
CA TRP Q 346 -113.24 -20.72 -46.62
C TRP Q 346 -112.97 -22.18 -46.30
N CYS Q 347 -113.12 -22.59 -45.04
CA CYS Q 347 -112.96 -23.99 -44.63
C CYS Q 347 -114.14 -24.36 -43.75
N PRO Q 348 -115.29 -24.70 -44.35
CA PRO Q 348 -116.46 -25.07 -43.55
C PRO Q 348 -116.21 -26.22 -42.59
N THR Q 349 -115.44 -27.22 -43.01
CA THR Q 349 -115.05 -28.32 -42.13
C THR Q 349 -113.53 -28.40 -42.11
N GLY Q 350 -112.95 -28.36 -40.91
CA GLY Q 350 -111.51 -28.28 -40.79
C GLY Q 350 -110.91 -29.30 -39.84
N PHE Q 351 -111.45 -30.52 -39.84
CA PHE Q 351 -110.99 -31.56 -38.93
C PHE Q 351 -110.82 -32.85 -39.71
N LYS Q 352 -109.58 -33.27 -39.91
CA LYS Q 352 -109.25 -34.59 -40.41
C LYS Q 352 -108.89 -35.46 -39.21
N VAL Q 353 -109.64 -36.54 -39.00
CA VAL Q 353 -109.59 -37.30 -37.76
C VAL Q 353 -109.13 -38.72 -38.05
N GLY Q 354 -108.16 -39.18 -37.28
CA GLY Q 354 -107.74 -40.57 -37.34
C GLY Q 354 -107.71 -41.17 -35.95
N ILE Q 355 -108.29 -42.36 -35.82
CA ILE Q 355 -108.33 -43.08 -34.56
C ILE Q 355 -107.54 -44.38 -34.73
N ASN Q 356 -106.63 -44.63 -33.80
CA ASN Q 356 -105.80 -45.82 -33.81
C ASN Q 356 -106.01 -46.61 -32.52
N TYR Q 357 -105.99 -47.93 -32.64
CA TYR Q 357 -106.21 -48.77 -31.46
C TYR Q 357 -105.00 -48.85 -30.55
N GLN Q 358 -103.80 -48.69 -31.10
CA GLN Q 358 -102.59 -48.87 -30.31
C GLN Q 358 -102.43 -47.72 -29.32
N PRO Q 359 -102.40 -47.99 -28.02
CA PRO Q 359 -102.18 -46.92 -27.04
C PRO Q 359 -100.73 -46.46 -27.07
N PRO Q 360 -100.46 -45.23 -26.65
CA PRO Q 360 -99.07 -44.76 -26.61
C PRO Q 360 -98.29 -45.47 -25.52
N THR Q 361 -97.16 -46.05 -25.90
CA THR Q 361 -96.35 -46.75 -24.93
C THR Q 361 -95.56 -45.75 -24.08
N VAL Q 362 -95.00 -46.26 -22.99
CA VAL Q 362 -94.21 -45.45 -22.07
C VAL Q 362 -92.77 -45.95 -22.08
N VAL Q 363 -91.84 -45.05 -22.34
CA VAL Q 363 -90.42 -45.39 -22.28
C VAL Q 363 -90.02 -45.58 -20.82
N PRO Q 364 -89.31 -46.65 -20.47
CA PRO Q 364 -88.84 -46.79 -19.09
C PRO Q 364 -87.97 -45.61 -18.69
N GLY Q 365 -88.19 -45.11 -17.48
CA GLY Q 365 -87.51 -43.93 -17.00
C GLY Q 365 -88.08 -42.63 -17.52
N GLY Q 366 -89.13 -42.66 -18.33
CA GLY Q 366 -89.69 -41.44 -18.87
C GLY Q 366 -90.57 -40.71 -17.88
N ASP Q 367 -90.76 -39.42 -18.15
CA ASP Q 367 -91.60 -38.59 -17.30
C ASP Q 367 -93.08 -38.70 -17.63
N LEU Q 368 -93.43 -39.28 -18.78
CA LEU Q 368 -94.83 -39.41 -19.16
C LEU Q 368 -95.47 -40.58 -18.45
N ALA Q 369 -96.75 -40.40 -18.09
CA ALA Q 369 -97.50 -41.43 -17.41
C ALA Q 369 -98.24 -42.31 -18.40
N LYS Q 370 -98.53 -43.54 -17.99
CA LYS Q 370 -99.31 -44.44 -18.83
C LYS Q 370 -100.74 -43.94 -18.92
N VAL Q 371 -101.23 -43.77 -20.14
CA VAL Q 371 -102.56 -43.24 -20.38
C VAL Q 371 -103.29 -44.16 -21.33
N GLN Q 372 -104.62 -44.17 -21.21
CA GLN Q 372 -105.44 -44.99 -22.10
C GLN Q 372 -105.56 -44.35 -23.48
N ARG Q 373 -105.65 -43.02 -23.54
CA ARG Q 373 -105.86 -42.29 -24.78
C ARG Q 373 -104.81 -41.20 -24.92
N ALA Q 374 -104.60 -40.77 -26.16
CA ALA Q 374 -103.69 -39.67 -26.45
C ALA Q 374 -104.05 -39.06 -27.79
N VAL Q 375 -103.88 -37.75 -27.89
CA VAL Q 375 -104.18 -37.00 -29.10
C VAL Q 375 -102.96 -36.21 -29.52
N CYS Q 376 -102.59 -36.31 -30.80
CA CYS Q 376 -101.58 -35.46 -31.41
C CYS Q 376 -102.29 -34.59 -32.45
N MET Q 377 -102.65 -33.38 -32.06
CA MET Q 377 -103.39 -32.49 -32.94
C MET Q 377 -102.42 -31.60 -33.71
N LEU Q 378 -102.60 -31.55 -35.03
CA LEU Q 378 -101.72 -30.77 -35.90
C LEU Q 378 -102.56 -29.71 -36.60
N SER Q 379 -102.34 -28.45 -36.23
CA SER Q 379 -103.13 -27.34 -36.75
C SER Q 379 -102.27 -26.45 -37.62
N ASN Q 380 -102.73 -26.21 -38.84
CA ASN Q 380 -102.13 -25.20 -39.71
C ASN Q 380 -102.87 -23.89 -39.45
N THR Q 381 -102.21 -22.97 -38.75
CA THR Q 381 -102.85 -21.74 -38.31
C THR Q 381 -101.98 -20.55 -38.68
N THR Q 382 -102.58 -19.36 -38.55
CA THR Q 382 -101.88 -18.11 -38.79
C THR Q 382 -101.12 -17.62 -37.56
N ALA Q 383 -101.14 -18.40 -36.47
CA ALA Q 383 -100.42 -18.00 -35.26
C ALA Q 383 -98.91 -18.13 -35.41
N ILE Q 384 -98.42 -18.72 -36.50
CA ILE Q 384 -96.99 -18.76 -36.75
C ILE Q 384 -96.51 -17.50 -37.45
N ALA Q 385 -97.44 -16.67 -37.91
CA ALA Q 385 -97.07 -15.46 -38.64
C ALA Q 385 -96.29 -14.49 -37.76
N GLU Q 386 -96.74 -14.29 -36.51
CA GLU Q 386 -96.01 -13.35 -35.66
C GLU Q 386 -94.69 -13.93 -35.19
N ALA Q 387 -94.57 -15.25 -35.06
CA ALA Q 387 -93.27 -15.84 -34.79
C ALA Q 387 -92.30 -15.57 -35.91
N TRP Q 388 -92.75 -15.74 -37.16
CA TRP Q 388 -91.89 -15.43 -38.29
C TRP Q 388 -91.59 -13.93 -38.37
N ALA Q 389 -92.55 -13.11 -37.98
CA ALA Q 389 -92.34 -11.66 -37.99
C ALA Q 389 -91.26 -11.26 -36.99
N ARG Q 390 -91.29 -11.84 -35.79
CA ARG Q 390 -90.25 -11.52 -34.82
C ARG Q 390 -88.90 -12.10 -35.22
N LEU Q 391 -88.89 -13.25 -35.90
CA LEU Q 391 -87.64 -13.74 -36.46
C LEU Q 391 -87.09 -12.77 -37.50
N ASP Q 392 -87.96 -12.21 -38.33
CA ASP Q 392 -87.55 -11.20 -39.31
C ASP Q 392 -87.02 -9.95 -38.62
N HIS Q 393 -87.64 -9.56 -37.51
CA HIS Q 393 -87.16 -8.41 -36.76
C HIS Q 393 -85.75 -8.65 -36.22
N LYS Q 394 -85.52 -9.84 -35.66
CA LYS Q 394 -84.16 -10.17 -35.22
C LYS Q 394 -83.19 -10.17 -36.40
N PHE Q 395 -83.61 -10.73 -37.53
CA PHE Q 395 -82.74 -10.81 -38.69
C PHE Q 395 -82.35 -9.43 -39.20
N ASP Q 396 -83.31 -8.54 -39.39
CA ASP Q 396 -82.95 -7.25 -39.98
C ASP Q 396 -82.33 -6.32 -38.94
N LEU Q 397 -82.55 -6.59 -37.65
CA LEU Q 397 -81.76 -5.91 -36.62
C LEU Q 397 -80.28 -6.27 -36.74
N MET Q 398 -79.98 -7.55 -36.88
CA MET Q 398 -78.58 -7.95 -37.04
C MET Q 398 -78.05 -7.63 -38.43
N TYR Q 399 -78.93 -7.41 -39.40
CA TYR Q 399 -78.51 -7.20 -40.78
C TYR Q 399 -78.34 -5.73 -41.13
N ALA Q 400 -78.96 -4.81 -40.38
CA ALA Q 400 -78.72 -3.40 -40.63
C ALA Q 400 -77.28 -3.00 -40.34
N LYS Q 401 -76.57 -3.78 -39.54
CA LYS Q 401 -75.17 -3.53 -39.21
C LYS Q 401 -74.22 -4.50 -39.90
N ARG Q 402 -74.73 -5.40 -40.75
CA ARG Q 402 -73.90 -6.37 -41.47
C ARG Q 402 -73.12 -7.27 -40.51
N ALA Q 403 -73.67 -7.53 -39.33
CA ALA Q 403 -72.96 -8.31 -38.33
C ALA Q 403 -72.95 -9.79 -38.70
N PHE Q 404 -71.80 -10.43 -38.49
CA PHE Q 404 -71.60 -11.87 -38.69
C PHE Q 404 -71.70 -12.27 -40.16
N VAL Q 405 -72.00 -11.32 -41.04
CA VAL Q 405 -72.16 -11.65 -42.46
C VAL Q 405 -70.83 -12.03 -43.10
N HIS Q 406 -69.71 -11.50 -42.58
CA HIS Q 406 -68.41 -11.81 -43.17
C HIS Q 406 -68.08 -13.30 -43.03
N TRP Q 407 -68.61 -13.97 -42.01
CA TRP Q 407 -68.41 -15.41 -41.89
C TRP Q 407 -69.10 -16.15 -43.04
N TYR Q 408 -70.34 -15.74 -43.36
CA TYR Q 408 -71.08 -16.43 -44.41
C TYR Q 408 -70.51 -16.11 -45.79
N VAL Q 409 -70.23 -14.84 -46.06
CA VAL Q 409 -69.69 -14.46 -47.36
C VAL Q 409 -68.21 -14.80 -47.50
N GLY Q 410 -67.57 -15.22 -46.40
CA GLY Q 410 -66.16 -15.56 -46.46
C GLY Q 410 -65.87 -16.90 -47.07
N GLU Q 411 -66.89 -17.68 -47.39
CA GLU Q 411 -66.70 -18.99 -48.01
C GLU Q 411 -67.22 -19.08 -49.44
N GLY Q 412 -68.13 -18.21 -49.84
CA GLY Q 412 -68.73 -18.30 -51.17
C GLY Q 412 -70.20 -17.92 -51.25
N MET Q 413 -70.81 -17.60 -50.13
CA MET Q 413 -72.15 -17.04 -50.15
C MET Q 413 -72.09 -15.55 -50.50
N GLU Q 414 -73.20 -15.02 -51.01
CA GLU Q 414 -73.28 -13.63 -51.42
C GLU Q 414 -74.31 -12.88 -50.57
N GLU Q 415 -74.22 -11.55 -50.64
CA GLU Q 415 -75.21 -10.71 -49.97
C GLU Q 415 -76.59 -10.90 -50.55
N GLY Q 416 -76.66 -11.17 -51.85
CA GLY Q 416 -77.94 -11.40 -52.49
C GLY Q 416 -78.69 -12.57 -51.89
N GLU Q 417 -77.98 -13.55 -51.34
CA GLU Q 417 -78.64 -14.65 -50.66
C GLU Q 417 -79.43 -14.15 -49.46
N PHE Q 418 -78.82 -13.29 -48.64
CA PHE Q 418 -79.51 -12.74 -47.49
C PHE Q 418 -80.67 -11.85 -47.93
N SER Q 419 -80.45 -11.01 -48.93
CA SER Q 419 -81.52 -10.13 -49.39
C SER Q 419 -82.70 -10.92 -49.93
N GLU Q 420 -82.44 -11.96 -50.72
CA GLU Q 420 -83.52 -12.74 -51.30
C GLU Q 420 -84.21 -13.59 -50.23
N ALA Q 421 -83.49 -14.08 -49.23
CA ALA Q 421 -84.14 -14.78 -48.14
C ALA Q 421 -85.06 -13.86 -47.35
N ARG Q 422 -84.61 -12.62 -47.09
CA ARG Q 422 -85.45 -11.69 -46.36
C ARG Q 422 -86.69 -11.30 -47.15
N GLU Q 423 -86.55 -11.05 -48.46
CA GLU Q 423 -87.73 -10.71 -49.24
C GLU Q 423 -88.65 -11.91 -49.40
N ASP Q 424 -88.09 -13.13 -49.40
CA ASP Q 424 -88.94 -14.31 -49.43
C ASP Q 424 -89.77 -14.44 -48.17
N MET Q 425 -89.17 -14.20 -47.00
CA MET Q 425 -89.95 -14.20 -45.76
C MET Q 425 -90.95 -13.06 -45.73
N ALA Q 426 -90.61 -11.89 -46.26
CA ALA Q 426 -91.58 -10.81 -46.33
C ALA Q 426 -92.77 -11.21 -47.19
N ALA Q 427 -92.52 -11.85 -48.33
CA ALA Q 427 -93.59 -12.33 -49.18
C ALA Q 427 -94.43 -13.40 -48.49
N LEU Q 428 -93.78 -14.28 -47.73
CA LEU Q 428 -94.51 -15.34 -47.04
C LEU Q 428 -95.40 -14.79 -45.93
N GLU Q 429 -94.90 -13.79 -45.19
CA GLU Q 429 -95.72 -13.12 -44.20
C GLU Q 429 -96.89 -12.39 -44.85
N LYS Q 430 -96.64 -11.72 -45.97
CA LYS Q 430 -97.74 -11.11 -46.72
C LYS Q 430 -98.74 -12.15 -47.16
N ASP Q 431 -98.25 -13.34 -47.52
CA ASP Q 431 -99.13 -14.42 -47.97
C ASP Q 431 -100.05 -14.88 -46.84
N TYR Q 432 -99.49 -15.06 -45.63
CA TYR Q 432 -100.35 -15.41 -44.50
C TYR Q 432 -101.34 -14.28 -44.19
N GLU Q 433 -100.89 -13.03 -44.29
CA GLU Q 433 -101.80 -11.92 -44.03
C GLU Q 433 -102.96 -11.90 -45.01
N GLU Q 434 -102.68 -12.16 -46.29
CA GLU Q 434 -103.74 -12.10 -47.29
C GLU Q 434 -104.57 -13.37 -47.35
N VAL Q 435 -104.09 -14.47 -46.77
CA VAL Q 435 -104.91 -15.68 -46.72
C VAL Q 435 -105.73 -15.76 -45.44
N GLY Q 436 -105.31 -15.10 -44.37
CA GLY Q 436 -106.12 -15.07 -43.16
C GLY Q 436 -107.23 -14.04 -43.19
N VAL Q 437 -107.20 -13.13 -44.15
CA VAL Q 437 -108.21 -12.08 -44.20
C VAL Q 437 -109.56 -12.68 -44.62
N ASP Q 438 -110.64 -12.05 -44.16
CA ASP Q 438 -111.98 -12.53 -44.47
C ASP Q 438 -112.33 -12.21 -45.92
N SER Q 439 -113.40 -12.86 -46.40
CA SER Q 439 -113.87 -12.65 -47.76
C SER Q 439 -115.20 -11.91 -47.78
N MET R 1 -90.17 -18.22 -0.50
CA MET R 1 -91.55 -17.98 -0.11
C MET R 1 -91.62 -17.12 1.15
N ARG R 2 -91.79 -15.82 0.96
CA ARG R 2 -91.89 -14.85 2.05
C ARG R 2 -90.67 -14.93 2.97
N GLU R 3 -89.50 -15.05 2.36
CA GLU R 3 -88.26 -15.13 3.10
C GLU R 3 -87.84 -13.76 3.62
N ILE R 4 -87.03 -13.77 4.67
CA ILE R 4 -86.63 -12.56 5.38
C ILE R 4 -85.11 -12.49 5.38
N VAL R 5 -84.57 -11.34 5.01
CA VAL R 5 -83.14 -11.08 5.05
C VAL R 5 -82.81 -10.38 6.36
N HIS R 6 -81.88 -10.93 7.12
CA HIS R 6 -81.51 -10.41 8.43
C HIS R 6 -80.20 -9.63 8.33
N ILE R 7 -80.16 -8.47 8.96
CA ILE R 7 -78.96 -7.63 9.00
C ILE R 7 -78.72 -7.21 10.44
N GLN R 8 -77.45 -7.23 10.85
CA GLN R 8 -77.04 -6.77 12.16
C GLN R 8 -76.05 -5.63 12.01
N ALA R 9 -76.31 -4.52 12.69
CA ALA R 9 -75.44 -3.36 12.64
C ALA R 9 -74.92 -3.07 14.05
N GLY R 10 -73.62 -2.90 14.17
CA GLY R 10 -73.02 -2.55 15.44
C GLY R 10 -72.84 -3.74 16.35
N GLN R 11 -72.24 -3.45 17.50
CA GLN R 11 -71.91 -4.50 18.47
C GLN R 11 -73.17 -5.09 19.10
N CYS R 12 -74.07 -4.22 19.58
CA CYS R 12 -75.33 -4.71 20.15
C CYS R 12 -76.17 -5.42 19.11
N GLY R 13 -76.27 -4.85 17.91
CA GLY R 13 -77.04 -5.50 16.87
C GLY R 13 -76.48 -6.85 16.50
N ASN R 14 -75.15 -6.96 16.43
CA ASN R 14 -74.53 -8.24 16.11
C ASN R 14 -74.77 -9.27 17.20
N GLN R 15 -74.65 -8.87 18.47
CA GLN R 15 -74.89 -9.85 19.53
C GLN R 15 -76.35 -10.28 19.58
N ILE R 16 -77.29 -9.34 19.43
CA ILE R 16 -78.69 -9.70 19.44
C ILE R 16 -79.01 -10.62 18.26
N GLY R 17 -78.46 -10.31 17.08
CA GLY R 17 -78.68 -11.17 15.94
C GLY R 17 -78.07 -12.54 16.08
N ALA R 18 -76.89 -12.63 16.70
CA ALA R 18 -76.29 -13.94 16.94
C ALA R 18 -77.14 -14.77 17.89
N LYS R 19 -77.65 -14.14 18.95
CA LYS R 19 -78.53 -14.86 19.86
C LYS R 19 -79.83 -15.28 19.16
N PHE R 20 -80.35 -14.41 18.31
CA PHE R 20 -81.56 -14.72 17.55
C PHE R 20 -81.34 -15.90 16.62
N TRP R 21 -80.19 -15.93 15.95
CA TRP R 21 -79.90 -17.04 15.05
C TRP R 21 -79.69 -18.33 15.83
N GLU R 22 -79.08 -18.25 17.01
CA GLU R 22 -78.95 -19.43 17.86
C GLU R 22 -80.31 -19.98 18.25
N VAL R 23 -81.20 -19.10 18.74
CA VAL R 23 -82.50 -19.58 19.21
C VAL R 23 -83.37 -20.05 18.05
N ILE R 24 -83.23 -19.44 16.87
CA ILE R 24 -84.04 -19.86 15.73
C ILE R 24 -83.48 -21.11 15.07
N SER R 25 -82.18 -21.39 15.22
CA SER R 25 -81.66 -22.69 14.79
C SER R 25 -82.05 -23.78 15.77
N ASP R 26 -82.14 -23.45 17.06
CA ASP R 26 -82.69 -24.40 18.02
C ASP R 26 -84.14 -24.69 17.71
N GLU R 27 -84.91 -23.65 17.34
CA GLU R 27 -86.32 -23.84 17.01
C GLU R 27 -86.50 -24.70 15.76
N HIS R 28 -85.63 -24.51 14.77
CA HIS R 28 -85.71 -25.27 13.53
C HIS R 28 -84.82 -26.50 13.52
N GLY R 29 -84.17 -26.81 14.64
CA GLY R 29 -83.36 -28.01 14.73
C GLY R 29 -82.12 -28.03 13.85
N ILE R 30 -81.37 -26.94 13.82
CA ILE R 30 -80.13 -26.85 13.06
C ILE R 30 -78.97 -26.85 14.03
N ASP R 31 -78.03 -27.78 13.84
CA ASP R 31 -76.90 -27.90 14.74
C ASP R 31 -75.91 -26.76 14.51
N PRO R 32 -74.98 -26.54 15.45
CA PRO R 32 -73.98 -25.49 15.25
C PRO R 32 -73.11 -25.66 14.01
N THR R 33 -73.07 -26.86 13.41
CA THR R 33 -72.36 -27.04 12.15
C THR R 33 -73.21 -26.72 10.94
N GLY R 34 -74.52 -26.55 11.10
CA GLY R 34 -75.40 -26.17 10.02
C GLY R 34 -76.30 -27.27 9.49
N SER R 35 -76.08 -28.52 9.88
CA SER R 35 -76.88 -29.62 9.36
C SER R 35 -78.18 -29.76 10.15
N TYR R 36 -79.14 -30.45 9.54
CA TYR R 36 -80.46 -30.61 10.16
C TYR R 36 -80.48 -31.87 11.02
N HIS R 37 -80.89 -31.70 12.28
CA HIS R 37 -81.07 -32.81 13.22
C HIS R 37 -82.40 -32.71 13.95
N GLY R 38 -83.42 -32.15 13.30
CA GLY R 38 -84.72 -32.04 13.92
C GLY R 38 -85.51 -33.33 13.85
N ASP R 39 -86.70 -33.29 14.43
CA ASP R 39 -87.57 -34.45 14.50
C ASP R 39 -88.85 -34.31 13.69
N SER R 40 -89.39 -33.11 13.57
CA SER R 40 -90.64 -32.87 12.86
C SER R 40 -90.38 -32.24 11.51
N ASP R 41 -91.20 -32.62 10.52
CA ASP R 41 -91.09 -32.04 9.20
C ASP R 41 -91.50 -30.57 9.17
N LEU R 42 -92.25 -30.12 10.18
CA LEU R 42 -92.61 -28.72 10.27
C LEU R 42 -91.40 -27.82 10.49
N GLN R 43 -90.29 -28.39 10.96
CA GLN R 43 -89.06 -27.63 11.10
C GLN R 43 -88.39 -27.35 9.76
N LEU R 44 -88.78 -28.05 8.70
CA LEU R 44 -88.20 -27.86 7.39
C LEU R 44 -89.20 -27.41 6.32
N GLU R 45 -90.50 -27.49 6.59
CA GLU R 45 -91.47 -27.08 5.58
C GLU R 45 -91.46 -25.57 5.36
N ARG R 46 -90.86 -24.80 6.27
CA ARG R 46 -90.65 -23.36 6.09
C ARG R 46 -89.21 -23.00 6.49
N ILE R 47 -88.24 -23.78 6.01
CA ILE R 47 -86.85 -23.50 6.34
C ILE R 47 -86.26 -22.41 5.45
N ASN R 48 -86.88 -22.10 4.31
CA ASN R 48 -86.34 -21.13 3.38
C ASN R 48 -86.61 -19.68 3.79
N VAL R 49 -87.44 -19.46 4.80
CA VAL R 49 -87.74 -18.09 5.21
C VAL R 49 -86.50 -17.42 5.80
N TYR R 50 -85.63 -18.19 6.45
CA TYR R 50 -84.45 -17.64 7.10
C TYR R 50 -83.14 -18.28 6.64
N TYR R 51 -83.18 -19.43 5.99
CA TYR R 51 -81.97 -20.19 5.68
C TYR R 51 -81.88 -20.46 4.19
N ASN R 52 -80.65 -20.52 3.68
CA ASN R 52 -80.39 -20.85 2.30
C ASN R 52 -79.86 -22.27 2.21
N GLU R 53 -80.46 -23.06 1.31
CA GLU R 53 -80.04 -24.44 1.11
C GLU R 53 -78.63 -24.46 0.53
N ALA R 54 -77.66 -24.91 1.32
CA ALA R 54 -76.31 -25.12 0.84
C ALA R 54 -76.12 -26.56 0.42
N ALA R 55 -75.12 -26.78 -0.42
CA ALA R 55 -74.81 -28.13 -0.88
C ALA R 55 -74.35 -28.99 0.30
N GLY R 56 -74.92 -30.19 0.40
CA GLY R 56 -74.62 -31.09 1.49
C GLY R 56 -75.73 -31.27 2.49
N ASN R 57 -76.99 -30.95 2.14
CA ASN R 57 -78.14 -31.11 3.03
C ASN R 57 -77.95 -30.35 4.34
N LYS R 58 -77.49 -29.09 4.23
CA LYS R 58 -77.31 -28.24 5.39
C LYS R 58 -77.63 -26.80 5.00
N TYR R 59 -77.73 -25.95 6.02
CA TYR R 59 -78.36 -24.65 5.89
C TYR R 59 -77.44 -23.55 6.39
N VAL R 60 -77.51 -22.40 5.73
CA VAL R 60 -76.78 -21.21 6.17
C VAL R 60 -77.77 -20.07 6.32
N PRO R 61 -77.60 -19.19 7.30
CA PRO R 61 -78.59 -18.13 7.50
C PRO R 61 -78.55 -17.13 6.37
N ARG R 62 -79.70 -16.52 6.10
CA ARG R 62 -79.77 -15.39 5.17
C ARG R 62 -79.47 -14.09 5.90
N ALA R 63 -78.33 -14.06 6.58
CA ALA R 63 -77.93 -12.95 7.44
C ALA R 63 -76.67 -12.29 6.91
N ILE R 64 -76.61 -10.98 7.02
CA ILE R 64 -75.42 -10.20 6.70
C ILE R 64 -74.96 -9.52 7.97
N LEU R 65 -73.75 -9.82 8.41
CA LEU R 65 -73.23 -9.33 9.67
C LEU R 65 -72.34 -8.14 9.40
N VAL R 66 -72.76 -6.97 9.89
CA VAL R 66 -72.15 -5.69 9.54
C VAL R 66 -71.65 -5.01 10.80
N ASP R 67 -70.43 -4.51 10.75
CA ASP R 67 -69.88 -3.67 11.81
C ASP R 67 -68.74 -2.85 11.22
N LEU R 68 -68.18 -1.99 12.05
CA LEU R 68 -67.03 -1.20 11.67
C LEU R 68 -65.78 -1.58 12.46
N GLU R 69 -65.92 -2.45 13.45
CA GLU R 69 -64.80 -3.04 14.17
C GLU R 69 -64.74 -4.53 13.86
N PRO R 70 -63.58 -5.05 13.44
CA PRO R 70 -63.46 -6.49 13.24
C PRO R 70 -63.54 -7.29 14.53
N GLY R 71 -63.41 -6.65 15.69
CA GLY R 71 -63.46 -7.38 16.94
C GLY R 71 -64.82 -8.01 17.20
N THR R 72 -65.90 -7.27 16.94
CA THR R 72 -67.23 -7.85 17.11
C THR R 72 -67.46 -8.99 16.12
N MET R 73 -66.93 -8.84 14.90
CA MET R 73 -67.02 -9.90 13.91
C MET R 73 -66.32 -11.17 14.39
N ASP R 74 -65.11 -11.02 14.94
CA ASP R 74 -64.39 -12.17 15.47
C ASP R 74 -65.14 -12.79 16.64
N SER R 75 -65.71 -11.95 17.52
CA SER R 75 -66.45 -12.47 18.66
C SER R 75 -67.68 -13.26 18.21
N VAL R 76 -68.39 -12.76 17.20
CA VAL R 76 -69.57 -13.46 16.71
C VAL R 76 -69.19 -14.77 16.06
N ARG R 77 -68.13 -14.76 15.25
CA ARG R 77 -67.71 -15.99 14.57
C ARG R 77 -67.22 -17.03 15.56
N SER R 78 -66.48 -16.61 16.58
CA SER R 78 -65.86 -17.54 17.51
C SER R 78 -66.85 -18.20 18.46
N GLY R 79 -68.01 -17.61 18.67
CA GLY R 79 -68.95 -18.13 19.63
C GLY R 79 -69.71 -19.33 19.11
N PRO R 80 -70.59 -19.86 19.95
CA PRO R 80 -71.44 -20.97 19.51
C PRO R 80 -72.37 -20.53 18.38
N PHE R 81 -72.62 -21.46 17.46
CA PHE R 81 -73.42 -21.24 16.27
C PHE R 81 -72.85 -20.16 15.36
N GLY R 82 -71.64 -19.67 15.66
CA GLY R 82 -71.05 -18.63 14.84
C GLY R 82 -70.46 -19.09 13.54
N GLN R 83 -70.24 -20.40 13.40
CA GLN R 83 -69.71 -20.94 12.16
C GLN R 83 -70.77 -21.07 11.07
N ILE R 84 -72.05 -21.01 11.42
CA ILE R 84 -73.10 -21.28 10.45
C ILE R 84 -73.17 -20.18 9.40
N PHE R 85 -72.85 -18.94 9.78
CA PHE R 85 -72.96 -17.82 8.86
C PHE R 85 -71.96 -17.95 7.71
N ARG R 86 -72.36 -17.45 6.55
CA ARG R 86 -71.48 -17.47 5.39
C ARG R 86 -70.36 -16.45 5.57
N PRO R 87 -69.10 -16.82 5.36
CA PRO R 87 -67.99 -15.91 5.66
C PRO R 87 -68.02 -14.60 4.87
N ASP R 88 -68.49 -14.61 3.62
CA ASP R 88 -68.48 -13.38 2.84
C ASP R 88 -69.54 -12.38 3.31
N ASN R 89 -70.55 -12.84 4.05
CA ASN R 89 -71.53 -11.92 4.60
C ASN R 89 -70.96 -11.06 5.72
N PHE R 90 -69.85 -11.48 6.31
CA PHE R 90 -69.18 -10.69 7.35
C PHE R 90 -68.55 -9.48 6.70
N VAL R 91 -69.19 -8.32 6.82
CA VAL R 91 -68.72 -7.09 6.21
C VAL R 91 -68.27 -6.16 7.33
N PHE R 92 -67.02 -5.73 7.27
CA PHE R 92 -66.48 -4.88 8.33
C PHE R 92 -65.39 -3.99 7.77
N GLY R 93 -65.19 -2.86 8.43
CA GLY R 93 -64.09 -1.95 8.16
C GLY R 93 -62.95 -2.17 9.12
N GLN R 94 -62.19 -1.09 9.36
CA GLN R 94 -61.08 -1.15 10.30
C GLN R 94 -61.03 0.01 11.29
N SER R 95 -61.70 1.13 11.03
CA SER R 95 -61.57 2.30 11.88
C SER R 95 -62.62 2.33 12.99
N GLY R 96 -63.87 2.08 12.68
CA GLY R 96 -64.92 2.20 13.68
C GLY R 96 -65.49 3.59 13.74
N ALA R 97 -66.77 3.66 14.13
CA ALA R 97 -67.47 4.94 14.15
C ALA R 97 -67.03 5.81 15.31
N GLY R 98 -66.61 5.21 16.42
CA GLY R 98 -66.22 6.00 17.58
C GLY R 98 -67.36 6.82 18.16
N ASN R 99 -68.55 6.22 18.24
CA ASN R 99 -69.74 6.89 18.76
C ASN R 99 -70.06 8.17 18.00
N ASN R 100 -69.83 8.17 16.70
CA ASN R 100 -70.07 9.33 15.86
C ASN R 100 -71.07 8.94 14.77
N TRP R 101 -72.30 9.43 14.90
CA TRP R 101 -73.30 9.22 13.85
C TRP R 101 -72.82 9.78 12.53
N ALA R 102 -72.05 10.86 12.56
CA ALA R 102 -71.49 11.40 11.34
C ALA R 102 -70.51 10.42 10.70
N LYS R 103 -69.60 9.85 11.50
CA LYS R 103 -68.67 8.87 10.94
C LYS R 103 -69.36 7.61 10.49
N GLY R 104 -70.57 7.35 10.98
CA GLY R 104 -71.28 6.14 10.59
C GLY R 104 -72.25 6.36 9.45
N HIS R 105 -72.54 7.62 9.13
CA HIS R 105 -73.54 7.93 8.12
C HIS R 105 -73.02 8.76 6.96
N TYR R 106 -71.84 9.33 7.07
CA TYR R 106 -71.46 10.25 6.01
C TYR R 106 -70.09 9.97 5.42
N THR R 107 -69.12 9.53 6.22
CA THR R 107 -67.78 9.32 5.70
C THR R 107 -67.38 7.84 5.71
N GLU R 108 -67.28 7.23 6.88
CA GLU R 108 -66.66 5.90 6.92
C GLU R 108 -67.69 4.80 6.72
N GLY R 109 -68.84 4.92 7.36
CA GLY R 109 -69.94 4.02 7.03
C GLY R 109 -70.37 4.15 5.59
N ALA R 110 -70.36 5.39 5.07
CA ALA R 110 -70.68 5.60 3.66
C ALA R 110 -69.67 4.92 2.75
N GLU R 111 -68.38 4.99 3.10
CA GLU R 111 -67.37 4.30 2.31
C GLU R 111 -67.57 2.79 2.34
N LEU R 112 -67.92 2.24 3.50
CA LEU R 112 -68.05 0.79 3.61
C LEU R 112 -69.35 0.25 3.02
N VAL R 113 -70.43 1.04 3.04
CA VAL R 113 -71.77 0.50 2.83
C VAL R 113 -72.01 -0.04 1.42
N ASP R 114 -71.14 0.26 0.46
CA ASP R 114 -71.32 -0.28 -0.88
C ASP R 114 -71.23 -1.80 -0.88
N SER R 115 -70.27 -2.35 -0.13
CA SER R 115 -70.16 -3.80 -0.02
C SER R 115 -71.39 -4.40 0.65
N VAL R 116 -71.92 -3.72 1.67
CA VAL R 116 -73.12 -4.21 2.34
C VAL R 116 -74.29 -4.24 1.38
N LEU R 117 -74.43 -3.19 0.56
CA LEU R 117 -75.49 -3.17 -0.44
C LEU R 117 -75.31 -4.29 -1.46
N ASP R 118 -74.06 -4.56 -1.87
CA ASP R 118 -73.83 -5.65 -2.81
C ASP R 118 -74.24 -6.99 -2.21
N VAL R 119 -73.89 -7.22 -0.94
CA VAL R 119 -74.21 -8.50 -0.31
C VAL R 119 -75.72 -8.65 -0.12
N VAL R 120 -76.40 -7.59 0.33
CA VAL R 120 -77.84 -7.70 0.50
C VAL R 120 -78.53 -7.83 -0.85
N ARG R 121 -77.95 -7.24 -1.91
CA ARG R 121 -78.53 -7.37 -3.24
C ARG R 121 -78.44 -8.82 -3.72
N LYS R 122 -77.27 -9.45 -3.56
CA LYS R 122 -77.16 -10.83 -4.00
C LYS R 122 -78.00 -11.76 -3.14
N GLU R 123 -78.16 -11.46 -1.85
CA GLU R 123 -79.05 -12.25 -1.01
C GLU R 123 -80.50 -12.10 -1.45
N SER R 124 -80.92 -10.88 -1.78
CA SER R 124 -82.31 -10.67 -2.19
C SER R 124 -82.59 -11.25 -3.56
N GLU R 125 -81.59 -11.31 -4.42
CA GLU R 125 -81.77 -11.91 -5.74
C GLU R 125 -81.67 -13.44 -5.71
N SER R 126 -80.91 -14.00 -4.78
CA SER R 126 -80.82 -15.46 -4.70
C SER R 126 -82.13 -16.07 -4.24
N CYS R 127 -82.87 -15.38 -3.38
CA CYS R 127 -84.08 -15.91 -2.78
C CYS R 127 -85.28 -15.74 -3.72
N ASP R 128 -86.36 -16.48 -3.42
CA ASP R 128 -87.44 -16.65 -4.38
C ASP R 128 -88.40 -15.46 -4.40
N CYS R 129 -89.11 -15.24 -3.30
CA CYS R 129 -90.11 -14.18 -3.22
C CYS R 129 -89.88 -13.43 -1.91
N LEU R 130 -89.00 -12.43 -1.96
CA LEU R 130 -88.67 -11.68 -0.76
C LEU R 130 -89.85 -10.82 -0.32
N GLN R 131 -90.09 -10.79 0.99
CA GLN R 131 -91.15 -9.95 1.52
C GLN R 131 -90.64 -8.72 2.24
N GLY R 132 -89.43 -8.75 2.79
CA GLY R 132 -88.89 -7.60 3.47
C GLY R 132 -87.56 -7.91 4.12
N PHE R 133 -87.04 -6.91 4.82
CA PHE R 133 -85.77 -7.00 5.53
C PHE R 133 -85.99 -6.68 6.99
N GLN R 134 -85.13 -7.22 7.84
CA GLN R 134 -85.11 -6.85 9.25
C GLN R 134 -83.69 -6.50 9.66
N LEU R 135 -83.55 -5.44 10.45
CA LEU R 135 -82.26 -4.94 10.88
C LEU R 135 -82.25 -4.84 12.40
N THR R 136 -81.16 -5.28 13.01
CA THR R 136 -80.94 -5.15 14.44
C THR R 136 -79.79 -4.17 14.67
N HIS R 137 -80.07 -3.11 15.43
CA HIS R 137 -79.08 -2.06 15.62
C HIS R 137 -79.41 -1.29 16.89
N SER R 138 -78.43 -0.53 17.35
CA SER R 138 -78.61 0.37 18.48
C SER R 138 -78.95 1.78 18.00
N LEU R 139 -79.18 2.67 18.96
CA LEU R 139 -79.31 4.08 18.66
C LEU R 139 -78.33 4.96 19.41
N GLY R 140 -77.48 4.40 20.26
CA GLY R 140 -76.58 5.22 21.04
C GLY R 140 -75.23 5.38 20.38
N GLY R 141 -74.79 4.37 19.64
CA GLY R 141 -73.51 4.41 18.98
C GLY R 141 -73.58 5.10 17.62
N GLY R 142 -72.45 5.03 16.91
CA GLY R 142 -72.38 5.60 15.59
C GLY R 142 -72.44 4.53 14.51
N THR R 143 -71.88 3.36 14.81
CA THR R 143 -71.92 2.25 13.84
C THR R 143 -73.34 1.78 13.64
N GLY R 144 -73.95 1.26 14.70
CA GLY R 144 -75.31 0.77 14.65
C GLY R 144 -76.28 1.83 14.17
N SER R 145 -76.49 2.88 14.95
CA SER R 145 -77.47 3.90 14.60
C SER R 145 -77.22 4.47 13.22
N GLY R 146 -76.06 5.12 13.03
CA GLY R 146 -75.81 5.82 11.79
C GLY R 146 -75.76 4.91 10.57
N MET R 147 -74.96 3.84 10.65
CA MET R 147 -74.77 3.03 9.46
C MET R 147 -75.98 2.16 9.17
N GLY R 148 -76.67 1.66 10.20
CA GLY R 148 -77.92 0.98 9.95
C GLY R 148 -78.99 1.89 9.39
N THR R 149 -79.00 3.15 9.82
CA THR R 149 -79.93 4.11 9.23
C THR R 149 -79.63 4.35 7.76
N LEU R 150 -78.34 4.49 7.42
CA LEU R 150 -77.96 4.60 6.02
C LEU R 150 -78.39 3.35 5.24
N LEU R 151 -78.18 2.18 5.83
CA LEU R 151 -78.56 0.94 5.17
C LEU R 151 -80.05 0.86 4.96
N ILE R 152 -80.84 1.31 5.94
CA ILE R 152 -82.29 1.34 5.80
C ILE R 152 -82.69 2.27 4.67
N SER R 153 -82.06 3.44 4.59
CA SER R 153 -82.38 4.37 3.50
C SER R 153 -82.07 3.75 2.14
N LYS R 154 -80.90 3.12 2.01
CA LYS R 154 -80.54 2.49 0.75
C LYS R 154 -81.49 1.35 0.39
N ILE R 155 -81.86 0.53 1.38
CA ILE R 155 -82.74 -0.60 1.12
C ILE R 155 -84.13 -0.11 0.71
N ARG R 156 -84.65 0.90 1.41
CA ARG R 156 -85.96 1.46 1.07
C ARG R 156 -85.92 2.07 -0.32
N GLU R 157 -84.82 2.71 -0.69
CA GLU R 157 -84.68 3.23 -2.05
C GLU R 157 -84.70 2.10 -3.07
N GLU R 158 -83.98 1.01 -2.79
CA GLU R 158 -83.91 -0.10 -3.73
C GLU R 158 -85.16 -0.97 -3.69
N TYR R 159 -85.78 -1.12 -2.53
CA TYR R 159 -86.95 -1.99 -2.35
C TYR R 159 -88.05 -1.19 -1.67
N PRO R 160 -88.71 -0.28 -2.41
CA PRO R 160 -89.73 0.56 -1.77
C PRO R 160 -90.99 -0.18 -1.40
N ASP R 161 -91.25 -1.36 -1.98
CA ASP R 161 -92.48 -2.09 -1.74
C ASP R 161 -92.30 -3.23 -0.74
N ARG R 162 -91.16 -3.29 -0.06
CA ARG R 162 -90.89 -4.33 0.92
C ARG R 162 -90.96 -3.75 2.32
N ILE R 163 -91.17 -4.63 3.30
CA ILE R 163 -91.43 -4.23 4.67
C ILE R 163 -90.12 -4.16 5.44
N MET R 164 -89.95 -3.11 6.23
CA MET R 164 -88.75 -2.90 7.04
C MET R 164 -89.05 -3.24 8.49
N ASN R 165 -88.16 -4.00 9.11
CA ASN R 165 -88.25 -4.31 10.52
C ASN R 165 -86.97 -3.85 11.21
N THR R 166 -87.11 -3.22 12.37
CA THR R 166 -85.98 -2.72 13.12
C THR R 166 -86.19 -3.02 14.60
N PHE R 167 -85.53 -4.05 15.10
CA PHE R 167 -85.53 -4.36 16.53
C PHE R 167 -84.44 -3.52 17.18
N SER R 168 -84.74 -2.24 17.32
CA SER R 168 -83.75 -1.22 17.68
C SER R 168 -83.83 -0.92 19.17
N VAL R 169 -82.69 -0.99 19.84
CA VAL R 169 -82.60 -0.66 21.25
C VAL R 169 -82.33 0.83 21.40
N VAL R 170 -83.21 1.51 22.14
CA VAL R 170 -83.15 2.97 22.25
C VAL R 170 -82.44 3.33 23.54
N PRO R 171 -81.76 4.48 23.60
CA PRO R 171 -81.14 4.90 24.86
C PRO R 171 -82.18 5.28 25.89
N SER R 172 -81.79 5.16 27.15
CA SER R 172 -82.66 5.45 28.28
C SER R 172 -81.95 6.37 29.25
N PRO R 173 -82.69 7.18 30.02
CA PRO R 173 -82.03 8.21 30.82
C PRO R 173 -81.25 7.67 32.01
N LYS R 174 -81.64 6.52 32.57
CA LYS R 174 -80.97 6.06 33.77
C LYS R 174 -79.76 5.18 33.43
N VAL R 175 -79.95 4.14 32.63
CA VAL R 175 -78.79 3.32 32.19
C VAL R 175 -78.31 3.93 30.88
N SER R 176 -77.50 4.97 31.01
CA SER R 176 -76.98 5.69 29.86
C SER R 176 -75.52 5.30 29.67
N ASP R 177 -75.25 4.50 28.65
CA ASP R 177 -73.92 3.95 28.47
C ASP R 177 -72.93 5.03 28.05
N THR R 178 -73.30 5.89 27.11
CA THR R 178 -72.38 6.86 26.55
C THR R 178 -72.93 8.27 26.77
N VAL R 179 -72.15 9.27 26.34
CA VAL R 179 -72.45 10.66 26.62
C VAL R 179 -73.28 11.25 25.48
N VAL R 180 -73.09 10.72 24.28
CA VAL R 180 -73.70 11.29 23.08
C VAL R 180 -74.89 10.46 22.62
N GLU R 181 -75.51 9.69 23.52
CA GLU R 181 -76.68 8.89 23.16
C GLU R 181 -77.83 9.69 22.55
N PRO R 182 -78.28 10.81 23.13
CA PRO R 182 -79.40 11.52 22.50
C PRO R 182 -79.11 12.08 21.12
N TYR R 183 -77.89 12.56 20.87
CA TYR R 183 -77.53 13.00 19.52
C TYR R 183 -77.73 11.86 18.52
N ASN R 184 -77.13 10.71 18.82
CA ASN R 184 -77.21 9.57 17.91
C ASN R 184 -78.64 9.10 17.75
N ALA R 185 -79.39 9.08 18.85
CA ALA R 185 -80.77 8.61 18.81
C ALA R 185 -81.64 9.54 17.97
N THR R 186 -81.50 10.84 18.15
CA THR R 186 -82.30 11.79 17.38
C THR R 186 -81.98 11.69 15.90
N LEU R 187 -80.69 11.63 15.56
CA LEU R 187 -80.32 11.53 14.16
C LEU R 187 -80.84 10.24 13.54
N SER R 188 -80.81 9.14 14.28
CA SER R 188 -81.33 7.88 13.74
C SER R 188 -82.84 7.91 13.60
N VAL R 189 -83.54 8.42 14.62
CA VAL R 189 -85.00 8.41 14.64
C VAL R 189 -85.53 9.29 13.51
N HIS R 190 -84.80 10.34 13.15
CA HIS R 190 -85.14 11.14 11.97
C HIS R 190 -85.50 10.25 10.78
N GLN R 191 -84.56 9.43 10.30
CA GLN R 191 -84.84 8.61 9.14
C GLN R 191 -85.61 7.34 9.47
N LEU R 192 -85.60 6.90 10.73
CA LEU R 192 -86.47 5.79 11.10
C LEU R 192 -87.94 6.16 11.07
N VAL R 193 -88.26 7.45 11.09
CA VAL R 193 -89.66 7.87 11.01
C VAL R 193 -90.28 7.46 9.68
N GLU R 194 -89.56 7.67 8.58
CA GLU R 194 -90.13 7.45 7.25
C GLU R 194 -89.55 6.27 6.50
N ASN R 195 -88.31 5.86 6.78
CA ASN R 195 -87.67 4.82 6.00
C ASN R 195 -87.93 3.41 6.54
N THR R 196 -88.61 3.27 7.67
CA THR R 196 -88.87 1.98 8.27
C THR R 196 -90.38 1.74 8.30
N ASP R 197 -90.78 0.54 7.91
CA ASP R 197 -92.21 0.22 7.89
C ASP R 197 -92.75 0.06 9.30
N GLU R 198 -92.02 -0.62 10.18
CA GLU R 198 -92.37 -0.64 11.60
C GLU R 198 -91.12 -0.86 12.42
N THR R 199 -91.09 -0.23 13.59
CA THR R 199 -89.93 -0.21 14.48
C THR R 199 -90.34 -0.71 15.85
N TYR R 200 -89.49 -1.54 16.46
CA TYR R 200 -89.73 -2.08 17.80
C TYR R 200 -88.82 -1.35 18.77
N CYS R 201 -89.41 -0.50 19.61
CA CYS R 201 -88.65 0.27 20.58
C CYS R 201 -88.33 -0.61 21.78
N ILE R 202 -87.06 -0.95 21.93
CA ILE R 202 -86.56 -1.71 23.08
C ILE R 202 -85.54 -0.83 23.78
N ASP R 203 -85.34 -1.09 25.08
CA ASP R 203 -84.33 -0.37 25.83
C ASP R 203 -83.91 -1.20 27.02
N ASN R 204 -82.73 -0.87 27.56
CA ASN R 204 -82.13 -1.71 28.58
C ASN R 204 -82.82 -1.59 29.93
N GLU R 205 -83.52 -0.48 30.20
CA GLU R 205 -84.25 -0.35 31.46
C GLU R 205 -85.29 -1.44 31.62
N ALA R 206 -86.16 -1.60 30.62
CA ALA R 206 -87.22 -2.58 30.75
C ALA R 206 -86.69 -4.00 30.77
N LEU R 207 -85.63 -4.27 30.00
CA LEU R 207 -85.01 -5.59 30.01
C LEU R 207 -84.40 -5.90 31.37
N TYR R 208 -83.66 -4.94 31.94
CA TYR R 208 -83.12 -5.12 33.28
C TYR R 208 -84.22 -5.30 34.31
N ASP R 209 -85.31 -4.54 34.18
CA ASP R 209 -86.41 -4.63 35.13
C ASP R 209 -87.10 -5.99 35.06
N ILE R 210 -87.26 -6.52 33.84
CA ILE R 210 -87.75 -7.89 33.69
C ILE R 210 -86.83 -8.86 34.39
N CYS R 211 -85.53 -8.76 34.11
CA CYS R 211 -84.58 -9.70 34.70
C CYS R 211 -84.50 -9.56 36.22
N PHE R 212 -84.87 -8.39 36.75
CA PHE R 212 -84.91 -8.20 38.20
C PHE R 212 -86.18 -8.78 38.81
N ARG R 213 -87.34 -8.28 38.40
CA ARG R 213 -88.56 -8.56 39.13
C ARG R 213 -89.35 -9.74 38.57
N THR R 214 -89.26 -10.00 37.27
CA THR R 214 -90.00 -11.11 36.68
C THR R 214 -89.19 -12.40 36.73
N LEU R 215 -88.01 -12.39 36.14
CA LEU R 215 -87.15 -13.57 36.13
C LEU R 215 -86.45 -13.80 37.46
N LYS R 216 -86.43 -12.79 38.34
CA LYS R 216 -85.79 -12.89 39.65
C LYS R 216 -84.34 -13.33 39.51
N LEU R 217 -83.67 -12.83 38.48
CA LEU R 217 -82.31 -13.23 38.16
C LEU R 217 -81.34 -12.27 38.85
N THR R 218 -80.40 -12.83 39.61
CA THR R 218 -79.58 -12.01 40.51
C THR R 218 -78.62 -11.11 39.73
N THR R 219 -77.86 -11.68 38.81
CA THR R 219 -76.85 -10.93 38.05
C THR R 219 -77.01 -11.22 36.57
N PRO R 220 -78.06 -10.70 35.94
CA PRO R 220 -78.22 -10.90 34.49
C PRO R 220 -77.21 -10.10 33.69
N THR R 221 -76.56 -10.78 32.76
CA THR R 221 -75.63 -10.16 31.85
C THR R 221 -76.37 -9.78 30.57
N TYR R 222 -75.62 -9.36 29.56
CA TYR R 222 -76.23 -9.03 28.27
C TYR R 222 -76.84 -10.24 27.59
N GLY R 223 -76.41 -11.45 27.97
CA GLY R 223 -76.91 -12.64 27.32
C GLY R 223 -78.40 -12.84 27.53
N ASP R 224 -78.88 -12.61 28.74
CA ASP R 224 -80.31 -12.80 29.02
C ASP R 224 -81.15 -11.75 28.31
N LEU R 225 -80.67 -10.50 28.27
CA LEU R 225 -81.36 -9.47 27.52
C LEU R 225 -81.46 -9.84 26.04
N ASN R 226 -80.34 -10.28 25.47
CA ASN R 226 -80.32 -10.65 24.07
C ASN R 226 -81.21 -11.86 23.81
N HIS R 227 -81.29 -12.78 24.78
CA HIS R 227 -82.20 -13.92 24.66
C HIS R 227 -83.65 -13.48 24.65
N LEU R 228 -84.01 -12.51 25.50
CA LEU R 228 -85.37 -11.98 25.50
C LEU R 228 -85.71 -11.35 24.16
N VAL R 229 -84.81 -10.51 23.65
CA VAL R 229 -85.05 -9.86 22.36
C VAL R 229 -85.15 -10.90 21.26
N SER R 230 -84.31 -11.94 21.32
CA SER R 230 -84.35 -13.00 20.34
C SER R 230 -85.67 -13.76 20.38
N ALA R 231 -86.17 -14.03 21.59
CA ALA R 231 -87.44 -14.72 21.72
C ALA R 231 -88.58 -13.90 21.11
N THR R 232 -88.56 -12.59 21.35
CA THR R 232 -89.58 -11.74 20.73
C THR R 232 -89.46 -11.72 19.21
N MET R 233 -88.22 -11.63 18.69
CA MET R 233 -88.03 -11.66 17.25
C MET R 233 -88.54 -12.95 16.64
N SER R 234 -88.29 -14.08 17.29
CA SER R 234 -88.79 -15.35 16.80
C SER R 234 -90.30 -15.43 16.86
N GLY R 235 -90.89 -14.93 17.94
CA GLY R 235 -92.35 -14.96 18.07
C GLY R 235 -93.06 -14.03 17.11
N VAL R 236 -92.36 -13.01 16.61
CA VAL R 236 -92.97 -12.15 15.60
C VAL R 236 -93.21 -12.92 14.30
N THR R 237 -92.24 -13.74 13.88
CA THR R 237 -92.31 -14.43 12.60
C THR R 237 -92.69 -15.91 12.73
N THR R 238 -93.06 -16.36 13.93
CA THR R 238 -93.47 -17.76 14.08
C THR R 238 -94.67 -18.11 13.21
N CYS R 239 -95.53 -17.13 12.89
CA CYS R 239 -96.64 -17.39 11.99
C CYS R 239 -96.15 -17.64 10.57
N LEU R 240 -95.09 -16.94 10.15
CA LEU R 240 -94.49 -17.21 8.85
C LEU R 240 -93.81 -18.58 8.83
N ARG R 241 -93.11 -18.92 9.91
CA ARG R 241 -92.28 -20.12 9.90
C ARG R 241 -93.05 -21.39 10.24
N PHE R 242 -94.26 -21.29 10.76
CA PHE R 242 -95.01 -22.47 11.18
C PHE R 242 -96.48 -22.25 10.86
N PRO R 243 -97.25 -23.33 10.67
CA PRO R 243 -98.69 -23.16 10.45
C PRO R 243 -99.42 -22.70 11.71
N GLY R 244 -100.73 -22.58 11.64
CA GLY R 244 -101.50 -22.20 12.81
C GLY R 244 -102.96 -22.10 12.47
N GLN R 245 -103.77 -21.96 13.53
CA GLN R 245 -105.20 -21.77 13.33
C GLN R 245 -105.48 -20.44 12.63
N LEU R 246 -104.73 -19.41 12.97
CA LEU R 246 -104.88 -18.10 12.34
C LEU R 246 -103.49 -17.54 12.07
N ASN R 247 -103.14 -17.42 10.79
CA ASN R 247 -101.82 -16.97 10.38
C ASN R 247 -101.79 -15.45 10.27
N ALA R 248 -100.61 -14.88 10.49
CA ALA R 248 -100.42 -13.44 10.39
C ALA R 248 -98.96 -13.16 10.09
N ASP R 249 -98.64 -12.85 8.84
CA ASP R 249 -97.29 -12.46 8.47
C ASP R 249 -97.03 -11.02 8.90
N LEU R 250 -95.80 -10.55 8.66
CA LEU R 250 -95.42 -9.22 9.13
C LEU R 250 -96.23 -8.12 8.45
N ARG R 251 -96.59 -8.30 7.18
CA ARG R 251 -97.40 -7.31 6.49
C ARG R 251 -98.79 -7.19 7.11
N LYS R 252 -99.35 -8.31 7.57
CA LYS R 252 -100.67 -8.25 8.20
C LYS R 252 -100.62 -7.47 9.51
N LEU R 253 -99.58 -7.70 10.33
CA LEU R 253 -99.42 -6.89 11.53
C LEU R 253 -99.18 -5.43 11.18
N ALA R 254 -98.44 -5.16 10.10
CA ALA R 254 -98.19 -3.79 9.69
C ALA R 254 -99.48 -3.07 9.31
N VAL R 255 -100.36 -3.74 8.56
CA VAL R 255 -101.61 -3.11 8.17
C VAL R 255 -102.62 -3.06 9.30
N ASN R 256 -102.49 -3.95 10.29
CA ASN R 256 -103.42 -3.95 11.41
C ASN R 256 -102.94 -3.12 12.59
N MET R 257 -101.72 -2.61 12.55
CA MET R 257 -101.17 -1.86 13.67
C MET R 257 -100.68 -0.47 13.31
N VAL R 258 -100.70 -0.09 12.04
CA VAL R 258 -100.18 1.22 11.65
C VAL R 258 -101.32 1.98 10.98
N PRO R 259 -102.20 2.62 11.76
CA PRO R 259 -103.30 3.38 11.14
C PRO R 259 -102.83 4.53 10.29
N PHE R 260 -101.73 5.17 10.66
CA PHE R 260 -101.15 6.27 9.92
C PHE R 260 -99.66 6.00 9.78
N PRO R 261 -99.07 6.36 8.63
CA PRO R 261 -97.75 5.80 8.29
C PRO R 261 -96.64 6.10 9.28
N ARG R 262 -96.74 7.19 10.02
CA ARG R 262 -95.66 7.58 10.93
C ARG R 262 -95.78 6.96 12.31
N LEU R 263 -96.86 6.24 12.61
CA LEU R 263 -97.03 5.62 13.92
C LEU R 263 -96.76 4.13 13.79
N HIS R 264 -95.47 3.77 13.85
CA HIS R 264 -95.09 2.37 13.79
C HIS R 264 -93.98 2.07 14.78
N PHE R 265 -94.06 2.66 15.96
CA PHE R 265 -93.13 2.39 17.05
C PHE R 265 -93.86 1.60 18.12
N PHE R 266 -93.42 0.37 18.36
CA PHE R 266 -94.15 -0.58 19.19
C PHE R 266 -93.33 -0.94 20.43
N MET R 267 -94.03 -1.33 21.49
CA MET R 267 -93.37 -1.89 22.66
C MET R 267 -93.51 -3.40 22.61
N PRO R 268 -92.43 -4.15 22.39
CA PRO R 268 -92.54 -5.61 22.36
C PRO R 268 -92.70 -6.19 23.75
N GLY R 269 -93.17 -7.43 23.79
CA GLY R 269 -93.37 -8.13 25.03
C GLY R 269 -93.44 -9.62 24.79
N PHE R 270 -93.06 -10.40 25.80
CA PHE R 270 -93.06 -11.85 25.69
C PHE R 270 -93.67 -12.45 26.94
N ALA R 271 -94.45 -13.52 26.75
CA ALA R 271 -95.05 -14.26 27.84
C ALA R 271 -95.03 -15.74 27.46
N PRO R 272 -94.93 -16.64 28.44
CA PRO R 272 -94.78 -16.42 29.88
C PRO R 272 -93.33 -16.19 30.27
N LEU R 273 -93.12 -15.50 31.39
CA LEU R 273 -91.78 -15.33 31.96
C LEU R 273 -91.91 -15.54 33.46
N THR R 274 -91.33 -16.62 33.96
CA THR R 274 -91.41 -16.98 35.36
C THR R 274 -90.03 -17.36 35.87
N SER R 275 -89.79 -17.06 37.15
CA SER R 275 -88.54 -17.45 37.77
C SER R 275 -88.51 -18.97 37.99
N ARG R 276 -87.31 -19.48 38.24
CA ARG R 276 -87.16 -20.91 38.49
C ARG R 276 -87.89 -21.33 39.75
N GLY R 277 -87.82 -20.52 40.81
CA GLY R 277 -88.48 -20.86 42.06
C GLY R 277 -89.99 -20.76 42.00
N SER R 278 -90.53 -19.95 41.09
CA SER R 278 -91.97 -19.77 40.95
C SER R 278 -92.54 -20.53 39.76
N GLN R 279 -91.78 -21.44 39.17
CA GLN R 279 -92.27 -22.17 38.00
C GLN R 279 -93.37 -23.16 38.37
N GLN R 280 -93.22 -23.83 39.52
CA GLN R 280 -94.19 -24.84 39.92
C GLN R 280 -95.41 -24.25 40.61
N TYR R 281 -95.36 -22.97 41.00
CA TYR R 281 -96.47 -22.32 41.68
C TYR R 281 -97.36 -21.53 40.73
N ARG R 282 -97.24 -21.75 39.42
CA ARG R 282 -97.94 -20.95 38.44
C ARG R 282 -98.68 -21.86 37.48
N ALA R 283 -99.86 -21.43 37.05
CA ALA R 283 -100.78 -22.26 36.29
C ALA R 283 -100.56 -22.09 34.79
N LEU R 284 -100.65 -23.20 34.06
CA LEU R 284 -100.45 -23.22 32.61
C LEU R 284 -101.80 -22.97 31.94
N THR R 285 -102.13 -21.70 31.72
CA THR R 285 -103.39 -21.36 31.08
C THR R 285 -103.22 -20.03 30.34
N VAL R 286 -104.14 -19.77 29.43
CA VAL R 286 -104.08 -18.60 28.54
C VAL R 286 -104.45 -17.30 29.24
N PRO R 287 -105.45 -17.25 30.14
CA PRO R 287 -105.73 -15.97 30.82
C PRO R 287 -104.54 -15.41 31.57
N GLU R 288 -103.70 -16.24 32.18
CA GLU R 288 -102.54 -15.68 32.86
C GLU R 288 -101.47 -15.22 31.88
N LEU R 289 -101.38 -15.84 30.70
CA LEU R 289 -100.55 -15.26 29.64
C LEU R 289 -101.06 -13.89 29.24
N THR R 290 -102.38 -13.74 29.11
CA THR R 290 -102.93 -12.43 28.75
C THR R 290 -102.63 -11.39 29.82
N GLN R 291 -102.80 -11.76 31.09
CA GLN R 291 -102.49 -10.84 32.18
C GLN R 291 -101.01 -10.49 32.20
N GLN R 292 -100.13 -11.46 31.95
CA GLN R 292 -98.70 -11.19 31.91
C GLN R 292 -98.34 -10.30 30.72
N MET R 293 -99.05 -10.44 29.60
CA MET R 293 -98.77 -9.57 28.46
C MET R 293 -99.21 -8.14 28.72
N PHE R 294 -100.41 -7.96 29.26
CA PHE R 294 -101.03 -6.64 29.28
C PHE R 294 -100.67 -5.81 30.51
N ASP R 295 -99.83 -6.30 31.41
CA ASP R 295 -99.43 -5.49 32.54
C ASP R 295 -98.20 -4.66 32.19
N ALA R 296 -98.00 -3.59 32.96
CA ALA R 296 -96.97 -2.61 32.62
C ALA R 296 -95.57 -3.17 32.76
N LYS R 297 -95.37 -4.10 33.68
CA LYS R 297 -94.01 -4.55 34.00
C LYS R 297 -93.39 -5.40 32.90
N ASN R 298 -94.19 -6.08 32.09
CA ASN R 298 -93.66 -6.95 31.05
C ASN R 298 -93.24 -6.20 29.79
N MET R 299 -93.52 -4.90 29.71
CA MET R 299 -93.16 -4.14 28.52
C MET R 299 -91.65 -4.04 28.39
N MET R 300 -91.16 -4.07 27.15
CA MET R 300 -89.73 -3.99 26.90
C MET R 300 -89.29 -2.62 26.39
N ALA R 301 -90.13 -1.61 26.52
CA ALA R 301 -89.73 -0.21 26.44
C ALA R 301 -90.10 0.46 27.75
N ALA R 302 -89.26 1.39 28.21
CA ALA R 302 -89.50 2.05 29.49
C ALA R 302 -90.61 3.09 29.36
N CYS R 303 -91.77 2.60 28.94
CA CYS R 303 -92.98 3.41 28.82
C CYS R 303 -94.11 2.69 29.52
N ASP R 304 -94.73 3.35 30.48
CA ASP R 304 -95.86 2.77 31.19
C ASP R 304 -97.11 2.98 30.35
N PRO R 305 -97.76 1.91 29.88
CA PRO R 305 -98.97 2.09 29.05
C PRO R 305 -100.11 2.77 29.78
N ARG R 306 -100.12 2.75 31.11
CA ARG R 306 -101.17 3.43 31.85
C ARG R 306 -101.11 4.94 31.68
N HIS R 307 -99.96 5.49 31.31
CA HIS R 307 -99.86 6.91 31.02
C HIS R 307 -100.33 7.26 29.61
N GLY R 308 -100.65 6.27 28.79
CA GLY R 308 -101.09 6.54 27.44
C GLY R 308 -102.29 5.74 27.00
N ARG R 309 -102.62 5.82 25.72
CA ARG R 309 -103.73 5.08 25.15
C ARG R 309 -103.22 4.13 24.08
N TYR R 310 -103.66 2.88 24.14
CA TYR R 310 -103.32 1.90 23.12
C TYR R 310 -104.03 2.23 21.83
N LEU R 311 -103.27 2.33 20.73
CA LEU R 311 -103.89 2.44 19.41
C LEU R 311 -104.26 1.06 18.87
N THR R 312 -103.26 0.20 18.71
CA THR R 312 -103.45 -1.15 18.22
C THR R 312 -102.52 -2.08 18.98
N VAL R 313 -103.00 -3.31 19.23
CA VAL R 313 -102.28 -4.30 20.02
C VAL R 313 -102.24 -5.60 19.24
N ALA R 314 -101.08 -6.22 19.19
CA ALA R 314 -100.91 -7.53 18.57
C ALA R 314 -100.57 -8.56 19.64
N ALA R 315 -101.07 -9.78 19.44
CA ALA R 315 -100.81 -10.89 20.37
C ALA R 315 -100.62 -12.15 19.56
N VAL R 316 -99.37 -12.48 19.27
CA VAL R 316 -99.03 -13.65 18.47
C VAL R 316 -98.88 -14.82 19.42
N PHE R 317 -99.92 -15.64 19.54
CA PHE R 317 -99.92 -16.78 20.43
C PHE R 317 -99.28 -17.98 19.76
N ARG R 318 -98.72 -18.87 20.57
CA ARG R 318 -98.07 -20.08 20.08
C ARG R 318 -98.49 -21.27 20.93
N GLY R 319 -98.71 -22.40 20.28
CA GLY R 319 -99.06 -23.63 20.95
C GLY R 319 -100.50 -24.04 20.68
N ARG R 320 -100.80 -25.27 21.07
CA ARG R 320 -102.14 -25.83 20.95
C ARG R 320 -103.05 -25.07 21.91
N MET R 321 -103.92 -24.23 21.36
CA MET R 321 -104.72 -23.34 22.18
C MET R 321 -106.13 -23.25 21.63
N SER R 322 -107.06 -22.83 22.50
CA SER R 322 -108.45 -22.65 22.11
C SER R 322 -108.69 -21.20 21.72
N MET R 323 -109.49 -21.01 20.67
CA MET R 323 -109.76 -19.68 20.16
C MET R 323 -110.85 -18.94 20.93
N LYS R 324 -111.86 -19.67 21.43
CA LYS R 324 -112.96 -19.01 22.13
C LYS R 324 -112.46 -18.28 23.35
N GLU R 325 -111.68 -18.96 24.19
CA GLU R 325 -111.21 -18.35 25.42
C GLU R 325 -110.19 -17.24 25.15
N VAL R 326 -109.40 -17.37 24.08
CA VAL R 326 -108.49 -16.29 23.71
C VAL R 326 -109.27 -15.04 23.33
N ASP R 327 -110.29 -15.19 22.50
CA ASP R 327 -111.10 -14.06 22.10
C ASP R 327 -111.85 -13.47 23.28
N GLU R 328 -112.34 -14.33 24.18
CA GLU R 328 -113.00 -13.85 25.39
C GLU R 328 -112.03 -13.06 26.27
N GLN R 329 -110.79 -13.55 26.41
CA GLN R 329 -109.80 -12.83 27.20
C GLN R 329 -109.51 -11.46 26.61
N MET R 330 -109.36 -11.39 25.28
CA MET R 330 -109.11 -10.10 24.65
C MET R 330 -110.31 -9.17 24.80
N LEU R 331 -111.53 -9.72 24.72
CA LEU R 331 -112.72 -8.91 24.93
C LEU R 331 -112.78 -8.35 26.35
N ASN R 332 -112.48 -9.19 27.34
CA ASN R 332 -112.46 -8.71 28.73
C ASN R 332 -111.37 -7.66 28.92
N VAL R 333 -110.22 -7.84 28.29
CA VAL R 333 -109.15 -6.84 28.40
C VAL R 333 -109.61 -5.51 27.83
N GLN R 334 -110.25 -5.54 26.66
CA GLN R 334 -110.72 -4.30 26.05
C GLN R 334 -111.91 -3.70 26.79
N ASN R 335 -112.65 -4.50 27.56
CA ASN R 335 -113.82 -3.98 28.27
C ASN R 335 -113.46 -3.40 29.63
N LYS R 336 -112.68 -4.13 30.43
CA LYS R 336 -112.33 -3.64 31.76
C LYS R 336 -111.42 -2.42 31.69
N ASN R 337 -110.74 -2.21 30.56
CA ASN R 337 -109.77 -1.15 30.40
C ASN R 337 -110.10 -0.30 29.19
N SER R 338 -111.37 0.08 29.04
CA SER R 338 -111.77 0.90 27.90
C SER R 338 -111.11 2.27 27.92
N SER R 339 -110.75 2.77 29.10
CA SER R 339 -110.10 4.06 29.20
C SER R 339 -108.67 4.04 28.65
N TYR R 340 -108.03 2.88 28.64
CA TYR R 340 -106.65 2.76 28.19
C TYR R 340 -106.52 2.39 26.72
N PHE R 341 -107.63 2.27 26.00
CA PHE R 341 -107.62 1.97 24.58
C PHE R 341 -108.26 3.12 23.82
N VAL R 342 -107.73 3.40 22.63
CA VAL R 342 -108.24 4.51 21.83
C VAL R 342 -109.69 4.23 21.44
N GLU R 343 -110.51 5.27 21.45
CA GLU R 343 -111.96 5.08 21.32
C GLU R 343 -112.45 5.03 19.89
N TRP R 344 -111.77 5.68 18.96
CA TRP R 344 -112.24 5.71 17.58
C TRP R 344 -111.80 4.50 16.78
N ILE R 345 -111.12 3.55 17.39
CA ILE R 345 -110.83 2.28 16.74
C ILE R 345 -111.48 1.16 17.55
N PRO R 346 -112.60 0.60 17.10
CA PRO R 346 -113.11 -0.62 17.72
C PRO R 346 -112.18 -1.78 17.44
N ASN R 347 -112.18 -2.75 18.37
CA ASN R 347 -111.35 -3.95 18.28
C ASN R 347 -109.87 -3.60 18.15
N ASN R 348 -109.37 -2.96 19.21
CA ASN R 348 -107.99 -2.47 19.21
C ASN R 348 -106.96 -3.57 19.19
N VAL R 349 -107.33 -4.82 19.46
CA VAL R 349 -106.38 -5.91 19.61
C VAL R 349 -106.55 -6.88 18.44
N LYS R 350 -105.45 -7.18 17.76
CA LYS R 350 -105.42 -8.19 16.73
C LYS R 350 -104.75 -9.45 17.30
N THR R 351 -105.37 -10.59 17.07
CA THR R 351 -104.92 -11.86 17.64
C THR R 351 -104.46 -12.79 16.54
N ALA R 352 -103.29 -13.38 16.71
CA ALA R 352 -102.77 -14.42 15.84
C ALA R 352 -102.34 -15.60 16.69
N VAL R 353 -102.64 -16.81 16.20
CA VAL R 353 -102.35 -18.02 16.96
C VAL R 353 -101.56 -18.98 16.07
N CYS R 354 -100.40 -19.40 16.56
CA CYS R 354 -99.59 -20.42 15.91
C CYS R 354 -99.65 -21.71 16.72
N ASP R 355 -99.46 -22.83 16.04
CA ASP R 355 -99.60 -24.12 16.71
C ASP R 355 -98.30 -24.63 17.31
N ILE R 356 -97.15 -24.23 16.77
CA ILE R 356 -95.85 -24.72 17.23
C ILE R 356 -95.37 -23.79 18.35
N PRO R 357 -95.22 -24.28 19.57
CA PRO R 357 -94.72 -23.43 20.65
C PRO R 357 -93.22 -23.39 20.67
N PRO R 358 -92.61 -22.45 21.39
CA PRO R 358 -91.15 -22.44 21.53
C PRO R 358 -90.66 -23.65 22.31
N ARG R 359 -89.39 -23.97 22.11
CA ARG R 359 -88.79 -25.13 22.75
C ARG R 359 -88.81 -24.97 24.27
N GLY R 360 -89.23 -26.03 24.97
CA GLY R 360 -89.28 -26.03 26.41
C GLY R 360 -90.56 -25.49 27.01
N LEU R 361 -91.46 -24.93 26.20
CA LEU R 361 -92.73 -24.43 26.66
C LEU R 361 -93.84 -24.95 25.75
N LYS R 362 -94.98 -25.30 26.33
CA LYS R 362 -96.11 -25.76 25.55
C LYS R 362 -97.04 -24.63 25.16
N MET R 363 -96.74 -23.40 25.56
CA MET R 363 -97.60 -22.26 25.30
C MET R 363 -96.79 -20.98 25.50
N SER R 364 -96.95 -20.04 24.58
CA SER R 364 -96.23 -18.77 24.67
C SER R 364 -97.02 -17.71 23.92
N ALA R 365 -96.68 -16.45 24.19
CA ALA R 365 -97.37 -15.34 23.56
C ALA R 365 -96.39 -14.18 23.38
N THR R 366 -96.58 -13.45 22.29
CA THR R 366 -95.76 -12.28 21.97
C THR R 366 -96.65 -11.05 21.92
N PHE R 367 -96.29 -10.04 22.71
CA PHE R 367 -97.05 -8.79 22.76
C PHE R 367 -96.34 -7.75 21.91
N ILE R 368 -97.08 -7.14 21.00
CA ILE R 368 -96.60 -6.03 20.19
C ILE R 368 -97.66 -4.94 20.29
N GLY R 369 -97.36 -3.85 20.98
CA GLY R 369 -98.35 -2.83 21.26
C GLY R 369 -98.01 -1.46 20.75
N ASN R 370 -98.92 -0.85 19.99
CA ASN R 370 -98.76 0.50 19.48
C ASN R 370 -99.59 1.43 20.36
N SER R 371 -98.92 2.17 21.23
CA SER R 371 -99.59 3.03 22.18
C SER R 371 -98.98 4.42 22.17
N THR R 372 -99.77 5.40 22.61
CA THR R 372 -99.31 6.78 22.69
C THR R 372 -98.34 7.00 23.83
N ALA R 373 -98.15 6.02 24.72
CA ALA R 373 -97.15 6.13 25.78
C ALA R 373 -95.74 6.14 25.25
N ILE R 374 -95.54 5.81 23.97
CA ILE R 374 -94.21 5.89 23.35
C ILE R 374 -93.72 7.33 23.34
N GLN R 375 -94.63 8.30 23.32
CA GLN R 375 -94.24 9.70 23.13
C GLN R 375 -93.28 10.19 24.20
N GLU R 376 -93.37 9.65 25.42
CA GLU R 376 -92.47 10.14 26.46
C GLU R 376 -91.05 9.60 26.30
N LEU R 377 -90.91 8.42 25.69
CA LEU R 377 -89.59 7.93 25.34
C LEU R 377 -88.88 8.87 24.38
N PHE R 378 -89.63 9.57 23.54
CA PHE R 378 -89.05 10.60 22.69
C PHE R 378 -88.97 11.95 23.40
N LYS R 379 -89.85 12.23 24.35
CA LYS R 379 -89.73 13.44 25.15
C LYS R 379 -88.40 13.49 25.88
N ARG R 380 -88.01 12.39 26.53
CA ARG R 380 -86.76 12.40 27.28
C ARG R 380 -85.56 12.57 26.36
N ILE R 381 -85.57 11.85 25.23
CA ILE R 381 -84.48 11.99 24.27
C ILE R 381 -84.40 13.40 23.73
N SER R 382 -85.56 13.99 23.41
CA SER R 382 -85.60 15.33 22.85
C SER R 382 -85.12 16.36 23.87
N GLU R 383 -85.49 16.20 25.14
CA GLU R 383 -85.06 17.19 26.12
C GLU R 383 -83.57 17.07 26.43
N GLN R 384 -83.04 15.84 26.45
CA GLN R 384 -81.59 15.69 26.59
C GLN R 384 -80.86 16.31 25.41
N PHE R 385 -81.36 16.06 24.20
CA PHE R 385 -80.77 16.65 23.01
C PHE R 385 -80.83 18.18 23.06
N THR R 386 -81.97 18.73 23.48
CA THR R 386 -82.13 20.18 23.53
C THR R 386 -81.22 20.78 24.60
N ALA R 387 -81.02 20.06 25.71
CA ALA R 387 -80.09 20.52 26.72
C ALA R 387 -78.67 20.59 26.17
N MET R 388 -78.24 19.58 25.40
CA MET R 388 -76.89 19.66 24.85
C MET R 388 -76.80 20.54 23.60
N PHE R 389 -77.92 20.90 23.00
CA PHE R 389 -77.88 21.63 21.74
C PHE R 389 -77.83 23.14 21.93
N ARG R 390 -78.40 23.65 23.02
CA ARG R 390 -78.36 25.09 23.26
C ARG R 390 -76.93 25.57 23.48
N ARG R 391 -76.07 24.70 24.01
CA ARG R 391 -74.70 25.07 24.35
C ARG R 391 -73.68 24.52 23.36
N LYS R 392 -74.14 23.99 22.23
CA LYS R 392 -73.27 23.49 21.16
C LYS R 392 -72.38 22.35 21.67
N ALA R 393 -72.86 21.57 22.63
CA ALA R 393 -72.04 20.56 23.28
C ALA R 393 -71.82 19.37 22.36
N PHE R 394 -70.56 18.94 22.26
CA PHE R 394 -70.13 17.77 21.50
C PHE R 394 -70.44 17.86 20.01
N LEU R 395 -70.91 19.01 19.53
CA LEU R 395 -71.26 19.15 18.13
C LEU R 395 -70.06 19.28 17.22
N HIS R 396 -68.89 19.60 17.76
CA HIS R 396 -67.75 19.87 16.91
C HIS R 396 -67.26 18.60 16.21
N TRP R 397 -67.46 17.44 16.83
CA TRP R 397 -67.12 16.18 16.16
C TRP R 397 -67.96 15.99 14.90
N TYR R 398 -69.27 16.11 15.02
CA TYR R 398 -70.15 15.95 13.86
C TYR R 398 -69.90 17.03 12.83
N THR R 399 -69.68 18.27 13.28
CA THR R 399 -69.44 19.37 12.35
C THR R 399 -68.15 19.17 11.56
N GLY R 400 -67.08 18.74 12.24
CA GLY R 400 -65.83 18.47 11.55
C GLY R 400 -65.88 17.23 10.69
N GLU R 401 -66.77 16.29 11.00
CA GLU R 401 -66.91 15.11 10.15
C GLU R 401 -67.66 15.42 8.86
N GLY R 402 -68.40 16.52 8.80
CA GLY R 402 -69.04 16.90 7.56
C GLY R 402 -70.49 17.32 7.67
N MET R 403 -71.06 17.23 8.88
CA MET R 403 -72.44 17.61 9.06
C MET R 403 -72.57 19.12 9.24
N ASP R 404 -73.79 19.55 9.56
CA ASP R 404 -74.08 20.95 9.86
C ASP R 404 -75.15 21.00 10.94
N GLU R 405 -75.22 22.14 11.63
CA GLU R 405 -76.15 22.27 12.74
C GLU R 405 -77.60 22.18 12.28
N MET R 406 -77.87 22.52 11.03
CA MET R 406 -79.25 22.55 10.58
C MET R 406 -79.81 21.14 10.45
N GLU R 407 -78.94 20.17 10.18
CA GLU R 407 -79.37 18.77 10.20
C GLU R 407 -79.90 18.38 11.58
N PHE R 408 -79.19 18.77 12.63
CA PHE R 408 -79.65 18.51 13.99
C PHE R 408 -80.96 19.24 14.26
N THR R 409 -81.06 20.50 13.82
CA THR R 409 -82.28 21.28 14.04
C THR R 409 -83.49 20.61 13.39
N GLU R 410 -83.34 20.14 12.16
CA GLU R 410 -84.47 19.53 11.48
C GLU R 410 -84.77 18.13 12.00
N ALA R 411 -83.76 17.38 12.47
CA ALA R 411 -84.06 16.12 13.12
C ALA R 411 -84.87 16.33 14.40
N GLU R 412 -84.51 17.35 15.18
CA GLU R 412 -85.31 17.68 16.35
C GLU R 412 -86.72 18.10 15.97
N SER R 413 -86.86 18.89 14.91
CA SER R 413 -88.19 19.29 14.48
C SER R 413 -89.02 18.07 14.09
N ASN R 414 -88.38 17.10 13.43
CA ASN R 414 -89.10 15.89 13.03
C ASN R 414 -89.57 15.10 14.24
N MET R 415 -88.70 14.93 15.25
CA MET R 415 -89.13 14.23 16.45
C MET R 415 -90.23 14.99 17.19
N ASN R 416 -90.13 16.32 17.25
CA ASN R 416 -91.17 17.09 17.91
C ASN R 416 -92.50 16.95 17.18
N ASP R 417 -92.47 16.92 15.85
CA ASP R 417 -93.69 16.69 15.09
C ASP R 417 -94.29 15.31 15.39
N LEU R 418 -93.43 14.29 15.46
CA LEU R 418 -93.93 12.95 15.80
C LEU R 418 -94.54 12.92 17.19
N VAL R 419 -93.90 13.57 18.15
CA VAL R 419 -94.44 13.62 19.51
C VAL R 419 -95.78 14.34 19.52
N SER R 420 -95.88 15.45 18.80
CA SER R 420 -97.14 16.20 18.75
C SER R 420 -98.25 15.36 18.14
N GLU R 421 -97.93 14.61 17.07
CA GLU R 421 -98.97 13.79 16.44
C GLU R 421 -99.39 12.64 17.33
N TYR R 422 -98.46 12.04 18.08
CA TYR R 422 -98.84 11.03 19.06
C TYR R 422 -99.73 11.64 20.15
N GLN R 423 -99.39 12.83 20.62
CA GLN R 423 -100.20 13.47 21.64
C GLN R 423 -101.61 13.77 21.15
N GLN R 424 -101.73 14.29 19.93
CA GLN R 424 -103.05 14.66 19.41
C GLN R 424 -103.84 13.48 18.87
N TYR R 425 -103.22 12.31 18.69
CA TYR R 425 -104.00 11.09 18.57
C TYR R 425 -104.26 10.41 19.90
N GLN R 426 -103.59 10.81 20.98
CA GLN R 426 -103.93 10.29 22.29
C GLN R 426 -105.24 10.91 22.80
N ASP R 427 -105.41 12.21 22.58
CA ASP R 427 -106.57 12.97 23.07
C ASP R 427 -106.75 12.81 24.58
N MET S 1 -125.23 -36.27 -13.32
CA MET S 1 -125.82 -34.93 -13.31
C MET S 1 -125.92 -34.40 -11.89
N ARG S 2 -126.66 -33.30 -11.73
CA ARG S 2 -127.01 -32.68 -10.44
C ARG S 2 -125.77 -32.51 -9.55
N GLU S 3 -124.81 -31.76 -10.07
CA GLU S 3 -123.54 -31.53 -9.40
C GLU S 3 -123.44 -30.08 -8.94
N CYS S 4 -122.54 -29.86 -7.97
CA CYS S 4 -122.25 -28.52 -7.48
C CYS S 4 -120.79 -28.45 -7.08
N ILE S 5 -120.18 -27.30 -7.29
CA ILE S 5 -118.74 -27.11 -7.12
C ILE S 5 -118.50 -26.29 -5.86
N SER S 6 -117.56 -26.74 -5.04
CA SER S 6 -117.21 -26.06 -3.81
C SER S 6 -115.95 -25.21 -4.02
N ILE S 7 -116.01 -23.96 -3.60
CA ILE S 7 -114.88 -23.04 -3.68
C ILE S 7 -114.54 -22.61 -2.26
N HIS S 8 -113.26 -22.72 -1.89
CA HIS S 8 -112.80 -22.37 -0.56
C HIS S 8 -111.72 -21.30 -0.69
N VAL S 9 -112.02 -20.09 -0.23
CA VAL S 9 -111.13 -18.94 -0.34
C VAL S 9 -110.79 -18.46 1.06
N GLY S 10 -109.51 -18.21 1.30
CA GLY S 10 -109.05 -17.77 2.60
C GLY S 10 -108.75 -18.92 3.53
N GLN S 11 -108.11 -18.59 4.65
CA GLN S 11 -107.82 -19.59 5.66
C GLN S 11 -109.11 -20.16 6.25
N ALA S 12 -110.08 -19.29 6.53
CA ALA S 12 -111.37 -19.75 7.05
C ALA S 12 -112.05 -20.67 6.05
N GLY S 13 -112.08 -20.26 4.79
CA GLY S 13 -112.72 -21.09 3.78
C GLY S 13 -112.03 -22.43 3.61
N VAL S 14 -110.69 -22.44 3.65
CA VAL S 14 -109.95 -23.68 3.45
C VAL S 14 -110.16 -24.63 4.62
N GLN S 15 -110.16 -24.11 5.85
CA GLN S 15 -110.36 -24.98 7.00
C GLN S 15 -111.80 -25.50 7.05
N ILE S 16 -112.78 -24.64 6.75
CA ILE S 16 -114.16 -25.09 6.69
C ILE S 16 -114.33 -26.13 5.59
N GLY S 17 -113.62 -25.96 4.47
CA GLY S 17 -113.66 -26.96 3.42
C GLY S 17 -113.03 -28.28 3.82
N ASN S 18 -111.94 -28.22 4.60
CA ASN S 18 -111.35 -29.44 5.11
C ASN S 18 -112.34 -30.20 5.98
N ALA S 19 -113.02 -29.49 6.88
CA ALA S 19 -114.04 -30.13 7.71
C ALA S 19 -115.18 -30.68 6.85
N CYS S 20 -115.62 -29.90 5.86
CA CYS S 20 -116.72 -30.32 5.00
C CYS S 20 -116.37 -31.57 4.22
N TRP S 21 -115.14 -31.65 3.70
CA TRP S 21 -114.75 -32.80 2.90
C TRP S 21 -114.47 -34.02 3.75
N GLU S 22 -113.94 -33.85 4.96
CA GLU S 22 -113.88 -34.98 5.87
C GLU S 22 -115.28 -35.51 6.17
N LEU S 23 -116.23 -34.62 6.41
CA LEU S 23 -117.60 -35.04 6.67
C LEU S 23 -118.21 -35.74 5.46
N TYR S 24 -117.95 -35.23 4.27
CA TYR S 24 -118.50 -35.83 3.05
C TYR S 24 -117.91 -37.21 2.80
N CYS S 25 -116.59 -37.35 3.01
CA CYS S 25 -115.95 -38.65 2.85
C CYS S 25 -116.50 -39.66 3.85
N LEU S 26 -116.77 -39.21 5.08
CA LEU S 26 -117.41 -40.08 6.06
C LEU S 26 -118.83 -40.43 5.60
N GLU S 27 -119.55 -39.48 5.03
CA GLU S 27 -120.94 -39.71 4.62
C GLU S 27 -121.03 -40.75 3.51
N HIS S 28 -120.20 -40.61 2.48
CA HIS S 28 -120.28 -41.47 1.31
C HIS S 28 -119.40 -42.71 1.41
N GLY S 29 -118.68 -42.89 2.51
CA GLY S 29 -117.83 -44.04 2.67
C GLY S 29 -116.51 -43.98 1.94
N ILE S 30 -116.21 -42.86 1.31
CA ILE S 30 -114.94 -42.72 0.59
C ILE S 30 -113.82 -42.54 1.59
N GLN S 31 -112.77 -43.34 1.45
CA GLN S 31 -111.62 -43.24 2.32
C GLN S 31 -110.83 -41.97 2.00
N PRO S 32 -109.97 -41.52 2.92
CA PRO S 32 -109.20 -40.31 2.65
C PRO S 32 -108.30 -40.39 1.42
N ASP S 33 -107.90 -41.58 1.00
CA ASP S 33 -107.07 -41.73 -0.18
C ASP S 33 -107.89 -41.79 -1.47
N GLY S 34 -109.22 -41.69 -1.38
CA GLY S 34 -110.08 -41.62 -2.52
C GLY S 34 -110.79 -42.91 -2.89
N GLN S 35 -110.29 -44.05 -2.43
CA GLN S 35 -110.91 -45.33 -2.76
C GLN S 35 -112.13 -45.57 -1.89
N MET S 36 -113.18 -46.11 -2.50
CA MET S 36 -114.39 -46.50 -1.77
C MET S 36 -114.51 -48.01 -1.80
N PRO S 37 -114.23 -48.70 -0.68
CA PRO S 37 -114.33 -50.16 -0.60
C PRO S 37 -115.77 -50.64 -0.50
N ASP S 47 -123.40 -43.51 -8.17
CA ASP S 47 -124.52 -43.50 -7.23
C ASP S 47 -124.84 -42.09 -6.78
N SER S 48 -125.05 -41.93 -5.47
CA SER S 48 -125.40 -40.64 -4.89
C SER S 48 -124.18 -39.78 -4.60
N PHE S 49 -122.97 -40.35 -4.62
CA PHE S 49 -121.76 -39.56 -4.38
C PHE S 49 -121.40 -38.68 -5.57
N ASN S 50 -122.08 -38.82 -6.71
CA ASN S 50 -121.74 -38.08 -7.92
C ASN S 50 -121.96 -36.58 -7.78
N THR S 51 -122.68 -36.14 -6.74
CA THR S 51 -122.89 -34.71 -6.55
C THR S 51 -121.58 -33.98 -6.28
N PHE S 52 -120.79 -34.47 -5.34
CA PHE S 52 -119.59 -33.78 -4.90
C PHE S 52 -118.30 -34.44 -5.37
N PHE S 53 -118.35 -35.67 -5.86
CA PHE S 53 -117.16 -36.41 -6.25
C PHE S 53 -117.26 -36.83 -7.70
N SER S 54 -116.15 -36.72 -8.42
CA SER S 54 -116.05 -37.20 -9.79
C SER S 54 -115.22 -38.47 -9.80
N GLU S 55 -115.76 -39.53 -10.39
CA GLU S 55 -115.09 -40.81 -10.45
C GLU S 55 -114.08 -40.80 -11.59
N THR S 56 -112.81 -41.02 -11.26
CA THR S 56 -111.72 -40.98 -12.23
C THR S 56 -111.17 -42.37 -12.41
N GLY S 57 -111.14 -42.85 -13.65
CA GLY S 57 -110.60 -44.16 -13.95
C GLY S 57 -111.33 -45.29 -13.26
N ALA S 58 -110.64 -45.97 -12.34
CA ALA S 58 -111.22 -47.06 -11.58
C ALA S 58 -110.90 -46.87 -10.11
N GLY S 59 -111.94 -46.83 -9.27
CA GLY S 59 -111.75 -46.75 -7.84
C GLY S 59 -111.04 -45.50 -7.37
N LYS S 60 -111.38 -44.35 -7.94
CA LYS S 60 -110.76 -43.10 -7.53
C LYS S 60 -111.79 -41.99 -7.67
N HIS S 61 -112.11 -41.34 -6.54
CA HIS S 61 -113.06 -40.24 -6.51
C HIS S 61 -112.32 -38.96 -6.13
N VAL S 62 -112.44 -37.95 -6.96
CA VAL S 62 -111.86 -36.64 -6.66
C VAL S 62 -112.99 -35.67 -6.36
N PRO S 63 -112.90 -34.90 -5.28
CA PRO S 63 -113.97 -33.96 -4.96
C PRO S 63 -114.04 -32.83 -5.97
N ARG S 64 -115.27 -32.36 -6.20
CA ARG S 64 -115.49 -31.22 -7.09
C ARG S 64 -115.32 -29.93 -6.28
N ALA S 65 -114.07 -29.70 -5.90
CA ALA S 65 -113.70 -28.61 -5.03
C ALA S 65 -112.59 -27.78 -5.67
N VAL S 66 -112.21 -26.72 -4.97
CA VAL S 66 -111.05 -25.91 -5.34
C VAL S 66 -110.62 -25.14 -4.11
N PHE S 67 -109.32 -25.11 -3.84
CA PHE S 67 -108.78 -24.45 -2.66
C PHE S 67 -107.86 -23.32 -3.11
N VAL S 68 -108.15 -22.10 -2.68
CA VAL S 68 -107.45 -20.92 -3.15
C VAL S 68 -106.94 -20.14 -1.95
N ASP S 69 -105.67 -19.77 -1.97
CA ASP S 69 -105.09 -18.92 -0.95
C ASP S 69 -103.96 -18.11 -1.55
N LEU S 70 -103.75 -16.93 -0.98
CA LEU S 70 -102.58 -16.13 -1.34
C LEU S 70 -101.38 -16.43 -0.46
N GLU S 71 -101.53 -17.29 0.55
CA GLU S 71 -100.44 -17.74 1.39
C GLU S 71 -100.37 -19.26 1.37
N PRO S 72 -99.17 -19.83 1.50
CA PRO S 72 -99.00 -21.29 1.34
C PRO S 72 -99.09 -22.11 2.62
N THR S 73 -99.53 -21.55 3.74
CA THR S 73 -99.49 -22.31 4.98
C THR S 73 -100.55 -23.41 5.01
N VAL S 74 -101.82 -23.03 4.96
CA VAL S 74 -102.89 -24.00 5.12
C VAL S 74 -103.03 -24.90 3.90
N ILE S 75 -102.76 -24.39 2.69
CA ILE S 75 -102.84 -25.23 1.51
C ILE S 75 -101.78 -26.32 1.56
N ASP S 76 -100.56 -25.97 1.95
CA ASP S 76 -99.52 -26.99 2.09
C ASP S 76 -99.80 -27.90 3.28
N GLU S 77 -100.52 -27.41 4.29
CA GLU S 77 -100.98 -28.31 5.34
C GLU S 77 -101.93 -29.36 4.78
N VAL S 78 -102.82 -28.95 3.88
CA VAL S 78 -103.69 -29.89 3.19
C VAL S 78 -102.87 -30.85 2.33
N ARG S 79 -101.87 -30.32 1.62
CA ARG S 79 -101.06 -31.14 0.72
C ARG S 79 -100.22 -32.17 1.46
N THR S 80 -100.00 -31.99 2.77
CA THR S 80 -99.25 -32.94 3.57
C THR S 80 -100.12 -33.62 4.62
N GLY S 81 -101.41 -33.32 4.68
CA GLY S 81 -102.31 -33.91 5.64
C GLY S 81 -102.75 -35.30 5.22
N THR S 82 -103.73 -35.81 5.97
CA THR S 82 -104.23 -37.16 5.70
C THR S 82 -105.12 -37.21 4.47
N TYR S 83 -105.54 -36.07 3.95
CA TYR S 83 -106.34 -36.01 2.73
C TYR S 83 -105.53 -35.54 1.53
N ARG S 84 -104.21 -35.76 1.55
CA ARG S 84 -103.36 -35.33 0.45
C ARG S 84 -103.63 -36.10 -0.83
N GLN S 85 -104.09 -37.35 -0.71
CA GLN S 85 -104.41 -38.16 -1.88
C GLN S 85 -105.78 -37.85 -2.46
N LEU S 86 -106.62 -37.11 -1.72
CA LEU S 86 -107.98 -36.84 -2.20
C LEU S 86 -107.97 -35.82 -3.33
N PHE S 87 -107.18 -34.77 -3.20
CA PHE S 87 -107.18 -33.65 -4.14
C PHE S 87 -105.98 -33.74 -5.07
N HIS S 88 -106.21 -33.45 -6.36
CA HIS S 88 -105.01 -33.35 -7.18
C HIS S 88 -104.34 -32.00 -7.00
N PRO S 89 -103.03 -31.91 -7.25
CA PRO S 89 -102.31 -30.65 -6.93
C PRO S 89 -102.84 -29.42 -7.64
N GLU S 90 -103.31 -29.57 -8.88
CA GLU S 90 -103.87 -28.42 -9.60
C GLU S 90 -105.18 -27.94 -9.01
N GLN S 91 -105.83 -28.75 -8.18
CA GLN S 91 -107.07 -28.32 -7.53
C GLN S 91 -106.80 -27.34 -6.39
N LEU S 92 -105.63 -27.42 -5.77
CA LEU S 92 -105.26 -26.53 -4.67
C LEU S 92 -104.34 -25.46 -5.22
N ILE S 93 -104.87 -24.24 -5.35
CA ILE S 93 -104.15 -23.12 -5.94
C ILE S 93 -103.58 -22.26 -4.83
N THR S 94 -102.30 -21.89 -4.96
CA THR S 94 -101.57 -21.20 -3.92
C THR S 94 -100.91 -19.95 -4.48
N GLY S 95 -100.97 -18.86 -3.74
CA GLY S 95 -100.23 -17.66 -4.05
C GLY S 95 -98.86 -17.65 -3.40
N LYS S 96 -98.24 -16.48 -3.38
CA LYS S 96 -96.94 -16.31 -2.75
C LYS S 96 -97.01 -15.41 -1.52
N GLU S 97 -97.54 -14.20 -1.67
CA GLU S 97 -97.67 -13.26 -0.58
C GLU S 97 -99.14 -13.13 -0.20
N ASP S 98 -99.42 -13.19 1.10
CA ASP S 98 -100.78 -13.09 1.59
C ASP S 98 -101.36 -11.71 1.32
N ALA S 99 -102.69 -11.66 1.20
CA ALA S 99 -103.36 -10.37 1.09
C ALA S 99 -103.19 -9.53 2.33
N ALA S 100 -102.89 -10.16 3.47
CA ALA S 100 -102.57 -9.46 4.72
C ALA S 100 -103.72 -8.55 5.16
N ASN S 101 -104.91 -9.16 5.29
CA ASN S 101 -106.09 -8.48 5.82
C ASN S 101 -106.39 -7.20 5.06
N ASN S 102 -106.09 -7.18 3.76
CA ASN S 102 -106.27 -5.99 2.94
C ASN S 102 -107.17 -6.34 1.77
N TYR S 103 -108.32 -5.66 1.71
CA TYR S 103 -109.23 -5.87 0.58
C TYR S 103 -108.58 -5.42 -0.73
N ALA S 104 -107.83 -4.33 -0.68
CA ALA S 104 -107.12 -3.86 -1.85
C ALA S 104 -106.15 -4.90 -2.36
N ARG S 105 -105.38 -5.52 -1.45
CA ARG S 105 -104.39 -6.49 -1.86
C ARG S 105 -105.06 -7.74 -2.44
N GLY S 106 -106.14 -8.19 -1.81
CA GLY S 106 -106.84 -9.37 -2.29
C GLY S 106 -107.65 -9.14 -3.56
N HIS S 107 -107.95 -7.90 -3.89
CA HIS S 107 -108.80 -7.61 -5.04
C HIS S 107 -108.04 -7.10 -6.25
N TYR S 108 -107.02 -6.26 -6.07
CA TYR S 108 -106.35 -5.61 -7.18
C TYR S 108 -104.91 -6.07 -7.37
N THR S 109 -104.08 -5.98 -6.34
CA THR S 109 -102.65 -6.19 -6.53
C THR S 109 -102.28 -7.65 -6.55
N ILE S 110 -102.71 -8.42 -5.54
CA ILE S 110 -102.32 -9.81 -5.44
C ILE S 110 -103.34 -10.75 -6.07
N GLY S 111 -104.60 -10.35 -6.19
CA GLY S 111 -105.60 -11.23 -6.76
C GLY S 111 -105.62 -11.28 -8.27
N LYS S 112 -104.96 -10.33 -8.94
CA LYS S 112 -105.09 -10.25 -10.39
C LYS S 112 -104.27 -11.31 -11.11
N GLU S 113 -103.17 -11.78 -10.49
CA GLU S 113 -102.28 -12.72 -11.14
C GLU S 113 -102.58 -14.18 -10.80
N ILE S 114 -103.67 -14.43 -10.08
CA ILE S 114 -104.01 -15.79 -9.69
C ILE S 114 -105.47 -16.09 -10.04
N ILE S 115 -106.21 -15.05 -10.43
CA ILE S 115 -107.63 -15.24 -10.76
C ILE S 115 -107.77 -16.06 -12.04
N ASP S 116 -106.91 -15.83 -13.03
CA ASP S 116 -107.05 -16.53 -14.29
C ASP S 116 -106.87 -18.03 -14.11
N LEU S 117 -105.92 -18.45 -13.28
CA LEU S 117 -105.64 -19.87 -13.13
C LEU S 117 -106.77 -20.57 -12.37
N VAL S 118 -107.31 -19.93 -11.33
CA VAL S 118 -108.43 -20.54 -10.62
C VAL S 118 -109.68 -20.58 -11.49
N LEU S 119 -109.91 -19.55 -12.31
CA LEU S 119 -111.03 -19.61 -13.24
C LEU S 119 -110.84 -20.71 -14.27
N ASP S 120 -109.61 -20.93 -14.74
CA ASP S 120 -109.37 -22.05 -15.64
C ASP S 120 -109.65 -23.38 -14.96
N ARG S 121 -109.25 -23.52 -13.70
CA ARG S 121 -109.54 -24.75 -12.96
C ARG S 121 -111.05 -24.94 -12.78
N ILE S 122 -111.76 -23.86 -12.49
CA ILE S 122 -113.21 -23.94 -12.33
C ILE S 122 -113.87 -24.32 -13.65
N ARG S 123 -113.36 -23.77 -14.77
CA ARG S 123 -113.89 -24.13 -16.08
C ARG S 123 -113.66 -25.61 -16.37
N LYS S 124 -112.45 -26.11 -16.11
CA LYS S 124 -112.16 -27.51 -16.35
C LYS S 124 -112.89 -28.43 -15.38
N LEU S 125 -113.33 -27.92 -14.24
CA LEU S 125 -114.14 -28.70 -13.32
C LEU S 125 -115.62 -28.63 -13.63
N ALA S 126 -116.07 -27.60 -14.34
CA ALA S 126 -117.49 -27.41 -14.63
C ALA S 126 -117.93 -28.12 -15.90
N ASP S 127 -117.08 -28.15 -16.93
CA ASP S 127 -117.44 -28.89 -18.14
C ASP S 127 -117.37 -30.40 -17.93
N GLN S 128 -116.64 -30.85 -16.91
CA GLN S 128 -116.58 -32.27 -16.61
C GLN S 128 -117.95 -32.80 -16.20
N CYS S 129 -118.68 -32.04 -15.39
CA CYS S 129 -120.02 -32.43 -14.99
C CYS S 129 -121.05 -31.91 -15.99
N THR S 130 -122.18 -32.61 -16.06
CA THR S 130 -123.22 -32.30 -17.03
C THR S 130 -124.45 -31.64 -16.42
N GLY S 131 -124.58 -31.62 -15.10
CA GLY S 131 -125.75 -31.09 -14.46
C GLY S 131 -125.46 -30.08 -13.36
N LEU S 132 -124.46 -29.22 -13.59
CA LEU S 132 -123.99 -28.30 -12.57
C LEU S 132 -125.10 -27.43 -12.00
N GLN S 133 -125.45 -27.66 -10.73
CA GLN S 133 -126.49 -26.88 -10.08
C GLN S 133 -126.00 -25.49 -9.72
N GLY S 134 -124.76 -25.37 -9.26
CA GLY S 134 -124.25 -24.07 -8.86
C GLY S 134 -122.91 -24.20 -8.16
N PHE S 135 -122.54 -23.13 -7.47
CA PHE S 135 -121.26 -23.04 -6.79
C PHE S 135 -121.47 -22.82 -5.29
N LEU S 136 -120.56 -23.36 -4.50
CA LEU S 136 -120.53 -23.17 -3.05
C LEU S 136 -119.21 -22.51 -2.69
N VAL S 137 -119.25 -21.20 -2.43
CA VAL S 137 -118.05 -20.43 -2.13
C VAL S 137 -117.94 -20.28 -0.62
N PHE S 138 -116.81 -20.72 -0.07
CA PHE S 138 -116.55 -20.63 1.36
C PHE S 138 -115.47 -19.60 1.61
N HIS S 139 -115.77 -18.63 2.48
CA HIS S 139 -114.86 -17.53 2.71
C HIS S 139 -115.23 -16.87 4.04
N SER S 140 -114.55 -15.78 4.35
CA SER S 140 -114.83 -14.98 5.54
C SER S 140 -114.75 -13.51 5.19
N PHE S 141 -115.57 -12.71 5.87
CA PHE S 141 -115.61 -11.28 5.58
C PHE S 141 -114.38 -10.57 6.13
N GLY S 142 -113.84 -11.05 7.25
CA GLY S 142 -112.73 -10.35 7.89
C GLY S 142 -111.46 -10.36 7.07
N GLY S 143 -111.11 -11.51 6.50
CA GLY S 143 -109.82 -11.64 5.85
C GLY S 143 -109.71 -10.81 4.59
N GLY S 144 -108.49 -10.37 4.31
CA GLY S 144 -108.24 -9.65 3.07
C GLY S 144 -108.45 -10.52 1.85
N THR S 145 -107.93 -11.75 1.87
CA THR S 145 -108.20 -12.69 0.79
C THR S 145 -109.68 -13.01 0.70
N GLY S 146 -110.27 -13.44 1.82
CA GLY S 146 -111.65 -13.89 1.83
C GLY S 146 -112.66 -12.81 1.54
N SER S 147 -112.25 -11.54 1.56
CA SER S 147 -113.10 -10.45 1.09
C SER S 147 -112.78 -10.07 -0.35
N GLY S 148 -111.54 -9.64 -0.60
CA GLY S 148 -111.20 -9.11 -1.91
C GLY S 148 -111.23 -10.17 -3.00
N PHE S 149 -110.53 -11.28 -2.79
CA PHE S 149 -110.48 -12.29 -3.84
C PHE S 149 -111.82 -12.99 -3.98
N THR S 150 -112.58 -13.12 -2.89
CA THR S 150 -113.92 -13.67 -3.01
C THR S 150 -114.81 -12.76 -3.86
N SER S 151 -114.74 -11.45 -3.64
CA SER S 151 -115.52 -10.52 -4.45
C SER S 151 -115.10 -10.60 -5.92
N LEU S 152 -113.79 -10.64 -6.17
CA LEU S 152 -113.29 -10.73 -7.54
C LEU S 152 -113.74 -12.02 -8.22
N LEU S 153 -113.62 -13.15 -7.51
CA LEU S 153 -114.02 -14.43 -8.08
C LEU S 153 -115.51 -14.48 -8.31
N MET S 154 -116.30 -13.90 -7.41
CA MET S 154 -117.75 -13.95 -7.57
C MET S 154 -118.21 -13.08 -8.72
N GLU S 155 -117.59 -11.90 -8.90
CA GLU S 155 -117.97 -11.10 -10.07
C GLU S 155 -117.52 -11.75 -11.37
N ARG S 156 -116.36 -12.41 -11.38
CA ARG S 156 -115.95 -13.14 -12.56
C ARG S 156 -116.90 -14.31 -12.86
N LEU S 157 -117.33 -15.02 -11.81
CA LEU S 157 -118.29 -16.10 -12.01
C LEU S 157 -119.62 -15.57 -12.50
N SER S 158 -120.04 -14.41 -12.01
CA SER S 158 -121.30 -13.80 -12.46
C SER S 158 -121.22 -13.44 -13.93
N VAL S 159 -120.10 -12.85 -14.37
CA VAL S 159 -120.01 -12.48 -15.77
C VAL S 159 -119.76 -13.68 -16.67
N ASP S 160 -119.21 -14.77 -16.13
CA ASP S 160 -118.91 -15.95 -16.96
C ASP S 160 -120.10 -16.90 -17.06
N TYR S 161 -120.57 -17.41 -15.93
CA TYR S 161 -121.63 -18.42 -15.92
C TYR S 161 -123.02 -17.82 -15.97
N GLY S 162 -123.26 -16.76 -15.21
CA GLY S 162 -124.51 -16.04 -15.32
C GLY S 162 -125.63 -16.58 -14.45
N LYS S 163 -126.51 -17.36 -15.05
CA LYS S 163 -127.72 -17.83 -14.39
C LYS S 163 -127.46 -18.97 -13.41
N LYS S 164 -126.25 -19.54 -13.40
CA LYS S 164 -125.92 -20.58 -12.45
C LYS S 164 -126.01 -20.05 -11.03
N SER S 165 -126.58 -20.85 -10.13
CA SER S 165 -126.76 -20.43 -8.76
C SER S 165 -125.41 -20.25 -8.06
N LYS S 166 -125.35 -19.26 -7.17
CA LYS S 166 -124.14 -18.98 -6.41
C LYS S 166 -124.51 -18.87 -4.94
N LEU S 167 -124.15 -19.89 -4.18
CA LEU S 167 -124.39 -19.93 -2.74
C LEU S 167 -123.06 -19.79 -2.03
N GLU S 168 -122.98 -18.86 -1.08
CA GLU S 168 -121.74 -18.60 -0.36
C GLU S 168 -121.96 -18.70 1.14
N PHE S 169 -120.94 -19.20 1.83
CA PHE S 169 -120.93 -19.30 3.28
C PHE S 169 -119.82 -18.39 3.81
N SER S 170 -120.19 -17.47 4.70
CA SER S 170 -119.26 -16.45 5.16
C SER S 170 -119.27 -16.39 6.68
N ILE S 171 -118.13 -15.99 7.23
CA ILE S 171 -117.97 -15.82 8.67
C ILE S 171 -118.09 -14.34 8.97
N TYR S 172 -119.31 -13.90 9.27
CA TYR S 172 -119.55 -12.51 9.59
C TYR S 172 -118.90 -12.16 10.93
N PRO S 173 -118.27 -10.99 11.05
CA PRO S 173 -117.65 -10.63 12.33
C PRO S 173 -118.67 -10.46 13.44
N ALA S 174 -118.27 -10.84 14.64
CA ALA S 174 -119.13 -10.73 15.81
C ALA S 174 -119.14 -9.29 16.32
N PRO S 175 -120.19 -8.91 17.06
CA PRO S 175 -120.25 -7.53 17.59
C PRO S 175 -119.09 -7.21 18.50
N GLN S 176 -118.62 -8.21 19.24
CA GLN S 176 -117.58 -8.05 20.24
C GLN S 176 -116.40 -8.98 20.04
N VAL S 177 -116.62 -10.17 19.48
CA VAL S 177 -115.56 -11.17 19.33
C VAL S 177 -115.03 -11.05 17.91
N SER S 178 -113.92 -10.35 17.76
CA SER S 178 -113.28 -10.23 16.46
C SER S 178 -111.77 -10.13 16.66
N THR S 179 -111.03 -10.56 15.64
CA THR S 179 -109.58 -10.70 15.75
C THR S 179 -108.82 -9.85 14.74
N ALA S 180 -109.47 -8.91 14.08
CA ALA S 180 -108.81 -8.03 13.13
C ALA S 180 -109.20 -6.58 13.41
N VAL S 181 -108.22 -5.70 13.33
CA VAL S 181 -108.48 -4.29 13.59
C VAL S 181 -109.10 -3.62 12.37
N VAL S 182 -108.65 -3.98 11.17
CA VAL S 182 -109.07 -3.33 9.94
C VAL S 182 -110.26 -4.11 9.36
N GLU S 183 -110.85 -4.97 10.20
CA GLU S 183 -111.94 -5.84 9.75
C GLU S 183 -113.14 -5.12 9.17
N PRO S 184 -113.71 -4.07 9.80
CA PRO S 184 -114.94 -3.49 9.25
C PRO S 184 -114.80 -2.96 7.83
N TYR S 185 -113.62 -2.44 7.46
CA TYR S 185 -113.41 -1.99 6.09
C TYR S 185 -113.64 -3.13 5.11
N ASN S 186 -112.95 -4.24 5.32
CA ASN S 186 -113.09 -5.38 4.42
C ASN S 186 -114.51 -5.92 4.42
N SER S 187 -115.14 -5.97 5.60
CA SER S 187 -116.50 -6.50 5.68
C SER S 187 -117.49 -5.65 4.90
N ILE S 188 -117.36 -4.32 4.96
CA ILE S 188 -118.22 -3.45 4.17
C ILE S 188 -117.94 -3.63 2.68
N LEU S 189 -116.65 -3.66 2.31
CA LEU S 189 -116.28 -3.69 0.90
C LEU S 189 -116.73 -4.98 0.22
N THR S 190 -116.59 -6.12 0.90
CA THR S 190 -116.97 -7.37 0.25
C THR S 190 -118.48 -7.47 0.05
N THR S 191 -119.25 -6.97 1.02
CA THR S 191 -120.71 -6.97 0.86
C THR S 191 -121.15 -6.01 -0.23
N HIS S 192 -120.40 -4.93 -0.45
CA HIS S 192 -120.76 -3.99 -1.50
C HIS S 192 -120.90 -4.68 -2.86
N THR S 193 -120.14 -5.74 -3.11
CA THR S 193 -120.27 -6.51 -4.33
C THR S 193 -121.04 -7.81 -4.15
N THR S 194 -121.05 -8.37 -2.95
CA THR S 194 -121.85 -9.55 -2.67
C THR S 194 -123.35 -9.24 -2.81
N LEU S 195 -123.73 -7.98 -2.65
CA LEU S 195 -125.13 -7.61 -2.81
C LEU S 195 -125.66 -7.94 -4.20
N GLU S 196 -124.80 -7.87 -5.21
CA GLU S 196 -125.24 -8.09 -6.58
C GLU S 196 -124.66 -9.33 -7.24
N HIS S 197 -123.56 -9.87 -6.74
CA HIS S 197 -122.92 -11.02 -7.36
C HIS S 197 -123.24 -12.33 -6.64
N SER S 198 -124.12 -12.33 -5.65
CA SER S 198 -124.46 -13.52 -4.90
C SER S 198 -125.95 -13.79 -5.02
N ASP S 199 -126.32 -15.08 -4.98
CA ASP S 199 -127.72 -15.46 -5.01
C ASP S 199 -128.27 -15.77 -3.63
N CYS S 200 -127.43 -16.27 -2.72
CA CYS S 200 -127.86 -16.55 -1.35
C CYS S 200 -126.62 -16.61 -0.48
N ALA S 201 -126.48 -15.67 0.44
CA ALA S 201 -125.31 -15.58 1.30
C ALA S 201 -125.69 -15.99 2.71
N PHE S 202 -125.18 -17.14 3.14
CA PHE S 202 -125.45 -17.65 4.48
C PHE S 202 -124.46 -17.03 5.46
N MET S 203 -124.96 -16.67 6.63
CA MET S 203 -124.22 -15.83 7.55
C MET S 203 -123.94 -16.60 8.83
N VAL S 204 -122.71 -16.51 9.32
CA VAL S 204 -122.28 -17.23 10.51
C VAL S 204 -121.38 -16.33 11.34
N ASP S 205 -121.64 -16.26 12.65
CA ASP S 205 -120.81 -15.52 13.59
C ASP S 205 -120.02 -16.50 14.44
N ASN S 206 -118.72 -16.23 14.61
CA ASN S 206 -117.89 -17.10 15.43
C ASN S 206 -118.33 -17.07 16.90
N GLU S 207 -118.75 -15.88 17.38
CA GLU S 207 -119.17 -15.76 18.77
C GLU S 207 -120.41 -16.62 19.05
N ALA S 208 -121.33 -16.69 18.10
CA ALA S 208 -122.52 -17.52 18.28
C ALA S 208 -122.16 -19.01 18.30
N ILE S 209 -121.22 -19.42 17.45
CA ILE S 209 -120.72 -20.79 17.52
C ILE S 209 -120.12 -21.04 18.89
N TYR S 210 -119.36 -20.07 19.41
CA TYR S 210 -118.75 -20.22 20.73
C TYR S 210 -119.80 -20.38 21.81
N ASP S 211 -120.86 -19.57 21.75
CA ASP S 211 -121.92 -19.64 22.75
C ASP S 211 -122.64 -20.99 22.68
N ILE S 212 -122.91 -21.47 21.46
CA ILE S 212 -123.56 -22.77 21.31
C ILE S 212 -122.66 -23.88 21.84
N CYS S 213 -121.36 -23.81 21.55
CA CYS S 213 -120.43 -24.81 22.05
C CYS S 213 -120.36 -24.79 23.57
N ARG S 214 -120.39 -23.61 24.17
CA ARG S 214 -120.28 -23.50 25.62
C ARG S 214 -121.55 -24.00 26.31
N ARG S 215 -122.71 -23.68 25.76
CA ARG S 215 -123.95 -24.04 26.44
C ARG S 215 -124.42 -25.43 26.06
N ASN S 216 -124.69 -25.67 24.78
CA ASN S 216 -125.27 -26.94 24.33
C ASN S 216 -124.29 -28.10 24.44
N LEU S 217 -123.06 -27.92 23.97
CA LEU S 217 -122.08 -29.00 23.93
C LEU S 217 -121.11 -28.98 25.10
N ASP S 218 -121.35 -28.11 26.09
CA ASP S 218 -120.58 -27.87 27.30
C ASP S 218 -119.07 -28.05 27.09
N ILE S 219 -118.56 -27.50 25.99
CA ILE S 219 -117.13 -27.46 25.74
C ILE S 219 -116.56 -26.18 26.33
N GLU S 220 -115.64 -26.33 27.28
CA GLU S 220 -115.09 -25.15 27.94
C GLU S 220 -114.05 -24.44 27.08
N ARG S 221 -113.27 -25.20 26.30
CA ARG S 221 -112.24 -24.62 25.42
C ARG S 221 -112.41 -25.15 23.99
N PRO S 222 -113.37 -24.63 23.24
CA PRO S 222 -113.48 -24.98 21.82
C PRO S 222 -112.63 -24.09 20.94
N THR S 223 -112.12 -24.68 19.88
CA THR S 223 -111.28 -23.99 18.90
C THR S 223 -111.91 -24.09 17.52
N TYR S 224 -111.16 -23.65 16.51
CA TYR S 224 -111.71 -23.51 15.16
C TYR S 224 -112.17 -24.84 14.57
N THR S 225 -111.61 -25.96 15.03
CA THR S 225 -112.03 -27.24 14.43
C THR S 225 -113.49 -27.55 14.76
N ASN S 226 -113.94 -27.21 15.97
CA ASN S 226 -115.34 -27.40 16.31
C ASN S 226 -116.24 -26.47 15.49
N LEU S 227 -115.78 -25.23 15.29
CA LEU S 227 -116.54 -24.28 14.47
C LEU S 227 -116.70 -24.81 13.05
N ASN S 228 -115.61 -25.30 12.47
CA ASN S 228 -115.67 -25.84 11.12
C ASN S 228 -116.49 -27.11 11.06
N ARG S 229 -116.47 -27.92 12.12
CA ARG S 229 -117.33 -29.10 12.17
C ARG S 229 -118.81 -28.71 12.16
N LEU S 230 -119.17 -27.69 12.94
CA LEU S 230 -120.55 -27.22 12.94
C LEU S 230 -120.96 -26.69 11.58
N ILE S 231 -120.10 -25.87 10.96
CA ILE S 231 -120.41 -25.32 9.65
C ILE S 231 -120.50 -26.43 8.62
N SER S 232 -119.65 -27.44 8.74
CA SER S 232 -119.71 -28.59 7.84
C SER S 232 -121.02 -29.34 7.99
N GLN S 233 -121.49 -29.49 9.23
CA GLN S 233 -122.80 -30.12 9.43
C GLN S 233 -123.90 -29.30 8.78
N ILE S 234 -123.81 -27.96 8.88
CA ILE S 234 -124.81 -27.11 8.24
C ILE S 234 -124.80 -27.31 6.73
N VAL S 235 -123.61 -27.32 6.12
CA VAL S 235 -123.53 -27.47 4.67
C VAL S 235 -123.98 -28.86 4.24
N SER S 236 -123.65 -29.88 5.04
CA SER S 236 -124.12 -31.24 4.75
C SER S 236 -125.63 -31.32 4.81
N SER S 237 -126.25 -30.65 5.78
CA SER S 237 -127.71 -30.61 5.84
C SER S 237 -128.29 -29.84 4.66
N ILE S 238 -127.56 -28.83 4.18
CA ILE S 238 -127.99 -28.09 2.99
C ILE S 238 -128.02 -29.02 1.78
N THR S 239 -126.95 -29.80 1.59
CA THR S 239 -126.79 -30.59 0.38
C THR S 239 -127.33 -32.01 0.49
N ALA S 240 -127.86 -32.40 1.65
CA ALA S 240 -128.38 -33.76 1.82
C ALA S 240 -129.59 -34.00 0.93
N SER S 241 -130.45 -32.99 0.78
CA SER S 241 -131.62 -33.14 -0.08
C SER S 241 -131.24 -33.35 -1.54
N LEU S 242 -130.00 -33.05 -1.91
CA LEU S 242 -129.54 -33.23 -3.27
C LEU S 242 -128.63 -34.44 -3.42
N ARG S 243 -127.98 -34.86 -2.34
CA ARG S 243 -127.08 -36.02 -2.35
C ARG S 243 -127.78 -37.31 -1.97
N PHE S 244 -129.06 -37.26 -1.60
CA PHE S 244 -129.79 -38.45 -1.21
C PHE S 244 -131.23 -38.30 -1.68
N ASP S 245 -132.10 -39.16 -1.20
CA ASP S 245 -133.52 -39.12 -1.50
C ASP S 245 -134.31 -38.87 -0.22
N GLY S 246 -135.45 -38.18 -0.36
CA GLY S 246 -136.26 -37.83 0.78
C GLY S 246 -137.72 -37.74 0.40
N ALA S 247 -138.56 -37.68 1.44
CA ALA S 247 -139.99 -37.51 1.21
C ALA S 247 -140.28 -36.17 0.52
N LEU S 248 -139.62 -35.11 0.97
CA LEU S 248 -139.70 -33.80 0.33
C LEU S 248 -138.28 -33.37 -0.01
N ASN S 249 -138.04 -33.13 -1.29
CA ASN S 249 -136.71 -32.80 -1.78
C ASN S 249 -136.61 -31.30 -2.05
N VAL S 250 -135.51 -30.70 -1.60
CA VAL S 250 -135.25 -29.29 -1.80
C VAL S 250 -134.00 -29.16 -2.67
N ASP S 251 -134.16 -28.54 -3.83
CA ASP S 251 -133.05 -28.23 -4.72
C ASP S 251 -132.58 -26.80 -4.47
N LEU S 252 -131.41 -26.48 -5.02
CA LEU S 252 -130.85 -25.15 -4.82
C LEU S 252 -131.73 -24.07 -5.45
N THR S 253 -132.26 -24.33 -6.64
CA THR S 253 -133.14 -23.36 -7.29
C THR S 253 -134.42 -23.18 -6.49
N GLU S 254 -135.02 -24.27 -6.03
CA GLU S 254 -136.20 -24.18 -5.18
C GLU S 254 -135.86 -23.47 -3.88
N PHE S 255 -134.68 -23.74 -3.33
CA PHE S 255 -134.23 -23.09 -2.12
C PHE S 255 -134.18 -21.58 -2.29
N GLN S 256 -133.57 -21.11 -3.39
CA GLN S 256 -133.50 -19.69 -3.66
C GLN S 256 -134.88 -19.09 -3.88
N THR S 257 -135.73 -19.79 -4.64
CA THR S 257 -137.06 -19.25 -4.92
C THR S 257 -137.88 -19.10 -3.65
N ASN S 258 -137.82 -20.09 -2.76
CA ASN S 258 -138.61 -20.04 -1.54
C ASN S 258 -138.03 -19.09 -0.49
N LEU S 259 -136.71 -18.91 -0.47
CA LEU S 259 -136.08 -18.19 0.62
C LEU S 259 -135.83 -16.72 0.32
N VAL S 260 -135.65 -16.35 -0.95
CA VAL S 260 -135.25 -15.01 -1.33
C VAL S 260 -136.48 -14.29 -1.88
N PRO S 261 -137.07 -13.35 -1.14
CA PRO S 261 -138.26 -12.65 -1.65
C PRO S 261 -137.94 -11.51 -2.59
N TYR S 262 -136.82 -10.83 -2.36
CA TYR S 262 -136.39 -9.70 -3.16
C TYR S 262 -134.93 -9.90 -3.53
N PRO S 263 -134.51 -9.39 -4.69
CA PRO S 263 -133.15 -9.72 -5.18
C PRO S 263 -132.03 -9.31 -4.23
N ARG S 264 -132.18 -8.19 -3.53
CA ARG S 264 -131.13 -7.76 -2.62
C ARG S 264 -131.22 -8.42 -1.25
N ILE S 265 -132.34 -9.06 -0.94
CA ILE S 265 -132.55 -9.69 0.37
C ILE S 265 -132.24 -11.17 0.20
N HIS S 266 -130.96 -11.54 0.35
CA HIS S 266 -130.54 -12.93 0.21
C HIS S 266 -129.53 -13.29 1.29
N PHE S 267 -129.80 -12.90 2.54
CA PHE S 267 -128.89 -13.12 3.65
C PHE S 267 -129.64 -13.81 4.78
N PRO S 268 -129.93 -15.10 4.62
CA PRO S 268 -130.64 -15.84 5.67
C PRO S 268 -129.70 -16.21 6.83
N LEU S 269 -130.32 -16.59 7.93
CA LEU S 269 -129.60 -17.01 9.13
C LEU S 269 -129.83 -18.50 9.33
N ALA S 270 -128.74 -19.25 9.48
CA ALA S 270 -128.82 -20.69 9.62
C ALA S 270 -128.81 -21.11 11.08
N THR S 271 -129.69 -22.03 11.42
CA THR S 271 -129.67 -22.65 12.73
C THR S 271 -129.67 -24.16 12.54
N TYR S 272 -129.03 -24.87 13.47
CA TYR S 272 -128.94 -26.33 13.39
C TYR S 272 -129.30 -26.92 14.74
N ALA S 273 -130.07 -28.01 14.72
CA ALA S 273 -130.53 -28.65 15.93
C ALA S 273 -130.87 -30.09 15.63
N PRO S 274 -130.72 -31.01 16.59
CA PRO S 274 -130.21 -30.82 17.95
C PRO S 274 -128.70 -30.96 18.00
N VAL S 275 -128.02 -30.02 18.65
CA VAL S 275 -126.56 -30.05 18.75
C VAL S 275 -126.25 -30.23 20.23
N ILE S 276 -126.08 -31.48 20.65
CA ILE S 276 -125.93 -31.81 22.07
C ILE S 276 -124.82 -32.85 22.23
N SER S 277 -124.30 -32.93 23.45
CA SER S 277 -123.23 -33.85 23.77
C SER S 277 -123.78 -35.27 23.93
N ALA S 278 -122.87 -36.23 24.09
CA ALA S 278 -123.30 -37.62 24.23
C ALA S 278 -124.03 -37.85 25.55
N GLU S 279 -123.52 -37.26 26.64
CA GLU S 279 -124.12 -37.52 27.95
C GLU S 279 -125.49 -36.86 28.08
N LYS S 280 -125.71 -35.75 27.38
CA LYS S 280 -126.98 -35.06 27.46
C LYS S 280 -128.02 -35.61 26.48
N ALA S 281 -127.61 -36.47 25.55
CA ALA S 281 -128.54 -37.00 24.56
C ALA S 281 -129.44 -38.07 25.13
N TYR S 282 -128.94 -38.88 26.07
CA TYR S 282 -129.73 -39.99 26.60
C TYR S 282 -130.96 -39.50 27.34
N HIS S 283 -130.81 -38.42 28.13
CA HIS S 283 -131.92 -37.91 28.91
C HIS S 283 -132.93 -37.15 28.09
N GLU S 284 -132.64 -36.85 26.82
CA GLU S 284 -133.54 -36.10 25.97
C GLU S 284 -134.21 -37.02 24.96
N GLN S 285 -135.53 -36.96 24.91
CA GLN S 285 -136.31 -37.68 23.89
C GLN S 285 -136.48 -36.71 22.73
N LEU S 286 -135.50 -36.71 21.83
CA LEU S 286 -135.40 -35.67 20.80
C LEU S 286 -136.46 -35.86 19.72
N SER S 287 -137.62 -35.25 19.91
CA SER S 287 -138.71 -35.35 18.95
C SER S 287 -138.60 -34.25 17.91
N VAL S 288 -139.37 -34.40 16.83
CA VAL S 288 -139.38 -33.41 15.75
C VAL S 288 -139.89 -32.07 16.26
N ALA S 289 -140.95 -32.09 17.06
CA ALA S 289 -141.55 -30.85 17.55
C ALA S 289 -140.56 -30.06 18.38
N GLU S 290 -139.81 -30.73 19.25
CA GLU S 290 -138.94 -30.00 20.15
C GLU S 290 -137.68 -29.48 19.45
N ILE S 291 -137.13 -30.22 18.49
CA ILE S 291 -136.00 -29.66 17.74
C ILE S 291 -136.48 -28.52 16.85
N THR S 292 -137.69 -28.61 16.30
CA THR S 292 -138.25 -27.50 15.54
C THR S 292 -138.40 -26.26 16.42
N ASN S 293 -138.87 -26.45 17.66
CA ASN S 293 -138.96 -25.33 18.59
C ASN S 293 -137.58 -24.77 18.91
N ALA S 294 -136.60 -25.66 19.12
CA ALA S 294 -135.24 -25.22 19.43
C ALA S 294 -134.59 -24.48 18.27
N CYS S 295 -135.06 -24.71 17.05
CA CYS S 295 -134.52 -23.96 15.91
C CYS S 295 -134.84 -22.48 16.03
N PHE S 296 -136.04 -22.15 16.51
CA PHE S 296 -136.46 -20.76 16.63
C PHE S 296 -135.99 -20.10 17.94
N GLU S 297 -135.31 -20.84 18.80
CA GLU S 297 -134.81 -20.28 20.05
C GLU S 297 -133.72 -19.26 19.74
N PRO S 298 -133.83 -18.03 20.23
CA PRO S 298 -132.79 -17.03 19.97
C PRO S 298 -131.41 -17.41 20.49
N ALA S 299 -131.31 -18.38 21.40
CA ALA S 299 -130.01 -18.80 21.88
C ALA S 299 -129.32 -19.80 20.96
N ASN S 300 -130.04 -20.38 20.00
CA ASN S 300 -129.47 -21.41 19.13
C ASN S 300 -129.09 -20.88 17.74
N GLN S 301 -129.29 -19.59 17.48
CA GLN S 301 -128.90 -19.04 16.19
C GLN S 301 -127.39 -18.97 16.09
N MET S 302 -126.84 -19.34 14.92
CA MET S 302 -125.41 -19.17 14.75
C MET S 302 -125.02 -17.78 14.27
N VAL S 303 -125.90 -16.79 14.39
CA VAL S 303 -125.56 -15.40 14.17
C VAL S 303 -125.93 -14.63 15.43
N LYS S 304 -124.99 -13.86 15.96
CA LYS S 304 -125.23 -13.13 17.19
C LYS S 304 -126.21 -12.00 16.93
N CYS S 305 -127.49 -12.31 16.99
CA CYS S 305 -128.54 -11.33 16.75
C CYS S 305 -129.78 -11.79 17.50
N ASP S 306 -130.74 -10.88 17.63
CA ASP S 306 -131.96 -11.14 18.38
C ASP S 306 -133.16 -11.26 17.45
N PRO S 307 -133.64 -12.46 17.17
CA PRO S 307 -134.85 -12.60 16.33
C PRO S 307 -136.09 -11.99 16.94
N ARG S 308 -136.12 -11.77 18.25
CA ARG S 308 -137.33 -11.22 18.89
C ARG S 308 -137.62 -9.82 18.39
N HIS S 309 -136.59 -8.97 18.27
CA HIS S 309 -136.74 -7.64 17.72
C HIS S 309 -136.69 -7.62 16.20
N GLY S 310 -136.45 -8.77 15.56
CA GLY S 310 -136.58 -8.88 14.13
C GLY S 310 -137.95 -9.38 13.73
N LYS S 311 -138.11 -9.59 12.42
CA LYS S 311 -139.35 -10.12 11.88
C LYS S 311 -139.02 -11.12 10.79
N TYR S 312 -139.59 -12.31 10.89
CA TYR S 312 -139.31 -13.37 9.92
C TYR S 312 -140.01 -13.08 8.60
N MET S 313 -139.33 -13.42 7.51
CA MET S 313 -139.89 -13.26 6.17
C MET S 313 -140.06 -14.57 5.44
N ALA S 314 -139.09 -15.47 5.55
CA ALA S 314 -139.18 -16.80 4.94
C ALA S 314 -138.13 -17.69 5.60
N CYS S 315 -138.53 -18.91 5.93
CA CYS S 315 -137.63 -19.87 6.54
C CYS S 315 -137.76 -21.21 5.84
N CYS S 316 -136.63 -21.89 5.66
CA CYS S 316 -136.59 -23.20 5.03
C CYS S 316 -136.17 -24.23 6.06
N LEU S 317 -136.99 -25.26 6.23
CA LEU S 317 -136.79 -26.28 7.25
C LEU S 317 -136.28 -27.54 6.56
N LEU S 318 -135.02 -27.89 6.80
CA LEU S 318 -134.39 -29.05 6.18
C LEU S 318 -134.25 -30.14 7.24
N TYR S 319 -135.07 -31.18 7.11
CA TYR S 319 -135.09 -32.29 8.06
C TYR S 319 -134.36 -33.47 7.47
N ARG S 320 -133.60 -34.17 8.33
CA ARG S 320 -132.93 -35.40 7.93
C ARG S 320 -133.01 -36.40 9.07
N GLY S 321 -133.33 -37.64 8.73
CA GLY S 321 -133.45 -38.71 9.71
C GLY S 321 -134.82 -39.36 9.67
N ASP S 322 -135.23 -39.91 10.82
CA ASP S 322 -136.52 -40.58 10.95
C ASP S 322 -137.59 -39.51 11.20
N VAL S 323 -137.99 -38.85 10.11
CA VAL S 323 -138.93 -37.74 10.18
C VAL S 323 -140.06 -38.01 9.18
N VAL S 324 -141.30 -37.90 9.65
CA VAL S 324 -142.46 -38.03 8.78
C VAL S 324 -143.13 -36.66 8.66
N PRO S 325 -143.79 -36.36 7.54
CA PRO S 325 -144.31 -35.00 7.34
C PRO S 325 -145.37 -34.55 8.34
N LYS S 326 -146.13 -35.47 8.93
CA LYS S 326 -147.25 -35.06 9.78
C LYS S 326 -146.78 -34.37 11.06
N ASP S 327 -145.75 -34.91 11.71
CA ASP S 327 -145.24 -34.24 12.90
C ASP S 327 -144.57 -32.92 12.54
N VAL S 328 -144.01 -32.82 11.33
CA VAL S 328 -143.48 -31.53 10.87
C VAL S 328 -144.60 -30.51 10.75
N ASN S 329 -145.73 -30.92 10.18
CA ASN S 329 -146.87 -30.01 10.08
C ASN S 329 -147.36 -29.62 11.47
N ALA S 330 -147.39 -30.57 12.41
CA ALA S 330 -147.79 -30.23 13.77
C ALA S 330 -146.83 -29.23 14.40
N ALA S 331 -145.53 -29.42 14.22
CA ALA S 331 -144.55 -28.50 14.77
C ALA S 331 -144.68 -27.12 14.16
N ILE S 332 -144.90 -27.05 12.83
CA ILE S 332 -145.05 -25.76 12.17
C ILE S 332 -146.32 -25.06 12.66
N ALA S 333 -147.41 -25.82 12.83
CA ALA S 333 -148.64 -25.23 13.35
C ALA S 333 -148.45 -24.68 14.76
N THR S 334 -147.71 -25.41 15.61
CA THR S 334 -147.42 -24.90 16.94
C THR S 334 -146.56 -23.65 16.87
N ILE S 335 -145.61 -23.61 15.93
CA ILE S 335 -144.75 -22.43 15.76
C ILE S 335 -145.60 -21.22 15.37
N LYS S 336 -146.57 -21.42 14.48
CA LYS S 336 -147.42 -20.32 14.04
C LYS S 336 -148.21 -19.74 15.20
N THR S 337 -148.67 -20.58 16.12
CA THR S 337 -149.48 -20.11 17.24
C THR S 337 -148.67 -19.36 18.29
N LYS S 338 -147.35 -19.40 18.22
CA LYS S 338 -146.54 -18.69 19.20
C LYS S 338 -146.39 -17.23 18.79
N ARG S 339 -146.76 -16.32 19.71
CA ARG S 339 -146.74 -14.90 19.38
C ARG S 339 -145.33 -14.33 19.40
N SER S 340 -144.40 -14.95 20.14
CA SER S 340 -143.03 -14.45 20.19
C SER S 340 -142.33 -14.54 18.84
N ILE S 341 -142.75 -15.47 17.98
CA ILE S 341 -142.21 -15.61 16.64
C ILE S 341 -143.26 -15.07 15.67
N GLN S 342 -142.98 -13.92 15.06
CA GLN S 342 -143.91 -13.28 14.15
C GLN S 342 -143.34 -13.23 12.75
N PHE S 343 -144.24 -13.21 11.77
CA PHE S 343 -143.87 -13.20 10.36
C PHE S 343 -144.46 -11.97 9.69
N VAL S 344 -143.91 -11.63 8.52
CA VAL S 344 -144.40 -10.49 7.78
C VAL S 344 -145.80 -10.78 7.24
N ASP S 345 -146.61 -9.72 7.11
CA ASP S 345 -147.98 -9.90 6.67
C ASP S 345 -148.06 -10.39 5.24
N TRP S 346 -147.19 -9.89 4.36
CA TRP S 346 -147.24 -10.22 2.94
C TRP S 346 -146.74 -11.63 2.64
N CYS S 347 -146.47 -12.44 3.65
CA CYS S 347 -146.03 -13.83 3.47
C CYS S 347 -146.91 -14.71 4.35
N PRO S 348 -148.15 -14.97 3.92
CA PRO S 348 -149.05 -15.79 4.76
C PRO S 348 -148.51 -17.18 5.05
N THR S 349 -147.85 -17.81 4.08
CA THR S 349 -147.15 -19.07 4.29
C THR S 349 -145.66 -18.84 4.05
N GLY S 350 -144.85 -19.16 5.05
CA GLY S 350 -143.44 -18.84 4.98
C GLY S 350 -142.54 -19.97 5.42
N PHE S 351 -142.96 -21.21 5.19
CA PHE S 351 -142.18 -22.37 5.58
C PHE S 351 -141.94 -23.25 4.36
N LYS S 352 -140.66 -23.43 4.02
CA LYS S 352 -140.26 -24.39 3.01
C LYS S 352 -139.76 -25.64 3.74
N VAL S 353 -140.41 -26.78 3.46
CA VAL S 353 -140.20 -28.00 4.22
C VAL S 353 -139.43 -28.99 3.36
N GLY S 354 -138.39 -29.58 3.94
CA GLY S 354 -137.64 -30.63 3.28
C GLY S 354 -137.32 -31.76 4.23
N ILE S 355 -137.72 -32.99 3.87
CA ILE S 355 -137.51 -34.17 4.70
C ILE S 355 -136.59 -35.12 3.96
N ASN S 356 -135.56 -35.59 4.64
CA ASN S 356 -134.62 -36.57 4.09
C ASN S 356 -134.57 -37.78 5.00
N TYR S 357 -134.48 -38.98 4.40
CA TYR S 357 -134.51 -40.19 5.20
C TYR S 357 -133.21 -40.41 5.95
N GLN S 358 -132.08 -40.19 5.31
CA GLN S 358 -130.80 -40.56 5.89
C GLN S 358 -130.46 -39.63 7.07
N PRO S 359 -130.01 -40.18 8.19
CA PRO S 359 -129.71 -39.35 9.36
C PRO S 359 -128.33 -38.74 9.25
N PRO S 360 -128.06 -37.67 9.99
CA PRO S 360 -126.73 -37.05 9.92
C PRO S 360 -125.69 -37.94 10.59
N THR S 361 -124.57 -38.15 9.89
CA THR S 361 -123.51 -38.96 10.45
C THR S 361 -122.69 -38.15 11.44
N VAL S 362 -121.89 -38.86 12.23
CA VAL S 362 -121.04 -38.25 13.24
C VAL S 362 -119.57 -38.51 12.87
N VAL S 363 -118.78 -37.45 12.85
CA VAL S 363 -117.35 -37.60 12.58
C VAL S 363 -116.67 -38.20 13.79
N PRO S 364 -115.82 -39.21 13.63
CA PRO S 364 -115.07 -39.73 14.77
C PRO S 364 -114.21 -38.64 15.40
N GLY S 365 -114.19 -38.61 16.73
CA GLY S 365 -113.51 -37.57 17.45
C GLY S 365 -114.30 -36.27 17.59
N GLY S 366 -115.50 -36.20 17.02
CA GLY S 366 -116.29 -35.00 17.11
C GLY S 366 -116.99 -34.87 18.46
N ASP S 367 -117.44 -33.65 18.73
CA ASP S 367 -118.14 -33.38 19.98
C ASP S 367 -119.62 -33.65 19.92
N LEU S 368 -120.22 -33.61 18.73
CA LEU S 368 -121.64 -33.86 18.59
C LEU S 368 -121.96 -35.32 18.84
N ALA S 369 -123.20 -35.57 19.27
CA ALA S 369 -123.68 -36.92 19.54
C ALA S 369 -124.56 -37.40 18.40
N LYS S 370 -124.66 -38.72 18.27
CA LYS S 370 -125.50 -39.30 17.23
C LYS S 370 -126.96 -39.04 17.55
N VAL S 371 -127.71 -38.56 16.56
CA VAL S 371 -129.11 -38.22 16.73
C VAL S 371 -129.92 -38.88 15.62
N GLN S 372 -131.12 -39.32 15.98
CA GLN S 372 -132.01 -39.91 14.97
C GLN S 372 -132.51 -38.86 13.99
N ARG S 373 -132.78 -37.66 14.47
CA ARG S 373 -133.31 -36.58 13.64
C ARG S 373 -132.47 -35.33 13.82
N ALA S 374 -132.50 -34.47 12.80
CA ALA S 374 -131.78 -33.20 12.86
C ALA S 374 -132.46 -32.22 11.93
N VAL S 375 -132.41 -30.94 12.30
CA VAL S 375 -133.05 -29.87 11.54
C VAL S 375 -132.03 -28.77 11.31
N CYS S 376 -131.99 -28.26 10.08
CA CYS S 376 -131.18 -27.10 9.72
C CYS S 376 -132.11 -26.05 9.13
N MET S 377 -132.60 -25.14 9.96
CA MET S 377 -133.50 -24.10 9.49
C MET S 377 -132.69 -22.90 9.02
N LEU S 378 -133.07 -22.38 7.86
CA LEU S 378 -132.42 -21.21 7.27
C LEU S 378 -133.48 -20.16 7.06
N SER S 379 -133.56 -19.18 7.96
CA SER S 379 -134.60 -18.18 7.96
C SER S 379 -134.05 -16.85 7.45
N ASN S 380 -134.73 -16.26 6.48
CA ASN S 380 -134.44 -14.92 6.01
C ASN S 380 -135.27 -13.95 6.86
N THR S 381 -134.62 -13.30 7.82
CA THR S 381 -135.31 -12.41 8.75
C THR S 381 -134.62 -11.07 8.78
N THR S 382 -135.27 -10.11 9.43
CA THR S 382 -134.77 -8.75 9.55
C THR S 382 -133.86 -8.56 10.75
N ALA S 383 -133.57 -9.63 11.50
CA ALA S 383 -132.68 -9.53 12.64
C ALA S 383 -131.24 -9.21 12.23
N ILE S 384 -130.90 -9.42 10.96
CA ILE S 384 -129.54 -9.12 10.50
C ILE S 384 -129.41 -7.65 10.12
N ALA S 385 -130.52 -6.91 10.09
CA ALA S 385 -130.41 -5.47 9.94
C ALA S 385 -129.63 -4.85 11.09
N GLU S 386 -129.83 -5.34 12.32
CA GLU S 386 -129.05 -4.86 13.46
C GLU S 386 -127.58 -5.23 13.33
N ALA S 387 -127.29 -6.41 12.78
CA ALA S 387 -125.90 -6.77 12.53
C ALA S 387 -125.26 -5.80 11.55
N TRP S 388 -125.93 -5.55 10.43
CA TRP S 388 -125.46 -4.56 9.47
C TRP S 388 -125.35 -3.20 10.13
N ALA S 389 -126.25 -2.90 11.08
CA ALA S 389 -126.26 -1.60 11.72
C ALA S 389 -125.00 -1.37 12.55
N ARG S 390 -124.63 -2.31 13.43
CA ARG S 390 -123.43 -2.03 14.23
C ARG S 390 -122.15 -2.25 13.43
N LEU S 391 -122.14 -3.11 12.41
CA LEU S 391 -120.97 -3.13 11.53
C LEU S 391 -120.76 -1.79 10.86
N ASP S 392 -121.85 -1.17 10.41
CA ASP S 392 -121.78 0.14 9.78
C ASP S 392 -121.36 1.21 10.76
N HIS S 393 -121.84 1.12 12.02
CA HIS S 393 -121.42 2.09 13.01
C HIS S 393 -119.92 2.00 13.29
N LYS S 394 -119.39 0.77 13.39
CA LYS S 394 -117.95 0.61 13.55
C LYS S 394 -117.20 1.14 12.34
N PHE S 395 -117.71 0.87 11.13
CA PHE S 395 -117.08 1.38 9.92
C PHE S 395 -117.02 2.90 9.90
N ASP S 396 -118.15 3.55 10.21
CA ASP S 396 -118.17 5.02 10.25
C ASP S 396 -117.24 5.56 11.30
N LEU S 397 -117.26 4.95 12.48
CA LEU S 397 -116.49 5.44 13.61
C LEU S 397 -114.99 5.30 13.34
N MET S 398 -114.60 4.29 12.58
CA MET S 398 -113.19 4.15 12.21
C MET S 398 -112.83 5.00 11.00
N TYR S 399 -113.77 5.22 10.08
CA TYR S 399 -113.50 5.97 8.86
C TYR S 399 -113.53 7.48 9.06
N ALA S 400 -114.08 7.94 10.18
CA ALA S 400 -114.09 9.38 10.43
C ALA S 400 -112.68 9.95 10.51
N LYS S 401 -111.75 9.19 11.09
CA LYS S 401 -110.37 9.64 11.24
C LYS S 401 -109.47 9.20 10.10
N ARG S 402 -110.03 8.54 9.08
CA ARG S 402 -109.27 8.04 7.93
C ARG S 402 -108.16 7.08 8.37
N ALA S 403 -108.44 6.29 9.40
CA ALA S 403 -107.47 5.31 9.85
C ALA S 403 -107.38 4.14 8.89
N PHE S 404 -106.16 3.65 8.67
CA PHE S 404 -105.85 2.51 7.81
C PHE S 404 -106.23 2.73 6.35
N VAL S 405 -106.64 3.94 5.98
CA VAL S 405 -107.09 4.18 4.61
C VAL S 405 -105.93 4.09 3.63
N HIS S 406 -104.75 4.59 4.04
CA HIS S 406 -103.59 4.54 3.16
C HIS S 406 -103.18 3.12 2.83
N TRP S 407 -103.40 2.18 3.77
CA TRP S 407 -103.10 0.77 3.54
C TRP S 407 -103.98 0.16 2.47
N TYR S 408 -105.03 0.84 2.05
CA TYR S 408 -105.84 0.44 0.91
C TYR S 408 -105.58 1.31 -0.31
N VAL S 409 -105.34 2.60 -0.10
CA VAL S 409 -105.12 3.53 -1.20
C VAL S 409 -103.83 3.20 -1.94
N GLY S 410 -102.80 2.74 -1.22
CA GLY S 410 -101.54 2.43 -1.87
C GLY S 410 -101.56 1.20 -2.75
N GLU S 411 -102.70 0.54 -2.90
CA GLU S 411 -102.83 -0.70 -3.64
C GLU S 411 -103.96 -0.63 -4.66
N GLY S 412 -103.97 0.44 -5.47
CA GLY S 412 -104.94 0.56 -6.54
C GLY S 412 -106.38 0.74 -6.09
N MET S 413 -106.63 1.70 -5.22
CA MET S 413 -107.93 1.86 -4.59
C MET S 413 -108.10 3.29 -4.11
N GLU S 414 -109.35 3.77 -4.09
CA GLU S 414 -109.64 5.16 -3.81
C GLU S 414 -110.69 5.29 -2.72
N GLU S 415 -110.72 6.46 -2.06
CA GLU S 415 -111.72 6.72 -1.03
C GLU S 415 -113.13 6.83 -1.58
N GLY S 416 -113.28 7.20 -2.86
CA GLY S 416 -114.60 7.35 -3.43
C GLY S 416 -115.41 6.07 -3.37
N GLU S 417 -114.76 4.94 -3.62
CA GLU S 417 -115.47 3.68 -3.53
C GLU S 417 -115.65 3.21 -2.09
N PHE S 418 -114.80 3.66 -1.16
CA PHE S 418 -115.12 3.52 0.26
C PHE S 418 -116.47 4.18 0.57
N SER S 419 -116.64 5.42 0.11
CA SER S 419 -117.91 6.11 0.34
C SER S 419 -119.05 5.42 -0.38
N GLU S 420 -118.81 4.91 -1.59
CA GLU S 420 -119.89 4.26 -2.31
C GLU S 420 -120.29 2.94 -1.65
N ALA S 421 -119.33 2.20 -1.08
CA ALA S 421 -119.67 1.01 -0.32
C ALA S 421 -120.45 1.39 0.93
N ARG S 422 -120.08 2.49 1.56
CA ARG S 422 -120.81 2.98 2.73
C ARG S 422 -122.27 3.27 2.39
N GLU S 423 -122.50 4.02 1.30
CA GLU S 423 -123.87 4.37 0.94
C GLU S 423 -124.63 3.15 0.42
N ASP S 424 -123.94 2.19 -0.20
CA ASP S 424 -124.60 0.95 -0.59
C ASP S 424 -125.08 0.17 0.62
N MET S 425 -124.23 0.07 1.66
CA MET S 425 -124.68 -0.54 2.90
C MET S 425 -125.85 0.21 3.50
N ALA S 426 -125.79 1.55 3.49
CA ALA S 426 -126.89 2.33 4.04
C ALA S 426 -128.19 2.06 3.30
N ALA S 427 -128.13 1.99 1.97
CA ALA S 427 -129.30 1.60 1.19
C ALA S 427 -129.76 0.20 1.55
N LEU S 428 -128.82 -0.68 1.93
CA LEU S 428 -129.21 -2.03 2.33
C LEU S 428 -130.01 -2.02 3.64
N GLU S 429 -129.55 -1.26 4.65
CA GLU S 429 -130.37 -1.20 5.86
C GLU S 429 -131.70 -0.53 5.58
N LYS S 430 -131.73 0.48 4.70
CA LYS S 430 -132.99 1.12 4.37
C LYS S 430 -133.93 0.13 3.70
N ASP S 431 -133.41 -0.72 2.82
CA ASP S 431 -134.20 -1.75 2.16
C ASP S 431 -134.80 -2.72 3.18
N TYR S 432 -133.97 -3.19 4.12
CA TYR S 432 -134.48 -4.11 5.13
C TYR S 432 -135.54 -3.44 6.01
N GLU S 433 -135.31 -2.17 6.37
CA GLU S 433 -136.29 -1.46 7.19
C GLU S 433 -137.62 -1.30 6.46
N GLU S 434 -137.58 -0.96 5.17
CA GLU S 434 -138.83 -0.71 4.46
C GLU S 434 -139.52 -1.99 4.03
N VAL S 435 -138.81 -3.11 3.99
CA VAL S 435 -139.51 -4.39 3.79
C VAL S 435 -139.98 -4.98 5.10
N GLY S 436 -139.48 -4.51 6.24
CA GLY S 436 -139.96 -5.01 7.51
C GLY S 436 -141.18 -4.31 8.06
N VAL S 437 -141.69 -3.28 7.39
CA VAL S 437 -142.81 -2.51 7.92
C VAL S 437 -144.13 -3.19 7.58
N ASP S 438 -145.15 -2.86 8.36
CA ASP S 438 -146.50 -3.37 8.15
C ASP S 438 -147.20 -2.58 7.06
N SER S 439 -148.12 -3.23 6.37
CA SER S 439 -148.87 -2.58 5.30
C SER S 439 -150.32 -2.34 5.71
N GLY T 1 63.80 7.21 -50.98
CA GLY T 1 63.16 6.16 -50.22
C GLY T 1 62.82 4.94 -51.05
N ASP T 2 62.63 5.15 -52.36
CA ASP T 2 62.31 4.04 -53.24
C ASP T 2 63.49 3.09 -53.37
N GLN T 3 64.71 3.61 -53.34
CA GLN T 3 65.89 2.75 -53.40
C GLN T 3 65.96 1.83 -52.19
N ARG T 4 65.63 2.35 -51.00
CA ARG T 4 65.68 1.54 -49.80
C ARG T 4 64.68 0.39 -49.86
N LYS T 5 63.46 0.65 -50.34
CA LYS T 5 62.49 -0.44 -50.46
C LYS T 5 62.87 -1.40 -51.57
N GLN T 6 63.54 -0.92 -52.63
CA GLN T 6 64.03 -1.82 -53.67
C GLN T 6 65.08 -2.78 -53.12
N MET T 7 66.04 -2.25 -52.35
CA MET T 7 67.02 -3.14 -51.71
C MET T 7 66.38 -4.04 -50.69
N LEU T 8 65.32 -3.58 -50.01
CA LEU T 8 64.62 -4.44 -49.06
C LEU T 8 63.95 -5.61 -49.77
N GLN T 9 63.30 -5.34 -50.90
CA GLN T 9 62.71 -6.40 -51.70
C GLN T 9 63.77 -7.37 -52.20
N LYS T 10 64.93 -6.84 -52.62
CA LYS T 10 66.02 -7.71 -53.06
C LYS T 10 66.50 -8.60 -51.92
N TYR T 11 66.61 -8.05 -50.72
CA TYR T 11 67.02 -8.83 -49.55
C TYR T 11 66.00 -9.92 -49.23
N LYS T 12 64.71 -9.58 -49.29
CA LYS T 12 63.67 -10.57 -49.03
C LYS T 12 63.73 -11.70 -50.06
N GLU T 13 63.90 -11.35 -51.33
CA GLU T 13 64.01 -12.37 -52.37
C GLU T 13 65.23 -13.25 -52.16
N GLU T 14 66.36 -12.64 -51.78
CA GLU T 14 67.58 -13.42 -51.57
C GLU T 14 67.41 -14.40 -50.42
N LYS T 15 66.82 -13.96 -49.31
CA LYS T 15 66.65 -14.87 -48.19
C LYS T 15 65.62 -15.95 -48.49
N GLN T 16 64.58 -15.61 -49.25
CA GLN T 16 63.62 -16.63 -49.67
C GLN T 16 64.28 -17.67 -50.55
N LEU T 17 65.14 -17.23 -51.47
CA LEU T 17 65.85 -18.18 -52.34
C LEU T 17 66.77 -19.08 -51.53
N GLN T 18 67.48 -18.51 -50.55
CA GLN T 18 68.36 -19.33 -49.72
C GLN T 18 67.57 -20.34 -48.90
N LYS T 19 66.43 -19.92 -48.33
CA LYS T 19 65.60 -20.84 -47.57
C LYS T 19 65.04 -21.95 -48.45
N LEU T 20 64.62 -21.60 -49.67
CA LEU T 20 64.11 -22.62 -50.58
C LEU T 20 65.20 -23.60 -50.98
N LYS T 21 66.42 -23.10 -51.20
CA LYS T 21 67.54 -23.99 -51.53
C LYS T 21 67.83 -24.93 -50.38
N GLU T 22 67.80 -24.42 -49.14
CA GLU T 22 68.01 -25.28 -47.98
C GLU T 22 66.91 -26.34 -47.87
N GLN T 23 65.67 -25.95 -48.12
CA GLN T 23 64.57 -26.91 -48.07
C GLN T 23 64.72 -27.98 -49.15
N ARG T 24 65.13 -27.58 -50.36
CA ARG T 24 65.35 -28.56 -51.42
C ARG T 24 66.46 -29.53 -51.06
N GLU T 25 67.56 -29.01 -50.49
CA GLU T 25 68.66 -29.88 -50.09
C GLU T 25 68.23 -30.85 -48.98
N LYS T 26 67.40 -30.37 -48.04
CA LYS T 26 66.95 -31.23 -46.96
C LYS T 26 65.98 -32.30 -47.46
N ALA T 27 65.14 -31.96 -48.44
CA ALA T 27 64.07 -32.86 -48.87
C ALA T 27 64.58 -34.10 -49.58
N LYS T 28 65.85 -34.11 -50.02
CA LYS T 28 66.37 -35.26 -50.75
C LYS T 28 66.41 -36.51 -49.88
N ARG T 29 66.82 -36.37 -48.62
CA ARG T 29 66.85 -37.48 -47.67
C ARG T 29 66.18 -37.02 -46.38
N GLY T 30 65.01 -37.60 -46.09
CA GLY T 30 64.31 -37.23 -44.88
C GLY T 30 65.02 -37.72 -43.63
N ILE T 31 64.68 -37.10 -42.50
CA ILE T 31 65.29 -37.49 -41.24
C ILE T 31 64.74 -38.82 -40.79
N PHE T 32 65.59 -39.63 -40.15
CA PHE T 32 65.16 -40.93 -39.67
C PHE T 32 64.14 -40.80 -38.56
N LYS T 33 63.05 -41.57 -38.66
CA LYS T 33 61.97 -41.50 -37.69
C LYS T 33 61.41 -42.89 -37.46
N VAL T 34 60.92 -43.12 -36.25
CA VAL T 34 60.20 -44.34 -35.92
C VAL T 34 58.97 -43.96 -35.09
N GLY T 35 57.81 -44.45 -35.49
CA GLY T 35 56.58 -44.10 -34.81
C GLY T 35 55.58 -45.24 -34.76
N ARG T 36 54.32 -44.93 -34.46
CA ARG T 36 53.28 -45.95 -34.40
C ARG T 36 52.80 -46.30 -35.80
N TYR T 37 51.98 -47.34 -35.89
CA TYR T 37 51.73 -48.00 -37.17
C TYR T 37 50.82 -47.18 -38.08
N ARG T 38 49.78 -46.55 -37.52
CA ARG T 38 48.72 -45.91 -38.30
C ARG T 38 48.14 -46.90 -39.30
N PRO T 39 47.33 -47.87 -38.86
CA PRO T 39 46.82 -48.89 -39.78
C PRO T 39 45.94 -48.30 -40.86
N ASP T 40 45.96 -48.94 -42.03
CA ASP T 40 45.22 -48.45 -43.18
C ASP T 40 43.72 -48.68 -43.01
N MET T 41 42.95 -47.85 -43.69
CA MET T 41 41.49 -47.97 -43.64
C MET T 41 41.04 -49.21 -44.38
N PRO T 42 40.23 -50.08 -43.75
CA PRO T 42 39.74 -51.26 -44.46
C PRO T 42 38.81 -50.88 -45.60
N CYS T 43 38.84 -51.68 -46.66
CA CYS T 43 37.98 -51.45 -47.81
C CYS T 43 36.65 -52.16 -47.64
N PHE T 44 35.60 -51.57 -48.21
CA PHE T 44 34.26 -52.12 -48.14
C PHE T 44 33.69 -52.21 -49.55
N LEU T 45 32.73 -53.12 -49.72
CA LEU T 45 32.06 -53.26 -51.00
C LEU T 45 31.20 -52.04 -51.27
N LEU T 46 31.25 -51.55 -52.51
CA LEU T 46 30.50 -50.36 -52.89
C LEU T 46 30.29 -50.30 -54.40
N GLY U 1 -16.88 64.71 41.05
CA GLY U 1 -17.01 63.28 40.84
C GLY U 1 -17.52 62.93 39.45
N ASP U 2 -18.21 63.88 38.82
CA ASP U 2 -18.72 63.65 37.47
C ASP U 2 -17.57 63.50 36.47
N GLN U 3 -16.51 64.29 36.63
CA GLN U 3 -15.36 64.17 35.74
C GLN U 3 -14.72 62.80 35.87
N ARG U 4 -14.62 62.28 37.10
CA ARG U 4 -14.03 60.96 37.31
C ARG U 4 -14.84 59.87 36.62
N LYS U 5 -16.16 59.92 36.72
CA LYS U 5 -16.98 58.89 36.08
C LYS U 5 -16.99 59.05 34.56
N GLN U 6 -16.90 60.28 34.06
CA GLN U 6 -16.76 60.46 32.62
C GLN U 6 -15.45 59.88 32.11
N MET U 7 -14.36 60.11 32.84
CA MET U 7 -13.09 59.50 32.47
C MET U 7 -13.15 57.99 32.57
N LEU U 8 -13.89 57.47 33.55
CA LEU U 8 -14.08 56.03 33.68
C LEU U 8 -14.79 55.46 32.47
N GLN U 9 -15.86 56.12 32.02
CA GLN U 9 -16.58 55.66 30.84
C GLN U 9 -15.69 55.73 29.60
N LYS U 10 -14.89 56.79 29.48
CA LYS U 10 -13.97 56.90 28.35
C LYS U 10 -12.94 55.77 28.36
N TYR U 11 -12.41 55.45 29.55
CA TYR U 11 -11.45 54.36 29.66
C TYR U 11 -12.08 53.03 29.28
N LYS U 12 -13.30 52.77 29.75
CA LYS U 12 -13.98 51.54 29.41
C LYS U 12 -14.23 51.45 27.90
N GLU U 13 -14.63 52.56 27.28
CA GLU U 13 -14.84 52.57 25.85
C GLU U 13 -13.55 52.29 25.08
N GLU U 14 -12.44 52.90 25.52
CA GLU U 14 -11.16 52.66 24.87
C GLU U 14 -10.74 51.20 25.00
N LYS U 15 -10.92 50.61 26.19
CA LYS U 15 -10.57 49.21 26.38
C LYS U 15 -11.42 48.31 25.50
N GLN U 16 -12.73 48.60 25.41
CA GLN U 16 -13.60 47.80 24.54
C GLN U 16 -13.18 47.94 23.08
N LEU U 17 -12.80 49.15 22.67
CA LEU U 17 -12.39 49.37 21.28
C LEU U 17 -11.13 48.57 20.95
N GLN U 18 -10.14 48.61 21.84
CA GLN U 18 -8.91 47.88 21.56
C GLN U 18 -9.13 46.36 21.62
N LYS U 19 -9.99 45.90 22.53
CA LYS U 19 -10.31 44.47 22.57
C LYS U 19 -11.01 44.03 21.29
N LEU U 20 -11.95 44.84 20.79
CA LEU U 20 -12.64 44.50 19.55
C LEU U 20 -11.67 44.53 18.38
N LYS U 21 -10.72 45.47 18.37
CA LYS U 21 -9.71 45.50 17.31
C LYS U 21 -8.86 44.24 17.33
N GLU U 22 -8.44 43.81 18.52
CA GLU U 22 -7.67 42.58 18.64
C GLU U 22 -8.47 41.37 18.17
N GLN U 23 -9.75 41.32 18.53
CA GLN U 23 -10.60 40.22 18.09
C GLN U 23 -10.76 40.21 16.57
N ARG U 24 -10.94 41.38 15.97
CA ARG U 24 -11.04 41.46 14.51
C ARG U 24 -9.75 41.00 13.84
N GLU U 25 -8.61 41.39 14.40
CA GLU U 25 -7.33 40.96 13.84
C GLU U 25 -7.16 39.44 13.96
N LYS U 26 -7.58 38.87 15.09
CA LYS U 26 -7.45 37.43 15.29
C LYS U 26 -8.39 36.65 14.37
N ALA U 27 -9.60 37.15 14.15
CA ALA U 27 -10.60 36.39 13.41
C ALA U 27 -10.30 36.29 11.93
N LYS U 28 -9.33 37.05 11.41
CA LYS U 28 -9.02 36.99 9.99
C LYS U 28 -8.48 35.62 9.60
N ARG U 29 -7.62 35.04 10.42
CA ARG U 29 -7.07 33.70 10.19
C ARG U 29 -7.16 32.93 11.50
N GLY U 30 -8.04 31.92 11.53
CA GLY U 30 -8.13 31.08 12.71
C GLY U 30 -6.89 30.23 12.89
N ILE U 31 -6.70 29.75 14.10
CA ILE U 31 -5.54 28.93 14.41
C ILE U 31 -5.78 27.51 13.92
N PHE U 32 -4.70 26.81 13.61
CA PHE U 32 -4.79 25.45 13.12
C PHE U 32 -5.34 24.53 14.19
N LYS U 33 -6.44 23.83 13.87
CA LYS U 33 -7.09 22.90 14.78
C LYS U 33 -7.31 21.57 14.08
N VAL U 34 -7.44 20.53 14.89
CA VAL U 34 -7.67 19.18 14.38
C VAL U 34 -8.39 18.36 15.47
N GLY U 35 -9.44 17.66 15.08
CA GLY U 35 -10.22 16.87 16.00
C GLY U 35 -10.89 15.69 15.35
N ARG U 36 -12.07 15.31 15.84
CA ARG U 36 -12.84 14.22 15.27
C ARG U 36 -13.83 14.79 14.24
N TYR U 37 -14.70 13.94 13.70
CA TYR U 37 -15.33 14.26 12.42
C TYR U 37 -16.59 15.10 12.59
N ARG U 38 -17.43 14.79 13.59
CA ARG U 38 -18.78 15.35 13.65
C ARG U 38 -19.53 15.09 12.36
N PRO U 39 -19.97 13.86 12.09
CA PRO U 39 -20.66 13.58 10.83
C PRO U 39 -21.98 14.31 10.73
N ASP U 40 -22.33 14.66 9.49
CA ASP U 40 -23.58 15.35 9.21
C ASP U 40 -24.77 14.41 9.43
N MET U 41 -25.89 15.01 9.84
CA MET U 41 -27.10 14.24 10.05
C MET U 41 -27.62 13.70 8.72
N PRO U 42 -28.06 12.44 8.67
CA PRO U 42 -28.61 11.91 7.42
C PRO U 42 -29.91 12.59 7.05
N CYS U 43 -30.13 12.74 5.75
CA CYS U 43 -31.37 13.33 5.26
C CYS U 43 -32.41 12.24 5.03
N PHE U 44 -33.65 12.54 5.41
CA PHE U 44 -34.75 11.61 5.29
C PHE U 44 -35.84 12.21 4.40
N LEU U 45 -36.62 11.35 3.78
CA LEU U 45 -37.76 11.80 3.00
C LEU U 45 -38.77 12.48 3.89
N LEU U 46 -39.23 13.66 3.47
CA LEU U 46 -40.15 14.45 4.26
C LEU U 46 -40.89 15.48 3.41
N GLY V 1 135.25 37.28 -24.31
CA GLY V 1 134.73 36.13 -23.58
C GLY V 1 134.39 34.97 -24.49
N ASP V 2 134.22 35.25 -25.78
CA ASP V 2 133.90 34.19 -26.74
C ASP V 2 135.06 33.21 -26.86
N GLN V 3 136.29 33.70 -26.81
CA GLN V 3 137.45 32.81 -26.84
C GLN V 3 137.45 31.89 -25.62
N ARG V 4 137.07 32.43 -24.46
CA ARG V 4 137.02 31.63 -23.24
C ARG V 4 135.99 30.51 -23.34
N LYS V 5 134.80 30.80 -23.89
CA LYS V 5 133.80 29.75 -24.02
C LYS V 5 134.17 28.75 -25.11
N GLN V 6 134.86 29.20 -26.17
CA GLN V 6 135.37 28.26 -27.16
C GLN V 6 136.40 27.32 -26.54
N MET V 7 137.30 27.85 -25.71
CA MET V 7 138.26 27.00 -25.00
C MET V 7 137.56 26.08 -24.03
N LEU V 8 136.47 26.54 -23.39
CA LEU V 8 135.69 25.68 -22.52
C LEU V 8 135.10 24.50 -23.29
N GLN V 9 134.52 24.78 -24.47
CA GLN V 9 133.98 23.71 -25.30
C GLN V 9 135.07 22.74 -25.73
N LYS V 10 136.24 23.26 -26.11
CA LYS V 10 137.35 22.40 -26.51
C LYS V 10 137.81 21.53 -25.35
N TYR V 11 137.90 22.10 -24.16
CA TYR V 11 138.31 21.34 -22.97
C TYR V 11 137.31 20.24 -22.64
N LYS V 12 136.01 20.56 -22.69
CA LYS V 12 134.99 19.55 -22.44
C LYS V 12 135.04 18.44 -23.46
N GLU V 13 135.24 18.79 -24.74
CA GLU V 13 135.35 17.77 -25.79
C GLU V 13 136.56 16.89 -25.57
N GLU V 14 137.69 17.48 -25.19
CA GLU V 14 138.90 16.69 -24.95
C GLU V 14 138.71 15.75 -23.77
N LYS V 15 138.09 16.24 -22.69
CA LYS V 15 137.84 15.37 -21.54
C LYS V 15 136.89 14.24 -21.88
N GLN V 16 135.84 14.53 -22.65
CA GLN V 16 134.92 13.49 -23.08
C GLN V 16 135.62 12.46 -23.96
N LEU V 17 136.49 12.91 -24.85
CA LEU V 17 137.23 11.99 -25.71
C LEU V 17 138.14 11.09 -24.88
N GLN V 18 138.83 11.65 -23.89
CA GLN V 18 139.71 10.85 -23.04
C GLN V 18 138.89 9.83 -22.24
N LYS V 19 137.75 10.26 -21.69
CA LYS V 19 136.90 9.34 -20.94
C LYS V 19 136.36 8.22 -21.82
N LEU V 20 135.97 8.56 -23.05
CA LEU V 20 135.47 7.55 -23.98
C LEU V 20 136.58 6.56 -24.37
N LYS V 21 137.79 7.06 -24.57
CA LYS V 21 138.91 6.18 -24.88
C LYS V 21 139.19 5.22 -23.72
N GLU V 22 139.15 5.74 -22.49
CA GLU V 22 139.34 4.89 -21.32
C GLU V 22 138.24 3.84 -21.23
N GLN V 23 136.98 4.24 -21.50
CA GLN V 23 135.89 3.28 -21.46
C GLN V 23 136.04 2.21 -22.52
N ARG V 24 136.47 2.60 -23.73
CA ARG V 24 136.69 1.61 -24.79
C ARG V 24 137.80 0.63 -24.41
N GLU V 25 138.88 1.15 -23.81
CA GLU V 25 139.96 0.27 -23.37
C GLU V 25 139.49 -0.68 -22.26
N LYS V 26 138.66 -0.19 -21.34
CA LYS V 26 138.18 -1.04 -20.25
C LYS V 26 137.21 -2.10 -20.75
N ALA V 27 136.36 -1.76 -21.72
CA ALA V 27 135.29 -2.66 -22.15
C ALA V 27 135.81 -3.89 -22.88
N LYS V 28 137.06 -3.88 -23.34
CA LYS V 28 137.59 -5.04 -24.07
C LYS V 28 137.66 -6.27 -23.18
N ARG V 29 138.12 -6.12 -21.94
CA ARG V 29 138.24 -7.21 -20.98
C ARG V 29 137.49 -6.83 -19.73
N GLY V 30 136.39 -7.52 -19.45
CA GLY V 30 135.64 -7.24 -18.24
C GLY V 30 136.37 -7.70 -17.00
N ILE V 31 136.07 -7.05 -15.88
CA ILE V 31 136.70 -7.41 -14.61
C ILE V 31 136.13 -8.72 -14.11
N PHE V 32 136.97 -9.53 -13.46
CA PHE V 32 136.54 -10.82 -12.96
C PHE V 32 135.57 -10.64 -11.79
N LYS V 33 134.49 -11.40 -11.81
CA LYS V 33 133.49 -11.37 -10.76
C LYS V 33 132.95 -12.77 -10.52
N VAL V 34 132.47 -13.00 -9.31
CA VAL V 34 131.70 -14.19 -8.96
C VAL V 34 130.27 -13.75 -8.74
N GLY V 35 129.32 -14.53 -9.27
CA GLY V 35 127.94 -14.11 -9.28
C GLY V 35 127.00 -15.26 -8.95
N ARG V 36 125.80 -14.89 -8.53
CA ARG V 36 124.74 -15.85 -8.29
C ARG V 36 124.20 -16.39 -9.61
N TYR V 37 123.39 -17.44 -9.52
CA TYR V 37 122.95 -18.13 -10.72
C TYR V 37 122.05 -17.25 -11.58
N ARG V 38 121.13 -16.51 -10.96
CA ARG V 38 120.10 -15.75 -11.67
C ARG V 38 119.35 -16.67 -12.62
N PRO V 39 118.50 -17.55 -12.10
CA PRO V 39 117.88 -18.58 -12.96
C PRO V 39 117.02 -17.97 -14.05
N ASP V 40 117.04 -18.62 -15.22
CA ASP V 40 116.31 -18.14 -16.37
C ASP V 40 114.81 -18.36 -16.20
N MET V 41 114.04 -17.52 -16.88
CA MET V 41 112.59 -17.63 -16.82
C MET V 41 112.14 -18.89 -17.55
N PRO V 42 111.31 -19.73 -16.93
CA PRO V 42 110.80 -20.91 -17.62
C PRO V 42 109.90 -20.55 -18.78
N CYS V 43 109.94 -21.37 -19.82
CA CYS V 43 109.09 -21.15 -20.98
C CYS V 43 107.77 -21.90 -20.81
N PHE V 44 106.73 -21.36 -21.45
CA PHE V 44 105.39 -21.90 -21.32
C PHE V 44 104.74 -21.99 -22.69
N LEU V 45 103.78 -22.90 -22.82
CA LEU V 45 103.08 -23.07 -24.09
C LEU V 45 102.19 -21.87 -24.36
N LEU V 46 102.27 -21.35 -25.59
CA LEU V 46 101.50 -20.17 -25.97
C LEU V 46 101.29 -20.12 -27.48
N GLY W 1 93.23 78.48 12.05
CA GLY W 1 92.59 77.23 12.39
C GLY W 1 92.23 76.39 11.18
N ASP W 2 91.80 77.07 10.11
CA ASP W 2 91.45 76.37 8.88
C ASP W 2 92.66 75.71 8.25
N GLN W 3 93.83 76.36 8.33
CA GLN W 3 95.04 75.76 7.81
C GLN W 3 95.39 74.48 8.56
N ARG W 4 95.18 74.47 9.87
CA ARG W 4 95.47 73.27 10.67
C ARG W 4 94.57 72.11 10.28
N LYS W 5 93.28 72.37 10.05
CA LYS W 5 92.40 71.27 9.66
C LYS W 5 92.64 70.84 8.21
N GLN W 6 93.08 71.77 7.35
CA GLN W 6 93.50 71.37 6.01
C GLN W 6 94.71 70.45 6.08
N MET W 7 95.67 70.77 6.95
CA MET W 7 96.81 69.89 7.16
C MET W 7 96.37 68.56 7.74
N LEU W 8 95.36 68.57 8.60
CA LEU W 8 94.81 67.33 9.14
C LEU W 8 94.27 66.45 8.01
N GLN W 9 93.49 67.04 7.10
CA GLN W 9 92.96 66.28 5.97
C GLN W 9 94.09 65.75 5.09
N LYS W 10 95.11 66.58 4.83
CA LYS W 10 96.23 66.14 4.01
C LYS W 10 96.99 64.99 4.66
N TYR W 11 97.21 65.08 5.97
CA TYR W 11 97.91 64.01 6.68
C TYR W 11 97.11 62.72 6.68
N LYS W 12 95.79 62.81 6.89
CA LYS W 12 94.95 61.63 6.83
C LYS W 12 94.97 61.00 5.44
N GLU W 13 94.93 61.84 4.39
CA GLU W 13 94.97 61.33 3.03
C GLU W 13 96.30 60.63 2.75
N GLU W 14 97.41 61.22 3.21
CA GLU W 14 98.72 60.60 2.98
C GLU W 14 98.82 59.26 3.71
N LYS W 15 98.34 59.21 4.96
CA LYS W 15 98.37 57.95 5.71
C LYS W 15 97.51 56.89 5.05
N GLN W 16 96.31 57.28 4.58
CA GLN W 16 95.46 56.32 3.89
C GLN W 16 96.11 55.83 2.62
N LEU W 17 96.77 56.73 1.87
CA LEU W 17 97.42 56.33 0.63
C LEU W 17 98.55 55.34 0.89
N GLN W 18 99.39 55.61 1.90
CA GLN W 18 100.49 54.68 2.16
C GLN W 18 99.98 53.35 2.71
N LYS W 19 98.91 53.38 3.52
CA LYS W 19 98.33 52.15 4.02
C LYS W 19 97.74 51.32 2.87
N LEU W 20 97.06 51.97 1.93
CA LEU W 20 96.51 51.27 0.78
C LEU W 20 97.63 50.70 -0.10
N LYS W 21 98.72 51.45 -0.26
CA LYS W 21 99.86 50.92 -1.01
C LYS W 21 100.45 49.69 -0.36
N GLU W 22 100.60 49.72 0.98
CA GLU W 22 101.09 48.55 1.69
C GLU W 22 100.14 47.37 1.54
N GLN W 23 98.83 47.62 1.61
CA GLN W 23 97.85 46.56 1.43
C GLN W 23 97.94 45.95 0.04
N ARG W 24 98.07 46.80 -0.99
CA ARG W 24 98.20 46.30 -2.35
C ARG W 24 99.47 45.47 -2.52
N GLU W 25 100.57 45.92 -1.93
CA GLU W 25 101.81 45.15 -2.01
C GLU W 25 101.68 43.80 -1.30
N LYS W 26 101.00 43.78 -0.16
CA LYS W 26 100.82 42.53 0.58
C LYS W 26 99.90 41.56 -0.16
N ALA W 27 98.85 42.09 -0.82
CA ALA W 27 97.84 41.22 -1.42
C ALA W 27 98.36 40.46 -2.64
N LYS W 28 99.50 40.85 -3.19
CA LYS W 28 100.01 40.17 -4.38
C LYS W 28 100.36 38.71 -4.09
N ARG W 29 100.97 38.45 -2.94
CA ARG W 29 101.32 37.09 -2.52
C ARG W 29 100.90 36.93 -1.06
N GLY W 30 99.86 36.11 -0.84
CA GLY W 30 99.41 35.87 0.51
C GLY W 30 100.41 35.04 1.31
N ILE W 31 100.29 35.14 2.63
CA ILE W 31 101.19 34.41 3.51
C ILE W 31 100.82 32.93 3.51
N PHE W 32 101.84 32.08 3.66
CA PHE W 32 101.61 30.64 3.71
C PHE W 32 100.83 30.29 4.96
N LYS W 33 99.80 29.46 4.78
CA LYS W 33 98.92 29.06 5.87
C LYS W 33 98.50 27.61 5.67
N VAL W 34 98.07 26.98 6.75
CA VAL W 34 97.63 25.58 6.70
C VAL W 34 96.65 25.28 7.82
N GLY W 35 95.49 24.75 7.47
CA GLY W 35 94.41 24.50 8.42
C GLY W 35 93.55 23.33 8.01
N ARG W 36 92.27 23.37 8.37
CA ARG W 36 91.36 22.27 8.15
C ARG W 36 90.68 22.40 6.79
N TYR W 37 89.65 21.58 6.57
CA TYR W 37 89.16 21.35 5.20
C TYR W 37 88.14 22.39 4.78
N ARG W 38 87.13 22.66 5.61
CA ARG W 38 85.93 23.37 5.20
C ARG W 38 85.35 22.69 3.97
N PRO W 39 84.75 21.51 4.13
CA PRO W 39 84.28 20.76 2.95
C PRO W 39 83.17 21.49 2.22
N ASP W 40 83.12 21.27 0.91
CA ASP W 40 82.08 21.88 0.09
C ASP W 40 80.72 21.28 0.42
N MET W 41 79.68 22.12 0.32
CA MET W 41 78.34 21.67 0.64
C MET W 41 77.87 20.64 -0.39
N PRO W 42 77.13 19.62 0.04
CA PRO W 42 76.62 18.63 -0.92
C PRO W 42 75.44 19.19 -1.70
N CYS W 43 75.54 19.12 -3.02
CA CYS W 43 74.47 19.58 -3.88
C CYS W 43 73.35 18.54 -3.92
N PHE W 44 72.13 19.02 -4.11
CA PHE W 44 70.94 18.16 -4.08
C PHE W 44 70.06 18.45 -5.28
N LEU W 45 69.10 17.57 -5.50
CA LEU W 45 68.14 17.76 -6.58
C LEU W 45 67.25 18.95 -6.28
N LEU W 46 67.03 19.79 -7.29
CA LEU W 46 66.21 20.98 -7.12
C LEU W 46 65.75 21.52 -8.48
N GLY X 1 54.36 95.78 67.04
CA GLY X 1 54.22 94.36 66.84
C GLY X 1 53.73 93.99 65.45
N ASP X 2 53.04 94.94 64.81
CA ASP X 2 52.54 94.71 63.46
C ASP X 2 53.68 94.56 62.46
N GLN X 3 54.75 95.35 62.64
CA GLN X 3 55.90 95.23 61.76
C GLN X 3 56.54 93.85 61.89
N ARG X 4 56.63 93.33 63.11
CA ARG X 4 57.22 92.02 63.32
C ARG X 4 56.40 90.92 62.63
N LYS X 5 55.07 90.98 62.73
CA LYS X 5 54.27 89.95 62.09
C LYS X 5 54.26 90.09 60.58
N GLN X 6 54.35 91.33 60.06
CA GLN X 6 54.47 91.51 58.62
C GLN X 6 55.79 90.93 58.12
N MET X 7 56.88 91.17 58.85
CA MET X 7 58.17 90.58 58.48
C MET X 7 58.12 89.06 58.58
N LEU X 8 57.40 88.53 59.57
CA LEU X 8 57.26 87.08 59.69
C LEU X 8 56.52 86.50 58.50
N GLN X 9 55.44 87.16 58.08
CA GLN X 9 54.70 86.70 56.91
C GLN X 9 55.57 86.76 55.66
N LYS X 10 56.36 87.83 55.51
CA LYS X 10 57.28 87.92 54.38
C LYS X 10 58.30 86.80 54.39
N TYR X 11 58.85 86.49 55.57
CA TYR X 11 59.82 85.40 55.69
C TYR X 11 59.19 84.07 55.32
N LYS X 12 57.97 83.82 55.80
CA LYS X 12 57.28 82.57 55.46
C LYS X 12 57.03 82.48 53.96
N GLU X 13 56.62 83.58 53.34
CA GLU X 13 56.39 83.57 51.89
C GLU X 13 57.68 83.30 51.14
N GLU X 14 58.78 83.92 51.55
CA GLU X 14 60.06 83.69 50.89
C GLU X 14 60.51 82.23 51.04
N LYS X 15 60.34 81.67 52.23
CA LYS X 15 60.72 80.27 52.44
C LYS X 15 59.87 79.34 51.59
N GLN X 16 58.56 79.61 51.51
CA GLN X 16 57.67 78.80 50.68
C GLN X 16 58.07 78.90 49.21
N LEU X 17 58.43 80.11 48.76
CA LEU X 17 58.85 80.28 47.37
C LEU X 17 60.13 79.49 47.09
N GLN X 18 61.10 79.55 48.00
CA GLN X 18 62.33 78.79 47.80
C GLN X 18 62.08 77.29 47.80
N LYS X 19 61.22 76.82 48.70
CA LYS X 19 60.88 75.40 48.74
C LYS X 19 60.18 74.96 47.46
N LEU X 20 59.25 75.78 46.95
CA LEU X 20 58.58 75.46 45.70
C LEU X 20 59.55 75.44 44.53
N LYS X 21 60.50 76.38 44.50
CA LYS X 21 61.50 76.39 43.44
C LYS X 21 62.35 75.13 43.49
N GLU X 22 62.76 74.71 44.69
CA GLU X 22 63.52 73.47 44.82
C GLU X 22 62.70 72.27 44.37
N GLN X 23 61.40 72.25 44.71
CA GLN X 23 60.52 71.17 44.26
C GLN X 23 60.43 71.13 42.74
N ARG X 24 60.27 72.29 42.11
CA ARG X 24 60.18 72.35 40.65
C ARG X 24 61.48 71.87 40.00
N GLU X 25 62.62 72.27 40.56
CA GLU X 25 63.89 71.82 40.02
C GLU X 25 64.05 70.31 40.16
N LYS X 26 63.63 69.75 41.31
CA LYS X 26 63.74 68.31 41.52
C LYS X 26 62.81 67.53 40.59
N ALA X 27 61.60 68.04 40.35
CA ALA X 27 60.60 67.28 39.63
C ALA X 27 60.91 67.15 38.14
N LYS X 28 61.87 67.92 37.62
CA LYS X 28 62.18 67.84 36.19
C LYS X 28 62.73 66.47 35.80
N ARG X 29 63.61 65.91 36.63
CA ARG X 29 64.19 64.59 36.39
C ARG X 29 64.06 63.77 37.66
N GLY X 30 63.23 62.74 37.62
CA GLY X 30 63.07 61.87 38.76
C GLY X 30 64.31 61.05 39.03
N ILE X 31 64.47 60.68 40.30
CA ILE X 31 65.61 59.86 40.69
C ILE X 31 65.39 58.42 40.23
N PHE X 32 66.50 57.72 39.98
CA PHE X 32 66.42 56.35 39.50
C PHE X 32 65.81 55.45 40.58
N LYS X 33 64.80 54.68 40.20
CA LYS X 33 64.09 53.82 41.13
C LYS X 33 63.85 52.47 40.49
N VAL X 34 63.61 51.47 41.34
CA VAL X 34 63.30 50.12 40.89
C VAL X 34 62.57 49.40 42.00
N GLY X 35 61.53 48.67 41.63
CA GLY X 35 60.73 47.92 42.59
C GLY X 35 60.18 46.65 42.00
N ARG X 36 58.90 46.36 42.25
CA ARG X 36 58.24 45.23 41.64
C ARG X 36 57.32 45.70 40.52
N TYR X 37 56.60 44.75 39.93
CA TYR X 37 55.88 45.02 38.68
C TYR X 37 54.67 45.93 38.89
N ARG X 38 53.88 45.66 39.93
CA ARG X 38 52.53 46.23 40.07
C ARG X 38 51.74 45.94 38.80
N PRO X 39 51.32 44.71 38.59
CA PRO X 39 50.64 44.37 37.32
C PRO X 39 49.32 45.11 37.16
N ASP X 40 48.98 45.39 35.91
CA ASP X 40 47.76 46.10 35.61
C ASP X 40 46.54 45.21 35.82
N MET X 41 45.41 45.83 36.12
CA MET X 41 44.18 45.08 36.34
C MET X 41 43.66 44.53 35.02
N PRO X 42 43.11 43.32 35.02
CA PRO X 42 42.50 42.79 33.79
C PRO X 42 41.20 43.49 33.46
N CYS X 43 40.86 43.48 32.18
CA CYS X 43 39.61 44.07 31.71
C CYS X 43 38.57 42.98 31.51
N PHE X 44 37.31 43.31 31.77
CA PHE X 44 36.21 42.36 31.66
C PHE X 44 35.12 42.97 30.79
N LEU X 45 34.31 42.09 30.21
CA LEU X 45 33.16 42.53 29.43
C LEU X 45 32.19 43.28 30.32
N LEU X 46 31.72 44.43 29.84
CA LEU X 46 30.82 45.27 30.62
C LEU X 46 30.06 46.23 29.71
N GLY Y 1 -7.49 -22.89 -77.41
CA GLY Y 1 -7.87 -24.07 -76.65
C GLY Y 1 -8.20 -25.27 -77.52
N ASP Y 2 -8.40 -25.01 -78.81
CA ASP Y 2 -8.70 -26.08 -79.75
C ASP Y 2 -7.54 -27.05 -79.88
N GLN Y 3 -6.31 -26.54 -79.84
CA GLN Y 3 -5.14 -27.41 -79.90
C GLN Y 3 -5.09 -28.33 -78.68
N ARG Y 4 -5.45 -27.81 -77.52
CA ARG Y 4 -5.44 -28.63 -76.31
C ARG Y 4 -6.46 -29.76 -76.38
N LYS Y 5 -7.67 -29.46 -76.87
CA LYS Y 5 -8.67 -30.52 -76.97
C LYS Y 5 -8.33 -31.52 -78.08
N GLN Y 6 -7.69 -31.06 -79.16
CA GLN Y 6 -7.21 -31.99 -80.17
C GLN Y 6 -6.15 -32.92 -79.60
N MET Y 7 -5.22 -32.38 -78.82
CA MET Y 7 -4.20 -33.22 -78.18
C MET Y 7 -4.84 -34.18 -77.18
N LEU Y 8 -5.89 -33.73 -76.49
CA LEU Y 8 -6.59 -34.61 -75.56
C LEU Y 8 -7.26 -35.77 -76.29
N GLN Y 9 -7.90 -35.48 -77.42
CA GLN Y 9 -8.51 -36.53 -78.22
C GLN Y 9 -7.45 -37.50 -78.75
N LYS Y 10 -6.31 -36.96 -79.18
CA LYS Y 10 -5.21 -37.83 -79.64
C LYS Y 10 -4.70 -38.72 -78.51
N TYR Y 11 -4.57 -38.16 -77.30
CA TYR Y 11 -4.13 -38.96 -76.16
C TYR Y 11 -5.13 -40.06 -75.83
N LYS Y 12 -6.42 -39.74 -75.87
CA LYS Y 12 -7.44 -40.76 -75.61
C LYS Y 12 -7.39 -41.86 -76.68
N GLU Y 13 -7.22 -41.47 -77.94
CA GLU Y 13 -7.11 -42.46 -79.01
C GLU Y 13 -5.90 -43.35 -78.83
N GLU Y 14 -4.77 -42.76 -78.44
CA GLU Y 14 -3.55 -43.56 -78.21
C GLU Y 14 -3.74 -44.53 -77.06
N LYS Y 15 -4.36 -44.07 -75.97
CA LYS Y 15 -4.61 -44.96 -74.84
C LYS Y 15 -5.55 -46.09 -75.22
N GLN Y 16 -6.60 -45.78 -75.99
CA GLN Y 16 -7.52 -46.81 -76.44
C GLN Y 16 -6.81 -47.82 -77.35
N LEU Y 17 -5.94 -47.34 -78.23
CA LEU Y 17 -5.21 -48.24 -79.11
C LEU Y 17 -4.29 -49.16 -78.32
N GLN Y 18 -3.59 -48.62 -77.33
CA GLN Y 18 -2.71 -49.45 -76.50
C GLN Y 18 -3.51 -50.48 -75.72
N LYS Y 19 -4.65 -50.08 -75.15
CA LYS Y 19 -5.48 -51.02 -74.41
C LYS Y 19 -6.02 -52.12 -75.32
N LEU Y 20 -6.45 -51.75 -76.54
CA LEU Y 20 -6.95 -52.74 -77.48
C LEU Y 20 -5.85 -53.71 -77.91
N LYS Y 21 -4.62 -53.20 -78.11
CA LYS Y 21 -3.51 -54.07 -78.45
C LYS Y 21 -3.21 -55.05 -77.32
N GLU Y 22 -3.25 -54.56 -76.07
CA GLU Y 22 -3.04 -55.45 -74.93
C GLU Y 22 -4.13 -56.51 -74.85
N GLN Y 23 -5.39 -56.10 -75.10
CA GLN Y 23 -6.49 -57.07 -75.09
C GLN Y 23 -6.33 -58.12 -76.18
N ARG Y 24 -5.91 -57.70 -77.38
CA ARG Y 24 -5.70 -58.65 -78.46
C ARG Y 24 -4.58 -59.62 -78.11
N GLU Y 25 -3.50 -59.13 -77.50
CA GLU Y 25 -2.42 -60.02 -77.09
C GLU Y 25 -2.88 -61.00 -76.02
N LYS Y 26 -3.71 -60.53 -75.08
CA LYS Y 26 -4.17 -61.40 -74.01
C LYS Y 26 -5.15 -62.46 -74.50
N ALA Y 27 -6.00 -62.10 -75.47
CA ALA Y 27 -7.07 -62.98 -75.90
C ALA Y 27 -6.57 -64.21 -76.64
N LYS Y 28 -5.32 -64.22 -77.10
CA LYS Y 28 -4.80 -65.36 -77.85
C LYS Y 28 -4.75 -66.62 -76.99
N ARG Y 29 -4.30 -66.48 -75.74
CA ARG Y 29 -4.20 -67.61 -74.82
C ARG Y 29 -4.93 -67.25 -73.53
N GLY Y 30 -5.99 -67.98 -73.21
CA GLY Y 30 -6.73 -67.71 -72.00
C GLY Y 30 -6.00 -68.19 -70.77
N ILE Y 31 -6.40 -67.64 -69.62
CA ILE Y 31 -5.78 -68.03 -68.36
C ILE Y 31 -6.36 -69.36 -67.89
N PHE Y 32 -5.56 -70.11 -67.15
CA PHE Y 32 -6.01 -71.40 -66.63
C PHE Y 32 -7.04 -71.18 -65.52
N LYS Y 33 -8.14 -71.94 -65.58
CA LYS Y 33 -9.21 -71.83 -64.60
C LYS Y 33 -9.76 -73.20 -64.30
N VAL Y 34 -10.35 -73.33 -63.11
CA VAL Y 34 -11.03 -74.55 -62.68
C VAL Y 34 -12.33 -74.15 -62.02
N GLY Y 35 -13.40 -74.90 -62.29
CA GLY Y 35 -14.70 -74.56 -61.76
C GLY Y 35 -15.63 -75.76 -61.82
N ARG Y 36 -16.89 -75.51 -61.46
CA ARG Y 36 -17.89 -76.56 -61.46
C ARG Y 36 -18.27 -76.94 -62.88
N TYR Y 37 -19.09 -78.00 -62.99
CA TYR Y 37 -19.33 -78.61 -64.30
C TYR Y 37 -20.13 -77.71 -65.23
N ARG Y 38 -21.10 -76.96 -64.70
CA ARG Y 38 -22.09 -76.24 -65.50
C ARG Y 38 -22.77 -77.21 -66.45
N PRO Y 39 -23.65 -78.09 -65.96
CA PRO Y 39 -24.24 -79.12 -66.83
C PRO Y 39 -25.09 -78.52 -67.95
N ASP Y 40 -25.08 -79.20 -69.08
CA ASP Y 40 -25.81 -78.71 -70.25
C ASP Y 40 -27.31 -78.91 -70.09
N MET Y 41 -28.07 -78.09 -70.79
CA MET Y 41 -29.52 -78.20 -70.74
C MET Y 41 -29.99 -79.43 -71.51
N PRO Y 42 -30.78 -80.31 -70.91
CA PRO Y 42 -31.26 -81.49 -71.63
C PRO Y 42 -32.21 -81.10 -72.76
N CYS Y 43 -32.18 -81.89 -73.83
CA CYS Y 43 -33.06 -81.67 -74.95
C CYS Y 43 -34.37 -82.43 -74.78
N PHE Y 44 -35.43 -81.91 -75.40
CA PHE Y 44 -36.75 -82.48 -75.27
C PHE Y 44 -37.40 -82.57 -76.64
N LEU Y 45 -38.35 -83.49 -76.76
CA LEU Y 45 -39.07 -83.66 -78.02
C LEU Y 45 -39.97 -82.45 -78.26
N LEU Y 46 -39.92 -81.92 -79.48
CA LEU Y 46 -40.70 -80.74 -79.83
C LEU Y 46 -40.89 -80.64 -81.35
N GLY Z 1 -49.54 17.58 -40.36
CA GLY Z 1 -50.01 16.26 -40.00
C GLY Z 1 -50.38 15.41 -41.21
N ASP Z 2 -50.84 16.08 -42.27
CA ASP Z 2 -51.20 15.36 -43.49
C ASP Z 2 -49.97 14.72 -44.13
N GLN Z 3 -48.81 15.38 -44.05
CA GLN Z 3 -47.59 14.79 -44.57
C GLN Z 3 -47.24 13.51 -43.83
N ARG Z 4 -47.42 13.50 -42.50
CA ARG Z 4 -47.08 12.32 -41.72
C ARG Z 4 -47.96 11.13 -42.10
N LYS Z 5 -49.26 11.36 -42.28
CA LYS Z 5 -50.12 10.25 -42.68
C LYS Z 5 -49.85 9.84 -44.12
N GLN Z 6 -49.43 10.77 -44.99
CA GLN Z 6 -49.04 10.39 -46.34
C GLN Z 6 -47.81 9.48 -46.31
N MET Z 7 -46.80 9.82 -45.51
CA MET Z 7 -45.65 8.94 -45.38
C MET Z 7 -46.02 7.61 -44.72
N LEU Z 8 -46.99 7.62 -43.81
CA LEU Z 8 -47.45 6.37 -43.22
C LEU Z 8 -48.07 5.46 -44.28
N GLN Z 9 -48.91 6.04 -45.14
CA GLN Z 9 -49.50 5.27 -46.24
C GLN Z 9 -48.42 4.76 -47.19
N LYS Z 10 -47.43 5.60 -47.49
CA LYS Z 10 -46.35 5.18 -48.38
C LYS Z 10 -45.55 4.03 -47.77
N TYR Z 11 -45.28 4.12 -46.47
CA TYR Z 11 -44.54 3.05 -45.79
C TYR Z 11 -45.34 1.75 -45.79
N LYS Z 12 -46.64 1.82 -45.52
CA LYS Z 12 -47.46 0.63 -45.57
C LYS Z 12 -47.48 0.02 -46.97
N GLU Z 13 -47.57 0.86 -48.00
CA GLU Z 13 -47.56 0.37 -49.37
C GLU Z 13 -46.24 -0.31 -49.71
N GLU Z 14 -45.12 0.30 -49.29
CA GLU Z 14 -43.81 -0.30 -49.55
C GLU Z 14 -43.67 -1.64 -48.85
N LYS Z 15 -44.12 -1.72 -47.59
CA LYS Z 15 -44.04 -2.99 -46.87
C LYS Z 15 -44.91 -4.05 -47.53
N GLN Z 16 -46.11 -3.66 -47.98
CA GLN Z 16 -46.97 -4.61 -48.67
C GLN Z 16 -46.33 -5.09 -49.97
N LEU Z 17 -45.69 -4.19 -50.70
CA LEU Z 17 -45.03 -4.57 -51.95
C LEU Z 17 -43.89 -5.55 -51.69
N GLN Z 18 -43.08 -5.29 -50.65
CA GLN Z 18 -41.98 -6.20 -50.33
C GLN Z 18 -42.51 -7.57 -49.89
N LYS Z 19 -43.57 -7.58 -49.08
CA LYS Z 19 -44.14 -8.84 -48.64
C LYS Z 19 -44.72 -9.62 -49.81
N LEU Z 20 -45.39 -8.94 -50.74
CA LEU Z 20 -45.94 -9.61 -51.92
C LEU Z 20 -44.83 -10.15 -52.80
N LYS Z 21 -43.74 -9.41 -52.95
CA LYS Z 21 -42.60 -9.91 -53.73
C LYS Z 21 -42.02 -11.16 -53.09
N GLU Z 22 -41.87 -11.16 -51.77
CA GLU Z 22 -41.36 -12.35 -51.08
C GLU Z 22 -42.32 -13.53 -51.25
N GLN Z 23 -43.63 -13.28 -51.17
CA GLN Z 23 -44.60 -14.35 -51.37
C GLN Z 23 -44.52 -14.92 -52.78
N ARG Z 24 -44.39 -14.05 -53.78
CA ARG Z 24 -44.28 -14.52 -55.17
C ARG Z 24 -43.01 -15.34 -55.36
N GLU Z 25 -41.90 -14.91 -54.76
CA GLU Z 25 -40.67 -15.67 -54.88
C GLU Z 25 -40.80 -17.02 -54.20
N LYS Z 26 -41.47 -17.08 -53.04
CA LYS Z 26 -41.63 -18.34 -52.34
C LYS Z 26 -42.55 -19.29 -53.08
N ALA Z 27 -43.61 -18.77 -53.71
CA ALA Z 27 -44.62 -19.62 -54.31
C ALA Z 27 -44.14 -20.39 -55.53
N LYS Z 28 -42.99 -20.01 -56.10
CA LYS Z 28 -42.50 -20.69 -57.30
C LYS Z 28 -42.17 -22.15 -57.01
N ARG Z 29 -41.54 -22.44 -55.87
CA ARG Z 29 -41.20 -23.79 -55.47
C ARG Z 29 -41.62 -23.98 -54.02
N GLY Z 30 -42.65 -24.79 -53.79
CA GLY Z 30 -43.10 -25.04 -52.45
C GLY Z 30 -42.11 -25.88 -51.65
N ILE Z 31 -42.19 -25.76 -50.33
CA ILE Z 31 -41.31 -26.50 -49.46
C ILE Z 31 -41.67 -27.99 -49.50
N PHE Z 32 -40.66 -28.84 -49.36
CA PHE Z 32 -40.89 -30.28 -49.34
C PHE Z 32 -41.72 -30.66 -48.12
N LYS Z 33 -42.75 -31.48 -48.36
CA LYS Z 33 -43.67 -31.88 -47.31
C LYS Z 33 -44.07 -33.34 -47.51
N VAL Z 34 -44.53 -33.95 -46.44
CA VAL Z 34 -45.00 -35.33 -46.46
C VAL Z 34 -46.11 -35.48 -45.43
N GLY Z 35 -47.17 -36.20 -45.81
CA GLY Z 35 -48.30 -36.38 -44.93
C GLY Z 35 -49.13 -37.61 -45.27
N ARG Z 36 -50.35 -37.68 -44.74
CA ARG Z 36 -51.20 -38.83 -44.98
C ARG Z 36 -51.94 -38.67 -46.32
N TYR Z 37 -52.77 -39.66 -46.64
CA TYR Z 37 -53.29 -39.79 -48.00
C TYR Z 37 -54.30 -38.70 -48.33
N ARG Z 38 -55.28 -38.48 -47.45
CA ARG Z 38 -56.51 -37.78 -47.81
C ARG Z 38 -57.10 -38.41 -49.06
N PRO Z 39 -57.67 -39.62 -48.94
CA PRO Z 39 -58.13 -40.34 -50.13
C PRO Z 39 -59.25 -39.61 -50.85
N ASP Z 40 -59.27 -39.75 -52.17
CA ASP Z 40 -60.31 -39.14 -52.97
C ASP Z 40 -61.66 -39.79 -52.69
N MET Z 41 -62.71 -38.97 -52.69
CA MET Z 41 -64.04 -39.48 -52.42
C MET Z 41 -64.48 -40.44 -53.52
N PRO Z 42 -65.12 -41.56 -53.18
CA PRO Z 42 -65.60 -42.48 -54.21
C PRO Z 42 -66.79 -41.89 -54.94
N CYS Z 43 -66.75 -41.99 -56.26
CA CYS Z 43 -67.85 -41.51 -57.09
C CYS Z 43 -68.99 -42.52 -57.11
N PHE Z 44 -70.21 -42.02 -57.25
CA PHE Z 44 -71.40 -42.85 -57.24
C PHE Z 44 -72.25 -42.55 -58.46
N LEU Z 45 -73.09 -43.50 -58.83
CA LEU Z 45 -74.01 -43.31 -59.94
C LEU Z 45 -75.06 -42.26 -59.57
N LEU Z 46 -75.26 -41.30 -60.47
CA LEU Z 46 -76.19 -40.20 -60.21
C LEU Z 46 -76.68 -39.59 -61.51
N GLY AA 1 -88.14 33.95 15.01
CA GLY AA 1 -88.18 32.51 14.82
C GLY AA 1 -88.71 32.11 13.45
N ASP AA 2 -89.42 33.02 12.81
CA ASP AA 2 -89.95 32.76 11.48
C ASP AA 2 -88.83 32.59 10.46
N GLN AA 3 -87.75 33.35 10.61
CA GLN AA 3 -86.60 33.18 9.71
C GLN AA 3 -85.99 31.80 9.86
N ARG AA 4 -85.97 31.27 11.08
CA ARG AA 4 -85.41 29.93 11.29
C ARG AA 4 -86.23 28.87 10.59
N LYS AA 5 -87.57 28.95 10.66
CA LYS AA 5 -88.38 27.95 9.98
C LYS AA 5 -88.36 28.14 8.47
N GLN AA 6 -88.21 29.39 8.00
CA GLN AA 6 -88.02 29.59 6.56
C GLN AA 6 -86.73 28.95 6.09
N MET AA 7 -85.65 29.09 6.87
CA MET AA 7 -84.40 28.41 6.54
C MET AA 7 -84.56 26.90 6.62
N LEU AA 8 -85.38 26.41 7.55
CA LEU AA 8 -85.68 24.99 7.62
C LEU AA 8 -86.32 24.49 6.34
N GLN AA 9 -87.34 25.20 5.86
CA GLN AA 9 -88.00 24.81 4.62
C GLN AA 9 -87.03 24.87 3.45
N LYS AA 10 -86.20 25.92 3.40
CA LYS AA 10 -85.24 26.04 2.31
C LYS AA 10 -84.23 24.91 2.32
N TYR AA 11 -83.73 24.55 3.50
CA TYR AA 11 -82.76 23.46 3.61
C TYR AA 11 -83.37 22.12 3.22
N LYS AA 12 -84.60 21.87 3.66
CA LYS AA 12 -85.28 20.64 3.27
C LYS AA 12 -85.50 20.58 1.76
N GLU AA 13 -85.88 21.72 1.17
CA GLU AA 13 -86.06 21.76 -0.28
C GLU AA 13 -84.76 21.49 -1.02
N GLU AA 14 -83.65 22.08 -0.54
CA GLU AA 14 -82.36 21.86 -1.19
C GLU AA 14 -81.93 20.40 -1.09
N LYS AA 15 -82.13 19.79 0.09
CA LYS AA 15 -81.78 18.39 0.25
C LYS AA 15 -82.64 17.51 -0.65
N GLN AA 16 -83.93 17.80 -0.74
CA GLN AA 16 -84.79 17.03 -1.63
C GLN AA 16 -84.37 17.19 -3.09
N LEU AA 17 -83.98 18.40 -3.48
CA LEU AA 17 -83.55 18.65 -4.85
C LEU AA 17 -82.29 17.86 -5.18
N GLN AA 18 -81.30 17.88 -4.28
CA GLN AA 18 -80.07 17.14 -4.57
C GLN AA 18 -80.31 15.63 -4.54
N LYS AA 19 -81.17 15.14 -3.65
CA LYS AA 19 -81.50 13.73 -3.63
C LYS AA 19 -82.20 13.31 -4.92
N LEU AA 20 -83.13 14.13 -5.40
CA LEU AA 20 -83.82 13.81 -6.65
C LEU AA 20 -82.87 13.86 -7.83
N LYS AA 21 -81.92 14.80 -7.83
CA LYS AA 21 -80.91 14.84 -8.89
C LYS AA 21 -80.06 13.57 -8.89
N GLU AA 22 -79.64 13.13 -7.70
CA GLU AA 22 -78.87 11.89 -7.61
C GLU AA 22 -79.69 10.70 -8.08
N GLN AA 23 -80.97 10.65 -7.71
CA GLN AA 23 -81.83 9.55 -8.15
C GLN AA 23 -82.00 9.55 -9.67
N ARG AA 24 -82.17 10.72 -10.27
CA ARG AA 24 -82.28 10.81 -11.72
C ARG AA 24 -81.00 10.37 -12.40
N GLU AA 25 -79.85 10.74 -11.85
CA GLU AA 25 -78.58 10.30 -12.41
C GLU AA 25 -78.42 8.79 -12.30
N LYS AA 26 -78.85 8.22 -11.17
CA LYS AA 26 -78.71 6.77 -10.98
C LYS AA 26 -79.65 6.00 -11.91
N ALA AA 27 -80.87 6.51 -12.11
CA ALA AA 27 -81.88 5.77 -12.85
C ALA AA 27 -81.57 5.65 -14.34
N LYS AA 28 -80.62 6.42 -14.85
CA LYS AA 28 -80.30 6.36 -16.28
C LYS AA 28 -79.75 4.99 -16.68
N ARG AA 29 -78.89 4.41 -15.84
CA ARG AA 29 -78.32 3.10 -16.10
C ARG AA 29 -78.44 2.27 -14.82
N GLY AA 30 -79.32 1.27 -14.84
CA GLY AA 30 -79.45 0.39 -13.69
C GLY AA 30 -78.21 -0.45 -13.49
N ILE AA 31 -77.99 -0.86 -12.23
CA ILE AA 31 -76.82 -1.67 -11.92
C ILE AA 31 -77.02 -3.08 -12.44
N PHE AA 32 -75.92 -3.73 -12.80
CA PHE AA 32 -75.96 -5.10 -13.27
C PHE AA 32 -76.53 -6.02 -12.20
N LYS AA 33 -77.50 -6.84 -12.58
CA LYS AA 33 -78.19 -7.73 -11.65
C LYS AA 33 -78.40 -9.09 -12.29
N VAL AA 34 -78.60 -10.09 -11.46
CA VAL AA 34 -78.84 -11.46 -11.92
C VAL AA 34 -79.65 -12.19 -10.87
N GLY AA 35 -80.65 -12.95 -11.31
CA GLY AA 35 -81.49 -13.70 -10.40
C GLY AA 35 -82.22 -14.84 -11.09
N ARG AA 36 -83.34 -15.28 -10.51
CA ARG AA 36 -84.12 -16.35 -11.11
C ARG AA 36 -85.03 -15.79 -12.18
N TYR AA 37 -85.97 -16.60 -12.67
CA TYR AA 37 -86.75 -16.25 -13.85
C TYR AA 37 -87.99 -15.42 -13.53
N ARG AA 38 -88.78 -15.85 -12.54
CA ARG AA 38 -90.15 -15.35 -12.38
C ARG AA 38 -90.90 -15.57 -13.68
N PRO AA 39 -91.26 -16.81 -14.02
CA PRO AA 39 -91.86 -17.07 -15.33
C PRO AA 39 -93.20 -16.37 -15.50
N ASP AA 40 -93.49 -15.99 -16.74
CA ASP AA 40 -94.74 -15.32 -17.06
C ASP AA 40 -95.92 -16.28 -16.90
N MET AA 41 -97.05 -15.72 -16.46
CA MET AA 41 -98.24 -16.54 -16.27
C MET AA 41 -98.76 -17.04 -17.60
N PRO AA 42 -99.23 -18.29 -17.67
CA PRO AA 42 -99.81 -18.78 -18.92
C PRO AA 42 -101.12 -18.09 -19.24
N CYS AA 43 -101.42 -18.01 -20.53
CA CYS AA 43 -102.66 -17.43 -20.99
C CYS AA 43 -103.70 -18.53 -21.23
N PHE AA 44 -104.95 -18.21 -20.90
CA PHE AA 44 -106.04 -19.16 -21.02
C PHE AA 44 -107.16 -18.56 -21.86
N LEU AA 45 -107.98 -19.44 -22.42
CA LEU AA 45 -109.14 -19.01 -23.19
C LEU AA 45 -110.15 -18.33 -22.28
N LEU AA 46 -110.63 -17.17 -22.71
CA LEU AA 46 -111.58 -16.39 -21.92
C LEU AA 46 -112.35 -15.40 -22.80
PG G2P BA . 33.79 18.34 3.99
O1G G2P BA . 34.61 17.76 2.86
O2G G2P BA . 33.88 17.54 5.29
O3G G2P BA . 33.89 19.84 4.18
O3B G2P BA . 32.17 18.06 3.47
PB G2P BA . 31.13 17.04 4.13
O1B G2P BA . 29.90 16.84 3.28
O2B G2P BA . 31.82 15.81 4.67
C3A G2P BA . 30.63 18.01 5.62
PA G2P BA . 29.30 17.37 6.67
O1A G2P BA . 28.64 16.16 6.08
O2A G2P BA . 29.80 17.28 8.09
O5' G2P BA . 28.28 18.66 6.57
C5' G2P BA . 28.28 19.60 7.59
C4' G2P BA . 26.92 19.55 8.26
O4' G2P BA . 26.50 18.21 8.53
C3' G2P BA . 26.90 20.28 9.61
O3' G2P BA . 25.76 21.09 9.75
C2' G2P BA . 26.78 19.13 10.60
O2' G2P BA . 26.11 19.42 11.79
C1' G2P BA . 25.97 18.11 9.79
N9 G2P BA . 26.11 16.77 10.28
C8 G2P BA . 27.25 16.01 10.39
N7 G2P BA . 27.02 14.83 10.86
C5 G2P BA . 25.68 14.80 11.08
C6 G2P BA . 24.85 13.77 11.58
O6 G2P BA . 25.16 12.64 11.95
N1 G2P BA . 23.51 14.17 11.63
C2 G2P BA . 23.03 15.39 11.25
N2 G2P BA . 21.71 15.58 11.37
N3 G2P BA . 23.79 16.34 10.78
C4 G2P BA . 25.09 16.00 10.72
MG MG CA . 33.92 15.60 5.08
PG GTP DA . -2.86 3.50 -9.55
O1G GTP DA . -3.14 4.69 -8.67
O2G GTP DA . -2.03 3.94 -10.73
O3G GTP DA . -2.13 2.45 -8.76
O3B GTP DA . -4.26 2.89 -10.03
PB GTP DA . -5.04 1.91 -9.04
O1B GTP DA . -4.27 0.63 -8.91
O2B GTP DA . -6.46 1.68 -9.50
O3A GTP DA . -5.00 2.68 -7.64
PA GTP DA . -6.29 2.75 -6.67
O1A GTP DA . -5.84 2.95 -5.25
O2A GTP DA . -7.12 1.50 -6.79
O5' GTP DA . -7.10 4.04 -7.14
C5' GTP DA . -7.47 5.03 -6.20
C4' GTP DA . -8.85 4.75 -5.65
O4' GTP DA . -9.07 3.37 -5.48
C3' GTP DA . -9.04 5.34 -4.26
O3' GTP DA . -9.78 6.53 -4.34
C2' GTP DA . -9.81 4.31 -3.48
O2' GTP DA . -11.06 4.83 -3.12
C1' GTP DA . -9.98 3.15 -4.43
N9 GTP DA . -9.73 1.88 -3.74
C8 GTP DA . -8.53 1.23 -3.59
N7 GTP DA . -8.77 0.08 -2.91
C5 GTP DA . -10.08 -0.01 -2.65
C6 GTP DA . -10.85 -0.96 -1.99
O6 GTP DA . -10.33 -1.96 -1.51
N1 GTP DA . -12.21 -0.77 -1.86
C2 GTP DA . -12.79 0.36 -2.39
N2 GTP DA . -14.10 0.55 -2.27
N3 GTP DA . -12.03 1.29 -3.04
C4 GTP DA . -10.69 1.11 -3.17
MG MG EA . -1.95 1.00 -7.56
PG G2P FA . 67.79 -14.18 -21.26
O1G G2P FA . 68.40 -15.57 -21.42
O2G G2P FA . 67.60 -13.78 -19.80
O3G G2P FA . 68.39 -13.10 -22.14
O3B G2P FA . 66.19 -14.40 -21.80
PB G2P FA . 65.02 -15.11 -20.96
O1B G2P FA . 64.02 -15.82 -21.83
O2B G2P FA . 65.59 -15.86 -19.77
C3A G2P FA . 64.21 -13.62 -20.23
PA G2P FA . 62.94 -13.84 -18.96
O1A G2P FA . 62.35 -15.22 -18.99
O2A G2P FA . 63.46 -13.31 -17.66
O5' G2P FA . 61.83 -12.76 -19.55
C5' G2P FA . 62.04 -11.41 -19.29
C4' G2P FA . 60.68 -10.78 -19.01
O4' G2P FA . 59.81 -11.71 -18.39
C3' G2P FA . 60.77 -9.58 -18.08
O3' G2P FA . 59.73 -8.67 -18.30
C2' G2P FA . 60.51 -10.26 -16.74
O2' G2P FA . 60.08 -9.44 -15.71
C1' G2P FA . 59.39 -11.21 -17.16
N9 G2P FA . 59.18 -12.28 -16.21
C8 G2P FA . 60.13 -12.99 -15.53
N7 G2P FA . 59.61 -13.89 -14.75
C5 G2P FA . 58.26 -13.76 -14.92
C6 G2P FA . 57.18 -14.47 -14.33
O6 G2P FA . 57.21 -15.37 -13.51
N1 G2P FA . 55.96 -14.00 -14.81
C2 G2P FA . 55.79 -12.99 -15.71
N2 G2P FA . 54.51 -12.69 -16.04
N3 G2P FA . 56.78 -12.34 -16.25
C4 G2P FA . 57.98 -12.76 -15.83
MG MG GA . 67.57 -15.77 -19.51
PG GTP HA . 31.61 -29.29 -35.11
O1G GTP HA . 31.50 -27.91 -34.48
O2G GTP HA . 32.52 -29.21 -36.30
O3G GTP HA . 32.16 -30.26 -34.09
O3B GTP HA . 30.15 -29.76 -35.57
PB GTP HA . 29.00 -30.00 -34.47
O1B GTP HA . 29.49 -30.96 -33.42
O2B GTP HA . 27.75 -30.50 -35.15
O3A GTP HA . 28.76 -28.56 -33.81
PA GTP HA . 27.36 -28.18 -33.08
O1A GTP HA . 27.66 -27.70 -31.69
O2A GTP HA . 26.41 -29.35 -33.06
O5' GTP HA . 26.78 -26.96 -33.94
C5' GTP HA . 26.70 -25.67 -33.35
C4' GTP HA . 25.25 -25.38 -32.97
O4' GTP HA . 24.60 -26.55 -32.54
C3' GTP HA . 25.16 -24.41 -31.81
O3' GTP HA . 25.01 -23.10 -32.29
C2' GTP HA . 23.93 -24.85 -31.07
O2' GTP HA . 22.87 -23.96 -31.34
C1' GTP HA . 23.59 -26.22 -31.60
N9 GTP HA . 23.58 -27.20 -30.50
C8 GTP HA . 24.67 -27.75 -29.91
N7 GTP HA . 24.25 -28.61 -28.95
C5 GTP HA . 22.90 -28.59 -28.93
C6 GTP HA . 21.98 -29.27 -28.15
O6 GTP HA . 22.36 -30.06 -27.28
N1 GTP HA . 20.64 -29.06 -28.35
C2 GTP HA . 20.22 -28.18 -29.32
N2 GTP HA . 18.92 -27.97 -29.52
N3 GTP HA . 21.15 -27.51 -30.09
C4 GTP HA . 22.46 -27.72 -29.90
MG MG IA . 31.21 -30.73 -32.39
PG G2P JA . 1.72 33.16 44.20
O1G G2P JA . 2.41 32.42 43.06
O2G G2P JA . 1.92 32.48 45.55
O3G G2P JA . 1.89 34.67 44.21
O3B G2P JA . 0.06 32.87 43.88
PB G2P JA . -0.72 31.52 44.22
O1B G2P JA . -1.94 31.31 43.36
O2B G2P JA . 0.24 30.35 44.38
C3A G2P JA . -1.28 31.89 45.93
PA G2P JA . -2.06 30.56 46.86
O1A G2P JA . -2.89 29.67 45.98
O2A G2P JA . -1.02 29.90 47.74
O5' G2P JA . -3.05 31.47 47.83
C5' G2P JA . -2.83 31.42 49.21
C4' G2P JA . -4.18 31.51 49.89
O4' G2P JA . -4.90 30.30 49.76
C3' G2P JA . -4.05 31.73 51.39
O3' G2P JA . -5.25 32.18 51.97
C2' G2P JA . -3.85 30.27 51.84
O2' G2P JA . -4.14 30.00 53.17
C1' G2P JA . -4.83 29.54 50.92
N9 G2P JA . -4.41 28.20 50.62
C8 G2P JA . -3.17 27.77 50.24
N7 G2P JA . -3.13 26.48 50.05
C5 G2P JA . -4.40 26.05 50.30
C6 G2P JA . -4.96 24.75 50.26
O6 G2P JA . -4.43 23.69 49.97
N1 G2P JA . -6.32 24.77 50.60
C2 G2P JA . -7.03 25.88 50.94
N2 G2P JA . -8.33 25.70 51.23
N3 G2P JA . -6.52 27.08 50.98
C4 G2P JA . -5.21 27.11 50.66
MG MG KA . 2.17 30.81 44.47
PG GTP LA . -35.03 18.40 31.31
O1G GTP LA . -35.66 19.04 32.51
O2G GTP LA . -34.55 19.49 30.38
O3G GTP LA . -33.88 17.53 31.75
O3B GTP LA . -36.12 17.48 30.55
PB GTP LA . -36.60 16.11 31.23
O1B GTP LA . -35.47 15.11 31.22
O2B GTP LA . -37.83 15.59 30.53
O3A GTP LA . -36.91 16.58 32.74
PA GTP LA . -38.02 15.90 33.67
O1A GTP LA . -37.33 14.99 34.66
O2A GTP LA . -39.07 15.15 32.89
O5' GTP LA . -38.65 17.15 34.45
C5' GTP LA . -38.76 17.18 35.85
C4' GTP LA . -40.13 16.67 36.26
O4' GTP LA . -40.32 15.36 35.79
C3' GTP LA . -40.26 16.57 37.77
O3' GTP LA . -40.98 17.68 38.27
C2' GTP LA . -41.05 15.30 38.03
O2' GTP LA . -42.35 15.62 38.45
C1' GTP LA . -41.11 14.61 36.68
N9 GTP LA . -40.57 13.25 36.80
C8 GTP LA . -39.27 12.87 36.59
N7 GTP LA . -39.19 11.53 36.78
C5 GTP LA . -40.42 11.07 37.09
C6 GTP LA . -40.88 9.80 37.39
O6 GTP LA . -40.12 8.85 37.38
N1 GTP LA . -42.21 9.62 37.68
C2 GTP LA . -43.07 10.70 37.69
N2 GTP LA . -44.36 10.53 37.97
N3 GTP LA . -42.60 11.96 37.39
C4 GTP LA . -41.28 12.14 37.10
MG MG MA . -33.18 15.31 31.86
PG G2P NA . 139.15 16.05 5.89
O1G G2P NA . 139.66 14.62 5.87
O2G G2P NA . 138.83 16.56 7.29
O3G G2P NA . 139.93 17.04 5.03
O3B G2P NA . 137.61 15.93 5.16
PB G2P NA . 136.31 15.30 5.86
O1B G2P NA . 135.37 14.66 4.86
O2B G2P NA . 136.69 14.48 7.08
C3A G2P NA . 135.49 16.82 6.51
PA G2P NA . 134.06 16.64 7.61
O1A G2P NA . 133.30 15.37 7.33
O2A G2P NA . 134.49 16.91 9.02
O5' G2P NA . 133.16 17.94 7.10
C5' G2P NA . 133.41 19.17 7.71
C4' G2P NA . 132.07 19.87 7.87
O4' G2P NA . 131.09 19.00 8.42
C3' G2P NA . 132.15 21.06 8.83
O3' G2P NA . 131.15 22.01 8.57
C2' G2P NA . 131.80 20.38 10.14
O2' G2P NA . 131.34 21.20 11.17
C1' G2P NA . 130.70 19.42 9.70
N9 G2P NA . 130.57 18.28 10.57
C8 G2P NA . 131.57 17.54 11.15
N7 G2P NA . 131.11 16.57 11.88
C5 G2P NA . 129.75 16.67 11.79
C6 G2P NA . 128.73 15.89 12.37
O6 G2P NA . 128.83 14.93 13.12
N1 G2P NA . 127.46 16.36 12.00
C2 G2P NA . 127.22 17.42 11.18
N2 G2P NA . 125.92 17.71 10.94
N3 G2P NA . 128.16 18.14 10.64
C4 G2P NA . 129.40 17.73 10.97
MG MG OA . 138.57 14.57 7.63
PG GTP PA . 102.77 1.27 -8.32
O1G GTP PA . 102.72 2.17 -7.13
O2G GTP PA . 103.56 1.92 -9.42
O3G GTP PA . 103.41 -0.04 -7.94
O3B GTP PA . 101.25 1.02 -8.81
PB GTP PA . 100.28 0.14 -7.89
O1B GTP PA . 100.91 -1.21 -7.65
O2B GTP PA . 98.92 0.01 -8.53
O3A GTP PA . 100.19 0.93 -6.49
PA GTP PA . 98.81 1.61 -6.01
O1A GTP PA . 99.00 2.23 -4.65
O2A GTP PA . 97.69 0.60 -5.99
O5' GTP PA . 98.51 2.76 -7.09
C5' GTP PA . 98.34 4.09 -6.65
C4' GTP PA . 96.86 4.44 -6.49
O4' GTP PA . 96.15 3.36 -5.95
C3' GTP PA . 96.65 5.59 -5.53
O3' GTP PA . 96.43 6.79 -6.24
C2' GTP PA . 95.42 5.23 -4.74
O2' GTP PA . 94.36 6.10 -5.07
C1' GTP PA . 95.08 3.81 -5.16
N9 GTP PA . 94.93 2.95 -3.98
C8 GTP PA . 95.93 2.24 -3.37
N7 GTP PA . 95.38 1.55 -2.34
C5 GTP PA . 94.06 1.80 -2.30
C6 GTP PA . 93.06 1.34 -1.46
O6 GTP PA . 93.32 0.57 -0.54
N1 GTP PA . 91.75 1.77 -1.66
C2 GTP PA . 91.47 2.63 -2.69
N2 GTP PA . 90.23 3.04 -2.89
N3 GTP PA . 92.48 3.08 -3.52
C4 GTP PA . 93.75 2.67 -3.33
MG MG QA . 102.50 -0.05 -6.16
PG G2P RA . 104.99 48.85 30.51
O1G G2P RA . 105.71 47.76 29.74
O2G G2P RA . 104.89 48.56 32.02
O3G G2P RA . 105.39 50.28 30.17
O3B G2P RA . 103.37 48.69 29.99
PB G2P RA . 102.29 47.70 30.63
O1B G2P RA . 101.14 47.41 29.70
O2B G2P RA . 102.95 46.51 31.30
C3A G2P RA . 101.66 48.75 32.01
PA G2P RA . 100.39 48.08 33.11
O1A G2P RA . 99.68 46.92 32.48
O2A G2P RA . 100.97 47.89 34.49
O5' G2P RA . 99.39 49.39 33.16
C5' G2P RA . 99.52 50.28 34.23
C4' G2P RA . 98.17 50.40 34.91
O4' G2P RA . 97.59 49.11 35.14
C3' G2P RA . 98.24 51.09 36.26
O3' G2P RA . 97.15 51.94 36.48
C2' G2P RA . 98.11 49.91 37.23
O2' G2P RA . 97.56 50.20 38.48
C1' G2P RA . 97.16 49.00 36.44
N9 G2P RA . 97.26 47.62 36.87
C8 G2P RA . 98.38 46.86 37.02
N7 G2P RA . 98.12 45.65 37.42
C5 G2P RA . 96.76 45.61 37.54
C6 G2P RA . 95.90 44.56 37.94
O6 G2P RA . 96.18 43.42 38.28
N1 G2P RA . 94.57 44.98 37.92
C2 G2P RA . 94.12 46.21 37.58
N2 G2P RA . 92.79 46.41 37.62
N3 G2P RA . 94.92 47.18 37.21
C4 G2P RA . 96.22 46.83 37.21
MG MG SA . 104.94 46.67 31.39
PG GTP TA . 68.53 34.00 16.89
O1G GTP TA . 68.36 34.92 18.06
O2G GTP TA . 69.21 34.74 15.77
O3G GTP TA . 69.36 32.81 17.29
O3B GTP TA . 67.07 33.52 16.43
PB GTP TA . 66.26 32.49 17.36
O1B GTP TA . 67.03 31.21 17.48
O2B GTP TA . 64.88 32.25 16.79
O3A GTP TA . 66.19 33.21 18.79
PA GTP TA . 64.84 33.26 19.67
O1A GTP TA . 65.20 33.32 21.13
O2A GTP TA . 63.96 32.07 19.39
O5' GTP TA . 64.12 34.62 19.25
C5' GTP TA . 63.89 35.62 20.22
C4' GTP TA . 62.46 35.51 20.76
O4' GTP TA . 62.08 34.16 20.92
C3' GTP TA . 62.34 36.13 22.12
O3' GTP TA . 61.74 37.40 22.04
C2' GTP TA . 61.44 35.21 22.91
O2' GTP TA . 60.23 35.86 23.24
C1' GTP TA . 61.16 34.05 21.98
N9 GTP TA . 61.33 32.76 22.67
C8 GTP TA . 62.50 32.05 22.79
N7 GTP TA . 62.23 30.91 23.47
C5 GTP TA . 60.92 30.88 23.76
C6 GTP TA . 60.13 29.96 24.44
O6 GTP TA . 60.63 28.94 24.89
N1 GTP TA . 58.78 30.20 24.59
C2 GTP TA . 58.23 31.34 24.08
N2 GTP TA . 56.93 31.58 24.24
N3 GTP TA . 59.02 32.26 23.42
C4 GTP TA . 60.34 32.03 23.26
MG MG UA . 69.37 31.67 18.88
PG G2P VA . 72.90 63.97 70.51
O1G G2P VA . 73.57 63.14 69.42
O2G G2P VA . 73.06 63.38 71.91
O3G G2P VA . 73.13 65.47 70.45
O3B G2P VA . 71.23 63.74 70.19
PB G2P VA . 70.40 62.41 70.53
O1B G2P VA . 69.16 62.28 69.69
O2B G2P VA . 71.32 61.20 70.63
C3A G2P VA . 69.89 62.79 72.25
PA G2P VA . 68.91 61.56 73.16
O1A G2P VA . 67.96 60.82 72.25
O2A G2P VA . 69.81 60.76 74.05
O5' G2P VA . 68.04 62.59 74.12
C5' G2P VA . 68.28 62.59 75.49
C4' G2P VA . 66.95 62.72 76.19
O4' G2P VA . 66.19 61.51 76.08
C3' G2P VA . 67.09 62.97 77.68
O3' G2P VA . 65.92 63.50 78.25
C2' G2P VA . 67.22 61.53 78.17
O2' G2P VA . 66.93 61.30 79.51
C1' G2P VA . 66.21 60.81 77.27
N9 G2P VA . 66.58 59.42 77.03
C8 G2P VA . 67.82 58.94 76.71
N7 G2P VA . 67.81 57.64 76.56
C5 G2P VA . 66.51 57.27 76.78
C6 G2P VA . 65.91 56.00 76.75
O6 G2P VA . 66.41 54.91 76.50
N1 G2P VA . 64.54 56.08 77.03
C2 G2P VA . 63.86 57.23 77.32
N2 G2P VA . 62.54 57.10 77.58
N3 G2P VA . 64.42 58.40 77.35
C4 G2P VA . 65.74 58.38 77.08
MG MG WA . 73.27 61.66 70.81
PG GTP XA . 36.15 49.16 57.57
O1G GTP XA . 35.95 49.72 58.96
O2G GTP XA . 36.58 50.27 56.64
O3G GTP XA . 37.19 48.08 57.60
O3B GTP XA . 34.76 48.54 57.08
PB GTP XA . 34.37 47.04 57.48
O1B GTP XA . 35.33 46.09 56.82
O2B GTP XA . 32.95 46.74 57.11
O3A GTP XA . 34.59 46.98 59.07
PA GTP XA . 33.44 46.48 60.08
O1A GTP XA . 34.07 46.01 61.36
O2A GTP XA . 32.60 45.38 59.47
O5' GTP XA . 32.53 47.77 60.40
C5' GTP XA . 32.40 48.23 61.72
C4' GTP XA . 31.10 47.73 62.34
O4' GTP XA . 30.86 46.40 61.98
C3' GTP XA . 31.15 47.74 63.85
O3' GTP XA . 30.51 48.89 64.36
C2' GTP XA . 30.41 46.50 64.28
O2' GTP XA . 29.20 46.85 64.90
C1' GTP XA . 30.13 45.74 62.99
N9 GTP XA . 30.58 44.35 63.12
C8 GTP XA . 31.83 43.85 62.87
N7 GTP XA . 31.81 42.51 63.09
C5 GTP XA . 30.57 42.15 63.46
C6 GTP XA . 30.02 40.93 63.80
O6 GTP XA . 30.71 39.92 63.79
N1 GTP XA . 28.68 40.85 64.14
C2 GTP XA . 27.92 42.00 64.15
N2 GTP XA . 26.63 41.93 64.49
N3 GTP XA . 28.47 43.21 63.82
C4 GTP XA . 29.78 43.29 63.49
MG MG YA . 36.94 46.20 58.01
PG G2P ZA . -3.13 -44.68 -47.98
O1G G2P ZA . -2.63 -46.12 -47.98
O2G G2P ZA . -3.29 -44.10 -46.57
O3G G2P ZA . -2.44 -43.75 -48.96
O3B G2P ZA . -4.74 -44.82 -48.51
PB G2P ZA . -5.93 -45.50 -47.67
O1B G2P ZA . -6.89 -46.28 -48.55
O2B G2P ZA . -5.39 -46.19 -46.45
C3A G2P ZA . -6.81 -44.01 -47.06
PA G2P ZA . -8.16 -44.22 -45.87
O1A G2P ZA . -8.91 -45.50 -46.12
O2A G2P ZA . -7.64 -43.96 -44.48
O5' G2P ZA . -9.12 -42.94 -46.30
C5' G2P ZA . -8.89 -41.71 -45.67
C4' G2P ZA . -10.23 -41.03 -45.46
O4' G2P ZA . -11.20 -41.95 -44.96
C3' G2P ZA . -10.16 -39.90 -44.44
O3' G2P ZA . -11.12 -38.91 -44.70
C2' G2P ZA . -10.57 -40.63 -43.17
O2' G2P ZA . -11.09 -39.85 -42.14
C1' G2P ZA . -11.65 -41.57 -43.70
N9 G2P ZA . -11.81 -42.73 -42.86
C8 G2P ZA . -10.83 -43.49 -42.27
N7 G2P ZA . -11.31 -44.47 -41.58
C5 G2P ZA . -12.66 -44.36 -41.70
C6 G2P ZA . -13.70 -45.15 -41.17
O6 G2P ZA . -13.62 -46.14 -40.45
N1 G2P ZA . -14.95 -44.67 -41.57
C2 G2P ZA . -15.18 -43.59 -42.37
N2 G2P ZA . -16.46 -43.29 -42.63
N3 G2P ZA . -14.21 -42.86 -42.86
C4 G2P ZA . -12.99 -43.28 -42.51
MG MG AB . -3.58 -46.04 -45.74
PG GTP BB . -39.64 -59.56 -61.94
O1G GTP BB . -39.72 -58.19 -61.32
O2G GTP BB . -38.73 -59.52 -63.15
O3G GTP BB . -39.11 -60.54 -60.94
O3B GTP BB . -41.12 -59.98 -62.39
PB GTP BB . -42.15 -60.56 -61.30
O1B GTP BB . -41.60 -61.85 -60.73
O2B GTP BB . -43.51 -60.77 -61.91
O3A GTP BB . -42.20 -59.44 -60.14
PA GTP BB . -43.60 -58.97 -59.52
O1A GTP BB . -43.36 -58.30 -58.19
O2A GTP BB . -44.54 -60.14 -59.37
O5' GTP BB . -44.19 -57.89 -60.55
C5' GTP BB . -44.29 -56.54 -60.15
C4' GTP BB . -45.73 -56.21 -59.81
O4' GTP BB . -46.40 -57.35 -59.30
C3' GTP BB . -45.85 -55.16 -58.72
O3' GTP BB . -46.02 -53.88 -59.28
C2' GTP BB . -47.08 -55.56 -57.93
O2' GTP BB . -48.13 -54.67 -58.22
C1' GTP BB . -47.43 -56.95 -58.42
N9 GTP BB . -47.53 -57.88 -57.29
C8 GTP BB . -46.50 -58.54 -56.68
N7 GTP BB . -47.00 -59.30 -55.69
C5 GTP BB . -48.34 -59.15 -55.67
C6 GTP BB . -49.34 -59.70 -54.87
O6 GTP BB . -49.05 -60.49 -53.98
N1 GTP BB . -50.66 -59.35 -55.08
C2 GTP BB . -50.97 -58.46 -56.09
N2 GTP BB . -52.24 -58.12 -56.30
N3 GTP BB . -49.98 -57.92 -56.88
C4 GTP BB . -48.68 -58.26 -56.67
MG MG CB . -40.50 -60.62 -59.55
PG G2P DB . -37.92 -12.30 -22.62
O1G G2P DB . -37.16 -13.23 -23.54
O2G G2P DB . -37.83 -12.71 -21.15
O3G G2P DB . -37.73 -10.82 -22.85
O3B G2P DB . -39.56 -12.62 -23.02
PB G2P DB . -40.56 -13.55 -22.20
O1B G2P DB . -41.81 -13.88 -22.98
O2B G2P DB . -39.82 -14.70 -21.55
C3A G2P DB . -41.00 -12.43 -20.82
PA G2P DB . -41.95 -13.09 -19.43
O1A G2P DB . -42.32 -14.54 -19.63
O2A G2P DB . -41.28 -12.71 -18.13
O5' G2P DB . -43.30 -12.16 -19.58
C5' G2P DB . -43.35 -10.94 -18.89
C4' G2P DB . -44.52 -11.00 -17.92
O4' G2P DB . -44.96 -12.33 -17.70
C3' G2P DB . -44.19 -10.42 -16.56
O3' G2P DB . -45.19 -9.56 -16.09
C2' G2P DB . -44.19 -11.66 -15.66
O2' G2P DB . -44.56 -11.45 -14.33
C1' G2P DB . -45.25 -12.52 -16.36
N9 G2P DB . -45.13 -13.91 -16.01
C8 G2P DB . -43.98 -14.65 -15.91
N7 G2P DB . -44.22 -15.88 -15.57
C5 G2P DB . -45.57 -15.95 -15.43
C6 G2P DB . -46.40 -17.04 -15.08
O6 G2P DB . -46.08 -18.19 -14.81
N1 G2P DB . -47.74 -16.66 -15.06
C2 G2P DB . -48.22 -15.42 -15.35
N2 G2P DB . -49.56 -15.25 -15.27
N3 G2P DB . -47.46 -14.41 -15.67
C4 G2P DB . -46.16 -14.73 -15.70
MG MG EB . -37.91 -14.46 -21.97
PG GTP FB . -74.19 -27.15 -35.98
O1G GTP FB . -74.43 -25.76 -35.43
O2G GTP FB . -73.24 -27.07 -37.14
O3G GTP FB . -73.62 -28.02 -34.89
O3B GTP FB . -75.60 -27.76 -36.44
PB GTP FB . -76.37 -28.75 -35.44
O1B GTP FB . -75.60 -30.05 -35.35
O2B GTP FB . -77.79 -28.98 -35.89
O3A GTP FB . -76.32 -28.02 -34.02
PA GTP FB . -77.62 -27.93 -33.08
O1A GTP FB . -77.19 -27.64 -31.66
O2A GTP FB . -78.42 -29.21 -33.14
O5' GTP FB . -78.47 -26.68 -33.62
C5' GTP FB . -78.73 -25.59 -32.77
C4' GTP FB . -80.11 -25.73 -32.15
O4' GTP FB . -80.45 -27.09 -31.98
C3' GTP FB . -80.17 -25.13 -30.76
O3' GTP FB . -80.78 -23.85 -30.81
C2' GTP FB . -81.01 -26.07 -29.93
O2' GTP FB . -82.21 -25.44 -29.57
C1' GTP FB . -81.29 -27.24 -30.86
N9 GTP FB . -81.00 -28.52 -30.19
C8 GTP FB . -79.79 -29.14 -30.08
N7 GTP FB . -79.95 -30.30 -29.43
C5 GTP FB . -81.26 -30.44 -29.13
C6 GTP FB . -81.97 -31.43 -28.47
O6 GTP FB . -81.39 -32.42 -28.04
N1 GTP FB . -83.33 -31.30 -28.29
C2 GTP FB . -83.97 -30.19 -28.77
N2 GTP FB . -85.29 -30.05 -28.61
N3 GTP FB . -83.26 -29.20 -29.43
C4 GTP FB . -81.92 -29.33 -29.60
MG MG GB . -73.41 -29.57 -33.77
PG G2P HB . -69.98 2.31 17.91
O1G G2P HB . -69.22 1.44 16.91
O2G G2P HB . -69.75 1.91 19.36
O3G G2P HB . -69.93 3.81 17.65
O3B G2P HB . -71.61 1.85 17.65
PB G2P HB . -72.26 0.44 18.03
O1B G2P HB . -73.52 0.14 17.25
O2B G2P HB . -71.21 -0.64 18.10
C3A G2P HB . -72.76 0.75 19.78
PA G2P HB . -73.18 -0.67 20.82
O1A G2P HB . -73.52 -1.87 19.99
O2A G2P HB . -72.13 -0.83 21.89
O5' G2P HB . -74.56 -0.09 21.53
C5' G2P HB . -74.42 0.74 22.65
C4' G2P HB . -75.61 0.49 23.55
O4' G2P HB . -76.10 -0.84 23.43
C3' G2P HB . -75.26 0.66 25.03
O3' G2P HB . -76.38 1.02 25.80
C2' G2P HB . -74.89 -0.77 25.39
O2' G2P HB . -74.95 -1.10 26.73
C1' G2P HB . -75.95 -1.54 24.61
N9 G2P HB . -75.56 -2.90 24.33
C8 G2P HB . -74.33 -3.37 23.98
N7 G2P HB . -74.32 -4.66 23.79
C5 G2P HB . -75.60 -5.05 24.05
C6 G2P HB . -76.18 -6.34 24.00
O6 G2P HB . -75.66 -7.42 23.74
N1 G2P HB . -77.54 -6.29 24.35
C2 G2P HB . -78.23 -5.16 24.66
N2 G2P HB . -79.54 -5.31 24.96
N3 G2P HB . -77.69 -3.97 24.70
C4 G2P HB . -76.38 -3.98 24.39
MG MG IB . -69.46 0.13 18.33
PG GTP JB . -106.04 -12.73 4.92
O1G GTP JB . -106.26 -12.01 6.23
O2G GTP JB . -105.49 -11.76 3.91
O3G GTP JB . -105.09 -13.88 5.13
O3B GTP JB . -107.45 -13.31 4.42
PB GTP JB . -107.86 -14.81 4.79
O1B GTP JB . -106.94 -15.76 4.06
O2B GTP JB . -109.30 -15.06 4.42
O3A GTP JB . -107.64 -14.96 6.37
PA GTP JB . -108.79 -15.52 7.34
O1A GTP JB . -108.18 -15.95 8.66
O2A GTP JB . -109.53 -16.66 6.70
O5' GTP JB . -109.78 -14.28 7.62
C5' GTP JB . -109.86 -13.72 8.91
C4' GTP JB . -111.13 -14.19 9.61
O4' GTP JB . -111.41 -15.53 9.29
C3' GTP JB . -111.00 -14.14 11.12
O3' GTP JB . -111.62 -12.99 11.62
C2' GTP JB . -111.72 -15.38 11.62
O2' GTP JB . -112.89 -14.99 12.29
C1' GTP JB . -112.08 -16.16 10.37
N9 GTP JB . -111.62 -17.56 10.48
C8 GTP JB . -110.36 -18.03 10.22
N7 GTP JB . -110.35 -19.35 10.44
C5 GTP JB . -111.59 -19.75 10.82
C6 GTP JB . -112.11 -20.99 11.15
O6 GTP JB . -111.39 -21.99 11.12
N1 GTP JB . -113.42 -21.10 11.51
C2 GTP JB . -114.22 -19.97 11.54
N2 GTP JB . -115.50 -20.07 11.90
N3 GTP JB . -113.69 -18.75 11.21
C4 GTP JB . -112.39 -18.63 10.85
MG MG KB . -105.34 -15.77 5.28
#